data_7MTB
#
_entry.id   7MTB
#
loop_
_entity.id
_entity.type
_entity.pdbx_description
1 polymer 'Rhodopsin kinase GRK1'
2 polymer 'Fab6 heavy chain'
3 polymer 'Fab6 light chain'
4 polymer Rhodopsin
5 non-polymer SANGIVAMYCIN
6 non-polymer RETINAL
#
loop_
_entity_poly.entity_id
_entity_poly.type
_entity_poly.pdbx_seq_one_letter_code
_entity_poly.pdbx_strand_id
1 'polypeptide(L)'
;MDFGELETVVANSAFIAARGSFDASSGPASRDRKYLARLKLPPLSKCEALRESLDLGFEGMCLEQPIGKRLFQQFLRTHE
QHGPALQLWKDIEDYDTADDALRPQKAQALRAAYLEPQAQLFCSFLDAETVARARAGAGDGLFQPLLRAVLAHLGQAPFQ
EFLDSLYFLRFLQWKWLEAQPMGEDWFLDFRVLGRGGFGEVFACQMKATGKLYACKKLNKKRLKKRKGYQGAMVEKKILA
KVHSRFIVSLAYAFETKTDLCLVMTIMNGGDIRYHIYNVDEDNPGFQEPRAIFYTAQIVSGLEHLHQRNIIYRDLKPENV
LLDDDGNVRISDLGLAVELKAGQTKTKGYAGTPGFMAPELLLGEEYDFSVDYFALGVTLYEMIAARGPFRARGEKVENKE
LKQRVLEQAVTYPDKFSPASKDFCEALLQKDPEKRLGFRDGSCDGLRTHPLFRDISWRQLEAGMLTPPFVPDSRTVYAKN
IQDVGAFEEVKGVAFEKADTEFFQEFASGTCPIPWQEEMIETGVFGDLNVWRPDGVDHHHHHH
;
G
2 'polypeptide(L)'
;EISEVQLVESGGGLVQPGGSLRLSCAASGFNFSSYSIHWVRQAPGKGLEWVAYISSYYGSTYYADSVKGRFTISADTSKN
TAYLQMNSLRAEDTAVYYCARHEYGWWNDRWGLDYWGQGTLVTVSSASTKGPSVFPLAPSSKSTSGGTAALGCLVKDYFP
EPVTVSWNSGALTSGVHTFPAVLQSSGLYSLSSVVTVPSSSLGTQTYICNVNHKPSNTKVDKKVEPKSCDKTHT
;
H
3 'polypeptide(L)'
;SDIQMTQSPSSLSASVGDRVTITCRASQSVSSAVAWYQQKPGKAPKLLIYSASSLYSGVPSRFSGSRSGTDFTLTISSLQ
PEDFATYYCQQSSWYGPFTFGQGTKVEIKRTVAAPSVFIFPPSDSQLKSGTASVVCLLNNFYPREAKVQWKVDNALQSGN
SQESVTEQDSKDSTYSLSSTLTLSKADYEKHKVYACEVTHQGLSSPVTKSFNRGEC
;
L
4 'polypeptide(L)'
;MNGTEGPNFYVPFSNKTGVVRSPFEAPQYYLAEPWQFSMLAAYMFLLIMLGFPINFLTLYVTVQHKKLRTPLNYILLNLA
VADLFMVFGGFTTTLYTSLHGYFVFGPTGCNLEGFFATLGGEIALWSLVVLAIERYVVVCKPMSNFRFGENHAIMGVAFT
WVMALACAAPPLVGWSRYIPEGMQCSCGIDYYTPHEETNNESFVIYMFVVHFIIPLIVIFFCYGQLVFTVKEAAAQQQES
ATTQKAEKEVTRMVIIMVIAFLICWLPYAGVAFYIFTHQGSDFGPIFMTIPAFFAKTSAVYNPVIYIMMNKQFRNCMVTT
LCCGKNPLGDDEASTTVSKTETSQVAPA
;
R
#
loop_
_chem_comp.id
_chem_comp.type
_chem_comp.name
_chem_comp.formula
RET non-polymer RETINAL 'C20 H28 O'
SGV non-polymer SANGIVAMYCIN 'C12 H15 N5 O5'
#
# COMPACT_ATOMS: atom_id res chain seq x y z
N LEU A 6 23.19 -7.77 10.71
CA LEU A 6 24.50 -8.34 10.75
C LEU A 6 24.38 -9.51 11.66
N GLU A 7 24.77 -9.34 12.95
CA GLU A 7 24.56 -10.29 14.03
C GLU A 7 23.08 -10.46 14.28
N THR A 8 22.30 -9.37 14.12
CA THR A 8 20.87 -9.39 14.26
C THR A 8 20.17 -10.28 13.27
N VAL A 9 20.62 -10.31 11.99
CA VAL A 9 20.15 -11.28 11.02
C VAL A 9 20.54 -12.69 11.38
N VAL A 10 21.77 -12.90 11.93
CA VAL A 10 22.25 -14.18 12.41
C VAL A 10 21.43 -14.72 13.55
N ALA A 11 21.04 -13.84 14.51
CA ALA A 11 20.19 -14.20 15.63
C ALA A 11 18.80 -14.58 15.16
N ASN A 12 18.26 -13.84 14.16
CA ASN A 12 17.00 -14.12 13.51
C ASN A 12 17.05 -15.42 12.75
N SER A 13 18.19 -15.69 12.06
CA SER A 13 18.43 -16.93 11.38
C SER A 13 18.49 -18.11 12.32
N ALA A 14 19.14 -17.97 13.50
CA ALA A 14 19.17 -19.02 14.49
C ALA A 14 17.79 -19.35 15.06
N PHE A 15 16.91 -18.33 15.20
CA PHE A 15 15.54 -18.51 15.62
C PHE A 15 14.77 -19.31 14.61
N ILE A 16 14.96 -18.97 13.31
CA ILE A 16 14.35 -19.63 12.19
C ILE A 16 14.78 -21.07 12.12
N ALA A 17 16.07 -21.34 12.45
CA ALA A 17 16.67 -22.65 12.46
C ALA A 17 15.99 -23.51 13.51
N ALA A 18 15.77 -22.92 14.71
CA ALA A 18 15.08 -23.56 15.82
C ALA A 18 13.63 -23.87 15.49
N ARG A 19 12.95 -22.93 14.78
CA ARG A 19 11.57 -23.02 14.35
C ARG A 19 11.39 -24.20 13.42
N GLY A 20 12.38 -24.40 12.52
CA GLY A 20 12.43 -25.46 11.54
C GLY A 20 12.47 -26.80 12.20
N SER A 21 13.32 -26.94 13.26
CA SER A 21 13.44 -28.12 14.07
C SER A 21 12.15 -28.39 14.82
N PHE A 22 11.52 -27.32 15.36
CA PHE A 22 10.26 -27.35 16.08
C PHE A 22 9.12 -27.81 15.19
N ASP A 23 9.07 -27.29 13.94
CA ASP A 23 8.07 -27.62 12.94
C ASP A 23 8.17 -29.07 12.54
N ALA A 24 9.42 -29.58 12.40
CA ALA A 24 9.69 -30.96 12.10
C ALA A 24 9.83 -31.71 13.39
N MET A 182 10.49 -22.65 37.87
CA MET A 182 11.51 -22.75 36.86
C MET A 182 12.37 -21.53 36.97
N GLY A 183 12.98 -21.09 35.86
CA GLY A 183 14.39 -20.84 35.87
C GLY A 183 14.84 -20.72 34.45
N GLU A 184 16.15 -20.43 34.27
CA GLU A 184 16.77 -20.22 32.99
C GLU A 184 17.41 -21.51 32.54
N ASP A 185 17.25 -22.59 33.36
CA ASP A 185 17.94 -23.85 33.21
C ASP A 185 16.89 -24.85 32.78
N TRP A 186 15.79 -24.34 32.19
CA TRP A 186 14.58 -25.08 31.91
C TRP A 186 14.09 -24.59 30.59
N PHE A 187 14.63 -23.44 30.12
CA PHE A 187 14.29 -22.91 28.83
C PHE A 187 15.55 -22.42 28.19
N LEU A 188 15.81 -22.88 26.95
CA LEU A 188 16.88 -22.39 26.10
C LEU A 188 16.33 -21.13 25.48
N ASP A 189 17.16 -20.06 25.45
CA ASP A 189 16.70 -18.73 25.18
C ASP A 189 17.12 -18.35 23.80
N PHE A 190 16.24 -17.63 23.07
CA PHE A 190 16.52 -17.12 21.75
C PHE A 190 16.35 -15.63 21.84
N ARG A 191 16.36 -14.97 20.66
CA ARG A 191 16.14 -13.57 20.43
C ARG A 191 14.86 -13.03 21.01
N VAL A 192 14.86 -11.74 21.39
CA VAL A 192 13.68 -11.02 21.81
C VAL A 192 12.76 -10.85 20.61
N LEU A 193 11.44 -10.68 20.87
CA LEU A 193 10.44 -10.60 19.85
C LEU A 193 9.77 -9.26 19.97
N GLY A 194 10.13 -8.52 21.02
CA GLY A 194 9.60 -7.21 21.29
C GLY A 194 9.99 -6.91 22.69
N ARG A 195 9.77 -5.66 23.13
CA ARG A 195 9.93 -5.28 24.51
C ARG A 195 8.53 -4.84 24.81
N GLY A 196 7.81 -5.65 25.63
CA GLY A 196 6.47 -5.39 26.11
C GLY A 196 6.31 -4.18 26.97
N GLY A 197 5.19 -4.14 27.74
CA GLY A 197 4.88 -3.07 28.68
C GLY A 197 5.86 -3.07 29.81
N PHE A 198 6.22 -4.28 30.28
CA PHE A 198 7.10 -4.47 31.41
C PHE A 198 8.10 -5.45 30.88
N GLY A 199 9.38 -5.00 30.78
CA GLY A 199 10.51 -5.79 30.34
C GLY A 199 10.37 -6.45 28.99
N GLU A 200 11.26 -7.42 28.72
CA GLU A 200 11.40 -8.12 27.47
C GLU A 200 10.32 -9.14 27.28
N VAL A 201 10.02 -9.49 26.01
CA VAL A 201 9.20 -10.64 25.67
C VAL A 201 10.04 -11.33 24.65
N PHE A 202 10.69 -12.46 25.01
CA PHE A 202 11.57 -13.19 24.13
C PHE A 202 11.02 -14.56 23.87
N ALA A 203 11.39 -15.17 22.71
CA ALA A 203 11.11 -16.56 22.47
C ALA A 203 12.03 -17.41 23.28
N CYS A 204 11.58 -18.64 23.56
CA CYS A 204 12.23 -19.53 24.48
C CYS A 204 11.65 -20.87 24.16
N GLN A 205 12.25 -21.97 24.68
CA GLN A 205 11.76 -23.28 24.35
C GLN A 205 11.97 -24.14 25.55
N MET A 206 10.91 -24.90 25.92
CA MET A 206 10.95 -26.00 26.86
C MET A 206 11.81 -27.13 26.39
N LYS A 207 12.77 -27.56 27.23
CA LYS A 207 13.67 -28.63 26.91
C LYS A 207 12.97 -29.96 27.09
N ALA A 208 11.81 -29.97 27.78
CA ALA A 208 11.17 -31.18 28.27
C ALA A 208 10.07 -31.64 27.34
N THR A 209 9.83 -30.94 26.21
CA THR A 209 8.69 -31.25 25.36
C THR A 209 8.92 -30.58 24.03
N GLY A 210 9.96 -29.72 23.92
CA GLY A 210 10.42 -29.14 22.68
C GLY A 210 9.40 -28.24 22.04
N LYS A 211 8.71 -27.39 22.84
CA LYS A 211 7.71 -26.48 22.34
C LYS A 211 8.17 -25.07 22.61
N LEU A 212 7.84 -24.15 21.68
CA LEU A 212 8.23 -22.76 21.72
C LEU A 212 7.15 -21.99 22.43
N TYR A 213 7.58 -21.03 23.27
CA TYR A 213 6.70 -20.18 24.03
C TYR A 213 7.32 -18.82 23.95
N ALA A 214 6.49 -17.75 24.08
CA ALA A 214 6.98 -16.44 24.41
C ALA A 214 6.97 -16.32 25.91
N CYS A 215 8.01 -15.66 26.46
CA CYS A 215 8.19 -15.45 27.86
C CYS A 215 8.27 -13.97 28.08
N LYS A 216 7.17 -13.35 28.58
CA LYS A 216 7.18 -11.98 29.01
C LYS A 216 7.82 -11.91 30.37
N LYS A 217 9.08 -11.44 30.37
CA LYS A 217 9.89 -11.15 31.51
C LYS A 217 9.59 -9.74 31.92
N LEU A 218 9.45 -9.51 33.24
CA LEU A 218 9.23 -8.21 33.80
C LEU A 218 10.43 -8.03 34.68
N ASN A 219 11.40 -7.23 34.20
CA ASN A 219 12.65 -6.96 34.88
C ASN A 219 12.42 -6.25 36.19
N LYS A 220 13.08 -6.74 37.26
CA LYS A 220 13.00 -6.24 38.62
C LYS A 220 13.38 -4.78 38.70
N LYS A 221 14.42 -4.39 37.91
CA LYS A 221 14.99 -3.07 37.82
C LYS A 221 13.99 -2.10 37.26
N ARG A 222 13.44 -2.42 36.06
CA ARG A 222 12.45 -1.64 35.34
C ARG A 222 11.16 -1.46 36.08
N LEU A 223 10.76 -2.48 36.90
CA LEU A 223 9.62 -2.46 37.79
C LEU A 223 9.78 -1.39 38.83
N LYS A 224 10.95 -1.34 39.52
CA LYS A 224 11.23 -0.33 40.53
C LYS A 224 11.23 1.07 39.98
N LYS A 225 11.81 1.29 38.77
CA LYS A 225 11.88 2.59 38.15
C LYS A 225 10.54 3.20 37.83
N ARG A 226 9.67 2.44 37.12
CA ARG A 226 8.35 2.91 36.72
C ARG A 226 7.32 2.77 37.82
N LYS A 227 7.65 2.04 38.91
CA LYS A 227 6.72 1.66 39.96
C LYS A 227 5.56 0.86 39.39
N GLY A 228 5.90 -0.20 38.61
CA GLY A 228 4.98 -0.92 37.77
C GLY A 228 4.48 -2.17 38.45
N TYR A 229 4.36 -2.13 39.80
CA TYR A 229 4.01 -3.27 40.61
C TYR A 229 2.56 -3.63 40.50
N GLN A 230 1.68 -2.60 40.39
CA GLN A 230 0.25 -2.79 40.25
C GLN A 230 -0.06 -3.45 38.92
N GLY A 231 0.59 -2.96 37.83
CA GLY A 231 0.36 -3.38 36.46
C GLY A 231 0.69 -4.81 36.23
N ALA A 232 1.74 -5.31 36.94
CA ALA A 232 2.23 -6.65 36.88
C ALA A 232 1.22 -7.61 37.45
N MET A 233 0.67 -7.29 38.65
CA MET A 233 -0.29 -8.09 39.38
C MET A 233 -1.60 -8.24 38.65
N VAL A 234 -2.00 -7.18 37.92
CA VAL A 234 -3.25 -7.10 37.18
C VAL A 234 -3.20 -8.05 36.02
N GLU A 235 -2.12 -7.98 35.20
CA GLU A 235 -1.92 -8.81 34.03
C GLU A 235 -1.90 -10.28 34.36
N LYS A 236 -1.27 -10.63 35.52
CA LYS A 236 -1.15 -11.98 36.02
C LYS A 236 -2.51 -12.55 36.32
N LYS A 237 -3.20 -11.98 37.33
CA LYS A 237 -4.47 -12.46 37.83
C LYS A 237 -5.56 -12.55 36.79
N ILE A 238 -5.64 -11.55 35.87
CA ILE A 238 -6.66 -11.50 34.84
C ILE A 238 -6.41 -12.59 33.82
N LEU A 239 -5.24 -12.59 33.12
CA LEU A 239 -4.90 -13.61 32.13
C LEU A 239 -4.95 -15.02 32.64
N ALA A 240 -4.56 -15.25 33.93
CA ALA A 240 -4.57 -16.54 34.57
C ALA A 240 -5.95 -17.14 34.66
N LYS A 241 -6.99 -16.28 34.81
CA LYS A 241 -8.35 -16.68 35.06
C LYS A 241 -9.12 -16.69 33.78
N VAL A 242 -8.80 -15.74 32.86
CA VAL A 242 -9.57 -15.44 31.69
C VAL A 242 -8.82 -15.94 30.48
N HIS A 243 -9.48 -16.79 29.68
CA HIS A 243 -8.92 -17.39 28.51
C HIS A 243 -10.08 -17.59 27.57
N SER A 244 -9.81 -17.49 26.25
CA SER A 244 -10.79 -17.79 25.24
C SER A 244 -10.02 -18.22 24.04
N ARG A 245 -10.59 -18.04 22.82
CA ARG A 245 -9.94 -18.35 21.57
C ARG A 245 -9.34 -17.11 20.98
N PHE A 246 -9.58 -15.95 21.62
CA PHE A 246 -9.07 -14.67 21.18
C PHE A 246 -8.37 -14.03 22.34
N ILE A 247 -8.05 -14.81 23.40
CA ILE A 247 -7.22 -14.36 24.49
C ILE A 247 -6.22 -15.47 24.64
N VAL A 248 -4.90 -15.12 24.62
CA VAL A 248 -3.79 -16.05 24.74
C VAL A 248 -3.81 -16.79 26.05
N SER A 249 -3.48 -18.10 26.00
CA SER A 249 -3.30 -18.94 27.16
C SER A 249 -2.07 -18.57 27.93
N LEU A 250 -2.15 -18.63 29.28
CA LEU A 250 -1.03 -18.49 30.16
C LEU A 250 -0.72 -19.89 30.61
N ALA A 251 0.57 -20.28 30.58
CA ALA A 251 0.98 -21.64 30.85
C ALA A 251 1.72 -21.74 32.16
N TYR A 252 2.53 -20.72 32.53
CA TYR A 252 3.37 -20.80 33.70
C TYR A 252 3.57 -19.43 34.27
N ALA A 253 3.75 -19.35 35.60
CA ALA A 253 4.13 -18.13 36.28
C ALA A 253 5.16 -18.56 37.30
N PHE A 254 6.45 -18.27 37.00
CA PHE A 254 7.59 -18.50 37.85
C PHE A 254 8.37 -17.23 37.82
N GLU A 255 9.53 -17.19 38.53
CA GLU A 255 10.40 -16.04 38.50
C GLU A 255 11.76 -16.65 38.29
N THR A 256 12.69 -15.81 37.79
CA THR A 256 14.08 -16.13 37.57
C THR A 256 14.86 -15.18 38.45
N LYS A 257 16.19 -15.11 38.21
CA LYS A 257 17.16 -14.38 38.97
C LYS A 257 16.88 -12.90 38.98
N THR A 258 16.53 -12.34 37.78
CA THR A 258 16.55 -10.92 37.54
C THR A 258 15.24 -10.48 36.95
N ASP A 259 14.20 -11.35 36.93
CA ASP A 259 12.97 -11.04 36.23
C ASP A 259 11.90 -11.92 36.80
N LEU A 260 10.63 -11.47 36.67
CA LEU A 260 9.43 -12.24 36.91
C LEU A 260 8.98 -12.74 35.57
N CYS A 261 8.48 -13.99 35.44
CA CYS A 261 8.15 -14.53 34.14
C CYS A 261 6.70 -14.90 34.07
N LEU A 262 6.06 -14.55 32.93
CA LEU A 262 4.79 -15.08 32.48
C LEU A 262 5.10 -15.76 31.18
N VAL A 263 4.85 -17.07 31.06
CA VAL A 263 5.12 -17.84 29.86
C VAL A 263 3.80 -18.15 29.21
N MET A 264 3.56 -17.59 28.00
CA MET A 264 2.32 -17.68 27.27
C MET A 264 2.61 -18.32 25.94
N THR A 265 1.55 -18.85 25.27
CA THR A 265 1.60 -19.50 23.98
C THR A 265 2.05 -18.59 22.85
N ILE A 266 2.84 -19.18 21.91
CA ILE A 266 3.37 -18.56 20.72
C ILE A 266 2.30 -18.03 19.80
N MET A 267 2.71 -16.97 19.07
CA MET A 267 1.91 -16.26 18.11
C MET A 267 2.97 -15.82 17.14
N ASN A 268 3.63 -16.80 16.47
CA ASN A 268 4.79 -16.60 15.63
C ASN A 268 4.41 -16.26 14.21
N GLY A 269 3.53 -15.26 14.08
CA GLY A 269 2.87 -14.86 12.87
C GLY A 269 3.07 -13.38 12.77
N GLY A 270 3.62 -12.76 13.85
CA GLY A 270 3.85 -11.34 14.00
C GLY A 270 2.61 -10.65 14.49
N ASP A 271 2.70 -9.33 14.70
CA ASP A 271 1.65 -8.49 15.24
C ASP A 271 1.12 -7.69 14.09
N ILE A 272 -0.15 -7.21 14.19
CA ILE A 272 -0.82 -6.42 13.16
C ILE A 272 -0.05 -5.18 12.79
N ARG A 273 0.61 -4.50 13.76
CA ARG A 273 1.35 -3.27 13.53
C ARG A 273 2.49 -3.49 12.56
N TYR A 274 3.21 -4.63 12.73
CA TYR A 274 4.27 -5.09 11.86
C TYR A 274 3.78 -5.27 10.43
N HIS A 275 2.58 -5.87 10.26
CA HIS A 275 2.03 -6.25 8.97
C HIS A 275 1.52 -5.07 8.19
N ILE A 276 1.17 -3.94 8.85
CA ILE A 276 0.78 -2.71 8.20
C ILE A 276 1.85 -2.23 7.26
N TYR A 277 3.14 -2.28 7.67
CA TYR A 277 4.24 -1.78 6.88
C TYR A 277 4.93 -2.87 6.10
N ASN A 278 4.76 -4.16 6.50
CA ASN A 278 5.46 -5.28 5.92
C ASN A 278 4.76 -5.80 4.67
N VAL A 279 3.43 -5.56 4.54
CA VAL A 279 2.60 -5.92 3.40
C VAL A 279 3.18 -5.37 2.11
N ASP A 280 3.78 -4.16 2.18
CA ASP A 280 4.43 -3.44 1.11
C ASP A 280 4.84 -2.18 1.78
N GLU A 281 6.15 -1.86 1.68
CA GLU A 281 6.79 -0.71 2.30
C GLU A 281 6.25 0.58 1.72
N ASP A 282 6.03 0.59 0.38
CA ASP A 282 5.61 1.75 -0.38
C ASP A 282 4.12 1.74 -0.58
N ASN A 283 3.40 0.78 0.02
CA ASN A 283 1.95 0.77 -0.03
C ASN A 283 1.49 0.17 1.28
N PRO A 284 1.52 0.89 2.40
CA PRO A 284 1.22 0.30 3.70
C PRO A 284 -0.26 0.33 3.90
N GLY A 285 -0.76 -0.57 4.78
CA GLY A 285 -2.16 -0.74 5.05
C GLY A 285 -2.69 -1.83 4.18
N PHE A 286 -3.74 -2.53 4.67
CA PHE A 286 -4.35 -3.64 4.01
C PHE A 286 -5.40 -3.12 3.07
N GLN A 287 -5.89 -4.01 2.19
CA GLN A 287 -7.05 -3.76 1.37
C GLN A 287 -8.26 -4.13 2.18
N GLU A 288 -9.46 -3.72 1.68
CA GLU A 288 -10.72 -3.81 2.38
C GLU A 288 -11.10 -5.17 2.93
N PRO A 289 -11.12 -6.32 2.22
CA PRO A 289 -11.49 -7.62 2.80
C PRO A 289 -10.68 -8.02 4.00
N ARG A 290 -9.35 -7.77 3.97
CA ARG A 290 -8.44 -8.18 5.00
C ARG A 290 -8.64 -7.44 6.29
N ALA A 291 -8.90 -6.11 6.21
CA ALA A 291 -9.19 -5.28 7.35
C ALA A 291 -10.50 -5.63 8.00
N ILE A 292 -11.55 -5.85 7.17
CA ILE A 292 -12.90 -6.20 7.60
C ILE A 292 -12.89 -7.50 8.39
N PHE A 293 -12.18 -8.52 7.85
CA PHE A 293 -12.03 -9.83 8.45
C PHE A 293 -11.45 -9.73 9.86
N TYR A 294 -10.32 -9.01 10.00
CA TYR A 294 -9.64 -8.79 11.26
C TYR A 294 -10.47 -8.02 12.25
N THR A 295 -11.23 -6.98 11.82
CA THR A 295 -12.14 -6.23 12.65
C THR A 295 -13.19 -7.11 13.28
N ALA A 296 -13.78 -8.04 12.49
CA ALA A 296 -14.73 -9.01 12.99
C ALA A 296 -14.16 -9.91 14.07
N GLN A 297 -12.90 -10.38 13.91
CA GLN A 297 -12.22 -11.22 14.87
C GLN A 297 -11.88 -10.50 16.17
N ILE A 298 -11.47 -9.21 16.07
CA ILE A 298 -11.21 -8.34 17.20
C ILE A 298 -12.47 -8.14 18.01
N VAL A 299 -13.63 -7.93 17.34
CA VAL A 299 -14.93 -7.74 17.97
C VAL A 299 -15.30 -8.90 18.85
N SER A 300 -15.08 -10.15 18.37
CA SER A 300 -15.31 -11.34 19.15
C SER A 300 -14.48 -11.42 20.40
N GLY A 301 -13.19 -11.00 20.34
CA GLY A 301 -12.31 -10.95 21.49
C GLY A 301 -12.73 -9.94 22.53
N LEU A 302 -13.12 -8.72 22.09
CA LEU A 302 -13.63 -7.66 22.94
C LEU A 302 -14.90 -8.08 23.64
N GLU A 303 -15.80 -8.77 22.91
CA GLU A 303 -17.07 -9.27 23.41
C GLU A 303 -16.87 -10.22 24.56
N HIS A 304 -15.85 -11.11 24.45
CA HIS A 304 -15.51 -12.08 25.47
C HIS A 304 -15.08 -11.42 26.77
N LEU A 305 -14.33 -10.29 26.69
CA LEU A 305 -13.98 -9.49 27.85
C LEU A 305 -15.19 -8.85 28.49
N HIS A 306 -16.10 -8.26 27.67
CA HIS A 306 -17.27 -7.53 28.11
C HIS A 306 -18.29 -8.38 28.80
N GLN A 307 -18.46 -9.66 28.37
CA GLN A 307 -19.33 -10.62 29.01
C GLN A 307 -18.87 -11.00 30.40
N ARG A 308 -17.57 -10.80 30.72
CA ARG A 308 -17.00 -11.06 32.02
C ARG A 308 -16.89 -9.79 32.82
N ASN A 309 -17.41 -8.67 32.27
CA ASN A 309 -17.49 -7.36 32.89
C ASN A 309 -16.13 -6.77 33.08
N ILE A 310 -15.28 -6.83 32.02
CA ILE A 310 -13.93 -6.36 32.07
C ILE A 310 -13.85 -5.24 31.08
N ILE A 311 -13.33 -4.08 31.55
CA ILE A 311 -13.00 -2.95 30.70
C ILE A 311 -11.52 -3.12 30.53
N TYR A 312 -11.05 -3.12 29.27
CA TYR A 312 -9.67 -3.34 28.90
C TYR A 312 -8.94 -2.02 29.03
N ARG A 313 -9.56 -0.91 28.54
CA ARG A 313 -9.03 0.44 28.56
C ARG A 313 -7.91 0.62 27.56
N ASP A 314 -7.66 -0.39 26.71
CA ASP A 314 -6.60 -0.30 25.73
C ASP A 314 -6.98 -1.29 24.66
N LEU A 315 -6.21 -1.28 23.56
CA LEU A 315 -6.28 -2.18 22.43
C LEU A 315 -5.54 -1.40 21.40
N LYS A 316 -4.50 -2.00 20.81
CA LYS A 316 -3.77 -1.37 19.74
C LYS A 316 -3.24 -2.46 18.86
N PRO A 317 -2.89 -2.21 17.59
CA PRO A 317 -2.39 -3.19 16.65
C PRO A 317 -1.26 -4.06 17.14
N GLU A 318 -0.28 -3.49 17.90
CA GLU A 318 0.89 -4.23 18.35
C GLU A 318 0.57 -5.24 19.43
N ASN A 319 -0.64 -5.17 20.03
CA ASN A 319 -1.09 -6.09 21.06
C ASN A 319 -2.10 -7.03 20.45
N VAL A 320 -2.37 -6.89 19.13
CA VAL A 320 -3.17 -7.83 18.40
C VAL A 320 -2.18 -8.66 17.62
N LEU A 321 -2.08 -9.95 17.99
CA LEU A 321 -1.08 -10.87 17.51
C LEU A 321 -1.74 -11.80 16.53
N LEU A 322 -1.00 -12.23 15.48
CA LEU A 322 -1.46 -13.24 14.54
C LEU A 322 -0.83 -14.51 14.99
N ASP A 323 -1.60 -15.62 14.89
CA ASP A 323 -1.10 -16.95 15.07
C ASP A 323 -0.61 -17.40 13.71
N ASP A 324 -0.11 -18.65 13.64
CA ASP A 324 0.50 -19.25 12.47
C ASP A 324 -0.45 -19.32 11.30
N ASP A 325 -1.75 -19.64 11.55
CA ASP A 325 -2.79 -19.71 10.55
C ASP A 325 -3.04 -18.39 9.87
N GLY A 326 -3.16 -17.29 10.67
CA GLY A 326 -3.39 -15.96 10.17
C GLY A 326 -4.56 -15.32 10.84
N ASN A 327 -5.20 -16.03 11.80
CA ASN A 327 -6.23 -15.53 12.68
C ASN A 327 -5.60 -14.59 13.67
N VAL A 328 -6.35 -13.56 14.15
CA VAL A 328 -5.83 -12.60 15.09
C VAL A 328 -6.47 -12.86 16.42
N ARG A 329 -5.79 -12.43 17.50
CA ARG A 329 -6.27 -12.51 18.86
C ARG A 329 -5.81 -11.26 19.54
N ILE A 330 -6.62 -10.74 20.49
CA ILE A 330 -6.21 -9.70 21.41
C ILE A 330 -5.41 -10.35 22.53
N SER A 331 -4.57 -9.56 23.24
CA SER A 331 -3.73 -10.09 24.28
C SER A 331 -3.30 -8.93 25.13
N ASP A 332 -2.84 -9.23 26.37
CA ASP A 332 -2.37 -8.29 27.37
C ASP A 332 -3.54 -7.60 28.04
N LEU A 333 -3.81 -7.96 29.30
CA LEU A 333 -4.96 -7.49 30.04
C LEU A 333 -4.45 -6.85 31.30
N GLY A 334 -3.24 -6.24 31.23
CA GLY A 334 -2.52 -5.69 32.35
C GLY A 334 -2.93 -4.29 32.69
N LEU A 335 -3.61 -3.61 31.74
CA LEU A 335 -4.09 -2.26 31.92
C LEU A 335 -5.58 -2.30 32.11
N ALA A 336 -6.15 -3.50 32.33
CA ALA A 336 -7.57 -3.72 32.49
C ALA A 336 -7.98 -3.55 33.93
N VAL A 337 -9.31 -3.44 34.16
CA VAL A 337 -9.91 -3.47 35.47
C VAL A 337 -11.14 -4.29 35.28
N GLU A 338 -11.43 -5.19 36.25
CA GLU A 338 -12.64 -5.95 36.28
C GLU A 338 -13.57 -5.23 37.20
N LEU A 339 -14.72 -4.76 36.67
CA LEU A 339 -15.75 -4.12 37.45
C LEU A 339 -16.46 -5.14 38.31
N LYS A 340 -16.87 -4.70 39.52
CA LYS A 340 -17.68 -5.48 40.43
C LYS A 340 -19.09 -5.09 40.16
N ALA A 341 -20.06 -5.87 40.68
CA ALA A 341 -21.45 -5.52 40.65
C ALA A 341 -21.66 -4.53 41.76
N GLY A 342 -21.97 -3.27 41.37
CA GLY A 342 -22.16 -2.19 42.28
C GLY A 342 -21.61 -0.95 41.63
N GLN A 343 -20.78 -1.13 40.58
CA GLN A 343 -20.34 -0.05 39.73
C GLN A 343 -20.53 -0.52 38.33
N THR A 344 -20.60 0.45 37.39
CA THR A 344 -20.78 0.21 35.99
C THR A 344 -19.83 1.16 35.30
N LYS A 345 -19.29 2.16 36.05
CA LYS A 345 -18.38 3.12 35.51
C LYS A 345 -17.33 3.34 36.55
N THR A 346 -16.10 3.73 36.12
CA THR A 346 -15.00 3.94 37.02
C THR A 346 -14.07 4.91 36.34
N LYS A 347 -13.30 5.69 37.13
CA LYS A 347 -12.25 6.57 36.66
C LYS A 347 -10.96 5.81 36.47
N GLY A 348 -9.97 6.50 35.87
CA GLY A 348 -8.66 5.94 35.66
C GLY A 348 -7.96 6.84 34.70
N TYR A 349 -6.91 6.29 34.04
CA TYR A 349 -6.16 6.99 33.02
C TYR A 349 -5.42 5.90 32.28
N ALA A 350 -5.87 4.62 32.45
CA ALA A 350 -5.30 3.45 31.85
C ALA A 350 -5.38 3.46 30.34
N GLY A 351 -4.38 2.85 29.68
CA GLY A 351 -4.30 2.74 28.25
C GLY A 351 -3.13 3.53 27.77
N THR A 352 -2.84 3.38 26.45
CA THR A 352 -1.73 4.01 25.79
C THR A 352 -2.38 5.14 25.02
N PRO A 353 -1.97 6.41 25.14
CA PRO A 353 -2.49 7.55 24.39
C PRO A 353 -2.78 7.32 22.91
N GLY A 354 -3.96 7.76 22.44
CA GLY A 354 -4.41 7.63 21.08
C GLY A 354 -5.29 6.43 20.93
N PHE A 355 -5.26 5.51 21.92
CA PHE A 355 -6.08 4.33 22.01
C PHE A 355 -6.92 4.46 23.24
N MET A 356 -6.97 5.69 23.80
CA MET A 356 -7.71 6.05 24.98
C MET A 356 -8.82 6.92 24.48
N ALA A 357 -10.02 6.74 25.07
CA ALA A 357 -11.24 7.39 24.65
C ALA A 357 -11.29 8.75 25.31
N PRO A 358 -12.09 9.71 24.85
CA PRO A 358 -12.27 11.03 25.46
C PRO A 358 -12.45 11.04 26.96
N GLU A 359 -13.36 10.19 27.48
CA GLU A 359 -13.68 9.98 28.89
C GLU A 359 -12.48 9.71 29.77
N LEU A 360 -11.55 8.85 29.28
CA LEU A 360 -10.36 8.40 29.96
C LEU A 360 -9.43 9.55 30.15
N LEU A 361 -9.23 10.35 29.08
CA LEU A 361 -8.36 11.51 29.06
C LEU A 361 -8.83 12.61 29.98
N LEU A 362 -10.16 12.79 30.14
CA LEU A 362 -10.73 13.84 30.96
C LEU A 362 -10.82 13.41 32.40
N GLY A 363 -10.45 12.14 32.71
CA GLY A 363 -10.38 11.62 34.05
C GLY A 363 -11.76 11.34 34.60
N GLU A 364 -12.76 11.24 33.70
CA GLU A 364 -14.14 11.06 34.01
C GLU A 364 -14.38 9.59 34.16
N GLU A 365 -15.53 9.22 34.77
CA GLU A 365 -15.99 7.86 34.82
C GLU A 365 -16.43 7.41 33.45
N TYR A 366 -16.25 6.09 33.15
CA TYR A 366 -16.57 5.54 31.85
C TYR A 366 -16.89 4.09 32.07
N ASP A 367 -17.76 3.54 31.19
CA ASP A 367 -18.08 2.13 31.17
C ASP A 367 -17.27 1.48 30.06
N PHE A 368 -17.78 0.33 29.58
CA PHE A 368 -17.27 -0.56 28.54
C PHE A 368 -16.95 0.11 27.23
N SER A 369 -17.53 1.31 27.01
CA SER A 369 -17.44 2.16 25.83
C SER A 369 -16.07 2.40 25.28
N VAL A 370 -15.05 2.58 26.16
CA VAL A 370 -13.69 2.95 25.81
C VAL A 370 -13.02 1.91 24.93
N ASP A 371 -13.37 0.61 25.09
CA ASP A 371 -12.83 -0.48 24.30
C ASP A 371 -13.31 -0.40 22.87
N TYR A 372 -14.57 0.04 22.67
CA TYR A 372 -15.16 0.24 21.37
C TYR A 372 -14.60 1.43 20.66
N PHE A 373 -14.12 2.44 21.41
CA PHE A 373 -13.42 3.57 20.84
C PHE A 373 -12.11 3.11 20.25
N ALA A 374 -11.39 2.26 21.02
CA ALA A 374 -10.13 1.65 20.65
C ALA A 374 -10.23 0.77 19.42
N LEU A 375 -11.35 0.01 19.28
CA LEU A 375 -11.69 -0.82 18.14
C LEU A 375 -11.76 0.00 16.88
N GLY A 376 -12.35 1.22 16.97
CA GLY A 376 -12.48 2.19 15.90
C GLY A 376 -11.14 2.65 15.42
N VAL A 377 -10.23 3.02 16.37
CA VAL A 377 -8.87 3.43 16.12
C VAL A 377 -8.08 2.35 15.39
N THR A 378 -8.28 1.08 15.80
CA THR A 378 -7.62 -0.08 15.25
C THR A 378 -8.03 -0.31 13.81
N LEU A 379 -9.36 -0.39 13.53
CA LEU A 379 -9.93 -0.56 12.20
C LEU A 379 -9.51 0.51 11.22
N TYR A 380 -9.46 1.79 11.66
CA TYR A 380 -9.04 2.90 10.83
C TYR A 380 -7.58 2.76 10.44
N GLU A 381 -6.74 2.37 11.42
CA GLU A 381 -5.31 2.24 11.30
C GLU A 381 -4.88 1.11 10.41
N MET A 382 -5.66 0.00 10.37
CA MET A 382 -5.41 -1.11 9.48
C MET A 382 -5.48 -0.76 8.03
N ILE A 383 -6.42 0.14 7.65
CA ILE A 383 -6.73 0.46 6.28
C ILE A 383 -5.94 1.64 5.80
N ALA A 384 -5.77 2.68 6.65
CA ALA A 384 -5.18 3.93 6.22
C ALA A 384 -3.73 4.01 6.58
N ALA A 385 -3.23 3.07 7.43
CA ALA A 385 -1.86 3.00 7.91
C ALA A 385 -1.51 4.20 8.77
N ARG A 386 -2.53 4.75 9.47
CA ARG A 386 -2.33 5.83 10.39
C ARG A 386 -3.55 5.82 11.24
N GLY A 387 -3.46 6.35 12.48
CA GLY A 387 -4.58 6.44 13.38
C GLY A 387 -5.51 7.54 12.93
N PRO A 388 -6.67 7.74 13.54
CA PRO A 388 -7.55 8.85 13.23
C PRO A 388 -6.98 10.16 13.69
N PHE A 389 -6.01 10.11 14.64
CA PHE A 389 -5.57 11.23 15.42
C PHE A 389 -4.10 11.49 15.17
N ARG A 390 -3.52 10.90 14.10
CA ARG A 390 -2.16 11.19 13.70
C ARG A 390 -1.99 10.80 12.25
N ALA A 391 -0.93 11.36 11.60
CA ALA A 391 -0.60 11.15 10.21
C ALA A 391 0.24 9.91 10.02
N ARG A 392 0.57 9.58 8.74
CA ARG A 392 1.26 8.37 8.34
C ARG A 392 2.70 8.43 8.74
N GLY A 393 3.15 7.41 9.53
CA GLY A 393 4.51 7.28 10.01
C GLY A 393 4.91 8.39 10.95
N GLU A 394 3.92 8.96 11.68
CA GLU A 394 4.13 10.02 12.61
C GLU A 394 3.13 9.81 13.70
N LYS A 395 3.51 10.17 14.93
CA LYS A 395 2.64 10.10 16.07
C LYS A 395 3.10 11.26 16.88
N VAL A 396 2.16 12.18 17.22
CA VAL A 396 2.43 13.36 17.98
C VAL A 396 2.55 13.03 19.45
N GLU A 397 3.17 13.96 20.23
CA GLU A 397 3.37 13.93 21.66
C GLU A 397 2.08 13.68 22.40
N ASN A 398 2.15 13.15 23.65
CA ASN A 398 1.01 12.71 24.42
C ASN A 398 0.01 13.82 24.64
N LYS A 399 0.48 15.04 24.97
CA LYS A 399 -0.34 16.22 25.17
C LYS A 399 -1.12 16.63 23.95
N GLU A 400 -0.47 16.60 22.75
CA GLU A 400 -1.10 16.97 21.51
C GLU A 400 -2.09 15.92 21.05
N LEU A 401 -1.73 14.63 21.26
CA LEU A 401 -2.52 13.46 20.95
C LEU A 401 -3.79 13.43 21.74
N LYS A 402 -3.71 13.83 23.03
CA LYS A 402 -4.82 14.00 23.93
C LYS A 402 -5.80 15.01 23.43
N GLN A 403 -5.29 16.14 22.89
CA GLN A 403 -6.11 17.17 22.27
C GLN A 403 -6.78 16.70 21.01
N ARG A 404 -6.06 15.90 20.16
CA ARG A 404 -6.59 15.32 18.94
C ARG A 404 -7.78 14.43 19.22
N VAL A 405 -7.67 13.51 20.20
CA VAL A 405 -8.71 12.58 20.57
C VAL A 405 -9.96 13.29 21.04
N LEU A 406 -9.80 14.36 21.84
CA LEU A 406 -10.89 15.11 22.42
C LEU A 406 -11.63 16.02 21.46
N GLU A 407 -10.94 16.58 20.43
CA GLU A 407 -11.47 17.69 19.68
C GLU A 407 -11.69 17.39 18.22
N GLN A 408 -10.83 16.53 17.62
CA GLN A 408 -10.78 16.36 16.19
C GLN A 408 -11.82 15.36 15.74
N ALA A 409 -12.49 15.69 14.61
CA ALA A 409 -13.43 14.83 13.94
C ALA A 409 -12.66 14.07 12.89
N VAL A 410 -12.91 12.74 12.82
CA VAL A 410 -12.22 11.80 11.98
C VAL A 410 -12.42 12.13 10.52
N THR A 411 -11.33 12.00 9.72
CA THR A 411 -11.32 12.20 8.29
C THR A 411 -11.13 10.85 7.66
N TYR A 412 -11.58 10.69 6.39
CA TYR A 412 -11.61 9.41 5.72
C TYR A 412 -11.29 9.60 4.27
N PRO A 413 -10.59 8.67 3.62
CA PRO A 413 -10.43 8.65 2.18
C PRO A 413 -11.57 7.82 1.65
N ASP A 414 -11.66 7.63 0.31
CA ASP A 414 -12.73 6.88 -0.33
C ASP A 414 -12.27 5.46 -0.56
N LYS A 415 -11.10 5.08 0.02
CA LYS A 415 -10.59 3.73 0.04
C LYS A 415 -11.55 2.84 0.80
N PHE A 416 -12.11 3.39 1.89
CA PHE A 416 -13.18 2.82 2.66
C PHE A 416 -14.41 2.67 1.81
N SER A 417 -15.11 1.53 1.98
CA SER A 417 -16.45 1.33 1.48
C SER A 417 -17.40 2.17 2.32
N PRO A 418 -18.60 2.49 1.88
CA PRO A 418 -19.59 3.22 2.67
C PRO A 418 -19.95 2.50 3.95
N ALA A 419 -20.12 1.16 3.91
CA ALA A 419 -20.41 0.36 5.07
C ALA A 419 -19.33 0.42 6.11
N SER A 420 -18.04 0.34 5.71
CA SER A 420 -16.92 0.38 6.63
C SER A 420 -16.72 1.75 7.22
N LYS A 421 -16.92 2.82 6.40
CA LYS A 421 -16.84 4.21 6.80
C LYS A 421 -17.82 4.52 7.89
N ASP A 422 -19.10 4.16 7.68
CA ASP A 422 -20.20 4.38 8.58
C ASP A 422 -19.97 3.67 9.90
N PHE A 423 -19.49 2.40 9.83
CA PHE A 423 -19.18 1.57 10.96
C PHE A 423 -18.11 2.15 11.83
N CYS A 424 -17.02 2.65 11.20
CA CYS A 424 -15.88 3.26 11.83
C CYS A 424 -16.27 4.53 12.55
N GLU A 425 -17.10 5.40 11.91
CA GLU A 425 -17.69 6.59 12.50
C GLU A 425 -18.48 6.33 13.75
N ALA A 426 -19.29 5.25 13.76
CA ALA A 426 -20.13 4.86 14.88
C ALA A 426 -19.33 4.53 16.12
N LEU A 427 -18.14 3.92 15.95
CA LEU A 427 -17.26 3.52 17.03
C LEU A 427 -16.43 4.67 17.52
N LEU A 428 -16.09 5.62 16.62
CA LEU A 428 -15.22 6.74 16.90
C LEU A 428 -16.03 7.93 17.32
N GLN A 429 -17.36 7.75 17.50
CA GLN A 429 -18.26 8.71 18.10
C GLN A 429 -17.81 9.01 19.51
N LYS A 430 -17.89 10.31 19.91
CA LYS A 430 -17.45 10.78 21.20
C LYS A 430 -18.68 11.08 21.99
N ASP A 431 -18.92 10.25 23.04
CA ASP A 431 -20.01 10.25 23.99
C ASP A 431 -20.36 8.79 24.08
N PRO A 432 -20.40 8.11 25.23
CA PRO A 432 -20.67 6.69 25.30
C PRO A 432 -22.05 6.32 24.84
N GLU A 433 -23.06 7.19 25.11
CA GLU A 433 -24.44 6.96 24.78
C GLU A 433 -24.71 6.79 23.30
N LYS A 434 -23.93 7.48 22.44
CA LYS A 434 -24.10 7.43 21.01
C LYS A 434 -23.09 6.52 20.37
N ARG A 435 -22.24 5.86 21.18
CA ARG A 435 -21.15 5.05 20.70
C ARG A 435 -21.65 3.65 20.58
N LEU A 436 -21.57 3.08 19.35
CA LEU A 436 -21.98 1.74 19.01
C LEU A 436 -21.14 0.75 19.77
N GLY A 437 -21.78 -0.34 20.24
CA GLY A 437 -21.11 -1.35 21.01
C GLY A 437 -22.05 -1.77 22.08
N PHE A 438 -21.48 -2.07 23.27
CA PHE A 438 -22.20 -2.63 24.39
C PHE A 438 -22.73 -1.47 25.18
N ARG A 439 -24.07 -1.39 25.26
CA ARG A 439 -24.81 -0.38 25.98
C ARG A 439 -25.52 -1.09 27.10
N ASP A 440 -25.11 -2.36 27.37
CA ASP A 440 -25.54 -3.20 28.48
C ASP A 440 -26.80 -3.90 28.04
N GLY A 441 -26.99 -4.00 26.70
CA GLY A 441 -28.07 -4.68 26.05
C GLY A 441 -27.47 -5.89 25.42
N SER A 442 -26.82 -5.68 24.25
CA SER A 442 -26.14 -6.74 23.55
C SER A 442 -24.93 -6.13 22.90
N CYS A 443 -23.95 -7.01 22.59
CA CYS A 443 -22.81 -6.69 21.76
C CYS A 443 -23.11 -7.17 20.36
N ASP A 444 -24.34 -7.68 20.11
CA ASP A 444 -24.77 -8.23 18.86
C ASP A 444 -25.57 -7.19 18.12
N GLY A 445 -25.74 -5.98 18.72
CA GLY A 445 -26.37 -4.85 18.08
C GLY A 445 -25.38 -4.22 17.13
N LEU A 446 -24.09 -4.23 17.52
CA LEU A 446 -22.95 -3.84 16.73
C LEU A 446 -22.82 -4.66 15.48
N ARG A 447 -23.01 -6.00 15.63
CA ARG A 447 -22.94 -7.01 14.60
C ARG A 447 -23.98 -6.92 13.50
N THR A 448 -24.99 -6.04 13.65
CA THR A 448 -26.11 -5.92 12.74
C THR A 448 -25.75 -4.95 11.64
N HIS A 449 -24.63 -4.20 11.77
CA HIS A 449 -24.20 -3.21 10.82
C HIS A 449 -23.97 -3.84 9.45
N PRO A 450 -24.30 -3.21 8.31
CA PRO A 450 -24.18 -3.82 6.99
C PRO A 450 -22.81 -4.29 6.59
N LEU A 451 -21.72 -3.76 7.20
CA LEU A 451 -20.34 -4.15 7.02
C LEU A 451 -20.09 -5.63 7.11
N PHE A 452 -20.87 -6.32 7.98
CA PHE A 452 -20.68 -7.70 8.34
C PHE A 452 -21.57 -8.61 7.55
N ARG A 453 -22.07 -8.15 6.37
CA ARG A 453 -22.88 -8.96 5.48
C ARG A 453 -21.94 -9.85 4.69
N ASP A 454 -20.62 -9.52 4.70
CA ASP A 454 -19.58 -10.23 3.99
C ASP A 454 -18.90 -11.18 4.94
N ILE A 455 -19.34 -11.21 6.22
CA ILE A 455 -18.77 -12.01 7.27
C ILE A 455 -19.89 -12.91 7.74
N SER A 456 -19.56 -14.19 8.03
CA SER A 456 -20.47 -15.12 8.66
C SER A 456 -19.92 -15.27 10.05
N TRP A 457 -20.70 -14.80 11.05
CA TRP A 457 -20.28 -14.74 12.43
C TRP A 457 -20.15 -16.09 13.08
N ARG A 458 -21.06 -17.03 12.74
CA ARG A 458 -21.09 -18.37 13.29
C ARG A 458 -19.86 -19.16 12.93
N GLN A 459 -19.39 -19.00 11.67
CA GLN A 459 -18.22 -19.67 11.15
C GLN A 459 -16.95 -19.03 11.65
N LEU A 460 -16.95 -17.68 11.81
CA LEU A 460 -15.86 -16.91 12.36
C LEU A 460 -15.52 -17.32 13.77
N GLU A 461 -16.55 -17.44 14.64
CA GLU A 461 -16.45 -17.84 16.02
C GLU A 461 -15.98 -19.27 16.18
N ALA A 462 -16.19 -20.12 15.14
CA ALA A 462 -15.82 -21.51 15.17
C ALA A 462 -14.50 -21.73 14.48
N GLY A 463 -13.89 -20.66 13.92
CA GLY A 463 -12.58 -20.67 13.32
C GLY A 463 -12.53 -21.44 12.03
N MET A 464 -13.62 -21.40 11.23
CA MET A 464 -13.78 -22.20 10.05
C MET A 464 -13.60 -21.36 8.82
N LEU A 465 -13.42 -20.03 8.98
CA LEU A 465 -13.22 -19.14 7.87
C LEU A 465 -11.75 -19.06 7.62
N THR A 466 -11.37 -19.01 6.32
CA THR A 466 -9.99 -19.02 5.88
C THR A 466 -9.47 -17.60 6.00
N PRO A 467 -8.39 -17.32 6.72
CA PRO A 467 -7.85 -15.97 6.88
C PRO A 467 -7.38 -15.40 5.55
N PRO A 468 -7.34 -14.09 5.34
CA PRO A 468 -6.95 -13.46 4.10
C PRO A 468 -5.46 -13.57 3.86
N PHE A 469 -4.63 -13.52 4.92
CA PHE A 469 -3.19 -13.62 4.83
C PHE A 469 -2.83 -14.78 5.71
N VAL A 470 -1.92 -15.64 5.23
CA VAL A 470 -1.45 -16.80 5.96
C VAL A 470 0.03 -16.57 6.17
N PRO A 471 0.52 -16.38 7.40
CA PRO A 471 1.93 -16.21 7.70
C PRO A 471 2.78 -17.38 7.27
N ASP A 472 3.98 -17.10 6.70
CA ASP A 472 5.01 -18.07 6.37
C ASP A 472 5.51 -18.72 7.65
N SER A 473 5.82 -20.04 7.60
CA SER A 473 6.23 -20.81 8.73
C SER A 473 7.73 -20.90 8.80
N ARG A 474 8.44 -20.24 7.84
CA ARG A 474 9.87 -20.23 7.79
C ARG A 474 10.33 -18.84 8.07
N THR A 475 9.72 -17.82 7.41
CA THR A 475 10.07 -16.43 7.62
C THR A 475 9.16 -15.95 8.71
N VAL A 476 9.77 -15.58 9.86
CA VAL A 476 9.08 -15.11 11.04
C VAL A 476 8.92 -13.62 10.89
N TYR A 477 7.76 -13.11 11.38
CA TYR A 477 7.37 -11.72 11.24
C TYR A 477 7.41 -11.05 12.59
N ALA A 478 8.11 -11.66 13.57
CA ALA A 478 8.41 -11.04 14.84
C ALA A 478 9.52 -10.05 14.63
N LYS A 479 9.56 -9.01 15.49
CA LYS A 479 10.51 -7.92 15.44
C LYS A 479 11.95 -8.35 15.59
N ASN A 480 12.86 -7.68 14.82
CA ASN A 480 14.30 -7.84 14.86
C ASN A 480 14.87 -7.37 16.17
N ILE A 481 15.95 -8.07 16.63
CA ILE A 481 16.54 -7.91 17.93
C ILE A 481 17.60 -6.84 17.86
N GLN A 482 17.25 -5.65 18.41
CA GLN A 482 17.98 -4.42 18.55
C GLN A 482 17.09 -3.31 18.07
N ASP A 483 15.93 -3.67 17.46
CA ASP A 483 14.99 -2.73 16.89
C ASP A 483 13.71 -2.84 17.68
N VAL A 484 13.73 -3.62 18.79
CA VAL A 484 12.63 -3.67 19.73
C VAL A 484 12.81 -2.52 20.70
N GLY A 485 11.77 -2.25 21.52
CA GLY A 485 11.75 -1.16 22.48
C GLY A 485 12.76 -1.35 23.57
N ALA A 486 12.93 -0.34 24.44
CA ALA A 486 13.86 -0.45 25.52
C ALA A 486 13.49 0.59 26.53
N PHE A 487 13.96 0.37 27.78
CA PHE A 487 13.71 1.28 28.87
C PHE A 487 14.88 1.09 29.77
N GLU A 488 15.24 2.17 30.51
CA GLU A 488 16.41 2.23 31.35
C GLU A 488 16.32 1.25 32.47
N GLU A 489 17.49 0.64 32.80
CA GLU A 489 17.70 -0.10 34.01
C GLU A 489 18.42 0.80 34.97
N VAL A 490 18.42 0.41 36.28
CA VAL A 490 18.62 1.30 37.41
C VAL A 490 19.98 1.94 37.39
N LYS A 491 20.05 3.17 37.95
CA LYS A 491 21.24 3.98 37.95
C LYS A 491 21.98 3.79 39.26
N GLY A 492 21.67 2.70 40.00
CA GLY A 492 22.36 2.33 41.22
C GLY A 492 21.34 2.03 42.27
N VAL A 493 20.04 1.97 41.89
CA VAL A 493 18.93 2.07 42.80
C VAL A 493 18.64 0.67 43.29
N ALA A 494 18.70 0.49 44.63
CA ALA A 494 18.66 -0.80 45.25
C ALA A 494 17.26 -1.02 45.76
N PHE A 495 16.77 -2.28 45.62
CA PHE A 495 15.40 -2.66 45.87
C PHE A 495 15.00 -2.47 47.32
N GLU A 496 13.72 -2.08 47.52
CA GLU A 496 13.05 -1.99 48.78
C GLU A 496 12.62 -3.38 49.20
N LYS A 497 12.38 -3.55 50.52
CA LYS A 497 11.82 -4.75 51.12
C LYS A 497 10.52 -5.16 50.48
N ALA A 498 9.65 -4.16 50.19
CA ALA A 498 8.37 -4.27 49.53
C ALA A 498 8.45 -4.91 48.17
N ASP A 499 9.47 -4.49 47.37
CA ASP A 499 9.74 -4.98 46.04
C ASP A 499 10.03 -6.46 46.04
N THR A 500 10.93 -6.90 46.95
CA THR A 500 11.33 -8.27 47.17
C THR A 500 10.17 -9.16 47.52
N GLU A 501 9.24 -8.64 48.36
CA GLU A 501 8.06 -9.33 48.81
C GLU A 501 7.08 -9.53 47.68
N PHE A 502 6.97 -8.55 46.77
CA PHE A 502 6.17 -8.66 45.57
C PHE A 502 6.73 -9.73 44.65
N PHE A 503 8.08 -9.78 44.51
CA PHE A 503 8.75 -10.70 43.61
C PHE A 503 8.53 -12.15 43.99
N GLN A 504 8.66 -12.49 45.30
CA GLN A 504 8.35 -13.81 45.82
C GLN A 504 6.91 -14.20 45.62
N GLU A 505 5.99 -13.24 45.87
CA GLU A 505 4.56 -13.41 45.80
C GLU A 505 4.06 -13.70 44.41
N PHE A 506 4.60 -12.96 43.40
CA PHE A 506 4.30 -13.11 41.99
C PHE A 506 4.50 -14.52 41.51
N ALA A 507 5.65 -15.14 41.86
CA ALA A 507 6.01 -16.49 41.46
C ALA A 507 5.06 -17.49 42.07
N SER A 508 4.68 -18.52 41.29
CA SER A 508 3.66 -19.47 41.65
C SER A 508 4.25 -20.82 41.39
N GLU B 4 -35.51 -4.88 -10.35
CA GLU B 4 -35.90 -5.65 -11.49
C GLU B 4 -36.28 -4.67 -12.57
N VAL B 5 -36.95 -5.18 -13.63
CA VAL B 5 -37.43 -4.40 -14.76
C VAL B 5 -38.53 -3.44 -14.41
N GLN B 6 -39.22 -3.64 -13.26
CA GLN B 6 -40.37 -2.86 -12.87
C GLN B 6 -39.87 -1.62 -12.19
N LEU B 7 -39.59 -0.59 -13.01
CA LEU B 7 -39.12 0.70 -12.60
C LEU B 7 -39.81 1.60 -13.58
N VAL B 8 -41.14 1.73 -13.42
CA VAL B 8 -42.01 2.44 -14.32
C VAL B 8 -42.30 3.81 -13.83
N GLU B 9 -41.94 4.84 -14.64
CA GLU B 9 -42.23 6.23 -14.39
C GLU B 9 -43.72 6.45 -14.29
N SER B 10 -44.15 7.21 -13.27
CA SER B 10 -45.53 7.58 -13.10
C SER B 10 -45.50 9.04 -12.76
N GLY B 11 -44.80 9.82 -13.61
CA GLY B 11 -44.57 11.22 -13.44
C GLY B 11 -44.55 11.86 -14.79
N GLY B 12 -45.13 11.18 -15.81
CA GLY B 12 -45.25 11.65 -17.17
C GLY B 12 -46.07 12.91 -17.32
N GLY B 13 -46.23 13.36 -18.59
CA GLY B 13 -46.98 14.54 -18.93
C GLY B 13 -46.07 15.72 -19.11
N LEU B 14 -46.49 16.65 -19.99
CA LEU B 14 -45.91 17.95 -20.24
C LEU B 14 -45.93 18.83 -19.02
N VAL B 15 -44.85 19.61 -18.86
CA VAL B 15 -44.64 20.52 -17.76
C VAL B 15 -43.90 21.65 -18.39
N GLN B 16 -44.32 22.90 -18.09
CA GLN B 16 -43.80 24.11 -18.65
C GLN B 16 -42.38 24.36 -18.21
N PRO B 17 -41.51 25.03 -18.97
CA PRO B 17 -40.16 25.37 -18.53
C PRO B 17 -40.12 26.19 -17.28
N GLY B 18 -39.33 25.73 -16.27
CA GLY B 18 -39.18 26.35 -14.97
C GLY B 18 -40.23 25.86 -14.02
N GLY B 19 -41.03 24.85 -14.45
CA GLY B 19 -42.17 24.35 -13.72
C GLY B 19 -41.77 23.29 -12.76
N SER B 20 -42.78 22.61 -12.17
CA SER B 20 -42.59 21.63 -11.15
C SER B 20 -43.46 20.45 -11.46
N LEU B 21 -42.83 19.26 -11.54
CA LEU B 21 -43.50 18.00 -11.70
C LEU B 21 -42.60 17.04 -11.02
N ARG B 22 -43.14 16.14 -10.16
CA ARG B 22 -42.32 15.22 -9.40
C ARG B 22 -42.32 13.87 -10.04
N LEU B 23 -41.23 13.56 -10.78
CA LEU B 23 -40.99 12.28 -11.42
C LEU B 23 -40.84 11.24 -10.34
N SER B 24 -41.58 10.11 -10.42
CA SER B 24 -41.67 9.20 -9.30
C SER B 24 -41.67 7.76 -9.73
N CYS B 25 -40.66 6.99 -9.25
CA CYS B 25 -40.39 5.64 -9.70
C CYS B 25 -41.35 4.69 -9.05
N ALA B 26 -42.06 3.85 -9.84
CA ALA B 26 -42.94 2.83 -9.30
C ALA B 26 -42.15 1.58 -8.96
N ALA B 27 -40.97 1.74 -8.31
CA ALA B 27 -40.02 0.69 -8.00
C ALA B 27 -40.60 -0.38 -7.10
N SER B 28 -40.41 -1.66 -7.50
CA SER B 28 -40.90 -2.77 -6.73
C SER B 28 -40.25 -4.01 -7.27
N GLY B 29 -40.24 -5.08 -6.45
CA GLY B 29 -39.62 -6.35 -6.77
C GLY B 29 -38.25 -6.48 -6.17
N PHE B 30 -37.88 -5.52 -5.29
CA PHE B 30 -36.64 -5.54 -4.56
C PHE B 30 -36.88 -4.59 -3.43
N ASN B 31 -35.94 -4.54 -2.46
CA ASN B 31 -36.01 -3.64 -1.34
C ASN B 31 -34.89 -2.64 -1.50
N PHE B 32 -35.25 -1.33 -1.40
CA PHE B 32 -34.39 -0.22 -1.70
C PHE B 32 -33.67 0.12 -0.42
N SER B 33 -32.45 -0.42 -0.27
CA SER B 33 -31.54 -0.08 0.80
C SER B 33 -30.21 -0.73 0.52
N SER B 34 -30.15 -1.58 -0.53
CA SER B 34 -28.94 -2.21 -0.99
C SER B 34 -28.70 -1.76 -2.41
N TYR B 35 -29.44 -0.71 -2.85
CA TYR B 35 -29.45 -0.22 -4.20
C TYR B 35 -29.57 1.26 -4.13
N SER B 36 -29.33 1.93 -5.27
CA SER B 36 -29.36 3.35 -5.39
C SER B 36 -30.06 3.62 -6.69
N ILE B 37 -31.08 4.51 -6.63
CA ILE B 37 -32.15 4.62 -7.60
C ILE B 37 -31.90 5.87 -8.40
N HIS B 38 -30.61 6.21 -8.61
CA HIS B 38 -30.16 7.44 -9.22
C HIS B 38 -30.67 7.60 -10.62
N TRP B 39 -31.03 8.84 -11.03
CA TRP B 39 -31.96 9.00 -12.11
C TRP B 39 -31.13 9.05 -13.37
N VAL B 40 -31.42 8.14 -14.32
CA VAL B 40 -30.75 8.03 -15.60
C VAL B 40 -31.69 8.43 -16.70
N ARG B 41 -31.28 9.36 -17.59
CA ARG B 41 -32.17 9.90 -18.57
C ARG B 41 -31.75 9.62 -19.98
N GLN B 42 -32.57 8.81 -20.70
CA GLN B 42 -32.30 8.51 -22.10
C GLN B 42 -32.95 9.61 -22.90
N ALA B 43 -32.18 10.67 -23.26
CA ALA B 43 -32.69 11.76 -24.06
C ALA B 43 -32.97 11.24 -25.46
N PRO B 44 -34.04 11.63 -26.15
CA PRO B 44 -34.48 11.01 -27.39
C PRO B 44 -33.48 11.16 -28.51
N GLY B 45 -33.01 10.03 -29.08
CA GLY B 45 -32.02 9.96 -30.13
C GLY B 45 -30.67 10.49 -29.72
N LYS B 46 -30.30 10.30 -28.43
CA LYS B 46 -29.08 10.84 -27.87
C LYS B 46 -28.72 9.93 -26.74
N GLY B 47 -27.49 10.12 -26.21
CA GLY B 47 -26.83 9.15 -25.38
C GLY B 47 -27.27 9.28 -23.95
N LEU B 48 -27.03 8.19 -23.19
CA LEU B 48 -27.36 8.01 -21.80
C LEU B 48 -26.57 8.94 -20.92
N GLU B 49 -27.21 9.48 -19.86
CA GLU B 49 -26.53 10.38 -18.95
C GLU B 49 -27.05 10.11 -17.56
N TRP B 50 -26.37 10.74 -16.57
CA TRP B 50 -26.58 10.57 -15.17
C TRP B 50 -27.15 11.89 -14.70
N VAL B 51 -28.06 11.88 -13.67
CA VAL B 51 -28.56 13.10 -13.08
C VAL B 51 -27.99 13.26 -11.70
N ALA B 52 -28.31 12.36 -10.75
CA ALA B 52 -27.82 12.53 -9.40
C ALA B 52 -28.05 11.28 -8.61
N TYR B 53 -27.24 11.12 -7.54
CA TYR B 53 -27.12 9.94 -6.72
C TYR B 53 -28.31 9.92 -5.81
N ILE B 54 -28.75 8.70 -5.40
CA ILE B 54 -29.88 8.50 -4.53
C ILE B 54 -29.43 7.39 -3.62
N SER B 55 -29.76 7.48 -2.32
CA SER B 55 -29.32 6.50 -1.34
C SER B 55 -30.40 6.42 -0.32
N SER B 56 -30.51 5.25 0.34
CA SER B 56 -31.47 5.03 1.41
C SER B 56 -30.80 5.39 2.71
N TYR B 57 -30.24 4.39 3.45
CA TYR B 57 -29.70 4.56 4.77
C TYR B 57 -28.49 5.48 4.74
N TYR B 58 -27.62 5.31 3.71
CA TYR B 58 -26.32 5.92 3.59
C TYR B 58 -26.46 7.43 3.48
N GLY B 59 -27.43 7.88 2.66
CA GLY B 59 -27.87 9.25 2.60
C GLY B 59 -26.88 10.16 1.94
N SER B 60 -26.03 9.61 1.05
CA SER B 60 -25.11 10.39 0.26
C SER B 60 -25.84 10.72 -1.01
N THR B 61 -25.85 12.00 -1.39
CA THR B 61 -26.43 12.46 -2.62
C THR B 61 -25.44 13.42 -3.23
N TYR B 62 -25.23 13.28 -4.56
CA TYR B 62 -24.27 14.07 -5.29
C TYR B 62 -24.87 14.25 -6.65
N TYR B 63 -24.85 15.51 -7.16
CA TYR B 63 -25.39 15.86 -8.47
C TYR B 63 -24.34 15.63 -9.51
N ALA B 64 -24.77 15.67 -10.79
CA ALA B 64 -23.92 15.76 -11.94
C ALA B 64 -23.65 17.22 -12.10
N ASP B 65 -22.55 17.60 -12.81
CA ASP B 65 -22.04 18.94 -12.84
C ASP B 65 -22.69 19.73 -13.96
N SER B 66 -24.03 19.67 -14.06
CA SER B 66 -24.76 20.24 -15.16
C SER B 66 -26.23 20.23 -14.84
N VAL B 67 -26.63 19.63 -13.69
CA VAL B 67 -28.00 19.66 -13.22
C VAL B 67 -28.02 20.29 -11.85
N LYS B 68 -26.92 21.01 -11.47
CA LYS B 68 -26.68 21.52 -10.14
C LYS B 68 -27.73 22.49 -9.68
N GLY B 69 -28.56 22.05 -8.70
CA GLY B 69 -29.54 22.87 -8.03
C GLY B 69 -30.74 23.18 -8.88
N ARG B 70 -30.95 22.40 -9.97
CA ARG B 70 -32.07 22.55 -10.87
C ARG B 70 -33.09 21.49 -10.53
N PHE B 71 -32.71 20.59 -9.62
CA PHE B 71 -33.48 19.47 -9.21
C PHE B 71 -33.07 19.26 -7.79
N THR B 72 -34.01 18.77 -6.95
CA THR B 72 -33.74 18.51 -5.57
C THR B 72 -34.18 17.10 -5.40
N ILE B 73 -33.20 16.22 -5.13
CA ILE B 73 -33.41 14.81 -4.94
C ILE B 73 -34.10 14.56 -3.64
N SER B 74 -34.87 13.46 -3.57
CA SER B 74 -35.61 13.10 -2.39
C SER B 74 -35.86 11.64 -2.60
N ALA B 75 -36.25 10.93 -1.52
CA ALA B 75 -36.28 9.50 -1.52
C ALA B 75 -37.24 9.07 -0.47
N ASP B 76 -37.73 7.83 -0.61
CA ASP B 76 -38.71 7.25 0.25
C ASP B 76 -38.40 5.79 0.20
N THR B 77 -38.52 5.09 1.35
CA THR B 77 -38.16 3.69 1.47
C THR B 77 -39.41 2.96 1.93
N SER B 78 -40.57 3.67 1.91
CA SER B 78 -41.84 3.12 2.35
C SER B 78 -42.63 2.65 1.15
N LYS B 79 -42.08 2.86 -0.07
CA LYS B 79 -42.71 2.51 -1.32
C LYS B 79 -41.60 2.39 -2.32
N ASN B 80 -40.38 2.85 -1.95
CA ASN B 80 -39.14 2.72 -2.68
C ASN B 80 -39.09 3.72 -3.80
N THR B 81 -40.07 4.64 -3.84
CA THR B 81 -40.19 5.74 -4.75
C THR B 81 -39.09 6.73 -4.52
N ALA B 82 -38.55 7.30 -5.61
CA ALA B 82 -37.49 8.26 -5.53
C ALA B 82 -38.01 9.40 -6.36
N TYR B 83 -38.15 10.59 -5.74
CA TYR B 83 -38.83 11.70 -6.34
C TYR B 83 -37.79 12.71 -6.68
N LEU B 84 -37.77 13.20 -7.94
CA LEU B 84 -36.91 14.30 -8.29
C LEU B 84 -37.84 15.45 -8.48
N GLN B 85 -37.65 16.48 -7.62
CA GLN B 85 -38.36 17.73 -7.66
C GLN B 85 -37.82 18.48 -8.85
N MET B 86 -38.70 19.18 -9.59
CA MET B 86 -38.32 19.96 -10.73
C MET B 86 -38.63 21.35 -10.30
N ASN B 87 -37.74 22.31 -10.64
CA ASN B 87 -37.85 23.62 -10.05
C ASN B 87 -37.09 24.57 -10.95
N SER B 88 -36.28 24.02 -11.89
CA SER B 88 -35.72 24.81 -12.95
C SER B 88 -35.58 23.82 -14.09
N LEU B 89 -36.01 24.21 -15.31
CA LEU B 89 -36.02 23.35 -16.46
C LEU B 89 -35.64 24.18 -17.64
N ARG B 90 -35.14 23.52 -18.71
CA ARG B 90 -34.60 24.18 -19.88
C ARG B 90 -35.38 23.69 -21.06
N ALA B 91 -34.87 22.62 -21.71
CA ALA B 91 -35.48 21.93 -22.81
C ALA B 91 -34.66 20.69 -23.02
N GLU B 92 -33.59 20.51 -22.19
CA GLU B 92 -32.69 19.40 -22.20
C GLU B 92 -33.11 18.46 -21.10
N ASP B 93 -34.25 18.78 -20.46
CA ASP B 93 -34.84 18.02 -19.39
C ASP B 93 -36.02 17.29 -19.97
N THR B 94 -36.00 17.10 -21.32
CA THR B 94 -36.93 16.30 -22.06
C THR B 94 -36.21 15.00 -22.22
N ALA B 95 -36.75 13.92 -21.63
CA ALA B 95 -36.22 12.62 -21.85
C ALA B 95 -37.24 11.62 -21.45
N VAL B 96 -37.07 10.38 -21.93
CA VAL B 96 -37.82 9.23 -21.51
C VAL B 96 -37.09 8.72 -20.29
N TYR B 97 -37.38 9.31 -19.11
CA TYR B 97 -36.73 9.04 -17.84
C TYR B 97 -36.81 7.60 -17.44
N TYR B 98 -35.72 7.09 -16.85
CA TYR B 98 -35.64 5.76 -16.33
C TYR B 98 -35.06 5.83 -14.95
N CYS B 99 -35.31 4.79 -14.13
CA CYS B 99 -34.81 4.69 -12.79
C CYS B 99 -33.69 3.70 -12.87
N ALA B 100 -32.45 4.07 -12.47
CA ALA B 100 -31.36 3.12 -12.44
C ALA B 100 -31.52 2.22 -11.25
N ARG B 101 -30.78 1.10 -11.23
CA ARG B 101 -30.72 0.27 -10.06
C ARG B 101 -29.30 -0.20 -10.11
N HIS B 102 -28.54 0.04 -9.02
CA HIS B 102 -27.12 -0.17 -8.99
C HIS B 102 -26.83 -0.91 -7.74
N GLU B 103 -26.15 -2.08 -7.87
CA GLU B 103 -25.69 -2.88 -6.76
C GLU B 103 -24.76 -2.16 -5.82
N TYR B 104 -24.92 -2.46 -4.51
CA TYR B 104 -23.96 -2.14 -3.48
C TYR B 104 -23.01 -3.30 -3.44
N GLY B 105 -21.72 -3.02 -3.08
CA GLY B 105 -20.62 -3.95 -3.12
C GLY B 105 -20.80 -5.20 -2.30
N TRP B 106 -19.94 -6.21 -2.57
CA TRP B 106 -19.88 -7.41 -1.77
C TRP B 106 -18.50 -7.52 -1.17
N TRP B 107 -17.69 -6.45 -1.36
CA TRP B 107 -16.51 -6.17 -0.57
C TRP B 107 -16.33 -4.70 -0.75
N ASN B 108 -16.08 -4.27 -2.01
CA ASN B 108 -16.04 -2.88 -2.37
C ASN B 108 -16.17 -2.89 -3.87
N ASP B 109 -17.33 -3.42 -4.35
CA ASP B 109 -17.51 -3.83 -5.73
C ASP B 109 -18.45 -2.84 -6.33
N ARG B 110 -18.10 -2.35 -7.54
CA ARG B 110 -18.92 -1.45 -8.31
C ARG B 110 -19.29 -2.16 -9.56
N TRP B 111 -20.60 -2.13 -9.88
CA TRP B 111 -21.20 -2.81 -10.99
C TRP B 111 -21.79 -1.75 -11.85
N GLY B 112 -22.31 -2.15 -13.03
CA GLY B 112 -23.12 -1.32 -13.88
C GLY B 112 -24.53 -1.38 -13.39
N LEU B 113 -25.46 -0.82 -14.19
CA LEU B 113 -26.80 -0.53 -13.78
C LEU B 113 -27.58 -1.69 -14.31
N ASP B 114 -27.96 -2.59 -13.38
CA ASP B 114 -28.61 -3.85 -13.63
C ASP B 114 -29.89 -3.74 -14.41
N TYR B 115 -30.75 -2.77 -14.07
CA TYR B 115 -32.00 -2.59 -14.75
C TYR B 115 -32.26 -1.13 -14.94
N TRP B 116 -33.13 -0.86 -15.93
CA TRP B 116 -33.52 0.45 -16.35
C TRP B 116 -35.00 0.33 -16.54
N GLY B 117 -35.70 1.48 -16.57
CA GLY B 117 -37.14 1.53 -16.56
C GLY B 117 -37.73 1.20 -17.90
N GLN B 118 -39.07 1.33 -17.99
CA GLN B 118 -39.82 1.12 -19.20
C GLN B 118 -40.16 2.48 -19.76
N GLY B 119 -39.96 3.53 -18.93
CA GLY B 119 -40.13 4.93 -19.26
C GLY B 119 -41.53 5.36 -19.52
N THR B 120 -41.77 6.67 -19.28
CA THR B 120 -42.92 7.38 -19.76
C THR B 120 -42.35 8.74 -20.05
N LEU B 121 -42.64 9.28 -21.25
CA LEU B 121 -42.02 10.48 -21.77
C LEU B 121 -42.39 11.67 -20.94
N VAL B 122 -41.38 12.53 -20.67
CA VAL B 122 -41.56 13.77 -19.96
C VAL B 122 -41.00 14.78 -20.92
N THR B 123 -41.76 15.87 -21.17
CA THR B 123 -41.41 16.88 -22.12
C THR B 123 -41.38 18.18 -21.40
N VAL B 124 -40.47 19.07 -21.85
CA VAL B 124 -40.40 20.43 -21.41
C VAL B 124 -40.54 21.24 -22.66
N SER B 125 -41.67 21.99 -22.77
CA SER B 125 -42.02 22.66 -23.99
C SER B 125 -42.98 23.74 -23.58
N SER B 126 -43.08 24.80 -24.40
CA SER B 126 -43.97 25.92 -24.19
C SER B 126 -45.02 25.93 -25.28
N ALA B 127 -45.04 24.87 -26.13
CA ALA B 127 -45.84 24.85 -27.32
C ALA B 127 -47.21 24.37 -26.98
N SER B 128 -48.23 24.89 -27.70
CA SER B 128 -49.61 24.55 -27.50
C SER B 128 -49.98 23.48 -28.48
N THR B 129 -51.08 22.75 -28.18
CA THR B 129 -51.71 21.77 -29.04
C THR B 129 -52.16 22.43 -30.32
N LYS B 130 -52.02 21.71 -31.46
CA LYS B 130 -52.31 22.20 -32.77
C LYS B 130 -52.07 21.04 -33.69
N GLY B 131 -53.11 20.63 -34.45
CA GLY B 131 -53.06 19.57 -35.43
C GLY B 131 -52.14 19.88 -36.61
N PRO B 132 -51.93 18.94 -37.51
CA PRO B 132 -51.05 19.10 -38.65
C PRO B 132 -51.75 19.81 -39.76
N SER B 133 -51.04 20.73 -40.44
CA SER B 133 -51.42 21.16 -41.75
C SER B 133 -50.68 20.19 -42.66
N VAL B 134 -51.38 19.67 -43.70
CA VAL B 134 -50.88 18.62 -44.55
C VAL B 134 -50.82 19.17 -45.93
N PHE B 135 -49.61 19.22 -46.52
CA PHE B 135 -49.36 19.83 -47.80
C PHE B 135 -48.83 18.74 -48.71
N PRO B 136 -49.20 18.65 -49.99
CA PRO B 136 -48.60 17.71 -50.91
C PRO B 136 -47.20 18.16 -51.30
N LEU B 137 -46.24 17.20 -51.32
CA LEU B 137 -44.94 17.34 -51.92
C LEU B 137 -45.04 16.71 -53.28
N ALA B 138 -45.36 17.55 -54.29
CA ALA B 138 -45.68 17.16 -55.65
C ALA B 138 -44.62 16.28 -56.29
N PRO B 139 -44.99 15.32 -57.15
CA PRO B 139 -44.10 14.48 -57.95
C PRO B 139 -42.91 15.15 -58.57
N SER B 140 -41.77 14.41 -58.64
CA SER B 140 -40.56 14.84 -59.28
C SER B 140 -40.71 14.35 -60.70
N SER B 141 -40.88 15.29 -61.65
CA SER B 141 -41.14 14.96 -63.04
C SER B 141 -40.58 16.07 -63.89
N LYS B 142 -39.88 17.04 -63.28
CA LYS B 142 -39.18 18.10 -63.98
C LYS B 142 -37.72 17.77 -63.92
N SER B 143 -37.38 16.71 -63.15
CA SER B 143 -36.11 16.08 -63.11
C SER B 143 -36.42 14.71 -62.57
N THR B 144 -35.55 13.71 -62.87
CA THR B 144 -35.78 12.31 -62.59
C THR B 144 -37.00 11.82 -63.35
N SER B 145 -37.13 12.27 -64.61
CA SER B 145 -38.22 11.95 -65.49
C SER B 145 -38.09 10.53 -65.97
N GLY B 146 -39.26 9.85 -66.14
CA GLY B 146 -39.34 8.45 -66.52
C GLY B 146 -38.86 7.51 -65.46
N GLY B 147 -39.12 6.20 -65.65
CA GLY B 147 -38.79 5.16 -64.71
C GLY B 147 -39.69 5.25 -63.51
N THR B 148 -39.09 5.63 -62.35
CA THR B 148 -39.75 5.69 -61.07
C THR B 148 -39.62 7.11 -60.60
N ALA B 149 -40.75 7.67 -60.08
CA ALA B 149 -40.85 9.01 -59.57
C ALA B 149 -41.19 8.86 -58.12
N ALA B 150 -40.84 9.87 -57.31
CA ALA B 150 -41.13 9.90 -55.90
C ALA B 150 -42.02 11.09 -55.67
N LEU B 151 -42.94 10.95 -54.69
CA LEU B 151 -43.88 11.98 -54.32
C LEU B 151 -44.10 11.78 -52.85
N GLY B 152 -44.77 12.73 -52.17
CA GLY B 152 -44.97 12.58 -50.76
C GLY B 152 -45.90 13.62 -50.23
N CYS B 153 -45.98 13.70 -48.88
CA CYS B 153 -46.73 14.67 -48.15
C CYS B 153 -45.82 15.20 -47.08
N LEU B 154 -45.82 16.54 -46.91
CA LEU B 154 -45.15 17.21 -45.83
C LEU B 154 -46.20 17.45 -44.79
N VAL B 155 -45.99 16.88 -43.59
CA VAL B 155 -46.91 16.95 -42.48
C VAL B 155 -46.24 17.85 -41.49
N LYS B 156 -46.73 19.11 -41.40
CA LYS B 156 -46.01 20.21 -40.82
C LYS B 156 -46.84 20.89 -39.77
N ASP B 157 -46.18 21.35 -38.68
CA ASP B 157 -46.74 22.21 -37.67
C ASP B 157 -47.71 21.50 -36.76
N TYR B 158 -47.33 20.29 -36.27
CA TYR B 158 -48.18 19.53 -35.39
C TYR B 158 -47.48 19.47 -34.05
N PHE B 159 -48.27 19.21 -32.99
CA PHE B 159 -47.75 19.07 -31.65
C PHE B 159 -48.99 18.71 -30.84
N PRO B 160 -48.93 17.91 -29.79
CA PRO B 160 -47.91 16.93 -29.46
C PRO B 160 -47.69 15.91 -30.55
N GLU B 161 -46.49 15.30 -30.56
CA GLU B 161 -46.18 14.06 -31.25
C GLU B 161 -47.03 12.93 -30.70
N PRO B 162 -47.41 11.89 -31.43
CA PRO B 162 -46.94 11.56 -32.76
C PRO B 162 -47.88 12.12 -33.80
N VAL B 163 -47.62 11.77 -35.08
CA VAL B 163 -48.55 11.88 -36.16
C VAL B 163 -48.28 10.63 -36.95
N THR B 164 -49.35 9.96 -37.43
CA THR B 164 -49.25 8.78 -38.27
C THR B 164 -49.64 9.20 -39.66
N VAL B 165 -48.93 8.65 -40.67
CA VAL B 165 -49.17 8.91 -42.07
C VAL B 165 -49.28 7.55 -42.70
N SER B 166 -50.38 7.34 -43.46
CA SER B 166 -50.62 6.16 -44.25
C SER B 166 -50.95 6.68 -45.62
N TRP B 167 -50.96 5.80 -46.64
CA TRP B 167 -51.30 6.14 -47.99
C TRP B 167 -52.45 5.29 -48.43
N ASN B 168 -53.48 5.93 -49.04
CA ASN B 168 -54.65 5.32 -49.62
C ASN B 168 -55.41 4.45 -48.65
N SER B 169 -55.58 4.96 -47.41
CA SER B 169 -56.28 4.31 -46.31
C SER B 169 -55.60 3.04 -45.86
N GLY B 170 -54.24 2.99 -45.96
CA GLY B 170 -53.45 1.85 -45.55
C GLY B 170 -53.31 0.82 -46.64
N ALA B 171 -53.87 1.08 -47.85
CA ALA B 171 -53.78 0.15 -48.97
C ALA B 171 -52.43 0.21 -49.62
N LEU B 172 -51.71 1.34 -49.43
CA LEU B 172 -50.38 1.56 -49.94
C LEU B 172 -49.54 1.83 -48.73
N THR B 173 -48.42 1.09 -48.60
CA THR B 173 -47.54 1.16 -47.44
C THR B 173 -46.22 0.60 -47.90
N SER B 174 -46.16 0.07 -49.15
CA SER B 174 -44.95 -0.44 -49.75
C SER B 174 -44.21 0.68 -50.43
N GLY B 175 -42.90 0.80 -50.13
CA GLY B 175 -42.01 1.79 -50.68
C GLY B 175 -42.13 3.10 -49.96
N VAL B 176 -42.91 3.11 -48.83
CA VAL B 176 -43.14 4.27 -48.01
C VAL B 176 -41.99 4.41 -47.06
N HIS B 177 -41.35 5.61 -47.05
CA HIS B 177 -40.34 5.95 -46.07
C HIS B 177 -40.88 7.17 -45.36
N THR B 178 -41.27 6.99 -44.09
CA THR B 178 -41.71 8.05 -43.22
C THR B 178 -40.53 8.42 -42.38
N PHE B 179 -39.94 9.60 -42.64
CA PHE B 179 -38.78 10.11 -41.94
C PHE B 179 -39.08 10.44 -40.50
N PRO B 180 -38.16 10.24 -39.54
CA PRO B 180 -38.17 10.84 -38.21
C PRO B 180 -38.53 12.31 -38.17
N ALA B 181 -39.27 12.72 -37.12
CA ALA B 181 -39.64 14.09 -36.85
C ALA B 181 -38.45 14.95 -36.52
N VAL B 182 -38.45 16.20 -37.03
CA VAL B 182 -37.46 17.21 -36.69
C VAL B 182 -38.20 18.29 -35.96
N LEU B 183 -37.62 18.72 -34.81
CA LEU B 183 -38.12 19.85 -34.05
C LEU B 183 -37.76 21.12 -34.76
N GLN B 184 -38.79 21.91 -35.13
CA GLN B 184 -38.61 23.18 -35.80
C GLN B 184 -38.49 24.26 -34.76
N SER B 185 -38.14 25.49 -35.21
CA SER B 185 -37.90 26.67 -34.41
C SER B 185 -39.13 27.12 -33.65
N SER B 186 -40.32 26.93 -34.27
CA SER B 186 -41.61 27.23 -33.69
C SER B 186 -41.88 26.49 -32.39
N GLY B 187 -41.48 25.20 -32.33
CA GLY B 187 -41.70 24.33 -31.21
C GLY B 187 -42.69 23.29 -31.63
N LEU B 188 -42.88 23.16 -32.96
CA LEU B 188 -43.82 22.26 -33.57
C LEU B 188 -42.99 21.38 -34.45
N TYR B 189 -43.32 20.08 -34.47
CA TYR B 189 -42.64 19.06 -35.22
C TYR B 189 -43.14 19.04 -36.65
N SER B 190 -42.28 18.54 -37.57
CA SER B 190 -42.61 18.39 -38.96
C SER B 190 -41.84 17.17 -39.43
N LEU B 191 -42.43 16.45 -40.40
CA LEU B 191 -41.78 15.33 -41.06
C LEU B 191 -42.34 15.26 -42.43
N SER B 192 -41.66 14.51 -43.33
CA SER B 192 -42.17 14.20 -44.63
C SER B 192 -42.32 12.70 -44.68
N SER B 193 -43.34 12.24 -45.43
CA SER B 193 -43.56 10.86 -45.75
C SER B 193 -43.51 10.84 -47.25
N VAL B 194 -42.75 9.88 -47.84
CA VAL B 194 -42.58 9.80 -49.27
C VAL B 194 -42.89 8.39 -49.65
N VAL B 195 -43.24 8.19 -50.93
CA VAL B 195 -43.51 6.90 -51.50
C VAL B 195 -42.98 7.00 -52.90
N THR B 196 -42.37 5.89 -53.39
CA THR B 196 -41.86 5.79 -54.74
C THR B 196 -42.86 4.97 -55.51
N VAL B 197 -43.23 5.47 -56.72
CA VAL B 197 -44.24 4.91 -57.56
C VAL B 197 -43.69 4.97 -58.97
N PRO B 198 -44.17 4.21 -59.94
CA PRO B 198 -43.90 4.42 -61.37
C PRO B 198 -44.22 5.81 -61.85
N SER B 199 -43.32 6.45 -62.64
CA SER B 199 -43.54 7.74 -63.25
C SER B 199 -44.73 7.72 -64.19
N SER B 200 -44.97 6.54 -64.83
CA SER B 200 -46.04 6.30 -65.75
C SER B 200 -47.40 6.18 -65.09
N SER B 201 -47.47 5.95 -63.76
CA SER B 201 -48.74 5.83 -63.06
C SER B 201 -49.29 7.18 -62.69
N LEU B 202 -48.44 8.24 -62.73
CA LEU B 202 -48.80 9.59 -62.37
C LEU B 202 -49.84 10.14 -63.31
N GLY B 203 -50.89 10.79 -62.75
CA GLY B 203 -52.01 11.31 -63.49
C GLY B 203 -52.84 10.22 -64.09
N THR B 204 -52.92 9.06 -63.40
CA THR B 204 -53.65 7.89 -63.85
C THR B 204 -53.96 7.11 -62.60
N GLN B 205 -53.37 7.52 -61.45
CA GLN B 205 -53.64 6.93 -60.16
C GLN B 205 -53.53 8.08 -59.21
N THR B 206 -54.49 8.15 -58.26
CA THR B 206 -54.51 9.12 -57.20
C THR B 206 -53.77 8.55 -56.02
N TYR B 207 -52.88 9.37 -55.44
CA TYR B 207 -52.14 9.05 -54.26
C TYR B 207 -52.58 10.06 -53.26
N ILE B 208 -53.20 9.60 -52.16
CA ILE B 208 -53.75 10.43 -51.14
C ILE B 208 -53.08 9.96 -49.89
N CYS B 209 -52.47 10.88 -49.11
CA CYS B 209 -51.94 10.55 -47.81
C CYS B 209 -53.03 10.84 -46.81
N ASN B 210 -53.24 9.87 -45.90
CA ASN B 210 -54.24 9.93 -44.87
C ASN B 210 -53.46 10.13 -43.62
N VAL B 211 -53.62 11.31 -43.00
CA VAL B 211 -52.84 11.76 -41.89
C VAL B 211 -53.79 11.75 -40.74
N ASN B 212 -53.37 11.12 -39.62
CA ASN B 212 -54.15 11.03 -38.41
C ASN B 212 -53.24 11.48 -37.32
N HIS B 213 -53.59 12.62 -36.71
CA HIS B 213 -52.95 13.17 -35.55
C HIS B 213 -53.87 12.93 -34.40
N LYS B 214 -53.58 11.86 -33.61
CA LYS B 214 -54.37 11.45 -32.48
C LYS B 214 -54.50 12.47 -31.36
N PRO B 215 -53.51 13.26 -30.92
CA PRO B 215 -53.68 14.18 -29.80
C PRO B 215 -54.69 15.28 -30.00
N SER B 216 -54.98 15.71 -31.25
CA SER B 216 -56.00 16.71 -31.52
C SER B 216 -57.19 16.07 -32.18
N ASN B 217 -57.10 14.74 -32.46
CA ASN B 217 -58.05 13.96 -33.25
C ASN B 217 -58.34 14.59 -34.59
N THR B 218 -57.27 15.05 -35.27
CA THR B 218 -57.34 15.82 -36.49
C THR B 218 -56.92 14.88 -37.58
N LYS B 219 -57.86 14.57 -38.50
CA LYS B 219 -57.61 13.71 -39.63
C LYS B 219 -57.78 14.53 -40.87
N VAL B 220 -56.76 14.48 -41.76
CA VAL B 220 -56.75 15.23 -43.00
C VAL B 220 -56.31 14.24 -44.02
N ASP B 221 -57.11 14.06 -45.09
CA ASP B 221 -56.74 13.32 -46.27
C ASP B 221 -56.36 14.37 -47.28
N LYS B 222 -55.09 14.34 -47.74
CA LYS B 222 -54.56 15.33 -48.65
C LYS B 222 -54.14 14.63 -49.90
N LYS B 223 -54.82 14.95 -51.03
CA LYS B 223 -54.49 14.46 -52.36
C LYS B 223 -53.19 15.02 -52.87
N VAL B 224 -52.37 14.13 -53.47
CA VAL B 224 -51.09 14.40 -54.05
C VAL B 224 -51.23 14.00 -55.49
N GLU B 225 -50.97 14.97 -56.41
CA GLU B 225 -51.17 14.78 -57.82
C GLU B 225 -50.04 15.54 -58.48
N PRO B 226 -49.57 15.18 -59.67
CA PRO B 226 -48.71 16.02 -60.50
C PRO B 226 -49.27 17.41 -60.71
N LYS B 227 -48.42 18.44 -60.56
CA LYS B 227 -48.78 19.82 -60.79
C LYS B 227 -48.18 20.19 -62.12
N SER B 228 -48.69 21.29 -62.71
CA SER B 228 -48.20 21.85 -63.95
C SER B 228 -47.01 22.72 -63.68
N ASP C 2 -15.72 15.09 -13.65
CA ASP C 2 -15.93 13.72 -13.32
C ASP C 2 -14.77 12.98 -13.91
N ILE C 3 -14.99 11.72 -14.37
CA ILE C 3 -14.00 10.94 -15.08
C ILE C 3 -14.58 10.80 -16.45
N GLN C 4 -13.92 11.46 -17.44
CA GLN C 4 -14.30 11.45 -18.84
C GLN C 4 -14.16 10.06 -19.40
N MET C 5 -15.13 9.66 -20.26
CA MET C 5 -15.13 8.37 -20.90
C MET C 5 -15.04 8.66 -22.37
N THR C 6 -14.02 8.07 -23.02
CA THR C 6 -13.67 8.32 -24.40
C THR C 6 -13.84 7.01 -25.10
N GLN C 7 -14.70 6.97 -26.15
CA GLN C 7 -14.99 5.76 -26.87
C GLN C 7 -14.24 5.78 -28.16
N SER C 8 -13.82 4.57 -28.60
CA SER C 8 -13.08 4.39 -29.82
C SER C 8 -13.58 3.09 -30.41
N PRO C 9 -13.55 2.92 -31.73
CA PRO C 9 -13.63 3.99 -32.73
C PRO C 9 -14.92 4.79 -32.57
N SER C 10 -15.01 5.98 -33.19
CA SER C 10 -16.23 6.77 -33.23
C SER C 10 -17.37 6.05 -33.93
N SER C 11 -17.05 5.39 -35.07
CA SER C 11 -17.98 4.58 -35.79
C SER C 11 -17.18 3.48 -36.45
N LEU C 12 -17.84 2.35 -36.76
CA LEU C 12 -17.21 1.30 -37.52
C LEU C 12 -18.31 0.67 -38.34
N SER C 13 -17.88 0.01 -39.43
CA SER C 13 -18.75 -0.64 -40.37
C SER C 13 -18.15 -1.99 -40.58
N ALA C 14 -18.90 -3.06 -40.21
CA ALA C 14 -18.39 -4.40 -40.29
C ALA C 14 -19.54 -5.25 -40.75
N SER C 15 -19.21 -6.40 -41.40
CA SER C 15 -20.17 -7.30 -41.97
C SER C 15 -20.55 -8.30 -40.93
N VAL C 16 -21.69 -9.00 -41.14
CA VAL C 16 -22.16 -10.09 -40.31
C VAL C 16 -21.14 -11.22 -40.31
N GLY C 17 -20.84 -11.75 -39.10
CA GLY C 17 -19.89 -12.82 -38.89
C GLY C 17 -18.48 -12.34 -38.76
N ASP C 18 -18.28 -11.06 -38.36
CA ASP C 18 -16.96 -10.49 -38.15
C ASP C 18 -16.75 -10.44 -36.66
N ARG C 19 -15.47 -10.39 -36.22
CA ARG C 19 -15.10 -10.22 -34.85
C ARG C 19 -14.78 -8.77 -34.69
N VAL C 20 -15.54 -8.07 -33.81
CA VAL C 20 -15.51 -6.65 -33.67
C VAL C 20 -15.14 -6.41 -32.23
N THR C 21 -14.11 -5.54 -32.01
CA THR C 21 -13.67 -5.16 -30.69
C THR C 21 -13.73 -3.67 -30.70
N ILE C 22 -14.36 -3.08 -29.65
CA ILE C 22 -14.41 -1.65 -29.46
C ILE C 22 -13.70 -1.42 -28.15
N THR C 23 -13.07 -0.22 -28.01
CA THR C 23 -12.22 0.10 -26.89
C THR C 23 -12.85 1.29 -26.23
N CYS C 24 -12.58 1.48 -24.93
CA CYS C 24 -13.04 2.60 -24.16
C CYS C 24 -11.91 2.92 -23.24
N ARG C 25 -11.53 4.22 -23.20
CA ARG C 25 -10.47 4.68 -22.36
C ARG C 25 -11.09 5.66 -21.42
N ALA C 26 -10.88 5.44 -20.10
CA ALA C 26 -11.25 6.36 -19.05
C ALA C 26 -10.05 7.24 -18.83
N SER C 27 -10.28 8.55 -18.57
CA SER C 27 -9.24 9.52 -18.35
C SER C 27 -8.42 9.20 -17.11
N GLN C 28 -9.12 8.76 -16.04
CA GLN C 28 -8.52 8.37 -14.79
C GLN C 28 -8.92 6.94 -14.61
N SER C 29 -8.04 6.13 -13.97
CA SER C 29 -8.31 4.75 -13.62
C SER C 29 -9.42 4.71 -12.60
N VAL C 30 -10.37 3.76 -12.78
CA VAL C 30 -11.54 3.61 -11.94
C VAL C 30 -11.55 2.22 -11.36
N SER C 31 -10.39 1.49 -11.46
CA SER C 31 -10.24 0.11 -11.07
C SER C 31 -11.12 -0.76 -11.96
N SER C 32 -11.59 -1.93 -11.46
CA SER C 32 -12.59 -2.74 -12.12
C SER C 32 -13.94 -2.22 -11.69
N ALA C 33 -14.53 -1.37 -12.57
CA ALA C 33 -15.77 -0.71 -12.26
C ALA C 33 -16.22 -0.06 -13.54
N VAL C 34 -16.37 -0.87 -14.61
CA VAL C 34 -16.76 -0.40 -15.92
C VAL C 34 -17.91 -1.24 -16.36
N ALA C 35 -18.88 -0.63 -17.08
CA ALA C 35 -19.97 -1.37 -17.65
C ALA C 35 -20.02 -1.06 -19.12
N TRP C 36 -20.81 -1.87 -19.86
CA TRP C 36 -21.02 -1.70 -21.27
C TRP C 36 -22.48 -1.93 -21.53
N TYR C 37 -23.09 -1.07 -22.38
CA TYR C 37 -24.49 -1.07 -22.72
C TYR C 37 -24.65 -1.22 -24.18
N GLN C 38 -25.80 -1.82 -24.58
CA GLN C 38 -26.27 -1.89 -25.94
C GLN C 38 -27.53 -1.06 -25.93
N GLN C 39 -27.55 0.00 -26.78
CA GLN C 39 -28.68 0.88 -26.94
C GLN C 39 -29.10 0.76 -28.37
N LYS C 40 -30.37 0.35 -28.60
CA LYS C 40 -30.98 0.33 -29.90
C LYS C 40 -32.14 1.29 -29.77
N PRO C 41 -32.40 2.23 -30.70
CA PRO C 41 -33.38 3.31 -30.55
C PRO C 41 -34.76 2.88 -30.11
N GLY C 42 -35.33 3.58 -29.10
CA GLY C 42 -36.67 3.38 -28.62
C GLY C 42 -36.80 2.14 -27.78
N LYS C 43 -35.72 1.76 -27.07
CA LYS C 43 -35.71 0.60 -26.20
C LYS C 43 -35.00 1.05 -24.95
N ALA C 44 -35.22 0.31 -23.83
CA ALA C 44 -34.44 0.46 -22.63
C ALA C 44 -33.04 -0.05 -22.91
N PRO C 45 -31.94 0.63 -22.58
CA PRO C 45 -30.59 0.10 -22.53
C PRO C 45 -30.45 -1.25 -21.89
N LYS C 46 -29.71 -2.18 -22.52
CA LYS C 46 -29.41 -3.47 -21.94
C LYS C 46 -27.98 -3.46 -21.51
N LEU C 47 -27.74 -3.84 -20.23
CA LEU C 47 -26.44 -4.01 -19.63
C LEU C 47 -25.87 -5.27 -20.21
N LEU C 48 -24.59 -5.23 -20.65
CA LEU C 48 -23.93 -6.35 -21.26
C LEU C 48 -22.88 -6.86 -20.33
N ILE C 49 -22.08 -5.94 -19.74
CA ILE C 49 -20.88 -6.27 -19.02
C ILE C 49 -20.91 -5.37 -17.83
N TYR C 50 -20.49 -5.89 -16.64
CA TYR C 50 -20.22 -5.10 -15.47
C TYR C 50 -18.87 -5.58 -14.99
N SER C 51 -18.19 -4.76 -14.16
CA SER C 51 -16.90 -5.07 -13.54
C SER C 51 -15.78 -5.16 -14.57
N ALA C 52 -15.94 -4.48 -15.72
CA ALA C 52 -15.01 -4.35 -16.83
C ALA C 52 -14.88 -5.57 -17.69
N SER C 53 -15.47 -6.74 -17.33
CA SER C 53 -15.13 -7.96 -18.02
C SER C 53 -16.04 -9.10 -17.66
N SER C 54 -16.98 -8.91 -16.70
CA SER C 54 -17.83 -9.97 -16.22
C SER C 54 -19.14 -9.81 -16.94
N LEU C 55 -19.63 -10.90 -17.59
CA LEU C 55 -20.87 -10.86 -18.33
C LEU C 55 -22.02 -10.71 -17.38
N TYR C 56 -23.03 -9.92 -17.81
CA TYR C 56 -24.31 -9.81 -17.16
C TYR C 56 -25.13 -11.01 -17.57
N SER C 57 -25.92 -11.55 -16.62
CA SER C 57 -26.82 -12.67 -16.83
C SER C 57 -27.91 -12.32 -17.81
N GLY C 58 -28.26 -13.31 -18.69
CA GLY C 58 -29.26 -13.16 -19.71
C GLY C 58 -28.79 -12.29 -20.84
N VAL C 59 -27.46 -12.29 -21.11
CA VAL C 59 -26.86 -11.62 -22.24
C VAL C 59 -26.19 -12.74 -22.99
N PRO C 60 -26.29 -12.86 -24.32
CA PRO C 60 -25.52 -13.79 -25.15
C PRO C 60 -24.04 -13.87 -24.85
N SER C 61 -23.41 -15.02 -25.16
CA SER C 61 -22.05 -15.31 -24.77
C SER C 61 -21.11 -14.89 -25.87
N ARG C 62 -21.64 -14.26 -26.96
CA ARG C 62 -20.81 -13.66 -27.98
C ARG C 62 -20.24 -12.36 -27.49
N PHE C 63 -20.92 -11.70 -26.51
CA PHE C 63 -20.39 -10.53 -25.87
C PHE C 63 -19.49 -11.00 -24.76
N SER C 64 -18.31 -10.39 -24.65
CA SER C 64 -17.36 -10.61 -23.58
C SER C 64 -16.66 -9.30 -23.43
N GLY C 65 -16.04 -9.06 -22.25
CA GLY C 65 -15.20 -7.90 -22.09
C GLY C 65 -13.92 -8.39 -21.49
N SER C 66 -12.87 -7.55 -21.58
CA SER C 66 -11.59 -7.87 -21.02
C SER C 66 -11.02 -6.56 -20.54
N ARG C 67 -9.87 -6.65 -19.82
CA ARG C 67 -8.93 -5.57 -19.61
C ARG C 67 -9.31 -4.75 -18.40
N SER C 68 -8.31 -4.02 -17.86
CA SER C 68 -8.48 -3.21 -16.69
C SER C 68 -7.45 -2.11 -16.80
N GLY C 69 -7.46 -1.18 -15.81
CA GLY C 69 -6.56 -0.06 -15.75
C GLY C 69 -7.34 1.11 -16.25
N THR C 70 -6.97 1.62 -17.45
CA THR C 70 -7.63 2.75 -18.06
C THR C 70 -8.24 2.30 -19.36
N ASP C 71 -7.78 1.16 -19.92
CA ASP C 71 -8.17 0.71 -21.24
C ASP C 71 -9.03 -0.51 -21.09
N PHE C 72 -10.33 -0.37 -21.44
CA PHE C 72 -11.36 -1.36 -21.28
C PHE C 72 -11.76 -1.76 -22.68
N THR C 73 -12.30 -2.99 -22.86
CA THR C 73 -12.68 -3.49 -24.16
C THR C 73 -13.96 -4.28 -24.05
N LEU C 74 -14.80 -4.22 -25.11
CA LEU C 74 -15.95 -5.06 -25.32
C LEU C 74 -15.66 -5.72 -26.63
N THR C 75 -15.89 -7.05 -26.70
CA THR C 75 -15.64 -7.85 -27.88
C THR C 75 -16.94 -8.53 -28.19
N ILE C 76 -17.32 -8.51 -29.49
CA ILE C 76 -18.39 -9.30 -30.05
C ILE C 76 -17.66 -10.27 -30.93
N SER C 77 -17.73 -11.59 -30.59
CA SER C 77 -17.01 -12.64 -31.28
C SER C 77 -17.48 -12.84 -32.71
N SER C 78 -18.81 -12.81 -32.93
CA SER C 78 -19.42 -13.01 -34.22
C SER C 78 -20.50 -11.97 -34.27
N LEU C 79 -20.48 -11.13 -35.32
CA LEU C 79 -21.42 -10.05 -35.49
C LEU C 79 -22.69 -10.63 -36.03
N GLN C 80 -23.83 -9.99 -35.72
CA GLN C 80 -25.14 -10.45 -36.08
C GLN C 80 -25.79 -9.26 -36.74
N PRO C 81 -26.87 -9.40 -37.49
CA PRO C 81 -27.56 -8.27 -38.10
C PRO C 81 -28.43 -7.54 -37.09
N GLU C 82 -28.37 -7.93 -35.79
CA GLU C 82 -29.17 -7.35 -34.73
C GLU C 82 -28.23 -6.63 -33.81
N ASP C 83 -26.92 -6.56 -34.18
CA ASP C 83 -25.89 -5.90 -33.42
C ASP C 83 -25.64 -4.55 -34.03
N PHE C 84 -26.59 -4.09 -34.88
CA PHE C 84 -26.72 -2.71 -35.30
C PHE C 84 -27.19 -1.93 -34.09
N ALA C 85 -26.29 -1.16 -33.46
CA ALA C 85 -26.62 -0.47 -32.25
C ALA C 85 -25.53 0.52 -31.97
N THR C 86 -25.78 1.42 -30.98
CA THR C 86 -24.79 2.25 -30.35
C THR C 86 -24.44 1.62 -29.02
N TYR C 87 -23.12 1.42 -28.76
CA TYR C 87 -22.62 0.79 -27.57
C TYR C 87 -21.96 1.82 -26.70
N TYR C 88 -22.35 1.90 -25.41
CA TYR C 88 -21.86 2.91 -24.48
C TYR C 88 -21.08 2.25 -23.38
N CYS C 89 -19.86 2.77 -23.06
CA CYS C 89 -19.12 2.40 -21.87
C CYS C 89 -19.44 3.37 -20.78
N GLN C 90 -19.08 3.02 -19.53
CA GLN C 90 -19.54 3.72 -18.36
C GLN C 90 -18.52 3.43 -17.31
N GLN C 91 -18.23 4.40 -16.41
CA GLN C 91 -17.45 4.14 -15.22
C GLN C 91 -18.43 4.30 -14.10
N SER C 92 -18.30 3.42 -13.09
CA SER C 92 -19.13 3.42 -11.92
C SER C 92 -18.25 3.63 -10.72
N SER C 93 -18.83 4.22 -9.66
CA SER C 93 -18.13 4.48 -8.43
C SER C 93 -19.22 4.49 -7.39
N TRP C 94 -18.90 4.02 -6.17
CA TRP C 94 -19.87 3.77 -5.12
C TRP C 94 -19.73 4.91 -4.12
N TYR C 95 -19.05 6.01 -4.55
CA TYR C 95 -18.80 7.16 -3.72
C TYR C 95 -18.36 8.28 -4.62
N GLY C 96 -18.48 8.09 -5.95
CA GLY C 96 -18.11 9.09 -6.95
C GLY C 96 -19.21 9.20 -7.96
N PRO C 97 -19.05 10.08 -8.96
CA PRO C 97 -19.93 10.19 -10.12
C PRO C 97 -20.01 8.94 -10.96
N PHE C 98 -20.99 8.93 -11.89
CA PHE C 98 -21.18 7.93 -12.91
C PHE C 98 -21.20 8.73 -14.18
N THR C 99 -20.47 8.28 -15.23
CA THR C 99 -20.29 9.05 -16.44
C THR C 99 -20.31 8.04 -17.54
N PHE C 100 -20.86 8.41 -18.72
CA PHE C 100 -20.99 7.54 -19.87
C PHE C 100 -20.11 8.05 -20.97
N GLY C 101 -19.77 7.13 -21.91
CA GLY C 101 -19.14 7.36 -23.19
C GLY C 101 -19.93 8.18 -24.16
N GLN C 102 -19.38 8.26 -25.39
CA GLN C 102 -19.90 9.08 -26.47
C GLN C 102 -20.55 8.18 -27.49
N GLY C 103 -20.51 6.85 -27.25
CA GLY C 103 -21.11 5.83 -28.08
C GLY C 103 -20.20 5.44 -29.21
N THR C 104 -20.23 4.13 -29.55
CA THR C 104 -19.55 3.55 -30.68
C THR C 104 -20.65 3.01 -31.54
N LYS C 105 -20.76 3.55 -32.77
CA LYS C 105 -21.77 3.16 -33.73
C LYS C 105 -21.29 1.96 -34.49
N VAL C 106 -22.00 0.83 -34.37
CA VAL C 106 -21.69 -0.38 -35.09
C VAL C 106 -22.69 -0.39 -36.20
N GLU C 107 -22.20 -0.35 -37.46
CA GLU C 107 -23.03 -0.36 -38.64
C GLU C 107 -22.90 -1.72 -39.26
N ILE C 108 -24.00 -2.22 -39.88
CA ILE C 108 -24.03 -3.47 -40.61
C ILE C 108 -23.71 -3.10 -42.03
N LYS C 109 -22.63 -3.73 -42.55
CA LYS C 109 -22.06 -3.45 -43.83
C LYS C 109 -22.66 -4.23 -44.95
N ARG C 110 -22.68 -3.60 -46.14
CA ARG C 110 -23.13 -4.16 -47.39
C ARG C 110 -22.37 -3.39 -48.44
N THR C 111 -22.55 -3.77 -49.73
CA THR C 111 -21.99 -3.10 -50.88
C THR C 111 -22.45 -1.66 -51.01
N VAL C 112 -21.57 -0.79 -51.55
CA VAL C 112 -21.82 0.61 -51.81
C VAL C 112 -22.95 0.75 -52.80
N ALA C 113 -23.83 1.77 -52.61
CA ALA C 113 -24.94 2.02 -53.49
C ALA C 113 -25.08 3.51 -53.57
N ALA C 114 -25.46 4.01 -54.78
CA ALA C 114 -25.69 5.40 -55.06
C ALA C 114 -27.11 5.78 -54.70
N PRO C 115 -27.40 7.05 -54.40
CA PRO C 115 -28.75 7.51 -54.11
C PRO C 115 -29.46 7.88 -55.39
N SER C 116 -30.76 7.54 -55.47
CA SER C 116 -31.66 8.07 -56.47
C SER C 116 -32.13 9.36 -55.89
N VAL C 117 -31.96 10.48 -56.63
CA VAL C 117 -32.12 11.80 -56.08
C VAL C 117 -33.37 12.32 -56.71
N PHE C 118 -34.29 12.84 -55.87
CA PHE C 118 -35.57 13.37 -56.27
C PHE C 118 -35.67 14.69 -55.56
N ILE C 119 -36.27 15.70 -56.23
CA ILE C 119 -36.54 16.98 -55.62
C ILE C 119 -38.03 17.18 -55.77
N PHE C 120 -38.70 17.68 -54.69
CA PHE C 120 -40.13 17.84 -54.65
C PHE C 120 -40.38 19.31 -54.43
N PRO C 121 -41.08 20.00 -55.34
CA PRO C 121 -41.62 21.33 -55.12
C PRO C 121 -42.50 21.48 -53.90
N PRO C 122 -42.56 22.63 -53.24
CA PRO C 122 -43.66 22.99 -52.36
C PRO C 122 -44.87 23.21 -53.24
N SER C 123 -46.05 22.78 -52.77
CA SER C 123 -47.30 23.06 -53.43
C SER C 123 -47.72 24.46 -53.11
N ASP C 124 -48.76 24.97 -53.82
CA ASP C 124 -49.37 26.25 -53.56
C ASP C 124 -50.01 26.28 -52.20
N SER C 125 -50.50 25.11 -51.73
CA SER C 125 -51.07 24.88 -50.41
C SER C 125 -50.05 25.15 -49.32
N GLN C 126 -48.78 24.72 -49.51
CA GLN C 126 -47.68 24.97 -48.62
C GLN C 126 -47.35 26.44 -48.56
N LEU C 127 -47.36 27.14 -49.72
CA LEU C 127 -47.13 28.56 -49.82
C LEU C 127 -48.12 29.39 -49.03
N LYS C 128 -49.41 28.94 -48.92
CA LYS C 128 -50.43 29.61 -48.14
C LYS C 128 -50.11 29.78 -46.67
N SER C 129 -49.29 28.89 -46.06
CA SER C 129 -48.92 29.01 -44.66
C SER C 129 -47.84 30.04 -44.46
N GLY C 130 -47.17 30.46 -45.56
CA GLY C 130 -46.22 31.55 -45.58
C GLY C 130 -44.82 31.02 -45.65
N THR C 131 -44.67 29.70 -45.84
CA THR C 131 -43.41 29.00 -45.85
C THR C 131 -43.38 28.21 -47.12
N ALA C 132 -42.17 28.04 -47.68
CA ALA C 132 -41.96 27.18 -48.81
C ALA C 132 -40.94 26.20 -48.33
N SER C 133 -41.27 24.89 -48.41
CA SER C 133 -40.35 23.83 -48.09
C SER C 133 -40.06 23.06 -49.34
N VAL C 134 -38.76 22.93 -49.67
CA VAL C 134 -38.32 22.19 -50.82
C VAL C 134 -37.67 20.98 -50.21
N VAL C 135 -38.12 19.77 -50.61
CA VAL C 135 -37.69 18.54 -49.98
C VAL C 135 -36.92 17.78 -51.01
N CYS C 136 -35.73 17.28 -50.61
CA CYS C 136 -34.87 16.46 -51.43
C CYS C 136 -34.79 15.12 -50.78
N LEU C 137 -35.00 14.05 -51.58
CA LEU C 137 -35.00 12.68 -51.15
C LEU C 137 -33.84 12.02 -51.81
N LEU C 138 -33.01 11.31 -50.99
CA LEU C 138 -31.93 10.48 -51.42
C LEU C 138 -32.41 9.12 -51.03
N ASN C 139 -32.62 8.21 -52.01
CA ASN C 139 -33.30 6.96 -51.75
C ASN C 139 -32.34 5.83 -51.99
N ASN C 140 -32.30 4.88 -51.03
CA ASN C 140 -31.69 3.56 -51.12
C ASN C 140 -30.21 3.57 -51.41
N PHE C 141 -29.41 4.27 -50.57
CA PHE C 141 -27.98 4.41 -50.74
C PHE C 141 -27.31 3.80 -49.54
N TYR C 142 -26.01 3.48 -49.67
CA TYR C 142 -25.22 2.96 -48.59
C TYR C 142 -23.82 3.47 -48.87
N PRO C 143 -22.94 3.83 -47.93
CA PRO C 143 -23.15 3.99 -46.49
C PRO C 143 -24.17 5.04 -46.13
N ARG C 144 -24.54 5.10 -44.82
CA ARG C 144 -25.49 6.03 -44.25
C ARG C 144 -25.08 7.47 -44.43
N GLU C 145 -23.78 7.76 -44.25
CA GLU C 145 -23.20 9.07 -44.42
C GLU C 145 -23.35 9.56 -45.84
N ALA C 146 -23.74 10.85 -45.98
CA ALA C 146 -23.87 11.52 -47.24
C ALA C 146 -23.90 12.97 -46.89
N LYS C 147 -23.63 13.84 -47.88
CA LYS C 147 -23.69 15.26 -47.69
C LYS C 147 -24.67 15.80 -48.70
N VAL C 148 -25.65 16.60 -48.21
CA VAL C 148 -26.59 17.28 -49.05
C VAL C 148 -26.23 18.72 -48.90
N GLN C 149 -26.13 19.41 -50.05
CA GLN C 149 -25.88 20.81 -50.14
C GLN C 149 -27.06 21.36 -50.88
N TRP C 150 -27.70 22.41 -50.31
CA TRP C 150 -28.81 23.08 -50.93
C TRP C 150 -28.28 24.34 -51.53
N LYS C 151 -28.65 24.60 -52.80
CA LYS C 151 -28.31 25.82 -53.47
C LYS C 151 -29.59 26.35 -54.02
N VAL C 152 -29.85 27.66 -53.84
CA VAL C 152 -30.97 28.33 -54.47
C VAL C 152 -30.35 29.45 -55.25
N ASP C 153 -30.45 29.38 -56.60
CA ASP C 153 -29.90 30.34 -57.53
C ASP C 153 -28.39 30.27 -57.56
N ASN C 154 -27.83 29.15 -57.05
CA ASN C 154 -26.41 28.85 -56.90
C ASN C 154 -25.88 29.45 -55.62
N ALA C 155 -26.74 30.13 -54.82
CA ALA C 155 -26.40 30.69 -53.54
C ALA C 155 -26.51 29.61 -52.50
N LEU C 156 -25.40 29.31 -51.79
CA LEU C 156 -25.35 28.31 -50.75
C LEU C 156 -26.33 28.62 -49.64
N GLN C 157 -27.17 27.62 -49.29
CA GLN C 157 -28.15 27.69 -48.24
C GLN C 157 -27.54 27.01 -47.04
N SER C 158 -27.51 27.71 -45.89
CA SER C 158 -26.98 27.18 -44.67
C SER C 158 -27.75 27.83 -43.57
N GLY C 159 -28.04 27.05 -42.49
CA GLY C 159 -28.67 27.53 -41.28
C GLY C 159 -30.13 27.76 -41.45
N ASN C 160 -30.80 26.93 -42.29
CA ASN C 160 -32.21 27.09 -42.59
C ASN C 160 -32.69 25.82 -43.23
N SER C 161 -31.86 24.75 -43.21
CA SER C 161 -32.21 23.44 -43.70
C SER C 161 -31.98 22.50 -42.55
N GLN C 162 -32.81 21.42 -42.50
CA GLN C 162 -32.72 20.40 -41.47
C GLN C 162 -32.68 19.11 -42.23
N GLU C 163 -31.82 18.18 -41.76
CA GLU C 163 -31.68 16.86 -42.35
C GLU C 163 -32.26 15.87 -41.38
N SER C 164 -32.81 14.76 -41.93
CA SER C 164 -33.29 13.65 -41.15
C SER C 164 -32.93 12.44 -41.96
N VAL C 165 -32.42 11.38 -41.30
CA VAL C 165 -32.00 10.17 -41.98
C VAL C 165 -32.86 9.11 -41.35
N THR C 166 -33.52 8.26 -42.17
CA THR C 166 -34.26 7.11 -41.69
C THR C 166 -33.31 6.11 -41.04
N GLU C 167 -33.81 5.36 -40.03
CA GLU C 167 -33.16 4.18 -39.51
C GLU C 167 -33.11 3.11 -40.58
N GLN C 168 -32.01 2.31 -40.59
CA GLN C 168 -31.67 1.31 -41.58
C GLN C 168 -32.84 0.49 -42.05
N ASP C 169 -33.05 0.49 -43.39
CA ASP C 169 -34.11 -0.20 -44.08
C ASP C 169 -33.97 -1.69 -43.91
N SER C 170 -35.11 -2.40 -43.87
CA SER C 170 -35.13 -3.83 -43.69
C SER C 170 -35.30 -4.45 -45.06
N LYS C 171 -35.46 -3.58 -46.09
CA LYS C 171 -35.61 -3.93 -47.48
C LYS C 171 -34.38 -4.61 -48.03
N ASP C 172 -33.17 -4.07 -47.69
CA ASP C 172 -31.93 -4.57 -48.23
C ASP C 172 -30.77 -3.93 -47.50
N SER C 173 -31.04 -3.17 -46.41
CA SER C 173 -30.05 -2.56 -45.54
C SER C 173 -29.46 -1.32 -46.13
N THR C 174 -30.32 -0.51 -46.78
CA THR C 174 -29.97 0.78 -47.33
C THR C 174 -30.48 1.83 -46.38
N TYR C 175 -30.11 3.11 -46.63
CA TYR C 175 -30.57 4.25 -45.91
C TYR C 175 -31.17 5.17 -46.90
N SER C 176 -32.11 6.01 -46.42
CA SER C 176 -32.70 7.08 -47.17
C SER C 176 -32.53 8.29 -46.31
N LEU C 177 -32.52 9.49 -46.94
CA LEU C 177 -32.22 10.71 -46.25
C LEU C 177 -33.11 11.72 -46.89
N SER C 178 -33.74 12.58 -46.06
CA SER C 178 -34.48 13.73 -46.51
C SER C 178 -33.74 14.92 -46.01
N SER C 179 -33.58 15.92 -46.89
CA SER C 179 -33.04 17.20 -46.53
C SER C 179 -34.13 18.15 -46.91
N THR C 180 -34.57 18.98 -45.95
CA THR C 180 -35.70 19.87 -46.13
C THR C 180 -35.14 21.24 -45.95
N LEU C 181 -35.22 22.05 -47.03
CA LEU C 181 -34.84 23.43 -47.03
C LEU C 181 -36.09 24.20 -46.80
N THR C 182 -36.09 25.11 -45.80
CA THR C 182 -37.25 25.87 -45.43
C THR C 182 -36.88 27.30 -45.69
N LEU C 183 -37.75 28.00 -46.45
CA LEU C 183 -37.60 29.37 -46.83
C LEU C 183 -38.93 29.99 -46.50
N SER C 184 -39.00 31.34 -46.45
CA SER C 184 -40.24 32.06 -46.52
C SER C 184 -40.80 31.99 -47.93
N LYS C 185 -42.12 32.21 -48.07
CA LYS C 185 -42.78 32.41 -49.34
C LYS C 185 -42.20 33.57 -50.11
N ALA C 186 -41.93 34.69 -49.40
CA ALA C 186 -41.42 35.91 -49.97
C ALA C 186 -40.06 35.75 -50.59
N ASP C 187 -39.16 34.96 -49.96
CA ASP C 187 -37.87 34.58 -50.51
C ASP C 187 -38.02 33.66 -51.70
N TYR C 188 -38.93 32.66 -51.60
CA TYR C 188 -39.21 31.67 -52.61
C TYR C 188 -39.62 32.30 -53.93
N GLU C 189 -40.47 33.36 -53.88
CA GLU C 189 -41.00 34.03 -55.05
C GLU C 189 -39.99 34.94 -55.71
N LYS C 190 -38.84 35.23 -55.02
CA LYS C 190 -37.76 36.02 -55.55
C LYS C 190 -36.69 35.12 -56.11
N HIS C 191 -36.94 33.79 -56.12
CA HIS C 191 -36.01 32.78 -56.54
C HIS C 191 -36.65 32.06 -57.69
N LYS C 192 -35.98 31.00 -58.20
CA LYS C 192 -36.42 30.33 -59.39
C LYS C 192 -35.83 28.95 -59.33
N VAL C 193 -34.48 28.85 -59.25
CA VAL C 193 -33.78 27.61 -59.41
C VAL C 193 -33.59 27.04 -58.03
N TYR C 194 -34.16 25.84 -57.76
CA TYR C 194 -34.02 25.16 -56.49
C TYR C 194 -33.28 23.92 -56.85
N ALA C 195 -32.07 23.75 -56.29
CA ALA C 195 -31.19 22.68 -56.66
C ALA C 195 -30.76 22.01 -55.39
N CYS C 196 -30.77 20.66 -55.43
CA CYS C 196 -30.31 19.80 -54.39
C CYS C 196 -29.14 19.11 -55.00
N GLU C 197 -27.95 19.33 -54.40
CA GLU C 197 -26.71 18.74 -54.81
C GLU C 197 -26.44 17.68 -53.79
N VAL C 198 -26.16 16.45 -54.26
CA VAL C 198 -25.90 15.33 -53.41
C VAL C 198 -24.51 14.90 -53.73
N THR C 199 -23.66 14.81 -52.68
CA THR C 199 -22.31 14.32 -52.78
C THR C 199 -22.33 13.08 -51.95
N HIS C 200 -21.84 11.94 -52.49
CA HIS C 200 -21.86 10.69 -51.79
C HIS C 200 -20.82 9.81 -52.40
N GLN C 201 -20.42 8.76 -51.63
CA GLN C 201 -19.45 7.75 -51.95
C GLN C 201 -19.86 6.93 -53.15
N GLY C 202 -21.17 6.60 -53.24
CA GLY C 202 -21.75 5.83 -54.31
C GLY C 202 -21.73 6.57 -55.61
N LEU C 203 -21.87 7.92 -55.55
CA LEU C 203 -21.76 8.79 -56.68
C LEU C 203 -20.30 8.99 -57.02
N SER C 204 -20.01 9.26 -58.32
CA SER C 204 -18.67 9.51 -58.79
C SER C 204 -18.52 10.97 -59.14
N SER C 205 -19.61 11.77 -58.99
CA SER C 205 -19.56 13.20 -59.15
C SER C 205 -20.76 13.72 -58.41
N PRO C 206 -20.81 14.95 -57.92
CA PRO C 206 -22.00 15.54 -57.33
C PRO C 206 -23.14 15.59 -58.32
N VAL C 207 -24.31 15.01 -57.95
CA VAL C 207 -25.48 14.94 -58.78
C VAL C 207 -26.43 16.00 -58.31
N THR C 208 -26.84 16.88 -59.24
CA THR C 208 -27.75 17.97 -58.95
C THR C 208 -29.06 17.61 -59.61
N LYS C 209 -30.16 17.69 -58.83
CA LYS C 209 -31.51 17.60 -59.32
C LYS C 209 -32.15 18.89 -58.95
N SER C 210 -32.89 19.50 -59.89
CA SER C 210 -33.39 20.84 -59.71
C SER C 210 -34.68 20.97 -60.45
N PHE C 211 -35.48 21.99 -60.07
CA PHE C 211 -36.66 22.37 -60.81
C PHE C 211 -36.70 23.87 -60.77
N ASN C 212 -37.47 24.45 -61.72
CA ASN C 212 -37.78 25.85 -61.78
C ASN C 212 -39.20 26.02 -61.32
N ARG C 213 -39.43 27.04 -60.45
CA ARG C 213 -40.69 27.48 -59.87
C ARG C 213 -41.87 27.44 -60.81
N GLY C 214 -43.05 27.03 -60.30
CA GLY C 214 -44.26 26.93 -61.09
C GLY C 214 -45.09 25.79 -60.57
N GLU C 215 -44.47 24.88 -59.79
CA GLU C 215 -45.17 23.83 -59.09
C GLU C 215 -45.14 24.17 -57.63
N MET D 1 73.03 -14.74 16.25
CA MET D 1 73.00 -13.56 17.07
C MET D 1 72.90 -12.40 16.14
N ASN D 2 71.80 -11.62 16.25
CA ASN D 2 71.50 -10.54 15.34
C ASN D 2 71.70 -9.21 16.03
N GLY D 3 71.96 -9.23 17.36
CA GLY D 3 72.22 -8.04 18.11
C GLY D 3 73.41 -8.22 18.99
N THR D 4 73.38 -7.50 20.13
CA THR D 4 74.43 -7.50 21.12
C THR D 4 73.75 -7.40 22.46
N GLU D 5 73.93 -8.43 23.32
CA GLU D 5 73.27 -8.49 24.61
C GLU D 5 74.13 -7.70 25.55
N GLY D 6 73.48 -7.13 26.58
CA GLY D 6 74.13 -6.30 27.56
C GLY D 6 73.53 -6.62 28.88
N PRO D 7 73.76 -5.79 29.89
CA PRO D 7 73.25 -5.99 31.23
C PRO D 7 71.78 -5.66 31.32
N ASN D 8 71.27 -4.71 30.49
CA ASN D 8 69.89 -4.32 30.54
C ASN D 8 69.48 -3.69 29.24
N PHE D 9 70.22 -3.95 28.14
CA PHE D 9 69.85 -3.45 26.84
C PHE D 9 70.15 -4.53 25.85
N TYR D 10 69.46 -4.49 24.69
CA TYR D 10 69.67 -5.41 23.61
C TYR D 10 69.52 -4.59 22.37
N VAL D 11 70.64 -4.08 21.82
CA VAL D 11 70.64 -3.36 20.56
C VAL D 11 70.44 -4.39 19.45
N PRO D 12 69.40 -4.35 18.60
CA PRO D 12 69.18 -5.33 17.52
C PRO D 12 70.09 -5.06 16.34
N PHE D 13 71.12 -4.20 16.53
CA PHE D 13 72.18 -3.93 15.62
C PHE D 13 73.37 -4.36 16.42
N SER D 14 74.07 -5.42 15.94
CA SER D 14 75.20 -6.03 16.60
C SER D 14 76.35 -5.06 16.73
N ASN D 15 77.15 -5.21 17.83
CA ASN D 15 78.30 -4.40 18.09
C ASN D 15 79.41 -4.98 17.25
N LYS D 16 79.92 -4.16 16.30
CA LYS D 16 80.90 -4.58 15.34
C LYS D 16 81.37 -3.36 14.62
N THR D 17 80.77 -2.18 14.94
CA THR D 17 81.14 -0.90 14.41
C THR D 17 81.90 -0.18 15.50
N GLY D 18 81.80 -0.69 16.76
CA GLY D 18 82.60 -0.24 17.88
C GLY D 18 82.08 1.04 18.46
N VAL D 19 80.78 1.35 18.20
CA VAL D 19 80.14 2.55 18.66
C VAL D 19 78.83 2.16 19.29
N VAL D 20 78.51 0.84 19.30
CA VAL D 20 77.26 0.33 19.81
C VAL D 20 77.41 0.19 21.31
N ARG D 21 76.69 1.07 22.04
CA ARG D 21 76.69 1.12 23.48
C ARG D 21 75.24 1.07 23.88
N SER D 22 74.95 1.42 25.16
CA SER D 22 73.62 1.53 25.71
C SER D 22 72.86 2.62 24.98
N PRO D 23 71.68 2.38 24.40
CA PRO D 23 70.84 3.40 23.77
C PRO D 23 70.08 4.21 24.79
N PHE D 24 70.45 4.15 26.09
CA PHE D 24 69.85 4.95 27.14
C PHE D 24 70.70 6.15 27.43
N GLU D 25 71.84 6.30 26.73
CA GLU D 25 72.82 7.29 27.08
C GLU D 25 73.59 7.68 25.84
N ALA D 26 73.38 6.94 24.72
CA ALA D 26 74.09 7.17 23.49
C ALA D 26 73.06 7.54 22.46
N PRO D 27 73.29 8.51 21.57
CA PRO D 27 72.31 8.88 20.57
C PRO D 27 72.47 7.94 19.40
N GLN D 28 71.36 7.34 18.95
CA GLN D 28 71.38 6.31 17.93
C GLN D 28 71.22 6.99 16.61
N TYR D 29 72.15 6.68 15.68
CA TYR D 29 72.28 7.27 14.38
C TYR D 29 73.18 6.36 13.60
N TYR D 30 73.50 5.18 14.19
CA TYR D 30 74.32 4.15 13.60
C TYR D 30 73.48 2.91 13.42
N LEU D 31 72.14 3.08 13.39
CA LEU D 31 71.24 1.99 13.12
C LEU D 31 69.95 2.56 12.58
N ALA D 32 69.90 3.90 12.42
CA ALA D 32 68.79 4.57 11.82
C ALA D 32 69.34 5.92 11.42
N GLU D 33 68.62 6.65 10.55
CA GLU D 33 69.02 7.94 10.06
C GLU D 33 68.07 8.96 10.65
N PRO D 34 68.39 10.27 10.67
CA PRO D 34 67.51 11.31 11.19
C PRO D 34 66.15 11.38 10.54
N TRP D 35 66.05 11.05 9.23
CA TRP D 35 64.80 11.09 8.50
C TRP D 35 63.88 10.00 8.98
N GLN D 36 64.44 8.79 9.25
CA GLN D 36 63.73 7.65 9.79
C GLN D 36 63.11 7.92 11.14
N PHE D 37 63.77 8.75 11.98
CA PHE D 37 63.26 9.20 13.25
C PHE D 37 62.11 10.17 13.09
N SER D 38 62.16 11.05 12.07
CA SER D 38 61.09 11.98 11.77
C SER D 38 59.84 11.25 11.34
N MET D 39 60.00 10.21 10.47
CA MET D 39 58.94 9.33 10.02
C MET D 39 58.35 8.52 11.14
N LEU D 40 59.19 8.05 12.09
CA LEU D 40 58.80 7.35 13.29
C LEU D 40 57.92 8.21 14.15
N ALA D 41 58.34 9.47 14.39
CA ALA D 41 57.62 10.45 15.18
C ALA D 41 56.30 10.81 14.56
N ALA D 42 56.26 11.00 13.22
CA ALA D 42 55.05 11.25 12.46
C ALA D 42 54.03 10.13 12.62
N TYR D 43 54.51 8.87 12.49
CA TYR D 43 53.72 7.67 12.61
C TYR D 43 53.13 7.48 14.00
N MET D 44 53.92 7.72 15.06
CA MET D 44 53.47 7.64 16.43
C MET D 44 52.45 8.67 16.80
N PHE D 45 52.57 9.88 16.20
CA PHE D 45 51.64 10.98 16.38
C PHE D 45 50.29 10.61 15.81
N LEU D 46 50.29 10.08 14.56
CA LEU D 46 49.14 9.52 13.86
C LEU D 46 48.35 8.53 14.69
N LEU D 47 49.01 7.49 15.25
CA LEU D 47 48.37 6.45 16.04
C LEU D 47 47.64 6.96 17.27
N ILE D 48 48.13 8.07 17.89
CA ILE D 48 47.51 8.71 19.02
C ILE D 48 46.27 9.45 18.54
N MET D 49 46.44 10.29 17.51
CA MET D 49 45.41 11.11 16.89
C MET D 49 44.20 10.36 16.39
N LEU D 50 44.39 9.12 15.88
CA LEU D 50 43.31 8.26 15.44
C LEU D 50 42.79 7.46 16.60
N GLY D 51 43.71 6.80 17.36
CA GLY D 51 43.39 5.85 18.40
C GLY D 51 42.53 6.37 19.52
N PHE D 52 42.85 7.59 20.03
CA PHE D 52 42.13 8.17 21.16
C PHE D 52 40.68 8.51 20.83
N PRO D 53 40.30 9.18 19.74
CA PRO D 53 38.91 9.44 19.40
C PRO D 53 38.09 8.20 19.22
N ILE D 54 38.58 7.21 18.43
CA ILE D 54 37.93 5.95 18.13
C ILE D 54 37.54 5.20 19.40
N ASN D 55 38.46 5.14 20.39
CA ASN D 55 38.25 4.38 21.61
C ASN D 55 37.40 5.16 22.58
N PHE D 56 37.50 6.51 22.58
CA PHE D 56 36.70 7.37 23.43
C PHE D 56 35.23 7.27 23.08
N LEU D 57 34.92 7.34 21.76
CA LEU D 57 33.59 7.16 21.21
C LEU D 57 32.92 5.88 21.61
N THR D 58 33.66 4.75 21.63
CA THR D 58 33.17 3.43 21.99
C THR D 58 32.61 3.39 23.40
N LEU D 59 33.32 4.02 24.35
CA LEU D 59 32.89 4.14 25.73
C LEU D 59 31.74 5.09 25.88
N TYR D 60 31.80 6.23 25.15
CA TYR D 60 30.91 7.37 25.25
C TYR D 60 29.49 7.06 24.85
N VAL D 61 29.33 6.44 23.65
CA VAL D 61 28.08 6.08 23.03
C VAL D 61 27.22 5.13 23.85
N THR D 62 27.86 4.23 24.63
CA THR D 62 27.22 3.16 25.37
C THR D 62 26.38 3.66 26.52
N VAL D 63 26.79 4.78 27.15
CA VAL D 63 26.08 5.40 28.26
C VAL D 63 24.77 6.00 27.81
N GLN D 64 24.64 6.35 26.51
CA GLN D 64 23.51 7.09 25.99
C GLN D 64 22.46 6.21 25.35
N HIS D 65 22.66 4.88 25.27
CA HIS D 65 21.64 4.02 24.70
C HIS D 65 21.55 2.77 25.50
N LYS D 66 20.32 2.48 25.98
CA LYS D 66 19.87 1.30 26.71
C LYS D 66 20.42 -0.01 26.21
N LYS D 67 20.22 -0.29 24.89
CA LYS D 67 20.60 -1.52 24.24
C LYS D 67 22.09 -1.81 24.20
N LEU D 68 22.95 -0.78 24.35
CA LEU D 68 24.38 -0.89 24.40
C LEU D 68 24.87 -1.32 25.75
N ARG D 69 24.06 -1.12 26.82
CA ARG D 69 24.44 -1.36 28.20
C ARG D 69 24.41 -2.84 28.52
N THR D 70 23.84 -3.67 27.61
CA THR D 70 23.74 -5.11 27.70
C THR D 70 25.09 -5.80 27.89
N PRO D 71 25.15 -6.98 28.51
CA PRO D 71 26.38 -7.72 28.83
C PRO D 71 27.39 -7.89 27.72
N LEU D 72 26.94 -8.14 26.48
CA LEU D 72 27.76 -8.54 25.35
C LEU D 72 28.63 -7.41 24.82
N ASN D 73 28.44 -6.16 25.30
CA ASN D 73 29.20 -5.02 24.88
C ASN D 73 30.33 -4.74 25.83
N TYR D 74 30.30 -5.29 27.07
CA TYR D 74 31.34 -5.16 28.08
C TYR D 74 32.73 -5.43 27.55
N ILE D 75 32.89 -6.55 26.80
CA ILE D 75 34.13 -7.00 26.21
C ILE D 75 34.66 -6.02 25.18
N LEU D 76 33.75 -5.32 24.46
CA LEU D 76 34.06 -4.29 23.50
C LEU D 76 34.58 -3.03 24.16
N LEU D 77 33.99 -2.64 25.31
CA LEU D 77 34.46 -1.54 26.14
C LEU D 77 35.86 -1.81 26.64
N ASN D 78 36.10 -3.07 27.09
CA ASN D 78 37.36 -3.58 27.57
C ASN D 78 38.45 -3.49 26.51
N LEU D 79 38.13 -3.93 25.27
CA LEU D 79 38.96 -3.78 24.09
C LEU D 79 39.41 -2.34 23.86
N ALA D 80 38.46 -1.37 23.98
CA ALA D 80 38.74 0.04 23.81
C ALA D 80 39.70 0.58 24.84
N VAL D 81 39.57 0.14 26.12
CA VAL D 81 40.46 0.47 27.21
C VAL D 81 41.86 -0.06 26.99
N ALA D 82 41.96 -1.34 26.54
CA ALA D 82 43.19 -2.02 26.18
C ALA D 82 44.01 -1.25 25.18
N ASP D 83 43.34 -0.78 24.11
CA ASP D 83 43.89 0.03 23.05
C ASP D 83 44.44 1.34 23.56
N LEU D 84 43.76 1.96 24.55
CA LEU D 84 44.16 3.22 25.17
C LEU D 84 45.40 3.06 26.01
N PHE D 85 45.56 1.90 26.70
CA PHE D 85 46.79 1.54 27.38
C PHE D 85 47.99 1.58 26.44
N MET D 86 47.84 0.99 25.22
CA MET D 86 48.84 1.05 24.17
C MET D 86 49.14 2.47 23.71
N VAL D 87 48.13 3.38 23.73
CA VAL D 87 48.26 4.73 23.22
C VAL D 87 49.11 5.57 24.14
N PHE D 88 48.87 5.49 25.47
CA PHE D 88 49.53 6.37 26.40
C PHE D 88 50.76 5.75 26.99
N GLY D 89 50.81 4.41 27.04
CA GLY D 89 51.95 3.68 27.53
C GLY D 89 53.02 3.55 26.48
N GLY D 90 52.63 3.19 25.25
CA GLY D 90 53.56 2.88 24.19
C GLY D 90 53.81 4.06 23.33
N PHE D 91 52.76 4.49 22.58
CA PHE D 91 52.85 5.43 21.46
C PHE D 91 53.40 6.77 21.86
N THR D 92 52.89 7.33 23.00
CA THR D 92 53.25 8.64 23.51
C THR D 92 54.69 8.70 23.92
N THR D 93 55.16 7.70 24.71
CA THR D 93 56.54 7.51 25.08
C THR D 93 57.47 7.50 23.89
N THR D 94 57.14 6.67 22.85
CA THR D 94 57.92 6.51 21.65
C THR D 94 57.99 7.77 20.82
N LEU D 95 56.89 8.57 20.80
CA LEU D 95 56.82 9.86 20.16
C LEU D 95 57.78 10.85 20.75
N TYR D 96 57.85 10.92 22.10
CA TYR D 96 58.76 11.77 22.82
C TYR D 96 60.22 11.44 22.52
N THR D 97 60.57 10.14 22.70
CA THR D 97 61.91 9.59 22.56
C THR D 97 62.49 9.73 21.17
N SER D 98 61.68 9.44 20.13
CA SER D 98 62.05 9.49 18.72
C SER D 98 62.68 10.80 18.28
N LEU D 99 62.23 11.93 18.87
CA LEU D 99 62.68 13.26 18.51
C LEU D 99 64.05 13.56 19.08
N HIS D 100 64.50 12.81 20.12
CA HIS D 100 65.87 12.84 20.57
C HIS D 100 66.72 11.90 19.76
N GLY D 101 66.08 10.85 19.18
CA GLY D 101 66.71 9.86 18.34
C GLY D 101 67.20 8.71 19.16
N TYR D 102 66.86 8.66 20.47
CA TYR D 102 67.24 7.57 21.32
C TYR D 102 66.33 7.65 22.52
N PHE D 103 66.38 6.62 23.38
CA PHE D 103 65.50 6.46 24.51
C PHE D 103 66.12 7.22 25.64
N VAL D 104 65.38 8.19 26.23
CA VAL D 104 65.94 9.13 27.18
C VAL D 104 65.36 8.91 28.55
N PHE D 105 64.46 7.91 28.74
CA PHE D 105 63.84 7.66 30.03
C PHE D 105 64.59 6.59 30.78
N GLY D 106 65.65 5.99 30.18
CA GLY D 106 66.52 5.07 30.88
C GLY D 106 65.95 3.69 31.05
N PRO D 107 66.69 2.79 31.70
CA PRO D 107 66.32 1.40 31.93
C PRO D 107 64.98 1.25 32.64
N THR D 108 64.69 2.13 33.62
CA THR D 108 63.46 2.11 34.39
C THR D 108 62.30 2.49 33.51
N GLY D 109 62.48 3.54 32.67
CA GLY D 109 61.56 3.97 31.65
C GLY D 109 61.19 2.90 30.67
N CYS D 110 62.20 2.12 30.22
CA CYS D 110 62.08 0.99 29.32
C CYS D 110 61.18 -0.08 29.88
N ASN D 111 61.30 -0.36 31.20
CA ASN D 111 60.51 -1.34 31.92
C ASN D 111 59.07 -0.90 32.05
N LEU D 112 58.85 0.40 32.36
CA LEU D 112 57.55 1.04 32.42
C LEU D 112 56.81 0.98 31.11
N GLU D 113 57.43 1.52 30.02
CA GLU D 113 56.89 1.58 28.69
C GLU D 113 56.55 0.22 28.16
N GLY D 114 57.47 -0.76 28.40
CA GLY D 114 57.31 -2.13 27.97
C GLY D 114 56.17 -2.81 28.68
N PHE D 115 55.95 -2.46 29.97
CA PHE D 115 54.90 -3.03 30.77
C PHE D 115 53.55 -2.59 30.28
N PHE D 116 53.36 -1.27 30.04
CA PHE D 116 52.10 -0.70 29.62
C PHE D 116 51.73 -1.09 28.22
N ALA D 117 52.72 -1.12 27.30
CA ALA D 117 52.54 -1.52 25.92
C ALA D 117 52.13 -2.97 25.80
N THR D 118 52.84 -3.87 26.53
CA THR D 118 52.55 -5.29 26.57
C THR D 118 51.22 -5.56 27.18
N LEU D 119 50.92 -4.94 28.35
CA LEU D 119 49.65 -5.04 29.07
C LEU D 119 48.49 -4.74 28.16
N GLY D 120 48.53 -3.56 27.50
CA GLY D 120 47.60 -3.09 26.50
C GLY D 120 47.32 -4.10 25.43
N GLY D 121 48.38 -4.49 24.69
CA GLY D 121 48.32 -5.44 23.60
C GLY D 121 47.82 -6.81 23.97
N GLU D 122 48.06 -7.25 25.22
CA GLU D 122 47.69 -8.55 25.69
C GLU D 122 46.24 -8.58 26.09
N ILE D 123 45.73 -7.51 26.75
CA ILE D 123 44.31 -7.37 27.05
C ILE D 123 43.52 -7.36 25.76
N ALA D 124 44.02 -6.64 24.72
CA ALA D 124 43.47 -6.60 23.38
C ALA D 124 43.39 -7.97 22.75
N LEU D 125 44.52 -8.71 22.74
CA LEU D 125 44.66 -10.08 22.26
C LEU D 125 43.59 -11.00 22.81
N TRP D 126 43.50 -11.05 24.16
CA TRP D 126 42.57 -11.90 24.87
C TRP D 126 41.14 -11.44 24.76
N SER D 127 40.90 -10.13 24.54
CA SER D 127 39.58 -9.59 24.24
C SER D 127 39.04 -10.19 22.97
N LEU D 128 39.81 -10.15 21.86
CA LEU D 128 39.46 -10.76 20.59
C LEU D 128 39.09 -12.23 20.69
N VAL D 129 39.73 -12.96 21.62
CA VAL D 129 39.51 -14.37 21.89
C VAL D 129 38.18 -14.53 22.59
N VAL D 130 37.98 -13.86 23.74
CA VAL D 130 36.77 -13.85 24.53
C VAL D 130 35.54 -13.48 23.72
N LEU D 131 35.65 -12.44 22.86
CA LEU D 131 34.62 -11.97 21.97
C LEU D 131 34.15 -13.03 21.00
N ALA D 132 35.11 -13.78 20.40
CA ALA D 132 34.87 -14.89 19.52
C ALA D 132 34.16 -16.03 20.23
N ILE D 133 34.56 -16.33 21.49
CA ILE D 133 33.96 -17.31 22.37
C ILE D 133 32.51 -16.95 22.59
N GLU D 134 32.20 -15.70 23.03
CA GLU D 134 30.86 -15.22 23.26
C GLU D 134 29.96 -15.36 22.06
N ARG D 135 30.47 -15.01 20.84
CA ARG D 135 29.76 -15.16 19.59
C ARG D 135 29.43 -16.60 19.26
N TYR D 136 30.40 -17.51 19.47
CA TYR D 136 30.27 -18.94 19.28
C TYR D 136 29.22 -19.55 20.18
N VAL D 137 29.26 -19.21 21.50
CA VAL D 137 28.33 -19.68 22.50
C VAL D 137 26.92 -19.27 22.20
N VAL D 138 26.71 -17.96 21.92
CA VAL D 138 25.41 -17.38 21.70
C VAL D 138 24.73 -17.90 20.46
N VAL D 139 25.46 -18.07 19.33
CA VAL D 139 24.82 -18.34 18.06
C VAL D 139 24.76 -19.82 17.78
N CYS D 140 25.90 -20.54 17.92
CA CYS D 140 25.98 -21.95 17.63
C CYS D 140 25.36 -22.81 18.70
N LYS D 141 25.21 -22.25 19.93
CA LYS D 141 24.57 -22.88 21.06
C LYS D 141 25.11 -24.24 21.46
N PRO D 142 26.38 -24.40 21.87
CA PRO D 142 26.97 -25.69 22.18
C PRO D 142 26.40 -26.16 23.49
N MET D 143 26.06 -25.22 24.40
CA MET D 143 25.44 -25.47 25.67
C MET D 143 24.13 -24.74 25.56
N SER D 144 23.03 -25.44 25.93
CA SER D 144 21.69 -24.94 25.83
C SER D 144 21.11 -24.95 27.21
N ASN D 145 20.12 -24.07 27.44
CA ASN D 145 19.38 -23.91 28.68
C ASN D 145 20.22 -23.14 29.64
N PHE D 146 20.76 -22.00 29.15
CA PHE D 146 21.54 -21.06 29.93
C PHE D 146 21.23 -19.73 29.33
N ARG D 147 21.31 -18.67 30.17
CA ARG D 147 21.07 -17.31 29.76
C ARG D 147 22.34 -16.59 30.03
N PHE D 148 22.80 -15.76 29.05
CA PHE D 148 24.03 -15.02 29.16
C PHE D 148 23.68 -13.73 29.86
N GLY D 149 24.26 -13.52 31.07
CA GLY D 149 23.97 -12.39 31.91
C GLY D 149 25.23 -11.64 32.16
N GLU D 150 25.07 -10.51 32.91
CA GLU D 150 26.09 -9.56 33.31
C GLU D 150 27.32 -10.19 33.89
N ASN D 151 27.11 -11.17 34.80
CA ASN D 151 28.14 -11.86 35.56
C ASN D 151 29.11 -12.59 34.68
N HIS D 152 28.61 -13.30 33.64
CA HIS D 152 29.41 -14.07 32.72
C HIS D 152 30.34 -13.20 31.92
N ALA D 153 29.82 -12.06 31.42
CA ALA D 153 30.53 -11.02 30.71
C ALA D 153 31.69 -10.47 31.50
N ILE D 154 31.45 -10.17 32.80
CA ILE D 154 32.41 -9.64 33.75
C ILE D 154 33.55 -10.60 33.96
N MET D 155 33.25 -11.91 34.15
CA MET D 155 34.23 -12.98 34.23
C MET D 155 35.13 -13.02 33.01
N GLY D 156 34.52 -12.96 31.80
CA GLY D 156 35.20 -12.86 30.52
C GLY D 156 36.20 -11.73 30.43
N VAL D 157 35.79 -10.52 30.90
CA VAL D 157 36.61 -9.32 30.95
C VAL D 157 37.79 -9.50 31.88
N ALA D 158 37.52 -10.01 33.11
CA ALA D 158 38.49 -10.29 34.14
C ALA D 158 39.58 -11.23 33.67
N PHE D 159 39.19 -12.30 32.93
CA PHE D 159 40.08 -13.29 32.35
C PHE D 159 41.14 -12.69 31.45
N THR D 160 40.81 -11.66 30.63
CA THR D 160 41.73 -11.06 29.70
C THR D 160 42.81 -10.32 30.45
N TRP D 161 42.43 -9.60 31.53
CA TRP D 161 43.32 -8.91 32.43
C TRP D 161 44.32 -9.85 33.07
N VAL D 162 43.84 -11.00 33.62
CA VAL D 162 44.66 -11.98 34.30
C VAL D 162 45.71 -12.57 33.40
N MET D 163 45.32 -13.00 32.17
CA MET D 163 46.22 -13.52 31.16
C MET D 163 47.24 -12.50 30.69
N ALA D 164 46.84 -11.21 30.65
CA ALA D 164 47.67 -10.12 30.19
C ALA D 164 48.76 -9.82 31.19
N LEU D 165 48.39 -9.76 32.49
CA LEU D 165 49.30 -9.64 33.61
C LEU D 165 50.27 -10.79 33.67
N ALA D 166 49.80 -12.03 33.36
CA ALA D 166 50.60 -13.23 33.24
C ALA D 166 51.73 -13.15 32.21
N CYS D 167 51.73 -12.11 31.33
CA CYS D 167 52.69 -11.94 30.27
C CYS D 167 53.47 -10.69 30.58
N ALA D 168 52.79 -9.58 30.95
CA ALA D 168 53.42 -8.30 31.18
C ALA D 168 54.25 -8.27 32.44
N ALA D 169 53.86 -9.02 33.49
CA ALA D 169 54.54 -9.02 34.76
C ALA D 169 55.84 -9.81 34.76
N PRO D 170 56.01 -11.02 34.19
CA PRO D 170 57.28 -11.75 34.13
C PRO D 170 58.53 -10.99 33.74
N PRO D 171 58.67 -10.16 32.71
CA PRO D 171 59.94 -9.49 32.42
C PRO D 171 60.39 -8.49 33.47
N LEU D 172 59.52 -8.12 34.44
CA LEU D 172 59.87 -7.21 35.50
C LEU D 172 60.51 -7.91 36.68
N VAL D 173 60.41 -9.26 36.75
CA VAL D 173 60.91 -10.03 37.87
C VAL D 173 62.02 -10.93 37.40
N GLY D 174 62.48 -10.75 36.14
CA GLY D 174 63.71 -11.32 35.64
C GLY D 174 63.46 -12.57 34.86
N TRP D 175 62.17 -12.92 34.60
CA TRP D 175 61.82 -14.03 33.74
C TRP D 175 61.64 -13.39 32.39
N SER D 176 62.72 -13.44 31.57
CA SER D 176 62.98 -12.60 30.42
C SER D 176 63.16 -11.16 30.88
N ARG D 177 63.18 -10.19 29.94
CA ARG D 177 63.43 -8.82 30.27
C ARG D 177 62.84 -7.97 29.19
N TYR D 178 62.59 -6.68 29.53
CA TYR D 178 62.24 -5.67 28.57
C TYR D 178 63.52 -5.03 28.18
N ILE D 179 63.70 -4.81 26.86
CA ILE D 179 64.89 -4.24 26.31
C ILE D 179 64.46 -3.53 25.05
N PRO D 180 65.12 -2.46 24.61
CA PRO D 180 64.81 -1.74 23.37
C PRO D 180 64.66 -2.62 22.15
N GLU D 181 63.65 -2.34 21.31
CA GLU D 181 63.43 -2.97 20.04
C GLU D 181 63.52 -1.88 19.02
N GLY D 182 63.47 -2.24 17.72
CA GLY D 182 63.39 -1.34 16.60
C GLY D 182 64.51 -0.35 16.50
N MET D 183 64.15 0.96 16.43
CA MET D 183 65.08 2.05 16.23
C MET D 183 65.53 2.59 17.57
N GLN D 184 65.11 1.93 18.68
CA GLN D 184 65.62 2.12 20.02
C GLN D 184 64.84 3.18 20.73
N CYS D 185 63.55 3.34 20.39
CA CYS D 185 62.70 4.36 20.94
C CYS D 185 61.48 3.71 21.51
N SER D 186 61.39 2.37 21.41
CA SER D 186 60.36 1.61 22.07
C SER D 186 61.02 0.37 22.60
N CYS D 187 60.44 -0.19 23.68
CA CYS D 187 60.93 -1.36 24.36
C CYS D 187 59.94 -2.45 24.16
N GLY D 188 60.41 -3.64 23.73
CA GLY D 188 59.58 -4.80 23.60
C GLY D 188 60.13 -5.88 24.45
N ILE D 189 59.59 -7.11 24.25
CA ILE D 189 59.96 -8.34 24.91
C ILE D 189 61.17 -8.89 24.21
N ASP D 190 62.15 -9.45 24.98
CA ASP D 190 63.31 -10.09 24.43
C ASP D 190 62.94 -11.49 23.99
N TYR D 191 63.30 -11.84 22.74
CA TYR D 191 62.98 -13.10 22.12
C TYR D 191 63.95 -13.25 20.98
N TYR D 192 64.86 -12.26 20.83
CA TYR D 192 65.83 -12.14 19.76
C TYR D 192 66.96 -13.09 20.01
N THR D 193 67.11 -13.52 21.28
CA THR D 193 68.08 -14.51 21.69
C THR D 193 67.32 -15.26 22.74
N PRO D 194 67.18 -16.59 22.71
CA PRO D 194 66.58 -17.35 23.78
C PRO D 194 67.72 -17.75 24.70
N HIS D 195 68.20 -16.79 25.53
CA HIS D 195 69.38 -16.96 26.32
C HIS D 195 68.96 -17.27 27.73
N GLU D 196 69.49 -18.39 28.26
CA GLU D 196 69.15 -18.98 29.54
C GLU D 196 69.42 -18.08 30.71
N GLU D 197 70.56 -17.34 30.67
CA GLU D 197 71.04 -16.47 31.73
C GLU D 197 70.12 -15.32 32.10
N THR D 198 69.14 -14.98 31.23
CA THR D 198 68.22 -13.89 31.43
C THR D 198 66.82 -14.45 31.43
N ASN D 199 66.69 -15.76 31.10
CA ASN D 199 65.51 -16.59 31.22
C ASN D 199 64.58 -16.37 30.05
N ASN D 200 65.09 -15.75 28.96
CA ASN D 200 64.39 -15.47 27.73
C ASN D 200 63.78 -16.70 27.12
N GLU D 201 64.56 -17.82 27.10
CA GLU D 201 64.22 -19.05 26.43
C GLU D 201 62.92 -19.66 26.87
N SER D 202 62.74 -19.85 28.20
CA SER D 202 61.54 -20.42 28.78
C SER D 202 60.32 -19.56 28.56
N PHE D 203 60.50 -18.21 28.67
CA PHE D 203 59.46 -17.23 28.47
C PHE D 203 58.93 -17.27 27.05
N VAL D 204 59.84 -17.35 26.04
CA VAL D 204 59.51 -17.38 24.63
C VAL D 204 58.67 -18.58 24.28
N ILE D 205 58.99 -19.76 24.86
CA ILE D 205 58.23 -20.98 24.68
C ILE D 205 56.84 -20.83 25.26
N TYR D 206 56.74 -20.32 26.51
CA TYR D 206 55.51 -20.05 27.21
C TYR D 206 54.58 -19.13 26.43
N MET D 207 55.11 -17.98 25.96
CA MET D 207 54.45 -17.01 25.11
C MET D 207 53.91 -17.57 23.83
N PHE D 208 54.77 -18.30 23.07
CA PHE D 208 54.45 -18.86 21.78
C PHE D 208 53.30 -19.84 21.88
N VAL D 209 53.30 -20.71 22.92
CA VAL D 209 52.28 -21.71 23.06
C VAL D 209 51.00 -21.11 23.63
N VAL D 210 51.06 -20.54 24.84
CA VAL D 210 49.88 -20.12 25.58
C VAL D 210 49.25 -18.86 25.04
N HIS D 211 50.06 -17.91 24.53
CA HIS D 211 49.61 -16.59 24.17
C HIS D 211 49.54 -16.37 22.68
N PHE D 212 49.94 -17.36 21.84
CA PHE D 212 49.74 -17.23 20.41
C PHE D 212 48.97 -18.42 19.89
N ILE D 213 49.52 -19.65 20.02
CA ILE D 213 48.95 -20.86 19.48
C ILE D 213 47.56 -21.14 20.00
N ILE D 214 47.38 -21.17 21.35
CA ILE D 214 46.08 -21.26 22.01
C ILE D 214 45.06 -20.27 21.44
N PRO D 215 45.23 -18.93 21.50
CA PRO D 215 44.41 -17.94 20.82
C PRO D 215 44.08 -18.25 19.38
N LEU D 216 45.09 -18.60 18.54
CA LEU D 216 44.98 -18.91 17.14
C LEU D 216 44.02 -20.04 16.88
N ILE D 217 44.11 -21.13 17.69
CA ILE D 217 43.22 -22.27 17.62
C ILE D 217 41.81 -21.86 17.94
N VAL D 218 41.61 -21.13 19.07
CA VAL D 218 40.30 -20.66 19.53
C VAL D 218 39.60 -19.78 18.51
N ILE D 219 40.31 -18.79 17.93
CA ILE D 219 39.83 -17.87 16.92
C ILE D 219 39.32 -18.59 15.70
N PHE D 220 40.11 -19.55 15.17
CA PHE D 220 39.77 -20.36 14.01
C PHE D 220 38.58 -21.25 14.25
N PHE D 221 38.52 -21.90 15.43
CA PHE D 221 37.44 -22.76 15.86
C PHE D 221 36.11 -22.03 15.87
N CYS D 222 36.02 -20.99 16.74
CA CYS D 222 34.86 -20.14 16.95
C CYS D 222 34.27 -19.58 15.69
N TYR D 223 35.10 -18.89 14.88
CA TYR D 223 34.64 -18.26 13.66
C TYR D 223 34.32 -19.24 12.56
N GLY D 224 35.03 -20.39 12.50
CA GLY D 224 34.74 -21.49 11.61
C GLY D 224 33.36 -22.06 11.82
N GLN D 225 33.05 -22.38 13.09
CA GLN D 225 31.75 -22.77 13.59
C GLN D 225 30.66 -21.79 13.25
N LEU D 226 30.91 -20.49 13.55
CA LEU D 226 29.98 -19.41 13.32
C LEU D 226 29.57 -19.30 11.88
N VAL D 227 30.54 -19.33 10.93
CA VAL D 227 30.30 -19.32 9.50
C VAL D 227 29.56 -20.54 9.03
N PHE D 228 29.88 -21.73 9.59
CA PHE D 228 29.24 -23.00 9.28
C PHE D 228 27.76 -22.94 9.59
N THR D 229 27.43 -22.62 10.86
CA THR D 229 26.11 -22.37 11.39
C THR D 229 25.29 -21.43 10.53
N VAL D 230 25.89 -20.27 10.15
CA VAL D 230 25.23 -19.20 9.42
C VAL D 230 24.94 -19.62 8.00
N LYS D 231 25.84 -20.38 7.33
CA LYS D 231 25.60 -20.96 6.02
C LYS D 231 24.44 -21.92 6.02
N GLU D 232 24.39 -22.83 7.03
CA GLU D 232 23.33 -23.81 7.18
C GLU D 232 21.98 -23.16 7.38
N ALA D 233 21.89 -22.23 8.35
CA ALA D 233 20.72 -21.43 8.68
C ALA D 233 20.18 -20.68 7.50
N ALA D 234 21.09 -20.06 6.71
CA ALA D 234 20.80 -19.28 5.52
C ALA D 234 20.22 -20.13 4.43
N ALA D 235 20.76 -21.38 4.26
CA ALA D 235 20.29 -22.37 3.33
C ALA D 235 18.86 -22.78 3.62
N GLN D 236 18.50 -22.86 4.93
CA GLN D 236 17.16 -23.16 5.38
C GLN D 236 16.27 -21.93 5.42
N GLN D 237 16.74 -20.78 4.88
CA GLN D 237 16.05 -19.52 4.98
C GLN D 237 16.46 -18.69 3.80
N GLN D 238 15.98 -19.12 2.61
CA GLN D 238 16.26 -18.50 1.34
C GLN D 238 14.95 -17.91 0.87
N GLU D 239 14.01 -17.71 1.83
CA GLU D 239 12.70 -17.16 1.62
C GLU D 239 12.74 -15.69 1.93
N SER D 240 13.95 -15.14 2.20
CA SER D 240 14.13 -13.74 2.48
C SER D 240 15.42 -13.36 1.82
N ALA D 241 15.37 -12.25 1.04
CA ALA D 241 16.47 -11.62 0.36
C ALA D 241 17.54 -11.18 1.32
N THR D 242 17.08 -10.58 2.45
CA THR D 242 17.88 -10.05 3.54
C THR D 242 18.86 -11.06 4.06
N THR D 243 18.39 -12.29 4.38
CA THR D 243 19.21 -13.36 4.92
C THR D 243 20.34 -13.76 3.99
N GLN D 244 20.11 -13.76 2.65
CA GLN D 244 21.12 -14.06 1.66
C GLN D 244 22.20 -13.02 1.58
N LYS D 245 21.83 -11.72 1.65
CA LYS D 245 22.75 -10.60 1.66
C LYS D 245 23.63 -10.61 2.89
N ALA D 246 22.98 -10.81 4.07
CA ALA D 246 23.58 -10.97 5.36
C ALA D 246 24.60 -12.07 5.40
N GLU D 247 24.31 -13.23 4.76
CA GLU D 247 25.16 -14.39 4.73
C GLU D 247 26.48 -14.09 4.07
N LYS D 248 26.44 -13.34 2.93
CA LYS D 248 27.59 -12.88 2.21
C LYS D 248 28.41 -11.89 3.00
N GLU D 249 27.71 -10.92 3.63
CA GLU D 249 28.29 -9.85 4.42
C GLU D 249 29.04 -10.37 5.62
N VAL D 250 28.42 -11.30 6.39
CA VAL D 250 28.97 -11.95 7.56
C VAL D 250 30.20 -12.75 7.25
N THR D 251 30.21 -13.49 6.11
CA THR D 251 31.35 -14.27 5.67
C THR D 251 32.54 -13.41 5.36
N ARG D 252 32.32 -12.28 4.64
CA ARG D 252 33.32 -11.29 4.33
C ARG D 252 33.95 -10.69 5.57
N MET D 253 33.09 -10.21 6.50
CA MET D 253 33.46 -9.70 7.80
C MET D 253 34.31 -10.63 8.61
N VAL D 254 33.96 -11.95 8.66
CA VAL D 254 34.68 -12.96 9.41
C VAL D 254 36.08 -13.16 8.87
N ILE D 255 36.26 -13.09 7.52
CA ILE D 255 37.56 -13.18 6.89
C ILE D 255 38.43 -12.03 7.33
N ILE D 256 37.89 -10.78 7.30
CA ILE D 256 38.54 -9.56 7.78
C ILE D 256 38.97 -9.69 9.23
N MET D 257 38.07 -10.21 10.10
CA MET D 257 38.28 -10.41 11.52
C MET D 257 39.40 -11.37 11.84
N VAL D 258 39.51 -12.48 11.07
CA VAL D 258 40.50 -13.51 11.24
C VAL D 258 41.85 -12.98 10.84
N ILE D 259 41.94 -12.38 9.63
CA ILE D 259 43.11 -11.69 9.10
C ILE D 259 43.65 -10.64 10.06
N ALA D 260 42.77 -9.86 10.72
CA ALA D 260 43.16 -8.81 11.63
C ALA D 260 43.83 -9.35 12.87
N PHE D 261 43.39 -10.53 13.37
CA PHE D 261 44.04 -11.22 14.45
C PHE D 261 45.40 -11.73 14.06
N LEU D 262 45.52 -12.29 12.82
CA LEU D 262 46.74 -12.84 12.28
C LEU D 262 47.84 -11.82 12.15
N ILE D 263 47.56 -10.71 11.44
CA ILE D 263 48.48 -9.60 11.20
C ILE D 263 49.11 -9.08 12.45
N CYS D 264 48.34 -8.96 13.55
CA CYS D 264 48.78 -8.34 14.77
C CYS D 264 49.84 -9.13 15.51
N TRP D 265 49.72 -10.48 15.59
CA TRP D 265 50.57 -11.28 16.46
C TRP D 265 51.45 -12.26 15.72
N LEU D 266 51.13 -12.58 14.45
CA LEU D 266 51.91 -13.48 13.62
C LEU D 266 53.35 -13.03 13.43
N PRO D 267 53.71 -11.76 13.14
CA PRO D 267 55.10 -11.31 13.03
C PRO D 267 55.97 -11.65 14.21
N TYR D 268 55.51 -11.33 15.45
CA TYR D 268 56.19 -11.66 16.69
C TYR D 268 56.44 -13.14 16.84
N ALA D 269 55.40 -13.96 16.57
CA ALA D 269 55.45 -15.40 16.67
C ALA D 269 56.41 -16.01 15.67
N GLY D 270 56.32 -15.58 14.39
CA GLY D 270 57.16 -16.02 13.30
C GLY D 270 58.63 -15.82 13.52
N VAL D 271 59.03 -14.55 13.82
CA VAL D 271 60.40 -14.16 14.10
C VAL D 271 60.96 -14.91 15.28
N ALA D 272 60.23 -14.91 16.43
CA ALA D 272 60.61 -15.59 17.64
C ALA D 272 60.85 -17.07 17.45
N PHE D 273 59.95 -17.75 16.69
CA PHE D 273 60.01 -19.17 16.44
C PHE D 273 61.22 -19.54 15.62
N TYR D 274 61.51 -18.77 14.55
CA TYR D 274 62.62 -18.99 13.65
C TYR D 274 63.94 -18.90 14.38
N ILE D 275 64.10 -17.86 15.22
CA ILE D 275 65.23 -17.60 16.09
C ILE D 275 65.43 -18.71 17.10
N PHE D 276 64.33 -19.28 17.65
CA PHE D 276 64.36 -20.36 18.59
C PHE D 276 64.87 -21.65 17.98
N THR D 277 64.39 -21.98 16.76
CA THR D 277 64.73 -23.20 16.05
C THR D 277 66.14 -23.15 15.52
N HIS D 278 66.61 -21.96 15.09
CA HIS D 278 67.93 -21.80 14.55
C HIS D 278 68.40 -20.45 14.97
N GLN D 279 69.63 -20.38 15.55
CA GLN D 279 70.21 -19.15 16.00
C GLN D 279 71.43 -18.98 15.14
N GLY D 280 71.61 -17.76 14.62
CA GLY D 280 72.66 -17.40 13.70
C GLY D 280 72.00 -16.69 12.56
N SER D 281 70.67 -16.42 12.67
CA SER D 281 69.91 -15.72 11.68
C SER D 281 70.05 -14.26 12.03
N ASP D 282 70.71 -13.51 11.13
CA ASP D 282 70.97 -12.10 11.30
C ASP D 282 69.87 -11.35 10.63
N PHE D 283 69.40 -10.26 11.29
CA PHE D 283 68.41 -9.37 10.75
C PHE D 283 68.84 -8.00 11.16
N GLY D 284 68.31 -6.98 10.45
CA GLY D 284 68.65 -5.59 10.69
C GLY D 284 67.88 -5.07 11.88
N PRO D 285 68.16 -3.84 12.30
CA PRO D 285 67.50 -3.21 13.43
C PRO D 285 66.12 -2.74 13.04
N ILE D 286 65.93 -2.38 11.74
CA ILE D 286 64.69 -1.86 11.21
C ILE D 286 63.70 -2.99 11.03
N PHE D 287 64.21 -4.22 10.78
CA PHE D 287 63.43 -5.44 10.67
C PHE D 287 62.65 -5.74 11.94
N MET D 288 63.25 -5.42 13.12
CA MET D 288 62.65 -5.64 14.41
C MET D 288 61.62 -4.59 14.75
N THR D 289 61.49 -3.51 13.94
CA THR D 289 60.48 -2.48 14.13
C THR D 289 59.23 -2.92 13.40
N ILE D 290 59.36 -3.82 12.39
CA ILE D 290 58.27 -4.34 11.58
C ILE D 290 57.17 -5.02 12.40
N PRO D 291 57.42 -5.99 13.30
CA PRO D 291 56.39 -6.56 14.17
C PRO D 291 55.67 -5.55 15.02
N ALA D 292 56.36 -4.46 15.44
CA ALA D 292 55.82 -3.42 16.27
C ALA D 292 54.83 -2.59 15.50
N PHE D 293 55.13 -2.31 14.21
CA PHE D 293 54.23 -1.57 13.33
C PHE D 293 52.90 -2.25 13.20
N PHE D 294 52.90 -3.58 12.91
CA PHE D 294 51.71 -4.38 12.77
C PHE D 294 50.87 -4.46 14.02
N ALA D 295 51.52 -4.66 15.19
CA ALA D 295 50.85 -4.76 16.46
C ALA D 295 50.20 -3.46 16.87
N LYS D 296 50.96 -2.34 16.79
CA LYS D 296 50.53 -1.03 17.22
C LYS D 296 49.36 -0.48 16.45
N THR D 297 49.25 -0.80 15.14
CA THR D 297 48.16 -0.37 14.29
C THR D 297 46.84 -1.01 14.65
N SER D 298 46.85 -2.14 15.41
CA SER D 298 45.64 -2.83 15.82
C SER D 298 44.81 -2.02 16.78
N ALA D 299 45.40 -0.98 17.42
CA ALA D 299 44.70 -0.04 18.28
C ALA D 299 43.73 0.80 17.50
N VAL D 300 43.93 0.90 16.16
CA VAL D 300 43.05 1.60 15.26
C VAL D 300 42.13 0.60 14.58
N TYR D 301 42.65 -0.48 13.95
CA TYR D 301 41.83 -1.30 13.09
C TYR D 301 40.91 -2.26 13.83
N ASN D 302 41.27 -2.78 15.02
CA ASN D 302 40.38 -3.61 15.82
C ASN D 302 39.07 -2.93 16.18
N PRO D 303 38.97 -1.73 16.77
CA PRO D 303 37.70 -1.08 17.05
C PRO D 303 36.96 -0.68 15.80
N VAL D 304 37.64 -0.40 14.67
CA VAL D 304 36.96 -0.13 13.41
C VAL D 304 36.16 -1.34 12.97
N ILE D 305 36.80 -2.53 12.97
CA ILE D 305 36.20 -3.80 12.62
C ILE D 305 35.07 -4.19 13.56
N TYR D 306 35.30 -4.11 14.88
CA TYR D 306 34.47 -4.72 15.89
C TYR D 306 33.41 -3.83 16.45
N ILE D 307 33.39 -2.51 16.09
CA ILE D 307 32.43 -1.57 16.62
C ILE D 307 31.71 -0.97 15.43
N MET D 308 32.45 -0.25 14.56
CA MET D 308 31.92 0.53 13.46
C MET D 308 31.13 -0.25 12.43
N MET D 309 31.48 -1.54 12.18
CA MET D 309 30.85 -2.33 11.15
C MET D 309 29.68 -3.11 11.68
N ASN D 310 29.13 -2.71 12.86
CA ASN D 310 27.95 -3.32 13.44
C ASN D 310 26.84 -2.31 13.38
N LYS D 311 25.66 -2.78 12.89
CA LYS D 311 24.42 -2.06 12.68
C LYS D 311 23.98 -1.20 13.84
N GLN D 312 24.02 -1.79 15.06
CA GLN D 312 23.56 -1.21 16.30
C GLN D 312 24.33 0.03 16.66
N PHE D 313 25.68 -0.09 16.71
CA PHE D 313 26.60 1.01 16.95
C PHE D 313 26.42 2.15 15.98
N ARG D 314 26.29 1.84 14.66
CA ARG D 314 26.08 2.80 13.60
C ARG D 314 24.92 3.72 13.86
N ASN D 315 23.71 3.14 14.10
CA ASN D 315 22.50 3.86 14.44
C ASN D 315 22.69 4.80 15.61
N CYS D 316 23.26 4.27 16.73
CA CYS D 316 23.58 5.00 17.94
C CYS D 316 24.52 6.17 17.72
N MET D 317 25.59 6.00 16.92
CA MET D 317 26.51 7.06 16.57
C MET D 317 25.85 8.16 15.79
N VAL D 318 24.98 7.82 14.81
CA VAL D 318 24.24 8.77 14.00
C VAL D 318 23.31 9.62 14.84
N THR D 319 22.52 8.99 15.75
CA THR D 319 21.65 9.66 16.70
C THR D 319 22.40 10.64 17.58
N THR D 320 23.56 10.21 18.13
CA THR D 320 24.36 11.00 19.06
C THR D 320 24.98 12.20 18.36
N LEU D 321 25.45 12.02 17.10
CA LEU D 321 26.00 13.08 16.29
C LEU D 321 24.95 14.09 15.87
N CYS D 322 23.69 13.62 15.67
CA CYS D 322 22.56 14.44 15.33
C CYS D 322 21.79 14.72 16.60
N CYS D 323 22.53 15.20 17.64
CA CYS D 323 22.03 15.74 18.88
C CYS D 323 21.68 14.61 19.82
N GLY D 324 22.53 14.41 20.86
CA GLY D 324 22.33 13.37 21.82
C GLY D 324 23.48 13.43 22.77
N1 SGV E . 4.51 -14.25 20.07
C2 SGV E . 5.19 -13.38 19.27
N3 SGV E . 5.38 -12.05 19.47
C4 SGV E . 4.81 -11.61 20.62
C5 SGV E . 4.09 -12.38 21.53
C6 SGV E . 3.94 -13.77 21.21
N6 SGV E . 3.22 -14.66 22.01
C7 SGV E . 3.72 -11.49 22.60
C8 SGV E . 4.19 -10.24 22.25
N9 SGV E . 4.90 -10.33 21.09
C1' SGV E . 5.73 -9.29 20.47
C10 SGV E . 3.01 -11.80 23.84
N11 SGV E . 3.06 -10.82 24.81
O12 SGV E . 2.42 -12.86 24.02
C2' SGV E . 5.00 -8.56 19.36
O2' SGV E . 5.93 -8.27 18.32
C3' SGV E . 4.55 -7.31 20.06
O3' SGV E . 4.28 -6.21 19.20
C4' SGV E . 5.73 -7.04 20.95
O4' SGV E . 6.11 -8.32 21.45
C5' SGV E . 5.43 -6.06 22.09
O5' SGV E . 4.28 -6.47 22.82
C1 RET F . 53.71 -13.78 21.20
C2 RET F . 54.28 -15.19 20.94
C3 RET F . 55.63 -15.14 20.27
C4 RET F . 56.62 -14.44 21.17
C5 RET F . 56.13 -13.07 21.59
C6 RET F . 54.81 -12.76 21.63
C7 RET F . 54.25 -11.45 22.05
C8 RET F . 54.81 -10.24 21.87
C9 RET F . 54.20 -8.99 22.27
C10 RET F . 54.78 -7.81 21.88
C11 RET F . 54.23 -6.53 22.08
C12 RET F . 54.84 -5.41 21.58
C13 RET F . 54.29 -4.13 21.61
C14 RET F . 54.97 -3.07 20.97
C15 RET F . 54.48 -1.79 20.83
C16 RET F . 52.61 -13.93 22.26
C17 RET F . 53.04 -13.30 19.89
C18 RET F . 57.24 -12.10 22.00
C19 RET F . 52.91 -9.01 23.09
C20 RET F . 52.94 -3.91 22.29
CA LEU A 6 24.35 -8.56 10.29
C LEU A 6 24.31 -9.66 11.29
N GLU A 7 24.84 -9.42 12.52
CA GLU A 7 24.76 -10.30 13.66
C GLU A 7 23.35 -10.50 14.13
N THR A 8 22.51 -9.44 14.02
CA THR A 8 21.10 -9.49 14.30
C THR A 8 20.34 -10.41 13.38
N VAL A 9 20.68 -10.41 12.06
CA VAL A 9 20.15 -11.37 11.12
C VAL A 9 20.58 -12.78 11.44
N VAL A 10 21.85 -12.97 11.90
CA VAL A 10 22.38 -14.24 12.35
C VAL A 10 21.64 -14.79 13.54
N ALA A 11 21.30 -13.92 14.52
CA ALA A 11 20.53 -14.31 15.67
C ALA A 11 19.13 -14.72 15.27
N ASN A 12 18.53 -13.99 14.31
CA ASN A 12 17.25 -14.29 13.70
C ASN A 12 17.28 -15.58 12.93
N SER A 13 18.39 -15.85 12.20
CA SER A 13 18.62 -17.08 11.48
C SER A 13 18.71 -18.25 12.40
N ALA A 14 19.39 -18.12 13.57
CA ALA A 14 19.44 -19.20 14.55
C ALA A 14 18.08 -19.54 15.14
N PHE A 15 17.19 -18.52 15.33
CA PHE A 15 15.83 -18.70 15.78
C PHE A 15 15.04 -19.47 14.77
N ILE A 16 15.20 -19.11 13.46
CA ILE A 16 14.56 -19.74 12.33
C ILE A 16 14.98 -21.18 12.24
N ALA A 17 16.27 -21.48 12.53
CA ALA A 17 16.84 -22.80 12.49
C ALA A 17 16.18 -23.67 13.53
N ALA A 18 16.00 -23.13 14.76
CA ALA A 18 15.34 -23.81 15.85
C ALA A 18 13.88 -24.08 15.57
N ARG A 19 13.18 -23.10 14.95
CA ARG A 19 11.79 -23.13 14.56
C ARG A 19 11.52 -24.22 13.56
N GLY A 20 12.44 -24.36 12.58
CA GLY A 20 12.41 -25.34 11.52
C GLY A 20 12.46 -26.73 12.07
N SER A 21 13.37 -26.97 13.04
CA SER A 21 13.53 -28.21 13.75
C SER A 21 12.30 -28.53 14.56
N PHE A 22 11.72 -27.50 15.24
CA PHE A 22 10.53 -27.61 16.04
C PHE A 22 9.31 -27.97 15.20
N ASP A 23 9.17 -27.31 14.02
CA ASP A 23 8.11 -27.54 13.07
C ASP A 23 8.15 -28.94 12.50
N ALA A 24 9.38 -29.43 12.21
CA ALA A 24 9.61 -30.78 11.73
C ALA A 24 9.88 -31.66 12.91
N MET A 182 11.12 -22.79 37.37
CA MET A 182 11.91 -22.70 36.17
C MET A 182 12.62 -21.38 36.21
N GLY A 183 13.25 -20.98 35.09
CA GLY A 183 14.61 -20.54 35.15
C GLY A 183 15.14 -20.49 33.77
N GLU A 184 16.44 -20.12 33.63
CA GLU A 184 17.10 -19.95 32.36
C GLU A 184 17.86 -21.23 32.05
N ASP A 185 17.69 -22.24 32.92
CA ASP A 185 18.41 -23.49 32.91
C ASP A 185 17.39 -24.56 32.59
N TRP A 186 16.26 -24.13 31.97
CA TRP A 186 15.06 -24.91 31.81
C TRP A 186 14.39 -24.37 30.59
N PHE A 187 14.90 -23.24 30.05
CA PHE A 187 14.49 -22.70 28.78
C PHE A 187 15.73 -22.25 28.09
N LEU A 188 15.92 -22.72 26.83
CA LEU A 188 16.96 -22.23 25.96
C LEU A 188 16.41 -20.96 25.36
N ASP A 189 17.24 -19.90 25.32
CA ASP A 189 16.78 -18.55 25.07
C ASP A 189 17.19 -18.16 23.69
N PHE A 190 16.30 -17.44 22.96
CA PHE A 190 16.59 -16.91 21.65
C PHE A 190 16.41 -15.43 21.73
N ARG A 191 16.43 -14.77 20.55
CA ARG A 191 16.20 -13.37 20.33
C ARG A 191 14.90 -12.85 20.88
N VAL A 192 14.93 -11.55 21.27
CA VAL A 192 13.77 -10.79 21.68
C VAL A 192 12.88 -10.58 20.49
N LEU A 193 11.58 -10.33 20.75
CA LEU A 193 10.58 -10.20 19.72
C LEU A 193 10.04 -8.81 19.81
N GLY A 194 10.48 -8.04 20.85
CA GLY A 194 10.08 -6.68 20.98
C GLY A 194 10.45 -6.23 22.35
N ARG A 195 10.30 -4.91 22.58
CA ARG A 195 10.44 -4.31 23.87
C ARG A 195 9.05 -3.76 24.09
N GLY A 196 8.31 -4.39 25.03
CA GLY A 196 6.98 -3.99 25.45
C GLY A 196 6.96 -2.87 26.44
N GLY A 197 5.79 -2.74 27.12
CA GLY A 197 5.53 -1.79 28.18
C GLY A 197 5.74 -2.45 29.51
N PHE A 198 6.05 -3.77 29.48
CA PHE A 198 6.18 -4.62 30.62
C PHE A 198 7.41 -5.42 30.29
N GLY A 199 8.53 -4.70 30.02
CA GLY A 199 9.83 -5.25 29.68
C GLY A 199 9.80 -5.99 28.37
N GLU A 200 10.86 -6.79 28.11
CA GLU A 200 11.06 -7.51 26.87
C GLU A 200 10.16 -8.71 26.81
N VAL A 201 9.84 -9.17 25.58
CA VAL A 201 9.12 -10.39 25.36
C VAL A 201 9.94 -11.12 24.34
N PHE A 202 10.65 -12.20 24.77
CA PHE A 202 11.56 -12.92 23.91
C PHE A 202 11.04 -14.31 23.72
N ALA A 203 11.42 -14.95 22.57
CA ALA A 203 11.14 -16.33 22.32
C ALA A 203 12.05 -17.22 23.12
N CYS A 204 11.58 -18.47 23.34
CA CYS A 204 12.23 -19.40 24.21
C CYS A 204 11.66 -20.74 23.86
N GLN A 205 12.31 -21.82 24.35
CA GLN A 205 11.94 -23.18 24.03
C GLN A 205 12.22 -23.94 25.27
N MET A 206 11.27 -24.84 25.62
CA MET A 206 11.34 -25.80 26.68
C MET A 206 12.44 -26.80 26.50
N LYS A 207 13.28 -26.93 27.56
CA LYS A 207 14.41 -27.83 27.65
C LYS A 207 13.98 -29.26 27.45
N ALA A 208 12.80 -29.61 28.02
CA ALA A 208 12.29 -30.96 28.05
C ALA A 208 11.28 -31.10 26.95
N THR A 209 10.17 -30.32 27.01
CA THR A 209 8.99 -30.45 26.18
C THR A 209 9.31 -30.21 24.72
N GLY A 210 10.13 -29.18 24.43
CA GLY A 210 10.61 -28.88 23.10
C GLY A 210 9.58 -28.10 22.36
N LYS A 211 8.83 -27.22 23.08
CA LYS A 211 7.78 -26.41 22.54
C LYS A 211 8.16 -24.98 22.71
N LEU A 212 7.77 -24.11 21.75
CA LEU A 212 8.13 -22.71 21.75
C LEU A 212 7.07 -21.94 22.48
N TYR A 213 7.53 -20.96 23.28
CA TYR A 213 6.68 -20.10 24.06
C TYR A 213 7.28 -18.73 23.92
N ALA A 214 6.44 -17.68 24.06
CA ALA A 214 6.92 -16.35 24.35
C ALA A 214 6.97 -16.20 25.83
N CYS A 215 8.03 -15.52 26.31
CA CYS A 215 8.29 -15.26 27.69
C CYS A 215 8.35 -13.77 27.86
N LYS A 216 7.26 -13.18 28.40
CA LYS A 216 7.24 -11.79 28.78
C LYS A 216 7.95 -11.65 30.10
N LYS A 217 9.18 -11.12 30.02
CA LYS A 217 10.03 -10.79 31.14
C LYS A 217 9.69 -9.39 31.55
N LEU A 218 9.59 -9.16 32.87
CA LEU A 218 9.39 -7.85 33.42
C LEU A 218 10.62 -7.70 34.26
N ASN A 219 11.59 -6.93 33.74
CA ASN A 219 12.85 -6.63 34.36
C ASN A 219 12.63 -5.88 35.64
N LYS A 220 13.32 -6.30 36.73
CA LYS A 220 13.25 -5.75 38.06
C LYS A 220 13.60 -4.28 38.08
N LYS A 221 14.59 -3.88 37.24
CA LYS A 221 15.05 -2.51 37.08
C LYS A 221 13.94 -1.65 36.52
N ARG A 222 13.37 -2.06 35.36
CA ARG A 222 12.29 -1.39 34.67
C ARG A 222 11.02 -1.28 35.50
N LEU A 223 10.75 -2.27 36.38
CA LEU A 223 9.65 -2.30 37.32
C LEU A 223 9.78 -1.17 38.29
N LYS A 224 10.98 -0.99 38.89
CA LYS A 224 11.28 0.07 39.83
C LYS A 224 11.11 1.43 39.21
N LYS A 225 11.56 1.60 37.93
CA LYS A 225 11.48 2.83 37.19
C LYS A 225 10.07 3.32 36.93
N ARG A 226 9.20 2.45 36.37
CA ARG A 226 7.83 2.80 36.05
C ARG A 226 6.91 2.71 37.23
N LYS A 227 7.39 2.11 38.36
CA LYS A 227 6.59 1.77 39.53
C LYS A 227 5.46 0.85 39.12
N GLY A 228 5.82 -0.20 38.33
CA GLY A 228 4.89 -1.03 37.60
C GLY A 228 4.55 -2.30 38.32
N TYR A 229 4.54 -2.28 39.67
CA TYR A 229 4.35 -3.46 40.49
C TYR A 229 2.90 -3.89 40.45
N GLN A 230 1.97 -2.91 40.46
CA GLN A 230 0.54 -3.16 40.38
C GLN A 230 0.18 -3.78 39.05
N GLY A 231 0.74 -3.21 37.95
CA GLY A 231 0.44 -3.55 36.58
C GLY A 231 0.78 -4.97 36.26
N ALA A 232 1.87 -5.49 36.88
CA ALA A 232 2.35 -6.84 36.70
C ALA A 232 1.37 -7.83 37.28
N MET A 233 0.91 -7.58 38.53
CA MET A 233 0.00 -8.45 39.25
C MET A 233 -1.35 -8.55 38.59
N VAL A 234 -1.79 -7.43 37.96
CA VAL A 234 -3.07 -7.30 37.30
C VAL A 234 -3.09 -8.18 36.08
N GLU A 235 -2.05 -8.08 35.21
CA GLU A 235 -1.92 -8.86 34.00
C GLU A 235 -1.94 -10.35 34.26
N LYS A 236 -1.27 -10.78 35.36
CA LYS A 236 -1.19 -12.16 35.78
C LYS A 236 -2.56 -12.68 36.11
N LYS A 237 -3.19 -12.12 37.17
CA LYS A 237 -4.45 -12.56 37.72
C LYS A 237 -5.59 -12.58 36.72
N ILE A 238 -5.66 -11.57 35.83
CA ILE A 238 -6.69 -11.45 34.82
C ILE A 238 -6.53 -12.53 33.78
N LEU A 239 -5.35 -12.60 33.08
CA LEU A 239 -5.05 -13.62 32.07
C LEU A 239 -5.20 -15.03 32.59
N ALA A 240 -4.86 -15.28 33.87
CA ALA A 240 -4.96 -16.57 34.53
C ALA A 240 -6.38 -17.08 34.58
N LYS A 241 -7.37 -16.18 34.68
CA LYS A 241 -8.76 -16.50 34.85
C LYS A 241 -9.47 -16.46 33.52
N VAL A 242 -9.05 -15.54 32.62
CA VAL A 242 -9.72 -15.25 31.39
C VAL A 242 -8.97 -15.95 30.29
N HIS A 243 -9.66 -16.91 29.63
CA HIS A 243 -9.09 -17.73 28.59
C HIS A 243 -10.21 -17.93 27.62
N SER A 244 -9.92 -17.78 26.30
CA SER A 244 -10.88 -18.09 25.27
C SER A 244 -10.08 -18.40 24.04
N ARG A 245 -10.68 -18.18 22.85
CA ARG A 245 -10.05 -18.37 21.56
C ARG A 245 -9.57 -17.05 21.03
N PHE A 246 -9.66 -15.98 21.84
CA PHE A 246 -9.24 -14.65 21.47
C PHE A 246 -8.52 -14.00 22.60
N ILE A 247 -8.32 -14.73 23.73
CA ILE A 247 -7.44 -14.30 24.78
C ILE A 247 -6.43 -15.41 24.91
N VAL A 248 -5.13 -15.05 24.82
CA VAL A 248 -4.00 -15.95 24.91
C VAL A 248 -3.95 -16.63 26.26
N SER A 249 -3.61 -17.95 26.26
CA SER A 249 -3.37 -18.72 27.45
C SER A 249 -2.12 -18.28 28.16
N LEU A 250 -2.16 -18.26 29.51
CA LEU A 250 -1.00 -18.06 30.35
C LEU A 250 -0.70 -19.45 30.87
N ALA A 251 0.58 -19.87 30.81
CA ALA A 251 0.96 -21.23 31.15
C ALA A 251 1.74 -21.30 32.43
N TYR A 252 2.61 -20.30 32.73
CA TYR A 252 3.51 -20.38 33.87
C TYR A 252 3.79 -19.00 34.35
N ALA A 253 4.03 -18.87 35.68
CA ALA A 253 4.49 -17.64 36.29
C ALA A 253 5.55 -18.05 37.27
N PHE A 254 6.83 -17.80 36.92
CA PHE A 254 7.98 -18.05 37.76
C PHE A 254 8.82 -16.80 37.70
N GLU A 255 9.96 -16.77 38.42
CA GLU A 255 10.86 -15.64 38.42
C GLU A 255 12.23 -16.21 38.24
N THR A 256 13.16 -15.34 37.79
CA THR A 256 14.58 -15.58 37.73
C THR A 256 15.14 -14.55 38.68
N LYS A 257 16.47 -14.32 38.65
CA LYS A 257 17.14 -13.43 39.57
C LYS A 257 16.97 -11.98 39.17
N THR A 258 16.67 -11.72 37.88
CA THR A 258 16.80 -10.40 37.29
C THR A 258 15.47 -9.94 36.73
N ASP A 259 14.46 -10.85 36.64
CA ASP A 259 13.22 -10.52 35.98
C ASP A 259 12.18 -11.50 36.45
N LEU A 260 10.90 -11.07 36.35
CA LEU A 260 9.74 -11.89 36.59
C LEU A 260 9.26 -12.38 35.26
N CYS A 261 8.78 -13.64 35.16
CA CYS A 261 8.44 -14.23 33.89
C CYS A 261 6.97 -14.59 33.89
N LEU A 262 6.29 -14.26 32.77
CA LEU A 262 5.02 -14.82 32.40
C LEU A 262 5.30 -15.53 31.11
N VAL A 263 5.05 -16.85 31.06
CA VAL A 263 5.28 -17.65 29.88
C VAL A 263 3.94 -18.00 29.31
N MET A 264 3.65 -17.48 28.10
CA MET A 264 2.37 -17.60 27.44
C MET A 264 2.62 -18.29 26.13
N THR A 265 1.55 -18.85 25.52
CA THR A 265 1.55 -19.55 24.25
C THR A 265 1.95 -18.63 23.11
N ILE A 266 2.73 -19.18 22.14
CA ILE A 266 3.17 -18.49 20.93
C ILE A 266 2.03 -18.03 20.07
N MET A 267 2.32 -16.91 19.38
CA MET A 267 1.45 -16.26 18.45
C MET A 267 2.42 -15.78 17.42
N ASN A 268 3.17 -16.75 16.82
CA ASN A 268 4.23 -16.47 15.89
C ASN A 268 3.59 -16.28 14.55
N GLY A 269 4.05 -15.24 13.84
CA GLY A 269 3.36 -14.69 12.71
C GLY A 269 3.26 -13.20 12.86
N GLY A 270 3.82 -12.64 13.97
CA GLY A 270 3.89 -11.22 14.16
C GLY A 270 2.63 -10.65 14.72
N ASP A 271 2.65 -9.31 14.93
CA ASP A 271 1.56 -8.51 15.45
C ASP A 271 1.04 -7.76 14.24
N ILE A 272 -0.23 -7.30 14.30
CA ILE A 272 -0.92 -6.59 13.23
C ILE A 272 -0.19 -5.36 12.78
N ARG A 273 0.47 -4.62 13.71
CA ARG A 273 1.18 -3.39 13.43
C ARG A 273 2.31 -3.60 12.45
N TYR A 274 3.07 -4.71 12.63
CA TYR A 274 4.12 -5.17 11.75
C TYR A 274 3.60 -5.40 10.35
N HIS A 275 2.40 -6.03 10.23
CA HIS A 275 1.82 -6.50 9.00
C HIS A 275 1.27 -5.39 8.13
N ILE A 276 0.95 -4.22 8.72
CA ILE A 276 0.57 -3.00 8.02
C ILE A 276 1.67 -2.62 7.04
N TYR A 277 2.94 -2.73 7.48
CA TYR A 277 4.10 -2.34 6.71
C TYR A 277 4.76 -3.52 6.01
N ASN A 278 4.47 -4.78 6.45
CA ASN A 278 5.15 -5.96 5.93
C ASN A 278 4.49 -6.45 4.66
N VAL A 279 3.18 -6.15 4.46
CA VAL A 279 2.43 -6.42 3.26
C VAL A 279 3.11 -5.82 2.05
N ASP A 280 3.74 -4.64 2.24
CA ASP A 280 4.50 -3.84 1.32
C ASP A 280 4.43 -2.47 1.96
N GLU A 281 5.52 -1.68 1.87
CA GLU A 281 5.63 -0.39 2.51
C GLU A 281 5.23 0.69 1.54
N ASP A 282 4.91 0.32 0.29
CA ASP A 282 4.44 1.22 -0.74
C ASP A 282 2.97 0.93 -0.94
N ASN A 283 2.40 0.08 -0.06
CA ASN A 283 1.00 -0.23 -0.01
C ASN A 283 0.58 0.27 1.35
N PRO A 284 -0.41 1.15 1.51
CA PRO A 284 -0.71 1.73 2.82
C PRO A 284 -1.70 0.83 3.51
N GLY A 285 -1.18 -0.16 4.27
CA GLY A 285 -1.95 -1.15 4.98
C GLY A 285 -2.77 -2.04 4.10
N PHE A 286 -3.61 -2.86 4.77
CA PHE A 286 -4.48 -3.86 4.20
C PHE A 286 -5.52 -3.25 3.31
N GLN A 287 -5.98 -4.04 2.31
CA GLN A 287 -7.17 -3.76 1.53
C GLN A 287 -8.36 -4.10 2.38
N GLU A 288 -9.54 -3.56 2.01
CA GLU A 288 -10.75 -3.62 2.79
C GLU A 288 -11.17 -5.00 3.25
N PRO A 289 -11.30 -6.08 2.47
CA PRO A 289 -11.71 -7.40 2.95
C PRO A 289 -10.87 -7.95 4.08
N ARG A 290 -9.53 -7.76 4.02
CA ARG A 290 -8.60 -8.26 5.00
C ARG A 290 -8.72 -7.58 6.33
N ALA A 291 -8.94 -6.24 6.31
CA ALA A 291 -9.14 -5.42 7.49
C ALA A 291 -10.44 -5.74 8.18
N ILE A 292 -11.52 -5.92 7.38
CA ILE A 292 -12.86 -6.25 7.83
C ILE A 292 -12.87 -7.56 8.55
N PHE A 293 -12.19 -8.59 7.98
CA PHE A 293 -12.07 -9.91 8.55
C PHE A 293 -11.48 -9.87 9.95
N TYR A 294 -10.31 -9.20 10.10
CA TYR A 294 -9.61 -9.04 11.36
C TYR A 294 -10.41 -8.28 12.39
N THR A 295 -11.11 -7.19 11.97
CA THR A 295 -12.00 -6.42 12.80
C THR A 295 -13.10 -7.25 13.42
N ALA A 296 -13.72 -8.13 12.62
CA ALA A 296 -14.74 -9.04 13.08
C ALA A 296 -14.24 -9.97 14.17
N GLN A 297 -13.00 -10.50 14.01
CA GLN A 297 -12.38 -11.38 14.99
C GLN A 297 -12.04 -10.69 16.28
N ILE A 298 -11.57 -9.40 16.20
CA ILE A 298 -11.29 -8.55 17.33
C ILE A 298 -12.54 -8.30 18.13
N VAL A 299 -13.69 -8.04 17.45
CA VAL A 299 -14.99 -7.79 18.06
C VAL A 299 -15.41 -8.92 18.95
N SER A 300 -15.25 -10.18 18.48
CA SER A 300 -15.54 -11.36 19.27
C SER A 300 -14.71 -11.45 20.54
N GLY A 301 -13.40 -11.07 20.45
CA GLY A 301 -12.51 -11.02 21.58
C GLY A 301 -12.87 -9.98 22.61
N LEU A 302 -13.24 -8.75 22.17
CA LEU A 302 -13.68 -7.67 23.03
C LEU A 302 -14.93 -8.05 23.78
N GLU A 303 -15.89 -8.71 23.08
CA GLU A 303 -17.13 -9.20 23.66
C GLU A 303 -16.88 -10.16 24.80
N HIS A 304 -15.91 -11.08 24.64
CA HIS A 304 -15.54 -12.05 25.66
C HIS A 304 -15.05 -11.38 26.94
N LEU A 305 -14.27 -10.27 26.84
CA LEU A 305 -13.86 -9.49 27.99
C LEU A 305 -15.02 -8.81 28.67
N HIS A 306 -15.93 -8.19 27.88
CA HIS A 306 -17.04 -7.39 28.36
C HIS A 306 -18.07 -8.21 29.10
N GLN A 307 -18.29 -9.47 28.64
CA GLN A 307 -19.15 -10.46 29.27
C GLN A 307 -18.65 -10.90 30.63
N ARG A 308 -17.34 -10.73 30.90
CA ARG A 308 -16.71 -11.05 32.16
C ARG A 308 -16.62 -9.80 33.02
N ASN A 309 -17.21 -8.69 32.53
CA ASN A 309 -17.32 -7.40 33.19
C ASN A 309 -15.98 -6.74 33.31
N ILE A 310 -15.18 -6.79 32.23
CA ILE A 310 -13.84 -6.27 32.21
C ILE A 310 -13.82 -5.15 31.22
N ILE A 311 -13.31 -3.98 31.65
CA ILE A 311 -13.01 -2.87 30.78
C ILE A 311 -11.53 -3.03 30.61
N TYR A 312 -11.07 -3.08 29.35
CA TYR A 312 -9.70 -3.34 28.98
C TYR A 312 -8.93 -2.04 29.06
N ARG A 313 -9.54 -0.93 28.61
CA ARG A 313 -8.99 0.41 28.56
C ARG A 313 -7.90 0.53 27.51
N ASP A 314 -7.73 -0.51 26.67
CA ASP A 314 -6.71 -0.51 25.67
C ASP A 314 -7.19 -1.46 24.62
N LEU A 315 -6.39 -1.57 23.53
CA LEU A 315 -6.52 -2.44 22.39
C LEU A 315 -5.73 -1.66 21.39
N LYS A 316 -4.79 -2.32 20.71
CA LYS A 316 -4.06 -1.67 19.65
C LYS A 316 -3.53 -2.77 18.78
N PRO A 317 -3.13 -2.49 17.52
CA PRO A 317 -2.53 -3.45 16.61
C PRO A 317 -1.39 -4.24 17.19
N GLU A 318 -0.51 -3.60 18.01
CA GLU A 318 0.66 -4.23 18.56
C GLU A 318 0.34 -5.25 19.64
N ASN A 319 -0.91 -5.25 20.15
CA ASN A 319 -1.38 -6.19 21.15
C ASN A 319 -2.31 -7.17 20.49
N VAL A 320 -2.54 -7.05 19.16
CA VAL A 320 -3.30 -8.02 18.41
C VAL A 320 -2.28 -8.82 17.66
N LEU A 321 -2.16 -10.11 18.03
CA LEU A 321 -1.13 -10.99 17.54
C LEU A 321 -1.77 -11.92 16.55
N LEU A 322 -1.04 -12.33 15.49
CA LEU A 322 -1.50 -13.31 14.54
C LEU A 322 -0.84 -14.60 14.92
N ASP A 323 -1.60 -15.72 14.78
CA ASP A 323 -1.08 -17.05 14.94
C ASP A 323 -0.61 -17.51 13.59
N ASP A 324 -0.19 -18.79 13.50
CA ASP A 324 0.40 -19.40 12.32
C ASP A 324 -0.55 -19.38 11.14
N ASP A 325 -1.85 -19.70 11.38
CA ASP A 325 -2.91 -19.70 10.38
C ASP A 325 -3.14 -18.33 9.79
N GLY A 326 -3.27 -17.30 10.66
CA GLY A 326 -3.52 -15.93 10.26
C GLY A 326 -4.70 -15.40 11.01
N ASN A 327 -5.30 -16.22 11.91
CA ASN A 327 -6.33 -15.81 12.84
C ASN A 327 -5.71 -14.91 13.88
N VAL A 328 -6.47 -13.91 14.39
CA VAL A 328 -5.95 -12.92 15.30
C VAL A 328 -6.51 -13.17 16.67
N ARG A 329 -5.80 -12.67 17.71
CA ARG A 329 -6.26 -12.70 19.07
C ARG A 329 -5.80 -11.42 19.71
N ILE A 330 -6.62 -10.87 20.65
CA ILE A 330 -6.22 -9.81 21.55
C ILE A 330 -5.40 -10.42 22.67
N SER A 331 -4.58 -9.62 23.37
CA SER A 331 -3.71 -10.13 24.41
C SER A 331 -3.30 -8.96 25.26
N ASP A 332 -2.77 -9.26 26.48
CA ASP A 332 -2.31 -8.32 27.49
C ASP A 332 -3.48 -7.63 28.14
N LEU A 333 -3.75 -7.98 29.42
CA LEU A 333 -4.91 -7.50 30.15
C LEU A 333 -4.41 -6.85 31.42
N GLY A 334 -3.19 -6.26 31.36
CA GLY A 334 -2.49 -5.70 32.49
C GLY A 334 -2.90 -4.29 32.78
N LEU A 335 -3.52 -3.61 31.78
CA LEU A 335 -3.97 -2.25 31.90
C LEU A 335 -5.46 -2.25 32.06
N ALA A 336 -6.06 -3.43 32.36
CA ALA A 336 -7.48 -3.62 32.52
C ALA A 336 -7.88 -3.42 33.96
N VAL A 337 -9.21 -3.27 34.19
CA VAL A 337 -9.80 -3.24 35.50
C VAL A 337 -11.06 -4.05 35.36
N GLU A 338 -11.35 -4.90 36.37
CA GLU A 338 -12.58 -5.66 36.42
C GLU A 338 -13.55 -4.93 37.30
N LEU A 339 -14.71 -4.53 36.71
CA LEU A 339 -15.84 -3.97 37.42
C LEU A 339 -16.43 -5.02 38.32
N LYS A 340 -16.86 -4.62 39.53
CA LYS A 340 -17.55 -5.48 40.45
C LYS A 340 -18.99 -5.08 40.38
N ALA A 341 -19.90 -5.94 40.91
CA ALA A 341 -21.31 -5.65 41.01
C ALA A 341 -21.55 -4.44 41.87
N GLY A 342 -22.49 -3.58 41.43
CA GLY A 342 -22.87 -2.37 42.12
C GLY A 342 -22.12 -1.20 41.55
N GLN A 343 -21.39 -1.41 40.43
CA GLN A 343 -20.84 -0.33 39.66
C GLN A 343 -20.78 -0.80 38.25
N THR A 344 -21.01 0.14 37.30
CA THR A 344 -21.00 -0.12 35.89
C THR A 344 -20.00 0.81 35.26
N LYS A 345 -19.37 1.69 36.05
CA LYS A 345 -18.42 2.64 35.55
C LYS A 345 -17.39 2.84 36.62
N THR A 346 -16.18 3.31 36.21
CA THR A 346 -15.09 3.55 37.11
C THR A 346 -14.22 4.58 36.44
N LYS A 347 -13.49 5.38 37.25
CA LYS A 347 -12.49 6.30 36.78
C LYS A 347 -11.18 5.57 36.60
N GLY A 348 -10.20 6.26 36.00
CA GLY A 348 -8.89 5.72 35.80
C GLY A 348 -8.22 6.58 34.78
N TYR A 349 -7.09 6.07 34.25
CA TYR A 349 -6.34 6.72 33.21
C TYR A 349 -5.39 5.61 32.87
N ALA A 350 -5.80 4.74 31.92
CA ALA A 350 -5.06 3.56 31.56
C ALA A 350 -5.12 3.39 30.08
N GLY A 351 -4.21 2.54 29.54
CA GLY A 351 -4.13 2.23 28.14
C GLY A 351 -2.92 2.88 27.55
N THR A 352 -2.84 2.81 26.21
CA THR A 352 -1.75 3.35 25.44
C THR A 352 -2.35 4.59 24.82
N PRO A 353 -1.75 5.78 24.91
CA PRO A 353 -2.23 7.00 24.28
C PRO A 353 -2.58 6.87 22.82
N GLY A 354 -3.76 7.40 22.41
CA GLY A 354 -4.24 7.36 21.05
C GLY A 354 -5.28 6.28 20.91
N PHE A 355 -5.31 5.35 21.89
CA PHE A 355 -6.27 4.27 22.00
C PHE A 355 -7.05 4.55 23.26
N MET A 356 -6.96 5.81 23.74
CA MET A 356 -7.63 6.33 24.90
C MET A 356 -8.82 7.07 24.37
N ALA A 357 -9.97 6.93 25.06
CA ALA A 357 -11.24 7.47 24.63
C ALA A 357 -11.41 8.80 25.32
N PRO A 358 -12.25 9.72 24.84
CA PRO A 358 -12.52 11.00 25.44
C PRO A 358 -12.80 11.02 26.93
N GLU A 359 -13.71 10.13 27.41
CA GLU A 359 -14.06 9.95 28.80
C GLU A 359 -12.90 9.72 29.73
N LEU A 360 -11.96 8.86 29.27
CA LEU A 360 -10.80 8.42 29.99
C LEU A 360 -9.83 9.54 30.21
N LEU A 361 -9.58 10.34 29.14
CA LEU A 361 -8.68 11.47 29.14
C LEU A 361 -9.13 12.56 30.08
N LEU A 362 -10.47 12.75 30.21
CA LEU A 362 -11.06 13.78 31.04
C LEU A 362 -11.19 13.32 32.47
N GLY A 363 -10.81 12.05 32.76
CA GLY A 363 -10.75 11.51 34.11
C GLY A 363 -12.10 11.21 34.66
N GLU A 364 -13.11 11.07 33.77
CA GLU A 364 -14.49 10.84 34.12
C GLU A 364 -14.67 9.36 34.28
N GLU A 365 -15.79 8.96 34.92
CA GLU A 365 -16.22 7.58 34.97
C GLU A 365 -16.66 7.13 33.60
N TYR A 366 -16.37 5.85 33.25
CA TYR A 366 -16.67 5.32 31.95
C TYR A 366 -16.94 3.86 32.09
N ASP A 367 -17.78 3.31 31.19
CA ASP A 367 -18.07 1.90 31.09
C ASP A 367 -17.19 1.30 30.02
N PHE A 368 -17.65 0.18 29.44
CA PHE A 368 -17.10 -0.60 28.37
C PHE A 368 -16.76 0.16 27.11
N SER A 369 -17.37 1.37 26.95
CA SER A 369 -17.30 2.26 25.81
C SER A 369 -15.94 2.55 25.28
N VAL A 370 -14.93 2.73 26.17
CA VAL A 370 -13.58 3.13 25.82
C VAL A 370 -12.89 2.12 24.92
N ASP A 371 -13.23 0.81 25.07
CA ASP A 371 -12.70 -0.28 24.29
C ASP A 371 -13.20 -0.24 22.87
N TYR A 372 -14.46 0.21 22.68
CA TYR A 372 -15.07 0.38 21.38
C TYR A 372 -14.50 1.57 20.64
N PHE A 373 -14.01 2.59 21.38
CA PHE A 373 -13.31 3.71 20.79
C PHE A 373 -12.00 3.22 20.20
N ALA A 374 -11.28 2.37 20.97
CA ALA A 374 -10.03 1.75 20.59
C ALA A 374 -10.18 0.86 19.36
N LEU A 375 -11.31 0.12 19.25
CA LEU A 375 -11.66 -0.72 18.10
C LEU A 375 -11.75 0.08 16.83
N GLY A 376 -12.33 1.31 16.91
CA GLY A 376 -12.49 2.24 15.83
C GLY A 376 -11.15 2.69 15.31
N VAL A 377 -10.25 3.07 16.25
CA VAL A 377 -8.87 3.45 15.98
C VAL A 377 -8.13 2.34 15.29
N THR A 378 -8.35 1.07 15.73
CA THR A 378 -7.69 -0.11 15.21
C THR A 378 -8.06 -0.40 13.77
N LEU A 379 -9.38 -0.50 13.44
CA LEU A 379 -9.86 -0.71 12.09
C LEU A 379 -9.44 0.36 11.12
N TYR A 380 -9.46 1.64 11.56
CA TYR A 380 -9.07 2.78 10.75
C TYR A 380 -7.60 2.69 10.38
N GLU A 381 -6.76 2.31 11.37
CA GLU A 381 -5.33 2.17 11.26
C GLU A 381 -4.91 1.03 10.37
N MET A 382 -5.70 -0.07 10.33
CA MET A 382 -5.46 -1.21 9.46
C MET A 382 -5.51 -0.84 7.99
N ILE A 383 -6.45 0.07 7.63
CA ILE A 383 -6.76 0.38 6.26
C ILE A 383 -5.96 1.56 5.77
N ALA A 384 -5.78 2.60 6.60
CA ALA A 384 -5.16 3.83 6.14
C ALA A 384 -3.70 3.89 6.50
N ALA A 385 -3.24 2.97 7.38
CA ALA A 385 -1.88 2.87 7.88
C ALA A 385 -1.57 3.99 8.84
N ARG A 386 -2.62 4.66 9.37
CA ARG A 386 -2.48 5.71 10.34
C ARG A 386 -3.71 5.72 11.17
N GLY A 387 -3.58 6.20 12.44
CA GLY A 387 -4.69 6.35 13.34
C GLY A 387 -5.53 7.53 12.91
N PRO A 388 -6.67 7.78 13.51
CA PRO A 388 -7.48 8.94 13.20
C PRO A 388 -6.87 10.22 13.69
N PHE A 389 -5.99 10.12 14.73
CA PHE A 389 -5.56 11.24 15.52
C PHE A 389 -4.08 11.46 15.36
N ARG A 390 -3.44 10.81 14.36
CA ARG A 390 -2.05 11.02 14.06
C ARG A 390 -1.78 10.52 12.67
N ALA A 391 -0.65 10.98 12.07
CA ALA A 391 -0.18 10.62 10.75
C ALA A 391 0.44 9.25 10.73
N ARG A 392 0.81 8.77 9.50
CA ARG A 392 1.28 7.43 9.28
C ARG A 392 2.71 7.28 9.69
N GLY A 393 2.97 6.33 10.63
CA GLY A 393 4.27 6.03 11.17
C GLY A 393 4.78 7.13 12.06
N GLU A 394 3.86 7.92 12.66
CA GLU A 394 4.18 9.02 13.53
C GLU A 394 3.07 9.09 14.52
N LYS A 395 3.37 9.62 15.73
CA LYS A 395 2.37 9.84 16.73
C LYS A 395 2.84 11.05 17.47
N VAL A 396 1.93 12.02 17.68
CA VAL A 396 2.19 13.25 18.39
C VAL A 396 2.27 12.99 19.87
N GLU A 397 2.96 13.91 20.60
CA GLU A 397 3.13 13.92 22.05
C GLU A 397 1.82 13.82 22.76
N ASN A 398 1.83 13.35 24.03
CA ASN A 398 0.66 12.99 24.80
C ASN A 398 -0.32 14.13 24.96
N LYS A 399 0.17 15.35 25.27
CA LYS A 399 -0.66 16.53 25.44
C LYS A 399 -1.45 16.90 24.21
N GLU A 400 -0.80 16.86 23.02
CA GLU A 400 -1.42 17.15 21.76
C GLU A 400 -2.36 16.07 21.34
N LEU A 401 -2.00 14.80 21.61
CA LEU A 401 -2.76 13.60 21.31
C LEU A 401 -4.07 13.59 22.05
N LYS A 402 -4.06 14.03 23.33
CA LYS A 402 -5.24 14.20 24.14
C LYS A 402 -6.18 15.21 23.54
N GLN A 403 -5.63 16.33 22.99
CA GLN A 403 -6.44 17.33 22.32
C GLN A 403 -7.03 16.80 21.03
N ARG A 404 -6.27 15.99 20.24
CA ARG A 404 -6.74 15.39 19.01
C ARG A 404 -7.93 14.50 19.24
N VAL A 405 -7.86 13.59 20.24
CA VAL A 405 -8.90 12.65 20.58
C VAL A 405 -10.19 13.34 20.97
N LEU A 406 -10.07 14.44 21.74
CA LEU A 406 -11.20 15.19 22.25
C LEU A 406 -11.88 16.07 21.23
N GLU A 407 -11.14 16.60 20.23
CA GLU A 407 -11.64 17.70 19.42
C GLU A 407 -11.83 17.38 17.98
N GLN A 408 -10.96 16.50 17.39
CA GLN A 408 -10.93 16.28 15.95
C GLN A 408 -12.16 15.58 15.45
N ALA A 409 -12.58 15.96 14.21
CA ALA A 409 -13.59 15.29 13.46
C ALA A 409 -12.82 14.49 12.46
N VAL A 410 -12.95 13.14 12.55
CA VAL A 410 -12.21 12.17 11.77
C VAL A 410 -12.51 12.34 10.29
N THR A 411 -11.44 12.27 9.46
CA THR A 411 -11.53 12.37 8.02
C THR A 411 -11.26 10.99 7.49
N TYR A 412 -12.03 10.58 6.45
CA TYR A 412 -12.01 9.24 5.93
C TYR A 412 -11.81 9.31 4.44
N PRO A 413 -10.79 8.65 3.87
CA PRO A 413 -10.65 8.46 2.43
C PRO A 413 -11.82 7.72 1.82
N ASP A 414 -11.95 7.75 0.48
CA ASP A 414 -13.02 7.08 -0.22
C ASP A 414 -12.53 5.71 -0.63
N LYS A 415 -11.30 5.34 -0.21
CA LYS A 415 -10.71 4.02 -0.35
C LYS A 415 -11.53 3.06 0.49
N PHE A 416 -11.99 3.54 1.67
CA PHE A 416 -12.93 2.89 2.55
C PHE A 416 -14.23 2.64 1.85
N SER A 417 -14.85 1.47 2.15
CA SER A 417 -16.21 1.15 1.81
C SER A 417 -17.14 2.15 2.49
N PRO A 418 -18.32 2.48 1.97
CA PRO A 418 -19.32 3.29 2.66
C PRO A 418 -19.76 2.64 3.96
N ALA A 419 -19.95 1.29 3.93
CA ALA A 419 -20.29 0.51 5.10
C ALA A 419 -19.23 0.58 6.18
N SER A 420 -17.93 0.49 5.81
CA SER A 420 -16.82 0.52 6.75
C SER A 420 -16.64 1.89 7.33
N LYS A 421 -16.84 2.96 6.51
CA LYS A 421 -16.80 4.35 6.90
C LYS A 421 -17.79 4.61 7.99
N ASP A 422 -19.06 4.20 7.76
CA ASP A 422 -20.17 4.36 8.66
C ASP A 422 -19.90 3.67 9.98
N PHE A 423 -19.34 2.44 9.92
CA PHE A 423 -18.97 1.64 11.07
C PHE A 423 -17.92 2.31 11.93
N CYS A 424 -16.86 2.89 11.32
CA CYS A 424 -15.81 3.61 11.99
C CYS A 424 -16.33 4.83 12.69
N GLU A 425 -17.20 5.62 12.01
CA GLU A 425 -17.88 6.77 12.56
C GLU A 425 -18.68 6.48 13.80
N ALA A 426 -19.41 5.33 13.81
CA ALA A 426 -20.20 4.90 14.94
C ALA A 426 -19.38 4.59 16.17
N LEU A 427 -18.16 4.04 16.00
CA LEU A 427 -17.28 3.68 17.08
C LEU A 427 -16.47 4.84 17.59
N LEU A 428 -16.16 5.80 16.70
CA LEU A 428 -15.32 6.94 16.97
C LEU A 428 -16.17 8.11 17.39
N GLN A 429 -17.49 7.88 17.57
CA GLN A 429 -18.44 8.77 18.17
C GLN A 429 -18.02 9.07 19.59
N LYS A 430 -17.66 10.35 19.86
CA LYS A 430 -17.12 10.84 21.12
C LYS A 430 -18.04 10.69 22.30
N ASP A 431 -19.36 10.91 22.11
CA ASP A 431 -20.38 10.72 23.12
C ASP A 431 -20.51 9.24 23.40
N PRO A 432 -20.27 8.70 24.60
CA PRO A 432 -20.33 7.27 24.88
C PRO A 432 -21.72 6.73 24.70
N GLU A 433 -22.76 7.54 25.03
CA GLU A 433 -24.16 7.19 24.92
C GLU A 433 -24.59 6.83 23.52
N LYS A 434 -23.96 7.48 22.50
CA LYS A 434 -24.28 7.30 21.10
C LYS A 434 -23.29 6.39 20.42
N ARG A 435 -22.32 5.83 21.18
CA ARG A 435 -21.26 5.02 20.65
C ARG A 435 -21.76 3.63 20.51
N LEU A 436 -21.57 3.02 19.31
CA LEU A 436 -21.98 1.67 19.01
C LEU A 436 -21.18 0.71 19.85
N GLY A 437 -21.84 -0.34 20.38
CA GLY A 437 -21.19 -1.30 21.23
C GLY A 437 -22.16 -1.68 22.28
N PHE A 438 -21.62 -2.24 23.39
CA PHE A 438 -22.35 -2.83 24.49
C PHE A 438 -22.80 -1.75 25.43
N ARG A 439 -23.99 -1.17 25.12
CA ARG A 439 -24.66 -0.15 25.88
C ARG A 439 -25.78 -0.84 26.61
N ASP A 440 -25.63 -2.17 26.82
CA ASP A 440 -26.44 -3.04 27.63
C ASP A 440 -27.46 -3.67 26.72
N GLY A 441 -27.25 -4.97 26.41
CA GLY A 441 -28.09 -5.75 25.54
C GLY A 441 -27.83 -5.38 24.11
N SER A 442 -26.55 -5.10 23.77
CA SER A 442 -26.19 -4.72 22.43
C SER A 442 -24.73 -5.03 22.20
N CYS A 443 -24.25 -6.16 22.76
CA CYS A 443 -23.02 -6.80 22.34
C CYS A 443 -23.11 -7.25 20.90
N ASP A 444 -24.27 -7.83 20.52
CA ASP A 444 -24.53 -8.35 19.20
C ASP A 444 -25.33 -7.32 18.42
N GLY A 445 -25.55 -6.12 19.01
CA GLY A 445 -26.17 -4.99 18.34
C GLY A 445 -25.20 -4.39 17.38
N LEU A 446 -23.90 -4.38 17.76
CA LEU A 446 -22.77 -3.97 16.95
C LEU A 446 -22.65 -4.81 15.70
N ARG A 447 -22.81 -6.14 15.85
CA ARG A 447 -22.73 -7.15 14.81
C ARG A 447 -23.76 -7.04 13.71
N THR A 448 -24.79 -6.18 13.88
CA THR A 448 -25.91 -6.04 12.97
C THR A 448 -25.58 -5.05 11.88
N HIS A 449 -24.46 -4.29 12.02
CA HIS A 449 -24.05 -3.25 11.09
C HIS A 449 -23.84 -3.85 9.70
N PRO A 450 -24.25 -3.20 8.59
CA PRO A 450 -24.21 -3.76 7.25
C PRO A 450 -22.84 -4.18 6.76
N LEU A 451 -21.75 -3.62 7.33
CA LEU A 451 -20.37 -3.97 7.07
C LEU A 451 -20.07 -5.44 7.13
N PHE A 452 -20.78 -6.17 8.01
CA PHE A 452 -20.51 -7.56 8.33
C PHE A 452 -21.42 -8.48 7.58
N ARG A 453 -22.02 -8.01 6.45
CA ARG A 453 -22.85 -8.83 5.59
C ARG A 453 -21.98 -9.88 4.92
N ASP A 454 -20.73 -9.48 4.58
CA ASP A 454 -19.70 -10.29 3.96
C ASP A 454 -19.30 -11.43 4.87
N ILE A 455 -19.12 -11.10 6.17
CA ILE A 455 -18.71 -11.99 7.22
C ILE A 455 -19.89 -12.84 7.62
N SER A 456 -19.63 -14.10 8.04
CA SER A 456 -20.63 -14.96 8.62
C SER A 456 -20.10 -15.18 10.01
N TRP A 457 -20.83 -14.66 11.03
CA TRP A 457 -20.38 -14.62 12.40
C TRP A 457 -20.30 -15.96 13.06
N ARG A 458 -21.26 -16.86 12.75
CA ARG A 458 -21.35 -18.16 13.36
C ARG A 458 -20.14 -19.02 13.01
N GLN A 459 -19.70 -18.92 11.73
CA GLN A 459 -18.55 -19.64 11.22
C GLN A 459 -17.25 -19.01 11.64
N LEU A 460 -17.21 -17.66 11.76
CA LEU A 460 -16.06 -16.91 12.21
C LEU A 460 -15.63 -17.29 13.61
N GLU A 461 -16.63 -17.34 14.53
CA GLU A 461 -16.49 -17.69 15.91
C GLU A 461 -16.09 -19.14 16.11
N ALA A 462 -16.37 -20.01 15.11
CA ALA A 462 -16.07 -21.42 15.18
C ALA A 462 -14.76 -21.70 14.47
N GLY A 463 -14.13 -20.66 13.88
CA GLY A 463 -12.83 -20.73 13.27
C GLY A 463 -12.83 -21.47 11.95
N MET A 464 -13.94 -21.36 11.18
CA MET A 464 -14.14 -22.13 9.98
C MET A 464 -13.96 -21.27 8.76
N LEU A 465 -13.77 -19.93 8.95
CA LEU A 465 -13.58 -19.03 7.85
C LEU A 465 -12.11 -18.86 7.67
N THR A 466 -11.66 -18.99 6.40
CA THR A 466 -10.27 -18.92 6.01
C THR A 466 -9.70 -17.53 6.26
N PRO A 467 -8.43 -17.38 6.64
CA PRO A 467 -7.84 -16.08 6.86
C PRO A 467 -7.35 -15.56 5.52
N PRO A 468 -7.36 -14.26 5.22
CA PRO A 468 -6.94 -13.74 3.92
C PRO A 468 -5.45 -13.85 3.72
N PHE A 469 -4.64 -13.67 4.78
CA PHE A 469 -3.20 -13.75 4.72
C PHE A 469 -2.82 -14.84 5.67
N VAL A 470 -1.85 -15.68 5.26
CA VAL A 470 -1.37 -16.78 6.04
C VAL A 470 0.09 -16.48 6.33
N PRO A 471 0.51 -16.22 7.57
CA PRO A 471 1.90 -15.98 7.93
C PRO A 471 2.76 -17.18 7.61
N ASP A 472 3.98 -16.95 7.05
CA ASP A 472 4.97 -17.98 6.82
C ASP A 472 5.42 -18.57 8.15
N SER A 473 5.61 -19.91 8.19
CA SER A 473 5.95 -20.64 9.38
C SER A 473 7.44 -20.86 9.49
N ARG A 474 8.21 -20.39 8.49
CA ARG A 474 9.64 -20.50 8.49
C ARG A 474 10.25 -19.15 8.59
N THR A 475 9.68 -18.13 7.89
CA THR A 475 10.19 -16.78 7.98
C THR A 475 9.40 -16.15 9.10
N VAL A 476 10.05 -16.08 10.29
CA VAL A 476 9.47 -15.56 11.51
C VAL A 476 9.33 -14.07 11.40
N TYR A 477 8.27 -13.53 12.05
CA TYR A 477 7.94 -12.13 12.01
C TYR A 477 7.96 -11.64 13.42
N ALA A 478 8.62 -10.47 13.63
CA ALA A 478 8.78 -9.76 14.88
C ALA A 478 9.93 -8.83 14.63
N LYS A 479 9.89 -7.62 15.23
CA LYS A 479 10.94 -6.63 15.13
C LYS A 479 12.23 -7.11 15.74
N ASN A 480 13.36 -6.80 15.06
CA ASN A 480 14.75 -7.04 15.42
C ASN A 480 15.13 -6.70 16.84
N ILE A 481 16.30 -7.24 17.25
CA ILE A 481 16.81 -7.22 18.60
C ILE A 481 17.73 -6.03 18.76
N GLN A 482 18.03 -5.31 17.65
CA GLN A 482 18.81 -4.09 17.68
C GLN A 482 17.90 -2.94 17.38
N ASP A 483 16.58 -3.21 17.22
CA ASP A 483 15.57 -2.21 16.91
C ASP A 483 14.63 -2.14 18.09
N VAL A 484 15.06 -2.68 19.26
CA VAL A 484 14.38 -2.55 20.53
C VAL A 484 14.27 -1.11 20.96
N GLY A 485 13.20 -0.79 21.72
CA GLY A 485 12.89 0.53 22.21
C GLY A 485 13.91 0.99 23.22
N ALA A 486 13.81 2.27 23.63
CA ALA A 486 14.71 2.86 24.59
C ALA A 486 13.90 3.32 25.75
N PHE A 487 14.31 2.89 26.96
CA PHE A 487 13.64 3.22 28.18
C PHE A 487 14.71 3.09 29.24
N GLU A 488 14.59 3.90 30.31
CA GLU A 488 15.53 3.97 31.40
C GLU A 488 15.57 2.68 32.17
N GLU A 489 16.77 2.33 32.66
CA GLU A 489 16.96 1.30 33.63
C GLU A 489 17.83 1.95 34.66
N VAL A 490 17.86 1.38 35.89
CA VAL A 490 18.16 2.10 37.11
C VAL A 490 19.54 2.71 37.11
N LYS A 491 19.65 3.92 37.72
CA LYS A 491 20.84 4.71 37.77
C LYS A 491 21.45 4.62 39.14
N GLY A 492 21.10 3.56 39.91
CA GLY A 492 21.66 3.30 41.21
C GLY A 492 20.55 3.00 42.17
N VAL A 493 19.30 2.83 41.65
CA VAL A 493 18.10 2.89 42.44
C VAL A 493 17.93 1.51 43.04
N ALA A 494 17.79 1.45 44.38
CA ALA A 494 17.93 0.23 45.14
C ALA A 494 16.59 -0.15 45.69
N PHE A 495 16.29 -1.47 45.63
CA PHE A 495 15.04 -2.08 45.96
C PHE A 495 14.70 -1.94 47.42
N GLU A 496 13.39 -1.80 47.72
CA GLU A 496 12.83 -1.88 49.03
C GLU A 496 12.59 -3.32 49.36
N LYS A 497 12.42 -3.63 50.68
CA LYS A 497 12.02 -4.93 51.18
C LYS A 497 10.73 -5.40 50.54
N ALA A 498 9.76 -4.47 50.38
CA ALA A 498 8.47 -4.63 49.76
C ALA A 498 8.54 -5.15 48.35
N ASP A 499 9.48 -4.60 47.54
CA ASP A 499 9.74 -4.98 46.16
C ASP A 499 10.16 -6.42 46.05
N THR A 500 11.14 -6.84 46.91
CA THR A 500 11.65 -8.19 47.01
C THR A 500 10.56 -9.20 47.34
N GLU A 501 9.64 -8.81 48.25
CA GLU A 501 8.52 -9.61 48.69
C GLU A 501 7.52 -9.79 47.60
N PHE A 502 7.29 -8.75 46.76
CA PHE A 502 6.45 -8.79 45.59
C PHE A 502 6.99 -9.75 44.56
N PHE A 503 8.32 -9.74 44.35
CA PHE A 503 9.01 -10.57 43.39
C PHE A 503 8.85 -12.04 43.74
N GLN A 504 9.02 -12.37 45.04
CA GLN A 504 8.81 -13.70 45.59
C GLN A 504 7.38 -14.18 45.41
N GLU A 505 6.41 -13.27 45.66
CA GLU A 505 4.98 -13.51 45.60
C GLU A 505 4.51 -13.82 44.21
N PHE A 506 5.03 -13.06 43.22
CA PHE A 506 4.76 -13.23 41.81
C PHE A 506 5.05 -14.63 41.34
N ALA A 507 6.23 -15.18 41.72
CA ALA A 507 6.67 -16.51 41.38
C ALA A 507 5.80 -17.53 42.05
N SER A 508 5.52 -18.65 41.34
CA SER A 508 4.59 -19.63 41.79
C SER A 508 4.86 -20.88 40.99
N GLU B 4 -38.73 -6.16 -10.49
CA GLU B 4 -37.31 -6.01 -10.51
C GLU B 4 -36.98 -5.21 -11.74
N VAL B 5 -37.72 -5.48 -12.85
CA VAL B 5 -37.69 -4.69 -14.05
C VAL B 5 -38.79 -3.67 -14.00
N GLN B 6 -39.58 -3.66 -12.90
CA GLN B 6 -40.73 -2.81 -12.75
C GLN B 6 -40.28 -1.65 -11.90
N LEU B 7 -39.61 -0.69 -12.57
CA LEU B 7 -39.16 0.53 -12.00
C LEU B 7 -39.35 1.48 -13.14
N VAL B 8 -40.64 1.74 -13.43
CA VAL B 8 -41.12 2.57 -14.50
C VAL B 8 -41.47 3.93 -13.96
N GLU B 9 -40.82 5.01 -14.45
CA GLU B 9 -41.18 6.37 -14.12
C GLU B 9 -42.60 6.66 -14.56
N SER B 10 -43.39 7.31 -13.68
CA SER B 10 -44.76 7.65 -13.97
C SER B 10 -44.98 9.07 -13.50
N GLY B 11 -44.15 9.99 -14.04
CA GLY B 11 -44.16 11.39 -13.71
C GLY B 11 -44.27 12.15 -15.00
N GLY B 12 -44.96 11.54 -15.99
CA GLY B 12 -45.21 12.07 -17.32
C GLY B 12 -45.99 13.35 -17.38
N GLY B 13 -46.39 13.71 -18.62
CA GLY B 13 -47.10 14.93 -18.92
C GLY B 13 -46.12 16.01 -19.23
N LEU B 14 -46.48 16.87 -20.20
CA LEU B 14 -45.80 18.11 -20.52
C LEU B 14 -45.93 19.13 -19.42
N VAL B 15 -44.89 19.98 -19.27
CA VAL B 15 -44.83 20.95 -18.22
C VAL B 15 -44.08 22.11 -18.80
N GLN B 16 -44.55 23.33 -18.48
CA GLN B 16 -44.04 24.58 -19.00
C GLN B 16 -42.65 24.85 -18.47
N PRO B 17 -41.77 25.58 -19.17
CA PRO B 17 -40.46 25.98 -18.67
C PRO B 17 -40.50 26.70 -17.35
N GLY B 18 -39.68 26.23 -16.37
CA GLY B 18 -39.58 26.80 -15.05
C GLY B 18 -40.53 26.12 -14.10
N GLY B 19 -41.29 25.12 -14.59
CA GLY B 19 -42.34 24.45 -13.86
C GLY B 19 -41.78 23.33 -13.06
N SER B 20 -42.67 22.42 -12.59
CA SER B 20 -42.29 21.36 -11.71
C SER B 20 -43.20 20.21 -11.96
N LEU B 21 -42.65 18.99 -11.83
CA LEU B 21 -43.40 17.76 -11.81
C LEU B 21 -42.64 16.94 -10.83
N ARG B 22 -43.35 16.06 -10.10
CA ARG B 22 -42.73 15.19 -9.16
C ARG B 22 -42.62 13.87 -9.86
N LEU B 23 -41.40 13.58 -10.40
CA LEU B 23 -41.04 12.35 -11.07
C LEU B 23 -41.12 11.24 -10.06
N SER B 24 -41.81 10.12 -10.37
CA SER B 24 -42.09 9.13 -9.36
C SER B 24 -41.90 7.74 -9.87
N CYS B 25 -40.91 7.01 -9.28
CA CYS B 25 -40.47 5.71 -9.73
C CYS B 25 -41.47 4.70 -9.23
N ALA B 26 -42.01 3.84 -10.13
CA ALA B 26 -42.96 2.80 -9.79
C ALA B 26 -42.24 1.56 -9.28
N ALA B 27 -41.25 1.74 -8.39
CA ALA B 27 -40.32 0.76 -7.88
C ALA B 27 -41.00 -0.38 -7.16
N SER B 28 -40.62 -1.62 -7.53
CA SER B 28 -41.15 -2.82 -6.94
C SER B 28 -40.33 -3.97 -7.44
N GLY B 29 -40.27 -5.06 -6.64
CA GLY B 29 -39.52 -6.26 -6.94
C GLY B 29 -38.07 -6.13 -6.55
N PHE B 30 -37.76 -5.14 -5.69
CA PHE B 30 -36.45 -4.96 -5.14
C PHE B 30 -36.67 -4.10 -3.93
N ASN B 31 -35.63 -3.97 -3.08
CA ASN B 31 -35.68 -3.16 -1.88
C ASN B 31 -34.69 -2.05 -2.03
N PHE B 32 -35.07 -0.86 -1.53
CA PHE B 32 -34.35 0.37 -1.69
C PHE B 32 -33.74 0.55 -0.33
N SER B 33 -32.79 -0.37 -0.02
CA SER B 33 -32.07 -0.41 1.23
C SER B 33 -30.78 -1.15 0.97
N SER B 34 -30.40 -1.27 -0.32
CA SER B 34 -29.17 -1.93 -0.70
C SER B 34 -28.81 -1.51 -2.10
N TYR B 35 -29.58 -0.57 -2.70
CA TYR B 35 -29.40 -0.15 -4.07
C TYR B 35 -29.63 1.33 -4.05
N SER B 36 -29.21 2.01 -5.14
CA SER B 36 -29.32 3.44 -5.27
C SER B 36 -30.01 3.66 -6.57
N ILE B 37 -31.16 4.37 -6.52
CA ILE B 37 -32.19 4.34 -7.53
C ILE B 37 -32.13 5.68 -8.22
N HIS B 38 -30.97 5.95 -8.86
CA HIS B 38 -30.65 7.24 -9.42
C HIS B 38 -31.07 7.26 -10.86
N TRP B 39 -31.47 8.45 -11.36
CA TRP B 39 -32.26 8.55 -12.56
C TRP B 39 -31.32 8.67 -13.72
N VAL B 40 -31.52 7.77 -14.70
CA VAL B 40 -30.80 7.71 -15.95
C VAL B 40 -31.79 8.10 -17.01
N ARG B 41 -31.42 9.08 -17.87
CA ARG B 41 -32.35 9.65 -18.80
C ARG B 41 -31.94 9.41 -20.23
N GLN B 42 -32.75 8.61 -20.98
CA GLN B 42 -32.49 8.36 -22.37
C GLN B 42 -33.14 9.47 -23.13
N ALA B 43 -32.39 10.54 -23.47
CA ALA B 43 -32.88 11.66 -24.24
C ALA B 43 -33.12 11.15 -25.66
N PRO B 44 -34.18 11.56 -26.37
CA PRO B 44 -34.60 10.95 -27.62
C PRO B 44 -33.56 11.06 -28.72
N GLY B 45 -33.08 9.90 -29.23
CA GLY B 45 -32.03 9.80 -30.24
C GLY B 45 -30.72 10.36 -29.79
N LYS B 46 -30.41 10.21 -28.49
CA LYS B 46 -29.25 10.79 -27.86
C LYS B 46 -28.84 9.84 -26.78
N GLY B 47 -27.62 10.05 -26.24
CA GLY B 47 -26.92 9.06 -25.45
C GLY B 47 -27.36 9.13 -24.02
N LEU B 48 -27.13 8.01 -23.30
CA LEU B 48 -27.49 7.79 -21.92
C LEU B 48 -26.70 8.69 -21.01
N GLU B 49 -27.34 9.21 -19.95
CA GLU B 49 -26.71 10.12 -19.03
C GLU B 49 -27.22 9.83 -17.65
N TRP B 50 -26.57 10.47 -16.65
CA TRP B 50 -26.79 10.35 -15.24
C TRP B 50 -27.38 11.69 -14.86
N VAL B 51 -28.30 11.72 -13.86
CA VAL B 51 -28.91 12.95 -13.40
C VAL B 51 -28.36 13.29 -12.03
N ALA B 52 -28.60 12.45 -11.01
CA ALA B 52 -28.11 12.75 -9.70
C ALA B 52 -28.22 11.52 -8.87
N TYR B 53 -27.32 11.39 -7.87
CA TYR B 53 -27.17 10.18 -7.10
C TYR B 53 -28.13 10.30 -5.96
N ILE B 54 -28.65 9.15 -5.52
CA ILE B 54 -29.55 9.06 -4.39
C ILE B 54 -29.04 7.84 -3.68
N SER B 55 -29.43 7.66 -2.40
CA SER B 55 -28.93 6.60 -1.60
C SER B 55 -30.06 6.28 -0.69
N SER B 56 -30.05 5.04 -0.14
CA SER B 56 -31.04 4.58 0.79
C SER B 56 -30.70 5.01 2.20
N TYR B 57 -30.05 4.12 2.99
CA TYR B 57 -29.79 4.35 4.39
C TYR B 57 -28.59 5.26 4.55
N TYR B 58 -27.67 5.26 3.57
CA TYR B 58 -26.36 5.85 3.70
C TYR B 58 -26.43 7.35 3.50
N GLY B 59 -27.48 7.83 2.78
CA GLY B 59 -27.85 9.23 2.70
C GLY B 59 -26.81 10.11 2.07
N SER B 60 -26.26 9.69 0.91
CA SER B 60 -25.31 10.46 0.15
C SER B 60 -26.01 10.82 -1.14
N THR B 61 -25.80 12.07 -1.62
CA THR B 61 -26.31 12.52 -2.89
C THR B 61 -25.17 13.23 -3.56
N TYR B 62 -25.27 13.36 -4.90
CA TYR B 62 -24.31 13.99 -5.76
C TYR B 62 -25.17 14.51 -6.88
N TYR B 63 -24.57 15.28 -7.82
CA TYR B 63 -25.27 15.86 -8.94
C TYR B 63 -24.38 15.67 -10.13
N ALA B 64 -25.01 15.63 -11.32
CA ALA B 64 -24.34 15.73 -12.59
C ALA B 64 -24.35 17.20 -12.87
N ASP B 65 -23.27 17.72 -13.50
CA ASP B 65 -23.08 19.14 -13.64
C ASP B 65 -23.79 19.59 -14.88
N SER B 66 -25.01 20.13 -14.69
CA SER B 66 -25.97 20.46 -15.72
C SER B 66 -27.31 20.56 -15.05
N VAL B 67 -27.55 19.71 -14.02
CA VAL B 67 -28.73 19.73 -13.18
C VAL B 67 -28.32 20.06 -11.78
N LYS B 68 -27.07 20.54 -11.59
CA LYS B 68 -26.45 20.69 -10.30
C LYS B 68 -27.07 21.85 -9.56
N GLY B 69 -27.70 21.53 -8.40
CA GLY B 69 -28.28 22.51 -7.51
C GLY B 69 -29.61 22.97 -8.01
N ARG B 70 -30.23 22.19 -8.92
CA ARG B 70 -31.52 22.47 -9.50
C ARG B 70 -32.45 21.45 -8.97
N PHE B 71 -32.49 20.24 -9.60
CA PHE B 71 -33.45 19.22 -9.29
C PHE B 71 -33.10 18.59 -7.97
N THR B 72 -33.99 18.80 -6.98
CA THR B 72 -33.76 18.38 -5.62
C THR B 72 -34.16 16.95 -5.45
N ILE B 73 -33.16 16.11 -5.10
CA ILE B 73 -33.29 14.69 -4.85
C ILE B 73 -34.12 14.51 -3.61
N SER B 74 -34.99 13.49 -3.58
CA SER B 74 -35.83 13.20 -2.45
C SER B 74 -36.03 11.71 -2.48
N ALA B 75 -36.26 11.10 -1.31
CA ALA B 75 -36.20 9.68 -1.12
C ALA B 75 -37.37 9.28 -0.31
N ASP B 76 -37.62 7.95 -0.24
CA ASP B 76 -38.75 7.39 0.43
C ASP B 76 -38.44 5.93 0.46
N THR B 77 -37.77 5.49 1.55
CA THR B 77 -37.27 4.14 1.69
C THR B 77 -38.29 3.30 2.44
N SER B 78 -39.50 3.86 2.69
CA SER B 78 -40.57 3.22 3.41
C SER B 78 -41.57 2.70 2.41
N LYS B 79 -41.30 2.92 1.09
CA LYS B 79 -42.17 2.54 0.01
C LYS B 79 -41.28 2.00 -1.07
N ASN B 80 -39.99 2.42 -1.03
CA ASN B 80 -38.88 1.99 -1.85
C ASN B 80 -38.92 2.71 -3.18
N THR B 81 -39.81 3.72 -3.28
CA THR B 81 -39.92 4.62 -4.40
C THR B 81 -38.97 5.76 -4.18
N ALA B 82 -38.82 6.62 -5.19
CA ALA B 82 -37.87 7.70 -5.12
C ALA B 82 -38.48 8.75 -5.97
N TYR B 83 -38.24 10.03 -5.62
CA TYR B 83 -38.92 11.13 -6.23
C TYR B 83 -37.92 12.19 -6.54
N LEU B 84 -37.83 12.61 -7.81
CA LEU B 84 -36.95 13.70 -8.15
C LEU B 84 -37.83 14.87 -8.43
N GLN B 85 -37.69 15.94 -7.60
CA GLN B 85 -38.36 17.19 -7.76
C GLN B 85 -37.70 17.90 -8.91
N MET B 86 -38.46 18.58 -9.78
CA MET B 86 -37.89 19.29 -10.89
C MET B 86 -38.12 20.73 -10.56
N ASN B 87 -37.01 21.45 -10.28
CA ASN B 87 -37.05 22.80 -9.79
C ASN B 87 -36.17 23.53 -10.74
N SER B 88 -36.70 24.64 -11.32
CA SER B 88 -35.99 25.55 -12.19
C SER B 88 -35.76 24.85 -13.50
N LEU B 89 -36.84 24.20 -14.00
CA LEU B 89 -36.90 23.37 -15.18
C LEU B 89 -36.52 24.14 -16.42
N ARG B 90 -35.78 23.50 -17.35
CA ARG B 90 -35.18 24.16 -18.49
C ARG B 90 -35.40 23.25 -19.66
N ALA B 91 -35.23 23.80 -20.89
CA ALA B 91 -35.25 23.06 -22.13
C ALA B 91 -34.03 22.17 -22.21
N GLU B 92 -34.19 21.01 -22.90
CA GLU B 92 -33.23 19.95 -23.08
C GLU B 92 -33.28 19.00 -21.92
N ASP B 93 -34.44 18.97 -21.23
CA ASP B 93 -34.70 18.10 -20.11
C ASP B 93 -35.85 17.22 -20.53
N THR B 94 -36.06 17.09 -21.86
CA THR B 94 -37.02 16.18 -22.43
C THR B 94 -36.29 14.88 -22.55
N ALA B 95 -36.79 13.83 -21.87
CA ALA B 95 -36.26 12.52 -22.02
C ALA B 95 -37.27 11.58 -21.48
N VAL B 96 -37.15 10.29 -21.88
CA VAL B 96 -37.92 9.21 -21.33
C VAL B 96 -37.14 8.74 -20.12
N TYR B 97 -37.35 9.43 -18.96
CA TYR B 97 -36.67 9.18 -17.70
C TYR B 97 -36.90 7.77 -17.25
N TYR B 98 -35.86 7.14 -16.66
CA TYR B 98 -36.03 5.86 -16.04
C TYR B 98 -35.36 5.97 -14.71
N CYS B 99 -35.78 5.09 -13.78
CA CYS B 99 -35.13 4.90 -12.52
C CYS B 99 -34.45 3.59 -12.69
N ALA B 100 -33.09 3.56 -12.55
CA ALA B 100 -32.32 2.35 -12.67
C ALA B 100 -31.60 2.18 -11.37
N ARG B 101 -31.34 0.90 -11.00
CA ARG B 101 -30.63 0.54 -9.80
C ARG B 101 -29.14 0.75 -9.97
N HIS B 102 -28.35 -0.09 -9.26
CA HIS B 102 -26.92 -0.04 -9.12
C HIS B 102 -26.71 -0.88 -7.91
N GLU B 103 -25.98 -2.00 -8.08
CA GLU B 103 -25.62 -2.89 -6.99
C GLU B 103 -24.67 -2.24 -6.02
N TYR B 104 -24.84 -2.54 -4.72
CA TYR B 104 -23.85 -2.24 -3.70
C TYR B 104 -22.91 -3.43 -3.69
N GLY B 105 -21.63 -3.19 -3.32
CA GLY B 105 -20.57 -4.17 -3.34
C GLY B 105 -20.75 -5.29 -2.36
N TRP B 106 -19.81 -6.26 -2.37
CA TRP B 106 -19.77 -7.31 -1.38
C TRP B 106 -18.32 -7.65 -1.10
N TRP B 107 -17.38 -6.84 -1.63
CA TRP B 107 -16.00 -6.80 -1.23
C TRP B 107 -15.47 -5.45 -1.65
N ASN B 108 -16.41 -4.50 -1.88
CA ASN B 108 -16.20 -3.12 -2.27
C ASN B 108 -16.15 -3.06 -3.77
N ASP B 109 -17.27 -3.50 -4.39
CA ASP B 109 -17.36 -3.83 -5.80
C ASP B 109 -18.37 -2.87 -6.37
N ARG B 110 -18.08 -2.33 -7.57
CA ARG B 110 -19.01 -1.47 -8.28
C ARG B 110 -19.34 -2.19 -9.54
N TRP B 111 -20.65 -2.16 -9.89
CA TRP B 111 -21.22 -2.85 -11.00
C TRP B 111 -21.86 -1.79 -11.84
N GLY B 112 -22.26 -2.18 -13.07
CA GLY B 112 -23.09 -1.39 -13.94
C GLY B 112 -24.50 -1.38 -13.42
N LEU B 113 -25.37 -0.59 -14.08
CA LEU B 113 -26.66 -0.23 -13.55
C LEU B 113 -27.60 -1.30 -14.02
N ASP B 114 -28.14 -2.07 -13.04
CA ASP B 114 -29.08 -3.14 -13.29
C ASP B 114 -30.44 -2.54 -13.53
N TYR B 115 -31.28 -3.32 -14.27
CA TYR B 115 -32.65 -3.08 -14.67
C TYR B 115 -33.09 -1.66 -14.81
N TRP B 116 -33.14 -1.17 -16.07
CA TRP B 116 -33.54 0.16 -16.42
C TRP B 116 -35.00 0.08 -16.76
N GLY B 117 -35.74 1.18 -16.47
CA GLY B 117 -37.18 1.26 -16.58
C GLY B 117 -37.64 1.27 -17.99
N GLN B 118 -38.98 1.34 -18.17
CA GLN B 118 -39.60 1.44 -19.47
C GLN B 118 -39.99 2.88 -19.67
N GLY B 119 -39.98 3.66 -18.56
CA GLY B 119 -40.24 5.07 -18.47
C GLY B 119 -41.56 5.52 -19.03
N THR B 120 -41.77 6.85 -19.00
CA THR B 120 -42.80 7.49 -19.74
C THR B 120 -42.22 8.84 -20.02
N LEU B 121 -42.58 9.44 -21.18
CA LEU B 121 -41.96 10.63 -21.69
C LEU B 121 -42.33 11.80 -20.83
N VAL B 122 -41.32 12.64 -20.51
CA VAL B 122 -41.50 13.87 -19.79
C VAL B 122 -41.03 14.87 -20.79
N THR B 123 -41.88 15.89 -21.07
CA THR B 123 -41.69 16.82 -22.14
C THR B 123 -41.62 18.18 -21.57
N VAL B 124 -40.70 19.01 -22.10
CA VAL B 124 -40.61 20.42 -21.82
C VAL B 124 -41.39 21.09 -22.91
N SER B 125 -42.43 21.87 -22.52
CA SER B 125 -43.42 22.41 -23.41
C SER B 125 -42.90 23.70 -23.99
N SER B 126 -43.60 24.25 -25.00
CA SER B 126 -43.23 25.49 -25.63
C SER B 126 -44.39 25.96 -26.46
N ALA B 127 -45.45 25.13 -26.58
CA ALA B 127 -46.49 25.36 -27.55
C ALA B 127 -47.69 24.59 -27.10
N SER B 128 -48.87 24.98 -27.62
CA SER B 128 -50.14 24.34 -27.34
C SER B 128 -50.34 23.27 -28.36
N THR B 129 -51.34 22.39 -28.14
CA THR B 129 -51.76 21.37 -29.08
C THR B 129 -52.23 21.99 -30.38
N LYS B 130 -51.85 21.39 -31.51
CA LYS B 130 -52.23 21.88 -32.81
C LYS B 130 -52.24 20.65 -33.68
N GLY B 131 -53.20 20.57 -34.63
CA GLY B 131 -53.25 19.52 -35.62
C GLY B 131 -52.25 19.79 -36.72
N PRO B 132 -52.03 18.88 -37.64
CA PRO B 132 -51.11 19.07 -38.73
C PRO B 132 -51.81 19.77 -39.85
N SER B 133 -51.07 20.67 -40.54
CA SER B 133 -51.45 21.09 -41.87
C SER B 133 -50.75 20.09 -42.74
N VAL B 134 -51.47 19.56 -43.76
CA VAL B 134 -50.98 18.50 -44.60
C VAL B 134 -50.96 19.07 -45.97
N PHE B 135 -49.76 19.15 -46.58
CA PHE B 135 -49.56 19.78 -47.86
C PHE B 135 -49.07 18.70 -48.77
N PRO B 136 -49.48 18.62 -50.04
CA PRO B 136 -48.93 17.68 -50.98
C PRO B 136 -47.53 18.10 -51.40
N LEU B 137 -46.59 17.16 -51.46
CA LEU B 137 -45.31 17.32 -52.11
C LEU B 137 -45.47 16.70 -53.47
N ALA B 138 -45.87 17.51 -54.46
CA ALA B 138 -46.17 17.09 -55.81
C ALA B 138 -44.92 16.54 -56.48
N PRO B 139 -44.99 15.51 -57.33
CA PRO B 139 -43.86 15.03 -58.12
C PRO B 139 -43.35 16.11 -59.05
N SER B 140 -42.02 16.10 -59.34
CA SER B 140 -41.42 17.03 -60.27
C SER B 140 -41.63 16.49 -61.64
N SER B 141 -41.87 17.39 -62.62
CA SER B 141 -42.10 17.05 -64.01
C SER B 141 -40.94 17.58 -64.81
N LYS B 142 -39.97 18.25 -64.14
CA LYS B 142 -38.79 18.81 -64.75
C LYS B 142 -37.58 18.03 -64.32
N SER B 143 -37.80 16.98 -63.48
CA SER B 143 -36.78 16.04 -63.12
C SER B 143 -37.50 14.84 -62.59
N THR B 144 -36.79 13.68 -62.54
CA THR B 144 -37.29 12.36 -62.21
C THR B 144 -38.56 12.00 -62.95
N SER B 145 -38.51 12.13 -64.30
CA SER B 145 -39.60 11.85 -65.19
C SER B 145 -39.12 10.70 -66.01
N GLY B 146 -39.97 9.65 -66.11
CA GLY B 146 -39.63 8.38 -66.71
C GLY B 146 -39.00 7.52 -65.64
N GLY B 147 -39.20 6.19 -65.73
CA GLY B 147 -38.71 5.25 -64.75
C GLY B 147 -39.57 5.36 -63.51
N THR B 148 -38.97 5.83 -62.40
CA THR B 148 -39.61 5.94 -61.11
C THR B 148 -39.57 7.39 -60.70
N ALA B 149 -40.72 7.89 -60.20
CA ALA B 149 -40.90 9.24 -59.75
C ALA B 149 -41.26 9.10 -58.29
N ALA B 150 -41.00 10.17 -57.50
CA ALA B 150 -41.34 10.19 -56.10
C ALA B 150 -42.30 11.32 -55.87
N LEU B 151 -43.24 11.12 -54.93
CA LEU B 151 -44.18 12.12 -54.51
C LEU B 151 -44.44 11.81 -53.07
N GLY B 152 -45.09 12.74 -52.34
CA GLY B 152 -45.25 12.53 -50.93
C GLY B 152 -46.15 13.56 -50.34
N CYS B 153 -46.21 13.61 -49.00
CA CYS B 153 -46.95 14.57 -48.24
C CYS B 153 -46.03 15.11 -47.18
N LEU B 154 -46.03 16.45 -47.01
CA LEU B 154 -45.35 17.14 -45.95
C LEU B 154 -46.36 17.37 -44.87
N VAL B 155 -46.11 16.80 -43.67
CA VAL B 155 -47.01 16.88 -42.54
C VAL B 155 -46.33 17.79 -41.55
N LYS B 156 -46.83 19.04 -41.44
CA LYS B 156 -46.10 20.11 -40.84
C LYS B 156 -46.93 20.75 -39.77
N ASP B 157 -46.27 21.17 -38.65
CA ASP B 157 -46.83 22.05 -37.65
C ASP B 157 -47.85 21.38 -36.75
N TYR B 158 -47.53 20.17 -36.24
CA TYR B 158 -48.40 19.45 -35.34
C TYR B 158 -47.65 19.40 -34.04
N PHE B 159 -48.37 19.20 -32.91
CA PHE B 159 -47.73 19.06 -31.63
C PHE B 159 -48.79 18.47 -30.73
N PRO B 160 -48.43 17.69 -29.71
CA PRO B 160 -47.21 16.90 -29.59
C PRO B 160 -47.17 15.82 -30.65
N GLU B 161 -46.01 15.11 -30.76
CA GLU B 161 -45.88 13.83 -31.42
C GLU B 161 -46.78 12.79 -30.76
N PRO B 162 -47.29 11.78 -31.44
CA PRO B 162 -46.96 11.38 -32.79
C PRO B 162 -47.95 11.95 -33.77
N VAL B 163 -47.65 11.74 -35.07
CA VAL B 163 -48.57 11.88 -36.15
C VAL B 163 -48.39 10.58 -36.89
N THR B 164 -49.49 9.99 -37.40
CA THR B 164 -49.45 8.78 -38.20
C THR B 164 -49.74 9.24 -39.60
N VAL B 165 -49.02 8.65 -40.59
CA VAL B 165 -49.23 8.89 -41.99
C VAL B 165 -49.33 7.52 -42.58
N SER B 166 -50.41 7.28 -43.37
CA SER B 166 -50.60 6.08 -44.15
C SER B 166 -50.90 6.57 -45.53
N TRP B 167 -50.85 5.65 -46.52
CA TRP B 167 -51.18 5.95 -47.89
C TRP B 167 -52.26 5.02 -48.31
N ASN B 168 -53.33 5.57 -48.94
CA ASN B 168 -54.46 4.88 -49.51
C ASN B 168 -55.16 3.99 -48.51
N SER B 169 -55.37 4.51 -47.28
CA SER B 169 -56.01 3.85 -46.16
C SER B 169 -55.24 2.64 -45.68
N GLY B 170 -53.89 2.69 -45.78
CA GLY B 170 -53.02 1.61 -45.36
C GLY B 170 -52.80 0.58 -46.42
N ALA B 171 -53.39 0.75 -47.63
CA ALA B 171 -53.26 -0.19 -48.72
C ALA B 171 -51.92 -0.07 -49.40
N LEU B 172 -51.26 1.10 -49.25
CA LEU B 172 -49.97 1.39 -49.81
C LEU B 172 -49.08 1.68 -48.64
N THR B 173 -47.95 0.96 -48.57
CA THR B 173 -46.99 1.01 -47.49
C THR B 173 -45.66 0.56 -48.07
N SER B 174 -45.68 0.03 -49.31
CA SER B 174 -44.50 -0.39 -50.03
C SER B 174 -43.82 0.80 -50.66
N GLY B 175 -42.52 0.98 -50.32
CA GLY B 175 -41.69 2.04 -50.84
C GLY B 175 -41.88 3.32 -50.09
N VAL B 176 -42.71 3.28 -49.01
CA VAL B 176 -43.01 4.43 -48.19
C VAL B 176 -41.88 4.58 -47.20
N HIS B 177 -41.27 5.79 -47.17
CA HIS B 177 -40.28 6.14 -46.18
C HIS B 177 -40.83 7.34 -45.46
N THR B 178 -41.21 7.13 -44.18
CA THR B 178 -41.65 8.15 -43.27
C THR B 178 -40.46 8.48 -42.42
N PHE B 179 -39.90 9.69 -42.62
CA PHE B 179 -38.72 10.16 -41.94
C PHE B 179 -39.00 10.53 -40.50
N PRO B 180 -38.05 10.39 -39.57
CA PRO B 180 -38.04 11.02 -38.25
C PRO B 180 -38.49 12.46 -38.20
N ALA B 181 -39.24 12.84 -37.14
CA ALA B 181 -39.67 14.18 -36.86
C ALA B 181 -38.51 15.07 -36.50
N VAL B 182 -38.51 16.31 -37.05
CA VAL B 182 -37.57 17.36 -36.72
C VAL B 182 -38.37 18.44 -36.08
N LEU B 183 -37.88 18.96 -34.93
CA LEU B 183 -38.46 20.07 -34.22
C LEU B 183 -38.17 21.35 -34.97
N GLN B 184 -39.25 22.05 -35.38
CA GLN B 184 -39.18 23.31 -36.09
C GLN B 184 -38.96 24.41 -35.09
N SER B 185 -38.66 25.63 -35.61
CA SER B 185 -38.36 26.82 -34.85
C SER B 185 -39.52 27.29 -34.00
N SER B 186 -40.76 27.09 -34.50
CA SER B 186 -42.01 27.36 -33.82
C SER B 186 -42.16 26.62 -32.49
N GLY B 187 -41.77 25.33 -32.45
CA GLY B 187 -41.91 24.48 -31.30
C GLY B 187 -42.90 23.42 -31.65
N LEU B 188 -43.07 23.17 -32.96
CA LEU B 188 -44.01 22.23 -33.51
C LEU B 188 -43.19 21.31 -34.37
N TYR B 189 -43.53 20.00 -34.38
CA TYR B 189 -42.85 18.99 -35.14
C TYR B 189 -43.33 18.97 -36.56
N SER B 190 -42.47 18.46 -37.47
CA SER B 190 -42.76 18.33 -38.88
C SER B 190 -41.99 17.13 -39.36
N LEU B 191 -42.55 16.41 -40.36
CA LEU B 191 -41.89 15.32 -41.05
C LEU B 191 -42.45 15.27 -42.42
N SER B 192 -41.74 14.56 -43.34
CA SER B 192 -42.25 14.27 -44.66
C SER B 192 -42.37 12.77 -44.75
N SER B 193 -43.37 12.31 -45.51
CA SER B 193 -43.53 10.92 -45.89
C SER B 193 -43.49 10.95 -47.39
N VAL B 194 -42.69 10.05 -47.98
CA VAL B 194 -42.51 10.00 -49.42
C VAL B 194 -42.74 8.59 -49.83
N VAL B 195 -43.08 8.39 -51.12
CA VAL B 195 -43.28 7.08 -51.68
C VAL B 195 -42.76 7.19 -53.08
N THR B 196 -42.11 6.11 -53.56
CA THR B 196 -41.63 5.99 -54.91
C THR B 196 -42.58 5.10 -55.64
N VAL B 197 -43.00 5.55 -56.86
CA VAL B 197 -43.99 4.90 -57.67
C VAL B 197 -43.47 4.97 -59.08
N PRO B 198 -43.93 4.14 -60.02
CA PRO B 198 -43.71 4.33 -61.45
C PRO B 198 -44.16 5.69 -61.94
N SER B 199 -43.33 6.38 -62.76
CA SER B 199 -43.65 7.65 -63.36
C SER B 199 -44.86 7.55 -64.26
N SER B 200 -45.05 6.37 -64.90
CA SER B 200 -46.16 6.06 -65.77
C SER B 200 -47.47 5.85 -65.06
N SER B 201 -47.48 5.61 -63.72
CA SER B 201 -48.70 5.45 -62.97
C SER B 201 -49.26 6.79 -62.58
N LEU B 202 -48.42 7.85 -62.65
CA LEU B 202 -48.80 9.18 -62.25
C LEU B 202 -49.41 9.87 -63.43
N GLY B 203 -50.75 10.04 -63.36
CA GLY B 203 -51.55 10.60 -64.42
C GLY B 203 -52.70 9.67 -64.68
N THR B 204 -52.86 8.62 -63.84
CA THR B 204 -53.88 7.63 -64.01
C THR B 204 -54.04 6.88 -62.70
N GLN B 205 -53.40 7.37 -61.62
CA GLN B 205 -53.56 6.78 -60.31
C GLN B 205 -53.47 7.93 -59.36
N THR B 206 -54.38 7.94 -58.35
CA THR B 206 -54.40 8.90 -57.29
C THR B 206 -53.74 8.29 -56.09
N TYR B 207 -52.83 9.06 -55.46
CA TYR B 207 -52.13 8.70 -54.27
C TYR B 207 -52.54 9.71 -53.26
N ILE B 208 -53.19 9.23 -52.17
CA ILE B 208 -53.77 10.06 -51.15
C ILE B 208 -53.09 9.61 -49.89
N CYS B 209 -52.52 10.57 -49.12
CA CYS B 209 -52.01 10.31 -47.80
C CYS B 209 -53.11 10.60 -46.83
N ASN B 210 -53.32 9.66 -45.88
CA ASN B 210 -54.32 9.77 -44.86
C ASN B 210 -53.54 10.01 -43.61
N VAL B 211 -53.69 11.23 -43.04
CA VAL B 211 -52.90 11.69 -41.93
C VAL B 211 -53.86 11.71 -40.78
N ASN B 212 -53.46 11.09 -39.65
CA ASN B 212 -54.24 11.03 -38.44
C ASN B 212 -53.33 11.46 -37.34
N HIS B 213 -53.64 12.63 -36.74
CA HIS B 213 -52.98 13.15 -35.57
C HIS B 213 -53.90 12.95 -34.42
N LYS B 214 -53.64 11.88 -33.62
CA LYS B 214 -54.42 11.51 -32.48
C LYS B 214 -54.51 12.54 -31.36
N PRO B 215 -53.49 13.30 -30.93
CA PRO B 215 -53.64 14.22 -29.80
C PRO B 215 -54.65 15.34 -29.99
N SER B 216 -54.94 15.78 -31.25
CA SER B 216 -55.94 16.79 -31.50
C SER B 216 -57.13 16.18 -32.19
N ASN B 217 -57.07 14.85 -32.49
CA ASN B 217 -58.03 14.09 -33.29
C ASN B 217 -58.30 14.73 -34.63
N THR B 218 -57.22 15.16 -35.33
CA THR B 218 -57.29 15.92 -36.54
C THR B 218 -56.89 14.97 -37.64
N LYS B 219 -57.83 14.67 -38.54
CA LYS B 219 -57.61 13.81 -39.68
C LYS B 219 -57.77 14.61 -40.93
N VAL B 220 -56.76 14.52 -41.83
CA VAL B 220 -56.77 15.22 -43.10
C VAL B 220 -56.32 14.17 -44.09
N ASP B 221 -57.13 13.93 -45.13
CA ASP B 221 -56.75 13.14 -46.27
C ASP B 221 -56.40 14.11 -47.36
N LYS B 222 -55.13 14.09 -47.83
CA LYS B 222 -54.67 15.01 -48.86
C LYS B 222 -54.22 14.21 -50.05
N LYS B 223 -54.94 14.37 -51.18
CA LYS B 223 -54.61 13.86 -52.48
C LYS B 223 -53.39 14.57 -53.04
N VAL B 224 -52.45 13.79 -53.63
CA VAL B 224 -51.23 14.27 -54.21
C VAL B 224 -51.33 13.84 -55.65
N GLU B 225 -51.26 14.82 -56.58
CA GLU B 225 -51.45 14.60 -58.00
C GLU B 225 -50.25 15.24 -58.67
N PRO B 226 -49.91 14.87 -59.91
CA PRO B 226 -49.05 15.62 -60.83
C PRO B 226 -49.20 17.12 -60.82
N LYS B 227 -48.07 17.83 -60.95
CA LYS B 227 -48.06 19.27 -61.06
C LYS B 227 -46.96 19.56 -62.04
N SER B 228 -47.25 20.49 -62.98
CA SER B 228 -46.29 20.97 -63.94
C SER B 228 -46.48 22.46 -64.02
N ASP C 2 -15.50 15.09 -13.44
CA ASP C 2 -15.83 13.74 -13.15
C ASP C 2 -14.70 12.92 -13.72
N ILE C 3 -15.02 11.85 -14.48
CA ILE C 3 -14.07 11.04 -15.18
C ILE C 3 -14.52 11.10 -16.62
N GLN C 4 -13.57 11.42 -17.54
CA GLN C 4 -13.83 11.52 -18.95
C GLN C 4 -13.77 10.11 -19.49
N MET C 5 -14.78 9.72 -20.30
CA MET C 5 -14.81 8.42 -20.90
C MET C 5 -14.76 8.70 -22.38
N THR C 6 -13.74 8.14 -23.06
CA THR C 6 -13.47 8.38 -24.46
C THR C 6 -13.59 7.06 -25.16
N GLN C 7 -14.51 6.94 -26.14
CA GLN C 7 -14.68 5.73 -26.91
C GLN C 7 -14.08 5.89 -28.27
N SER C 8 -13.56 4.77 -28.81
CA SER C 8 -12.99 4.71 -30.13
C SER C 8 -13.39 3.33 -30.62
N PRO C 9 -13.57 3.09 -31.91
CA PRO C 9 -13.94 4.04 -32.96
C PRO C 9 -15.12 4.91 -32.60
N SER C 10 -15.23 6.13 -33.19
CA SER C 10 -16.41 6.96 -33.08
C SER C 10 -17.62 6.29 -33.71
N SER C 11 -17.40 5.69 -34.90
CA SER C 11 -18.37 4.87 -35.59
C SER C 11 -17.55 3.87 -36.34
N LEU C 12 -18.14 2.71 -36.68
CA LEU C 12 -17.49 1.72 -37.49
C LEU C 12 -18.55 1.04 -38.29
N SER C 13 -18.13 0.43 -39.43
CA SER C 13 -19.00 -0.26 -40.33
C SER C 13 -18.32 -1.56 -40.62
N ALA C 14 -18.97 -2.68 -40.24
CA ALA C 14 -18.40 -4.00 -40.39
C ALA C 14 -19.53 -4.88 -40.82
N SER C 15 -19.19 -5.98 -41.53
CA SER C 15 -20.14 -6.91 -42.09
C SER C 15 -20.46 -7.96 -41.07
N VAL C 16 -21.58 -8.68 -41.30
CA VAL C 16 -22.01 -9.81 -40.50
C VAL C 16 -20.97 -10.90 -40.51
N GLY C 17 -20.66 -11.46 -39.31
CA GLY C 17 -19.70 -12.51 -39.10
C GLY C 17 -18.30 -11.99 -39.01
N ASP C 18 -18.11 -10.72 -38.59
CA ASP C 18 -16.81 -10.13 -38.38
C ASP C 18 -16.62 -10.00 -36.91
N ARG C 19 -15.34 -10.03 -36.45
CA ARG C 19 -15.00 -9.77 -35.08
C ARG C 19 -14.71 -8.31 -34.92
N VAL C 20 -15.48 -7.64 -34.04
CA VAL C 20 -15.47 -6.21 -33.86
C VAL C 20 -15.09 -6.02 -32.43
N THR C 21 -14.08 -5.16 -32.16
CA THR C 21 -13.66 -4.83 -30.81
C THR C 21 -13.72 -3.35 -30.76
N ILE C 22 -14.37 -2.80 -29.71
CA ILE C 22 -14.43 -1.38 -29.48
C ILE C 22 -13.74 -1.17 -28.16
N THR C 23 -13.12 0.02 -27.98
CA THR C 23 -12.34 0.32 -26.81
C THR C 23 -12.98 1.53 -26.17
N CYS C 24 -12.76 1.66 -24.85
CA CYS C 24 -13.20 2.78 -24.06
C CYS C 24 -12.09 3.02 -23.09
N ARG C 25 -11.65 4.28 -22.96
CA ARG C 25 -10.59 4.64 -22.05
C ARG C 25 -11.18 5.60 -21.07
N ALA C 26 -11.00 5.28 -19.77
CA ALA C 26 -11.32 6.09 -18.64
C ALA C 26 -10.09 6.90 -18.33
N SER C 27 -10.27 8.18 -17.92
CA SER C 27 -9.17 9.08 -17.65
C SER C 27 -8.52 8.78 -16.30
N GLN C 28 -9.22 8.02 -15.43
CA GLN C 28 -8.71 7.61 -14.15
C GLN C 28 -8.97 6.13 -14.11
N SER C 29 -8.20 5.41 -13.26
CA SER C 29 -8.39 4.00 -13.04
C SER C 29 -9.43 3.86 -11.97
N VAL C 30 -10.46 3.02 -12.24
CA VAL C 30 -11.58 2.80 -11.37
C VAL C 30 -11.54 1.35 -10.96
N SER C 31 -10.41 0.65 -11.24
CA SER C 31 -10.22 -0.77 -11.04
C SER C 31 -11.21 -1.50 -11.93
N SER C 32 -11.71 -2.68 -11.51
CA SER C 32 -12.84 -3.33 -12.14
C SER C 32 -14.07 -2.64 -11.64
N ALA C 33 -14.81 -1.97 -12.56
CA ALA C 33 -15.93 -1.13 -12.22
C ALA C 33 -16.33 -0.40 -13.48
N VAL C 34 -16.44 -1.12 -14.61
CA VAL C 34 -16.81 -0.57 -15.89
C VAL C 34 -17.94 -1.41 -16.39
N ALA C 35 -18.91 -0.78 -17.10
CA ALA C 35 -19.99 -1.51 -17.69
C ALA C 35 -20.05 -1.16 -19.15
N TRP C 36 -20.83 -1.97 -19.90
CA TRP C 36 -21.05 -1.79 -21.31
C TRP C 36 -22.52 -2.02 -21.55
N TYR C 37 -23.13 -1.17 -22.39
CA TYR C 37 -24.53 -1.16 -22.72
C TYR C 37 -24.68 -1.32 -24.19
N GLN C 38 -25.83 -1.91 -24.60
CA GLN C 38 -26.28 -1.93 -25.97
C GLN C 38 -27.51 -1.09 -25.89
N GLN C 39 -27.52 0.00 -26.67
CA GLN C 39 -28.58 0.98 -26.70
C GLN C 39 -29.10 0.99 -28.10
N LYS C 40 -30.42 0.72 -28.24
CA LYS C 40 -31.14 0.75 -29.49
C LYS C 40 -32.17 1.85 -29.32
N PRO C 41 -32.43 2.73 -30.30
CA PRO C 41 -33.32 3.87 -30.16
C PRO C 41 -34.73 3.48 -29.76
N GLY C 42 -35.28 4.13 -28.70
CA GLY C 42 -36.64 3.94 -28.24
C GLY C 42 -36.84 2.62 -27.57
N LYS C 43 -35.81 2.10 -26.87
CA LYS C 43 -35.88 0.87 -26.13
C LYS C 43 -35.14 1.15 -24.86
N ALA C 44 -35.39 0.33 -23.80
CA ALA C 44 -34.62 0.35 -22.59
C ALA C 44 -33.24 -0.20 -22.89
N PRO C 45 -32.11 0.48 -22.62
CA PRO C 45 -30.76 -0.08 -22.63
C PRO C 45 -30.61 -1.43 -21.99
N LYS C 46 -29.83 -2.34 -22.62
CA LYS C 46 -29.53 -3.63 -22.08
C LYS C 46 -28.12 -3.60 -21.59
N LEU C 47 -27.91 -3.99 -20.32
CA LEU C 47 -26.61 -4.13 -19.69
C LEU C 47 -25.96 -5.36 -20.28
N LEU C 48 -24.68 -5.26 -20.68
CA LEU C 48 -23.96 -6.36 -21.29
C LEU C 48 -22.92 -6.88 -20.35
N ILE C 49 -22.15 -5.95 -19.73
CA ILE C 49 -20.94 -6.24 -19.01
C ILE C 49 -21.03 -5.38 -17.78
N TYR C 50 -20.60 -5.92 -16.62
CA TYR C 50 -20.39 -5.18 -15.41
C TYR C 50 -19.02 -5.61 -14.93
N SER C 51 -18.39 -4.78 -14.07
CA SER C 51 -17.10 -5.05 -13.44
C SER C 51 -15.99 -5.32 -14.44
N ALA C 52 -15.89 -4.43 -15.46
CA ALA C 52 -14.92 -4.38 -16.52
C ALA C 52 -14.91 -5.51 -17.53
N SER C 53 -15.48 -6.70 -17.23
CA SER C 53 -15.21 -7.85 -18.06
C SER C 53 -16.10 -9.01 -17.73
N SER C 54 -17.04 -8.87 -16.76
CA SER C 54 -17.87 -9.95 -16.31
C SER C 54 -19.17 -9.80 -17.03
N LEU C 55 -19.66 -10.87 -17.70
CA LEU C 55 -20.90 -10.81 -18.44
C LEU C 55 -22.05 -10.73 -17.48
N TYR C 56 -23.07 -9.93 -17.88
CA TYR C 56 -24.35 -9.85 -17.23
C TYR C 56 -25.18 -11.01 -17.72
N SER C 57 -26.08 -11.52 -16.85
CA SER C 57 -27.00 -12.59 -17.13
C SER C 57 -27.98 -12.22 -18.23
N GLY C 58 -28.30 -13.20 -19.10
CA GLY C 58 -29.20 -13.03 -20.22
C GLY C 58 -28.62 -12.16 -21.30
N VAL C 59 -27.28 -12.22 -21.47
CA VAL C 59 -26.57 -11.54 -22.54
C VAL C 59 -25.92 -12.66 -23.32
N PRO C 60 -26.00 -12.72 -24.65
CA PRO C 60 -25.27 -13.65 -25.51
C PRO C 60 -23.78 -13.74 -25.23
N SER C 61 -23.17 -14.89 -25.57
CA SER C 61 -21.80 -15.19 -25.22
C SER C 61 -20.86 -14.76 -26.31
N ARG C 62 -21.39 -14.13 -27.39
CA ARG C 62 -20.59 -13.50 -28.42
C ARG C 62 -20.06 -12.19 -27.89
N PHE C 63 -20.75 -11.59 -26.89
CA PHE C 63 -20.27 -10.42 -26.20
C PHE C 63 -19.36 -10.91 -25.12
N SER C 64 -18.19 -10.25 -24.98
CA SER C 64 -17.25 -10.51 -23.93
C SER C 64 -16.60 -9.19 -23.66
N GLY C 65 -16.00 -9.05 -22.46
CA GLY C 65 -15.22 -7.88 -22.12
C GLY C 65 -13.94 -8.38 -21.55
N SER C 66 -12.94 -7.49 -21.48
CA SER C 66 -11.65 -7.81 -20.94
C SER C 66 -11.16 -6.59 -20.22
N ARG C 67 -10.02 -6.75 -19.50
CA ARG C 67 -9.15 -5.68 -19.05
C ARG C 67 -9.58 -5.27 -17.66
N SER C 68 -8.74 -4.44 -16.99
CA SER C 68 -9.02 -3.94 -15.67
C SER C 68 -8.10 -2.77 -15.40
N GLY C 69 -7.36 -2.31 -16.45
CA GLY C 69 -6.51 -1.14 -16.42
C GLY C 69 -7.36 0.09 -16.64
N THR C 70 -6.89 1.01 -17.49
CA THR C 70 -7.59 2.24 -17.80
C THR C 70 -8.24 2.09 -19.15
N ASP C 71 -7.81 1.05 -19.92
CA ASP C 71 -8.22 0.80 -21.28
C ASP C 71 -9.06 -0.45 -21.22
N PHE C 72 -10.37 -0.31 -21.50
CA PHE C 72 -11.36 -1.35 -21.37
C PHE C 72 -11.79 -1.67 -22.77
N THR C 73 -12.29 -2.92 -23.00
CA THR C 73 -12.68 -3.37 -24.31
C THR C 73 -13.92 -4.22 -24.18
N LEU C 74 -14.78 -4.13 -25.23
CA LEU C 74 -15.93 -4.99 -25.45
C LEU C 74 -15.64 -5.60 -26.79
N THR C 75 -15.83 -6.93 -26.91
CA THR C 75 -15.57 -7.67 -28.12
C THR C 75 -16.84 -8.36 -28.45
N ILE C 76 -17.20 -8.31 -29.75
CA ILE C 76 -18.26 -9.05 -30.39
C ILE C 76 -17.47 -9.97 -31.27
N SER C 77 -17.56 -11.31 -31.01
CA SER C 77 -16.71 -12.29 -31.66
C SER C 77 -17.32 -12.81 -32.94
N SER C 78 -18.49 -12.28 -33.34
CA SER C 78 -19.17 -12.68 -34.53
C SER C 78 -20.33 -11.73 -34.57
N LEU C 79 -20.30 -10.79 -35.54
CA LEU C 79 -21.28 -9.74 -35.70
C LEU C 79 -22.53 -10.36 -36.25
N GLN C 80 -23.69 -9.79 -35.90
CA GLN C 80 -24.99 -10.29 -36.27
C GLN C 80 -25.72 -9.09 -36.82
N PRO C 81 -26.81 -9.22 -37.55
CA PRO C 81 -27.58 -8.09 -38.05
C PRO C 81 -28.45 -7.50 -36.95
N GLU C 82 -28.32 -7.98 -35.69
CA GLU C 82 -29.07 -7.53 -34.55
C GLU C 82 -28.10 -6.87 -33.61
N ASP C 83 -26.87 -6.59 -34.10
CA ASP C 83 -25.81 -5.93 -33.37
C ASP C 83 -25.63 -4.58 -34.03
N PHE C 84 -26.69 -4.11 -34.73
CA PHE C 84 -26.85 -2.76 -35.17
C PHE C 84 -27.34 -1.98 -33.98
N ALA C 85 -26.42 -1.22 -33.33
CA ALA C 85 -26.77 -0.49 -32.14
C ALA C 85 -25.65 0.46 -31.87
N THR C 86 -25.86 1.39 -30.90
CA THR C 86 -24.85 2.23 -30.32
C THR C 86 -24.49 1.60 -29.01
N TYR C 87 -23.17 1.39 -28.75
CA TYR C 87 -22.68 0.74 -27.56
C TYR C 87 -22.02 1.77 -26.70
N TYR C 88 -22.42 1.85 -25.41
CA TYR C 88 -21.95 2.85 -24.46
C TYR C 88 -21.18 2.20 -23.36
N CYS C 89 -19.99 2.75 -23.02
CA CYS C 89 -19.23 2.37 -21.84
C CYS C 89 -19.58 3.31 -20.72
N GLN C 90 -19.20 2.92 -19.49
CA GLN C 90 -19.63 3.57 -18.29
C GLN C 90 -18.61 3.26 -17.25
N GLN C 91 -18.32 4.21 -16.32
CA GLN C 91 -17.52 3.95 -15.14
C GLN C 91 -18.50 4.09 -14.02
N SER C 92 -18.37 3.21 -13.01
CA SER C 92 -19.20 3.21 -11.83
C SER C 92 -18.30 3.45 -10.66
N SER C 93 -18.83 4.20 -9.66
CA SER C 93 -18.13 4.50 -8.45
C SER C 93 -19.22 4.61 -7.42
N TRP C 94 -18.95 4.10 -6.19
CA TRP C 94 -19.94 3.92 -5.15
C TRP C 94 -19.72 5.03 -4.13
N TYR C 95 -18.96 6.06 -4.55
CA TYR C 95 -18.61 7.17 -3.71
C TYR C 95 -18.13 8.29 -4.61
N GLY C 96 -18.39 8.16 -5.93
CA GLY C 96 -18.02 9.11 -6.94
C GLY C 96 -19.21 9.40 -7.80
N PRO C 97 -19.00 10.01 -8.96
CA PRO C 97 -20.03 10.21 -9.96
C PRO C 97 -20.09 9.02 -10.88
N PHE C 98 -21.03 9.06 -11.86
CA PHE C 98 -21.20 8.05 -12.88
C PHE C 98 -21.20 8.80 -14.18
N THR C 99 -20.45 8.32 -15.19
CA THR C 99 -20.28 9.00 -16.45
C THR C 99 -20.26 7.95 -17.52
N PHE C 100 -20.80 8.31 -18.70
CA PHE C 100 -20.90 7.43 -19.85
C PHE C 100 -20.00 7.97 -20.92
N GLY C 101 -19.61 7.08 -21.88
CA GLY C 101 -18.96 7.40 -23.12
C GLY C 101 -19.83 8.15 -24.09
N GLN C 102 -19.30 8.29 -25.33
CA GLN C 102 -19.90 9.08 -26.38
C GLN C 102 -20.54 8.14 -27.39
N GLY C 103 -20.43 6.81 -27.15
CA GLY C 103 -21.03 5.77 -27.95
C GLY C 103 -20.21 5.44 -29.16
N THR C 104 -20.22 4.13 -29.53
CA THR C 104 -19.63 3.64 -30.75
C THR C 104 -20.80 3.09 -31.51
N LYS C 105 -21.09 3.68 -32.69
CA LYS C 105 -22.16 3.26 -33.56
C LYS C 105 -21.64 2.17 -34.44
N VAL C 106 -22.22 0.95 -34.32
CA VAL C 106 -21.84 -0.20 -35.09
C VAL C 106 -22.88 -0.28 -36.16
N GLU C 107 -22.42 -0.17 -37.43
CA GLU C 107 -23.24 -0.19 -38.60
C GLU C 107 -23.02 -1.52 -39.28
N ILE C 108 -24.08 -2.07 -39.92
CA ILE C 108 -24.01 -3.30 -40.67
C ILE C 108 -23.66 -2.89 -42.08
N LYS C 109 -22.54 -3.44 -42.58
CA LYS C 109 -21.98 -3.13 -43.87
C LYS C 109 -22.48 -4.02 -44.96
N ARG C 110 -22.56 -3.44 -46.17
CA ARG C 110 -22.96 -4.10 -47.39
C ARG C 110 -22.22 -3.35 -48.46
N THR C 111 -22.41 -3.78 -49.73
CA THR C 111 -21.85 -3.14 -50.91
C THR C 111 -22.33 -1.71 -51.05
N VAL C 112 -21.45 -0.83 -51.59
CA VAL C 112 -21.74 0.57 -51.86
C VAL C 112 -22.86 0.66 -52.89
N ALA C 113 -23.79 1.61 -52.70
CA ALA C 113 -24.90 1.83 -53.60
C ALA C 113 -25.13 3.30 -53.71
N ALA C 114 -25.41 3.75 -54.96
CA ALA C 114 -25.75 5.10 -55.30
C ALA C 114 -27.11 5.53 -54.77
N PRO C 115 -27.33 6.79 -54.43
CA PRO C 115 -28.64 7.29 -54.07
C PRO C 115 -29.37 7.68 -55.32
N SER C 116 -30.67 7.31 -55.41
CA SER C 116 -31.56 7.82 -56.41
C SER C 116 -32.07 9.12 -55.86
N VAL C 117 -31.89 10.21 -56.62
CA VAL C 117 -32.06 11.54 -56.10
C VAL C 117 -33.32 12.05 -56.73
N PHE C 118 -34.22 12.59 -55.89
CA PHE C 118 -35.51 13.11 -56.29
C PHE C 118 -35.57 14.45 -55.61
N ILE C 119 -36.15 15.45 -56.29
CA ILE C 119 -36.40 16.75 -55.72
C ILE C 119 -37.88 16.95 -55.88
N PHE C 120 -38.53 17.49 -54.82
CA PHE C 120 -39.96 17.63 -54.75
C PHE C 120 -40.20 19.12 -54.59
N PRO C 121 -40.91 19.77 -55.51
CA PRO C 121 -41.47 21.10 -55.33
C PRO C 121 -42.40 21.22 -54.15
N PRO C 122 -42.47 22.32 -53.40
CA PRO C 122 -43.60 22.64 -52.55
C PRO C 122 -44.79 22.91 -53.42
N SER C 123 -46.00 22.53 -52.96
CA SER C 123 -47.24 22.89 -53.60
C SER C 123 -47.57 24.33 -53.27
N ASP C 124 -48.51 24.93 -54.03
CA ASP C 124 -49.02 26.26 -53.78
C ASP C 124 -49.72 26.34 -52.44
N SER C 125 -50.33 25.21 -52.00
CA SER C 125 -50.96 25.03 -50.72
C SER C 125 -49.97 25.22 -49.58
N GLN C 126 -48.74 24.69 -49.73
CA GLN C 126 -47.66 24.87 -48.78
C GLN C 126 -47.22 26.31 -48.72
N LEU C 127 -47.09 26.99 -49.87
CA LEU C 127 -46.66 28.39 -49.94
C LEU C 127 -47.59 29.33 -49.20
N LYS C 128 -48.91 29.06 -49.21
CA LYS C 128 -49.91 29.81 -48.49
C LYS C 128 -49.76 29.90 -47.00
N SER C 129 -49.14 28.89 -46.33
CA SER C 129 -48.92 28.91 -44.90
C SER C 129 -47.96 30.00 -44.50
N GLY C 130 -46.92 30.22 -45.35
CA GLY C 130 -45.97 31.30 -45.21
C GLY C 130 -44.58 30.72 -45.28
N THR C 131 -44.48 29.40 -45.50
CA THR C 131 -43.25 28.67 -45.53
C THR C 131 -43.26 27.91 -46.82
N ALA C 132 -42.06 27.71 -47.40
CA ALA C 132 -41.87 26.86 -48.55
C ALA C 132 -40.88 25.85 -48.09
N SER C 133 -41.22 24.55 -48.18
CA SER C 133 -40.31 23.47 -47.90
C SER C 133 -40.06 22.75 -49.17
N VAL C 134 -38.77 22.63 -49.55
CA VAL C 134 -38.33 21.95 -50.73
C VAL C 134 -37.66 20.72 -50.19
N VAL C 135 -38.09 19.53 -50.66
CA VAL C 135 -37.67 18.27 -50.05
C VAL C 135 -36.84 17.58 -51.08
N CYS C 136 -35.67 17.05 -50.65
CA CYS C 136 -34.77 16.25 -51.45
C CYS C 136 -34.72 14.89 -50.81
N LEU C 137 -34.90 13.82 -51.62
CA LEU C 137 -34.88 12.45 -51.17
C LEU C 137 -33.70 11.80 -51.82
N LEU C 138 -32.89 11.10 -50.99
CA LEU C 138 -31.80 10.27 -51.40
C LEU C 138 -32.30 8.91 -50.99
N ASN C 139 -32.52 8.00 -51.96
CA ASN C 139 -33.22 6.77 -51.72
C ASN C 139 -32.29 5.61 -51.93
N ASN C 140 -32.28 4.67 -50.94
CA ASN C 140 -31.70 3.35 -51.00
C ASN C 140 -30.22 3.33 -51.30
N PHE C 141 -29.42 4.04 -50.48
CA PHE C 141 -28.00 4.18 -50.68
C PHE C 141 -27.31 3.59 -49.48
N TYR C 142 -26.00 3.28 -49.64
CA TYR C 142 -25.16 2.80 -48.57
C TYR C 142 -23.78 3.32 -48.93
N PRO C 143 -22.88 3.75 -48.05
CA PRO C 143 -23.02 3.99 -46.61
C PRO C 143 -24.11 4.94 -46.21
N ARG C 144 -24.46 4.97 -44.89
CA ARG C 144 -25.46 5.82 -44.30
C ARG C 144 -25.12 7.28 -44.48
N GLU C 145 -23.82 7.62 -44.32
CA GLU C 145 -23.30 8.96 -44.48
C GLU C 145 -23.46 9.44 -45.90
N ALA C 146 -23.90 10.71 -46.05
CA ALA C 146 -24.03 11.37 -47.32
C ALA C 146 -24.06 12.82 -46.98
N LYS C 147 -23.71 13.69 -47.95
CA LYS C 147 -23.70 15.12 -47.76
C LYS C 147 -24.61 15.70 -48.80
N VAL C 148 -25.56 16.54 -48.34
CA VAL C 148 -26.50 17.23 -49.18
C VAL C 148 -26.14 18.67 -49.11
N GLN C 149 -26.08 19.33 -50.29
CA GLN C 149 -25.86 20.74 -50.40
C GLN C 149 -27.08 21.22 -51.11
N TRP C 150 -27.73 22.25 -50.55
CA TRP C 150 -28.87 22.89 -51.14
C TRP C 150 -28.34 24.14 -51.76
N LYS C 151 -28.73 24.39 -53.03
CA LYS C 151 -28.38 25.61 -53.71
C LYS C 151 -29.64 26.18 -54.26
N VAL C 152 -29.82 27.50 -54.08
CA VAL C 152 -30.91 28.24 -54.65
C VAL C 152 -30.23 29.30 -55.44
N ASP C 153 -30.38 29.25 -56.79
CA ASP C 153 -29.77 30.13 -57.76
C ASP C 153 -28.25 30.05 -57.69
N ASN C 154 -27.73 28.85 -57.34
CA ASN C 154 -26.33 28.51 -57.19
C ASN C 154 -25.77 29.00 -55.86
N ALA C 155 -26.56 29.75 -55.06
CA ALA C 155 -26.15 30.25 -53.76
C ALA C 155 -26.36 29.18 -52.74
N LEU C 156 -25.28 28.77 -52.04
CA LEU C 156 -25.33 27.78 -50.98
C LEU C 156 -26.23 28.21 -49.84
N GLN C 157 -27.17 27.31 -49.48
CA GLN C 157 -28.12 27.48 -48.41
C GLN C 157 -27.57 26.73 -47.23
N SER C 158 -27.45 27.42 -46.07
CA SER C 158 -26.93 26.82 -44.87
C SER C 158 -27.63 27.51 -43.74
N GLY C 159 -27.93 26.75 -42.66
CA GLY C 159 -28.52 27.25 -41.44
C GLY C 159 -29.98 27.53 -41.63
N ASN C 160 -30.66 26.68 -42.42
CA ASN C 160 -32.04 26.87 -42.79
C ASN C 160 -32.57 25.58 -43.35
N SER C 161 -31.77 24.49 -43.28
CA SER C 161 -32.16 23.18 -43.72
C SER C 161 -31.99 22.25 -42.56
N GLN C 162 -32.86 21.21 -42.49
CA GLN C 162 -32.81 20.22 -41.45
C GLN C 162 -32.79 18.91 -42.19
N GLU C 163 -31.98 17.96 -41.69
CA GLU C 163 -31.81 16.65 -42.27
C GLU C 163 -32.43 15.65 -41.33
N SER C 164 -32.95 14.54 -41.91
CA SER C 164 -33.43 13.42 -41.15
C SER C 164 -33.01 12.23 -41.95
N VAL C 165 -32.50 11.18 -41.29
CA VAL C 165 -32.06 9.98 -41.96
C VAL C 165 -32.92 8.94 -41.34
N THR C 166 -33.58 8.08 -42.16
CA THR C 166 -34.33 6.95 -41.68
C THR C 166 -33.43 5.95 -41.00
N GLU C 167 -33.97 5.24 -39.99
CA GLU C 167 -33.37 4.04 -39.42
C GLU C 167 -33.38 2.95 -40.45
N GLN C 168 -32.33 2.09 -40.42
CA GLN C 168 -32.00 0.99 -41.33
C GLN C 168 -33.17 0.36 -42.03
N ASP C 169 -33.15 0.44 -43.39
CA ASP C 169 -34.17 -0.06 -44.28
C ASP C 169 -34.22 -1.56 -44.25
N SER C 170 -35.43 -2.10 -44.51
CA SER C 170 -35.69 -3.52 -44.51
C SER C 170 -35.65 -3.98 -45.95
N LYS C 171 -35.42 -3.02 -46.89
CA LYS C 171 -35.30 -3.24 -48.30
C LYS C 171 -34.14 -4.14 -48.65
N ASP C 172 -32.97 -3.90 -48.00
CA ASP C 172 -31.74 -4.63 -48.23
C ASP C 172 -30.66 -3.99 -47.41
N SER C 173 -31.03 -3.29 -46.30
CA SER C 173 -30.12 -2.70 -45.34
C SER C 173 -29.48 -1.44 -45.91
N THR C 174 -30.30 -0.66 -46.66
CA THR C 174 -29.91 0.63 -47.19
C THR C 174 -30.38 1.68 -46.22
N TYR C 175 -30.02 2.94 -46.49
CA TYR C 175 -30.48 4.09 -45.75
C TYR C 175 -31.07 5.01 -46.77
N SER C 176 -32.02 5.86 -46.30
CA SER C 176 -32.62 6.90 -47.09
C SER C 176 -32.46 8.13 -46.25
N LEU C 177 -32.44 9.31 -46.90
CA LEU C 177 -32.15 10.55 -46.23
C LEU C 177 -33.04 11.54 -46.89
N SER C 178 -33.68 12.41 -46.07
CA SER C 178 -34.41 13.55 -46.54
C SER C 178 -33.67 14.74 -46.04
N SER C 179 -33.48 15.73 -46.92
CA SER C 179 -32.95 17.01 -46.56
C SER C 179 -34.04 17.95 -46.96
N THR C 180 -34.49 18.79 -46.02
CA THR C 180 -35.62 19.67 -46.20
C THR C 180 -35.08 21.04 -46.01
N LEU C 181 -35.14 21.86 -47.09
CA LEU C 181 -34.76 23.25 -47.05
C LEU C 181 -36.03 24.00 -46.79
N THR C 182 -36.04 24.86 -45.76
CA THR C 182 -37.22 25.60 -45.38
C THR C 182 -36.83 27.04 -45.55
N LEU C 183 -37.67 27.79 -46.29
CA LEU C 183 -37.51 29.19 -46.57
C LEU C 183 -38.84 29.80 -46.27
N SER C 184 -38.89 31.15 -46.16
CA SER C 184 -40.12 31.91 -46.18
C SER C 184 -40.68 31.90 -47.59
N LYS C 185 -42.00 32.16 -47.72
CA LYS C 185 -42.70 32.33 -48.97
C LYS C 185 -42.10 33.45 -49.78
N ALA C 186 -41.78 34.59 -49.11
CA ALA C 186 -41.24 35.78 -49.71
C ALA C 186 -39.88 35.57 -50.34
N ASP C 187 -39.01 34.76 -49.68
CA ASP C 187 -37.74 34.34 -50.23
C ASP C 187 -37.92 33.39 -51.39
N TYR C 188 -38.86 32.43 -51.26
CA TYR C 188 -39.13 31.40 -52.23
C TYR C 188 -39.51 31.94 -53.59
N GLU C 189 -40.37 32.99 -53.60
CA GLU C 189 -40.91 33.59 -54.80
C GLU C 189 -39.92 34.48 -55.52
N LYS C 190 -38.77 34.81 -54.88
CA LYS C 190 -37.76 35.68 -55.46
C LYS C 190 -36.69 34.87 -56.15
N HIS C 191 -36.84 33.53 -56.19
CA HIS C 191 -35.86 32.63 -56.77
C HIS C 191 -36.63 31.66 -57.59
N LYS C 192 -35.96 31.01 -58.57
CA LYS C 192 -36.62 30.13 -59.50
C LYS C 192 -35.98 28.78 -59.40
N VAL C 193 -34.62 28.73 -59.34
CA VAL C 193 -33.90 27.49 -59.52
C VAL C 193 -33.68 26.92 -58.14
N TYR C 194 -34.25 25.72 -57.92
CA TYR C 194 -34.13 24.99 -56.70
C TYR C 194 -33.40 23.74 -57.03
N ALA C 195 -32.20 23.57 -56.44
CA ALA C 195 -31.32 22.50 -56.78
C ALA C 195 -30.90 21.82 -55.51
N CYS C 196 -30.90 20.46 -55.55
CA CYS C 196 -30.39 19.63 -54.51
C CYS C 196 -29.24 18.93 -55.15
N GLU C 197 -28.03 19.17 -54.62
CA GLU C 197 -26.82 18.52 -55.06
C GLU C 197 -26.49 17.53 -53.99
N VAL C 198 -26.24 16.27 -54.41
CA VAL C 198 -25.99 15.17 -53.51
C VAL C 198 -24.60 14.73 -53.83
N THR C 199 -23.75 14.65 -52.78
CA THR C 199 -22.39 14.18 -52.86
C THR C 199 -22.38 12.94 -52.01
N HIS C 200 -21.86 11.82 -52.58
CA HIS C 200 -21.80 10.56 -51.90
C HIS C 200 -20.75 9.77 -52.63
N GLN C 201 -20.31 8.63 -52.04
CA GLN C 201 -19.29 7.78 -52.61
C GLN C 201 -19.92 6.71 -53.46
N GLY C 202 -21.28 6.67 -53.49
CA GLY C 202 -22.04 5.79 -54.35
C GLY C 202 -22.15 6.41 -55.69
N LEU C 203 -22.08 7.77 -55.73
CA LEU C 203 -22.08 8.56 -56.93
C LEU C 203 -20.64 8.70 -57.39
N SER C 204 -20.44 8.71 -58.72
CA SER C 204 -19.14 8.90 -59.33
C SER C 204 -18.77 10.36 -59.36
N SER C 205 -19.79 11.25 -59.38
CA SER C 205 -19.61 12.67 -59.25
C SER C 205 -20.93 13.18 -58.71
N PRO C 206 -21.00 14.28 -57.97
CA PRO C 206 -22.23 14.90 -57.48
C PRO C 206 -23.37 14.95 -58.46
N VAL C 207 -24.57 14.47 -58.06
CA VAL C 207 -25.76 14.45 -58.87
C VAL C 207 -26.63 15.57 -58.39
N THR C 208 -27.00 16.47 -59.32
CA THR C 208 -27.84 17.61 -59.04
C THR C 208 -29.15 17.30 -59.70
N LYS C 209 -30.25 17.44 -58.93
CA LYS C 209 -31.61 17.38 -59.42
C LYS C 209 -32.19 18.71 -59.10
N SER C 210 -32.93 19.31 -60.06
CA SER C 210 -33.39 20.65 -59.90
C SER C 210 -34.68 20.80 -60.64
N PHE C 211 -35.45 21.85 -60.27
CA PHE C 211 -36.66 22.23 -60.95
C PHE C 211 -36.67 23.74 -60.99
N ASN C 212 -37.50 24.29 -61.90
CA ASN C 212 -37.78 25.69 -62.01
C ASN C 212 -39.14 25.90 -61.43
N ARG C 213 -39.27 26.96 -60.60
CA ARG C 213 -40.46 27.33 -59.87
C ARG C 213 -41.64 27.57 -60.77
N GLY C 214 -42.83 27.16 -60.29
CA GLY C 214 -44.07 27.22 -61.01
C GLY C 214 -44.74 25.89 -60.90
N GLU C 215 -44.16 24.97 -60.09
CA GLU C 215 -44.75 23.70 -59.74
C GLU C 215 -45.16 23.79 -58.31
N MET D 1 75.08 -15.21 19.73
CA MET D 1 74.48 -13.91 19.88
C MET D 1 74.39 -13.29 18.52
N ASN D 2 73.83 -12.06 18.48
CA ASN D 2 73.52 -11.35 17.27
C ASN D 2 73.14 -9.96 17.68
N GLY D 3 73.20 -9.68 19.00
CA GLY D 3 72.95 -8.38 19.56
C GLY D 3 74.13 -7.91 20.33
N THR D 4 73.83 -7.25 21.47
CA THR D 4 74.79 -6.70 22.38
C THR D 4 74.16 -6.96 23.71
N GLU D 5 74.83 -7.77 24.56
CA GLU D 5 74.28 -8.21 25.82
C GLU D 5 74.54 -7.19 26.88
N GLY D 6 73.63 -7.17 27.88
CA GLY D 6 73.68 -6.27 28.99
C GLY D 6 72.61 -6.74 29.93
N PRO D 7 72.68 -6.41 31.20
CA PRO D 7 71.73 -6.87 32.22
C PRO D 7 70.42 -6.10 32.18
N ASN D 8 70.19 -5.21 31.20
CA ASN D 8 68.93 -4.52 31.09
C ASN D 8 68.81 -3.92 29.72
N PHE D 9 69.72 -4.28 28.79
CA PHE D 9 69.64 -3.81 27.43
C PHE D 9 70.09 -4.94 26.56
N TYR D 10 69.41 -5.11 25.41
CA TYR D 10 69.76 -6.10 24.43
C TYR D 10 69.46 -5.40 23.14
N VAL D 11 70.50 -4.77 22.55
CA VAL D 11 70.41 -4.09 21.27
C VAL D 11 70.29 -5.19 20.22
N PRO D 12 69.25 -5.29 19.39
CA PRO D 12 69.07 -6.39 18.44
C PRO D 12 69.95 -6.23 17.22
N PHE D 13 70.92 -5.28 17.24
CA PHE D 13 71.90 -5.08 16.22
C PHE D 13 73.19 -5.49 16.88
N SER D 14 73.97 -6.33 16.16
CA SER D 14 75.23 -6.87 16.63
C SER D 14 76.26 -5.79 16.86
N ASN D 15 77.11 -6.00 17.89
CA ASN D 15 78.21 -5.12 18.19
C ASN D 15 79.34 -5.59 17.32
N LYS D 16 79.84 -4.68 16.46
CA LYS D 16 80.84 -5.03 15.47
C LYS D 16 81.40 -3.77 14.90
N THR D 17 80.84 -2.60 15.31
CA THR D 17 81.34 -1.30 14.95
C THR D 17 82.00 -0.71 16.17
N GLY D 18 81.87 -1.41 17.34
CA GLY D 18 82.57 -1.10 18.57
C GLY D 18 81.97 0.06 19.29
N VAL D 19 80.74 0.48 18.92
CA VAL D 19 80.07 1.62 19.51
C VAL D 19 78.67 1.23 19.88
N VAL D 20 78.25 -0.03 19.58
CA VAL D 20 76.91 -0.50 19.87
C VAL D 20 76.89 -0.84 21.32
N ARG D 21 76.14 -0.02 22.10
CA ARG D 21 75.99 -0.15 23.52
C ARG D 21 74.60 0.32 23.83
N SER D 22 74.22 0.24 25.13
CA SER D 22 72.99 0.71 25.73
C SER D 22 72.44 1.99 25.12
N PRO D 23 71.21 2.05 24.59
CA PRO D 23 70.60 3.26 24.10
C PRO D 23 70.03 4.11 25.22
N PHE D 24 70.39 3.83 26.49
CA PHE D 24 69.98 4.65 27.60
C PHE D 24 71.09 5.59 27.94
N GLU D 25 72.31 5.29 27.47
CA GLU D 25 73.51 5.97 27.88
C GLU D 25 74.20 6.56 26.68
N ALA D 26 73.63 6.36 25.46
CA ALA D 26 74.28 6.83 24.27
C ALA D 26 73.24 7.13 23.22
N PRO D 27 73.41 8.17 22.37
CA PRO D 27 72.53 8.46 21.26
C PRO D 27 72.61 7.37 20.22
N GLN D 28 71.50 7.07 19.52
CA GLN D 28 71.45 6.01 18.54
C GLN D 28 71.37 6.68 17.21
N TYR D 29 72.44 6.54 16.42
CA TYR D 29 72.64 7.22 15.16
C TYR D 29 73.73 6.46 14.43
N TYR D 30 74.18 5.33 15.01
CA TYR D 30 75.18 4.45 14.45
C TYR D 30 74.49 3.18 14.01
N LEU D 31 73.14 3.19 13.99
CA LEU D 31 72.35 2.08 13.53
C LEU D 31 70.99 2.61 13.15
N ALA D 32 70.86 3.96 13.09
CA ALA D 32 69.66 4.63 12.67
C ALA D 32 70.11 5.96 12.15
N GLU D 33 69.17 6.74 11.58
CA GLU D 33 69.47 8.03 10.99
C GLU D 33 68.43 9.01 11.52
N PRO D 34 68.69 10.33 11.55
CA PRO D 34 67.74 11.33 12.01
C PRO D 34 66.43 11.36 11.30
N TRP D 35 66.39 11.03 9.98
CA TRP D 35 65.19 11.10 9.18
C TRP D 35 64.22 10.02 9.61
N GLN D 36 64.74 8.81 9.90
CA GLN D 36 63.99 7.68 10.40
C GLN D 36 63.30 7.94 11.71
N PHE D 37 63.95 8.76 12.58
CA PHE D 37 63.38 9.23 13.83
C PHE D 37 62.25 10.21 13.63
N SER D 38 62.36 11.09 12.61
CA SER D 38 61.31 12.03 12.26
C SER D 38 60.06 11.32 11.79
N MET D 39 60.25 10.27 10.94
CA MET D 39 59.19 9.40 10.47
C MET D 39 58.56 8.59 11.58
N LEU D 40 59.37 8.13 12.55
CA LEU D 40 58.95 7.44 13.75
C LEU D 40 58.04 8.31 14.58
N ALA D 41 58.46 9.58 14.83
CA ALA D 41 57.72 10.55 15.60
C ALA D 41 56.42 10.92 14.94
N ALA D 42 56.42 11.10 13.59
CA ALA D 42 55.23 11.34 12.80
C ALA D 42 54.21 10.23 12.94
N TYR D 43 54.69 8.97 12.83
CA TYR D 43 53.90 7.77 12.95
C TYR D 43 53.28 7.59 14.32
N MET D 44 54.04 7.85 15.40
CA MET D 44 53.55 7.76 16.77
C MET D 44 52.51 8.80 17.08
N PHE D 45 52.64 10.00 16.48
CA PHE D 45 51.70 11.09 16.62
C PHE D 45 50.37 10.71 16.02
N LEU D 46 50.40 10.17 14.78
CA LEU D 46 49.28 9.59 14.06
C LEU D 46 48.46 8.62 14.88
N LEU D 47 49.13 7.58 15.46
CA LEU D 47 48.49 6.54 16.24
C LEU D 47 47.73 7.05 17.45
N ILE D 48 48.19 8.17 18.07
CA ILE D 48 47.55 8.80 19.20
C ILE D 48 46.32 9.52 18.71
N MET D 49 46.50 10.38 17.68
CA MET D 49 45.48 11.19 17.05
C MET D 49 44.28 10.44 16.54
N LEU D 50 44.48 9.22 16.00
CA LEU D 50 43.40 8.36 15.55
C LEU D 50 42.87 7.53 16.68
N GLY D 51 43.78 6.87 17.44
CA GLY D 51 43.45 5.89 18.45
C GLY D 51 42.58 6.40 19.57
N PHE D 52 42.90 7.60 20.13
CA PHE D 52 42.17 8.16 21.24
C PHE D 52 40.71 8.51 20.92
N PRO D 53 40.34 9.21 19.84
CA PRO D 53 38.95 9.49 19.50
C PRO D 53 38.13 8.25 19.28
N ILE D 54 38.64 7.28 18.47
CA ILE D 54 38.00 6.03 18.13
C ILE D 54 37.61 5.23 19.36
N ASN D 55 38.52 5.15 20.36
CA ASN D 55 38.31 4.36 21.56
C ASN D 55 37.45 5.11 22.53
N PHE D 56 37.53 6.45 22.55
CA PHE D 56 36.71 7.28 23.40
C PHE D 56 35.25 7.17 23.03
N LEU D 57 34.92 7.25 21.71
CA LEU D 57 33.58 7.08 21.19
C LEU D 57 32.90 5.79 21.58
N THR D 58 33.66 4.66 21.58
CA THR D 58 33.17 3.34 21.92
C THR D 58 32.65 3.26 23.33
N LEU D 59 33.40 3.86 24.29
CA LEU D 59 33.02 3.95 25.67
C LEU D 59 31.88 4.93 25.90
N TYR D 60 31.93 6.07 25.17
CA TYR D 60 31.06 7.21 25.35
C TYR D 60 29.63 6.94 25.01
N VAL D 61 29.40 6.35 23.81
CA VAL D 61 28.07 6.03 23.31
C VAL D 61 27.30 5.06 24.19
N THR D 62 28.02 4.12 24.85
CA THR D 62 27.43 3.09 25.69
C THR D 62 26.86 3.61 26.97
N VAL D 63 27.49 4.67 27.55
CA VAL D 63 27.09 5.28 28.80
C VAL D 63 25.76 6.00 28.70
N GLN D 64 25.36 6.44 27.49
CA GLN D 64 24.16 7.24 27.31
C GLN D 64 23.04 6.47 26.67
N HIS D 65 23.25 5.18 26.34
CA HIS D 65 22.19 4.34 25.83
C HIS D 65 22.19 3.09 26.65
N LYS D 66 21.11 2.91 27.45
CA LYS D 66 20.78 1.75 28.27
C LYS D 66 21.06 0.41 27.64
N LYS D 67 20.48 0.22 26.44
CA LYS D 67 20.48 -1.00 25.66
C LYS D 67 21.85 -1.46 25.20
N LEU D 68 22.84 -0.53 25.16
CA LEU D 68 24.23 -0.79 24.82
C LEU D 68 24.99 -1.38 25.97
N ARG D 69 24.49 -1.21 27.22
CA ARG D 69 25.19 -1.60 28.43
C ARG D 69 24.93 -3.06 28.72
N THR D 70 24.36 -3.82 27.75
CA THR D 70 24.08 -5.24 27.80
C THR D 70 25.37 -6.05 27.90
N PRO D 71 25.34 -7.27 28.46
CA PRO D 71 26.50 -8.12 28.71
C PRO D 71 27.48 -8.34 27.57
N LEU D 72 27.00 -8.51 26.32
CA LEU D 72 27.81 -8.85 25.18
C LEU D 72 28.69 -7.70 24.69
N ASN D 73 28.50 -6.48 25.22
CA ASN D 73 29.24 -5.31 24.81
C ASN D 73 30.39 -5.00 25.74
N TYR D 74 30.40 -5.56 26.97
CA TYR D 74 31.47 -5.41 27.96
C TYR D 74 32.85 -5.63 27.39
N ILE D 75 33.03 -6.74 26.62
CA ILE D 75 34.27 -7.14 26.01
C ILE D 75 34.77 -6.14 25.00
N LEU D 76 33.84 -5.47 24.29
CA LEU D 76 34.13 -4.42 23.33
C LEU D 76 34.63 -3.16 24.00
N LEU D 77 34.02 -2.79 25.16
CA LEU D 77 34.49 -1.70 25.98
C LEU D 77 35.89 -1.96 26.50
N ASN D 78 36.15 -3.22 26.92
CA ASN D 78 37.41 -3.72 27.41
C ASN D 78 38.50 -3.61 26.37
N LEU D 79 38.21 -4.03 25.12
CA LEU D 79 39.06 -3.87 23.95
C LEU D 79 39.49 -2.44 23.73
N ALA D 80 38.53 -1.47 23.84
CA ALA D 80 38.80 -0.06 23.67
C ALA D 80 39.73 0.49 24.73
N VAL D 81 39.56 0.03 26.00
CA VAL D 81 40.41 0.36 27.14
C VAL D 81 41.82 -0.16 26.95
N ALA D 82 41.96 -1.43 26.50
CA ALA D 82 43.20 -2.10 26.18
C ALA D 82 44.05 -1.32 25.20
N ASP D 83 43.39 -0.86 24.11
CA ASP D 83 43.97 -0.03 23.07
C ASP D 83 44.49 1.27 23.61
N LEU D 84 43.77 1.89 24.58
CA LEU D 84 44.14 3.14 25.22
C LEU D 84 45.35 2.97 26.10
N PHE D 85 45.50 1.80 26.78
CA PHE D 85 46.71 1.44 27.49
C PHE D 85 47.93 1.48 26.60
N MET D 86 47.83 0.92 25.36
CA MET D 86 48.88 1.03 24.36
C MET D 86 49.20 2.45 23.93
N VAL D 87 48.18 3.36 23.92
CA VAL D 87 48.33 4.73 23.47
C VAL D 87 49.13 5.54 24.47
N PHE D 88 48.80 5.41 25.77
CA PHE D 88 49.36 6.28 26.79
C PHE D 88 50.56 5.65 27.44
N GLY D 89 50.65 4.31 27.44
CA GLY D 89 51.80 3.59 27.94
C GLY D 89 52.90 3.54 26.93
N GLY D 90 52.56 3.22 25.67
CA GLY D 90 53.52 2.96 24.63
C GLY D 90 53.78 4.16 23.78
N PHE D 91 52.75 4.60 23.01
CA PHE D 91 52.86 5.51 21.89
C PHE D 91 53.41 6.86 22.27
N THR D 92 52.90 7.45 23.38
CA THR D 92 53.30 8.75 23.88
C THR D 92 54.74 8.77 24.32
N THR D 93 55.16 7.77 25.13
CA THR D 93 56.53 7.53 25.55
C THR D 93 57.49 7.49 24.38
N THR D 94 57.15 6.67 23.35
CA THR D 94 57.96 6.48 22.16
C THR D 94 58.06 7.73 21.33
N LEU D 95 56.99 8.55 21.29
CA LEU D 95 56.95 9.84 20.63
C LEU D 95 57.93 10.82 21.25
N TYR D 96 57.97 10.88 22.60
CA TYR D 96 58.87 11.73 23.35
C TYR D 96 60.33 11.37 23.08
N THR D 97 60.66 10.06 23.25
CA THR D 97 61.98 9.50 23.12
C THR D 97 62.58 9.64 21.74
N SER D 98 61.76 9.36 20.68
CA SER D 98 62.15 9.43 19.28
C SER D 98 62.76 10.75 18.87
N LEU D 99 62.30 11.87 19.47
CA LEU D 99 62.75 13.21 19.13
C LEU D 99 64.12 13.51 19.71
N HIS D 100 64.56 12.74 20.73
CA HIS D 100 65.94 12.76 21.19
C HIS D 100 66.78 11.83 20.35
N GLY D 101 66.13 10.81 19.74
CA GLY D 101 66.74 9.82 18.88
C GLY D 101 67.27 8.66 19.66
N TYR D 102 66.94 8.58 20.97
CA TYR D 102 67.34 7.48 21.80
C TYR D 102 66.43 7.55 23.00
N PHE D 103 66.45 6.48 23.83
CA PHE D 103 65.55 6.31 24.94
C PHE D 103 66.18 7.03 26.10
N VAL D 104 65.46 8.02 26.68
CA VAL D 104 66.02 8.94 27.65
C VAL D 104 65.42 8.72 29.02
N PHE D 105 64.51 7.71 29.19
CA PHE D 105 63.89 7.45 30.46
C PHE D 105 64.63 6.35 31.21
N GLY D 106 65.69 5.77 30.59
CA GLY D 106 66.57 4.86 31.29
C GLY D 106 66.01 3.48 31.45
N PRO D 107 66.76 2.57 32.09
CA PRO D 107 66.41 1.17 32.32
C PRO D 107 65.07 1.01 33.01
N THR D 108 64.76 1.88 34.01
CA THR D 108 63.55 1.83 34.78
C THR D 108 62.39 2.21 33.90
N GLY D 109 62.56 3.27 33.07
CA GLY D 109 61.65 3.71 32.05
C GLY D 109 61.28 2.64 31.07
N CYS D 110 62.29 1.85 30.61
CA CYS D 110 62.13 0.72 29.72
C CYS D 110 61.23 -0.34 30.29
N ASN D 111 61.35 -0.63 31.60
CA ASN D 111 60.54 -1.60 32.31
C ASN D 111 59.10 -1.15 32.43
N LEU D 112 58.89 0.16 32.75
CA LEU D 112 57.60 0.81 32.83
C LEU D 112 56.86 0.78 31.51
N GLU D 113 57.49 1.35 30.45
CA GLU D 113 56.94 1.45 29.11
C GLU D 113 56.61 0.09 28.55
N GLY D 114 57.52 -0.89 28.77
CA GLY D 114 57.40 -2.25 28.30
C GLY D 114 56.26 -2.95 28.97
N PHE D 115 56.01 -2.63 30.26
CA PHE D 115 54.94 -3.21 31.04
C PHE D 115 53.60 -2.76 30.52
N PHE D 116 53.44 -1.43 30.30
CA PHE D 116 52.18 -0.85 29.87
C PHE D 116 51.83 -1.24 28.45
N ALA D 117 52.83 -1.27 27.55
CA ALA D 117 52.67 -1.66 26.16
C ALA D 117 52.26 -3.10 26.01
N THR D 118 52.96 -4.02 26.74
CA THR D 118 52.68 -5.44 26.76
C THR D 118 51.33 -5.73 27.34
N LEU D 119 51.02 -5.13 28.53
CA LEU D 119 49.74 -5.24 29.21
C LEU D 119 48.59 -4.90 28.30
N GLY D 120 48.65 -3.70 27.68
CA GLY D 120 47.73 -3.19 26.69
C GLY D 120 47.44 -4.16 25.58
N GLY D 121 48.50 -4.53 24.82
CA GLY D 121 48.45 -5.43 23.70
C GLY D 121 47.94 -6.81 24.01
N GLU D 122 48.18 -7.30 25.25
CA GLU D 122 47.78 -8.63 25.67
C GLU D 122 46.34 -8.66 26.07
N ILE D 123 45.84 -7.61 26.77
CA ILE D 123 44.42 -7.48 27.08
C ILE D 123 43.64 -7.41 25.80
N ALA D 124 44.14 -6.66 24.79
CA ALA D 124 43.58 -6.56 23.46
C ALA D 124 43.50 -7.90 22.78
N LEU D 125 44.64 -8.64 22.72
CA LEU D 125 44.77 -9.98 22.16
C LEU D 125 43.72 -10.93 22.67
N TRP D 126 43.62 -11.03 24.02
CA TRP D 126 42.72 -11.91 24.71
C TRP D 126 41.28 -11.44 24.63
N SER D 127 41.03 -10.12 24.44
CA SER D 127 39.71 -9.57 24.16
C SER D 127 39.16 -10.15 22.89
N LEU D 128 39.94 -10.10 21.77
CA LEU D 128 39.60 -10.69 20.49
C LEU D 128 39.21 -12.16 20.57
N VAL D 129 39.87 -12.92 21.49
CA VAL D 129 39.61 -14.33 21.74
C VAL D 129 38.29 -14.50 22.43
N VAL D 130 38.10 -13.83 23.60
CA VAL D 130 36.88 -13.84 24.39
C VAL D 130 35.66 -13.44 23.58
N LEU D 131 35.78 -12.39 22.74
CA LEU D 131 34.75 -11.89 21.85
C LEU D 131 34.28 -12.95 20.88
N ALA D 132 35.23 -13.71 20.28
CA ALA D 132 34.97 -14.82 19.39
C ALA D 132 34.24 -15.95 20.09
N ILE D 133 34.65 -16.26 21.35
CA ILE D 133 34.03 -17.24 22.23
C ILE D 133 32.58 -16.87 22.46
N GLU D 134 32.29 -15.62 22.90
CA GLU D 134 30.96 -15.11 23.14
C GLU D 134 30.05 -15.24 21.94
N ARG D 135 30.58 -14.89 20.74
CA ARG D 135 29.87 -15.02 19.48
C ARG D 135 29.53 -16.45 19.13
N TYR D 136 30.49 -17.39 19.37
CA TYR D 136 30.34 -18.81 19.18
C TYR D 136 29.27 -19.40 20.07
N VAL D 137 29.27 -19.06 21.38
CA VAL D 137 28.31 -19.50 22.37
C VAL D 137 26.90 -19.07 22.01
N VAL D 138 26.72 -17.77 21.71
CA VAL D 138 25.45 -17.15 21.42
C VAL D 138 24.80 -17.70 20.16
N VAL D 139 25.59 -17.90 19.07
CA VAL D 139 25.02 -18.16 17.77
C VAL D 139 24.92 -19.64 17.50
N CYS D 140 26.02 -20.38 17.73
CA CYS D 140 26.08 -21.81 17.45
C CYS D 140 25.35 -22.66 18.44
N LYS D 141 25.10 -22.11 19.66
CA LYS D 141 24.37 -22.76 20.73
C LYS D 141 25.01 -24.08 21.15
N PRO D 142 26.28 -24.17 21.55
CA PRO D 142 26.96 -25.43 21.81
C PRO D 142 26.44 -26.00 23.11
N MET D 143 26.15 -25.13 24.10
CA MET D 143 25.58 -25.50 25.37
C MET D 143 24.30 -24.73 25.39
N SER D 144 23.17 -25.47 25.35
CA SER D 144 21.85 -24.89 25.34
C SER D 144 21.37 -24.82 26.77
N ASN D 145 20.38 -23.94 27.01
CA ASN D 145 19.72 -23.74 28.30
C ASN D 145 20.63 -22.94 29.18
N PHE D 146 21.24 -21.88 28.58
CA PHE D 146 22.09 -20.95 29.25
C PHE D 146 21.87 -19.64 28.57
N ARG D 147 22.25 -18.54 29.25
CA ARG D 147 22.14 -17.21 28.75
C ARG D 147 23.33 -16.49 29.28
N PHE D 148 23.91 -15.59 28.44
CA PHE D 148 25.11 -14.87 28.78
C PHE D 148 24.66 -13.60 29.46
N GLY D 149 24.79 -13.58 30.81
CA GLY D 149 24.34 -12.51 31.66
C GLY D 149 25.51 -11.71 32.10
N GLU D 150 25.23 -10.67 32.94
CA GLU D 150 26.17 -9.71 33.50
C GLU D 150 27.38 -10.34 34.14
N ASN D 151 27.15 -11.40 34.95
CA ASN D 151 28.18 -12.14 35.69
C ASN D 151 29.19 -12.77 34.78
N HIS D 152 28.71 -13.37 33.66
CA HIS D 152 29.50 -14.02 32.64
C HIS D 152 30.39 -13.03 31.94
N ALA D 153 29.83 -11.84 31.60
CA ALA D 153 30.53 -10.72 30.98
C ALA D 153 31.72 -10.26 31.76
N ILE D 154 31.55 -10.11 33.09
CA ILE D 154 32.56 -9.68 34.04
C ILE D 154 33.68 -10.69 34.10
N MET D 155 33.35 -12.01 34.18
CA MET D 155 34.28 -13.11 34.13
C MET D 155 35.15 -13.09 32.89
N GLY D 156 34.51 -12.92 31.71
CA GLY D 156 35.15 -12.76 30.41
C GLY D 156 36.17 -11.67 30.36
N VAL D 157 35.83 -10.47 30.91
CA VAL D 157 36.70 -9.32 31.01
C VAL D 157 37.88 -9.60 31.89
N ALA D 158 37.62 -10.16 33.10
CA ALA D 158 38.61 -10.53 34.09
C ALA D 158 39.65 -11.48 33.57
N PHE D 159 39.23 -12.51 32.78
CA PHE D 159 40.08 -13.50 32.16
C PHE D 159 41.16 -12.91 31.28
N THR D 160 40.85 -11.85 30.49
CA THR D 160 41.79 -11.23 29.57
C THR D 160 42.87 -10.54 30.35
N TRP D 161 42.48 -9.85 31.45
CA TRP D 161 43.36 -9.19 32.38
C TRP D 161 44.36 -10.15 32.99
N VAL D 162 43.88 -11.32 33.49
CA VAL D 162 44.69 -12.34 34.14
C VAL D 162 45.73 -12.90 33.21
N MET D 163 45.34 -13.27 31.96
CA MET D 163 46.25 -13.75 30.94
C MET D 163 47.28 -12.73 30.51
N ALA D 164 46.88 -11.43 30.52
CA ALA D 164 47.72 -10.33 30.12
C ALA D 164 48.80 -10.07 31.13
N LEU D 165 48.41 -10.05 32.43
CA LEU D 165 49.29 -9.98 33.58
C LEU D 165 50.24 -11.14 33.61
N ALA D 166 49.79 -12.35 33.23
CA ALA D 166 50.60 -13.55 33.08
C ALA D 166 51.74 -13.42 32.08
N CYS D 167 51.76 -12.35 31.26
CA CYS D 167 52.75 -12.12 30.24
C CYS D 167 53.53 -10.88 30.61
N ALA D 168 52.82 -9.79 31.00
CA ALA D 168 53.43 -8.51 31.30
C ALA D 168 54.20 -8.51 32.61
N ALA D 169 53.76 -9.29 33.61
CA ALA D 169 54.37 -9.32 34.93
C ALA D 169 55.67 -10.12 34.97
N PRO D 170 55.84 -11.33 34.39
CA PRO D 170 57.10 -12.06 34.38
C PRO D 170 58.38 -11.30 34.04
N PRO D 171 58.55 -10.45 33.03
CA PRO D 171 59.82 -9.77 32.79
C PRO D 171 60.23 -8.78 33.86
N LEU D 172 59.32 -8.42 34.81
CA LEU D 172 59.63 -7.53 35.91
C LEU D 172 60.22 -8.26 37.09
N VAL D 173 60.11 -9.62 37.13
CA VAL D 173 60.54 -10.42 38.26
C VAL D 173 61.64 -11.34 37.83
N GLY D 174 62.16 -11.16 36.58
CA GLY D 174 63.41 -11.75 36.14
C GLY D 174 63.20 -12.97 35.30
N TRP D 175 61.93 -13.30 34.92
CA TRP D 175 61.66 -14.36 33.99
C TRP D 175 61.54 -13.64 32.67
N SER D 176 62.66 -13.65 31.89
CA SER D 176 62.97 -12.75 30.81
C SER D 176 63.07 -11.33 31.34
N ARG D 177 63.11 -10.33 30.45
CA ARG D 177 63.29 -8.95 30.84
C ARG D 177 62.77 -8.11 29.72
N TYR D 178 62.55 -6.80 30.02
CA TYR D 178 62.24 -5.81 29.02
C TYR D 178 63.54 -5.22 28.61
N ILE D 179 63.70 -5.04 27.28
CA ILE D 179 64.90 -4.56 26.66
C ILE D 179 64.40 -3.87 25.40
N PRO D 180 65.09 -2.86 24.89
CA PRO D 180 64.74 -2.15 23.66
C PRO D 180 64.45 -3.03 22.46
N GLU D 181 63.40 -2.67 21.68
CA GLU D 181 63.04 -3.26 20.42
C GLU D 181 63.13 -2.14 19.44
N GLY D 182 62.95 -2.45 18.13
CA GLY D 182 62.87 -1.51 17.05
C GLY D 182 64.06 -0.58 16.94
N MET D 183 63.78 0.74 16.80
CA MET D 183 64.77 1.77 16.61
C MET D 183 65.27 2.31 17.93
N GLN D 184 64.97 1.60 19.04
CA GLN D 184 65.58 1.74 20.33
C GLN D 184 64.88 2.81 21.13
N CYS D 185 63.59 3.07 20.81
CA CYS D 185 62.81 4.11 21.43
C CYS D 185 61.57 3.49 22.01
N SER D 186 61.42 2.16 21.89
CA SER D 186 60.36 1.44 22.56
C SER D 186 60.98 0.16 23.06
N CYS D 187 60.39 -0.40 24.15
CA CYS D 187 60.86 -1.59 24.81
C CYS D 187 59.84 -2.68 24.64
N GLY D 188 60.30 -3.88 24.22
CA GLY D 188 59.46 -5.05 24.13
C GLY D 188 60.09 -6.12 24.97
N ILE D 189 59.58 -7.36 24.85
CA ILE D 189 60.09 -8.54 25.52
C ILE D 189 61.27 -9.04 24.73
N ASP D 190 62.34 -9.50 25.42
CA ASP D 190 63.48 -10.11 24.78
C ASP D 190 63.08 -11.46 24.22
N TYR D 191 63.58 -11.77 23.01
CA TYR D 191 63.28 -13.01 22.33
C TYR D 191 64.34 -13.20 21.29
N TYR D 192 65.35 -12.29 21.27
CA TYR D 192 66.42 -12.24 20.31
C TYR D 192 67.49 -13.25 20.64
N THR D 193 67.45 -13.83 21.85
CA THR D 193 68.38 -14.85 22.24
C THR D 193 67.65 -15.75 23.23
N PRO D 194 67.83 -17.07 23.19
CA PRO D 194 67.33 -17.96 24.21
C PRO D 194 68.46 -18.09 25.22
N HIS D 195 68.49 -17.17 26.21
CA HIS D 195 69.58 -17.06 27.15
C HIS D 195 69.04 -17.48 28.49
N GLU D 196 69.50 -18.67 28.95
CA GLU D 196 69.02 -19.41 30.10
C GLU D 196 69.15 -18.65 31.39
N GLU D 197 70.28 -17.93 31.56
CA GLU D 197 70.65 -17.19 32.75
C GLU D 197 69.68 -16.09 33.14
N THR D 198 68.82 -15.64 32.20
CA THR D 198 67.84 -14.60 32.43
C THR D 198 66.48 -15.18 32.17
N ASN D 199 66.43 -16.43 31.65
CA ASN D 199 65.26 -17.27 31.50
C ASN D 199 64.47 -16.91 30.27
N ASN D 200 65.11 -16.20 29.30
CA ASN D 200 64.52 -15.80 28.03
C ASN D 200 63.95 -16.95 27.27
N GLU D 201 64.69 -18.10 27.22
CA GLU D 201 64.35 -19.27 26.45
C GLU D 201 63.00 -19.83 26.80
N SER D 202 62.77 -20.07 28.11
CA SER D 202 61.53 -20.62 28.62
C SER D 202 60.36 -19.70 28.40
N PHE D 203 60.58 -18.37 28.58
CA PHE D 203 59.58 -17.36 28.38
C PHE D 203 59.10 -17.28 26.95
N VAL D 204 60.03 -17.33 25.97
CA VAL D 204 59.73 -17.27 24.54
C VAL D 204 58.86 -18.41 24.11
N ILE D 205 59.14 -19.64 24.63
CA ILE D 205 58.36 -20.84 24.38
C ILE D 205 56.97 -20.67 24.95
N TYR D 206 56.87 -20.20 26.22
CA TYR D 206 55.63 -19.94 26.91
C TYR D 206 54.74 -18.96 26.16
N MET D 207 55.29 -17.79 25.75
CA MET D 207 54.63 -16.78 24.94
C MET D 207 54.11 -17.30 23.64
N PHE D 208 54.97 -17.99 22.85
CA PHE D 208 54.63 -18.50 21.54
C PHE D 208 53.49 -19.49 21.60
N VAL D 209 53.50 -20.41 22.59
CA VAL D 209 52.50 -21.44 22.71
C VAL D 209 51.22 -20.89 23.29
N VAL D 210 51.29 -20.37 24.54
CA VAL D 210 50.12 -20.03 25.33
C VAL D 210 49.45 -18.75 24.87
N HIS D 211 50.23 -17.76 24.38
CA HIS D 211 49.71 -16.45 24.10
C HIS D 211 49.61 -16.17 22.62
N PHE D 212 50.04 -17.10 21.72
CA PHE D 212 49.79 -16.93 20.31
C PHE D 212 49.07 -18.12 19.73
N ILE D 213 49.68 -19.33 19.80
CA ILE D 213 49.14 -20.52 19.17
C ILE D 213 47.78 -20.91 19.68
N ILE D 214 47.60 -21.03 21.03
CA ILE D 214 46.33 -21.24 21.71
C ILE D 214 45.26 -20.25 21.24
N PRO D 215 45.38 -18.92 21.40
CA PRO D 215 44.52 -17.91 20.81
C PRO D 215 44.16 -18.09 19.36
N LEU D 216 45.17 -18.35 18.48
CA LEU D 216 45.03 -18.54 17.06
C LEU D 216 44.10 -19.69 16.72
N ILE D 217 44.25 -20.83 17.46
CA ILE D 217 43.41 -22.00 17.34
C ILE D 217 42.00 -21.67 17.71
N VAL D 218 41.78 -21.00 18.88
CA VAL D 218 40.48 -20.58 19.37
C VAL D 218 39.75 -19.69 18.38
N ILE D 219 40.43 -18.68 17.80
CA ILE D 219 39.92 -17.76 16.80
C ILE D 219 39.39 -18.51 15.58
N PHE D 220 40.18 -19.47 15.04
CA PHE D 220 39.81 -20.28 13.90
C PHE D 220 38.61 -21.15 14.17
N PHE D 221 38.58 -21.80 15.36
CA PHE D 221 37.51 -22.66 15.82
C PHE D 221 36.18 -21.95 15.86
N CYS D 222 36.09 -20.91 16.72
CA CYS D 222 34.94 -20.09 16.97
C CYS D 222 34.30 -19.52 15.72
N TYR D 223 35.10 -18.81 14.90
CA TYR D 223 34.60 -18.17 13.70
C TYR D 223 34.28 -19.17 12.60
N GLY D 224 35.03 -20.29 12.53
CA GLY D 224 34.75 -21.40 11.63
C GLY D 224 33.40 -22.00 11.86
N GLN D 225 33.10 -22.33 13.13
CA GLN D 225 31.81 -22.76 13.63
C GLN D 225 30.71 -21.81 13.28
N LEU D 226 30.91 -20.50 13.55
CA LEU D 226 29.95 -19.44 13.27
C LEU D 226 29.57 -19.37 11.81
N VAL D 227 30.56 -19.40 10.88
CA VAL D 227 30.34 -19.39 9.44
C VAL D 227 29.60 -20.63 8.99
N PHE D 228 29.92 -21.81 9.58
CA PHE D 228 29.25 -23.07 9.30
C PHE D 228 27.78 -22.98 9.64
N THR D 229 27.46 -22.62 10.91
CA THR D 229 26.13 -22.38 11.44
C THR D 229 25.30 -21.46 10.57
N VAL D 230 25.87 -20.29 10.16
CA VAL D 230 25.17 -19.26 9.42
C VAL D 230 24.87 -19.70 8.01
N LYS D 231 25.80 -20.43 7.35
CA LYS D 231 25.59 -21.05 6.06
C LYS D 231 24.48 -22.08 6.06
N GLU D 232 24.48 -22.96 7.10
CA GLU D 232 23.52 -24.01 7.30
C GLU D 232 22.12 -23.45 7.48
N ALA D 233 21.98 -22.48 8.42
CA ALA D 233 20.79 -21.71 8.70
C ALA D 233 20.21 -21.04 7.47
N ALA D 234 21.10 -20.46 6.63
CA ALA D 234 20.79 -19.76 5.41
C ALA D 234 20.22 -20.71 4.38
N ALA D 235 20.78 -21.94 4.29
CA ALA D 235 20.31 -23.01 3.45
C ALA D 235 18.89 -23.41 3.80
N GLN D 236 18.54 -23.40 5.11
CA GLN D 236 17.21 -23.69 5.60
C GLN D 236 16.30 -22.49 5.55
N GLN D 237 16.72 -21.36 4.91
CA GLN D 237 16.00 -20.12 4.94
C GLN D 237 16.41 -19.34 3.73
N GLN D 238 16.05 -19.85 2.53
CA GLN D 238 16.45 -19.27 1.26
C GLN D 238 15.27 -18.58 0.63
N GLU D 239 14.14 -18.48 1.37
CA GLU D 239 12.95 -17.79 0.94
C GLU D 239 12.94 -16.40 1.52
N SER D 240 14.05 -15.97 2.14
CA SER D 240 14.23 -14.65 2.68
C SER D 240 15.49 -14.15 2.03
N ALA D 241 15.37 -13.05 1.24
CA ALA D 241 16.43 -12.37 0.54
C ALA D 241 17.48 -11.85 1.49
N THR D 242 17.01 -11.26 2.61
CA THR D 242 17.77 -10.71 3.70
C THR D 242 18.79 -11.69 4.24
N THR D 243 18.33 -12.92 4.57
CA THR D 243 19.14 -13.98 5.12
C THR D 243 20.28 -14.39 4.21
N GLN D 244 20.05 -14.41 2.87
CA GLN D 244 21.07 -14.74 1.90
C GLN D 244 22.16 -13.69 1.82
N LYS D 245 21.76 -12.40 1.88
CA LYS D 245 22.68 -11.28 1.89
C LYS D 245 23.54 -11.26 3.12
N ALA D 246 22.90 -11.44 4.30
CA ALA D 246 23.52 -11.55 5.59
C ALA D 246 24.56 -12.62 5.66
N GLU D 247 24.29 -13.81 5.07
CA GLU D 247 25.19 -14.93 5.07
C GLU D 247 26.48 -14.62 4.35
N LYS D 248 26.38 -13.93 3.19
CA LYS D 248 27.52 -13.48 2.41
C LYS D 248 28.33 -12.43 3.13
N GLU D 249 27.64 -11.45 3.75
CA GLU D 249 28.24 -10.36 4.50
C GLU D 249 29.03 -10.85 5.68
N VAL D 250 28.43 -11.77 6.47
CA VAL D 250 29.02 -12.39 7.65
C VAL D 250 30.27 -13.18 7.32
N THR D 251 30.27 -13.94 6.19
CA THR D 251 31.42 -14.69 5.72
C THR D 251 32.57 -13.79 5.37
N ARG D 252 32.29 -12.66 4.68
CA ARG D 252 33.27 -11.64 4.32
C ARG D 252 33.89 -11.04 5.56
N MET D 253 33.05 -10.60 6.52
CA MET D 253 33.43 -10.07 7.81
C MET D 253 34.34 -10.98 8.58
N VAL D 254 34.05 -12.29 8.62
CA VAL D 254 34.83 -13.28 9.34
C VAL D 254 36.22 -13.41 8.76
N ILE D 255 36.37 -13.32 7.41
CA ILE D 255 37.66 -13.34 6.75
C ILE D 255 38.47 -12.14 7.18
N ILE D 256 37.88 -10.92 7.18
CA ILE D 256 38.48 -9.69 7.65
C ILE D 256 38.95 -9.80 9.09
N MET D 257 38.09 -10.35 9.98
CA MET D 257 38.34 -10.55 11.40
C MET D 257 39.50 -11.46 11.70
N VAL D 258 39.63 -12.57 10.91
CA VAL D 258 40.67 -13.57 11.06
C VAL D 258 41.99 -12.97 10.64
N ILE D 259 42.03 -12.35 9.44
CA ILE D 259 43.15 -11.60 8.90
C ILE D 259 43.66 -10.55 9.85
N ALA D 260 42.75 -9.81 10.54
CA ALA D 260 43.10 -8.76 11.47
C ALA D 260 43.82 -9.29 12.70
N PHE D 261 43.44 -10.50 13.18
CA PHE D 261 44.11 -11.16 14.28
C PHE D 261 45.50 -11.59 13.87
N LEU D 262 45.63 -12.12 12.62
CA LEU D 262 46.88 -12.58 12.05
C LEU D 262 47.89 -11.49 11.93
N ILE D 263 47.56 -10.36 11.24
CA ILE D 263 48.43 -9.22 11.02
C ILE D 263 49.05 -8.70 12.29
N CYS D 264 48.27 -8.63 13.38
CA CYS D 264 48.70 -8.02 14.61
C CYS D 264 49.77 -8.79 15.34
N TRP D 265 49.67 -10.14 15.42
CA TRP D 265 50.53 -10.93 16.28
C TRP D 265 51.43 -11.89 15.55
N LEU D 266 51.11 -12.24 14.29
CA LEU D 266 51.92 -13.11 13.46
C LEU D 266 53.34 -12.62 13.25
N PRO D 267 53.65 -11.34 12.95
CA PRO D 267 55.01 -10.83 12.81
C PRO D 267 55.90 -11.11 14.00
N TYR D 268 55.46 -10.79 15.24
CA TYR D 268 56.15 -11.10 16.47
C TYR D 268 56.45 -12.56 16.63
N ALA D 269 55.44 -13.42 16.37
CA ALA D 269 55.55 -14.86 16.47
C ALA D 269 56.53 -15.42 15.49
N GLY D 270 56.43 -15.02 14.20
CA GLY D 270 57.31 -15.43 13.12
C GLY D 270 58.76 -15.14 13.35
N VAL D 271 59.10 -13.85 13.62
CA VAL D 271 60.44 -13.38 13.90
C VAL D 271 61.04 -14.07 15.10
N ALA D 272 60.30 -14.08 16.24
CA ALA D 272 60.68 -14.73 17.49
C ALA D 272 60.99 -16.19 17.33
N PHE D 273 60.16 -16.91 16.55
CA PHE D 273 60.33 -18.32 16.32
C PHE D 273 61.59 -18.61 15.53
N TYR D 274 61.86 -17.81 14.46
CA TYR D 274 63.02 -18.01 13.61
C TYR D 274 64.33 -17.85 14.34
N ILE D 275 64.50 -16.76 15.13
CA ILE D 275 65.67 -16.50 15.95
C ILE D 275 65.88 -17.56 17.01
N PHE D 276 64.79 -18.10 17.59
CA PHE D 276 64.82 -19.14 18.59
C PHE D 276 65.30 -20.46 18.04
N THR D 277 64.81 -20.85 16.83
CA THR D 277 65.14 -22.10 16.20
C THR D 277 66.55 -22.08 15.66
N HIS D 278 67.00 -20.91 15.16
CA HIS D 278 68.32 -20.74 14.61
C HIS D 278 68.87 -19.52 15.25
N GLN D 279 69.77 -19.70 16.23
CA GLN D 279 70.32 -18.63 17.03
C GLN D 279 71.66 -18.27 16.47
N GLY D 280 71.78 -17.01 15.99
CA GLY D 280 73.01 -16.49 15.44
C GLY D 280 72.68 -15.56 14.32
N SER D 281 71.44 -15.65 13.77
CA SER D 281 70.97 -14.80 12.70
C SER D 281 70.86 -13.37 13.18
N ASP D 282 71.38 -12.42 12.39
CA ASP D 282 71.37 -11.02 12.71
C ASP D 282 70.59 -10.34 11.62
N PHE D 283 69.69 -9.43 12.05
CA PHE D 283 68.93 -8.57 11.18
C PHE D 283 69.06 -7.23 11.83
N GLY D 284 68.81 -6.15 11.03
CA GLY D 284 68.94 -4.78 11.48
C GLY D 284 67.91 -4.45 12.54
N PRO D 285 68.03 -3.29 13.19
CA PRO D 285 67.11 -2.87 14.22
C PRO D 285 65.82 -2.39 13.58
N ILE D 286 65.86 -1.99 12.28
CA ILE D 286 64.71 -1.47 11.58
C ILE D 286 63.77 -2.61 11.23
N PHE D 287 64.33 -3.84 11.02
CA PHE D 287 63.59 -5.07 10.82
C PHE D 287 62.71 -5.41 12.01
N MET D 288 63.20 -5.11 13.23
CA MET D 288 62.50 -5.37 14.47
C MET D 288 61.44 -4.35 14.74
N THR D 289 61.37 -3.24 13.96
CA THR D 289 60.36 -2.23 14.12
C THR D 289 59.16 -2.62 13.31
N ILE D 290 59.34 -3.49 12.28
CA ILE D 290 58.29 -3.98 11.41
C ILE D 290 57.16 -4.69 12.17
N PRO D 291 57.39 -5.66 13.07
CA PRO D 291 56.35 -6.24 13.92
C PRO D 291 55.61 -5.23 14.77
N ALA D 292 56.30 -4.14 15.21
CA ALA D 292 55.72 -3.12 16.05
C ALA D 292 54.74 -2.29 15.27
N PHE D 293 55.04 -1.98 13.99
CA PHE D 293 54.17 -1.24 13.11
C PHE D 293 52.83 -1.92 12.94
N PHE D 294 52.87 -3.25 12.64
CA PHE D 294 51.68 -4.06 12.47
C PHE D 294 50.83 -4.16 13.71
N ALA D 295 51.47 -4.39 14.87
CA ALA D 295 50.79 -4.52 16.14
C ALA D 295 50.12 -3.24 16.58
N LYS D 296 50.87 -2.12 16.54
CA LYS D 296 50.42 -0.83 17.00
C LYS D 296 49.24 -0.26 16.24
N THR D 297 49.15 -0.55 14.91
CA THR D 297 48.07 -0.09 14.08
C THR D 297 46.75 -0.75 14.42
N SER D 298 46.75 -1.89 15.15
CA SER D 298 45.54 -2.59 15.55
C SER D 298 44.71 -1.79 16.53
N ALA D 299 45.30 -0.76 17.18
CA ALA D 299 44.59 0.16 18.04
C ALA D 299 43.60 1.00 17.27
N VAL D 300 43.79 1.10 15.94
CA VAL D 300 42.88 1.78 15.05
C VAL D 300 41.97 0.78 14.38
N TYR D 301 42.53 -0.29 13.72
CA TYR D 301 41.71 -1.13 12.87
C TYR D 301 40.81 -2.10 13.58
N ASN D 302 41.20 -2.64 14.77
CA ASN D 302 40.33 -3.49 15.56
C ASN D 302 39.02 -2.81 15.95
N PRO D 303 38.95 -1.60 16.53
CA PRO D 303 37.67 -0.97 16.83
C PRO D 303 36.88 -0.60 15.59
N VAL D 304 37.53 -0.34 14.43
CA VAL D 304 36.81 -0.10 13.19
C VAL D 304 36.02 -1.33 12.81
N ILE D 305 36.67 -2.52 12.82
CA ILE D 305 36.07 -3.78 12.49
C ILE D 305 34.95 -4.16 13.46
N TYR D 306 35.19 -4.05 14.78
CA TYR D 306 34.32 -4.64 15.78
C TYR D 306 33.27 -3.70 16.31
N ILE D 307 33.32 -2.39 15.96
CA ILE D 307 32.37 -1.42 16.47
C ILE D 307 31.70 -0.75 15.30
N MET D 308 32.48 -0.01 14.47
CA MET D 308 32.02 0.82 13.38
C MET D 308 31.27 0.07 12.31
N MET D 309 31.65 -1.19 12.02
CA MET D 309 31.05 -1.98 10.97
C MET D 309 29.90 -2.80 11.50
N ASN D 310 29.35 -2.44 12.69
CA ASN D 310 28.19 -3.07 13.27
C ASN D 310 27.11 -2.03 13.34
N LYS D 311 25.93 -2.39 12.77
CA LYS D 311 24.72 -1.61 12.60
C LYS D 311 24.24 -0.87 13.83
N GLN D 312 24.21 -1.56 15.00
CA GLN D 312 23.68 -1.07 16.25
C GLN D 312 24.43 0.15 16.74
N PHE D 313 25.78 0.03 16.85
CA PHE D 313 26.68 1.10 17.23
C PHE D 313 26.55 2.30 16.35
N ARG D 314 26.48 2.09 15.01
CA ARG D 314 26.29 3.13 14.02
C ARG D 314 25.10 4.01 14.30
N ASN D 315 23.90 3.40 14.44
CA ASN D 315 22.66 4.11 14.75
C ASN D 315 22.77 4.98 15.99
N CYS D 316 23.23 4.40 17.12
CA CYS D 316 23.46 5.08 18.38
C CYS D 316 24.42 6.24 18.30
N MET D 317 25.56 6.07 17.59
CA MET D 317 26.55 7.10 17.34
C MET D 317 26.01 8.25 16.55
N VAL D 318 25.20 7.97 15.50
CA VAL D 318 24.52 8.96 14.66
C VAL D 318 23.58 9.79 15.50
N THR D 319 22.76 9.13 16.37
CA THR D 319 21.86 9.76 17.32
C THR D 319 22.59 10.73 18.22
N THR D 320 23.76 10.32 18.77
CA THR D 320 24.55 11.10 19.70
C THR D 320 25.18 12.31 19.02
N LEU D 321 25.66 12.14 17.76
CA LEU D 321 26.24 13.20 16.97
C LEU D 321 25.22 14.22 16.53
N CYS D 322 23.95 13.77 16.32
CA CYS D 322 22.83 14.61 15.96
C CYS D 322 22.06 14.90 17.22
N CYS D 323 22.77 15.36 18.27
CA CYS D 323 22.26 15.90 19.50
C CYS D 323 21.91 14.77 20.44
N GLY D 324 22.77 14.56 21.46
CA GLY D 324 22.57 13.51 22.41
C GLY D 324 23.81 13.45 23.24
N1 SGV E . 4.26 -14.26 20.05
C2 SGV E . 4.91 -13.41 19.22
N3 SGV E . 5.18 -12.09 19.42
C4 SGV E . 4.70 -11.64 20.59
C5 SGV E . 4.01 -12.40 21.55
C6 SGV E . 3.78 -13.77 21.23
N6 SGV E . 3.06 -14.64 22.05
C7 SGV E . 3.72 -11.49 22.64
C8 SGV E . 4.21 -10.26 22.26
N9 SGV E . 4.86 -10.37 21.07
C1' SGV E . 5.63 -9.32 20.40
C10 SGV E . 3.07 -11.77 23.92
N11 SGV E . 2.92 -10.70 24.77
O12 SGV E . 2.73 -12.89 24.25
C2' SGV E . 4.75 -8.30 19.71
O2' SGV E . 5.38 -7.94 18.49
C3' SGV E . 4.75 -7.17 20.71
O3' SGV E . 4.46 -5.89 20.15
C4' SGV E . 6.17 -7.23 21.23
O4' SGV E . 6.43 -8.63 21.38
C5' SGV E . 6.39 -6.48 22.53
O5' SGV E . 5.41 -6.83 23.50
C1 RET F . 53.82 -13.52 21.01
C2 RET F . 54.43 -14.89 20.77
C3 RET F . 55.82 -14.81 20.17
C4 RET F . 56.74 -14.10 21.15
C5 RET F . 56.18 -12.74 21.55
C6 RET F . 54.85 -12.46 21.50
C7 RET F . 54.24 -11.16 21.86
C8 RET F . 54.79 -9.94 21.70
C9 RET F . 54.11 -8.71 22.04
C10 RET F . 54.69 -7.51 21.69
C11 RET F . 54.10 -6.24 21.87
C12 RET F . 54.72 -5.11 21.40
C13 RET F . 54.16 -3.83 21.42
C14 RET F . 54.84 -2.77 20.80
C15 RET F . 54.34 -1.50 20.66
C16 RET F . 52.68 -13.70 22.04
C17 RET F . 53.18 -13.04 19.68
C18 RET F . 57.24 -11.75 22.04
C19 RET F . 52.76 -8.76 22.76
C20 RET F . 52.79 -3.60 22.08
CA LEU A 6 24.55 -8.52 10.52
C LEU A 6 24.37 -9.66 11.48
N GLU A 7 24.77 -9.46 12.76
CA GLU A 7 24.55 -10.31 13.90
C GLU A 7 23.09 -10.46 14.21
N THR A 8 22.32 -9.38 13.98
CA THR A 8 20.88 -9.37 14.15
C THR A 8 20.17 -10.33 13.22
N VAL A 9 20.61 -10.43 11.95
CA VAL A 9 20.14 -11.46 11.04
C VAL A 9 20.53 -12.85 11.48
N VAL A 10 21.76 -13.02 12.04
CA VAL A 10 22.24 -14.26 12.60
C VAL A 10 21.40 -14.75 13.74
N ALA A 11 21.00 -13.83 14.65
CA ALA A 11 20.12 -14.14 15.76
C ALA A 11 18.75 -14.56 15.28
N ASN A 12 18.23 -13.88 14.23
CA ASN A 12 16.98 -14.20 13.58
C ASN A 12 17.04 -15.54 12.89
N SER A 13 18.19 -15.84 12.23
CA SER A 13 18.48 -17.10 11.61
C SER A 13 18.53 -18.23 12.59
N ALA A 14 19.13 -18.01 13.79
CA ALA A 14 19.15 -19.03 14.83
C ALA A 14 17.77 -19.39 15.35
N PHE A 15 16.84 -18.39 15.43
CA PHE A 15 15.45 -18.60 15.79
C PHE A 15 14.77 -19.46 14.77
N ILE A 16 15.00 -19.16 13.47
CA ILE A 16 14.47 -19.89 12.33
C ILE A 16 14.96 -21.33 12.35
N ALA A 17 16.24 -21.53 12.75
CA ALA A 17 16.87 -22.84 12.83
C ALA A 17 16.18 -23.68 13.88
N ALA A 18 15.90 -23.05 15.07
CA ALA A 18 15.20 -23.68 16.17
C ALA A 18 13.78 -24.06 15.81
N ARG A 19 13.10 -23.17 15.05
CA ARG A 19 11.74 -23.33 14.57
C ARG A 19 11.67 -24.54 13.66
N GLY A 20 12.70 -24.71 12.80
CA GLY A 20 12.81 -25.78 11.83
C GLY A 20 12.87 -27.13 12.49
N SER A 21 13.70 -27.27 13.55
CA SER A 21 13.80 -28.46 14.37
C SER A 21 12.50 -28.73 15.09
N PHE A 22 11.86 -27.67 15.64
CA PHE A 22 10.59 -27.74 16.35
C PHE A 22 9.47 -28.22 15.44
N ASP A 23 9.42 -27.68 14.20
CA ASP A 23 8.44 -28.02 13.19
C ASP A 23 8.58 -29.47 12.77
N ALA A 24 9.83 -29.95 12.64
CA ALA A 24 10.16 -31.32 12.33
C ALA A 24 10.26 -32.09 13.61
N MET A 182 9.73 -22.68 37.14
CA MET A 182 10.98 -22.92 36.49
C MET A 182 11.97 -22.00 37.12
N GLY A 183 12.50 -21.02 36.35
CA GLY A 183 13.92 -20.79 36.29
C GLY A 183 14.31 -20.68 34.85
N GLU A 184 15.60 -20.35 34.62
CA GLU A 184 16.16 -20.13 33.31
C GLU A 184 16.88 -21.39 32.89
N ASP A 185 16.78 -22.46 33.72
CA ASP A 185 17.56 -23.67 33.62
C ASP A 185 16.63 -24.74 33.05
N TRP A 186 15.66 -24.28 32.22
CA TRP A 186 14.53 -25.05 31.78
C TRP A 186 14.08 -24.43 30.49
N PHE A 187 14.68 -23.28 30.09
CA PHE A 187 14.36 -22.67 28.83
C PHE A 187 15.62 -22.21 28.18
N LEU A 188 15.82 -22.65 26.92
CA LEU A 188 16.86 -22.19 26.02
C LEU A 188 16.33 -20.92 25.42
N ASP A 189 17.17 -19.87 25.34
CA ASP A 189 16.74 -18.52 25.06
C ASP A 189 17.13 -18.17 23.66
N PHE A 190 16.22 -17.44 22.95
CA PHE A 190 16.45 -16.93 21.61
C PHE A 190 16.31 -15.43 21.69
N ARG A 191 16.27 -14.79 20.50
CA ARG A 191 16.07 -13.37 20.27
C ARG A 191 14.85 -12.80 20.92
N VAL A 192 14.94 -11.50 21.32
CA VAL A 192 13.81 -10.73 21.79
C VAL A 192 12.90 -10.48 20.62
N LEU A 193 11.60 -10.23 20.91
CA LEU A 193 10.59 -10.10 19.90
C LEU A 193 10.00 -8.73 20.02
N GLY A 194 10.40 -7.96 21.06
CA GLY A 194 9.88 -6.64 21.28
C GLY A 194 10.27 -6.27 22.68
N ARG A 195 10.04 -4.99 23.05
CA ARG A 195 10.14 -4.57 24.43
C ARG A 195 8.73 -4.14 24.69
N GLY A 196 8.02 -4.96 25.51
CA GLY A 196 6.69 -4.73 26.03
C GLY A 196 6.56 -3.57 26.98
N GLY A 197 5.57 -3.68 27.90
CA GLY A 197 5.29 -2.65 28.87
C GLY A 197 6.22 -2.64 30.04
N PHE A 198 6.69 -3.83 30.50
CA PHE A 198 7.41 -3.95 31.76
C PHE A 198 8.80 -4.46 31.52
N GLY A 199 9.12 -4.85 30.27
CA GLY A 199 10.44 -5.30 29.91
C GLY A 199 10.30 -6.05 28.63
N GLU A 200 11.37 -6.78 28.25
CA GLU A 200 11.47 -7.49 27.00
C GLU A 200 10.64 -8.75 27.02
N VAL A 201 10.23 -9.21 25.81
CA VAL A 201 9.45 -10.41 25.62
C VAL A 201 10.19 -11.16 24.56
N PHE A 202 10.88 -12.28 24.93
CA PHE A 202 11.71 -13.02 24.01
C PHE A 202 11.13 -14.40 23.82
N ALA A 203 11.43 -15.02 22.65
CA ALA A 203 11.10 -16.40 22.40
C ALA A 203 12.02 -17.30 23.16
N CYS A 204 11.55 -18.54 23.42
CA CYS A 204 12.21 -19.45 24.30
C CYS A 204 11.62 -20.79 24.00
N GLN A 205 12.23 -21.89 24.51
CA GLN A 205 11.74 -23.21 24.24
C GLN A 205 12.01 -23.99 25.48
N MET A 206 10.98 -24.76 25.92
CA MET A 206 11.05 -25.77 26.94
C MET A 206 11.94 -26.93 26.58
N LYS A 207 12.91 -27.25 27.46
CA LYS A 207 13.79 -28.39 27.32
C LYS A 207 13.01 -29.69 27.35
N ALA A 208 12.03 -29.78 28.29
CA ALA A 208 11.40 -31.01 28.65
C ALA A 208 10.07 -31.22 27.95
N THR A 209 9.61 -30.24 27.15
CA THR A 209 8.29 -30.27 26.56
C THR A 209 8.52 -30.20 25.08
N GLY A 210 9.48 -29.35 24.66
CA GLY A 210 9.90 -29.21 23.29
C GLY A 210 8.95 -28.32 22.56
N LYS A 211 8.32 -27.36 23.28
CA LYS A 211 7.36 -26.44 22.75
C LYS A 211 7.90 -25.05 22.90
N LEU A 212 7.58 -24.17 21.92
CA LEU A 212 8.04 -22.80 21.86
C LEU A 212 7.02 -21.98 22.60
N TYR A 213 7.50 -20.99 23.38
CA TYR A 213 6.69 -20.10 24.16
C TYR A 213 7.32 -18.74 24.01
N ALA A 214 6.51 -17.67 24.15
CA ALA A 214 7.02 -16.35 24.44
C ALA A 214 7.08 -16.20 25.93
N CYS A 215 8.15 -15.54 26.41
CA CYS A 215 8.42 -15.30 27.80
C CYS A 215 8.48 -13.81 27.97
N LYS A 216 7.40 -13.23 28.52
CA LYS A 216 7.32 -11.85 28.90
C LYS A 216 8.03 -11.67 30.21
N LYS A 217 9.24 -11.06 30.11
CA LYS A 217 10.08 -10.71 31.21
C LYS A 217 9.66 -9.34 31.66
N LEU A 218 9.58 -9.16 32.99
CA LEU A 218 9.26 -7.89 33.60
C LEU A 218 10.50 -7.65 34.41
N ASN A 219 11.38 -6.77 33.89
CA ASN A 219 12.64 -6.40 34.49
C ASN A 219 12.45 -5.73 35.83
N LYS A 220 13.21 -6.19 36.86
CA LYS A 220 13.19 -5.67 38.21
C LYS A 220 13.51 -4.21 38.27
N LYS A 221 14.48 -3.78 37.40
CA LYS A 221 14.97 -2.44 37.27
C LYS A 221 13.89 -1.51 36.78
N ARG A 222 13.26 -1.85 35.63
CA ARG A 222 12.16 -1.13 35.02
C ARG A 222 10.93 -1.04 35.87
N LEU A 223 10.66 -2.08 36.70
CA LEU A 223 9.56 -2.12 37.66
C LEU A 223 9.73 -1.05 38.70
N LYS A 224 10.93 -0.92 39.30
CA LYS A 224 11.24 0.11 40.27
C LYS A 224 11.14 1.50 39.68
N LYS A 225 11.63 1.70 38.44
CA LYS A 225 11.65 2.99 37.78
C LYS A 225 10.28 3.58 37.55
N ARG A 226 9.37 2.80 36.92
CA ARG A 226 8.01 3.25 36.63
C ARG A 226 7.09 3.08 37.81
N LYS A 227 7.52 2.37 38.88
CA LYS A 227 6.71 1.94 40.00
C LYS A 227 5.53 1.12 39.52
N GLY A 228 5.83 0.12 38.65
CA GLY A 228 4.88 -0.62 37.87
C GLY A 228 4.50 -1.92 38.51
N TYR A 229 4.50 -1.98 39.87
CA TYR A 229 4.30 -3.20 40.61
C TYR A 229 2.85 -3.62 40.57
N GLN A 230 1.92 -2.65 40.63
CA GLN A 230 0.49 -2.89 40.59
C GLN A 230 0.09 -3.46 39.24
N GLY A 231 0.61 -2.83 38.14
CA GLY A 231 0.26 -3.13 36.77
C GLY A 231 0.62 -4.53 36.38
N ALA A 232 1.75 -5.02 36.93
CA ALA A 232 2.29 -6.34 36.70
C ALA A 232 1.39 -7.40 37.27
N MET A 233 0.97 -7.23 38.55
CA MET A 233 0.15 -8.15 39.31
C MET A 233 -1.22 -8.30 38.68
N VAL A 234 -1.73 -7.20 38.08
CA VAL A 234 -3.02 -7.09 37.44
C VAL A 234 -3.04 -7.95 36.20
N GLU A 235 -2.00 -7.79 35.34
CA GLU A 235 -1.85 -8.53 34.09
C GLU A 235 -1.83 -10.02 34.29
N LYS A 236 -1.15 -10.46 35.38
CA LYS A 236 -1.02 -11.83 35.79
C LYS A 236 -2.37 -12.40 36.11
N LYS A 237 -3.02 -11.86 37.18
CA LYS A 237 -4.27 -12.33 37.71
C LYS A 237 -5.43 -12.37 36.73
N ILE A 238 -5.54 -11.35 35.86
CA ILE A 238 -6.61 -11.24 34.88
C ILE A 238 -6.43 -12.29 33.80
N LEU A 239 -5.27 -12.30 33.07
CA LEU A 239 -4.98 -13.28 32.04
C LEU A 239 -5.07 -14.71 32.53
N ALA A 240 -4.63 -14.97 33.79
CA ALA A 240 -4.67 -16.26 34.45
C ALA A 240 -6.07 -16.80 34.61
N LYS A 241 -7.06 -15.91 34.80
CA LYS A 241 -8.41 -16.26 35.17
C LYS A 241 -9.29 -16.34 33.97
N VAL A 242 -9.04 -15.48 32.95
CA VAL A 242 -9.92 -15.33 31.82
C VAL A 242 -9.15 -15.72 30.59
N HIS A 243 -9.74 -16.64 29.80
CA HIS A 243 -9.13 -17.20 28.63
C HIS A 243 -10.24 -17.48 27.67
N SER A 244 -9.93 -17.41 26.35
CA SER A 244 -10.81 -17.82 25.30
C SER A 244 -9.89 -18.27 24.20
N ARG A 245 -10.35 -18.22 22.93
CA ARG A 245 -9.55 -18.55 21.78
C ARG A 245 -9.07 -17.26 21.15
N PHE A 246 -9.47 -16.12 21.74
CA PHE A 246 -9.11 -14.79 21.30
C PHE A 246 -8.38 -14.12 22.45
N ILE A 247 -7.98 -14.89 23.48
CA ILE A 247 -7.14 -14.40 24.54
C ILE A 247 -6.09 -15.47 24.71
N VAL A 248 -4.79 -15.08 24.69
CA VAL A 248 -3.66 -15.97 24.86
C VAL A 248 -3.69 -16.63 26.22
N SER A 249 -3.32 -17.92 26.28
CA SER A 249 -3.19 -18.65 27.52
C SER A 249 -1.91 -18.31 28.23
N LEU A 250 -1.95 -18.33 29.59
CA LEU A 250 -0.80 -18.19 30.43
C LEU A 250 -0.52 -19.58 30.90
N ALA A 251 0.76 -20.01 30.84
CA ALA A 251 1.15 -21.37 31.13
C ALA A 251 1.91 -21.46 32.41
N TYR A 252 2.76 -20.44 32.74
CA TYR A 252 3.64 -20.53 33.89
C TYR A 252 3.88 -19.13 34.39
N ALA A 253 4.09 -19.00 35.72
CA ALA A 253 4.48 -17.76 36.34
C ALA A 253 5.54 -18.15 37.34
N PHE A 254 6.82 -17.86 37.00
CA PHE A 254 7.97 -18.07 37.83
C PHE A 254 8.77 -16.79 37.76
N GLU A 255 9.92 -16.73 38.46
CA GLU A 255 10.80 -15.59 38.38
C GLU A 255 12.17 -16.17 38.20
N THR A 256 13.09 -15.33 37.67
CA THR A 256 14.49 -15.64 37.48
C THR A 256 15.24 -14.60 38.25
N LYS A 257 16.56 -14.47 37.99
CA LYS A 257 17.50 -13.64 38.72
C LYS A 257 17.17 -12.16 38.67
N THR A 258 16.85 -11.64 37.46
CA THR A 258 16.84 -10.22 37.20
C THR A 258 15.49 -9.78 36.70
N ASP A 259 14.52 -10.71 36.60
CA ASP A 259 13.25 -10.40 35.99
C ASP A 259 12.27 -11.45 36.46
N LEU A 260 10.98 -11.08 36.41
CA LEU A 260 9.84 -11.92 36.68
C LEU A 260 9.32 -12.40 35.36
N CYS A 261 8.87 -13.66 35.25
CA CYS A 261 8.51 -14.23 33.96
C CYS A 261 7.06 -14.62 33.97
N LEU A 262 6.36 -14.30 32.86
CA LEU A 262 5.09 -14.85 32.49
C LEU A 262 5.34 -15.53 31.18
N VAL A 263 5.09 -16.85 31.11
CA VAL A 263 5.33 -17.63 29.92
C VAL A 263 3.99 -17.97 29.32
N MET A 264 3.71 -17.43 28.11
CA MET A 264 2.44 -17.51 27.43
C MET A 264 2.67 -18.20 26.10
N THR A 265 1.56 -18.69 25.49
CA THR A 265 1.53 -19.40 24.23
C THR A 265 2.00 -18.53 23.08
N ILE A 266 2.74 -19.15 22.12
CA ILE A 266 3.28 -18.56 20.93
C ILE A 266 2.24 -17.97 20.02
N MET A 267 2.68 -16.90 19.33
CA MET A 267 1.92 -16.15 18.38
C MET A 267 3.03 -15.67 17.49
N ASN A 268 3.68 -16.63 16.76
CA ASN A 268 4.88 -16.40 15.99
C ASN A 268 4.56 -15.89 14.61
N GLY A 269 3.32 -15.38 14.45
CA GLY A 269 2.75 -14.97 13.21
C GLY A 269 2.89 -13.48 13.13
N GLY A 270 3.49 -12.85 14.19
CA GLY A 270 3.70 -11.42 14.28
C GLY A 270 2.47 -10.75 14.80
N ASP A 271 2.55 -9.42 14.96
CA ASP A 271 1.50 -8.57 15.46
C ASP A 271 0.96 -7.85 14.26
N ILE A 272 -0.30 -7.36 14.33
CA ILE A 272 -0.98 -6.67 13.25
C ILE A 272 -0.21 -5.46 12.77
N ARG A 273 0.46 -4.71 13.67
CA ARG A 273 1.23 -3.52 13.33
C ARG A 273 2.37 -3.87 12.40
N TYR A 274 3.07 -4.99 12.67
CA TYR A 274 4.12 -5.56 11.84
C TYR A 274 3.60 -5.85 10.45
N HIS A 275 2.38 -6.43 10.35
CA HIS A 275 1.76 -6.95 9.15
C HIS A 275 1.26 -5.87 8.24
N ILE A 276 0.97 -4.66 8.78
CA ILE A 276 0.64 -3.46 8.05
C ILE A 276 1.74 -3.13 7.08
N TYR A 277 3.01 -3.28 7.52
CA TYR A 277 4.19 -2.94 6.76
C TYR A 277 4.79 -4.15 6.08
N ASN A 278 4.46 -5.40 6.51
CA ASN A 278 5.09 -6.60 5.99
C ASN A 278 4.41 -7.06 4.72
N VAL A 279 3.12 -6.70 4.51
CA VAL A 279 2.36 -6.90 3.28
C VAL A 279 3.09 -6.24 2.11
N ASP A 280 3.73 -5.09 2.41
CA ASP A 280 4.54 -4.24 1.58
C ASP A 280 4.50 -2.95 2.35
N GLU A 281 5.61 -2.18 2.28
CA GLU A 281 5.78 -0.95 3.03
C GLU A 281 5.30 0.22 2.21
N ASP A 282 4.90 -0.05 0.95
CA ASP A 282 4.36 0.92 0.04
C ASP A 282 2.90 0.61 -0.16
N ASN A 283 2.36 -0.37 0.61
CA ASN A 283 0.97 -0.72 0.62
C ASN A 283 0.50 -0.40 2.02
N PRO A 284 -0.37 0.59 2.25
CA PRO A 284 -0.73 0.97 3.60
C PRO A 284 -1.88 0.10 4.03
N GLY A 285 -1.67 -0.69 5.10
CA GLY A 285 -2.62 -1.61 5.66
C GLY A 285 -3.07 -2.68 4.71
N PHE A 286 -4.20 -3.34 5.07
CA PHE A 286 -4.76 -4.43 4.33
C PHE A 286 -5.82 -3.91 3.42
N GLN A 287 -6.22 -4.75 2.45
CA GLN A 287 -7.40 -4.56 1.64
C GLN A 287 -8.59 -4.94 2.47
N GLU A 288 -9.79 -4.43 2.09
CA GLU A 288 -11.00 -4.50 2.85
C GLU A 288 -11.42 -5.89 3.31
N PRO A 289 -11.53 -6.98 2.53
CA PRO A 289 -11.96 -8.29 3.03
C PRO A 289 -11.14 -8.83 4.18
N ARG A 290 -9.79 -8.63 4.12
CA ARG A 290 -8.86 -9.09 5.13
C ARG A 290 -9.01 -8.34 6.41
N ALA A 291 -9.25 -7.02 6.33
CA ALA A 291 -9.47 -6.15 7.46
C ALA A 291 -10.76 -6.44 8.17
N ILE A 292 -11.85 -6.67 7.41
CA ILE A 292 -13.19 -7.00 7.88
C ILE A 292 -13.16 -8.28 8.67
N PHE A 293 -12.47 -9.32 8.11
CA PHE A 293 -12.31 -10.62 8.72
C PHE A 293 -11.70 -10.51 10.11
N TYR A 294 -10.55 -9.80 10.21
CA TYR A 294 -9.83 -9.57 11.45
C TYR A 294 -10.61 -8.78 12.46
N THR A 295 -11.35 -7.72 12.02
CA THR A 295 -12.24 -6.92 12.84
C THR A 295 -13.30 -7.73 13.52
N ALA A 296 -13.93 -8.66 12.78
CA ALA A 296 -14.92 -9.58 13.30
C ALA A 296 -14.35 -10.46 14.40
N GLN A 297 -13.11 -10.96 14.22
CA GLN A 297 -12.44 -11.78 15.22
C GLN A 297 -12.08 -11.01 16.48
N ILE A 298 -11.66 -9.72 16.33
CA ILE A 298 -11.39 -8.81 17.44
C ILE A 298 -12.65 -8.58 18.25
N VAL A 299 -13.81 -8.37 17.57
CA VAL A 299 -15.11 -8.16 18.19
C VAL A 299 -15.47 -9.28 19.12
N SER A 300 -15.27 -10.54 18.68
CA SER A 300 -15.51 -11.71 19.49
C SER A 300 -14.67 -11.77 20.74
N GLY A 301 -13.38 -11.37 20.65
CA GLY A 301 -12.49 -11.27 21.80
C GLY A 301 -12.89 -10.23 22.81
N LEU A 302 -13.26 -9.01 22.32
CA LEU A 302 -13.75 -7.92 23.15
C LEU A 302 -15.01 -8.27 23.87
N GLU A 303 -15.95 -8.96 23.16
CA GLU A 303 -17.22 -9.41 23.68
C GLU A 303 -17.03 -10.31 24.87
N HIS A 304 -16.04 -11.24 24.77
CA HIS A 304 -15.68 -12.16 25.84
C HIS A 304 -15.20 -11.42 27.07
N LEU A 305 -14.44 -10.31 26.91
CA LEU A 305 -13.99 -9.48 28.02
C LEU A 305 -15.16 -8.83 28.71
N HIS A 306 -16.12 -8.28 27.94
CA HIS A 306 -17.28 -7.58 28.46
C HIS A 306 -18.20 -8.49 29.23
N GLN A 307 -18.32 -9.76 28.79
CA GLN A 307 -19.05 -10.81 29.47
C GLN A 307 -18.46 -11.21 30.81
N ARG A 308 -17.16 -10.92 31.03
CA ARG A 308 -16.46 -11.20 32.28
C ARG A 308 -16.34 -9.95 33.10
N ASN A 309 -16.96 -8.83 32.64
CA ASN A 309 -17.01 -7.55 33.31
C ASN A 309 -15.64 -6.92 33.38
N ILE A 310 -14.93 -6.90 32.22
CA ILE A 310 -13.60 -6.35 32.12
C ILE A 310 -13.73 -5.18 31.18
N ILE A 311 -13.22 -4.02 31.64
CA ILE A 311 -12.96 -2.87 30.81
C ILE A 311 -11.48 -3.00 30.60
N TYR A 312 -11.02 -2.97 29.34
CA TYR A 312 -9.65 -3.17 28.98
C TYR A 312 -8.96 -1.82 29.06
N ARG A 313 -9.60 -0.76 28.51
CA ARG A 313 -9.12 0.61 28.49
C ARG A 313 -8.02 0.80 27.46
N ASP A 314 -7.77 -0.20 26.60
CA ASP A 314 -6.75 -0.08 25.59
C ASP A 314 -7.05 -1.16 24.57
N LEU A 315 -6.32 -1.10 23.44
CA LEU A 315 -6.28 -2.08 22.39
C LEU A 315 -5.58 -1.33 21.31
N LYS A 316 -4.48 -1.91 20.79
CA LYS A 316 -3.73 -1.34 19.70
C LYS A 316 -3.47 -2.51 18.79
N PRO A 317 -3.09 -2.28 17.53
CA PRO A 317 -2.62 -3.29 16.58
C PRO A 317 -1.52 -4.16 17.14
N GLU A 318 -0.59 -3.57 17.93
CA GLU A 318 0.59 -4.22 18.47
C GLU A 318 0.24 -5.20 19.57
N ASN A 319 -1.00 -5.14 20.09
CA ASN A 319 -1.49 -6.02 21.13
C ASN A 319 -2.45 -7.00 20.52
N VAL A 320 -2.66 -6.93 19.18
CA VAL A 320 -3.43 -7.91 18.44
C VAL A 320 -2.39 -8.73 17.73
N LEU A 321 -2.28 -10.01 18.14
CA LEU A 321 -1.27 -10.92 17.67
C LEU A 321 -1.92 -11.85 16.70
N LEU A 322 -1.18 -12.29 15.65
CA LEU A 322 -1.63 -13.29 14.71
C LEU A 322 -0.98 -14.56 15.16
N ASP A 323 -1.73 -15.68 15.05
CA ASP A 323 -1.23 -17.01 15.28
C ASP A 323 -0.67 -17.48 13.96
N ASP A 324 -0.32 -18.79 13.87
CA ASP A 324 0.38 -19.34 12.72
C ASP A 324 -0.62 -19.83 11.69
N ASP A 325 -1.93 -19.58 11.90
CA ASP A 325 -2.98 -19.89 10.95
C ASP A 325 -3.24 -18.63 10.18
N GLY A 326 -3.52 -17.52 10.89
CA GLY A 326 -3.83 -16.24 10.29
C GLY A 326 -4.88 -15.55 11.11
N ASN A 327 -5.58 -16.32 11.97
CA ASN A 327 -6.54 -15.85 12.93
C ASN A 327 -5.89 -14.90 13.91
N VAL A 328 -6.64 -13.86 14.37
CA VAL A 328 -6.08 -12.86 15.25
C VAL A 328 -6.67 -13.08 16.62
N ARG A 329 -5.97 -12.58 17.66
CA ARG A 329 -6.40 -12.65 19.03
C ARG A 329 -5.96 -11.37 19.66
N ILE A 330 -6.77 -10.85 20.61
CA ILE A 330 -6.38 -9.80 21.52
C ILE A 330 -5.54 -10.41 22.62
N SER A 331 -4.72 -9.60 23.32
CA SER A 331 -3.86 -10.09 24.36
C SER A 331 -3.47 -8.91 25.19
N ASP A 332 -2.96 -9.16 26.43
CA ASP A 332 -2.53 -8.16 27.40
C ASP A 332 -3.73 -7.54 28.08
N LEU A 333 -3.89 -7.82 29.40
CA LEU A 333 -5.01 -7.36 30.18
C LEU A 333 -4.42 -6.86 31.47
N GLY A 334 -3.35 -6.03 31.36
CA GLY A 334 -2.58 -5.53 32.47
C GLY A 334 -2.94 -4.12 32.76
N LEU A 335 -3.59 -3.45 31.77
CA LEU A 335 -4.07 -2.10 31.87
C LEU A 335 -5.56 -2.18 32.10
N ALA A 336 -6.09 -3.41 32.30
CA ALA A 336 -7.49 -3.70 32.49
C ALA A 336 -7.89 -3.53 33.93
N VAL A 337 -9.22 -3.41 34.17
CA VAL A 337 -9.80 -3.39 35.48
C VAL A 337 -11.06 -4.21 35.38
N GLU A 338 -11.32 -5.06 36.41
CA GLU A 338 -12.56 -5.75 36.57
C GLU A 338 -13.40 -4.97 37.51
N LEU A 339 -14.58 -4.50 37.02
CA LEU A 339 -15.52 -3.79 37.86
C LEU A 339 -16.32 -4.78 38.65
N LYS A 340 -16.56 -4.45 39.94
CA LYS A 340 -17.36 -5.23 40.83
C LYS A 340 -18.80 -4.86 40.61
N ALA A 341 -19.73 -5.70 41.11
CA ALA A 341 -21.14 -5.40 41.13
C ALA A 341 -21.39 -4.34 42.15
N GLY A 342 -21.92 -3.18 41.70
CA GLY A 342 -22.21 -2.04 42.51
C GLY A 342 -21.58 -0.83 41.89
N GLN A 343 -20.93 -1.01 40.71
CA GLN A 343 -20.52 0.09 39.88
C GLN A 343 -20.48 -0.44 38.49
N THR A 344 -20.75 0.46 37.52
CA THR A 344 -20.73 0.14 36.11
C THR A 344 -19.77 1.10 35.46
N LYS A 345 -19.08 1.95 36.26
CA LYS A 345 -18.15 2.90 35.74
C LYS A 345 -17.06 3.10 36.76
N THR A 346 -15.90 3.64 36.31
CA THR A 346 -14.78 3.91 37.16
C THR A 346 -13.96 4.95 36.44
N LYS A 347 -13.14 5.73 37.19
CA LYS A 347 -12.16 6.65 36.65
C LYS A 347 -10.87 5.93 36.44
N GLY A 348 -9.91 6.59 35.75
CA GLY A 348 -8.60 6.05 35.53
C GLY A 348 -7.92 6.94 34.55
N TYR A 349 -6.89 6.38 33.87
CA TYR A 349 -6.16 7.08 32.84
C TYR A 349 -5.40 5.98 32.10
N ALA A 350 -5.81 4.71 32.29
CA ALA A 350 -5.19 3.53 31.70
C ALA A 350 -5.26 3.54 30.20
N GLY A 351 -4.22 2.94 29.55
CA GLY A 351 -4.13 2.82 28.11
C GLY A 351 -3.03 3.69 27.63
N THR A 352 -2.88 3.77 26.28
CA THR A 352 -1.84 4.50 25.61
C THR A 352 -2.59 5.59 24.89
N PRO A 353 -2.26 6.89 25.00
CA PRO A 353 -2.88 7.98 24.24
C PRO A 353 -3.03 7.71 22.77
N GLY A 354 -4.20 8.06 22.18
CA GLY A 354 -4.50 7.81 20.78
C GLY A 354 -5.04 6.43 20.61
N PHE A 355 -5.47 5.79 21.72
CA PHE A 355 -6.08 4.49 21.78
C PHE A 355 -6.92 4.51 23.04
N MET A 356 -7.13 5.72 23.59
CA MET A 356 -7.91 6.00 24.76
C MET A 356 -9.02 6.88 24.29
N ALA A 357 -10.21 6.69 24.90
CA ALA A 357 -11.43 7.38 24.54
C ALA A 357 -11.44 8.70 25.28
N PRO A 358 -12.23 9.70 24.88
CA PRO A 358 -12.36 11.00 25.53
C PRO A 358 -12.50 11.00 27.02
N GLU A 359 -13.39 10.15 27.56
CA GLU A 359 -13.73 10.00 28.96
C GLU A 359 -12.56 9.84 29.89
N LEU A 360 -11.56 9.01 29.51
CA LEU A 360 -10.38 8.73 30.30
C LEU A 360 -9.54 9.96 30.45
N LEU A 361 -9.33 10.70 29.32
CA LEU A 361 -8.55 11.91 29.25
C LEU A 361 -9.16 13.02 30.10
N LEU A 362 -10.51 13.08 30.18
CA LEU A 362 -11.21 14.11 30.94
C LEU A 362 -11.33 13.71 32.39
N GLY A 363 -10.84 12.50 32.76
CA GLY A 363 -10.78 12.02 34.12
C GLY A 363 -12.13 11.66 34.66
N GLU A 364 -13.11 11.46 33.76
CA GLU A 364 -14.47 11.17 34.08
C GLU A 364 -14.60 9.70 34.29
N GLU A 365 -15.72 9.28 34.91
CA GLU A 365 -16.10 7.89 35.01
C GLU A 365 -16.57 7.42 33.65
N TYR A 366 -16.32 6.13 33.32
CA TYR A 366 -16.65 5.57 32.02
C TYR A 366 -16.95 4.12 32.20
N ASP A 367 -17.86 3.60 31.36
CA ASP A 367 -18.22 2.21 31.30
C ASP A 367 -17.42 1.54 30.22
N PHE A 368 -17.85 0.31 29.88
CA PHE A 368 -17.36 -0.65 28.92
C PHE A 368 -17.17 -0.11 27.52
N SER A 369 -17.81 1.03 27.20
CA SER A 369 -17.83 1.77 25.95
C SER A 369 -16.46 1.99 25.33
N VAL A 370 -15.45 2.28 26.17
CA VAL A 370 -14.11 2.66 25.80
C VAL A 370 -13.39 1.59 24.99
N ASP A 371 -13.70 0.29 25.22
CA ASP A 371 -13.10 -0.81 24.48
C ASP A 371 -13.59 -0.83 23.05
N TYR A 372 -14.87 -0.43 22.81
CA TYR A 372 -15.45 -0.33 21.49
C TYR A 372 -14.93 0.87 20.75
N PHE A 373 -14.48 1.92 21.48
CA PHE A 373 -13.80 3.06 20.90
C PHE A 373 -12.46 2.62 20.37
N ALA A 374 -11.74 1.81 21.16
CA ALA A 374 -10.46 1.23 20.85
C ALA A 374 -10.49 0.35 19.62
N LEU A 375 -11.58 -0.44 19.44
CA LEU A 375 -11.85 -1.25 18.27
C LEU A 375 -11.91 -0.42 17.01
N GLY A 376 -12.55 0.78 17.09
CA GLY A 376 -12.68 1.72 16.00
C GLY A 376 -11.34 2.23 15.56
N VAL A 377 -10.49 2.64 16.53
CA VAL A 377 -9.13 3.09 16.34
C VAL A 377 -8.29 2.03 15.66
N THR A 378 -8.47 0.76 16.08
CA THR A 378 -7.74 -0.39 15.59
C THR A 378 -8.05 -0.66 14.14
N LEU A 379 -9.35 -0.81 13.76
CA LEU A 379 -9.80 -1.00 12.40
C LEU A 379 -9.41 0.08 11.44
N TYR A 380 -9.46 1.37 11.86
CA TYR A 380 -9.08 2.48 11.01
C TYR A 380 -7.60 2.42 10.68
N GLU A 381 -6.77 2.11 11.72
CA GLU A 381 -5.34 1.99 11.64
C GLU A 381 -4.90 0.79 10.85
N MET A 382 -5.71 -0.30 10.92
CA MET A 382 -5.49 -1.56 10.23
C MET A 382 -5.50 -1.37 8.73
N ILE A 383 -6.38 -0.49 8.23
CA ILE A 383 -6.60 -0.24 6.82
C ILE A 383 -5.75 0.90 6.31
N ALA A 384 -5.60 1.99 7.09
CA ALA A 384 -4.99 3.22 6.61
C ALA A 384 -3.54 3.34 6.99
N ALA A 385 -3.06 2.46 7.90
CA ALA A 385 -1.70 2.44 8.40
C ALA A 385 -1.40 3.66 9.23
N ARG A 386 -2.34 4.03 10.13
CA ARG A 386 -2.23 5.13 11.05
C ARG A 386 -3.59 5.38 11.62
N GLY A 387 -3.65 5.74 12.93
CA GLY A 387 -4.86 5.97 13.68
C GLY A 387 -5.69 7.12 13.16
N PRO A 388 -6.94 7.22 13.55
CA PRO A 388 -7.83 8.30 13.15
C PRO A 388 -7.59 9.59 13.90
N PHE A 389 -6.56 9.67 14.78
CA PHE A 389 -6.33 10.83 15.63
C PHE A 389 -4.96 11.38 15.36
N ARG A 390 -4.40 11.05 14.18
CA ARG A 390 -3.21 11.68 13.68
C ARG A 390 -3.21 11.41 12.21
N ALA A 391 -2.48 12.25 11.44
CA ALA A 391 -2.36 12.11 10.01
C ALA A 391 -1.24 11.15 9.73
N ARG A 392 -1.10 10.71 8.45
CA ARG A 392 -0.16 9.69 8.06
C ARG A 392 1.27 10.15 8.19
N GLY A 393 2.13 9.29 8.77
CA GLY A 393 3.52 9.57 9.02
C GLY A 393 3.69 10.48 10.19
N GLU A 394 2.75 10.42 11.18
CA GLU A 394 2.79 11.25 12.36
C GLU A 394 2.41 10.37 13.51
N LYS A 395 2.69 10.89 14.72
CA LYS A 395 2.37 10.30 15.99
C LYS A 395 2.85 11.39 16.91
N VAL A 396 2.05 12.49 16.96
CA VAL A 396 2.28 13.67 17.75
C VAL A 396 2.33 13.40 19.22
N GLU A 397 3.04 14.30 19.96
CA GLU A 397 3.22 14.34 21.40
C GLU A 397 1.93 14.15 22.16
N ASN A 398 2.01 13.73 23.45
CA ASN A 398 0.88 13.34 24.26
C ASN A 398 -0.13 14.44 24.41
N LYS A 399 0.32 15.70 24.64
CA LYS A 399 -0.56 16.84 24.78
C LYS A 399 -1.38 17.16 23.55
N GLU A 400 -0.76 17.08 22.34
CA GLU A 400 -1.43 17.35 21.10
C GLU A 400 -2.39 16.25 20.74
N LEU A 401 -1.98 14.99 21.01
CA LEU A 401 -2.73 13.78 20.79
C LEU A 401 -3.98 13.74 21.63
N LYS A 402 -3.86 14.21 22.90
CA LYS A 402 -4.94 14.36 23.85
C LYS A 402 -6.00 15.31 23.36
N GLN A 403 -5.57 16.44 22.74
CA GLN A 403 -6.48 17.41 22.15
C GLN A 403 -7.18 16.87 20.93
N ARG A 404 -6.45 16.09 20.09
CA ARG A 404 -7.00 15.43 18.92
C ARG A 404 -8.10 14.45 19.27
N VAL A 405 -7.87 13.57 20.28
CA VAL A 405 -8.84 12.59 20.71
C VAL A 405 -10.12 13.23 21.20
N LEU A 406 -10.00 14.34 21.95
CA LEU A 406 -11.14 15.03 22.53
C LEU A 406 -11.95 15.84 21.56
N GLU A 407 -11.34 16.42 20.51
CA GLU A 407 -12.00 17.44 19.71
C GLU A 407 -12.19 17.05 18.27
N GLN A 408 -11.25 16.28 17.70
CA GLN A 408 -11.17 16.02 16.27
C GLN A 408 -12.28 15.13 15.80
N ALA A 409 -12.97 15.56 14.72
CA ALA A 409 -13.93 14.75 14.01
C ALA A 409 -13.13 14.01 12.98
N VAL A 410 -13.24 12.66 13.00
CA VAL A 410 -12.46 11.75 12.20
C VAL A 410 -12.68 11.98 10.73
N THR A 411 -11.57 12.06 9.96
CA THR A 411 -11.57 12.24 8.53
C THR A 411 -11.32 10.89 7.91
N TYR A 412 -11.83 10.69 6.67
CA TYR A 412 -11.78 9.44 5.98
C TYR A 412 -11.52 9.74 4.53
N PRO A 413 -10.63 9.06 3.84
CA PRO A 413 -10.46 9.18 2.40
C PRO A 413 -11.38 8.16 1.77
N ASP A 414 -11.64 8.28 0.44
CA ASP A 414 -12.54 7.38 -0.25
C ASP A 414 -11.69 6.23 -0.75
N LYS A 415 -11.69 5.15 0.05
CA LYS A 415 -11.01 3.91 -0.24
C LYS A 415 -11.56 2.93 0.76
N PHE A 416 -12.37 3.44 1.71
CA PHE A 416 -13.15 2.67 2.63
C PHE A 416 -14.46 2.43 1.95
N SER A 417 -15.09 1.27 2.22
CA SER A 417 -16.45 0.98 1.88
C SER A 417 -17.37 1.96 2.58
N PRO A 418 -18.55 2.32 2.08
CA PRO A 418 -19.52 3.15 2.79
C PRO A 418 -19.95 2.50 4.08
N ALA A 419 -20.17 1.17 4.07
CA ALA A 419 -20.51 0.39 5.24
C ALA A 419 -19.43 0.43 6.30
N SER A 420 -18.14 0.31 5.91
CA SER A 420 -17.03 0.34 6.84
C SER A 420 -16.81 1.71 7.42
N LYS A 421 -16.99 2.78 6.59
CA LYS A 421 -16.89 4.17 7.00
C LYS A 421 -17.87 4.47 8.10
N ASP A 422 -19.16 4.11 7.86
CA ASP A 422 -20.27 4.32 8.75
C ASP A 422 -20.03 3.61 10.07
N PHE A 423 -19.52 2.36 9.99
CA PHE A 423 -19.19 1.52 11.11
C PHE A 423 -18.11 2.12 12.00
N CYS A 424 -17.04 2.67 11.39
CA CYS A 424 -15.97 3.34 12.09
C CYS A 424 -16.44 4.57 12.82
N GLU A 425 -17.26 5.41 12.14
CA GLU A 425 -17.89 6.59 12.73
C GLU A 425 -18.70 6.31 13.96
N ALA A 426 -19.49 5.21 13.94
CA ALA A 426 -20.33 4.78 15.03
C ALA A 426 -19.57 4.43 16.28
N LEU A 427 -18.37 3.82 16.13
CA LEU A 427 -17.50 3.42 17.22
C LEU A 427 -16.68 4.57 17.75
N LEU A 428 -16.35 5.53 16.88
CA LEU A 428 -15.43 6.61 17.14
C LEU A 428 -16.16 7.82 17.67
N GLN A 429 -17.48 7.69 17.96
CA GLN A 429 -18.25 8.65 18.74
C GLN A 429 -17.59 9.01 20.06
N LYS A 430 -17.74 10.29 20.46
CA LYS A 430 -17.07 10.85 21.61
C LYS A 430 -17.99 10.82 22.81
N ASP A 431 -19.22 10.29 22.64
CA ASP A 431 -20.21 10.17 23.69
C ASP A 431 -20.49 8.69 23.82
N PRO A 432 -20.49 8.08 25.01
CA PRO A 432 -20.77 6.66 25.19
C PRO A 432 -22.18 6.31 24.80
N GLU A 433 -23.13 7.25 25.05
CA GLU A 433 -24.54 7.11 24.78
C GLU A 433 -24.87 6.86 23.33
N LYS A 434 -24.04 7.42 22.41
CA LYS A 434 -24.22 7.30 20.99
C LYS A 434 -23.29 6.27 20.41
N ARG A 435 -22.48 5.59 21.25
CA ARG A 435 -21.42 4.73 20.79
C ARG A 435 -21.97 3.34 20.62
N LEU A 436 -21.78 2.79 19.40
CA LEU A 436 -22.19 1.48 18.97
C LEU A 436 -21.51 0.40 19.77
N GLY A 437 -22.23 -0.70 20.03
CA GLY A 437 -21.74 -1.84 20.77
C GLY A 437 -22.38 -1.82 22.10
N PHE A 438 -21.70 -1.22 23.11
CA PHE A 438 -22.16 -1.28 24.48
C PHE A 438 -23.21 -0.23 24.67
N ARG A 439 -24.43 -0.68 25.01
CA ARG A 439 -25.56 0.18 25.26
C ARG A 439 -26.33 -0.45 26.37
N ASP A 440 -25.69 -0.45 27.56
CA ASP A 440 -26.29 -0.73 28.86
C ASP A 440 -26.33 -2.21 29.10
N GLY A 441 -25.45 -2.98 28.42
CA GLY A 441 -25.30 -4.40 28.59
C GLY A 441 -25.35 -5.07 27.26
N SER A 442 -25.46 -4.28 26.16
CA SER A 442 -25.45 -4.79 24.81
C SER A 442 -24.03 -5.11 24.43
N CYS A 443 -23.84 -6.14 23.56
CA CYS A 443 -22.57 -6.40 22.93
C CYS A 443 -22.84 -6.96 21.56
N ASP A 444 -24.11 -7.31 21.26
CA ASP A 444 -24.52 -7.92 20.01
C ASP A 444 -25.17 -6.88 19.14
N GLY A 445 -25.24 -5.61 19.61
CA GLY A 445 -25.77 -4.50 18.85
C GLY A 445 -24.85 -4.10 17.74
N LEU A 446 -23.51 -4.22 17.97
CA LEU A 446 -22.47 -3.95 17.02
C LEU A 446 -22.57 -4.80 15.78
N ARG A 447 -22.83 -6.11 15.97
CA ARG A 447 -22.87 -7.15 14.96
C ARG A 447 -23.93 -7.02 13.89
N THR A 448 -24.89 -6.07 14.02
CA THR A 448 -26.00 -5.95 13.12
C THR A 448 -25.67 -5.06 11.95
N HIS A 449 -24.52 -4.33 11.99
CA HIS A 449 -24.12 -3.37 11.00
C HIS A 449 -23.97 -4.03 9.64
N PRO A 450 -24.38 -3.43 8.51
CA PRO A 450 -24.33 -4.05 7.20
C PRO A 450 -22.97 -4.51 6.72
N LEU A 451 -21.87 -3.95 7.26
CA LEU A 451 -20.50 -4.34 7.01
C LEU A 451 -20.23 -5.83 7.12
N PHE A 452 -20.96 -6.50 8.03
CA PHE A 452 -20.77 -7.89 8.39
C PHE A 452 -21.72 -8.80 7.67
N ARG A 453 -22.30 -8.35 6.53
CA ARG A 453 -23.21 -9.15 5.71
C ARG A 453 -22.39 -10.15 4.92
N ASP A 454 -21.06 -9.91 4.81
CA ASP A 454 -20.11 -10.70 4.08
C ASP A 454 -19.43 -11.66 5.01
N ILE A 455 -19.80 -11.63 6.31
CA ILE A 455 -19.22 -12.41 7.37
C ILE A 455 -20.34 -13.24 7.93
N SER A 456 -20.04 -14.52 8.24
CA SER A 456 -20.92 -15.39 8.97
C SER A 456 -20.24 -15.53 10.31
N TRP A 457 -20.89 -15.01 11.38
CA TRP A 457 -20.31 -14.91 12.69
C TRP A 457 -20.14 -16.24 13.36
N ARG A 458 -21.10 -17.18 13.14
CA ARG A 458 -21.10 -18.49 13.75
C ARG A 458 -19.92 -19.31 13.28
N GLN A 459 -19.59 -19.21 11.97
CA GLN A 459 -18.50 -19.93 11.37
C GLN A 459 -17.17 -19.30 11.68
N LEU A 460 -17.14 -17.95 11.77
CA LEU A 460 -15.97 -17.18 12.15
C LEU A 460 -15.44 -17.52 13.51
N GLU A 461 -16.36 -17.56 14.51
CA GLU A 461 -16.07 -17.90 15.89
C GLU A 461 -15.64 -19.33 16.08
N ALA A 462 -16.01 -20.22 15.12
CA ALA A 462 -15.73 -21.63 15.20
C ALA A 462 -14.49 -21.97 14.40
N GLY A 463 -13.88 -20.95 13.73
CA GLY A 463 -12.63 -21.08 13.01
C GLY A 463 -12.75 -21.89 11.75
N MET A 464 -13.89 -21.76 11.06
CA MET A 464 -14.23 -22.57 9.91
C MET A 464 -14.13 -21.72 8.67
N LEU A 465 -13.67 -20.46 8.82
CA LEU A 465 -13.54 -19.53 7.73
C LEU A 465 -12.06 -19.24 7.65
N THR A 466 -11.51 -19.35 6.42
CA THR A 466 -10.11 -19.18 6.15
C THR A 466 -9.69 -17.73 6.33
N PRO A 467 -8.48 -17.44 6.78
CA PRO A 467 -8.02 -16.06 6.93
C PRO A 467 -7.42 -15.66 5.59
N PRO A 468 -7.51 -14.43 5.09
CA PRO A 468 -6.94 -14.08 3.79
C PRO A 468 -5.44 -13.92 3.78
N PHE A 469 -4.71 -14.32 4.86
CA PHE A 469 -3.28 -14.32 4.87
C PHE A 469 -2.94 -15.42 5.83
N VAL A 470 -1.88 -16.19 5.52
CA VAL A 470 -1.40 -17.26 6.36
C VAL A 470 0.04 -16.93 6.66
N PRO A 471 0.44 -16.65 7.90
CA PRO A 471 1.81 -16.36 8.27
C PRO A 471 2.72 -17.53 7.97
N ASP A 472 3.92 -17.25 7.39
CA ASP A 472 4.95 -18.22 7.15
C ASP A 472 5.46 -18.82 8.43
N SER A 473 5.80 -20.14 8.37
CA SER A 473 6.29 -20.91 9.49
C SER A 473 7.79 -21.04 9.35
N ARG A 474 8.37 -20.39 8.31
CA ARG A 474 9.77 -20.43 8.05
C ARG A 474 10.31 -19.05 8.22
N THR A 475 9.61 -18.02 7.68
CA THR A 475 10.01 -16.64 7.84
C THR A 475 9.23 -16.17 9.02
N VAL A 476 9.93 -16.01 10.16
CA VAL A 476 9.35 -15.63 11.43
C VAL A 476 9.20 -14.12 11.44
N TYR A 477 8.15 -13.65 12.15
CA TYR A 477 7.79 -12.25 12.17
C TYR A 477 7.87 -11.81 13.61
N ALA A 478 8.79 -10.85 13.88
CA ALA A 478 8.95 -10.27 15.18
C ALA A 478 9.78 -9.02 14.98
N LYS A 479 9.74 -8.09 15.97
CA LYS A 479 10.55 -6.88 15.98
C LYS A 479 12.01 -7.27 16.14
N ASN A 480 12.91 -6.67 15.33
CA ASN A 480 14.35 -6.87 15.38
C ASN A 480 14.94 -6.50 16.72
N ILE A 481 16.02 -7.23 17.09
CA ILE A 481 16.60 -7.25 18.40
C ILE A 481 17.41 -6.01 18.70
N GLN A 482 17.86 -5.27 17.65
CA GLN A 482 18.58 -4.03 17.81
C GLN A 482 17.67 -2.83 17.67
N ASP A 483 16.35 -3.09 17.48
CA ASP A 483 15.33 -2.07 17.36
C ASP A 483 14.19 -2.51 18.24
N VAL A 484 14.45 -2.59 19.56
CA VAL A 484 13.43 -2.81 20.56
C VAL A 484 13.54 -1.61 21.48
N GLY A 485 12.42 -1.32 22.19
CA GLY A 485 12.25 -0.16 23.05
C GLY A 485 13.29 -0.07 24.13
N ALA A 486 13.48 1.16 24.67
CA ALA A 486 14.44 1.41 25.70
C ALA A 486 13.84 2.40 26.63
N PHE A 487 14.13 2.21 27.93
CA PHE A 487 13.62 3.00 29.02
C PHE A 487 14.63 2.74 30.09
N GLU A 488 14.66 3.61 31.13
CA GLU A 488 15.64 3.62 32.19
C GLU A 488 15.73 2.29 32.88
N GLU A 489 16.99 1.89 33.16
CA GLU A 489 17.34 0.83 34.06
C GLU A 489 18.34 1.47 34.98
N VAL A 490 18.57 0.84 36.17
CA VAL A 490 19.02 1.53 37.36
C VAL A 490 20.37 2.18 37.17
N LYS A 491 20.53 3.38 37.81
CA LYS A 491 21.72 4.18 37.71
C LYS A 491 22.10 4.52 39.12
N GLY A 492 22.20 3.48 39.99
CA GLY A 492 22.64 3.61 41.35
C GLY A 492 21.48 3.39 42.28
N VAL A 493 20.40 2.73 41.78
CA VAL A 493 19.11 2.74 42.42
C VAL A 493 18.90 1.32 42.87
N ALA A 494 18.78 1.14 44.20
CA ALA A 494 18.79 -0.17 44.82
C ALA A 494 17.37 -0.50 45.18
N PHE A 495 17.09 -1.81 45.33
CA PHE A 495 15.75 -2.31 45.53
C PHE A 495 15.50 -2.40 47.00
N GLU A 496 14.31 -1.89 47.42
CA GLU A 496 13.74 -2.01 48.73
C GLU A 496 13.44 -3.44 49.07
N LYS A 497 13.41 -3.78 50.38
CA LYS A 497 12.98 -5.06 50.91
C LYS A 497 11.59 -5.42 50.42
N ALA A 498 10.69 -4.41 50.40
CA ALA A 498 9.32 -4.45 49.92
C ALA A 498 9.20 -4.94 48.49
N ASP A 499 10.10 -4.43 47.61
CA ASP A 499 10.18 -4.77 46.20
C ASP A 499 10.43 -6.25 46.01
N THR A 500 11.44 -6.79 46.74
CA THR A 500 11.83 -8.20 46.75
C THR A 500 10.68 -9.10 47.14
N GLU A 501 9.87 -8.67 48.14
CA GLU A 501 8.73 -9.39 48.63
C GLU A 501 7.61 -9.43 47.61
N PHE A 502 7.44 -8.32 46.85
CA PHE A 502 6.50 -8.21 45.75
C PHE A 502 6.87 -9.17 44.64
N PHE A 503 8.20 -9.29 44.34
CA PHE A 503 8.74 -10.14 43.30
C PHE A 503 8.45 -11.59 43.59
N GLN A 504 8.62 -12.01 44.86
CA GLN A 504 8.27 -13.33 45.35
C GLN A 504 6.78 -13.62 45.23
N GLU A 505 5.92 -12.62 45.58
CA GLU A 505 4.49 -12.68 45.59
C GLU A 505 3.89 -12.86 44.23
N PHE A 506 4.43 -12.11 43.22
CA PHE A 506 4.09 -12.18 41.82
C PHE A 506 4.22 -13.57 41.26
N ALA A 507 5.36 -14.24 41.56
CA ALA A 507 5.69 -15.58 41.07
C ALA A 507 4.70 -16.59 41.59
N SER A 508 4.30 -16.45 42.87
CA SER A 508 3.42 -17.37 43.55
C SER A 508 2.00 -16.88 43.41
N GLU B 4 -38.67 -7.28 -9.95
CA GLU B 4 -37.52 -6.44 -9.76
C GLU B 4 -37.15 -5.86 -11.08
N VAL B 5 -37.87 -6.26 -12.16
CA VAL B 5 -37.75 -5.70 -13.48
C VAL B 5 -38.52 -4.41 -13.58
N GLN B 6 -39.46 -4.18 -12.62
CA GLN B 6 -40.42 -3.11 -12.65
C GLN B 6 -39.86 -1.92 -11.92
N LEU B 7 -39.36 -0.93 -12.69
CA LEU B 7 -38.90 0.32 -12.16
C LEU B 7 -39.32 1.31 -13.22
N VAL B 8 -40.64 1.52 -13.35
CA VAL B 8 -41.25 2.36 -14.34
C VAL B 8 -41.59 3.72 -13.83
N GLU B 9 -41.03 4.80 -14.43
CA GLU B 9 -41.39 6.17 -14.19
C GLU B 9 -42.84 6.40 -14.55
N SER B 10 -43.61 7.11 -13.69
CA SER B 10 -45.01 7.35 -13.93
C SER B 10 -45.42 8.70 -13.40
N GLY B 11 -44.46 9.62 -13.22
CA GLY B 11 -44.73 10.95 -12.70
C GLY B 11 -44.71 11.96 -13.81
N GLY B 12 -44.30 11.54 -15.03
CA GLY B 12 -44.22 12.34 -16.23
C GLY B 12 -45.46 13.04 -16.68
N GLY B 13 -45.32 13.80 -17.80
CA GLY B 13 -46.37 14.58 -18.40
C GLY B 13 -45.74 15.80 -18.98
N LEU B 14 -46.48 16.50 -19.88
CA LEU B 14 -46.13 17.82 -20.39
C LEU B 14 -46.18 18.83 -19.27
N VAL B 15 -45.19 19.75 -19.23
CA VAL B 15 -45.09 20.72 -18.18
C VAL B 15 -44.27 21.83 -18.74
N GLN B 16 -44.53 23.09 -18.31
CA GLN B 16 -43.88 24.28 -18.80
C GLN B 16 -42.55 24.45 -18.09
N PRO B 17 -41.59 25.20 -18.62
CA PRO B 17 -40.33 25.56 -17.96
C PRO B 17 -40.47 25.98 -16.51
N GLY B 18 -39.60 25.46 -15.61
CA GLY B 18 -39.67 25.74 -14.21
C GLY B 18 -40.81 24.97 -13.60
N GLY B 19 -40.94 23.68 -14.01
CA GLY B 19 -42.05 22.80 -13.68
C GLY B 19 -42.04 22.38 -12.24
N SER B 20 -42.78 21.30 -11.92
CA SER B 20 -42.94 20.90 -10.55
C SER B 20 -43.43 19.48 -10.48
N LEU B 21 -43.39 18.72 -11.60
CA LEU B 21 -43.70 17.31 -11.61
C LEU B 21 -42.71 16.55 -10.77
N ARG B 22 -43.21 15.63 -9.92
CA ARG B 22 -42.36 14.80 -9.11
C ARG B 22 -42.33 13.47 -9.81
N LEU B 23 -41.23 13.20 -10.56
CA LEU B 23 -41.01 11.97 -11.30
C LEU B 23 -40.91 10.85 -10.30
N SER B 24 -41.69 9.75 -10.47
CA SER B 24 -41.82 8.77 -9.43
C SER B 24 -41.65 7.36 -9.91
N CYS B 25 -40.59 6.70 -9.40
CA CYS B 25 -40.17 5.40 -9.84
C CYS B 25 -41.08 4.37 -9.23
N ALA B 26 -41.68 3.48 -10.06
CA ALA B 26 -42.54 2.41 -9.61
C ALA B 26 -41.74 1.20 -9.17
N ALA B 27 -40.65 1.40 -8.40
CA ALA B 27 -39.72 0.39 -7.95
C ALA B 27 -40.42 -0.64 -7.11
N SER B 28 -40.18 -1.94 -7.39
CA SER B 28 -40.90 -3.00 -6.73
C SER B 28 -40.36 -4.33 -7.19
N GLY B 29 -39.92 -5.14 -6.20
CA GLY B 29 -39.31 -6.44 -6.40
C GLY B 29 -38.02 -6.49 -5.65
N PHE B 30 -37.70 -5.41 -4.91
CA PHE B 30 -36.52 -5.31 -4.09
C PHE B 30 -36.86 -4.22 -3.12
N ASN B 31 -36.05 -4.07 -2.05
CA ASN B 31 -36.24 -3.03 -1.06
C ASN B 31 -35.17 -2.01 -1.31
N PHE B 32 -35.59 -0.71 -1.35
CA PHE B 32 -34.75 0.40 -1.73
C PHE B 32 -34.08 0.85 -0.45
N SER B 33 -32.82 0.38 -0.28
CA SER B 33 -31.91 0.76 0.78
C SER B 33 -30.72 -0.17 0.65
N SER B 34 -30.72 -1.05 -0.38
CA SER B 34 -29.63 -1.95 -0.67
C SER B 34 -29.16 -1.63 -2.07
N TYR B 35 -29.70 -0.54 -2.66
CA TYR B 35 -29.46 -0.15 -4.02
C TYR B 35 -29.66 1.33 -3.99
N SER B 36 -29.11 2.05 -4.98
CA SER B 36 -29.20 3.49 -5.05
C SER B 36 -29.87 3.77 -6.35
N ILE B 37 -30.97 4.55 -6.30
CA ILE B 37 -31.94 4.65 -7.37
C ILE B 37 -31.77 6.05 -7.83
N HIS B 38 -31.33 6.21 -9.10
CA HIS B 38 -30.89 7.47 -9.60
C HIS B 38 -31.23 7.53 -11.05
N TRP B 39 -31.57 8.75 -11.52
CA TRP B 39 -32.32 8.90 -12.74
C TRP B 39 -31.31 8.97 -13.84
N VAL B 40 -31.48 8.08 -14.84
CA VAL B 40 -30.66 8.01 -16.03
C VAL B 40 -31.60 8.46 -17.10
N ARG B 41 -31.21 9.46 -17.92
CA ARG B 41 -32.12 10.02 -18.85
C ARG B 41 -31.69 9.80 -20.28
N GLN B 42 -32.49 8.99 -21.01
CA GLN B 42 -32.25 8.71 -22.40
C GLN B 42 -32.91 9.81 -23.17
N ALA B 43 -32.15 10.87 -23.53
CA ALA B 43 -32.65 11.98 -24.31
C ALA B 43 -32.98 11.44 -25.69
N PRO B 44 -34.04 11.87 -26.39
CA PRO B 44 -34.55 11.21 -27.58
C PRO B 44 -33.55 11.15 -28.72
N GLY B 45 -33.19 9.92 -29.16
CA GLY B 45 -32.22 9.64 -30.20
C GLY B 45 -30.83 10.09 -29.83
N LYS B 46 -30.49 10.01 -28.53
CA LYS B 46 -29.27 10.52 -27.98
C LYS B 46 -28.95 9.68 -26.77
N GLY B 47 -27.72 9.84 -26.24
CA GLY B 47 -27.12 8.88 -25.36
C GLY B 47 -27.49 9.15 -23.93
N LEU B 48 -27.21 8.14 -23.08
CA LEU B 48 -27.47 8.08 -21.67
C LEU B 48 -26.65 9.10 -20.91
N GLU B 49 -27.24 9.73 -19.87
CA GLU B 49 -26.52 10.70 -19.06
C GLU B 49 -27.01 10.49 -17.65
N TRP B 50 -26.35 11.13 -16.66
CA TRP B 50 -26.59 10.89 -15.26
C TRP B 50 -27.26 12.13 -14.72
N VAL B 51 -28.18 11.96 -13.73
CA VAL B 51 -28.85 13.08 -13.09
C VAL B 51 -28.36 13.27 -11.67
N ALA B 52 -28.57 12.28 -10.77
CA ALA B 52 -28.22 12.44 -9.38
C ALA B 52 -27.88 11.12 -8.79
N TYR B 53 -28.20 10.90 -7.49
CA TYR B 53 -27.61 9.85 -6.70
C TYR B 53 -28.24 10.02 -5.35
N ILE B 54 -28.96 8.98 -4.86
CA ILE B 54 -29.54 9.04 -3.54
C ILE B 54 -29.75 7.63 -3.07
N SER B 55 -29.76 7.45 -1.74
CA SER B 55 -29.84 6.18 -1.07
C SER B 55 -30.81 6.40 0.05
N SER B 56 -31.39 5.30 0.58
CA SER B 56 -32.28 5.34 1.72
C SER B 56 -31.55 4.85 2.94
N TYR B 57 -30.28 4.43 2.77
CA TYR B 57 -29.46 3.87 3.81
C TYR B 57 -28.44 4.92 4.12
N TYR B 58 -27.43 5.04 3.24
CA TYR B 58 -26.21 5.78 3.45
C TYR B 58 -26.47 7.27 3.32
N GLY B 59 -27.51 7.64 2.53
CA GLY B 59 -28.04 8.98 2.44
C GLY B 59 -27.08 9.96 1.83
N SER B 60 -26.29 9.52 0.83
CA SER B 60 -25.38 10.38 0.11
C SER B 60 -26.13 11.11 -0.97
N THR B 61 -26.09 12.46 -0.90
CA THR B 61 -26.59 13.34 -1.91
C THR B 61 -25.42 13.65 -2.81
N TYR B 62 -25.68 13.86 -4.12
CA TYR B 62 -24.65 14.15 -5.09
C TYR B 62 -25.40 14.22 -6.39
N TYR B 63 -25.05 15.23 -7.22
CA TYR B 63 -25.70 15.50 -8.48
C TYR B 63 -24.62 15.45 -9.52
N ALA B 64 -25.02 15.11 -10.77
CA ALA B 64 -24.17 15.26 -11.94
C ALA B 64 -24.09 16.74 -12.20
N ASP B 65 -22.90 17.24 -12.58
CA ASP B 65 -22.65 18.67 -12.64
C ASP B 65 -22.97 19.14 -14.03
N SER B 66 -24.18 19.72 -14.20
CA SER B 66 -24.77 20.10 -15.47
C SER B 66 -26.25 20.24 -15.23
N VAL B 67 -26.81 19.40 -14.33
CA VAL B 67 -28.20 19.44 -13.94
C VAL B 67 -28.31 19.83 -12.50
N LYS B 68 -27.16 20.12 -11.83
CA LYS B 68 -27.08 20.30 -10.40
C LYS B 68 -27.83 21.53 -9.95
N GLY B 69 -28.79 21.33 -9.02
CA GLY B 69 -29.51 22.38 -8.35
C GLY B 69 -30.79 22.73 -9.08
N ARG B 70 -31.08 22.03 -10.20
CA ARG B 70 -32.30 22.23 -10.95
C ARG B 70 -33.23 21.11 -10.61
N PHE B 71 -32.73 20.13 -9.82
CA PHE B 71 -33.44 18.95 -9.45
C PHE B 71 -32.94 18.63 -8.09
N THR B 72 -33.82 18.08 -7.23
CA THR B 72 -33.48 17.77 -5.87
C THR B 72 -34.03 16.40 -5.61
N ILE B 73 -33.12 15.43 -5.36
CA ILE B 73 -33.45 14.06 -5.04
C ILE B 73 -34.09 13.96 -3.69
N SER B 74 -34.92 12.92 -3.54
CA SER B 74 -35.64 12.62 -2.33
C SER B 74 -35.84 11.14 -2.45
N ALA B 75 -35.98 10.44 -1.31
CA ALA B 75 -35.92 9.01 -1.30
C ALA B 75 -36.72 8.55 -0.14
N ASP B 76 -37.35 7.36 -0.29
CA ASP B 76 -38.24 6.81 0.69
C ASP B 76 -38.08 5.32 0.56
N THR B 77 -38.20 4.62 1.71
CA THR B 77 -38.09 3.17 1.79
C THR B 77 -39.50 2.68 2.11
N SER B 78 -40.47 3.64 2.20
CA SER B 78 -41.87 3.44 2.50
C SER B 78 -42.55 2.63 1.44
N LYS B 79 -42.17 2.86 0.16
CA LYS B 79 -42.78 2.20 -0.97
C LYS B 79 -41.80 2.25 -2.11
N ASN B 80 -40.55 2.70 -1.82
CA ASN B 80 -39.38 2.62 -2.68
C ASN B 80 -39.43 3.67 -3.75
N THR B 81 -40.37 4.63 -3.64
CA THR B 81 -40.45 5.77 -4.52
C THR B 81 -39.35 6.74 -4.20
N ALA B 82 -38.98 7.54 -5.21
CA ALA B 82 -37.95 8.51 -5.10
C ALA B 82 -38.42 9.55 -6.05
N TYR B 83 -38.12 10.84 -5.76
CA TYR B 83 -38.74 11.92 -6.46
C TYR B 83 -37.68 12.91 -6.76
N LEU B 84 -37.66 13.42 -8.01
CA LEU B 84 -36.81 14.53 -8.36
C LEU B 84 -37.77 15.66 -8.49
N GLN B 85 -37.63 16.66 -7.61
CA GLN B 85 -38.41 17.87 -7.63
C GLN B 85 -37.91 18.67 -8.79
N MET B 86 -38.80 19.34 -9.55
CA MET B 86 -38.40 20.12 -10.68
C MET B 86 -38.42 21.53 -10.21
N ASN B 87 -37.37 22.31 -10.59
CA ASN B 87 -37.15 23.63 -10.04
C ASN B 87 -36.69 24.51 -11.15
N SER B 88 -36.10 23.91 -12.21
CA SER B 88 -35.82 24.60 -13.43
C SER B 88 -35.82 23.52 -14.47
N LEU B 89 -36.17 23.89 -15.73
CA LEU B 89 -36.26 22.95 -16.81
C LEU B 89 -35.83 23.70 -18.03
N ARG B 90 -35.20 22.95 -18.97
CA ARG B 90 -34.56 23.48 -20.15
C ARG B 90 -35.21 22.71 -21.26
N ALA B 91 -34.64 22.80 -22.48
CA ALA B 91 -35.08 22.01 -23.62
C ALA B 91 -34.21 20.78 -23.71
N GLU B 92 -33.28 20.62 -22.74
CA GLU B 92 -32.37 19.52 -22.65
C GLU B 92 -32.80 18.66 -21.50
N ASP B 93 -33.95 19.00 -20.87
CA ASP B 93 -34.51 18.28 -19.73
C ASP B 93 -35.73 17.53 -20.22
N THR B 94 -35.76 17.24 -21.54
CA THR B 94 -36.76 16.41 -22.16
C THR B 94 -36.07 15.10 -22.38
N ALA B 95 -36.60 14.01 -21.77
CA ALA B 95 -36.11 12.69 -22.02
C ALA B 95 -37.14 11.74 -21.54
N VAL B 96 -37.07 10.47 -22.03
CA VAL B 96 -37.87 9.38 -21.50
C VAL B 96 -37.11 8.81 -20.33
N TYR B 97 -37.28 9.45 -19.14
CA TYR B 97 -36.58 9.12 -17.91
C TYR B 97 -36.81 7.70 -17.47
N TYR B 98 -35.76 7.06 -16.91
CA TYR B 98 -35.87 5.78 -16.29
C TYR B 98 -35.18 5.94 -14.98
N CYS B 99 -35.53 5.06 -14.02
CA CYS B 99 -34.87 5.01 -12.75
C CYS B 99 -34.03 3.76 -12.80
N ALA B 100 -32.70 3.93 -12.63
CA ALA B 100 -31.75 2.85 -12.63
C ALA B 100 -31.72 2.17 -11.29
N ARG B 101 -30.98 1.04 -11.22
CA ARG B 101 -30.79 0.34 -9.99
C ARG B 101 -29.35 -0.06 -10.03
N HIS B 102 -28.61 0.22 -8.94
CA HIS B 102 -27.19 0.00 -8.88
C HIS B 102 -26.98 -0.84 -7.67
N GLU B 103 -26.37 -2.04 -7.85
CA GLU B 103 -26.03 -2.93 -6.77
C GLU B 103 -25.02 -2.32 -5.83
N TYR B 104 -25.16 -2.63 -4.52
CA TYR B 104 -24.14 -2.40 -3.53
C TYR B 104 -23.15 -3.53 -3.61
N GLY B 105 -21.89 -3.27 -3.18
CA GLY B 105 -20.79 -4.21 -3.25
C GLY B 105 -21.03 -5.45 -2.44
N TRP B 106 -20.20 -6.49 -2.68
CA TRP B 106 -20.22 -7.70 -1.90
C TRP B 106 -18.89 -7.83 -1.21
N TRP B 107 -18.06 -6.77 -1.32
CA TRP B 107 -16.94 -6.50 -0.47
C TRP B 107 -16.70 -5.02 -0.63
N ASN B 108 -16.38 -4.60 -1.87
CA ASN B 108 -16.27 -3.22 -2.25
C ASN B 108 -16.33 -3.27 -3.75
N ASP B 109 -17.47 -3.79 -4.27
CA ASP B 109 -17.57 -4.25 -5.64
C ASP B 109 -18.49 -3.31 -6.35
N ARG B 110 -18.07 -2.91 -7.58
CA ARG B 110 -18.85 -2.08 -8.45
C ARG B 110 -19.50 -2.93 -9.50
N TRP B 111 -20.69 -2.48 -9.94
CA TRP B 111 -21.53 -3.15 -10.89
C TRP B 111 -22.06 -2.10 -11.81
N GLY B 112 -22.58 -2.55 -12.97
CA GLY B 112 -23.32 -1.74 -13.90
C GLY B 112 -24.74 -1.71 -13.46
N LEU B 113 -25.59 -1.01 -14.25
CA LEU B 113 -26.91 -0.62 -13.82
C LEU B 113 -27.85 -1.68 -14.30
N ASP B 114 -28.51 -2.33 -13.33
CA ASP B 114 -29.52 -3.34 -13.52
C ASP B 114 -30.83 -2.65 -13.80
N TYR B 115 -31.85 -3.48 -14.12
CA TYR B 115 -33.25 -3.21 -14.45
C TYR B 115 -33.71 -1.78 -14.48
N TRP B 116 -34.13 -1.35 -15.69
CA TRP B 116 -34.51 0.00 -16.01
C TRP B 116 -35.94 -0.07 -16.45
N GLY B 117 -36.61 1.10 -16.49
CA GLY B 117 -38.03 1.21 -16.75
C GLY B 117 -38.34 1.03 -18.20
N GLN B 118 -39.62 1.28 -18.53
CA GLN B 118 -40.10 1.25 -19.89
C GLN B 118 -40.23 2.66 -20.37
N GLY B 119 -39.88 3.63 -19.49
CA GLY B 119 -39.93 5.05 -19.73
C GLY B 119 -41.34 5.56 -19.65
N THR B 120 -41.46 6.89 -19.53
CA THR B 120 -42.71 7.56 -19.75
C THR B 120 -42.26 8.90 -20.26
N LEU B 121 -43.10 9.54 -21.09
CA LEU B 121 -42.72 10.70 -21.84
C LEU B 121 -42.79 11.88 -20.91
N VAL B 122 -41.65 12.58 -20.74
CA VAL B 122 -41.57 13.77 -19.95
C VAL B 122 -41.08 14.79 -20.92
N THR B 123 -41.92 15.82 -21.16
CA THR B 123 -41.69 16.81 -22.18
C THR B 123 -41.72 18.12 -21.52
N VAL B 124 -40.76 19.00 -21.88
CA VAL B 124 -40.77 20.39 -21.49
C VAL B 124 -41.41 21.09 -22.65
N SER B 125 -42.69 21.50 -22.46
CA SER B 125 -43.59 21.94 -23.49
C SER B 125 -43.58 23.44 -23.48
N SER B 126 -44.03 24.06 -24.60
CA SER B 126 -44.07 25.49 -24.71
C SER B 126 -45.06 25.85 -25.80
N ALA B 127 -45.89 24.87 -26.20
CA ALA B 127 -46.73 24.97 -27.36
C ALA B 127 -47.96 24.18 -27.05
N SER B 128 -49.11 24.64 -27.59
CA SER B 128 -50.39 24.00 -27.41
C SER B 128 -50.55 22.97 -28.50
N THR B 129 -51.57 22.08 -28.36
CA THR B 129 -51.95 21.13 -29.38
C THR B 129 -52.34 21.85 -30.65
N LYS B 130 -51.88 21.32 -31.81
CA LYS B 130 -52.16 21.91 -33.08
C LYS B 130 -52.23 20.77 -34.04
N GLY B 131 -53.25 20.77 -34.92
CA GLY B 131 -53.40 19.79 -35.97
C GLY B 131 -52.45 20.09 -37.10
N PRO B 132 -51.96 19.09 -37.84
CA PRO B 132 -51.06 19.28 -38.96
C PRO B 132 -51.71 19.99 -40.11
N SER B 133 -50.92 20.80 -40.83
CA SER B 133 -51.25 21.17 -42.18
C SER B 133 -50.61 20.10 -43.00
N VAL B 134 -51.34 19.57 -44.01
CA VAL B 134 -50.90 18.45 -44.80
C VAL B 134 -50.81 18.97 -46.19
N PHE B 135 -49.58 18.97 -46.75
CA PHE B 135 -49.28 19.57 -48.01
C PHE B 135 -48.81 18.47 -48.94
N PRO B 136 -49.16 18.46 -50.22
CA PRO B 136 -48.58 17.51 -51.15
C PRO B 136 -47.16 17.88 -51.48
N LEU B 137 -46.27 16.86 -51.53
CA LEU B 137 -45.00 16.98 -52.20
C LEU B 137 -45.28 16.32 -53.53
N ALA B 138 -45.71 17.15 -54.50
CA ALA B 138 -46.17 16.70 -55.78
C ALA B 138 -45.00 16.35 -56.66
N PRO B 139 -45.11 15.38 -57.58
CA PRO B 139 -44.13 15.12 -58.63
C PRO B 139 -43.70 16.36 -59.38
N SER B 140 -42.40 16.48 -59.67
CA SER B 140 -41.85 17.56 -60.46
C SER B 140 -42.06 17.15 -61.90
N SER B 141 -42.12 18.14 -62.81
CA SER B 141 -42.31 17.91 -64.23
C SER B 141 -41.01 18.27 -64.92
N LYS B 142 -39.92 18.36 -64.13
CA LYS B 142 -38.59 18.65 -64.60
C LYS B 142 -37.65 17.69 -63.92
N SER B 143 -38.15 16.95 -62.90
CA SER B 143 -37.44 15.85 -62.27
C SER B 143 -38.48 14.79 -62.01
N THR B 144 -38.19 13.87 -61.06
CA THR B 144 -38.93 12.67 -60.72
C THR B 144 -39.24 11.83 -61.94
N SER B 145 -38.22 11.56 -62.77
CA SER B 145 -38.38 10.81 -64.00
C SER B 145 -37.10 10.06 -64.23
N GLY B 146 -37.21 8.98 -65.04
CA GLY B 146 -36.13 8.08 -65.37
C GLY B 146 -36.73 6.72 -65.51
N GLY B 147 -37.93 6.53 -64.93
CA GLY B 147 -38.70 5.31 -64.95
C GLY B 147 -39.34 5.19 -63.61
N THR B 148 -38.77 5.89 -62.59
CA THR B 148 -39.21 5.88 -61.23
C THR B 148 -39.51 7.32 -60.93
N ALA B 149 -40.67 7.57 -60.31
CA ALA B 149 -41.10 8.87 -59.87
C ALA B 149 -41.25 8.76 -58.39
N ALA B 150 -41.11 9.91 -57.70
CA ALA B 150 -41.31 10.02 -56.28
C ALA B 150 -42.43 10.99 -56.06
N LEU B 151 -43.22 10.77 -54.99
CA LEU B 151 -44.24 11.69 -54.56
C LEU B 151 -44.31 11.51 -53.07
N GLY B 152 -45.00 12.43 -52.35
CA GLY B 152 -45.12 12.27 -50.93
C GLY B 152 -46.07 13.29 -50.38
N CYS B 153 -46.12 13.39 -49.04
CA CYS B 153 -46.84 14.39 -48.29
C CYS B 153 -45.90 14.90 -47.25
N LEU B 154 -45.85 16.24 -47.09
CA LEU B 154 -45.16 16.90 -46.01
C LEU B 154 -46.20 17.21 -44.97
N VAL B 155 -46.03 16.64 -43.75
CA VAL B 155 -46.95 16.78 -42.65
C VAL B 155 -46.25 17.70 -41.69
N LYS B 156 -46.71 18.97 -41.64
CA LYS B 156 -45.94 20.06 -41.12
C LYS B 156 -46.77 20.74 -40.06
N ASP B 157 -46.11 21.21 -38.97
CA ASP B 157 -46.67 22.15 -38.03
C ASP B 157 -47.69 21.53 -37.10
N TYR B 158 -47.39 20.34 -36.55
CA TYR B 158 -48.28 19.67 -35.61
C TYR B 158 -47.54 19.66 -34.31
N PHE B 159 -48.27 19.53 -33.18
CA PHE B 159 -47.64 19.36 -31.90
C PHE B 159 -48.66 18.65 -31.06
N PRO B 160 -48.30 17.75 -30.14
CA PRO B 160 -47.04 17.06 -30.06
C PRO B 160 -47.11 15.85 -30.95
N GLU B 161 -46.01 15.05 -31.03
CA GLU B 161 -45.99 13.70 -31.55
C GLU B 161 -46.97 12.81 -30.81
N PRO B 162 -47.57 11.78 -31.40
CA PRO B 162 -47.25 11.25 -32.72
C PRO B 162 -48.11 11.87 -33.78
N VAL B 163 -47.81 11.49 -35.05
CA VAL B 163 -48.67 11.68 -36.18
C VAL B 163 -48.40 10.41 -36.95
N THR B 164 -49.48 9.76 -37.45
CA THR B 164 -49.38 8.58 -38.27
C THR B 164 -49.73 9.00 -39.67
N VAL B 165 -49.00 8.46 -40.68
CA VAL B 165 -49.24 8.71 -42.07
C VAL B 165 -49.31 7.35 -42.68
N SER B 166 -50.39 7.10 -43.46
CA SER B 166 -50.56 5.90 -44.25
C SER B 166 -50.89 6.39 -45.63
N TRP B 167 -50.84 5.48 -46.63
CA TRP B 167 -51.21 5.82 -47.99
C TRP B 167 -52.29 4.87 -48.41
N ASN B 168 -53.36 5.43 -49.01
CA ASN B 168 -54.50 4.72 -49.58
C ASN B 168 -55.16 3.80 -48.58
N SER B 169 -55.36 4.30 -47.33
CA SER B 169 -55.98 3.60 -46.22
C SER B 169 -55.19 2.37 -45.80
N GLY B 170 -53.85 2.43 -45.93
CA GLY B 170 -52.95 1.35 -45.55
C GLY B 170 -52.76 0.34 -46.65
N ALA B 171 -53.37 0.55 -47.84
CA ALA B 171 -53.24 -0.35 -48.97
C ALA B 171 -51.92 -0.19 -49.65
N LEU B 172 -51.26 0.98 -49.48
CA LEU B 172 -49.98 1.28 -50.04
C LEU B 172 -49.10 1.54 -48.86
N THR B 173 -48.00 0.75 -48.76
CA THR B 173 -47.07 0.76 -47.66
C THR B 173 -45.75 0.27 -48.21
N SER B 174 -45.75 -0.23 -49.47
CA SER B 174 -44.57 -0.67 -50.16
C SER B 174 -43.86 0.51 -50.77
N GLY B 175 -42.57 0.67 -50.39
CA GLY B 175 -41.70 1.72 -50.88
C GLY B 175 -41.91 3.00 -50.13
N VAL B 176 -42.74 2.96 -49.05
CA VAL B 176 -43.04 4.11 -48.22
C VAL B 176 -41.93 4.25 -47.22
N HIS B 177 -41.32 5.46 -47.18
CA HIS B 177 -40.35 5.82 -46.17
C HIS B 177 -40.90 7.02 -45.48
N THR B 178 -41.32 6.83 -44.21
CA THR B 178 -41.79 7.89 -43.34
C THR B 178 -40.61 8.23 -42.47
N PHE B 179 -40.02 9.43 -42.70
CA PHE B 179 -38.87 9.92 -41.98
C PHE B 179 -39.20 10.22 -40.53
N PRO B 180 -38.29 10.02 -39.57
CA PRO B 180 -38.35 10.57 -38.21
C PRO B 180 -38.77 12.02 -38.13
N ALA B 181 -39.58 12.36 -37.09
CA ALA B 181 -39.98 13.71 -36.78
C ALA B 181 -38.80 14.53 -36.33
N VAL B 182 -38.68 15.76 -36.85
CA VAL B 182 -37.68 16.71 -36.44
C VAL B 182 -38.41 17.85 -35.79
N LEU B 183 -37.93 18.27 -34.59
CA LEU B 183 -38.42 19.42 -33.88
C LEU B 183 -37.91 20.66 -34.58
N GLN B 184 -38.83 21.51 -35.06
CA GLN B 184 -38.53 22.74 -35.74
C GLN B 184 -38.34 23.83 -34.73
N SER B 185 -38.01 25.05 -35.22
CA SER B 185 -37.70 26.19 -34.40
C SER B 185 -38.96 27.00 -34.13
N SER B 186 -40.14 26.46 -34.53
CA SER B 186 -41.43 27.00 -34.21
C SER B 186 -42.00 26.27 -33.03
N GLY B 187 -41.28 25.23 -32.52
CA GLY B 187 -41.70 24.40 -31.42
C GLY B 187 -42.75 23.42 -31.86
N LEU B 188 -42.78 23.10 -33.17
CA LEU B 188 -43.75 22.21 -33.78
C LEU B 188 -42.94 21.19 -34.52
N TYR B 189 -43.41 19.93 -34.53
CA TYR B 189 -42.79 18.83 -35.22
C TYR B 189 -43.21 18.84 -36.66
N SER B 190 -42.37 18.25 -37.54
CA SER B 190 -42.64 18.10 -38.94
C SER B 190 -41.94 16.82 -39.38
N LEU B 191 -42.53 16.13 -40.38
CA LEU B 191 -41.92 15.02 -41.04
C LEU B 191 -42.46 14.98 -42.43
N SER B 192 -41.77 14.23 -43.33
CA SER B 192 -42.25 13.94 -44.66
C SER B 192 -42.42 12.45 -44.73
N SER B 193 -43.42 12.01 -45.53
CA SER B 193 -43.61 10.63 -45.89
C SER B 193 -43.53 10.65 -47.38
N VAL B 194 -42.73 9.74 -47.98
CA VAL B 194 -42.53 9.68 -49.41
C VAL B 194 -42.77 8.27 -49.83
N VAL B 195 -43.09 8.07 -51.12
CA VAL B 195 -43.28 6.76 -51.70
C VAL B 195 -42.73 6.90 -53.10
N THR B 196 -42.05 5.83 -53.59
CA THR B 196 -41.55 5.73 -54.93
C THR B 196 -42.48 4.81 -55.69
N VAL B 197 -42.88 5.25 -56.90
CA VAL B 197 -43.87 4.59 -57.73
C VAL B 197 -43.32 4.63 -59.13
N PRO B 198 -43.76 3.81 -60.06
CA PRO B 198 -43.52 3.96 -61.50
C PRO B 198 -43.93 5.31 -62.04
N SER B 199 -43.09 5.97 -62.88
CA SER B 199 -43.42 7.22 -63.53
C SER B 199 -44.63 7.08 -64.44
N SER B 200 -44.82 5.87 -65.02
CA SER B 200 -45.92 5.56 -65.89
C SER B 200 -47.25 5.37 -65.18
N SER B 201 -47.25 5.17 -63.84
CA SER B 201 -48.48 5.02 -63.08
C SER B 201 -49.07 6.35 -62.71
N LEU B 202 -48.27 7.44 -62.83
CA LEU B 202 -48.69 8.80 -62.53
C LEU B 202 -49.77 9.24 -63.49
N GLY B 203 -50.75 10.02 -62.98
CA GLY B 203 -51.86 10.55 -63.75
C GLY B 203 -52.83 9.50 -64.22
N THR B 204 -52.94 8.37 -63.50
CA THR B 204 -53.85 7.31 -63.80
C THR B 204 -53.92 6.44 -62.55
N GLN B 205 -53.37 6.95 -61.43
CA GLN B 205 -53.46 6.31 -60.15
C GLN B 205 -53.58 7.46 -59.18
N THR B 206 -54.50 7.32 -58.21
CA THR B 206 -54.72 8.29 -57.15
C THR B 206 -53.90 7.86 -55.98
N TYR B 207 -53.11 8.82 -55.42
CA TYR B 207 -52.29 8.61 -54.26
C TYR B 207 -52.84 9.57 -53.26
N ILE B 208 -53.36 9.06 -52.11
CA ILE B 208 -53.91 9.88 -51.07
C ILE B 208 -53.15 9.49 -49.85
N CYS B 209 -52.57 10.47 -49.13
CA CYS B 209 -52.00 10.23 -47.82
C CYS B 209 -53.08 10.52 -46.83
N ASN B 210 -53.25 9.59 -45.87
CA ASN B 210 -54.24 9.67 -44.84
C ASN B 210 -53.44 9.95 -43.61
N VAL B 211 -53.62 11.17 -43.05
CA VAL B 211 -52.83 11.67 -41.96
C VAL B 211 -53.78 11.71 -40.81
N ASN B 212 -53.37 11.14 -39.66
CA ASN B 212 -54.15 11.11 -38.45
C ASN B 212 -53.21 11.60 -37.40
N HIS B 213 -53.53 12.79 -36.84
CA HIS B 213 -52.85 13.37 -35.71
C HIS B 213 -53.76 13.18 -34.55
N LYS B 214 -53.44 12.14 -33.76
CA LYS B 214 -54.19 11.69 -32.61
C LYS B 214 -54.34 12.71 -31.50
N PRO B 215 -53.36 13.53 -31.07
CA PRO B 215 -53.56 14.47 -29.97
C PRO B 215 -54.62 15.54 -30.18
N SER B 216 -54.92 15.93 -31.44
CA SER B 216 -55.94 16.92 -31.71
C SER B 216 -57.15 16.28 -32.35
N ASN B 217 -57.09 14.95 -32.62
CA ASN B 217 -58.07 14.19 -33.38
C ASN B 217 -58.32 14.79 -34.75
N THR B 218 -57.23 15.21 -35.45
CA THR B 218 -57.31 15.93 -36.68
C THR B 218 -56.90 14.96 -37.73
N LYS B 219 -57.84 14.60 -38.62
CA LYS B 219 -57.62 13.69 -39.72
C LYS B 219 -57.80 14.46 -40.99
N VAL B 220 -56.80 14.37 -41.89
CA VAL B 220 -56.83 15.05 -43.16
C VAL B 220 -56.38 14.01 -44.15
N ASP B 221 -57.21 13.75 -45.18
CA ASP B 221 -56.83 12.96 -46.32
C ASP B 221 -56.49 13.97 -47.39
N LYS B 222 -55.22 13.95 -47.87
CA LYS B 222 -54.74 14.91 -48.83
C LYS B 222 -54.31 14.15 -50.05
N LYS B 223 -55.01 14.38 -51.19
CA LYS B 223 -54.66 13.85 -52.48
C LYS B 223 -53.40 14.48 -53.02
N VAL B 224 -52.51 13.63 -53.58
CA VAL B 224 -51.24 13.98 -54.17
C VAL B 224 -51.33 13.51 -55.59
N GLU B 225 -51.14 14.45 -56.54
CA GLU B 225 -51.24 14.18 -57.96
C GLU B 225 -50.11 15.00 -58.56
N PRO B 226 -49.59 14.66 -59.74
CA PRO B 226 -48.71 15.49 -60.55
C PRO B 226 -48.99 16.97 -60.59
N LYS B 227 -47.92 17.79 -60.50
CA LYS B 227 -47.98 19.22 -60.65
C LYS B 227 -47.05 19.53 -61.78
N SER B 228 -47.51 20.39 -62.71
CA SER B 228 -46.72 20.89 -63.80
C SER B 228 -47.04 22.35 -63.93
N ASP C 2 -15.99 14.96 -13.42
CA ASP C 2 -16.22 13.57 -13.11
C ASP C 2 -15.05 12.83 -13.70
N ILE C 3 -15.23 11.53 -14.04
CA ILE C 3 -14.25 10.74 -14.72
C ILE C 3 -14.87 10.47 -16.07
N GLN C 4 -14.37 11.19 -17.11
CA GLN C 4 -14.82 11.04 -18.47
C GLN C 4 -14.44 9.72 -19.07
N MET C 5 -15.31 9.22 -19.97
CA MET C 5 -15.12 7.98 -20.66
C MET C 5 -15.03 8.33 -22.10
N THR C 6 -13.92 7.91 -22.76
CA THR C 6 -13.61 8.26 -24.13
C THR C 6 -13.58 6.96 -24.87
N GLN C 7 -14.45 6.82 -25.89
CA GLN C 7 -14.54 5.63 -26.70
C GLN C 7 -13.89 5.83 -28.02
N SER C 8 -13.32 4.74 -28.57
CA SER C 8 -12.70 4.72 -29.86
C SER C 8 -13.04 3.37 -30.42
N PRO C 9 -13.14 3.20 -31.74
CA PRO C 9 -13.42 4.24 -32.72
C PRO C 9 -14.73 4.95 -32.43
N SER C 10 -14.89 6.19 -32.98
CA SER C 10 -16.12 6.95 -32.92
C SER C 10 -17.28 6.26 -33.60
N SER C 11 -17.00 5.65 -34.78
CA SER C 11 -17.99 4.90 -35.52
C SER C 11 -17.24 3.81 -36.23
N LEU C 12 -17.94 2.70 -36.57
CA LEU C 12 -17.35 1.69 -37.41
C LEU C 12 -18.44 1.07 -38.23
N SER C 13 -18.03 0.49 -39.37
CA SER C 13 -18.91 -0.18 -40.29
C SER C 13 -18.22 -1.48 -40.58
N ALA C 14 -18.87 -2.61 -40.23
CA ALA C 14 -18.27 -3.91 -40.38
C ALA C 14 -19.37 -4.80 -40.83
N SER C 15 -19.00 -5.89 -41.56
CA SER C 15 -19.92 -6.82 -42.15
C SER C 15 -20.27 -7.86 -41.14
N VAL C 16 -21.35 -8.62 -41.41
CA VAL C 16 -21.79 -9.75 -40.63
C VAL C 16 -20.73 -10.82 -40.59
N GLY C 17 -20.45 -11.36 -39.39
CA GLY C 17 -19.47 -12.39 -39.14
C GLY C 17 -18.08 -11.86 -38.99
N ASP C 18 -17.93 -10.56 -38.61
CA ASP C 18 -16.64 -9.96 -38.37
C ASP C 18 -16.44 -9.91 -36.87
N ARG C 19 -15.16 -9.88 -36.44
CA ARG C 19 -14.82 -9.70 -35.05
C ARG C 19 -14.58 -8.23 -34.86
N VAL C 20 -15.37 -7.61 -33.95
CA VAL C 20 -15.38 -6.17 -33.78
C VAL C 20 -14.98 -5.98 -32.34
N THR C 21 -13.99 -5.10 -32.09
CA THR C 21 -13.54 -4.77 -30.76
C THR C 21 -13.64 -3.28 -30.70
N ILE C 22 -14.27 -2.75 -29.63
CA ILE C 22 -14.31 -1.33 -29.37
C ILE C 22 -13.61 -1.18 -28.06
N THR C 23 -12.96 -0.02 -27.85
CA THR C 23 -12.16 0.24 -26.68
C THR C 23 -12.79 1.44 -26.01
N CYS C 24 -12.56 1.55 -24.68
CA CYS C 24 -13.02 2.64 -23.88
C CYS C 24 -11.91 2.89 -22.89
N ARG C 25 -11.52 4.17 -22.76
CA ARG C 25 -10.46 4.59 -21.90
C ARG C 25 -11.09 5.52 -20.91
N ALA C 26 -10.87 5.25 -19.60
CA ALA C 26 -11.28 6.08 -18.49
C ALA C 26 -10.14 7.03 -18.21
N SER C 27 -10.47 8.29 -17.84
CA SER C 27 -9.48 9.31 -17.59
C SER C 27 -8.79 9.13 -16.26
N GLN C 28 -9.39 8.30 -15.37
CA GLN C 28 -8.83 7.96 -14.09
C GLN C 28 -9.17 6.52 -13.93
N SER C 29 -8.21 5.72 -13.40
CA SER C 29 -8.42 4.32 -13.11
C SER C 29 -9.48 4.12 -12.06
N VAL C 30 -10.39 3.15 -12.30
CA VAL C 30 -11.49 2.83 -11.43
C VAL C 30 -11.39 1.36 -11.10
N SER C 31 -10.29 0.69 -11.51
CA SER C 31 -10.08 -0.74 -11.40
C SER C 31 -11.17 -1.45 -12.20
N SER C 32 -11.61 -2.65 -11.76
CA SER C 32 -12.80 -3.27 -12.26
C SER C 32 -14.00 -2.56 -11.67
N ALA C 33 -14.80 -1.91 -12.54
CA ALA C 33 -15.87 -1.04 -12.15
C ALA C 33 -16.36 -0.37 -13.41
N VAL C 34 -16.47 -1.14 -14.51
CA VAL C 34 -16.86 -0.61 -15.80
C VAL C 34 -17.99 -1.47 -16.29
N ALA C 35 -18.96 -0.85 -16.99
CA ALA C 35 -20.05 -1.57 -17.58
C ALA C 35 -20.10 -1.22 -19.04
N TRP C 36 -20.87 -2.01 -19.80
CA TRP C 36 -21.08 -1.81 -21.22
C TRP C 36 -22.53 -2.03 -21.50
N TYR C 37 -23.14 -1.16 -22.35
CA TYR C 37 -24.54 -1.17 -22.70
C TYR C 37 -24.66 -1.31 -24.18
N GLN C 38 -25.79 -1.91 -24.62
CA GLN C 38 -26.22 -1.95 -26.00
C GLN C 38 -27.50 -1.16 -26.00
N GLN C 39 -27.55 -0.07 -26.80
CA GLN C 39 -28.71 0.77 -26.94
C GLN C 39 -29.13 0.75 -28.38
N LYS C 40 -30.39 0.33 -28.64
CA LYS C 40 -30.99 0.44 -29.95
C LYS C 40 -31.99 1.56 -29.81
N PRO C 41 -32.10 2.53 -30.73
CA PRO C 41 -32.93 3.72 -30.57
C PRO C 41 -34.38 3.45 -30.22
N GLY C 42 -34.91 4.16 -29.19
CA GLY C 42 -36.28 4.09 -28.76
C GLY C 42 -36.57 2.87 -27.93
N LYS C 43 -35.54 2.31 -27.25
CA LYS C 43 -35.67 1.18 -26.39
C LYS C 43 -34.81 1.49 -25.21
N ALA C 44 -35.06 0.80 -24.06
CA ALA C 44 -34.21 0.83 -22.90
C ALA C 44 -32.85 0.26 -23.25
N PRO C 45 -31.71 0.80 -22.79
CA PRO C 45 -30.42 0.12 -22.86
C PRO C 45 -30.42 -1.19 -22.13
N LYS C 46 -29.72 -2.20 -22.69
CA LYS C 46 -29.51 -3.49 -22.10
C LYS C 46 -28.10 -3.54 -21.62
N LEU C 47 -27.91 -3.91 -20.33
CA LEU C 47 -26.62 -4.10 -19.71
C LEU C 47 -26.01 -5.35 -20.27
N LEU C 48 -24.72 -5.30 -20.68
CA LEU C 48 -24.03 -6.40 -21.29
C LEU C 48 -23.01 -6.93 -20.34
N ILE C 49 -22.23 -6.01 -19.71
CA ILE C 49 -21.03 -6.35 -19.00
C ILE C 49 -21.09 -5.49 -17.76
N TYR C 50 -20.67 -6.06 -16.61
CA TYR C 50 -20.42 -5.33 -15.39
C TYR C 50 -19.06 -5.82 -14.93
N SER C 51 -18.38 -5.04 -14.07
CA SER C 51 -17.09 -5.36 -13.48
C SER C 51 -16.01 -5.55 -14.54
N ALA C 52 -16.06 -4.72 -15.59
CA ALA C 52 -15.13 -4.62 -16.70
C ALA C 52 -15.07 -5.79 -17.65
N SER C 53 -15.66 -6.97 -17.33
CA SER C 53 -15.38 -8.15 -18.12
C SER C 53 -16.32 -9.29 -17.81
N SER C 54 -17.24 -9.13 -16.83
CA SER C 54 -18.13 -10.19 -16.39
C SER C 54 -19.43 -9.99 -17.08
N LEU C 55 -19.97 -11.03 -17.77
CA LEU C 55 -21.24 -10.92 -18.47
C LEU C 55 -22.37 -10.83 -17.50
N TYR C 56 -23.37 -10.00 -17.86
CA TYR C 56 -24.65 -9.90 -17.22
C TYR C 56 -25.50 -11.03 -17.72
N SER C 57 -26.46 -11.48 -16.89
CA SER C 57 -27.42 -12.52 -17.21
C SER C 57 -28.32 -12.12 -18.36
N GLY C 58 -28.63 -13.09 -19.25
CA GLY C 58 -29.46 -12.89 -20.42
C GLY C 58 -28.81 -12.02 -21.45
N VAL C 59 -27.47 -12.13 -21.58
CA VAL C 59 -26.70 -11.47 -22.61
C VAL C 59 -26.06 -12.59 -23.40
N PRO C 60 -26.11 -12.61 -24.74
CA PRO C 60 -25.38 -13.54 -25.60
C PRO C 60 -23.91 -13.69 -25.28
N SER C 61 -23.32 -14.85 -25.62
CA SER C 61 -21.97 -15.19 -25.24
C SER C 61 -21.00 -14.78 -26.32
N ARG C 62 -21.50 -14.11 -27.39
CA ARG C 62 -20.65 -13.50 -28.40
C ARG C 62 -20.09 -12.22 -27.87
N PHE C 63 -20.77 -11.60 -26.86
CA PHE C 63 -20.27 -10.45 -26.18
C PHE C 63 -19.36 -10.94 -25.10
N SER C 64 -18.19 -10.29 -24.98
CA SER C 64 -17.24 -10.54 -23.92
C SER C 64 -16.59 -9.22 -23.68
N GLY C 65 -15.98 -9.04 -22.48
CA GLY C 65 -15.17 -7.90 -22.20
C GLY C 65 -13.92 -8.43 -21.60
N SER C 66 -12.87 -7.58 -21.58
CA SER C 66 -11.62 -7.95 -20.98
C SER C 66 -11.09 -6.70 -20.35
N ARG C 67 -10.00 -6.83 -19.56
CA ARG C 67 -9.10 -5.78 -19.17
C ARG C 67 -9.65 -4.97 -18.03
N SER C 68 -8.74 -4.39 -17.23
CA SER C 68 -9.11 -3.58 -16.09
C SER C 68 -8.04 -2.53 -15.97
N GLY C 69 -8.31 -1.51 -15.11
CA GLY C 69 -7.40 -0.44 -14.84
C GLY C 69 -7.85 0.79 -15.55
N THR C 70 -7.29 1.04 -16.76
CA THR C 70 -7.52 2.27 -17.49
C THR C 70 -8.17 1.96 -18.80
N ASP C 71 -7.73 0.88 -19.47
CA ASP C 71 -8.11 0.57 -20.84
C ASP C 71 -8.98 -0.64 -20.83
N PHE C 72 -10.27 -0.45 -21.19
CA PHE C 72 -11.31 -1.44 -21.12
C PHE C 72 -11.69 -1.75 -22.55
N THR C 73 -12.23 -2.97 -22.79
CA THR C 73 -12.59 -3.42 -24.12
C THR C 73 -13.86 -4.22 -24.04
N LEU C 74 -14.69 -4.12 -25.11
CA LEU C 74 -15.82 -4.97 -25.37
C LEU C 74 -15.50 -5.56 -26.71
N THR C 75 -15.68 -6.89 -26.84
CA THR C 75 -15.41 -7.61 -28.06
C THR C 75 -16.68 -8.33 -28.39
N ILE C 76 -17.07 -8.28 -29.69
CA ILE C 76 -18.13 -9.06 -30.28
C ILE C 76 -17.38 -10.00 -31.17
N SER C 77 -17.43 -11.32 -30.87
CA SER C 77 -16.70 -12.35 -31.56
C SER C 77 -17.11 -12.50 -33.02
N SER C 78 -18.44 -12.47 -33.27
CA SER C 78 -19.01 -12.65 -34.56
C SER C 78 -20.13 -11.66 -34.60
N LEU C 79 -20.17 -10.80 -35.64
CA LEU C 79 -21.14 -9.75 -35.78
C LEU C 79 -22.40 -10.36 -36.32
N GLN C 80 -23.56 -9.77 -35.98
CA GLN C 80 -24.86 -10.27 -36.34
C GLN C 80 -25.61 -9.06 -36.83
N PRO C 81 -26.75 -9.20 -37.50
CA PRO C 81 -27.57 -8.06 -37.89
C PRO C 81 -28.33 -7.48 -36.70
N GLU C 82 -28.11 -8.04 -35.49
CA GLU C 82 -28.78 -7.71 -34.26
C GLU C 82 -27.81 -6.88 -33.45
N ASP C 83 -26.61 -6.59 -34.02
CA ASP C 83 -25.55 -5.85 -33.38
C ASP C 83 -25.45 -4.51 -34.06
N PHE C 84 -26.57 -4.08 -34.71
CA PHE C 84 -26.77 -2.72 -35.15
C PHE C 84 -27.23 -1.96 -33.93
N ALA C 85 -26.33 -1.18 -33.30
CA ALA C 85 -26.65 -0.47 -32.09
C ALA C 85 -25.54 0.51 -31.83
N THR C 86 -25.78 1.41 -30.85
CA THR C 86 -24.79 2.26 -30.24
C THR C 86 -24.42 1.62 -28.92
N TYR C 87 -23.09 1.44 -28.68
CA TYR C 87 -22.58 0.78 -27.50
C TYR C 87 -21.93 1.80 -26.62
N TYR C 88 -22.33 1.86 -25.33
CA TYR C 88 -21.85 2.84 -24.36
C TYR C 88 -21.08 2.15 -23.27
N CYS C 89 -19.88 2.66 -22.93
CA CYS C 89 -19.15 2.26 -21.75
C CYS C 89 -19.47 3.22 -20.64
N GLN C 90 -19.13 2.85 -19.40
CA GLN C 90 -19.57 3.56 -18.23
C GLN C 90 -18.54 3.24 -17.18
N GLN C 91 -18.23 4.20 -16.29
CA GLN C 91 -17.46 3.95 -15.09
C GLN C 91 -18.43 4.15 -13.98
N SER C 92 -18.33 3.30 -12.95
CA SER C 92 -19.17 3.35 -11.79
C SER C 92 -18.25 3.38 -10.61
N SER C 93 -18.81 3.81 -9.46
CA SER C 93 -18.10 3.91 -8.22
C SER C 93 -19.19 3.92 -7.19
N TRP C 94 -18.89 3.46 -5.96
CA TRP C 94 -19.89 3.27 -4.92
C TRP C 94 -19.79 4.46 -3.98
N TYR C 95 -19.08 5.52 -4.41
CA TYR C 95 -18.86 6.71 -3.62
C TYR C 95 -18.34 7.80 -4.52
N GLY C 96 -18.33 7.57 -5.86
CA GLY C 96 -17.87 8.52 -6.84
C GLY C 96 -18.95 8.74 -7.87
N PRO C 97 -18.69 9.59 -8.87
CA PRO C 97 -19.55 9.81 -10.03
C PRO C 97 -19.77 8.57 -10.88
N PHE C 98 -20.78 8.68 -11.78
CA PHE C 98 -21.10 7.69 -12.78
C PHE C 98 -21.19 8.51 -14.04
N THR C 99 -20.47 8.08 -15.11
CA THR C 99 -20.32 8.85 -16.32
C THR C 99 -20.35 7.83 -17.43
N PHE C 100 -20.92 8.22 -18.60
CA PHE C 100 -21.05 7.37 -19.75
C PHE C 100 -20.17 7.91 -20.84
N GLY C 101 -19.82 7.04 -21.81
CA GLY C 101 -19.19 7.36 -23.07
C GLY C 101 -20.06 8.14 -24.00
N GLN C 102 -19.58 8.29 -25.26
CA GLN C 102 -20.21 9.09 -26.28
C GLN C 102 -20.80 8.17 -27.31
N GLY C 103 -20.68 6.84 -27.10
CA GLY C 103 -21.23 5.80 -27.93
C GLY C 103 -20.37 5.51 -29.11
N THR C 104 -20.30 4.20 -29.48
CA THR C 104 -19.66 3.74 -30.68
C THR C 104 -20.76 3.11 -31.47
N LYS C 105 -21.06 3.67 -32.67
CA LYS C 105 -22.09 3.17 -33.54
C LYS C 105 -21.52 2.09 -34.42
N VAL C 106 -22.09 0.87 -34.28
CA VAL C 106 -21.68 -0.27 -35.04
C VAL C 106 -22.72 -0.37 -36.11
N GLU C 107 -22.28 -0.24 -37.38
CA GLU C 107 -23.14 -0.27 -38.54
C GLU C 107 -22.92 -1.58 -39.22
N ILE C 108 -24.00 -2.14 -39.84
CA ILE C 108 -23.93 -3.36 -40.60
C ILE C 108 -23.63 -2.91 -42.00
N LYS C 109 -22.51 -3.43 -42.53
CA LYS C 109 -21.97 -3.06 -43.81
C LYS C 109 -22.43 -3.99 -44.90
N ARG C 110 -22.52 -3.41 -46.11
CA ARG C 110 -22.89 -4.09 -47.33
C ARG C 110 -22.10 -3.38 -48.40
N THR C 111 -22.23 -3.85 -49.67
CA THR C 111 -21.64 -3.24 -50.84
C THR C 111 -22.13 -1.82 -51.04
N VAL C 112 -21.25 -0.95 -51.58
CA VAL C 112 -21.54 0.43 -51.89
C VAL C 112 -22.64 0.51 -52.92
N ALA C 113 -23.65 1.39 -52.66
CA ALA C 113 -24.77 1.63 -53.53
C ALA C 113 -24.69 3.09 -53.90
N ALA C 114 -25.79 3.69 -54.40
CA ALA C 114 -25.81 5.10 -54.73
C ALA C 114 -27.22 5.60 -54.49
N PRO C 115 -27.42 6.90 -54.26
CA PRO C 115 -28.74 7.45 -54.03
C PRO C 115 -29.42 7.77 -55.32
N SER C 116 -30.72 7.40 -55.42
CA SER C 116 -31.61 7.91 -56.44
C SER C 116 -32.11 9.20 -55.89
N VAL C 117 -31.93 10.31 -56.64
CA VAL C 117 -32.12 11.63 -56.10
C VAL C 117 -33.37 12.15 -56.73
N PHE C 118 -34.29 12.67 -55.89
CA PHE C 118 -35.56 13.20 -56.29
C PHE C 118 -35.64 14.52 -55.60
N ILE C 119 -36.22 15.53 -56.27
CA ILE C 119 -36.44 16.84 -55.72
C ILE C 119 -37.92 17.10 -55.85
N PHE C 120 -38.54 17.68 -54.78
CA PHE C 120 -39.95 17.92 -54.71
C PHE C 120 -40.17 19.40 -54.59
N PRO C 121 -40.89 20.07 -55.50
CA PRO C 121 -41.42 21.40 -55.29
C PRO C 121 -42.43 21.44 -54.16
N PRO C 122 -42.56 22.50 -53.35
CA PRO C 122 -43.72 22.72 -52.50
C PRO C 122 -44.95 22.88 -53.35
N SER C 123 -46.09 22.32 -52.90
CA SER C 123 -47.40 22.57 -53.46
C SER C 123 -47.78 24.01 -53.29
N ASP C 124 -48.71 24.50 -54.16
CA ASP C 124 -49.27 25.84 -54.08
C ASP C 124 -50.05 26.02 -52.79
N SER C 125 -50.63 24.90 -52.28
CA SER C 125 -51.31 24.79 -51.01
C SER C 125 -50.38 25.13 -49.86
N GLN C 126 -49.12 24.64 -49.91
CA GLN C 126 -48.10 24.98 -48.94
C GLN C 126 -47.69 26.42 -48.99
N LEU C 127 -47.51 27.01 -50.20
CA LEU C 127 -47.08 28.38 -50.34
C LEU C 127 -48.04 29.37 -49.73
N LYS C 128 -49.36 29.09 -49.82
CA LYS C 128 -50.40 29.85 -49.16
C LYS C 128 -50.34 29.94 -47.65
N SER C 129 -49.78 28.92 -46.95
CA SER C 129 -49.68 28.94 -45.50
C SER C 129 -48.72 30.01 -45.03
N GLY C 130 -47.59 30.19 -45.76
CA GLY C 130 -46.64 31.25 -45.51
C GLY C 130 -45.26 30.66 -45.46
N THR C 131 -45.12 29.34 -45.72
CA THR C 131 -43.86 28.64 -45.64
C THR C 131 -43.72 27.94 -46.95
N ALA C 132 -42.48 27.78 -47.43
CA ALA C 132 -42.18 26.98 -48.59
C ALA C 132 -41.17 25.97 -48.12
N SER C 133 -41.46 24.66 -48.30
CA SER C 133 -40.51 23.61 -48.03
C SER C 133 -40.17 22.92 -49.31
N VAL C 134 -38.86 22.84 -49.63
CA VAL C 134 -38.37 22.16 -50.80
C VAL C 134 -37.71 20.95 -50.21
N VAL C 135 -38.12 19.74 -50.65
CA VAL C 135 -37.70 18.50 -50.03
C VAL C 135 -36.87 17.78 -51.05
N CYS C 136 -35.69 17.27 -50.63
CA CYS C 136 -34.82 16.45 -51.43
C CYS C 136 -34.77 15.11 -50.79
N LEU C 137 -34.97 14.04 -51.59
CA LEU C 137 -34.99 12.67 -51.15
C LEU C 137 -33.83 11.98 -51.80
N LEU C 138 -33.03 11.27 -50.98
CA LEU C 138 -31.94 10.40 -51.39
C LEU C 138 -32.43 9.06 -50.99
N ASN C 139 -32.65 8.15 -51.96
CA ASN C 139 -33.35 6.91 -51.71
C ASN C 139 -32.41 5.75 -51.93
N ASN C 140 -32.40 4.82 -50.94
CA ASN C 140 -31.81 3.50 -51.00
C ASN C 140 -30.32 3.47 -51.29
N PHE C 141 -29.52 4.18 -50.47
CA PHE C 141 -28.09 4.31 -50.66
C PHE C 141 -27.38 3.73 -49.48
N TYR C 142 -26.08 3.41 -49.66
CA TYR C 142 -25.21 2.97 -48.62
C TYR C 142 -23.85 3.47 -49.06
N PRO C 143 -22.90 3.93 -48.24
CA PRO C 143 -22.94 4.19 -46.81
C PRO C 143 -24.06 5.12 -46.37
N ARG C 144 -24.41 5.08 -45.05
CA ARG C 144 -25.44 5.92 -44.45
C ARG C 144 -25.11 7.38 -44.55
N GLU C 145 -23.83 7.73 -44.33
CA GLU C 145 -23.32 9.08 -44.42
C GLU C 145 -23.45 9.65 -45.81
N ALA C 146 -23.93 10.91 -45.91
CA ALA C 146 -24.04 11.62 -47.16
C ALA C 146 -24.15 13.06 -46.78
N LYS C 147 -23.84 13.96 -47.73
CA LYS C 147 -23.93 15.38 -47.54
C LYS C 147 -24.87 15.91 -48.57
N VAL C 148 -25.88 16.70 -48.14
CA VAL C 148 -26.79 17.37 -49.02
C VAL C 148 -26.45 18.81 -48.87
N GLN C 149 -26.33 19.50 -50.03
CA GLN C 149 -26.08 20.91 -50.11
C GLN C 149 -27.24 21.46 -50.88
N TRP C 150 -27.88 22.51 -50.30
CA TRP C 150 -28.97 23.21 -50.91
C TRP C 150 -28.46 24.49 -51.49
N LYS C 151 -28.85 24.77 -52.75
CA LYS C 151 -28.54 26.01 -53.41
C LYS C 151 -29.82 26.55 -53.95
N VAL C 152 -30.05 27.87 -53.76
CA VAL C 152 -31.16 28.58 -54.34
C VAL C 152 -30.50 29.67 -55.12
N ASP C 153 -30.63 29.61 -56.47
CA ASP C 153 -30.03 30.51 -57.44
C ASP C 153 -28.52 30.49 -57.35
N ASN C 154 -27.94 29.31 -57.00
CA ASN C 154 -26.54 29.03 -56.83
C ASN C 154 -26.00 29.59 -55.51
N ALA C 155 -26.85 30.28 -54.72
CA ALA C 155 -26.50 30.82 -53.42
C ALA C 155 -26.66 29.73 -52.40
N LEU C 156 -25.56 29.40 -51.67
CA LEU C 156 -25.55 28.40 -50.63
C LEU C 156 -26.52 28.73 -49.53
N GLN C 157 -27.40 27.75 -49.20
CA GLN C 157 -28.38 27.83 -48.16
C GLN C 157 -27.79 27.13 -46.97
N SER C 158 -27.75 27.82 -45.82
CA SER C 158 -27.19 27.27 -44.61
C SER C 158 -27.99 27.88 -43.49
N GLY C 159 -28.25 27.10 -42.43
CA GLY C 159 -28.90 27.54 -41.22
C GLY C 159 -30.37 27.75 -41.46
N ASN C 160 -30.99 26.87 -42.27
CA ASN C 160 -32.36 27.01 -42.67
C ASN C 160 -32.83 25.70 -43.26
N SER C 161 -31.97 24.66 -43.24
CA SER C 161 -32.31 23.33 -43.69
C SER C 161 -32.05 22.41 -42.54
N GLN C 162 -32.87 21.33 -42.45
CA GLN C 162 -32.74 20.30 -41.45
C GLN C 162 -32.74 19.00 -42.18
N GLU C 163 -31.89 18.05 -41.74
CA GLU C 163 -31.76 16.74 -42.32
C GLU C 163 -32.33 15.75 -41.35
N SER C 164 -32.90 14.65 -41.89
CA SER C 164 -33.37 13.54 -41.11
C SER C 164 -33.01 12.34 -41.94
N VAL C 165 -32.50 11.28 -41.28
CA VAL C 165 -32.08 10.07 -41.96
C VAL C 165 -32.95 9.02 -41.33
N THR C 166 -33.59 8.17 -42.15
CA THR C 166 -34.36 7.04 -41.68
C THR C 166 -33.47 6.04 -40.98
N GLU C 167 -34.03 5.33 -39.98
CA GLU C 167 -33.44 4.14 -39.40
C GLU C 167 -33.41 3.03 -40.42
N GLN C 168 -32.36 2.17 -40.33
CA GLN C 168 -32.01 1.06 -41.20
C GLN C 168 -33.16 0.39 -41.89
N ASP C 169 -33.11 0.36 -43.24
CA ASP C 169 -34.13 -0.23 -44.08
C ASP C 169 -34.01 -1.72 -44.05
N SER C 170 -35.16 -2.41 -44.22
CA SER C 170 -35.24 -3.85 -44.19
C SER C 170 -35.32 -4.32 -45.62
N LYS C 171 -35.30 -3.35 -46.58
CA LYS C 171 -35.33 -3.56 -48.00
C LYS C 171 -34.14 -4.34 -48.48
N ASP C 172 -32.94 -3.99 -47.96
CA ASP C 172 -31.68 -4.59 -48.36
C ASP C 172 -30.58 -3.87 -47.62
N SER C 173 -30.88 -3.30 -46.43
CA SER C 173 -29.93 -2.66 -45.54
C SER C 173 -29.38 -1.38 -46.11
N THR C 174 -30.29 -0.55 -46.67
CA THR C 174 -29.98 0.75 -47.22
C THR C 174 -30.49 1.77 -46.25
N TYR C 175 -30.11 3.04 -46.48
CA TYR C 175 -30.58 4.18 -45.73
C TYR C 175 -31.13 5.12 -46.74
N SER C 176 -32.08 5.96 -46.30
CA SER C 176 -32.66 7.01 -47.09
C SER C 176 -32.52 8.24 -46.25
N LEU C 177 -32.50 9.42 -46.89
CA LEU C 177 -32.22 10.65 -46.22
C LEU C 177 -33.11 11.65 -46.88
N SER C 178 -33.76 12.51 -46.05
CA SER C 178 -34.50 13.65 -46.51
C SER C 178 -33.78 14.85 -45.99
N SER C 179 -33.61 15.86 -46.86
CA SER C 179 -33.09 17.14 -46.47
C SER C 179 -34.20 18.07 -46.86
N THR C 180 -34.67 18.89 -45.91
CA THR C 180 -35.80 19.75 -46.08
C THR C 180 -35.28 21.14 -45.87
N LEU C 181 -35.34 21.97 -46.93
CA LEU C 181 -34.99 23.35 -46.89
C LEU C 181 -36.29 24.06 -46.65
N THR C 182 -36.35 24.94 -45.62
CA THR C 182 -37.55 25.64 -45.27
C THR C 182 -37.19 27.08 -45.43
N LEU C 183 -38.05 27.81 -46.19
CA LEU C 183 -37.89 29.21 -46.49
C LEU C 183 -39.24 29.80 -46.19
N SER C 184 -39.29 31.16 -46.09
CA SER C 184 -40.51 31.92 -46.12
C SER C 184 -41.09 31.91 -47.52
N LYS C 185 -42.40 32.18 -47.63
CA LYS C 185 -43.11 32.40 -48.88
C LYS C 185 -42.51 33.55 -49.65
N ALA C 186 -42.20 34.66 -48.94
CA ALA C 186 -41.65 35.87 -49.51
C ALA C 186 -40.29 35.68 -50.14
N ASP C 187 -39.43 34.84 -49.50
CA ASP C 187 -38.15 34.45 -50.04
C ASP C 187 -38.29 33.55 -51.25
N TYR C 188 -39.23 32.57 -51.17
CA TYR C 188 -39.52 31.60 -52.20
C TYR C 188 -39.95 32.24 -53.51
N GLU C 189 -40.80 33.29 -53.44
CA GLU C 189 -41.39 33.95 -54.58
C GLU C 189 -40.42 34.85 -55.30
N LYS C 190 -39.25 35.15 -54.69
CA LYS C 190 -38.25 36.01 -55.28
C LYS C 190 -37.14 35.23 -55.93
N HIS C 191 -37.25 33.88 -55.94
CA HIS C 191 -36.24 33.01 -56.49
C HIS C 191 -36.98 31.96 -57.27
N LYS C 192 -36.26 31.26 -58.17
CA LYS C 192 -36.88 30.33 -59.09
C LYS C 192 -36.15 29.02 -59.08
N VAL C 193 -34.80 29.05 -58.97
CA VAL C 193 -33.99 27.86 -59.20
C VAL C 193 -33.77 27.22 -57.87
N TYR C 194 -34.28 25.98 -57.71
CA TYR C 194 -34.16 25.19 -56.51
C TYR C 194 -33.35 24.00 -56.87
N ALA C 195 -32.15 23.85 -56.26
CA ALA C 195 -31.25 22.79 -56.60
C ALA C 195 -30.85 22.10 -55.34
N CYS C 196 -30.83 20.76 -55.40
CA CYS C 196 -30.35 19.89 -54.37
C CYS C 196 -29.19 19.21 -55.00
N GLU C 197 -27.99 19.44 -54.42
CA GLU C 197 -26.78 18.79 -54.84
C GLU C 197 -26.49 17.77 -53.78
N VAL C 198 -26.22 16.53 -54.22
CA VAL C 198 -26.00 15.42 -53.33
C VAL C 198 -24.61 15.00 -53.62
N THR C 199 -23.78 14.94 -52.55
CA THR C 199 -22.41 14.50 -52.60
C THR C 199 -22.41 13.27 -51.75
N HIS C 200 -21.85 12.17 -52.28
CA HIS C 200 -21.83 10.91 -51.60
C HIS C 200 -20.69 10.14 -52.18
N GLN C 201 -20.27 9.06 -51.49
CA GLN C 201 -19.17 8.21 -51.86
C GLN C 201 -19.69 7.08 -52.71
N GLY C 202 -21.03 7.02 -52.88
CA GLY C 202 -21.70 6.07 -53.73
C GLY C 202 -21.77 6.64 -55.11
N LEU C 203 -21.77 7.99 -55.20
CA LEU C 203 -21.73 8.73 -56.44
C LEU C 203 -20.29 8.93 -56.80
N SER C 204 -20.01 9.10 -58.11
CA SER C 204 -18.67 9.33 -58.61
C SER C 204 -18.45 10.80 -58.88
N SER C 205 -19.52 11.62 -58.76
CA SER C 205 -19.42 13.06 -58.81
C SER C 205 -20.70 13.54 -58.17
N PRO C 206 -20.79 14.76 -57.62
CA PRO C 206 -22.04 15.32 -57.13
C PRO C 206 -23.14 15.34 -58.15
N VAL C 207 -24.32 14.78 -57.81
CA VAL C 207 -25.47 14.72 -58.68
C VAL C 207 -26.41 15.77 -58.20
N THR C 208 -26.78 16.70 -59.12
CA THR C 208 -27.65 17.80 -58.82
C THR C 208 -28.95 17.48 -59.52
N LYS C 209 -30.07 17.58 -58.77
CA LYS C 209 -31.41 17.51 -59.27
C LYS C 209 -32.00 18.83 -58.92
N SER C 210 -32.70 19.45 -59.86
CA SER C 210 -33.17 20.80 -59.69
C SER C 210 -34.44 20.93 -60.47
N PHE C 211 -35.25 21.95 -60.13
CA PHE C 211 -36.41 22.31 -60.87
C PHE C 211 -36.42 23.81 -60.84
N ASN C 212 -37.17 24.40 -61.80
CA ASN C 212 -37.47 25.81 -61.80
C ASN C 212 -38.89 25.87 -61.34
N ARG C 213 -39.18 26.79 -60.40
CA ARG C 213 -40.46 27.04 -59.76
C ARG C 213 -41.68 26.83 -60.61
N GLY C 214 -42.64 26.02 -60.11
CA GLY C 214 -43.85 25.67 -60.80
C GLY C 214 -43.67 24.51 -61.75
N GLU C 215 -42.68 23.63 -61.46
CA GLU C 215 -42.49 22.39 -62.18
C GLU C 215 -42.63 21.30 -61.19
N MET D 1 74.38 -14.44 15.52
CA MET D 1 73.22 -13.78 16.06
C MET D 1 72.99 -12.62 15.14
N ASN D 2 72.69 -11.42 15.68
CA ASN D 2 72.36 -10.29 14.87
C ASN D 2 72.36 -9.06 15.74
N GLY D 3 72.58 -9.22 17.06
CA GLY D 3 72.69 -8.11 17.97
C GLY D 3 73.88 -8.29 18.86
N THR D 4 73.87 -7.54 19.98
CA THR D 4 74.88 -7.55 20.99
C THR D 4 74.17 -7.37 22.30
N GLU D 5 74.27 -8.40 23.18
CA GLU D 5 73.62 -8.41 24.46
C GLU D 5 74.51 -7.71 25.44
N GLY D 6 73.87 -7.12 26.47
CA GLY D 6 74.50 -6.39 27.53
C GLY D 6 73.83 -6.86 28.78
N PRO D 7 73.90 -6.08 29.85
CA PRO D 7 73.32 -6.46 31.13
C PRO D 7 72.02 -5.72 31.29
N ASN D 8 71.61 -4.86 30.31
CA ASN D 8 70.34 -4.18 30.38
C ASN D 8 69.95 -3.71 29.00
N PHE D 9 70.64 -4.19 27.94
CA PHE D 9 70.29 -3.79 26.60
C PHE D 9 70.49 -4.95 25.68
N TYR D 10 69.77 -4.94 24.55
CA TYR D 10 69.94 -5.87 23.48
C TYR D 10 69.70 -5.05 22.24
N VAL D 11 70.79 -4.50 21.64
CA VAL D 11 70.69 -3.77 20.39
C VAL D 11 70.47 -4.78 19.28
N PRO D 12 69.41 -4.77 18.46
CA PRO D 12 69.18 -5.73 17.39
C PRO D 12 70.04 -5.40 16.17
N PHE D 13 71.07 -4.54 16.34
CA PHE D 13 72.08 -4.20 15.39
C PHE D 13 73.33 -4.67 16.07
N SER D 14 74.14 -5.50 15.38
CA SER D 14 75.35 -6.08 15.89
C SER D 14 76.41 -5.00 16.03
N ASN D 15 77.35 -5.20 16.97
CA ASN D 15 78.40 -4.27 17.28
C ASN D 15 79.58 -4.63 16.40
N LYS D 16 80.19 -3.61 15.76
CA LYS D 16 81.34 -3.82 14.91
C LYS D 16 81.97 -2.46 14.69
N THR D 17 81.32 -1.38 15.18
CA THR D 17 81.83 -0.04 15.09
C THR D 17 82.35 0.39 16.45
N GLY D 18 82.13 -0.47 17.47
CA GLY D 18 82.69 -0.34 18.80
C GLY D 18 82.00 0.69 19.63
N VAL D 19 80.80 1.15 19.21
CA VAL D 19 80.04 2.17 19.89
C VAL D 19 78.64 1.69 20.11
N VAL D 20 78.32 0.44 19.69
CA VAL D 20 77.00 -0.12 19.79
C VAL D 20 76.96 -0.79 21.14
N ARG D 21 76.38 -0.08 22.15
CA ARG D 21 76.23 -0.56 23.50
C ARG D 21 74.88 -0.10 23.95
N SER D 22 74.76 0.45 25.19
CA SER D 22 73.56 0.99 25.76
C SER D 22 72.98 2.11 24.90
N PRO D 23 71.69 2.10 24.55
CA PRO D 23 71.08 3.19 23.79
C PRO D 23 70.25 3.99 24.76
N PHE D 24 70.68 4.09 26.03
CA PHE D 24 70.02 4.91 27.03
C PHE D 24 70.82 6.14 27.30
N GLU D 25 72.06 6.23 26.76
CA GLU D 25 72.97 7.29 27.08
C GLU D 25 73.69 7.68 25.82
N ALA D 26 73.56 6.86 24.74
CA ALA D 26 74.25 7.07 23.50
C ALA D 26 73.19 7.29 22.45
N PRO D 27 73.37 8.19 21.47
CA PRO D 27 72.38 8.45 20.46
C PRO D 27 72.56 7.41 19.38
N GLN D 28 71.43 6.94 18.80
CA GLN D 28 71.44 5.85 17.86
C GLN D 28 71.09 6.46 16.54
N TYR D 29 71.98 6.28 15.55
CA TYR D 29 71.92 6.89 14.25
C TYR D 29 72.81 6.10 13.35
N TYR D 30 73.29 4.94 13.85
CA TYR D 30 74.12 3.99 13.13
C TYR D 30 73.37 2.70 12.99
N LEU D 31 72.04 2.73 13.24
CA LEU D 31 71.17 1.60 13.05
C LEU D 31 69.88 2.08 12.45
N ALA D 32 69.75 3.42 12.27
CA ALA D 32 68.61 4.01 11.61
C ALA D 32 69.08 5.37 11.21
N GLU D 33 68.42 5.97 10.20
CA GLU D 33 68.76 7.28 9.69
C GLU D 33 67.90 8.31 10.39
N PRO D 34 68.26 9.60 10.42
CA PRO D 34 67.43 10.67 10.97
C PRO D 34 66.06 10.76 10.35
N TRP D 35 65.93 10.44 9.04
CA TRP D 35 64.67 10.52 8.33
C TRP D 35 63.73 9.43 8.81
N GLN D 36 64.28 8.21 9.07
CA GLN D 36 63.55 7.09 9.63
C GLN D 36 62.98 7.37 11.00
N PHE D 37 63.68 8.18 11.83
CA PHE D 37 63.20 8.64 13.11
C PHE D 37 62.06 9.61 12.98
N SER D 38 62.09 10.50 11.96
CA SER D 38 61.02 11.43 11.66
C SER D 38 59.76 10.71 11.24
N MET D 39 59.91 9.66 10.40
CA MET D 39 58.84 8.79 9.96
C MET D 39 58.24 7.98 11.09
N LEU D 40 59.10 7.50 12.03
CA LEU D 40 58.71 6.82 13.24
C LEU D 40 57.85 7.69 14.10
N ALA D 41 58.29 8.95 14.33
CA ALA D 41 57.59 9.94 15.13
C ALA D 41 56.26 10.30 14.53
N ALA D 42 56.21 10.48 13.18
CA ALA D 42 55.00 10.72 12.43
C ALA D 42 53.98 9.61 12.60
N TYR D 43 54.44 8.34 12.46
CA TYR D 43 53.64 7.16 12.55
C TYR D 43 53.01 6.99 13.91
N MET D 44 53.80 7.22 15.00
CA MET D 44 53.32 7.15 16.36
C MET D 44 52.33 8.24 16.70
N PHE D 45 52.51 9.44 16.11
CA PHE D 45 51.65 10.59 16.30
C PHE D 45 50.28 10.31 15.74
N LEU D 46 50.22 9.79 14.49
CA LEU D 46 49.06 9.27 13.80
C LEU D 46 48.26 8.31 14.65
N LEU D 47 48.92 7.25 15.17
CA LEU D 47 48.30 6.22 15.97
C LEU D 47 47.62 6.71 17.22
N ILE D 48 48.10 7.82 17.83
CA ILE D 48 47.51 8.48 18.97
C ILE D 48 46.28 9.23 18.50
N MET D 49 46.44 10.06 17.44
CA MET D 49 45.42 10.89 16.84
C MET D 49 44.16 10.15 16.40
N LEU D 50 44.32 8.92 15.89
CA LEU D 50 43.22 8.08 15.50
C LEU D 50 42.71 7.28 16.67
N GLY D 51 43.64 6.61 17.40
CA GLY D 51 43.33 5.66 18.45
C GLY D 51 42.52 6.21 19.59
N PHE D 52 42.88 7.42 20.11
CA PHE D 52 42.21 8.01 21.24
C PHE D 52 40.76 8.39 20.96
N PRO D 53 40.37 9.08 19.88
CA PRO D 53 38.97 9.38 19.60
C PRO D 53 38.11 8.16 19.44
N ILE D 54 38.54 7.18 18.62
CA ILE D 54 37.86 5.93 18.34
C ILE D 54 37.50 5.17 19.60
N ASN D 55 38.44 5.08 20.56
CA ASN D 55 38.26 4.32 21.79
C ASN D 55 37.47 5.13 22.79
N PHE D 56 37.61 6.47 22.79
CA PHE D 56 36.88 7.35 23.67
C PHE D 56 35.39 7.29 23.39
N LEU D 57 35.00 7.34 22.08
CA LEU D 57 33.65 7.18 21.62
C LEU D 57 32.99 5.90 22.09
N THR D 58 33.74 4.76 22.08
CA THR D 58 33.24 3.46 22.47
C THR D 58 32.75 3.41 23.90
N LEU D 59 33.51 4.01 24.85
CA LEU D 59 33.09 4.13 26.23
C LEU D 59 31.97 5.13 26.40
N TYR D 60 32.06 6.26 25.66
CA TYR D 60 31.22 7.43 25.83
C TYR D 60 29.78 7.18 25.47
N VAL D 61 29.52 6.60 24.27
CA VAL D 61 28.19 6.30 23.78
C VAL D 61 27.41 5.33 24.65
N THR D 62 28.12 4.38 25.30
CA THR D 62 27.50 3.29 26.03
C THR D 62 26.80 3.67 27.32
N VAL D 63 27.31 4.67 28.07
CA VAL D 63 26.71 5.06 29.33
C VAL D 63 25.35 5.70 29.18
N GLN D 64 25.05 6.29 28.01
CA GLN D 64 23.85 7.07 27.79
C GLN D 64 22.82 6.33 26.99
N HIS D 65 23.11 5.06 26.61
CA HIS D 65 22.13 4.23 25.95
C HIS D 65 22.11 2.93 26.70
N LYS D 66 20.97 2.66 27.40
CA LYS D 66 20.62 1.43 28.10
C LYS D 66 20.99 0.16 27.38
N LYS D 67 20.55 0.04 26.11
CA LYS D 67 20.70 -1.13 25.27
C LYS D 67 22.15 -1.49 24.97
N LEU D 68 23.08 -0.51 25.10
CA LEU D 68 24.50 -0.69 24.93
C LEU D 68 25.16 -1.27 26.15
N ARG D 69 24.52 -1.15 27.34
CA ARG D 69 25.09 -1.56 28.60
C ARG D 69 24.75 -3.01 28.87
N THR D 70 24.29 -3.75 27.84
CA THR D 70 24.01 -5.16 27.87
C THR D 70 25.32 -5.94 28.03
N PRO D 71 25.32 -7.14 28.63
CA PRO D 71 26.50 -7.93 28.93
C PRO D 71 27.50 -8.15 27.81
N LEU D 72 27.03 -8.40 26.57
CA LEU D 72 27.85 -8.77 25.43
C LEU D 72 28.69 -7.64 24.89
N ASN D 73 28.48 -6.39 25.38
CA ASN D 73 29.21 -5.23 24.93
C ASN D 73 30.32 -4.92 25.89
N TYR D 74 30.29 -5.44 27.15
CA TYR D 74 31.34 -5.30 28.15
C TYR D 74 32.73 -5.58 27.64
N ILE D 75 32.90 -6.71 26.89
CA ILE D 75 34.14 -7.17 26.33
C ILE D 75 34.68 -6.20 25.30
N LEU D 76 33.77 -5.50 24.56
CA LEU D 76 34.09 -4.49 23.60
C LEU D 76 34.60 -3.23 24.27
N LEU D 77 34.00 -2.83 25.43
CA LEU D 77 34.48 -1.73 26.25
C LEU D 77 35.88 -2.00 26.76
N ASN D 78 36.12 -3.25 27.21
CA ASN D 78 37.38 -3.77 27.69
C ASN D 78 38.46 -3.67 26.64
N LEU D 79 38.15 -4.11 25.40
CA LEU D 79 38.99 -3.97 24.22
C LEU D 79 39.42 -2.54 23.97
N ALA D 80 38.48 -1.57 24.10
CA ALA D 80 38.75 -0.15 23.91
C ALA D 80 39.72 0.38 24.94
N VAL D 81 39.58 -0.05 26.21
CA VAL D 81 40.48 0.28 27.31
C VAL D 81 41.88 -0.27 27.07
N ALA D 82 41.97 -1.54 26.62
CA ALA D 82 43.19 -2.23 26.25
C ALA D 82 44.02 -1.46 25.24
N ASP D 83 43.32 -0.99 24.18
CA ASP D 83 43.86 -0.15 23.13
C ASP D 83 44.43 1.14 23.67
N LEU D 84 43.77 1.75 24.69
CA LEU D 84 44.20 2.99 25.32
C LEU D 84 45.45 2.80 26.14
N PHE D 85 45.62 1.63 26.81
CA PHE D 85 46.88 1.24 27.41
C PHE D 85 48.04 1.27 26.43
N MET D 86 47.84 0.72 25.21
CA MET D 86 48.80 0.78 24.13
C MET D 86 49.11 2.20 23.69
N VAL D 87 48.11 3.13 23.74
CA VAL D 87 48.25 4.49 23.26
C VAL D 87 49.13 5.30 24.16
N PHE D 88 48.94 5.20 25.50
CA PHE D 88 49.62 6.07 26.43
C PHE D 88 50.87 5.43 26.97
N GLY D 89 50.89 4.08 27.02
CA GLY D 89 52.05 3.33 27.45
C GLY D 89 53.08 3.20 26.38
N GLY D 90 52.63 2.86 25.14
CA GLY D 90 53.52 2.54 24.07
C GLY D 90 53.76 3.74 23.20
N PHE D 91 52.71 4.20 22.49
CA PHE D 91 52.79 5.14 21.38
C PHE D 91 53.39 6.46 21.80
N THR D 92 52.92 7.02 22.94
CA THR D 92 53.31 8.31 23.45
C THR D 92 54.77 8.35 23.83
N THR D 93 55.24 7.34 24.61
CA THR D 93 56.63 7.12 24.95
C THR D 93 57.53 7.08 23.73
N THR D 94 57.15 6.26 22.72
CA THR D 94 57.92 6.04 21.51
C THR D 94 58.01 7.30 20.67
N LEU D 95 56.95 8.12 20.65
CA LEU D 95 56.89 9.41 20.00
C LEU D 95 57.89 10.38 20.61
N TYR D 96 57.95 10.44 21.96
CA TYR D 96 58.88 11.29 22.68
C TYR D 96 60.32 10.93 22.38
N THR D 97 60.66 9.62 22.55
CA THR D 97 61.99 9.07 22.40
C THR D 97 62.56 9.21 21.01
N SER D 98 61.73 8.94 19.96
CA SER D 98 62.10 9.01 18.55
C SER D 98 62.71 10.32 18.13
N LEU D 99 62.27 11.45 18.73
CA LEU D 99 62.73 12.77 18.37
C LEU D 99 64.10 13.08 18.94
N HIS D 100 64.54 12.32 19.98
CA HIS D 100 65.91 12.33 20.44
C HIS D 100 66.75 11.37 19.63
N GLY D 101 66.09 10.34 19.05
CA GLY D 101 66.70 9.33 18.22
C GLY D 101 67.20 8.17 19.05
N TYR D 102 66.86 8.15 20.36
CA TYR D 102 67.24 7.07 21.23
C TYR D 102 66.32 7.16 22.41
N PHE D 103 66.35 6.12 23.27
CA PHE D 103 65.45 5.96 24.38
C PHE D 103 66.08 6.75 25.51
N VAL D 104 65.35 7.74 26.07
CA VAL D 104 65.92 8.71 26.98
C VAL D 104 65.36 8.55 28.37
N PHE D 105 64.48 7.54 28.61
CA PHE D 105 63.89 7.32 29.91
C PHE D 105 64.67 6.28 30.67
N GLY D 106 65.73 5.69 30.05
CA GLY D 106 66.66 4.81 30.70
C GLY D 106 66.12 3.41 30.88
N PRO D 107 66.91 2.51 31.47
CA PRO D 107 66.57 1.11 31.68
C PRO D 107 65.28 0.91 32.46
N THR D 108 65.02 1.75 33.49
CA THR D 108 63.83 1.67 34.32
C THR D 108 62.62 2.05 33.49
N GLY D 109 62.76 3.15 32.69
CA GLY D 109 61.79 3.60 31.72
C GLY D 109 61.40 2.56 30.72
N CYS D 110 62.40 1.81 30.19
CA CYS D 110 62.25 0.71 29.27
C CYS D 110 61.38 -0.39 29.82
N ASN D 111 61.54 -0.72 31.13
CA ASN D 111 60.76 -1.71 31.81
C ASN D 111 59.33 -1.28 31.99
N LEU D 112 59.10 0.01 32.36
CA LEU D 112 57.80 0.63 32.48
C LEU D 112 57.03 0.65 31.18
N GLU D 113 57.62 1.28 30.13
CA GLU D 113 57.05 1.41 28.80
C GLU D 113 56.74 0.09 28.16
N GLY D 114 57.65 -0.89 28.32
CA GLY D 114 57.53 -2.23 27.79
C GLY D 114 56.42 -2.97 28.47
N PHE D 115 56.21 -2.71 29.78
CA PHE D 115 55.16 -3.32 30.57
C PHE D 115 53.81 -2.84 30.13
N PHE D 116 53.63 -1.51 29.95
CA PHE D 116 52.35 -0.94 29.59
C PHE D 116 51.94 -1.27 28.19
N ALA D 117 52.91 -1.29 27.23
CA ALA D 117 52.67 -1.65 25.85
C ALA D 117 52.25 -3.09 25.70
N THR D 118 52.98 -4.02 26.39
CA THR D 118 52.71 -5.44 26.40
C THR D 118 51.39 -5.73 27.04
N LEU D 119 51.13 -5.13 28.24
CA LEU D 119 49.89 -5.26 29.00
C LEU D 119 48.70 -4.92 28.15
N GLY D 120 48.73 -3.73 27.50
CA GLY D 120 47.76 -3.25 26.54
C GLY D 120 47.43 -4.25 25.48
N GLY D 121 48.46 -4.65 24.70
CA GLY D 121 48.38 -5.61 23.63
C GLY D 121 47.87 -6.97 24.03
N GLU D 122 48.14 -7.41 25.28
CA GLU D 122 47.76 -8.70 25.77
C GLU D 122 46.32 -8.72 26.20
N ILE D 123 45.83 -7.65 26.86
CA ILE D 123 44.42 -7.49 27.20
C ILE D 123 43.61 -7.48 25.92
N ALA D 124 44.11 -6.77 24.87
CA ALA D 124 43.53 -6.74 23.54
C ALA D 124 43.44 -8.10 22.91
N LEU D 125 44.57 -8.85 22.87
CA LEU D 125 44.68 -10.22 22.38
C LEU D 125 43.62 -11.13 22.93
N TRP D 126 43.52 -11.17 24.28
CA TRP D 126 42.61 -12.03 24.99
C TRP D 126 41.18 -11.55 24.90
N SER D 127 40.94 -10.23 24.68
CA SER D 127 39.63 -9.67 24.38
C SER D 127 39.06 -10.27 23.12
N LEU D 128 39.83 -10.25 22.00
CA LEU D 128 39.48 -10.85 20.73
C LEU D 128 39.10 -12.31 20.84
N VAL D 129 39.75 -13.06 21.77
CA VAL D 129 39.50 -14.45 22.05
C VAL D 129 38.18 -14.62 22.74
N VAL D 130 37.99 -13.93 23.90
CA VAL D 130 36.76 -13.92 24.68
C VAL D 130 35.55 -13.54 23.86
N LEU D 131 35.67 -12.50 23.00
CA LEU D 131 34.64 -12.03 22.11
C LEU D 131 34.16 -13.11 21.15
N ALA D 132 35.12 -13.86 20.56
CA ALA D 132 34.85 -15.00 19.71
C ALA D 132 34.14 -16.10 20.44
N ILE D 133 34.54 -16.40 21.70
CA ILE D 133 33.92 -17.35 22.60
C ILE D 133 32.47 -16.99 22.82
N GLU D 134 32.17 -15.73 23.24
CA GLU D 134 30.84 -15.23 23.48
C GLU D 134 29.94 -15.39 22.27
N ARG D 135 30.47 -15.07 21.05
CA ARG D 135 29.77 -15.22 19.80
C ARG D 135 29.44 -16.66 19.47
N TYR D 136 30.40 -17.59 19.73
CA TYR D 136 30.26 -19.01 19.55
C TYR D 136 29.18 -19.60 20.44
N VAL D 137 29.18 -19.24 21.75
CA VAL D 137 28.21 -19.68 22.74
C VAL D 137 26.81 -19.25 22.36
N VAL D 138 26.64 -17.94 22.07
CA VAL D 138 25.35 -17.34 21.77
C VAL D 138 24.71 -17.88 20.51
N VAL D 139 25.51 -18.07 19.42
CA VAL D 139 24.93 -18.33 18.12
C VAL D 139 24.86 -19.81 17.84
N CYS D 140 25.97 -20.54 18.06
CA CYS D 140 26.06 -21.96 17.79
C CYS D 140 25.38 -22.80 18.82
N LYS D 141 25.16 -22.24 20.03
CA LYS D 141 24.45 -22.83 21.13
C LYS D 141 24.93 -24.21 21.55
N PRO D 142 26.17 -24.39 22.01
CA PRO D 142 26.74 -25.69 22.34
C PRO D 142 26.22 -26.13 23.70
N MET D 143 25.31 -25.35 24.31
CA MET D 143 24.75 -25.59 25.61
C MET D 143 23.37 -25.02 25.51
N SER D 144 22.42 -25.62 26.26
CA SER D 144 21.04 -25.23 26.25
C SER D 144 20.64 -24.93 27.65
N ASN D 145 19.89 -23.81 27.81
CA ASN D 145 19.27 -23.34 29.03
C ASN D 145 20.22 -22.45 29.79
N PHE D 146 21.07 -21.72 29.04
CA PHE D 146 22.00 -20.77 29.61
C PHE D 146 21.66 -19.45 29.00
N ARG D 147 21.59 -18.41 29.86
CA ARG D 147 21.31 -17.06 29.48
C ARG D 147 22.59 -16.34 29.79
N PHE D 148 23.04 -15.49 28.85
CA PHE D 148 24.30 -14.78 28.99
C PHE D 148 23.98 -13.50 29.72
N GLY D 149 24.31 -13.48 31.04
CA GLY D 149 24.02 -12.40 31.93
C GLY D 149 25.29 -11.67 32.24
N GLU D 150 25.13 -10.55 33.00
CA GLU D 150 26.16 -9.62 33.42
C GLU D 150 27.36 -10.27 34.03
N ASN D 151 27.13 -11.25 34.94
CA ASN D 151 28.14 -11.94 35.70
C ASN D 151 29.13 -12.69 34.84
N HIS D 152 28.63 -13.40 33.80
CA HIS D 152 29.45 -14.17 32.88
C HIS D 152 30.39 -13.28 32.08
N ALA D 153 29.85 -12.15 31.59
CA ALA D 153 30.58 -11.12 30.88
C ALA D 153 31.74 -10.56 31.67
N ILE D 154 31.50 -10.27 32.98
CA ILE D 154 32.46 -9.73 33.91
C ILE D 154 33.60 -10.71 34.12
N MET D 155 33.29 -12.02 34.32
CA MET D 155 34.27 -13.09 34.39
C MET D 155 35.16 -13.14 33.17
N GLY D 156 34.55 -13.08 31.97
CA GLY D 156 35.21 -12.99 30.69
C GLY D 156 36.22 -11.88 30.58
N VAL D 157 35.84 -10.66 31.05
CA VAL D 157 36.66 -9.46 31.08
C VAL D 157 37.85 -9.65 32.00
N ALA D 158 37.59 -10.15 33.24
CA ALA D 158 38.58 -10.43 34.25
C ALA D 158 39.65 -11.39 33.78
N PHE D 159 39.23 -12.46 33.06
CA PHE D 159 40.09 -13.47 32.47
C PHE D 159 41.16 -12.90 31.55
N THR D 160 40.82 -11.88 30.73
CA THR D 160 41.75 -11.31 29.77
C THR D 160 42.84 -10.58 30.49
N TRP D 161 42.46 -9.84 31.55
CA TRP D 161 43.35 -9.10 32.42
C TRP D 161 44.37 -10.00 33.08
N VAL D 162 43.91 -11.14 33.65
CA VAL D 162 44.73 -12.11 34.35
C VAL D 162 45.76 -12.73 33.45
N MET D 163 45.34 -13.18 32.24
CA MET D 163 46.22 -13.72 31.22
C MET D 163 47.23 -12.72 30.72
N ALA D 164 46.85 -11.43 30.68
CA ALA D 164 47.69 -10.36 30.19
C ALA D 164 48.80 -10.07 31.16
N LEU D 165 48.47 -9.98 32.47
CA LEU D 165 49.42 -9.88 33.56
C LEU D 165 50.36 -11.05 33.59
N ALA D 166 49.86 -12.28 33.31
CA ALA D 166 50.65 -13.49 33.19
C ALA D 166 51.74 -13.46 32.14
N CYS D 167 51.74 -12.45 31.24
CA CYS D 167 52.70 -12.32 30.16
C CYS D 167 53.52 -11.08 30.41
N ALA D 168 52.85 -9.95 30.72
CA ALA D 168 53.48 -8.66 30.89
C ALA D 168 54.29 -8.55 32.17
N ALA D 169 53.90 -9.26 33.24
CA ALA D 169 54.56 -9.19 34.54
C ALA D 169 55.86 -9.98 34.60
N PRO D 170 56.03 -11.22 34.09
CA PRO D 170 57.29 -11.96 34.10
C PRO D 170 58.57 -11.23 33.74
N PRO D 171 58.76 -10.42 32.69
CA PRO D 171 60.05 -9.79 32.42
C PRO D 171 60.48 -8.77 33.46
N LEU D 172 59.57 -8.35 34.39
CA LEU D 172 59.89 -7.43 35.45
C LEU D 172 60.47 -8.11 36.66
N VAL D 173 60.35 -9.46 36.76
CA VAL D 173 60.79 -10.22 37.90
C VAL D 173 61.90 -11.15 37.47
N GLY D 174 62.38 -10.99 36.22
CA GLY D 174 63.62 -11.57 35.77
C GLY D 174 63.43 -12.82 34.97
N TRP D 175 62.16 -13.18 34.61
CA TRP D 175 61.92 -14.29 33.72
C TRP D 175 61.78 -13.63 32.37
N SER D 176 62.90 -13.65 31.59
CA SER D 176 63.20 -12.79 30.47
C SER D 176 63.34 -11.37 30.94
N ARG D 177 63.37 -10.39 30.01
CA ARG D 177 63.62 -9.01 30.35
C ARG D 177 63.04 -8.18 29.24
N TYR D 178 62.78 -6.88 29.54
CA TYR D 178 62.46 -5.90 28.55
C TYR D 178 63.75 -5.26 28.19
N ILE D 179 63.97 -5.06 26.87
CA ILE D 179 65.17 -4.47 26.33
C ILE D 179 64.71 -3.82 25.05
N PRO D 180 65.34 -2.75 24.57
CA PRO D 180 64.99 -2.07 23.32
C PRO D 180 64.85 -2.98 22.12
N GLU D 181 63.82 -2.75 21.29
CA GLU D 181 63.59 -3.39 20.02
C GLU D 181 63.60 -2.27 19.03
N GLY D 182 63.52 -2.61 17.72
CA GLY D 182 63.37 -1.67 16.64
C GLY D 182 64.51 -0.69 16.51
N MET D 183 64.18 0.62 16.43
CA MET D 183 65.13 1.68 16.21
C MET D 183 65.59 2.23 17.54
N GLN D 184 65.21 1.58 18.66
CA GLN D 184 65.72 1.78 20.00
C GLN D 184 64.91 2.85 20.66
N CYS D 185 63.57 2.84 20.41
CA CYS D 185 62.66 3.85 20.89
C CYS D 185 61.45 3.17 21.48
N SER D 186 61.37 1.83 21.37
CA SER D 186 60.38 1.05 22.06
C SER D 186 61.09 -0.16 22.55
N CYS D 187 60.57 -0.77 23.63
CA CYS D 187 61.13 -1.92 24.30
C CYS D 187 60.18 -3.05 24.13
N GLY D 188 60.69 -4.24 23.70
CA GLY D 188 59.89 -5.43 23.62
C GLY D 188 60.54 -6.47 24.49
N ILE D 189 60.04 -7.71 24.37
CA ILE D 189 60.51 -8.88 25.08
C ILE D 189 61.72 -9.44 24.37
N ASP D 190 62.73 -9.89 25.15
CA ASP D 190 63.93 -10.53 24.63
C ASP D 190 63.58 -11.95 24.24
N TYR D 191 63.95 -12.34 23.00
CA TYR D 191 63.63 -13.65 22.47
C TYR D 191 64.52 -13.86 21.28
N TYR D 192 65.28 -12.81 20.90
CA TYR D 192 66.10 -12.73 19.71
C TYR D 192 67.39 -13.46 19.95
N THR D 193 67.77 -13.63 21.24
CA THR D 193 68.99 -14.25 21.66
C THR D 193 68.64 -15.00 22.91
N PRO D 194 69.41 -16.01 23.32
CA PRO D 194 69.18 -16.73 24.56
C PRO D 194 69.93 -15.98 25.64
N HIS D 195 69.59 -16.26 26.91
CA HIS D 195 70.14 -15.56 28.03
C HIS D 195 69.71 -16.40 29.18
N GLU D 196 70.59 -17.34 29.57
CA GLU D 196 70.35 -18.42 30.52
C GLU D 196 69.97 -17.89 31.88
N GLU D 197 70.65 -16.80 32.32
CA GLU D 197 70.50 -16.15 33.60
C GLU D 197 69.12 -15.60 33.86
N THR D 198 68.29 -15.40 32.81
CA THR D 198 66.95 -14.87 32.93
C THR D 198 65.98 -15.88 32.37
N ASN D 199 66.49 -16.96 31.72
CA ASN D 199 65.71 -18.09 31.27
C ASN D 199 64.77 -17.71 30.15
N ASN D 200 65.30 -17.00 29.11
CA ASN D 200 64.60 -16.55 27.92
C ASN D 200 63.90 -17.68 27.23
N GLU D 201 64.60 -18.84 27.13
CA GLU D 201 64.24 -20.01 26.37
C GLU D 201 62.89 -20.55 26.78
N SER D 202 62.69 -20.76 28.11
CA SER D 202 61.47 -21.25 28.69
C SER D 202 60.32 -20.27 28.49
N PHE D 203 60.61 -18.96 28.63
CA PHE D 203 59.64 -17.90 28.45
C PHE D 203 59.09 -17.85 27.04
N VAL D 204 59.97 -17.98 26.02
CA VAL D 204 59.62 -17.96 24.62
C VAL D 204 58.70 -19.10 24.25
N ILE D 205 58.95 -20.31 24.82
CA ILE D 205 58.10 -21.47 24.63
C ILE D 205 56.74 -21.23 25.23
N TYR D 206 56.69 -20.71 26.49
CA TYR D 206 55.49 -20.37 27.20
C TYR D 206 54.61 -19.38 26.44
N MET D 207 55.21 -18.25 25.99
CA MET D 207 54.58 -17.24 25.16
C MET D 207 53.99 -17.76 23.88
N PHE D 208 54.80 -18.50 23.09
CA PHE D 208 54.42 -19.01 21.80
C PHE D 208 53.24 -19.96 21.91
N VAL D 209 53.23 -20.85 22.92
CA VAL D 209 52.18 -21.83 23.08
C VAL D 209 50.94 -21.20 23.67
N VAL D 210 51.05 -20.64 24.91
CA VAL D 210 49.89 -20.22 25.68
C VAL D 210 49.28 -18.94 25.18
N HIS D 211 50.10 -18.00 24.65
CA HIS D 211 49.66 -16.67 24.30
C HIS D 211 49.58 -16.44 22.82
N PHE D 212 49.94 -17.44 21.95
CA PHE D 212 49.69 -17.28 20.53
C PHE D 212 48.89 -18.44 20.02
N ILE D 213 49.44 -19.69 20.12
CA ILE D 213 48.85 -20.88 19.55
C ILE D 213 47.46 -21.16 20.09
N ILE D 214 47.29 -21.22 21.44
CA ILE D 214 46.00 -21.31 22.12
C ILE D 214 44.98 -20.30 21.59
N PRO D 215 45.17 -18.98 21.69
CA PRO D 215 44.33 -17.96 21.04
C PRO D 215 43.98 -18.21 19.60
N LEU D 216 44.97 -18.54 18.74
CA LEU D 216 44.83 -18.81 17.33
C LEU D 216 43.87 -19.94 17.04
N ILE D 217 43.97 -21.04 17.82
CA ILE D 217 43.12 -22.21 17.75
C ILE D 217 41.70 -21.83 18.09
N VAL D 218 41.50 -21.10 19.22
CA VAL D 218 40.20 -20.65 19.68
C VAL D 218 39.49 -19.78 18.66
N ILE D 219 40.20 -18.79 18.06
CA ILE D 219 39.69 -17.91 17.02
C ILE D 219 39.17 -18.67 15.82
N PHE D 220 39.96 -19.65 15.30
CA PHE D 220 39.60 -20.48 14.18
C PHE D 220 38.40 -21.34 14.45
N PHE D 221 38.36 -21.97 15.65
CA PHE D 221 37.28 -22.82 16.11
C PHE D 221 35.96 -22.09 16.13
N CYS D 222 35.87 -21.04 16.97
CA CYS D 222 34.72 -20.20 17.20
C CYS D 222 34.10 -19.65 15.94
N TYR D 223 34.92 -18.96 15.11
CA TYR D 223 34.43 -18.33 13.90
C TYR D 223 34.11 -19.33 12.81
N GLY D 224 34.84 -20.47 12.75
CA GLY D 224 34.56 -21.58 11.87
C GLY D 224 33.19 -22.16 12.11
N GLN D 225 32.90 -22.47 13.39
CA GLN D 225 31.61 -22.87 13.90
C GLN D 225 30.51 -21.91 13.55
N LEU D 226 30.72 -20.59 13.80
CA LEU D 226 29.76 -19.54 13.53
C LEU D 226 29.36 -19.50 12.07
N VAL D 227 30.35 -19.54 11.12
CA VAL D 227 30.11 -19.58 9.69
C VAL D 227 29.37 -20.83 9.28
N PHE D 228 29.69 -21.99 9.90
CA PHE D 228 29.04 -23.26 9.65
C PHE D 228 27.56 -23.21 9.99
N THR D 229 27.24 -22.82 11.25
CA THR D 229 25.91 -22.58 11.77
C THR D 229 25.06 -21.69 10.89
N VAL D 230 25.63 -20.53 10.48
CA VAL D 230 24.96 -19.50 9.70
C VAL D 230 24.67 -19.97 8.31
N LYS D 231 25.61 -20.75 7.70
CA LYS D 231 25.43 -21.39 6.42
C LYS D 231 24.31 -22.40 6.41
N GLU D 232 24.23 -23.25 7.46
CA GLU D 232 23.17 -24.23 7.61
C GLU D 232 21.81 -23.59 7.72
N ALA D 233 21.68 -22.60 8.64
CA ALA D 233 20.49 -21.79 8.85
C ALA D 233 19.99 -21.11 7.59
N ALA D 234 20.94 -20.54 6.80
CA ALA D 234 20.74 -19.83 5.57
C ALA D 234 20.22 -20.74 4.50
N ALA D 235 20.76 -21.99 4.43
CA ALA D 235 20.34 -23.04 3.54
C ALA D 235 18.89 -23.42 3.75
N GLN D 236 18.45 -23.43 5.03
CA GLN D 236 17.07 -23.69 5.42
C GLN D 236 16.21 -22.45 5.34
N GLN D 237 16.73 -21.35 4.75
CA GLN D 237 16.04 -20.07 4.77
C GLN D 237 16.54 -19.28 3.60
N GLN D 238 16.31 -19.82 2.37
CA GLN D 238 16.73 -19.21 1.13
C GLN D 238 15.52 -18.54 0.50
N GLU D 239 14.41 -18.52 1.27
CA GLU D 239 13.15 -17.93 0.90
C GLU D 239 13.02 -16.53 1.43
N SER D 240 14.12 -16.00 2.02
CA SER D 240 14.18 -14.64 2.49
C SER D 240 15.43 -14.09 1.87
N ALA D 241 15.27 -12.96 1.12
CA ALA D 241 16.32 -12.23 0.45
C ALA D 241 17.35 -11.73 1.42
N THR D 242 16.87 -11.18 2.57
CA THR D 242 17.64 -10.66 3.67
C THR D 242 18.67 -11.65 4.17
N THR D 243 18.23 -12.90 4.46
CA THR D 243 19.06 -13.98 4.97
C THR D 243 20.19 -14.34 4.03
N GLN D 244 19.95 -14.31 2.69
CA GLN D 244 20.95 -14.58 1.68
C GLN D 244 22.01 -13.51 1.60
N LYS D 245 21.62 -12.22 1.72
CA LYS D 245 22.52 -11.08 1.74
C LYS D 245 23.42 -11.12 2.95
N ALA D 246 22.80 -11.38 4.12
CA ALA D 246 23.41 -11.60 5.41
C ALA D 246 24.44 -12.69 5.39
N GLU D 247 24.16 -13.82 4.70
CA GLU D 247 25.03 -14.98 4.61
C GLU D 247 26.34 -14.63 3.94
N LYS D 248 26.28 -13.84 2.84
CA LYS D 248 27.43 -13.35 2.12
C LYS D 248 28.22 -12.39 2.96
N GLU D 249 27.51 -11.46 3.64
CA GLU D 249 28.07 -10.46 4.50
C GLU D 249 28.83 -11.02 5.69
N VAL D 250 28.24 -12.00 6.40
CA VAL D 250 28.81 -12.67 7.54
C VAL D 250 30.07 -13.40 7.19
N THR D 251 30.12 -14.08 6.01
CA THR D 251 31.30 -14.76 5.54
C THR D 251 32.43 -13.80 5.27
N ARG D 252 32.11 -12.64 4.62
CA ARG D 252 33.06 -11.58 4.35
C ARG D 252 33.66 -11.01 5.62
N MET D 253 32.80 -10.60 6.58
CA MET D 253 33.17 -10.11 7.89
C MET D 253 34.09 -11.03 8.65
N VAL D 254 33.80 -12.36 8.65
CA VAL D 254 34.59 -13.36 9.35
C VAL D 254 35.98 -13.47 8.78
N ILE D 255 36.14 -13.36 7.44
CA ILE D 255 37.42 -13.36 6.77
C ILE D 255 38.25 -12.19 7.21
N ILE D 256 37.65 -10.96 7.23
CA ILE D 256 38.26 -9.74 7.71
C ILE D 256 38.71 -9.87 9.16
N MET D 257 37.85 -10.43 10.04
CA MET D 257 38.10 -10.65 11.45
C MET D 257 39.26 -11.57 11.73
N VAL D 258 39.39 -12.67 10.94
CA VAL D 258 40.42 -13.67 11.08
C VAL D 258 41.75 -13.07 10.66
N ILE D 259 41.79 -12.45 9.46
CA ILE D 259 42.92 -11.71 8.93
C ILE D 259 43.44 -10.66 9.88
N ALA D 260 42.54 -9.92 10.56
CA ALA D 260 42.90 -8.87 11.49
C ALA D 260 43.60 -9.40 12.72
N PHE D 261 43.19 -10.60 13.20
CA PHE D 261 43.82 -11.28 14.31
C PHE D 261 45.21 -11.75 13.93
N LEU D 262 45.35 -12.28 12.69
CA LEU D 262 46.58 -12.78 12.14
C LEU D 262 47.63 -11.71 12.03
N ILE D 263 47.33 -10.59 11.34
CA ILE D 263 48.21 -9.45 11.13
C ILE D 263 48.81 -8.95 12.43
N CYS D 264 48.00 -8.86 13.50
CA CYS D 264 48.41 -8.27 14.73
C CYS D 264 49.45 -9.07 15.51
N TRP D 265 49.31 -10.42 15.58
CA TRP D 265 50.14 -11.20 16.47
C TRP D 265 51.04 -12.18 15.77
N LEU D 266 50.75 -12.53 14.49
CA LEU D 266 51.58 -13.41 13.68
C LEU D 266 53.00 -12.93 13.51
N PRO D 267 53.33 -11.66 13.21
CA PRO D 267 54.71 -11.17 13.10
C PRO D 267 55.58 -11.47 14.30
N TYR D 268 55.11 -11.13 15.54
CA TYR D 268 55.81 -11.46 16.76
C TYR D 268 56.06 -12.93 16.94
N ALA D 269 55.01 -13.76 16.71
CA ALA D 269 55.09 -15.20 16.86
C ALA D 269 56.04 -15.86 15.88
N GLY D 270 55.89 -15.50 14.58
CA GLY D 270 56.71 -15.98 13.49
C GLY D 270 58.18 -15.71 13.65
N VAL D 271 58.53 -14.41 13.85
CA VAL D 271 59.89 -13.96 14.05
C VAL D 271 60.53 -14.58 15.26
N ALA D 272 59.84 -14.52 16.44
CA ALA D 272 60.31 -15.08 17.68
C ALA D 272 60.61 -16.55 17.62
N PHE D 273 59.70 -17.34 16.98
CA PHE D 273 59.87 -18.76 16.88
C PHE D 273 61.04 -19.13 16.01
N TYR D 274 61.18 -18.46 14.84
CA TYR D 274 62.22 -18.74 13.88
C TYR D 274 63.62 -18.50 14.41
N ILE D 275 63.86 -17.33 15.04
CA ILE D 275 65.14 -16.98 15.64
C ILE D 275 65.51 -17.91 16.77
N PHE D 276 64.52 -18.36 17.58
CA PHE D 276 64.74 -19.25 18.69
C PHE D 276 65.15 -20.64 18.25
N THR D 277 64.47 -21.18 17.21
CA THR D 277 64.71 -22.50 16.68
C THR D 277 65.99 -22.55 15.88
N HIS D 278 66.32 -21.44 15.19
CA HIS D 278 67.46 -21.32 14.32
C HIS D 278 68.23 -20.13 14.81
N GLN D 279 68.94 -20.29 15.95
CA GLN D 279 69.64 -19.19 16.59
C GLN D 279 70.93 -18.95 15.86
N GLY D 280 71.08 -17.70 15.37
CA GLY D 280 72.25 -17.25 14.64
C GLY D 280 71.83 -16.60 13.35
N SER D 281 70.50 -16.50 13.09
CA SER D 281 69.97 -15.85 11.91
C SER D 281 70.19 -14.37 11.97
N ASP D 282 70.48 -13.75 10.80
CA ASP D 282 70.71 -12.34 10.66
C ASP D 282 69.38 -11.67 10.40
N PHE D 283 69.07 -10.62 11.21
CA PHE D 283 67.91 -9.79 11.03
C PHE D 283 68.31 -8.40 11.42
N GLY D 284 67.90 -7.39 10.61
CA GLY D 284 68.26 -6.01 10.80
C GLY D 284 67.55 -5.39 11.97
N PRO D 285 67.91 -4.17 12.35
CA PRO D 285 67.29 -3.46 13.46
C PRO D 285 65.93 -2.95 13.07
N ILE D 286 65.74 -2.58 11.78
CA ILE D 286 64.52 -2.02 11.25
C ILE D 286 63.49 -3.13 11.10
N PHE D 287 63.97 -4.37 10.86
CA PHE D 287 63.16 -5.57 10.78
C PHE D 287 62.40 -5.83 12.07
N MET D 288 63.00 -5.51 13.23
CA MET D 288 62.39 -5.70 14.52
C MET D 288 61.36 -4.64 14.84
N THR D 289 61.26 -3.56 14.03
CA THR D 289 60.27 -2.52 14.22
C THR D 289 59.01 -2.93 13.49
N ILE D 290 59.14 -3.82 12.47
CA ILE D 290 58.04 -4.33 11.66
C ILE D 290 56.94 -5.01 12.47
N PRO D 291 57.17 -5.99 13.37
CA PRO D 291 56.14 -6.54 14.24
C PRO D 291 55.41 -5.54 15.09
N ALA D 292 56.12 -4.45 15.53
CA ALA D 292 55.55 -3.42 16.37
C ALA D 292 54.58 -2.58 15.60
N PHE D 293 54.89 -2.27 14.32
CA PHE D 293 54.02 -1.53 13.43
C PHE D 293 52.68 -2.20 13.25
N PHE D 294 52.70 -3.51 12.94
CA PHE D 294 51.51 -4.34 12.76
C PHE D 294 50.66 -4.45 13.99
N ALA D 295 51.29 -4.66 15.16
CA ALA D 295 50.62 -4.82 16.43
C ALA D 295 49.93 -3.54 16.84
N LYS D 296 50.68 -2.41 16.78
CA LYS D 296 50.22 -1.10 17.20
C LYS D 296 49.05 -0.55 16.43
N THR D 297 48.95 -0.88 15.12
CA THR D 297 47.86 -0.45 14.27
C THR D 297 46.54 -1.08 14.63
N SER D 298 46.52 -2.19 15.41
CA SER D 298 45.30 -2.86 15.81
C SER D 298 44.48 -2.03 16.77
N ALA D 299 45.10 -1.00 17.41
CA ALA D 299 44.42 -0.06 18.26
C ALA D 299 43.46 0.81 17.49
N VAL D 300 43.65 0.89 16.14
CA VAL D 300 42.77 1.61 15.25
C VAL D 300 41.83 0.62 14.59
N TYR D 301 42.34 -0.47 13.95
CA TYR D 301 41.46 -1.29 13.11
C TYR D 301 40.54 -2.23 13.87
N ASN D 302 40.94 -2.78 15.03
CA ASN D 302 40.05 -3.59 15.85
C ASN D 302 38.77 -2.88 16.27
N PRO D 303 38.73 -1.70 16.90
CA PRO D 303 37.49 -1.03 17.26
C PRO D 303 36.72 -0.58 16.04
N VAL D 304 37.36 -0.31 14.88
CA VAL D 304 36.63 -0.01 13.65
C VAL D 304 35.79 -1.20 13.24
N ILE D 305 36.39 -2.42 13.21
CA ILE D 305 35.73 -3.66 12.86
C ILE D 305 34.61 -3.99 13.83
N TYR D 306 34.87 -3.92 15.16
CA TYR D 306 34.00 -4.49 16.15
C TYR D 306 33.00 -3.51 16.72
N ILE D 307 33.09 -2.20 16.37
CA ILE D 307 32.17 -1.20 16.90
C ILE D 307 31.51 -0.51 15.73
N MET D 308 32.32 0.21 14.91
CA MET D 308 31.85 1.05 13.84
C MET D 308 31.06 0.35 12.76
N MET D 309 31.42 -0.92 12.45
CA MET D 309 30.79 -1.69 11.40
C MET D 309 29.65 -2.52 11.93
N ASN D 310 29.12 -2.18 13.14
CA ASN D 310 27.98 -2.84 13.72
C ASN D 310 26.88 -1.80 13.79
N LYS D 311 25.71 -2.16 13.22
CA LYS D 311 24.50 -1.38 13.08
C LYS D 311 24.04 -0.67 14.32
N GLN D 312 23.99 -1.38 15.47
CA GLN D 312 23.49 -0.89 16.74
C GLN D 312 24.28 0.28 17.26
N PHE D 313 25.62 0.11 17.39
CA PHE D 313 26.56 1.14 17.80
C PHE D 313 26.50 2.36 16.93
N ARG D 314 26.45 2.15 15.60
CA ARG D 314 26.37 3.19 14.58
C ARG D 314 25.23 4.14 14.83
N ASN D 315 23.99 3.60 14.94
CA ASN D 315 22.79 4.35 15.24
C ASN D 315 22.90 5.20 16.48
N CYS D 316 23.33 4.57 17.62
CA CYS D 316 23.54 5.22 18.89
C CYS D 316 24.54 6.35 18.86
N MET D 317 25.69 6.16 18.17
CA MET D 317 26.70 7.16 17.98
C MET D 317 26.21 8.37 17.22
N VAL D 318 25.43 8.13 16.13
CA VAL D 318 24.82 9.18 15.32
C VAL D 318 23.86 10.00 16.16
N THR D 319 22.99 9.33 16.95
CA THR D 319 22.05 9.94 17.88
C THR D 319 22.76 10.85 18.87
N THR D 320 23.87 10.37 19.48
CA THR D 320 24.60 11.07 20.50
C THR D 320 25.32 12.29 19.95
N LEU D 321 25.90 12.17 18.73
CA LEU D 321 26.58 13.25 18.05
C LEU D 321 25.62 14.33 17.58
N CYS D 322 24.38 13.92 17.23
CA CYS D 322 23.32 14.81 16.81
C CYS D 322 22.43 15.06 18.00
N CYS D 323 23.04 15.45 19.14
CA CYS D 323 22.42 15.94 20.34
C CYS D 323 21.97 14.79 21.19
N GLY D 324 22.69 14.54 22.30
CA GLY D 324 22.38 13.46 23.19
C GLY D 324 23.43 13.49 24.25
N1 SGV E . 4.35 -14.00 20.65
C2 SGV E . 5.06 -13.26 19.76
N3 SGV E . 5.31 -11.93 19.78
C4 SGV E . 4.76 -11.33 20.85
C5 SGV E . 4.01 -11.95 21.87
C6 SGV E . 3.80 -13.35 21.72
N6 SGV E . 3.02 -14.09 22.61
C7 SGV E . 3.69 -10.92 22.82
C8 SGV E . 4.19 -9.73 22.31
N9 SGV E . 4.89 -10.00 21.16
C1' SGV E . 5.72 -9.06 20.40
C10 SGV E . 3.04 -11.05 24.12
N11 SGV E . 2.60 -9.87 24.67
O12 SGV E . 2.93 -12.12 24.69
C2' SGV E . 4.93 -8.30 19.35
O2' SGV E . 5.78 -8.11 18.22
C3' SGV E . 4.64 -7.01 20.05
O3' SGV E . 4.33 -5.92 19.19
C4' SGV E . 5.93 -6.79 20.79
O4' SGV E . 6.28 -8.08 21.29
C5' SGV E . 5.83 -5.77 21.92
O5' SGV E . 4.72 -6.06 22.77
C1 RET F . 53.72 -13.89 21.26
C2 RET F . 54.41 -15.24 21.01
C3 RET F . 55.82 -15.10 20.49
C4 RET F . 56.65 -14.37 21.52
C5 RET F . 56.04 -13.01 21.86
C6 RET F . 54.70 -12.77 21.74
C7 RET F . 54.02 -11.48 22.01
C8 RET F . 54.57 -10.25 21.93
C9 RET F . 53.84 -9.02 22.15
C10 RET F . 54.46 -7.82 21.91
C11 RET F . 53.82 -6.56 21.97
C12 RET F . 54.48 -5.41 21.61
C13 RET F . 53.89 -4.15 21.54
C14 RET F . 54.62 -3.07 21.02
C15 RET F . 54.10 -1.81 20.82
C16 RET F . 52.61 -14.13 22.30
C17 RET F . 53.06 -13.45 19.94
C18 RET F . 57.05 -11.98 22.36
C19 RET F . 52.38 -9.07 22.63
C20 RET F . 52.43 -3.95 21.97
N LEU A 6 23.30 -7.54 10.21
CA LEU A 6 24.50 -8.31 10.21
C LEU A 6 24.34 -9.37 11.27
N GLU A 7 24.87 -9.13 12.48
CA GLU A 7 24.72 -9.98 13.65
C GLU A 7 23.29 -10.06 14.11
N THR A 8 22.53 -8.95 13.97
CA THR A 8 21.11 -8.93 14.26
C THR A 8 20.32 -9.86 13.37
N VAL A 9 20.65 -9.93 12.05
CA VAL A 9 20.10 -10.92 11.15
C VAL A 9 20.49 -12.33 11.52
N VAL A 10 21.75 -12.54 11.98
CA VAL A 10 22.26 -13.83 12.45
C VAL A 10 21.50 -14.34 13.64
N ALA A 11 21.17 -13.44 14.61
CA ALA A 11 20.39 -13.81 15.76
C ALA A 11 18.97 -14.22 15.37
N ASN A 12 18.37 -13.50 14.40
CA ASN A 12 17.09 -13.81 13.80
C ASN A 12 17.12 -15.12 13.04
N SER A 13 18.23 -15.36 12.31
CA SER A 13 18.48 -16.58 11.58
C SER A 13 18.57 -17.77 12.49
N ALA A 14 19.23 -17.63 13.67
CA ALA A 14 19.31 -18.69 14.65
C ALA A 14 17.95 -19.08 15.22
N PHE A 15 17.02 -18.10 15.39
CA PHE A 15 15.66 -18.37 15.80
C PHE A 15 14.92 -19.18 14.76
N ILE A 16 15.07 -18.78 13.47
CA ILE A 16 14.45 -19.44 12.34
C ILE A 16 14.92 -20.87 12.24
N ALA A 17 16.23 -21.09 12.52
CA ALA A 17 16.90 -22.37 12.52
C ALA A 17 16.31 -23.25 13.58
N ALA A 18 16.08 -22.68 14.79
CA ALA A 18 15.49 -23.36 15.92
C ALA A 18 14.07 -23.80 15.64
N ARG A 19 13.28 -22.94 14.94
CA ARG A 19 11.92 -23.23 14.53
C ARG A 19 11.86 -24.42 13.61
N GLY A 20 12.84 -24.50 12.68
CA GLY A 20 12.95 -25.56 11.69
C GLY A 20 13.12 -26.90 12.34
N SER A 21 14.02 -26.95 13.37
CA SER A 21 14.28 -28.12 14.20
C SER A 21 13.03 -28.49 14.98
N PHE A 22 12.33 -27.47 15.53
CA PHE A 22 11.11 -27.60 16.30
C PHE A 22 9.97 -28.17 15.48
N ASP A 23 9.81 -27.68 14.22
CA ASP A 23 8.81 -28.10 13.27
C ASP A 23 9.02 -29.54 12.89
N ALA A 24 10.30 -29.94 12.69
CA ALA A 24 10.69 -31.30 12.39
C ALA A 24 10.90 -32.03 13.69
N MET A 182 10.61 -21.94 37.17
CA MET A 182 11.74 -22.17 36.32
C MET A 182 12.79 -21.17 36.72
N GLY A 183 13.35 -20.42 35.74
CA GLY A 183 14.78 -20.31 35.63
C GLY A 183 15.14 -20.39 34.18
N GLU A 184 16.45 -20.20 33.90
CA GLU A 184 17.00 -20.17 32.57
C GLU A 184 17.56 -21.51 32.23
N ASP A 185 17.38 -22.51 33.13
CA ASP A 185 18.01 -23.80 33.06
C ASP A 185 16.97 -24.76 32.48
N TRP A 186 15.77 -24.22 32.16
CA TRP A 186 14.62 -24.99 31.77
C TRP A 186 14.16 -24.41 30.46
N PHE A 187 14.76 -23.28 30.04
CA PHE A 187 14.46 -22.69 28.77
C PHE A 187 15.74 -22.26 28.12
N LEU A 188 15.95 -22.74 26.87
CA LEU A 188 17.00 -22.27 26.00
C LEU A 188 16.47 -21.00 25.39
N ASP A 189 17.31 -19.94 25.34
CA ASP A 189 16.86 -18.60 25.06
C ASP A 189 17.30 -18.25 23.67
N PHE A 190 16.43 -17.54 22.91
CA PHE A 190 16.75 -17.06 21.58
C PHE A 190 16.61 -15.56 21.61
N ARG A 191 16.66 -14.94 20.42
CA ARG A 191 16.45 -13.54 20.13
C ARG A 191 15.13 -13.01 20.65
N VAL A 192 15.11 -11.70 21.01
CA VAL A 192 13.93 -10.99 21.44
C VAL A 192 12.97 -10.82 20.28
N LEU A 193 11.68 -10.61 20.62
CA LEU A 193 10.59 -10.56 19.67
C LEU A 193 10.02 -9.18 19.75
N GLY A 194 10.54 -8.37 20.70
CA GLY A 194 10.18 -6.99 20.87
C GLY A 194 10.72 -6.62 22.20
N ARG A 195 10.69 -5.32 22.53
CA ARG A 195 11.03 -4.84 23.85
C ARG A 195 9.73 -4.21 24.29
N GLY A 196 9.04 -4.86 25.24
CA GLY A 196 7.86 -4.37 25.93
C GLY A 196 8.11 -3.15 26.77
N GLY A 197 7.14 -2.81 27.65
CA GLY A 197 7.23 -1.67 28.54
C GLY A 197 8.14 -1.92 29.71
N PHE A 198 8.01 -3.11 30.35
CA PHE A 198 8.68 -3.41 31.60
C PHE A 198 9.92 -4.21 31.34
N GLY A 199 10.16 -4.64 30.08
CA GLY A 199 11.36 -5.35 29.75
C GLY A 199 11.11 -6.06 28.47
N GLU A 200 11.99 -7.02 28.16
CA GLU A 200 12.01 -7.76 26.92
C GLU A 200 10.94 -8.81 26.89
N VAL A 201 10.51 -9.20 25.68
CA VAL A 201 9.64 -10.32 25.46
C VAL A 201 10.38 -11.08 24.41
N PHE A 202 11.02 -12.21 24.79
CA PHE A 202 11.87 -12.98 23.91
C PHE A 202 11.31 -14.35 23.70
N ALA A 203 11.66 -14.99 22.55
CA ALA A 203 11.34 -16.37 22.32
C ALA A 203 12.24 -17.25 23.12
N CYS A 204 11.76 -18.48 23.39
CA CYS A 204 12.39 -19.38 24.30
C CYS A 204 11.79 -20.72 23.99
N GLN A 205 12.38 -21.82 24.50
CA GLN A 205 11.85 -23.13 24.23
C GLN A 205 12.10 -23.94 25.47
N MET A 206 11.05 -24.69 25.90
CA MET A 206 11.11 -25.72 26.90
C MET A 206 11.97 -26.87 26.48
N LYS A 207 12.95 -27.26 27.32
CA LYS A 207 13.83 -28.36 27.01
C LYS A 207 13.12 -29.67 27.25
N ALA A 208 12.03 -29.65 28.06
CA ALA A 208 11.39 -30.84 28.56
C ALA A 208 10.06 -31.07 27.89
N THR A 209 9.66 -30.20 26.94
CA THR A 209 8.33 -30.23 26.37
C THR A 209 8.52 -30.04 24.89
N GLY A 210 9.59 -29.30 24.49
CA GLY A 210 9.99 -29.12 23.12
C GLY A 210 9.05 -28.19 22.41
N LYS A 211 8.45 -27.23 23.14
CA LYS A 211 7.50 -26.28 22.61
C LYS A 211 8.07 -24.90 22.77
N LEU A 212 7.77 -24.00 21.80
CA LEU A 212 8.24 -22.64 21.77
C LEU A 212 7.21 -21.81 22.47
N TYR A 213 7.68 -20.83 23.27
CA TYR A 213 6.84 -19.93 24.01
C TYR A 213 7.49 -18.58 23.88
N ALA A 214 6.69 -17.50 23.99
CA ALA A 214 7.21 -16.19 24.29
C ALA A 214 7.21 -16.04 25.78
N CYS A 215 8.27 -15.37 26.31
CA CYS A 215 8.49 -15.13 27.70
C CYS A 215 8.55 -13.64 27.88
N LYS A 216 7.45 -13.03 28.36
CA LYS A 216 7.40 -11.65 28.72
C LYS A 216 8.04 -11.47 30.08
N LYS A 217 9.27 -10.92 30.05
CA LYS A 217 10.06 -10.57 31.20
C LYS A 217 9.74 -9.17 31.61
N LEU A 218 9.60 -8.95 32.94
CA LEU A 218 9.36 -7.68 33.53
C LEU A 218 10.54 -7.49 34.45
N ASN A 219 11.50 -6.64 34.03
CA ASN A 219 12.71 -6.31 34.74
C ASN A 219 12.39 -5.64 36.04
N LYS A 220 13.05 -6.12 37.14
CA LYS A 220 12.88 -5.68 38.50
C LYS A 220 13.14 -4.21 38.67
N LYS A 221 14.16 -3.69 37.93
CA LYS A 221 14.58 -2.31 37.93
C LYS A 221 13.50 -1.41 37.39
N ARG A 222 13.02 -1.74 36.16
CA ARG A 222 11.97 -1.04 35.45
C ARG A 222 10.64 -1.02 36.18
N LEU A 223 10.34 -2.11 36.93
CA LEU A 223 9.19 -2.24 37.80
C LEU A 223 9.22 -1.22 38.89
N LYS A 224 10.36 -1.09 39.61
CA LYS A 224 10.53 -0.13 40.67
C LYS A 224 10.40 1.31 40.19
N LYS A 225 10.98 1.61 39.00
CA LYS A 225 10.97 2.93 38.41
C LYS A 225 9.59 3.46 38.10
N ARG A 226 8.76 2.65 37.38
CA ARG A 226 7.42 3.04 37.01
C ARG A 226 6.42 2.80 38.11
N LYS A 227 6.82 2.07 39.19
CA LYS A 227 5.97 1.63 40.27
C LYS A 227 4.88 0.73 39.74
N GLY A 228 5.28 -0.25 38.89
CA GLY A 228 4.39 -1.05 38.08
C GLY A 228 4.10 -2.37 38.72
N TYR A 229 4.09 -2.45 40.07
CA TYR A 229 3.91 -3.68 40.80
C TYR A 229 2.48 -4.14 40.73
N GLN A 230 1.51 -3.18 40.80
CA GLN A 230 0.09 -3.45 40.71
C GLN A 230 -0.24 -3.99 39.34
N GLY A 231 0.31 -3.35 38.27
CA GLY A 231 0.02 -3.63 36.89
C GLY A 231 0.42 -5.02 36.48
N ALA A 232 1.52 -5.53 37.07
CA ALA A 232 2.05 -6.86 36.83
C ALA A 232 1.10 -7.91 37.36
N MET A 233 0.65 -7.74 38.63
CA MET A 233 -0.24 -8.66 39.31
C MET A 233 -1.59 -8.77 38.66
N VAL A 234 -2.07 -7.65 38.08
CA VAL A 234 -3.34 -7.51 37.42
C VAL A 234 -3.34 -8.33 36.16
N GLU A 235 -2.29 -8.16 35.31
CA GLU A 235 -2.12 -8.87 34.06
C GLU A 235 -2.10 -10.36 34.23
N LYS A 236 -1.44 -10.82 35.32
CA LYS A 236 -1.33 -12.21 35.69
C LYS A 236 -2.69 -12.78 35.99
N LYS A 237 -3.34 -12.28 37.06
CA LYS A 237 -4.61 -12.77 37.57
C LYS A 237 -5.74 -12.79 36.56
N ILE A 238 -5.83 -11.73 35.70
CA ILE A 238 -6.86 -11.61 34.69
C ILE A 238 -6.65 -12.63 33.61
N LEU A 239 -5.49 -12.61 32.90
CA LEU A 239 -5.18 -13.56 31.84
C LEU A 239 -5.26 -15.01 32.27
N ALA A 240 -4.86 -15.31 33.53
CA ALA A 240 -4.90 -16.63 34.12
C ALA A 240 -6.30 -17.19 34.23
N LYS A 241 -7.30 -16.31 34.46
CA LYS A 241 -8.65 -16.69 34.76
C LYS A 241 -9.50 -16.66 33.52
N VAL A 242 -9.21 -15.71 32.61
CA VAL A 242 -10.04 -15.40 31.47
C VAL A 242 -9.30 -15.83 30.24
N HIS A 243 -9.91 -16.75 29.47
CA HIS A 243 -9.31 -17.33 28.30
C HIS A 243 -10.41 -17.59 27.32
N SER A 244 -10.09 -17.42 26.02
CA SER A 244 -10.93 -17.79 24.92
C SER A 244 -9.94 -18.23 23.86
N ARG A 245 -10.37 -18.23 22.57
CA ARG A 245 -9.49 -18.53 21.47
C ARG A 245 -9.00 -17.22 20.87
N PHE A 246 -9.39 -16.10 21.49
CA PHE A 246 -9.04 -14.76 21.09
C PHE A 246 -8.30 -14.13 22.23
N ILE A 247 -7.90 -14.93 23.26
CA ILE A 247 -7.04 -14.48 24.32
C ILE A 247 -6.00 -15.56 24.44
N VAL A 248 -4.70 -15.15 24.45
CA VAL A 248 -3.57 -16.05 24.59
C VAL A 248 -3.59 -16.74 25.93
N SER A 249 -3.27 -18.05 25.94
CA SER A 249 -3.09 -18.83 27.15
C SER A 249 -1.84 -18.41 27.90
N LEU A 250 -1.92 -18.44 29.25
CA LEU A 250 -0.78 -18.24 30.11
C LEU A 250 -0.43 -19.62 30.58
N ALA A 251 0.88 -19.99 30.53
CA ALA A 251 1.32 -21.33 30.82
C ALA A 251 2.07 -21.39 32.11
N TYR A 252 2.86 -20.34 32.46
CA TYR A 252 3.72 -20.39 33.63
C TYR A 252 3.90 -18.98 34.13
N ALA A 253 4.07 -18.85 35.46
CA ALA A 253 4.42 -17.61 36.10
C ALA A 253 5.46 -17.97 37.12
N PHE A 254 6.74 -17.66 36.82
CA PHE A 254 7.87 -17.89 37.69
C PHE A 254 8.66 -16.61 37.72
N GLU A 255 9.78 -16.60 38.47
CA GLU A 255 10.65 -15.47 38.57
C GLU A 255 12.03 -16.02 38.39
N THR A 256 12.95 -15.11 38.01
CA THR A 256 14.38 -15.32 37.96
C THR A 256 14.90 -14.31 38.95
N LYS A 257 16.22 -13.99 38.90
CA LYS A 257 16.85 -13.13 39.86
C LYS A 257 16.90 -11.72 39.33
N THR A 258 16.37 -11.49 38.11
CA THR A 258 16.58 -10.27 37.37
C THR A 258 15.28 -9.83 36.75
N ASP A 259 14.24 -10.70 36.76
CA ASP A 259 13.01 -10.44 36.03
C ASP A 259 11.95 -11.32 36.64
N LEU A 260 10.67 -10.90 36.48
CA LEU A 260 9.51 -11.70 36.70
C LEU A 260 9.09 -12.19 35.33
N CYS A 261 8.64 -13.45 35.19
CA CYS A 261 8.36 -14.01 33.89
C CYS A 261 6.91 -14.40 33.82
N LEU A 262 6.26 -14.08 32.69
CA LEU A 262 5.00 -14.64 32.26
C LEU A 262 5.31 -15.32 30.97
N VAL A 263 5.09 -16.65 30.89
CA VAL A 263 5.35 -17.44 29.71
C VAL A 263 4.04 -17.78 29.09
N MET A 264 3.77 -17.27 27.86
CA MET A 264 2.51 -17.40 27.17
C MET A 264 2.79 -18.09 25.87
N THR A 265 1.72 -18.65 25.23
CA THR A 265 1.77 -19.35 23.96
C THR A 265 2.18 -18.46 22.80
N ILE A 266 2.97 -19.05 21.87
CA ILE A 266 3.48 -18.44 20.67
C ILE A 266 2.42 -17.91 19.75
N MET A 267 2.80 -16.85 19.04
CA MET A 267 2.02 -16.13 18.09
C MET A 267 3.10 -15.63 17.18
N ASN A 268 3.76 -16.59 16.45
CA ASN A 268 4.96 -16.36 15.67
C ASN A 268 4.62 -15.87 14.28
N GLY A 269 3.39 -15.36 14.12
CA GLY A 269 2.82 -14.94 12.87
C GLY A 269 2.98 -13.45 12.80
N GLY A 270 3.59 -12.84 13.85
CA GLY A 270 3.83 -11.42 14.00
C GLY A 270 2.60 -10.75 14.55
N ASP A 271 2.70 -9.42 14.76
CA ASP A 271 1.65 -8.59 15.31
C ASP A 271 1.11 -7.80 14.16
N ILE A 272 -0.16 -7.34 14.26
CA ILE A 272 -0.85 -6.56 13.24
C ILE A 272 -0.10 -5.30 12.86
N ARG A 273 0.57 -4.63 13.84
CA ARG A 273 1.30 -3.40 13.61
C ARG A 273 2.44 -3.60 12.63
N TYR A 274 3.17 -4.73 12.78
CA TYR A 274 4.20 -5.20 11.89
C TYR A 274 3.67 -5.39 10.49
N HIS A 275 2.46 -5.99 10.36
CA HIS A 275 1.85 -6.46 9.13
C HIS A 275 1.33 -5.33 8.29
N ILE A 276 1.03 -4.16 8.90
CA ILE A 276 0.69 -2.92 8.22
C ILE A 276 1.80 -2.53 7.27
N TYR A 277 3.07 -2.68 7.71
CA TYR A 277 4.23 -2.26 6.95
C TYR A 277 4.85 -3.42 6.21
N ASN A 278 4.55 -4.70 6.58
CA ASN A 278 5.19 -5.85 5.99
C ASN A 278 4.52 -6.26 4.70
N VAL A 279 3.22 -5.90 4.52
CA VAL A 279 2.45 -6.08 3.30
C VAL A 279 3.15 -5.41 2.13
N ASP A 280 3.80 -4.25 2.41
CA ASP A 280 4.59 -3.45 1.51
C ASP A 280 4.75 -2.17 2.30
N GLU A 281 5.96 -1.58 2.28
CA GLU A 281 6.28 -0.38 3.03
C GLU A 281 6.06 0.83 2.15
N ASP A 282 5.82 0.60 0.84
CA ASP A 282 5.55 1.64 -0.13
C ASP A 282 4.07 1.66 -0.42
N ASN A 283 3.30 0.76 0.25
CA ASN A 283 1.87 0.76 0.16
C ASN A 283 1.40 0.10 1.44
N PRO A 284 1.37 0.80 2.57
CA PRO A 284 1.09 0.17 3.85
C PRO A 284 -0.39 0.14 4.05
N GLY A 285 -0.87 -0.77 4.93
CA GLY A 285 -2.26 -1.00 5.21
C GLY A 285 -2.78 -2.05 4.30
N PHE A 286 -3.83 -2.76 4.76
CA PHE A 286 -4.47 -3.85 4.07
C PHE A 286 -5.50 -3.30 3.14
N GLN A 287 -6.07 -4.20 2.31
CA GLN A 287 -7.26 -3.94 1.54
C GLN A 287 -8.41 -4.34 2.43
N GLU A 288 -9.62 -3.87 2.06
CA GLU A 288 -10.83 -3.97 2.86
C GLU A 288 -11.19 -5.37 3.35
N PRO A 289 -11.28 -6.46 2.58
CA PRO A 289 -11.65 -7.78 3.09
C PRO A 289 -10.83 -8.29 4.23
N ARG A 290 -9.49 -8.06 4.18
CA ARG A 290 -8.55 -8.52 5.17
C ARG A 290 -8.72 -7.82 6.49
N ALA A 291 -9.00 -6.50 6.44
CA ALA A 291 -9.26 -5.69 7.61
C ALA A 291 -10.56 -6.05 8.27
N ILE A 292 -11.63 -6.26 7.46
CA ILE A 292 -12.96 -6.64 7.90
C ILE A 292 -12.93 -7.95 8.64
N PHE A 293 -12.23 -8.96 8.08
CA PHE A 293 -12.08 -10.29 8.64
C PHE A 293 -11.49 -10.23 10.04
N TYR A 294 -10.35 -9.52 10.19
CA TYR A 294 -9.64 -9.34 11.44
C TYR A 294 -10.45 -8.58 12.46
N THR A 295 -11.19 -7.52 12.03
CA THR A 295 -12.10 -6.75 12.86
C THR A 295 -13.18 -7.58 13.48
N ALA A 296 -13.79 -8.51 12.70
CA ALA A 296 -14.78 -9.44 13.19
C ALA A 296 -14.24 -10.34 14.28
N GLN A 297 -12.98 -10.83 14.13
CA GLN A 297 -12.33 -11.67 15.10
C GLN A 297 -11.98 -10.93 16.39
N ILE A 298 -11.56 -9.65 16.27
CA ILE A 298 -11.29 -8.75 17.39
C ILE A 298 -12.55 -8.53 18.19
N VAL A 299 -13.70 -8.31 17.52
CA VAL A 299 -15.00 -8.10 18.13
C VAL A 299 -15.38 -9.24 19.03
N SER A 300 -15.17 -10.49 18.58
CA SER A 300 -15.41 -11.67 19.38
C SER A 300 -14.57 -11.74 20.63
N GLY A 301 -13.29 -11.32 20.57
CA GLY A 301 -12.41 -11.25 21.72
C GLY A 301 -12.82 -10.21 22.73
N LEU A 302 -13.19 -8.99 22.27
CA LEU A 302 -13.69 -7.90 23.08
C LEU A 302 -14.95 -8.27 23.79
N GLU A 303 -15.87 -8.96 23.07
CA GLU A 303 -17.14 -9.43 23.56
C GLU A 303 -16.97 -10.34 24.75
N HIS A 304 -15.97 -11.25 24.67
CA HIS A 304 -15.64 -12.17 25.75
C HIS A 304 -15.20 -11.44 27.01
N LEU A 305 -14.44 -10.33 26.88
CA LEU A 305 -14.05 -9.50 28.01
C LEU A 305 -15.24 -8.83 28.64
N HIS A 306 -16.15 -8.27 27.82
CA HIS A 306 -17.32 -7.53 28.24
C HIS A 306 -18.32 -8.39 28.97
N GLN A 307 -18.48 -9.66 28.55
CA GLN A 307 -19.30 -10.66 29.20
C GLN A 307 -18.82 -11.04 30.58
N ARG A 308 -17.51 -10.81 30.87
CA ARG A 308 -16.91 -11.07 32.16
C ARG A 308 -16.84 -9.79 32.96
N ASN A 309 -17.40 -8.69 32.43
CA ASN A 309 -17.52 -7.38 33.04
C ASN A 309 -16.17 -6.74 33.23
N ILE A 310 -15.34 -6.79 32.16
CA ILE A 310 -13.99 -6.29 32.19
C ILE A 310 -13.94 -5.16 31.22
N ILE A 311 -13.42 -4.00 31.68
CA ILE A 311 -13.10 -2.88 30.84
C ILE A 311 -11.62 -3.03 30.67
N TYR A 312 -11.14 -3.05 29.41
CA TYR A 312 -9.77 -3.28 29.06
C TYR A 312 -9.03 -1.96 29.13
N ARG A 313 -9.65 -0.87 28.62
CA ARG A 313 -9.11 0.48 28.60
C ARG A 313 -8.00 0.64 27.58
N ASP A 314 -7.78 -0.39 26.72
CA ASP A 314 -6.73 -0.32 25.74
C ASP A 314 -7.11 -1.34 24.69
N LEU A 315 -6.34 -1.34 23.58
CA LEU A 315 -6.40 -2.27 22.48
C LEU A 315 -5.66 -1.49 21.44
N LYS A 316 -4.63 -2.11 20.82
CA LYS A 316 -3.91 -1.49 19.75
C LYS A 316 -3.36 -2.57 18.87
N PRO A 317 -3.04 -2.32 17.60
CA PRO A 317 -2.51 -3.30 16.64
C PRO A 317 -1.36 -4.13 17.13
N GLU A 318 -0.40 -3.54 17.88
CA GLU A 318 0.78 -4.23 18.34
C GLU A 318 0.50 -5.23 19.45
N ASN A 319 -0.71 -5.17 20.05
CA ASN A 319 -1.17 -6.07 21.08
C ASN A 319 -2.17 -7.03 20.49
N VAL A 320 -2.45 -6.92 19.17
CA VAL A 320 -3.26 -7.86 18.45
C VAL A 320 -2.27 -8.68 17.67
N LEU A 321 -2.15 -9.97 18.04
CA LEU A 321 -1.14 -10.86 17.53
C LEU A 321 -1.80 -11.77 16.54
N LEU A 322 -1.06 -12.18 15.48
CA LEU A 322 -1.51 -13.17 14.53
C LEU A 322 -0.83 -14.43 14.94
N ASP A 323 -1.55 -15.57 14.83
CA ASP A 323 -0.99 -16.88 14.98
C ASP A 323 -0.52 -17.29 13.61
N ASP A 324 0.04 -18.51 13.50
CA ASP A 324 0.61 -19.07 12.29
C ASP A 324 -0.39 -19.17 11.16
N ASP A 325 -1.66 -19.55 11.48
CA ASP A 325 -2.75 -19.65 10.54
C ASP A 325 -3.08 -18.32 9.90
N GLY A 326 -3.17 -17.24 10.72
CA GLY A 326 -3.44 -15.90 10.26
C GLY A 326 -4.62 -15.33 11.00
N ASN A 327 -5.22 -16.12 11.91
CA ASN A 327 -6.25 -15.70 12.83
C ASN A 327 -5.66 -14.74 13.83
N VAL A 328 -6.45 -13.75 14.31
CA VAL A 328 -5.95 -12.75 15.23
C VAL A 328 -6.52 -13.02 16.59
N ARG A 329 -5.82 -12.52 17.63
CA ARG A 329 -6.25 -12.59 19.00
C ARG A 329 -5.83 -11.30 19.62
N ILE A 330 -6.66 -10.80 20.58
CA ILE A 330 -6.28 -9.75 21.49
C ILE A 330 -5.44 -10.38 22.59
N SER A 331 -4.63 -9.58 23.31
CA SER A 331 -3.78 -10.10 24.35
C SER A 331 -3.40 -8.94 25.22
N ASP A 332 -2.94 -9.23 26.46
CA ASP A 332 -2.53 -8.29 27.49
C ASP A 332 -3.76 -7.70 28.13
N LEU A 333 -3.98 -8.02 29.43
CA LEU A 333 -5.15 -7.60 30.17
C LEU A 333 -4.61 -7.15 31.50
N GLY A 334 -3.69 -6.16 31.47
CA GLY A 334 -2.94 -5.73 32.62
C GLY A 334 -3.11 -4.26 32.82
N LEU A 335 -3.80 -3.60 31.86
CA LEU A 335 -4.18 -2.22 31.93
C LEU A 335 -5.67 -2.22 32.15
N ALA A 336 -6.26 -3.41 32.41
CA ALA A 336 -7.66 -3.65 32.59
C ALA A 336 -8.06 -3.44 34.03
N VAL A 337 -9.38 -3.32 34.27
CA VAL A 337 -9.97 -3.30 35.57
C VAL A 337 -11.21 -4.14 35.43
N GLU A 338 -11.48 -4.99 36.44
CA GLU A 338 -12.69 -5.77 36.50
C GLU A 338 -13.67 -5.08 37.39
N LEU A 339 -14.84 -4.69 36.83
CA LEU A 339 -15.96 -4.16 37.55
C LEU A 339 -16.54 -5.25 38.42
N LYS A 340 -16.94 -4.91 39.66
CA LYS A 340 -17.62 -5.84 40.55
C LYS A 340 -19.08 -5.63 40.30
N ALA A 341 -19.92 -6.54 40.85
CA ALA A 341 -21.35 -6.37 40.85
C ALA A 341 -21.68 -5.35 41.90
N GLY A 342 -22.17 -4.17 41.46
CA GLY A 342 -22.52 -3.07 42.33
C GLY A 342 -21.84 -1.84 41.81
N GLN A 343 -21.17 -1.94 40.63
CA GLN A 343 -20.70 -0.79 39.92
C GLN A 343 -20.71 -1.19 38.49
N THR A 344 -20.88 -0.19 37.59
CA THR A 344 -20.92 -0.39 36.17
C THR A 344 -19.96 0.58 35.54
N LYS A 345 -19.35 1.48 36.35
CA LYS A 345 -18.46 2.49 35.84
C LYS A 345 -17.41 2.76 36.88
N THR A 346 -16.22 3.19 36.42
CA THR A 346 -15.08 3.45 37.28
C THR A 346 -14.21 4.44 36.55
N LYS A 347 -13.41 5.22 37.32
CA LYS A 347 -12.41 6.13 36.79
C LYS A 347 -11.12 5.40 36.56
N GLY A 348 -10.16 6.12 35.92
CA GLY A 348 -8.83 5.61 35.67
C GLY A 348 -8.17 6.59 34.76
N TYR A 349 -7.10 6.13 34.07
CA TYR A 349 -6.39 6.91 33.09
C TYR A 349 -5.57 5.88 32.33
N ALA A 350 -5.92 4.58 32.48
CA ALA A 350 -5.27 3.45 31.85
C ALA A 350 -5.39 3.47 30.35
N GLY A 351 -4.38 2.86 29.68
CA GLY A 351 -4.34 2.72 28.25
C GLY A 351 -3.18 3.49 27.71
N THR A 352 -2.88 3.23 26.42
CA THR A 352 -1.79 3.84 25.70
C THR A 352 -2.43 5.01 24.98
N PRO A 353 -2.00 6.27 25.12
CA PRO A 353 -2.51 7.43 24.40
C PRO A 353 -2.82 7.23 22.93
N GLY A 354 -4.00 7.71 22.48
CA GLY A 354 -4.46 7.59 21.11
C GLY A 354 -5.38 6.42 20.97
N PHE A 355 -5.28 5.44 21.91
CA PHE A 355 -6.12 4.28 22.00
C PHE A 355 -6.94 4.44 23.25
N MET A 356 -6.93 5.67 23.82
CA MET A 356 -7.67 6.06 24.99
C MET A 356 -8.79 6.88 24.46
N ALA A 357 -9.98 6.70 25.07
CA ALA A 357 -11.22 7.28 24.64
C ALA A 357 -11.37 8.63 25.31
N PRO A 358 -12.26 9.52 24.85
CA PRO A 358 -12.57 10.81 25.45
C PRO A 358 -12.78 10.76 26.94
N GLU A 359 -13.61 9.80 27.40
CA GLU A 359 -13.97 9.53 28.78
C GLU A 359 -12.80 9.38 29.72
N LEU A 360 -11.73 8.66 29.29
CA LEU A 360 -10.55 8.40 30.06
C LEU A 360 -9.77 9.66 30.31
N LEU A 361 -9.60 10.47 29.25
CA LEU A 361 -8.86 11.72 29.28
C LEU A 361 -9.51 12.75 30.18
N LEU A 362 -10.85 12.76 30.24
CA LEU A 362 -11.62 13.69 31.03
C LEU A 362 -11.79 13.21 32.45
N GLY A 363 -11.28 12.00 32.77
CA GLY A 363 -11.23 11.46 34.11
C GLY A 363 -12.60 11.12 34.64
N GLU A 364 -13.51 10.72 33.73
CA GLU A 364 -14.89 10.41 34.04
C GLU A 364 -14.96 9.00 34.52
N GLU A 365 -16.14 8.60 35.05
CA GLU A 365 -16.47 7.22 35.30
C GLU A 365 -17.10 6.76 34.02
N TYR A 366 -16.59 5.64 33.46
CA TYR A 366 -16.99 5.14 32.17
C TYR A 366 -17.20 3.67 32.28
N ASP A 367 -18.02 3.12 31.36
CA ASP A 367 -18.28 1.71 31.26
C ASP A 367 -17.43 1.14 30.14
N PHE A 368 -17.91 0.03 29.55
CA PHE A 368 -17.37 -0.76 28.47
C PHE A 368 -17.02 0.00 27.22
N SER A 369 -17.58 1.22 27.07
CA SER A 369 -17.47 2.13 25.95
C SER A 369 -16.10 2.40 25.40
N VAL A 370 -15.09 2.54 26.30
CA VAL A 370 -13.74 2.89 25.93
C VAL A 370 -13.08 1.85 25.04
N ASP A 371 -13.44 0.55 25.20
CA ASP A 371 -12.92 -0.55 24.40
C ASP A 371 -13.42 -0.49 22.98
N TYR A 372 -14.69 -0.05 22.79
CA TYR A 372 -15.30 0.09 21.49
C TYR A 372 -14.75 1.26 20.74
N PHE A 373 -14.26 2.29 21.45
CA PHE A 373 -13.56 3.41 20.86
C PHE A 373 -12.25 2.92 20.28
N ALA A 374 -11.53 2.09 21.07
CA ALA A 374 -10.27 1.48 20.72
C ALA A 374 -10.37 0.58 19.50
N LEU A 375 -11.49 -0.19 19.37
CA LEU A 375 -11.81 -1.03 18.23
C LEU A 375 -11.88 -0.24 16.95
N GLY A 376 -12.48 0.97 17.03
CA GLY A 376 -12.62 1.90 15.93
C GLY A 376 -11.28 2.38 15.45
N VAL A 377 -10.39 2.78 16.40
CA VAL A 377 -9.02 3.19 16.16
C VAL A 377 -8.24 2.11 15.46
N THR A 378 -8.42 0.84 15.89
CA THR A 378 -7.73 -0.32 15.36
C THR A 378 -8.10 -0.60 13.93
N LEU A 379 -9.42 -0.74 13.62
CA LEU A 379 -9.93 -0.95 12.27
C LEU A 379 -9.55 0.12 11.28
N TYR A 380 -9.57 1.40 11.70
CA TYR A 380 -9.21 2.53 10.87
C TYR A 380 -7.75 2.46 10.49
N GLU A 381 -6.90 2.10 11.48
CA GLU A 381 -5.47 1.99 11.37
C GLU A 381 -5.05 0.83 10.48
N MET A 382 -5.82 -0.29 10.45
CA MET A 382 -5.55 -1.42 9.59
C MET A 382 -5.60 -1.06 8.12
N ILE A 383 -6.56 -0.19 7.74
CA ILE A 383 -6.86 0.10 6.36
C ILE A 383 -6.08 1.29 5.87
N ALA A 384 -5.94 2.34 6.70
CA ALA A 384 -5.36 3.60 6.27
C ALA A 384 -3.91 3.68 6.64
N ALA A 385 -3.43 2.74 7.49
CA ALA A 385 -2.09 2.64 8.00
C ALA A 385 -1.76 3.65 9.07
N ARG A 386 -2.57 4.73 9.19
CA ARG A 386 -2.46 5.73 10.21
C ARG A 386 -3.65 5.63 11.10
N GLY A 387 -3.51 6.12 12.35
CA GLY A 387 -4.57 6.19 13.31
C GLY A 387 -5.48 7.34 12.96
N PRO A 388 -6.60 7.55 13.63
CA PRO A 388 -7.46 8.69 13.36
C PRO A 388 -6.86 9.98 13.87
N PHE A 389 -6.06 9.90 14.96
CA PHE A 389 -5.66 11.05 15.75
C PHE A 389 -4.18 11.29 15.65
N ARG A 390 -3.47 10.55 14.75
CA ARG A 390 -2.07 10.79 14.50
C ARG A 390 -1.78 10.13 13.18
N ALA A 391 -0.65 10.52 12.54
CA ALA A 391 -0.21 9.99 11.28
C ALA A 391 0.51 8.68 11.46
N ARG A 392 0.83 8.00 10.34
CA ARG A 392 1.36 6.66 10.30
C ARG A 392 2.82 6.66 10.67
N GLY A 393 3.18 5.83 11.67
CA GLY A 393 4.52 5.71 12.19
C GLY A 393 4.98 6.97 12.88
N GLU A 394 4.04 7.73 13.48
CA GLU A 394 4.32 8.95 14.16
C GLU A 394 3.38 9.02 15.32
N LYS A 395 3.88 9.58 16.44
CA LYS A 395 3.14 9.77 17.66
C LYS A 395 3.43 11.19 18.03
N VAL A 396 2.35 12.00 18.20
CA VAL A 396 2.46 13.38 18.59
C VAL A 396 2.54 13.46 20.10
N GLU A 397 2.81 14.68 20.63
CA GLU A 397 2.89 14.98 22.05
C GLU A 397 1.61 14.63 22.75
N ASN A 398 1.69 14.20 24.03
CA ASN A 398 0.57 13.67 24.80
C ASN A 398 -0.55 14.67 24.91
N LYS A 399 -0.22 15.96 25.16
CA LYS A 399 -1.16 17.05 25.24
C LYS A 399 -1.93 17.28 23.97
N GLU A 400 -1.24 17.23 22.81
CA GLU A 400 -1.85 17.42 21.52
C GLU A 400 -2.73 16.26 21.14
N LEU A 401 -2.28 15.03 21.48
CA LEU A 401 -2.99 13.78 21.25
C LEU A 401 -4.28 13.74 22.02
N LYS A 402 -4.26 14.25 23.27
CA LYS A 402 -5.42 14.38 24.12
C LYS A 402 -6.46 15.30 23.51
N GLN A 403 -6.01 16.42 22.90
CA GLN A 403 -6.89 17.34 22.21
C GLN A 403 -7.49 16.74 20.96
N ARG A 404 -6.69 15.95 20.19
CA ARG A 404 -7.16 15.26 19.00
C ARG A 404 -8.27 14.29 19.31
N VAL A 405 -8.10 13.43 20.34
CA VAL A 405 -9.09 12.45 20.75
C VAL A 405 -10.39 13.09 21.16
N LEU A 406 -10.32 14.21 21.90
CA LEU A 406 -11.48 14.90 22.44
C LEU A 406 -12.27 15.71 21.43
N GLU A 407 -11.60 16.28 20.39
CA GLU A 407 -12.22 17.31 19.58
C GLU A 407 -12.38 16.91 18.14
N GLN A 408 -11.44 16.11 17.60
CA GLN A 408 -11.33 15.88 16.18
C GLN A 408 -12.37 14.92 15.68
N ALA A 409 -13.13 15.35 14.65
CA ALA A 409 -14.04 14.51 13.92
C ALA A 409 -13.20 13.80 12.89
N VAL A 410 -13.24 12.44 12.93
CA VAL A 410 -12.42 11.56 12.15
C VAL A 410 -12.63 11.75 10.67
N THR A 411 -11.51 11.82 9.91
CA THR A 411 -11.49 11.96 8.47
C THR A 411 -11.27 10.59 7.89
N TYR A 412 -11.69 10.40 6.62
CA TYR A 412 -11.68 9.10 5.99
C TYR A 412 -11.32 9.29 4.53
N PRO A 413 -10.52 8.40 3.93
CA PRO A 413 -10.32 8.38 2.50
C PRO A 413 -11.41 7.48 1.95
N ASP A 414 -11.64 7.53 0.62
CA ASP A 414 -12.76 6.84 -0.01
C ASP A 414 -12.34 5.48 -0.50
N LYS A 415 -11.18 4.94 -0.03
CA LYS A 415 -10.80 3.57 -0.30
C LYS A 415 -11.67 2.67 0.56
N PHE A 416 -12.15 3.22 1.70
CA PHE A 416 -13.13 2.64 2.57
C PHE A 416 -14.43 2.47 1.84
N SER A 417 -15.12 1.35 2.12
CA SER A 417 -16.50 1.11 1.78
C SER A 417 -17.38 2.13 2.48
N PRO A 418 -18.56 2.50 1.98
CA PRO A 418 -19.53 3.33 2.69
C PRO A 418 -19.94 2.68 3.98
N ALA A 419 -20.14 1.33 3.96
CA ALA A 419 -20.46 0.53 5.11
C ALA A 419 -19.39 0.59 6.17
N SER A 420 -18.09 0.50 5.79
CA SER A 420 -16.98 0.55 6.73
C SER A 420 -16.81 1.92 7.33
N LYS A 421 -17.02 3.00 6.54
CA LYS A 421 -17.02 4.38 7.01
C LYS A 421 -18.03 4.58 8.10
N ASP A 422 -19.28 4.14 7.84
CA ASP A 422 -20.40 4.28 8.75
C ASP A 422 -20.13 3.55 10.05
N PHE A 423 -19.57 2.32 9.96
CA PHE A 423 -19.21 1.50 11.09
C PHE A 423 -18.15 2.13 11.97
N CYS A 424 -17.09 2.70 11.37
CA CYS A 424 -16.03 3.40 12.06
C CYS A 424 -16.53 4.62 12.77
N GLU A 425 -17.39 5.43 12.10
CA GLU A 425 -18.06 6.60 12.65
C GLU A 425 -18.84 6.28 13.89
N ALA A 426 -19.57 5.15 13.90
CA ALA A 426 -20.38 4.73 15.02
C ALA A 426 -19.56 4.41 16.26
N LEU A 427 -18.34 3.83 16.08
CA LEU A 427 -17.47 3.46 17.18
C LEU A 427 -16.65 4.62 17.69
N LEU A 428 -16.31 5.56 16.78
CA LEU A 428 -15.46 6.69 17.08
C LEU A 428 -16.30 7.88 17.44
N GLN A 429 -17.63 7.67 17.56
CA GLN A 429 -18.56 8.64 18.09
C GLN A 429 -18.32 8.82 19.55
N LYS A 430 -17.96 10.07 19.95
CA LYS A 430 -17.70 10.50 21.30
C LYS A 430 -19.01 10.51 22.05
N ASP A 431 -18.98 10.14 23.37
CA ASP A 431 -20.09 10.09 24.29
C ASP A 431 -20.50 8.64 24.36
N PRO A 432 -20.60 7.95 25.50
CA PRO A 432 -20.95 6.54 25.55
C PRO A 432 -22.35 6.28 25.06
N GLU A 433 -23.29 7.21 25.31
CA GLU A 433 -24.67 7.11 24.91
C GLU A 433 -24.87 7.03 23.41
N LYS A 434 -23.98 7.68 22.63
CA LYS A 434 -24.06 7.72 21.19
C LYS A 434 -23.10 6.76 20.53
N ARG A 435 -22.35 5.98 21.33
CA ARG A 435 -21.34 5.09 20.83
C ARG A 435 -21.95 3.73 20.66
N LEU A 436 -21.60 3.04 19.56
CA LEU A 436 -22.07 1.71 19.25
C LEU A 436 -21.23 0.75 20.01
N GLY A 437 -21.87 -0.19 20.73
CA GLY A 437 -21.16 -1.14 21.53
C GLY A 437 -22.13 -1.74 22.47
N PHE A 438 -21.60 -2.25 23.62
CA PHE A 438 -22.35 -2.95 24.63
C PHE A 438 -22.90 -1.93 25.58
N ARG A 439 -24.13 -1.47 25.27
CA ARG A 439 -24.88 -0.49 26.03
C ARG A 439 -25.97 -1.27 26.74
N ASP A 440 -25.74 -2.59 26.90
CA ASP A 440 -26.52 -3.52 27.68
C ASP A 440 -27.51 -4.13 26.75
N GLY A 441 -27.25 -5.41 26.36
CA GLY A 441 -28.06 -6.17 25.45
C GLY A 441 -27.80 -5.74 24.04
N SER A 442 -26.53 -5.40 23.72
CA SER A 442 -26.16 -4.96 22.40
C SER A 442 -24.70 -5.23 22.15
N CYS A 443 -24.17 -6.35 22.69
CA CYS A 443 -22.93 -6.96 22.24
C CYS A 443 -23.05 -7.40 20.80
N ASP A 444 -24.22 -7.99 20.44
CA ASP A 444 -24.50 -8.51 19.13
C ASP A 444 -25.32 -7.48 18.37
N GLY A 445 -25.56 -6.30 18.97
CA GLY A 445 -26.20 -5.17 18.32
C GLY A 445 -25.25 -4.53 17.36
N LEU A 446 -23.94 -4.51 17.75
CA LEU A 446 -22.83 -4.07 16.94
C LEU A 446 -22.70 -4.86 15.66
N ARG A 447 -22.84 -6.20 15.80
CA ARG A 447 -22.75 -7.20 14.75
C ARG A 447 -23.79 -7.11 13.65
N THR A 448 -24.82 -6.26 13.83
CA THR A 448 -25.95 -6.16 12.93
C THR A 448 -25.64 -5.18 11.82
N HIS A 449 -24.53 -4.40 11.95
CA HIS A 449 -24.14 -3.40 10.99
C HIS A 449 -23.91 -4.01 9.63
N PRO A 450 -24.31 -3.40 8.50
CA PRO A 450 -24.21 -3.98 7.17
C PRO A 450 -22.82 -4.36 6.70
N LEU A 451 -21.75 -3.78 7.27
CA LEU A 451 -20.36 -4.10 7.02
C LEU A 451 -20.05 -5.58 7.11
N PHE A 452 -20.77 -6.30 8.00
CA PHE A 452 -20.55 -7.68 8.34
C PHE A 452 -21.48 -8.60 7.59
N ARG A 453 -22.05 -8.13 6.44
CA ARG A 453 -22.93 -8.92 5.60
C ARG A 453 -22.09 -9.93 4.85
N ASP A 454 -20.78 -9.62 4.66
CA ASP A 454 -19.81 -10.43 3.96
C ASP A 454 -19.27 -11.49 4.88
N ILE A 455 -19.39 -11.25 6.21
CA ILE A 455 -18.92 -12.12 7.25
C ILE A 455 -20.05 -12.99 7.68
N SER A 456 -19.75 -14.28 7.98
CA SER A 456 -20.68 -15.20 8.59
C SER A 456 -20.10 -15.40 9.96
N TRP A 457 -20.81 -14.91 10.99
CA TRP A 457 -20.33 -14.85 12.36
C TRP A 457 -20.22 -16.21 13.00
N ARG A 458 -21.17 -17.13 12.69
CA ARG A 458 -21.21 -18.45 13.27
C ARG A 458 -20.00 -19.26 12.89
N GLN A 459 -19.59 -19.13 11.61
CA GLN A 459 -18.45 -19.82 11.06
C GLN A 459 -17.15 -19.17 11.48
N LEU A 460 -17.13 -17.82 11.60
CA LEU A 460 -15.99 -17.05 12.04
C LEU A 460 -15.52 -17.41 13.42
N GLU A 461 -16.45 -17.45 14.39
CA GLU A 461 -16.18 -17.81 15.77
C GLU A 461 -15.74 -19.23 15.97
N ALA A 462 -16.08 -20.13 15.02
CA ALA A 462 -15.79 -21.54 15.10
C ALA A 462 -14.54 -21.87 14.34
N GLY A 463 -13.91 -20.86 13.67
CA GLY A 463 -12.64 -21.00 13.00
C GLY A 463 -12.74 -21.79 11.73
N MET A 464 -13.88 -21.66 11.01
CA MET A 464 -14.19 -22.43 9.84
C MET A 464 -14.02 -21.57 8.62
N LEU A 465 -13.57 -20.30 8.82
CA LEU A 465 -13.35 -19.35 7.77
C LEU A 465 -11.88 -19.11 7.80
N THR A 466 -11.24 -19.17 6.61
CA THR A 466 -9.82 -19.03 6.45
C THR A 466 -9.49 -17.55 6.38
N PRO A 467 -8.30 -17.11 6.80
CA PRO A 467 -7.91 -15.72 6.72
C PRO A 467 -7.33 -15.51 5.34
N PRO A 468 -7.37 -14.33 4.74
CA PRO A 468 -6.88 -14.12 3.38
C PRO A 468 -5.37 -14.12 3.33
N PHE A 469 -4.68 -13.75 4.44
CA PHE A 469 -3.24 -13.77 4.52
C PHE A 469 -2.93 -14.82 5.53
N VAL A 470 -1.97 -15.72 5.18
CA VAL A 470 -1.52 -16.80 6.02
C VAL A 470 -0.06 -16.51 6.25
N PRO A 471 0.39 -16.22 7.48
CA PRO A 471 1.79 -15.98 7.80
C PRO A 471 2.68 -17.14 7.45
N ASP A 472 3.87 -16.86 6.87
CA ASP A 472 4.92 -17.83 6.61
C ASP A 472 5.41 -18.40 7.92
N SER A 473 5.70 -19.72 7.93
CA SER A 473 6.12 -20.45 9.10
C SER A 473 7.62 -20.57 9.12
N ARG A 474 8.31 -19.96 8.13
CA ARG A 474 9.74 -20.01 8.02
C ARG A 474 10.26 -18.62 8.22
N THR A 475 9.64 -17.61 7.58
CA THR A 475 10.04 -16.24 7.74
C THR A 475 9.16 -15.70 8.83
N VAL A 476 9.80 -15.36 9.98
CA VAL A 476 9.14 -14.87 11.15
C VAL A 476 8.91 -13.40 11.00
N TYR A 477 7.77 -12.92 11.53
CA TYR A 477 7.30 -11.56 11.38
C TYR A 477 7.26 -10.87 12.71
N ALA A 478 8.00 -11.41 13.72
CA ALA A 478 8.19 -10.73 14.99
C ALA A 478 9.37 -9.81 14.84
N LYS A 479 9.36 -8.71 15.63
CA LYS A 479 10.37 -7.66 15.62
C LYS A 479 11.76 -8.15 15.95
N ASN A 480 12.76 -7.56 15.26
CA ASN A 480 14.19 -7.79 15.44
C ASN A 480 14.70 -7.35 16.80
N ILE A 481 16.00 -7.62 17.04
CA ILE A 481 16.66 -7.43 18.30
C ILE A 481 17.43 -6.12 18.23
N GLN A 482 17.31 -5.40 17.08
CA GLN A 482 17.79 -4.04 16.92
C GLN A 482 16.58 -3.15 16.98
N ASP A 483 15.37 -3.76 17.03
CA ASP A 483 14.09 -3.08 17.12
C ASP A 483 13.71 -3.25 18.56
N VAL A 484 14.53 -2.64 19.46
CA VAL A 484 14.31 -2.66 20.88
C VAL A 484 14.27 -1.24 21.37
N GLY A 485 13.39 -1.01 22.38
CA GLY A 485 13.18 0.26 23.01
C GLY A 485 14.10 0.29 24.18
N ALA A 486 14.14 1.41 24.93
CA ALA A 486 15.01 1.52 26.06
C ALA A 486 14.31 2.35 27.08
N PHE A 487 14.43 1.93 28.36
CA PHE A 487 13.81 2.59 29.47
C PHE A 487 14.74 2.32 30.63
N GLU A 488 14.85 3.33 31.52
CA GLU A 488 15.74 3.44 32.66
C GLU A 488 16.01 2.16 33.41
N GLU A 489 17.32 1.89 33.64
CA GLU A 489 17.82 1.00 34.64
C GLU A 489 18.34 1.89 35.73
N VAL A 490 18.59 1.33 36.95
CA VAL A 490 18.56 2.05 38.20
C VAL A 490 19.56 3.18 38.26
N LYS A 491 19.15 4.28 38.96
CA LYS A 491 19.92 5.48 39.10
C LYS A 491 19.92 5.82 40.55
N GLY A 492 20.48 4.91 41.38
CA GLY A 492 20.64 5.10 42.80
C GLY A 492 19.54 4.40 43.53
N VAL A 493 18.90 3.42 42.86
CA VAL A 493 17.60 2.91 43.24
C VAL A 493 17.82 1.46 43.53
N ALA A 494 17.26 0.99 44.67
CA ALA A 494 17.54 -0.31 45.23
C ALA A 494 16.22 -0.83 45.72
N PHE A 495 16.15 -2.15 45.95
CA PHE A 495 14.91 -2.84 46.26
C PHE A 495 14.78 -2.91 47.75
N GLU A 496 13.57 -2.59 48.25
CA GLU A 496 13.17 -2.73 49.63
C GLU A 496 12.68 -4.14 49.85
N LYS A 497 12.45 -4.51 51.13
CA LYS A 497 11.84 -5.76 51.55
C LYS A 497 10.52 -6.02 50.88
N ALA A 498 9.68 -4.95 50.76
CA ALA A 498 8.37 -4.97 50.13
C ALA A 498 8.40 -5.44 48.70
N ASP A 499 9.40 -4.95 47.92
CA ASP A 499 9.64 -5.32 46.54
C ASP A 499 9.94 -6.79 46.40
N THR A 500 10.86 -7.30 47.24
CA THR A 500 11.26 -8.69 47.34
C THR A 500 10.10 -9.61 47.63
N GLU A 501 9.19 -9.16 48.54
CA GLU A 501 8.00 -9.88 48.96
C GLU A 501 7.00 -9.98 47.84
N PHE A 502 6.87 -8.91 47.01
CA PHE A 502 6.06 -8.93 45.82
C PHE A 502 6.60 -9.93 44.80
N PHE A 503 7.94 -9.98 44.63
CA PHE A 503 8.59 -10.85 43.67
C PHE A 503 8.37 -12.32 43.95
N GLN A 504 8.51 -12.74 45.23
CA GLN A 504 8.21 -14.10 45.67
C GLN A 504 6.75 -14.46 45.48
N GLU A 505 5.84 -13.52 45.80
CA GLU A 505 4.40 -13.69 45.74
C GLU A 505 3.92 -13.90 44.32
N PHE A 506 4.46 -13.10 43.36
CA PHE A 506 4.24 -13.22 41.94
C PHE A 506 4.55 -14.60 41.42
N ALA A 507 5.74 -15.14 41.81
CA ALA A 507 6.22 -16.44 41.39
C ALA A 507 5.35 -17.54 41.95
N SER A 508 5.17 -18.62 41.18
CA SER A 508 4.25 -19.69 41.50
C SER A 508 5.04 -20.96 41.36
N GLU B 4 -38.63 -8.31 -9.61
CA GLU B 4 -39.15 -7.71 -10.79
C GLU B 4 -38.08 -6.80 -11.31
N VAL B 5 -38.16 -6.51 -12.63
CA VAL B 5 -37.31 -5.58 -13.32
C VAL B 5 -38.02 -4.27 -13.51
N GLN B 6 -39.25 -4.16 -12.95
CA GLN B 6 -40.16 -3.09 -13.22
C GLN B 6 -39.83 -1.93 -12.32
N LEU B 7 -39.26 -0.87 -12.93
CA LEU B 7 -38.90 0.36 -12.28
C LEU B 7 -39.22 1.37 -13.34
N VAL B 8 -40.53 1.54 -13.61
CA VAL B 8 -41.09 2.39 -14.63
C VAL B 8 -41.53 3.71 -14.06
N GLU B 9 -40.97 4.84 -14.56
CA GLU B 9 -41.40 6.17 -14.21
C GLU B 9 -42.85 6.37 -14.58
N SER B 10 -43.64 6.95 -13.66
CA SER B 10 -45.05 7.17 -13.88
C SER B 10 -45.45 8.45 -13.21
N GLY B 11 -44.61 9.50 -13.34
CA GLY B 11 -44.85 10.79 -12.75
C GLY B 11 -44.70 11.84 -13.80
N GLY B 12 -44.23 11.44 -15.01
CA GLY B 12 -44.10 12.30 -16.16
C GLY B 12 -45.42 12.82 -16.67
N GLY B 13 -45.36 13.90 -17.46
CA GLY B 13 -46.54 14.51 -18.02
C GLY B 13 -46.07 15.49 -19.03
N LEU B 14 -46.81 16.61 -19.15
CA LEU B 14 -46.42 17.77 -19.91
C LEU B 14 -46.37 18.88 -18.91
N VAL B 15 -45.31 19.72 -18.98
CA VAL B 15 -45.07 20.73 -17.99
C VAL B 15 -44.39 21.85 -18.73
N GLN B 16 -44.69 23.10 -18.32
CA GLN B 16 -44.21 24.29 -18.96
C GLN B 16 -42.80 24.54 -18.48
N PRO B 17 -41.93 25.22 -19.21
CA PRO B 17 -40.61 25.62 -18.76
C PRO B 17 -40.59 26.37 -17.45
N GLY B 18 -39.73 25.92 -16.50
CA GLY B 18 -39.57 26.51 -15.19
C GLY B 18 -40.50 25.90 -14.19
N GLY B 19 -41.29 24.88 -14.61
CA GLY B 19 -42.34 24.27 -13.81
C GLY B 19 -41.77 23.15 -12.99
N SER B 20 -42.67 22.25 -12.54
CA SER B 20 -42.30 21.18 -11.65
C SER B 20 -43.25 20.05 -11.85
N LEU B 21 -42.75 18.81 -11.64
CA LEU B 21 -43.55 17.62 -11.59
C LEU B 21 -42.84 16.76 -10.59
N ARG B 22 -43.59 15.83 -9.96
CA ARG B 22 -43.00 14.87 -9.06
C ARG B 22 -42.86 13.61 -9.86
N LEU B 23 -41.62 13.37 -10.37
CA LEU B 23 -41.23 12.16 -11.06
C LEU B 23 -41.30 11.04 -10.06
N SER B 24 -42.00 9.92 -10.36
CA SER B 24 -42.26 8.93 -9.35
C SER B 24 -42.03 7.55 -9.88
N CYS B 25 -40.98 6.89 -9.33
CA CYS B 25 -40.50 5.62 -9.79
C CYS B 25 -41.42 4.56 -9.27
N ALA B 26 -41.96 3.68 -10.15
CA ALA B 26 -42.82 2.59 -9.76
C ALA B 26 -42.01 1.39 -9.31
N ALA B 27 -40.97 1.62 -8.47
CA ALA B 27 -39.99 0.65 -8.02
C ALA B 27 -40.61 -0.50 -7.29
N SER B 28 -40.22 -1.74 -7.67
CA SER B 28 -40.79 -2.92 -7.09
C SER B 28 -39.89 -4.08 -7.41
N GLY B 29 -39.98 -5.15 -6.58
CA GLY B 29 -39.21 -6.37 -6.72
C GLY B 29 -37.85 -6.31 -6.08
N PHE B 30 -37.62 -5.33 -5.17
CA PHE B 30 -36.39 -5.24 -4.43
C PHE B 30 -36.69 -4.35 -3.25
N ASN B 31 -35.72 -4.25 -2.32
CA ASN B 31 -35.82 -3.41 -1.15
C ASN B 31 -34.83 -2.29 -1.34
N PHE B 32 -35.30 -1.04 -1.18
CA PHE B 32 -34.55 0.16 -1.48
C PHE B 32 -33.90 0.54 -0.18
N SER B 33 -32.58 0.26 -0.10
CA SER B 33 -31.66 0.59 0.97
C SER B 33 -30.45 -0.29 0.76
N SER B 34 -30.30 -0.82 -0.46
CA SER B 34 -29.16 -1.63 -0.83
C SER B 34 -28.79 -1.28 -2.24
N TYR B 35 -29.73 -0.66 -2.99
CA TYR B 35 -29.52 -0.36 -4.39
C TYR B 35 -29.91 1.08 -4.52
N SER B 36 -28.96 1.95 -4.93
CA SER B 36 -29.21 3.37 -4.99
C SER B 36 -29.90 3.70 -6.29
N ILE B 37 -31.07 4.38 -6.19
CA ILE B 37 -32.02 4.47 -7.27
C ILE B 37 -31.87 5.88 -7.77
N HIS B 38 -31.46 6.01 -9.04
CA HIS B 38 -31.08 7.28 -9.58
C HIS B 38 -31.43 7.27 -11.02
N TRP B 39 -31.77 8.48 -11.53
CA TRP B 39 -32.53 8.61 -12.75
C TRP B 39 -31.52 8.66 -13.85
N VAL B 40 -31.67 7.75 -14.83
CA VAL B 40 -30.84 7.67 -15.99
C VAL B 40 -31.75 8.12 -17.09
N ARG B 41 -31.34 9.12 -17.90
CA ARG B 41 -32.24 9.71 -18.85
C ARG B 41 -31.80 9.50 -20.26
N GLN B 42 -32.60 8.71 -21.03
CA GLN B 42 -32.34 8.48 -22.43
C GLN B 42 -32.98 9.59 -23.18
N ALA B 43 -32.22 10.67 -23.51
CA ALA B 43 -32.74 11.78 -24.27
C ALA B 43 -33.00 11.27 -25.67
N PRO B 44 -34.07 11.67 -26.38
CA PRO B 44 -34.51 11.04 -27.62
C PRO B 44 -33.48 11.11 -28.73
N GLY B 45 -33.00 9.94 -29.21
CA GLY B 45 -31.97 9.80 -30.23
C GLY B 45 -30.65 10.36 -29.79
N LYS B 46 -30.32 10.21 -28.49
CA LYS B 46 -29.17 10.80 -27.87
C LYS B 46 -28.78 9.87 -26.76
N GLY B 47 -27.57 10.11 -26.18
CA GLY B 47 -26.89 9.16 -25.35
C GLY B 47 -27.32 9.32 -23.92
N LEU B 48 -27.10 8.24 -23.14
CA LEU B 48 -27.45 8.09 -21.75
C LEU B 48 -26.65 9.03 -20.88
N GLU B 49 -27.29 9.60 -19.83
CA GLU B 49 -26.64 10.53 -18.94
C GLU B 49 -27.18 10.26 -17.56
N TRP B 50 -26.56 10.89 -16.53
CA TRP B 50 -26.82 10.63 -15.14
C TRP B 50 -27.51 11.85 -14.60
N VAL B 51 -28.45 11.68 -13.63
CA VAL B 51 -29.13 12.80 -12.99
C VAL B 51 -28.69 12.98 -11.56
N ALA B 52 -28.94 11.98 -10.68
CA ALA B 52 -28.69 12.13 -9.27
C ALA B 52 -28.17 10.85 -8.70
N TYR B 53 -28.49 10.56 -7.42
CA TYR B 53 -27.83 9.58 -6.61
C TYR B 53 -28.47 9.77 -5.28
N ILE B 54 -29.12 8.71 -4.75
CA ILE B 54 -29.71 8.78 -3.44
C ILE B 54 -29.70 7.38 -2.88
N SER B 55 -29.35 7.29 -1.57
CA SER B 55 -29.20 6.06 -0.86
C SER B 55 -30.16 6.18 0.28
N SER B 56 -30.86 5.06 0.62
CA SER B 56 -31.75 5.03 1.76
C SER B 56 -31.05 4.43 2.95
N TYR B 57 -29.74 4.14 2.81
CA TYR B 57 -28.92 3.54 3.84
C TYR B 57 -28.03 4.63 4.33
N TYR B 58 -26.90 4.87 3.62
CA TYR B 58 -25.80 5.69 4.11
C TYR B 58 -26.15 7.15 3.95
N GLY B 59 -27.08 7.47 3.03
CA GLY B 59 -27.66 8.78 2.89
C GLY B 59 -26.75 9.70 2.13
N SER B 60 -25.84 9.13 1.29
CA SER B 60 -24.97 9.90 0.42
C SER B 60 -25.80 10.29 -0.77
N THR B 61 -25.85 11.62 -1.04
CA THR B 61 -26.56 12.17 -2.16
C THR B 61 -25.57 12.97 -2.95
N TYR B 62 -25.72 12.96 -4.29
CA TYR B 62 -24.80 13.62 -5.19
C TYR B 62 -25.60 13.78 -6.47
N TYR B 63 -25.10 14.64 -7.39
CA TYR B 63 -25.75 14.92 -8.64
C TYR B 63 -24.68 14.95 -9.68
N ALA B 64 -25.09 14.81 -10.96
CA ALA B 64 -24.24 15.06 -12.10
C ALA B 64 -24.13 16.56 -12.19
N ASP B 65 -22.97 17.07 -12.65
CA ASP B 65 -22.59 18.46 -12.58
C ASP B 65 -23.54 19.38 -13.30
N SER B 66 -24.01 18.97 -14.49
CA SER B 66 -24.77 19.80 -15.39
C SER B 66 -26.22 19.99 -14.98
N VAL B 67 -26.76 19.10 -14.12
CA VAL B 67 -28.10 19.20 -13.63
C VAL B 67 -28.14 19.52 -12.16
N LYS B 68 -26.96 19.74 -11.51
CA LYS B 68 -26.86 19.83 -10.06
C LYS B 68 -27.63 20.99 -9.50
N GLY B 69 -28.45 20.70 -8.47
CA GLY B 69 -29.17 21.69 -7.70
C GLY B 69 -30.43 22.14 -8.38
N ARG B 70 -30.88 21.39 -9.41
CA ARG B 70 -32.10 21.67 -10.13
C ARG B 70 -33.05 20.55 -9.89
N PHE B 71 -32.68 19.62 -8.99
CA PHE B 71 -33.44 18.44 -8.71
C PHE B 71 -33.19 18.16 -7.28
N THR B 72 -34.22 17.61 -6.58
CA THR B 72 -34.16 17.35 -5.17
C THR B 72 -34.60 15.93 -5.03
N ILE B 73 -33.72 15.10 -4.42
CA ILE B 73 -33.97 13.70 -4.19
C ILE B 73 -34.90 13.52 -3.03
N SER B 74 -35.54 12.35 -2.96
CA SER B 74 -36.46 11.99 -1.91
C SER B 74 -36.35 10.50 -1.82
N ALA B 75 -37.02 9.90 -0.82
CA ALA B 75 -36.76 8.54 -0.47
C ALA B 75 -37.96 7.96 0.20
N ASP B 76 -38.03 6.62 0.19
CA ASP B 76 -39.09 5.86 0.75
C ASP B 76 -38.51 4.48 0.88
N THR B 77 -39.20 3.59 1.61
CA THR B 77 -38.73 2.26 1.90
C THR B 77 -39.97 1.50 2.32
N SER B 78 -41.16 2.16 2.24
CA SER B 78 -42.43 1.59 2.58
C SER B 78 -43.11 1.18 1.29
N LYS B 79 -42.47 1.49 0.14
CA LYS B 79 -42.97 1.20 -1.18
C LYS B 79 -41.75 1.16 -2.07
N ASN B 80 -40.59 1.69 -1.56
CA ASN B 80 -39.27 1.59 -2.15
C ASN B 80 -39.13 2.57 -3.28
N THR B 81 -40.07 3.54 -3.37
CA THR B 81 -40.10 4.59 -4.34
C THR B 81 -39.15 5.70 -3.99
N ALA B 82 -38.99 6.65 -4.92
CA ALA B 82 -38.10 7.76 -4.81
C ALA B 82 -38.68 8.76 -5.75
N TYR B 83 -38.33 10.05 -5.59
CA TYR B 83 -38.98 11.09 -6.34
C TYR B 83 -38.00 12.17 -6.57
N LEU B 84 -37.89 12.65 -7.84
CA LEU B 84 -37.08 13.81 -8.11
C LEU B 84 -38.02 14.94 -8.41
N GLN B 85 -37.98 15.98 -7.55
CA GLN B 85 -38.70 17.23 -7.74
C GLN B 85 -37.96 17.96 -8.82
N MET B 86 -38.67 18.63 -9.75
CA MET B 86 -38.01 19.31 -10.84
C MET B 86 -38.17 20.76 -10.54
N ASN B 87 -37.03 21.48 -10.50
CA ASN B 87 -36.96 22.85 -10.05
C ASN B 87 -36.16 23.52 -11.12
N SER B 88 -36.74 24.58 -11.74
CA SER B 88 -36.07 25.42 -12.71
C SER B 88 -35.88 24.58 -13.96
N LEU B 89 -36.98 23.90 -14.35
CA LEU B 89 -37.08 22.92 -15.41
C LEU B 89 -36.68 23.53 -16.74
N ARG B 90 -35.87 22.78 -17.52
CA ARG B 90 -35.23 23.27 -18.72
C ARG B 90 -35.90 22.58 -19.86
N ALA B 91 -35.67 23.08 -21.10
CA ALA B 91 -36.12 22.46 -22.32
C ALA B 91 -35.04 21.53 -22.83
N GLU B 92 -33.96 21.38 -22.04
CA GLU B 92 -32.84 20.50 -22.30
C GLU B 92 -32.97 19.34 -21.35
N ASP B 93 -34.02 19.35 -20.50
CA ASP B 93 -34.32 18.33 -19.52
C ASP B 93 -35.56 17.67 -20.04
N THR B 94 -35.45 17.06 -21.25
CA THR B 94 -36.51 16.33 -21.88
C THR B 94 -35.88 15.00 -22.17
N ALA B 95 -36.47 13.91 -21.63
CA ALA B 95 -36.04 12.59 -21.94
C ALA B 95 -37.12 11.66 -21.51
N VAL B 96 -37.03 10.38 -21.97
CA VAL B 96 -37.85 9.31 -21.48
C VAL B 96 -37.10 8.77 -20.27
N TYR B 97 -37.31 9.44 -19.10
CA TYR B 97 -36.65 9.13 -17.83
C TYR B 97 -36.93 7.72 -17.40
N TYR B 98 -35.90 7.07 -16.81
CA TYR B 98 -36.09 5.79 -16.18
C TYR B 98 -35.43 5.93 -14.86
N CYS B 99 -35.84 5.08 -13.90
CA CYS B 99 -35.17 4.95 -12.64
C CYS B 99 -34.48 3.63 -12.76
N ALA B 100 -33.13 3.63 -12.64
CA ALA B 100 -32.35 2.43 -12.72
C ALA B 100 -31.75 2.20 -11.38
N ARG B 101 -31.38 0.93 -11.10
CA ARG B 101 -30.72 0.54 -9.89
C ARG B 101 -29.23 0.84 -10.00
N HIS B 102 -28.43 -0.02 -9.35
CA HIS B 102 -27.02 0.08 -9.13
C HIS B 102 -26.84 -0.88 -8.00
N GLU B 103 -25.79 -1.72 -8.06
CA GLU B 103 -25.51 -2.68 -7.03
C GLU B 103 -24.57 -2.11 -6.01
N TYR B 104 -24.81 -2.46 -4.73
CA TYR B 104 -23.87 -2.26 -3.65
C TYR B 104 -22.96 -3.47 -3.60
N GLY B 105 -21.71 -3.25 -3.14
CA GLY B 105 -20.63 -4.21 -3.13
C GLY B 105 -20.91 -5.49 -2.39
N TRP B 106 -20.04 -6.50 -2.62
CA TRP B 106 -20.02 -7.74 -1.87
C TRP B 106 -18.66 -7.85 -1.23
N TRP B 107 -17.85 -6.78 -1.35
CA TRP B 107 -16.65 -6.54 -0.60
C TRP B 107 -16.30 -5.12 -0.90
N ASN B 108 -16.27 -4.77 -2.20
CA ASN B 108 -16.06 -3.42 -2.65
C ASN B 108 -16.45 -3.35 -4.11
N ASP B 109 -16.99 -4.47 -4.67
CA ASP B 109 -17.13 -4.64 -6.10
C ASP B 109 -18.49 -4.12 -6.49
N ARG B 110 -18.53 -2.86 -6.97
CA ARG B 110 -19.72 -2.25 -7.47
C ARG B 110 -19.86 -2.56 -8.94
N TRP B 111 -21.06 -3.06 -9.32
CA TRP B 111 -21.40 -3.48 -10.65
C TRP B 111 -22.04 -2.31 -11.36
N GLY B 112 -22.37 -2.50 -12.66
CA GLY B 112 -23.13 -1.57 -13.45
C GLY B 112 -24.58 -1.58 -13.07
N LEU B 113 -25.41 -0.81 -13.81
CA LEU B 113 -26.74 -0.44 -13.41
C LEU B 113 -27.67 -1.52 -13.89
N ASP B 114 -28.38 -2.16 -12.93
CA ASP B 114 -29.33 -3.20 -13.19
C ASP B 114 -30.70 -2.60 -13.34
N TYR B 115 -31.67 -3.44 -13.78
CA TYR B 115 -33.09 -3.25 -14.02
C TYR B 115 -33.57 -1.83 -14.23
N TRP B 116 -33.74 -1.47 -15.52
CA TRP B 116 -34.12 -0.14 -15.95
C TRP B 116 -35.56 -0.20 -16.38
N GLY B 117 -36.21 1.00 -16.43
CA GLY B 117 -37.61 1.14 -16.72
C GLY B 117 -37.84 1.22 -18.19
N GLN B 118 -39.12 1.42 -18.57
CA GLN B 118 -39.52 1.63 -19.93
C GLN B 118 -39.86 3.08 -20.09
N GLY B 119 -39.96 3.80 -18.94
CA GLY B 119 -40.23 5.21 -18.81
C GLY B 119 -41.55 5.66 -19.34
N THR B 120 -41.91 6.91 -18.99
CA THR B 120 -42.95 7.65 -19.63
C THR B 120 -42.33 8.99 -19.90
N LEU B 121 -42.56 9.53 -21.12
CA LEU B 121 -41.88 10.71 -21.61
C LEU B 121 -42.25 11.90 -20.79
N VAL B 122 -41.24 12.65 -20.32
CA VAL B 122 -41.44 13.87 -19.60
C VAL B 122 -41.19 14.91 -20.65
N THR B 123 -42.29 15.53 -21.13
CA THR B 123 -42.30 16.43 -22.24
C THR B 123 -42.20 17.80 -21.67
N VAL B 124 -41.45 18.69 -22.36
CA VAL B 124 -41.35 20.08 -21.99
C VAL B 124 -41.98 20.85 -23.12
N SER B 125 -42.94 21.75 -22.77
CA SER B 125 -43.81 22.45 -23.67
C SER B 125 -43.00 23.46 -24.46
N SER B 126 -43.48 23.76 -25.69
CA SER B 126 -42.83 24.71 -26.56
C SER B 126 -43.85 25.27 -27.50
N ALA B 127 -45.15 25.05 -27.20
CA ALA B 127 -46.26 25.30 -28.10
C ALA B 127 -47.41 24.54 -27.54
N SER B 128 -48.63 24.98 -27.90
CA SER B 128 -49.88 24.35 -27.52
C SER B 128 -50.18 23.28 -28.52
N THR B 129 -51.22 22.46 -28.25
CA THR B 129 -51.74 21.45 -29.16
C THR B 129 -52.19 22.09 -30.45
N LYS B 130 -51.78 21.50 -31.60
CA LYS B 130 -52.05 22.02 -32.91
C LYS B 130 -52.21 20.84 -33.83
N GLY B 131 -53.25 20.86 -34.68
CA GLY B 131 -53.48 19.84 -35.69
C GLY B 131 -52.54 20.03 -36.86
N PRO B 132 -52.08 19.00 -37.57
CA PRO B 132 -51.20 19.14 -38.71
C PRO B 132 -51.80 19.87 -39.86
N SER B 133 -50.98 20.67 -40.58
CA SER B 133 -51.28 21.04 -41.94
C SER B 133 -50.66 19.97 -42.78
N VAL B 134 -51.38 19.45 -43.81
CA VAL B 134 -50.94 18.36 -44.63
C VAL B 134 -50.85 18.91 -46.02
N PHE B 135 -49.62 18.91 -46.59
CA PHE B 135 -49.32 19.53 -47.86
C PHE B 135 -48.84 18.45 -48.80
N PRO B 136 -49.18 18.46 -50.09
CA PRO B 136 -48.59 17.53 -51.04
C PRO B 136 -47.16 17.91 -51.35
N LEU B 137 -46.26 16.90 -51.40
CA LEU B 137 -44.96 17.02 -52.04
C LEU B 137 -45.16 16.38 -53.38
N ALA B 138 -45.54 17.19 -54.40
CA ALA B 138 -45.88 16.73 -55.73
C ALA B 138 -44.69 16.09 -56.41
N PRO B 139 -44.83 15.01 -57.20
CA PRO B 139 -43.76 14.49 -58.03
C PRO B 139 -43.38 15.52 -59.07
N SER B 140 -42.07 15.80 -59.23
CA SER B 140 -41.56 16.73 -60.21
C SER B 140 -41.80 16.17 -61.59
N SER B 141 -42.14 17.07 -62.54
CA SER B 141 -42.42 16.73 -63.92
C SER B 141 -41.28 17.23 -64.77
N LYS B 142 -40.28 17.88 -64.12
CA LYS B 142 -39.13 18.45 -64.77
C LYS B 142 -37.90 17.68 -64.32
N SER B 143 -38.08 16.64 -63.48
CA SER B 143 -37.02 15.72 -63.13
C SER B 143 -37.68 14.48 -62.61
N THR B 144 -36.92 13.35 -62.61
CA THR B 144 -37.34 12.00 -62.28
C THR B 144 -38.63 11.59 -62.95
N SER B 145 -38.68 11.72 -64.29
CA SER B 145 -39.85 11.41 -65.09
C SER B 145 -39.40 10.54 -66.21
N GLY B 146 -40.16 9.43 -66.44
CA GLY B 146 -39.90 8.44 -67.46
C GLY B 146 -39.23 7.22 -66.88
N GLY B 147 -38.94 7.23 -65.56
CA GLY B 147 -38.29 6.15 -64.87
C GLY B 147 -39.15 5.85 -63.70
N THR B 148 -38.64 6.16 -62.49
CA THR B 148 -39.26 5.93 -61.22
C THR B 148 -39.37 7.31 -60.65
N ALA B 149 -40.54 7.67 -60.09
CA ALA B 149 -40.78 8.97 -59.53
C ALA B 149 -41.07 8.75 -58.08
N ALA B 150 -40.80 9.79 -57.26
CA ALA B 150 -41.10 9.82 -55.85
C ALA B 150 -42.05 10.95 -55.64
N LEU B 151 -42.96 10.79 -54.68
CA LEU B 151 -43.94 11.77 -54.31
C LEU B 151 -44.16 11.55 -52.85
N GLY B 152 -44.85 12.47 -52.16
CA GLY B 152 -45.05 12.30 -50.76
C GLY B 152 -46.00 13.33 -50.25
N CYS B 153 -46.10 13.41 -48.90
CA CYS B 153 -46.85 14.39 -48.18
C CYS B 153 -45.92 14.89 -47.12
N LEU B 154 -45.88 16.23 -46.95
CA LEU B 154 -45.19 16.89 -45.87
C LEU B 154 -46.23 17.19 -44.83
N VAL B 155 -46.05 16.62 -43.62
CA VAL B 155 -46.98 16.77 -42.52
C VAL B 155 -46.27 17.69 -41.58
N LYS B 156 -46.71 18.95 -41.54
CA LYS B 156 -45.94 20.05 -41.02
C LYS B 156 -46.78 20.74 -39.99
N ASP B 157 -46.14 21.23 -38.90
CA ASP B 157 -46.72 22.15 -37.96
C ASP B 157 -47.73 21.49 -37.05
N TYR B 158 -47.39 20.30 -36.50
CA TYR B 158 -48.27 19.59 -35.60
C TYR B 158 -47.55 19.57 -34.29
N PHE B 159 -48.31 19.39 -33.18
CA PHE B 159 -47.70 19.26 -31.88
C PHE B 159 -48.81 18.72 -31.00
N PRO B 160 -48.51 17.96 -29.95
CA PRO B 160 -47.32 17.15 -29.76
C PRO B 160 -47.32 16.00 -30.75
N GLU B 161 -46.20 15.24 -30.80
CA GLU B 161 -46.12 13.90 -31.37
C GLU B 161 -47.09 12.95 -30.68
N PRO B 162 -47.61 11.91 -31.31
CA PRO B 162 -47.21 11.40 -32.62
C PRO B 162 -48.10 11.97 -33.70
N VAL B 163 -47.82 11.57 -34.96
CA VAL B 163 -48.70 11.68 -36.08
C VAL B 163 -48.41 10.40 -36.83
N THR B 164 -49.48 9.73 -37.33
CA THR B 164 -49.34 8.55 -38.16
C THR B 164 -49.70 8.96 -39.56
N VAL B 165 -48.94 8.43 -40.55
CA VAL B 165 -49.18 8.66 -41.95
C VAL B 165 -49.21 7.29 -42.56
N SER B 166 -50.29 7.00 -43.33
CA SER B 166 -50.42 5.81 -44.13
C SER B 166 -50.79 6.31 -45.50
N TRP B 167 -50.73 5.43 -46.52
CA TRP B 167 -51.11 5.79 -47.87
C TRP B 167 -52.20 4.86 -48.29
N ASN B 168 -53.27 5.45 -48.87
CA ASN B 168 -54.44 4.79 -49.40
C ASN B 168 -55.12 3.90 -48.39
N SER B 169 -55.23 4.41 -47.14
CA SER B 169 -55.83 3.75 -46.00
C SER B 169 -55.09 2.49 -45.59
N GLY B 170 -53.74 2.49 -45.77
CA GLY B 170 -52.89 1.38 -45.44
C GLY B 170 -52.76 0.37 -46.55
N ALA B 171 -53.39 0.61 -47.72
CA ALA B 171 -53.33 -0.29 -48.86
C ALA B 171 -52.02 -0.15 -49.60
N LEU B 172 -51.33 1.00 -49.42
CA LEU B 172 -50.06 1.29 -50.03
C LEU B 172 -49.13 1.51 -48.88
N THR B 173 -48.03 0.73 -48.85
CA THR B 173 -47.07 0.71 -47.77
C THR B 173 -45.75 0.28 -48.37
N SER B 174 -45.77 -0.18 -49.64
CA SER B 174 -44.59 -0.57 -50.38
C SER B 174 -43.84 0.64 -50.88
N GLY B 175 -42.55 0.75 -50.47
CA GLY B 175 -41.65 1.80 -50.87
C GLY B 175 -41.87 3.06 -50.08
N VAL B 176 -42.67 2.98 -48.98
CA VAL B 176 -42.97 4.10 -48.13
C VAL B 176 -41.85 4.27 -47.14
N HIS B 177 -41.26 5.49 -47.09
CA HIS B 177 -40.28 5.86 -46.09
C HIS B 177 -40.86 7.03 -45.38
N THR B 178 -41.25 6.84 -44.10
CA THR B 178 -41.72 7.89 -43.23
C THR B 178 -40.52 8.24 -42.38
N PHE B 179 -39.94 9.44 -42.64
CA PHE B 179 -38.78 9.94 -41.93
C PHE B 179 -39.08 10.27 -40.49
N PRO B 180 -38.15 10.09 -39.54
CA PRO B 180 -38.17 10.68 -38.21
C PRO B 180 -38.56 12.14 -38.17
N ALA B 181 -39.35 12.54 -37.16
CA ALA B 181 -39.74 13.91 -36.92
C ALA B 181 -38.57 14.74 -36.48
N VAL B 182 -38.51 16.00 -36.99
CA VAL B 182 -37.53 16.98 -36.56
C VAL B 182 -38.32 18.05 -35.89
N LEU B 183 -37.85 18.49 -34.70
CA LEU B 183 -38.40 19.62 -33.99
C LEU B 183 -37.94 20.87 -34.67
N GLN B 184 -38.90 21.69 -35.15
CA GLN B 184 -38.64 22.93 -35.83
C GLN B 184 -38.46 24.02 -34.81
N SER B 185 -38.16 25.25 -35.28
CA SER B 185 -37.87 26.39 -34.43
C SER B 185 -39.14 27.17 -34.14
N SER B 186 -40.31 26.59 -34.52
CA SER B 186 -41.62 27.11 -34.18
C SER B 186 -42.15 26.34 -32.98
N GLY B 187 -41.39 25.33 -32.51
CA GLY B 187 -41.77 24.47 -31.41
C GLY B 187 -42.79 23.46 -31.85
N LEU B 188 -42.84 23.17 -33.16
CA LEU B 188 -43.79 22.27 -33.77
C LEU B 188 -42.97 21.27 -34.54
N TYR B 189 -43.42 20.00 -34.53
CA TYR B 189 -42.77 18.91 -35.24
C TYR B 189 -43.20 18.91 -36.68
N SER B 190 -42.35 18.33 -37.55
CA SER B 190 -42.62 18.16 -38.95
C SER B 190 -41.91 16.90 -39.38
N LEU B 191 -42.50 16.19 -40.37
CA LEU B 191 -41.87 15.06 -41.02
C LEU B 191 -42.41 15.00 -42.40
N SER B 192 -41.73 14.25 -43.30
CA SER B 192 -42.22 13.94 -44.62
C SER B 192 -42.39 12.46 -44.67
N SER B 193 -43.40 12.00 -45.43
CA SER B 193 -43.59 10.62 -45.78
C SER B 193 -43.53 10.62 -47.28
N VAL B 194 -42.75 9.70 -47.87
CA VAL B 194 -42.55 9.64 -49.30
C VAL B 194 -42.82 8.22 -49.70
N VAL B 195 -43.15 8.01 -50.99
CA VAL B 195 -43.39 6.72 -51.56
C VAL B 195 -42.83 6.81 -52.96
N THR B 196 -42.21 5.72 -53.44
CA THR B 196 -41.69 5.61 -54.78
C THR B 196 -42.64 4.77 -55.58
N VAL B 197 -42.98 5.26 -56.80
CA VAL B 197 -43.93 4.64 -57.69
C VAL B 197 -43.32 4.74 -59.07
N PRO B 198 -43.72 3.95 -60.06
CA PRO B 198 -43.45 4.18 -61.48
C PRO B 198 -43.88 5.54 -61.96
N SER B 199 -43.04 6.26 -62.74
CA SER B 199 -43.39 7.53 -63.34
C SER B 199 -44.55 7.39 -64.30
N SER B 200 -44.68 6.21 -64.95
CA SER B 200 -45.74 5.91 -65.88
C SER B 200 -47.07 5.64 -65.22
N SER B 201 -47.12 5.36 -63.89
CA SER B 201 -48.36 5.14 -63.18
C SER B 201 -48.99 6.44 -62.75
N LEU B 202 -48.20 7.55 -62.78
CA LEU B 202 -48.61 8.86 -62.35
C LEU B 202 -49.75 9.39 -63.19
N GLY B 203 -50.74 10.03 -62.53
CA GLY B 203 -51.89 10.63 -63.16
C GLY B 203 -52.98 9.65 -63.53
N THR B 204 -52.71 8.32 -63.42
CA THR B 204 -53.66 7.27 -63.72
C THR B 204 -53.89 6.47 -62.45
N GLN B 205 -53.34 6.96 -61.32
CA GLN B 205 -53.54 6.36 -60.03
C GLN B 205 -53.53 7.52 -59.09
N THR B 206 -54.46 7.52 -58.11
CA THR B 206 -54.51 8.51 -57.05
C THR B 206 -53.68 8.02 -55.91
N TYR B 207 -52.86 8.94 -55.34
CA TYR B 207 -52.04 8.67 -54.19
C TYR B 207 -52.59 9.61 -53.18
N ILE B 208 -53.14 9.07 -52.07
CA ILE B 208 -53.73 9.86 -51.03
C ILE B 208 -52.99 9.45 -49.81
N CYS B 209 -52.45 10.42 -49.04
CA CYS B 209 -51.90 10.16 -47.74
C CYS B 209 -53.01 10.41 -46.76
N ASN B 210 -53.19 9.46 -45.83
CA ASN B 210 -54.21 9.49 -44.82
C ASN B 210 -53.43 9.77 -43.57
N VAL B 211 -53.64 10.97 -43.00
CA VAL B 211 -52.88 11.47 -41.88
C VAL B 211 -53.85 11.46 -40.74
N ASN B 212 -53.46 10.86 -39.60
CA ASN B 212 -54.26 10.82 -38.40
C ASN B 212 -53.36 11.28 -37.30
N HIS B 213 -53.69 12.46 -36.73
CA HIS B 213 -53.04 13.04 -35.59
C HIS B 213 -53.92 12.87 -34.41
N LYS B 214 -53.62 11.86 -33.56
CA LYS B 214 -54.38 11.51 -32.39
C LYS B 214 -54.48 12.62 -31.34
N PRO B 215 -53.47 13.43 -30.97
CA PRO B 215 -53.64 14.43 -29.91
C PRO B 215 -54.67 15.51 -30.16
N SER B 216 -54.98 15.85 -31.44
CA SER B 216 -55.99 16.83 -31.76
C SER B 216 -57.19 16.17 -32.37
N ASN B 217 -57.14 14.83 -32.58
CA ASN B 217 -58.11 14.04 -33.32
C ASN B 217 -58.37 14.61 -34.71
N THR B 218 -57.29 15.03 -35.39
CA THR B 218 -57.36 15.75 -36.64
C THR B 218 -56.94 14.75 -37.69
N LYS B 219 -57.90 14.40 -38.58
CA LYS B 219 -57.66 13.50 -39.68
C LYS B 219 -57.84 14.26 -40.95
N VAL B 220 -56.84 14.17 -41.85
CA VAL B 220 -56.85 14.85 -43.11
C VAL B 220 -56.39 13.82 -44.09
N ASP B 221 -57.22 13.57 -45.13
CA ASP B 221 -56.83 12.78 -46.27
C ASP B 221 -56.48 13.79 -47.34
N LYS B 222 -55.21 13.79 -47.79
CA LYS B 222 -54.73 14.75 -48.76
C LYS B 222 -54.27 14.00 -49.99
N LYS B 223 -54.97 14.20 -51.12
CA LYS B 223 -54.60 13.71 -52.44
C LYS B 223 -53.39 14.44 -52.96
N VAL B 224 -52.46 13.68 -53.56
CA VAL B 224 -51.22 14.14 -54.13
C VAL B 224 -51.29 13.76 -55.58
N GLU B 225 -51.18 14.78 -56.47
CA GLU B 225 -51.29 14.61 -57.90
C GLU B 225 -50.04 15.24 -58.46
N PRO B 226 -49.55 14.82 -59.64
CA PRO B 226 -48.61 15.57 -60.47
C PRO B 226 -48.98 17.02 -60.66
N LYS B 227 -47.98 17.93 -60.54
CA LYS B 227 -48.16 19.33 -60.81
C LYS B 227 -47.10 19.67 -61.82
N SER B 228 -47.51 20.37 -62.90
CA SER B 228 -46.62 20.85 -63.92
C SER B 228 -46.95 22.30 -64.14
N ASP C 2 -15.53 14.94 -13.61
CA ASP C 2 -15.81 13.56 -13.30
C ASP C 2 -14.74 12.76 -13.98
N ILE C 3 -14.90 11.42 -14.02
CA ILE C 3 -14.01 10.52 -14.72
C ILE C 3 -14.57 10.37 -16.10
N GLN C 4 -13.97 11.09 -17.07
CA GLN C 4 -14.32 11.07 -18.47
C GLN C 4 -14.10 9.69 -19.07
N MET C 5 -15.03 9.27 -19.96
CA MET C 5 -14.93 8.00 -20.63
C MET C 5 -14.83 8.35 -22.09
N THR C 6 -13.76 7.86 -22.76
CA THR C 6 -13.47 8.17 -24.14
C THR C 6 -13.50 6.86 -24.86
N GLN C 7 -14.40 6.75 -25.88
CA GLN C 7 -14.55 5.56 -26.66
C GLN C 7 -13.92 5.74 -28.01
N SER C 8 -13.39 4.61 -28.55
CA SER C 8 -12.81 4.56 -29.87
C SER C 8 -13.21 3.20 -30.39
N PRO C 9 -13.36 2.99 -31.69
CA PRO C 9 -13.70 3.96 -32.73
C PRO C 9 -14.88 4.84 -32.36
N SER C 10 -14.96 6.07 -32.93
CA SER C 10 -16.13 6.93 -32.80
C SER C 10 -17.34 6.30 -33.44
N SER C 11 -17.14 5.73 -34.64
CA SER C 11 -18.12 4.95 -35.35
C SER C 11 -17.32 3.93 -36.12
N LEU C 12 -17.94 2.79 -36.48
CA LEU C 12 -17.31 1.82 -37.31
C LEU C 12 -18.39 1.17 -38.13
N SER C 13 -17.98 0.58 -39.27
CA SER C 13 -18.85 -0.07 -40.20
C SER C 13 -18.19 -1.37 -40.51
N ALA C 14 -18.86 -2.49 -40.16
CA ALA C 14 -18.31 -3.81 -40.32
C ALA C 14 -19.44 -4.66 -40.79
N SER C 15 -19.11 -5.76 -41.50
CA SER C 15 -20.07 -6.65 -42.12
C SER C 15 -20.39 -7.72 -41.12
N VAL C 16 -21.52 -8.44 -41.33
CA VAL C 16 -21.93 -9.59 -40.58
C VAL C 16 -20.89 -10.68 -40.64
N GLY C 17 -20.57 -11.30 -39.48
CA GLY C 17 -19.59 -12.35 -39.36
C GLY C 17 -18.19 -11.81 -39.22
N ASP C 18 -18.04 -10.60 -38.65
CA ASP C 18 -16.74 -9.99 -38.41
C ASP C 18 -16.59 -9.85 -36.93
N ARG C 19 -15.36 -10.03 -36.42
CA ARG C 19 -15.04 -9.77 -35.04
C ARG C 19 -14.80 -8.29 -34.86
N VAL C 20 -15.57 -7.66 -33.95
CA VAL C 20 -15.56 -6.23 -33.76
C VAL C 20 -15.18 -6.08 -32.32
N THR C 21 -14.16 -5.24 -32.04
CA THR C 21 -13.72 -4.94 -30.71
C THR C 21 -13.77 -3.45 -30.64
N ILE C 22 -14.41 -2.91 -29.57
CA ILE C 22 -14.43 -1.49 -29.32
C ILE C 22 -13.75 -1.33 -28.00
N THR C 23 -13.09 -0.16 -27.79
CA THR C 23 -12.30 0.10 -26.61
C THR C 23 -12.91 1.32 -25.97
N CYS C 24 -12.70 1.43 -24.64
CA CYS C 24 -13.14 2.53 -23.84
C CYS C 24 -12.03 2.75 -22.84
N ARG C 25 -11.59 4.01 -22.70
CA ARG C 25 -10.53 4.39 -21.82
C ARG C 25 -11.13 5.34 -20.83
N ALA C 26 -10.91 5.02 -19.52
CA ALA C 26 -11.27 5.81 -18.38
C ALA C 26 -10.09 6.71 -18.10
N SER C 27 -10.35 7.97 -17.67
CA SER C 27 -9.29 8.93 -17.43
C SER C 27 -8.73 8.79 -16.04
N GLN C 28 -9.28 7.86 -15.23
CA GLN C 28 -8.80 7.56 -13.91
C GLN C 28 -9.13 6.11 -13.75
N SER C 29 -8.25 5.35 -13.05
CA SER C 29 -8.48 3.96 -12.73
C SER C 29 -9.63 3.83 -11.77
N VAL C 30 -10.61 2.96 -12.11
CA VAL C 30 -11.81 2.75 -11.35
C VAL C 30 -11.86 1.30 -10.96
N SER C 31 -10.71 0.58 -11.09
CA SER C 31 -10.57 -0.85 -10.86
C SER C 31 -11.50 -1.62 -11.77
N SER C 32 -11.95 -2.82 -11.32
CA SER C 32 -13.02 -3.54 -11.97
C SER C 32 -14.31 -2.96 -11.45
N ALA C 33 -15.07 -2.28 -12.33
CA ALA C 33 -16.27 -1.55 -12.01
C ALA C 33 -16.58 -0.72 -13.22
N VAL C 34 -16.65 -1.37 -14.40
CA VAL C 34 -16.95 -0.76 -15.67
C VAL C 34 -18.07 -1.57 -16.23
N ALA C 35 -19.01 -0.92 -16.95
CA ALA C 35 -20.09 -1.63 -17.58
C ALA C 35 -20.12 -1.25 -19.03
N TRP C 36 -20.88 -2.05 -19.81
CA TRP C 36 -21.09 -1.84 -21.22
C TRP C 36 -22.54 -2.06 -21.47
N TYR C 37 -23.14 -1.19 -22.31
CA TYR C 37 -24.53 -1.17 -22.66
C TYR C 37 -24.66 -1.30 -24.13
N GLN C 38 -25.80 -1.87 -24.57
CA GLN C 38 -26.23 -1.86 -25.95
C GLN C 38 -27.46 -1.02 -25.87
N GLN C 39 -27.47 0.10 -26.62
CA GLN C 39 -28.56 1.03 -26.66
C GLN C 39 -28.99 1.07 -28.08
N LYS C 40 -30.28 0.73 -28.32
CA LYS C 40 -30.92 0.80 -29.60
C LYS C 40 -32.04 1.79 -29.39
N PRO C 41 -32.26 2.74 -30.31
CA PRO C 41 -33.12 3.90 -30.10
C PRO C 41 -34.56 3.54 -29.80
N GLY C 42 -35.15 4.22 -28.78
CA GLY C 42 -36.53 4.10 -28.41
C GLY C 42 -36.82 2.84 -27.65
N LYS C 43 -35.81 2.28 -26.95
CA LYS C 43 -35.97 1.09 -26.14
C LYS C 43 -35.12 1.34 -24.93
N ALA C 44 -35.37 0.57 -23.84
CA ALA C 44 -34.53 0.54 -22.67
C ALA C 44 -33.16 -0.01 -23.03
N PRO C 45 -32.04 0.62 -22.66
CA PRO C 45 -30.70 0.04 -22.69
C PRO C 45 -30.60 -1.31 -22.03
N LYS C 46 -29.83 -2.24 -22.65
CA LYS C 46 -29.56 -3.54 -22.10
C LYS C 46 -28.15 -3.56 -21.61
N LEU C 47 -27.94 -3.96 -20.33
CA LEU C 47 -26.65 -4.14 -19.70
C LEU C 47 -26.03 -5.38 -20.29
N LEU C 48 -24.74 -5.31 -20.69
CA LEU C 48 -24.05 -6.41 -21.30
C LEU C 48 -23.01 -6.95 -20.36
N ILE C 49 -22.24 -6.04 -19.72
CA ILE C 49 -21.05 -6.38 -19.00
C ILE C 49 -21.12 -5.52 -17.76
N TYR C 50 -20.69 -6.08 -16.61
CA TYR C 50 -20.47 -5.36 -15.39
C TYR C 50 -19.11 -5.80 -14.92
N SER C 51 -18.47 -5.00 -14.03
CA SER C 51 -17.20 -5.28 -13.41
C SER C 51 -16.08 -5.54 -14.40
N ALA C 52 -15.99 -4.64 -15.41
CA ALA C 52 -14.99 -4.56 -16.46
C ALA C 52 -15.00 -5.66 -17.50
N SER C 53 -15.57 -6.86 -17.23
CA SER C 53 -15.33 -7.99 -18.10
C SER C 53 -16.22 -9.15 -17.78
N SER C 54 -17.14 -9.03 -16.79
CA SER C 54 -17.97 -10.12 -16.34
C SER C 54 -19.29 -9.95 -17.03
N LEU C 55 -19.79 -11.02 -17.71
CA LEU C 55 -21.03 -10.95 -18.43
C LEU C 55 -22.20 -10.85 -17.47
N TYR C 56 -23.20 -10.04 -17.87
CA TYR C 56 -24.48 -9.94 -17.24
C TYR C 56 -25.34 -11.10 -17.73
N SER C 57 -26.23 -11.60 -16.85
CA SER C 57 -27.17 -12.65 -17.15
C SER C 57 -28.15 -12.25 -18.21
N GLY C 58 -28.51 -13.21 -19.10
CA GLY C 58 -29.42 -13.00 -20.21
C GLY C 58 -28.84 -12.11 -21.28
N VAL C 59 -27.50 -12.19 -21.48
CA VAL C 59 -26.80 -11.51 -22.54
C VAL C 59 -26.19 -12.63 -23.35
N PRO C 60 -26.28 -12.67 -24.69
CA PRO C 60 -25.58 -13.60 -25.56
C PRO C 60 -24.10 -13.74 -25.28
N SER C 61 -23.52 -14.90 -25.62
CA SER C 61 -22.16 -15.24 -25.26
C SER C 61 -21.21 -14.83 -26.37
N ARG C 62 -21.73 -14.17 -27.44
CA ARG C 62 -20.92 -13.57 -28.46
C ARG C 62 -20.36 -12.27 -27.93
N PHE C 63 -21.04 -11.65 -26.93
CA PHE C 63 -20.52 -10.52 -26.23
C PHE C 63 -19.64 -11.05 -25.14
N SER C 64 -18.46 -10.45 -25.00
CA SER C 64 -17.51 -10.74 -23.95
C SER C 64 -16.84 -9.43 -23.71
N GLY C 65 -16.22 -9.28 -22.52
CA GLY C 65 -15.40 -8.13 -22.26
C GLY C 65 -14.12 -8.67 -21.71
N SER C 66 -13.08 -7.83 -21.70
CA SER C 66 -11.80 -8.22 -21.17
C SER C 66 -11.26 -6.97 -20.53
N ARG C 67 -10.14 -7.14 -19.79
CA ARG C 67 -9.24 -6.09 -19.38
C ARG C 67 -9.72 -5.46 -18.11
N SER C 68 -8.83 -5.37 -17.10
CA SER C 68 -9.12 -4.71 -15.86
C SER C 68 -7.94 -3.81 -15.65
N GLY C 69 -8.20 -2.48 -15.58
CA GLY C 69 -7.14 -1.53 -15.40
C GLY C 69 -7.70 -0.17 -15.68
N THR C 70 -7.41 0.34 -16.90
CA THR C 70 -7.77 1.69 -17.30
C THR C 70 -8.32 1.59 -18.70
N ASP C 71 -7.89 0.57 -19.47
CA ASP C 71 -8.25 0.38 -20.85
C ASP C 71 -9.14 -0.82 -20.89
N PHE C 72 -10.42 -0.62 -21.23
CA PHE C 72 -11.46 -1.62 -21.15
C PHE C 72 -11.87 -1.92 -22.56
N THR C 73 -12.41 -3.14 -22.80
CA THR C 73 -12.80 -3.58 -24.12
C THR C 73 -14.06 -4.39 -24.04
N LEU C 74 -14.90 -4.27 -25.10
CA LEU C 74 -16.04 -5.11 -25.35
C LEU C 74 -15.73 -5.71 -26.68
N THR C 75 -15.94 -7.03 -26.82
CA THR C 75 -15.66 -7.77 -28.02
C THR C 75 -16.95 -8.44 -28.38
N ILE C 76 -17.31 -8.37 -29.69
CA ILE C 76 -18.36 -9.12 -30.29
C ILE C 76 -17.60 -10.06 -31.19
N SER C 77 -17.66 -11.38 -30.90
CA SER C 77 -16.93 -12.41 -31.60
C SER C 77 -17.31 -12.54 -33.06
N SER C 78 -18.63 -12.49 -33.33
CA SER C 78 -19.17 -12.62 -34.65
C SER C 78 -20.29 -11.62 -34.66
N LEU C 79 -20.25 -10.68 -35.64
CA LEU C 79 -21.22 -9.62 -35.78
C LEU C 79 -22.49 -10.22 -36.33
N GLN C 80 -23.64 -9.66 -35.95
CA GLN C 80 -24.94 -10.16 -36.32
C GLN C 80 -25.65 -8.95 -36.88
N PRO C 81 -26.72 -9.09 -37.66
CA PRO C 81 -27.47 -7.95 -38.18
C PRO C 81 -28.37 -7.34 -37.13
N GLU C 82 -28.28 -7.79 -35.85
CA GLU C 82 -29.09 -7.31 -34.76
C GLU C 82 -28.17 -6.59 -33.82
N ASP C 83 -26.89 -6.40 -34.23
CA ASP C 83 -25.87 -5.72 -33.48
C ASP C 83 -25.67 -4.36 -34.11
N PHE C 84 -26.72 -3.88 -34.83
CA PHE C 84 -26.87 -2.51 -35.25
C PHE C 84 -27.33 -1.75 -34.04
N ALA C 85 -26.40 -1.02 -33.38
CA ALA C 85 -26.73 -0.31 -32.16
C ALA C 85 -25.59 0.61 -31.88
N THR C 86 -25.80 1.51 -30.89
CA THR C 86 -24.78 2.33 -30.28
C THR C 86 -24.44 1.68 -28.96
N TYR C 87 -23.13 1.44 -28.70
CA TYR C 87 -22.66 0.78 -27.51
C TYR C 87 -21.98 1.79 -26.64
N TYR C 88 -22.40 1.87 -25.35
CA TYR C 88 -21.91 2.84 -24.37
C TYR C 88 -21.17 2.16 -23.28
N CYS C 89 -19.96 2.67 -22.92
CA CYS C 89 -19.25 2.26 -21.72
C CYS C 89 -19.58 3.22 -20.62
N GLN C 90 -19.24 2.82 -19.37
CA GLN C 90 -19.66 3.50 -18.18
C GLN C 90 -18.64 3.15 -17.15
N GLN C 91 -18.32 4.09 -16.22
CA GLN C 91 -17.56 3.77 -15.04
C GLN C 91 -18.52 3.95 -13.92
N SER C 92 -18.45 3.05 -12.93
CA SER C 92 -19.24 3.11 -11.72
C SER C 92 -18.26 3.24 -10.60
N SER C 93 -18.64 4.05 -9.59
CA SER C 93 -17.83 4.31 -8.44
C SER C 93 -18.84 4.36 -7.34
N TRP C 94 -18.50 3.75 -6.18
CA TRP C 94 -19.43 3.48 -5.10
C TRP C 94 -19.37 4.63 -4.11
N TYR C 95 -18.69 5.72 -4.49
CA TYR C 95 -18.49 6.86 -3.63
C TYR C 95 -18.05 8.02 -4.48
N GLY C 96 -18.10 7.86 -5.83
CA GLY C 96 -17.70 8.89 -6.76
C GLY C 96 -18.77 9.04 -7.82
N PRO C 97 -18.50 9.87 -8.83
CA PRO C 97 -19.28 10.02 -10.05
C PRO C 97 -19.61 8.76 -10.81
N PHE C 98 -20.59 8.87 -11.75
CA PHE C 98 -20.95 7.87 -12.71
C PHE C 98 -21.02 8.63 -13.99
N THR C 99 -20.33 8.14 -15.05
CA THR C 99 -20.14 8.88 -16.27
C THR C 99 -20.22 7.86 -17.37
N PHE C 100 -20.77 8.26 -18.54
CA PHE C 100 -20.92 7.40 -19.70
C PHE C 100 -20.01 7.95 -20.79
N GLY C 101 -19.67 7.06 -21.76
CA GLY C 101 -19.04 7.41 -23.01
C GLY C 101 -19.93 8.16 -23.95
N GLN C 102 -19.45 8.33 -25.20
CA GLN C 102 -20.10 9.11 -26.22
C GLN C 102 -20.68 8.18 -27.25
N GLY C 103 -20.53 6.85 -27.02
CA GLY C 103 -21.08 5.80 -27.83
C GLY C 103 -20.24 5.49 -29.04
N THR C 104 -20.23 4.19 -29.42
CA THR C 104 -19.61 3.71 -30.63
C THR C 104 -20.76 3.15 -31.43
N LYS C 105 -21.01 3.74 -32.63
CA LYS C 105 -22.06 3.30 -33.50
C LYS C 105 -21.49 2.20 -34.36
N VAL C 106 -22.08 0.98 -34.24
CA VAL C 106 -21.67 -0.16 -35.01
C VAL C 106 -22.70 -0.23 -36.08
N GLU C 107 -22.26 -0.08 -37.35
CA GLU C 107 -23.11 -0.09 -38.51
C GLU C 107 -22.92 -1.41 -39.21
N ILE C 108 -24.00 -1.92 -39.84
CA ILE C 108 -23.97 -3.15 -40.61
C ILE C 108 -23.68 -2.74 -42.03
N LYS C 109 -22.58 -3.30 -42.58
CA LYS C 109 -22.08 -3.00 -43.90
C LYS C 109 -22.70 -3.85 -44.97
N ARG C 110 -22.85 -3.25 -46.16
CA ARG C 110 -23.35 -3.85 -47.36
C ARG C 110 -22.54 -3.21 -48.46
N THR C 111 -22.74 -3.66 -49.72
CA THR C 111 -22.15 -3.09 -50.92
C THR C 111 -22.53 -1.65 -51.09
N VAL C 112 -21.61 -0.85 -51.70
CA VAL C 112 -21.80 0.55 -52.02
C VAL C 112 -22.97 0.72 -52.97
N ALA C 113 -23.79 1.77 -52.75
CA ALA C 113 -24.92 2.08 -53.58
C ALA C 113 -25.00 3.57 -53.67
N ALA C 114 -25.37 4.08 -54.87
CA ALA C 114 -25.57 5.48 -55.14
C ALA C 114 -26.98 5.89 -54.74
N PRO C 115 -27.23 7.16 -54.43
CA PRO C 115 -28.56 7.65 -54.12
C PRO C 115 -29.29 7.99 -55.39
N SER C 116 -30.59 7.61 -55.46
CA SER C 116 -31.50 8.09 -56.45
C SER C 116 -32.02 9.37 -55.88
N VAL C 117 -31.88 10.48 -56.65
CA VAL C 117 -32.10 11.80 -56.12
C VAL C 117 -33.38 12.28 -56.73
N PHE C 118 -34.30 12.79 -55.89
CA PHE C 118 -35.58 13.27 -56.29
C PHE C 118 -35.68 14.59 -55.60
N ILE C 119 -36.28 15.61 -56.26
CA ILE C 119 -36.55 16.89 -55.67
C ILE C 119 -38.03 17.10 -55.83
N PHE C 120 -38.70 17.63 -54.77
CA PHE C 120 -40.14 17.82 -54.75
C PHE C 120 -40.37 19.29 -54.56
N PRO C 121 -41.05 19.98 -55.48
CA PRO C 121 -41.61 21.30 -55.28
C PRO C 121 -42.57 21.37 -54.10
N PRO C 122 -42.68 22.45 -53.33
CA PRO C 122 -43.81 22.69 -52.44
C PRO C 122 -45.06 22.86 -53.26
N SER C 123 -46.19 22.35 -52.76
CA SER C 123 -47.51 22.57 -53.30
C SER C 123 -47.93 24.00 -53.09
N ASP C 124 -48.91 24.47 -53.90
CA ASP C 124 -49.56 25.76 -53.77
C ASP C 124 -50.29 25.84 -52.45
N SER C 125 -50.78 24.69 -51.95
CA SER C 125 -51.43 24.52 -50.67
C SER C 125 -50.48 24.88 -49.54
N GLN C 126 -49.20 24.47 -49.64
CA GLN C 126 -48.16 24.84 -48.69
C GLN C 126 -47.87 26.32 -48.71
N LEU C 127 -47.77 26.95 -49.90
CA LEU C 127 -47.49 28.36 -50.04
C LEU C 127 -48.53 29.24 -49.38
N LYS C 128 -49.81 28.82 -49.39
CA LYS C 128 -50.89 29.48 -48.71
C LYS C 128 -50.73 29.62 -47.20
N SER C 129 -50.02 28.68 -46.52
CA SER C 129 -49.77 28.79 -45.09
C SER C 129 -48.86 29.95 -44.78
N GLY C 130 -47.81 30.13 -45.63
CA GLY C 130 -46.90 31.25 -45.58
C GLY C 130 -45.49 30.77 -45.56
N THR C 131 -45.29 29.44 -45.68
CA THR C 131 -43.98 28.80 -45.56
C THR C 131 -43.86 27.99 -46.81
N ALA C 132 -42.62 27.84 -47.34
CA ALA C 132 -42.34 26.95 -48.44
C ALA C 132 -41.27 26.01 -47.95
N SER C 133 -41.52 24.69 -48.02
CA SER C 133 -40.53 23.67 -47.76
C SER C 133 -40.28 22.92 -49.03
N VAL C 134 -38.99 22.85 -49.44
CA VAL C 134 -38.58 22.17 -50.64
C VAL C 134 -37.85 20.96 -50.12
N VAL C 135 -38.27 19.75 -50.57
CA VAL C 135 -37.80 18.51 -49.99
C VAL C 135 -37.01 17.79 -51.03
N CYS C 136 -35.81 17.29 -50.63
CA CYS C 136 -34.93 16.48 -51.44
C CYS C 136 -34.83 15.13 -50.79
N LEU C 137 -35.02 14.06 -51.60
CA LEU C 137 -35.00 12.70 -51.16
C LEU C 137 -33.82 12.03 -51.81
N LEU C 138 -32.99 11.35 -50.99
CA LEU C 138 -31.89 10.52 -51.40
C LEU C 138 -32.33 9.14 -51.00
N ASN C 139 -32.52 8.23 -51.99
CA ASN C 139 -33.15 6.96 -51.74
C ASN C 139 -32.16 5.85 -51.98
N ASN C 140 -32.09 4.90 -51.02
CA ASN C 140 -31.44 3.61 -51.12
C ASN C 140 -29.96 3.65 -51.42
N PHE C 141 -29.18 4.38 -50.57
CA PHE C 141 -27.76 4.54 -50.75
C PHE C 141 -27.07 3.94 -49.55
N TYR C 142 -25.76 3.65 -49.70
CA TYR C 142 -24.91 3.17 -48.64
C TYR C 142 -23.54 3.68 -49.02
N PRO C 143 -22.61 4.14 -48.16
CA PRO C 143 -22.71 4.40 -46.74
C PRO C 143 -23.86 5.27 -46.29
N ARG C 144 -24.19 5.23 -44.98
CA ARG C 144 -25.27 5.97 -44.38
C ARG C 144 -25.12 7.46 -44.52
N GLU C 145 -23.90 7.97 -44.29
CA GLU C 145 -23.60 9.37 -44.41
C GLU C 145 -23.55 9.80 -45.84
N ALA C 146 -23.95 11.08 -46.08
CA ALA C 146 -23.92 11.72 -47.36
C ALA C 146 -23.98 13.17 -47.04
N LYS C 147 -23.69 14.03 -48.04
CA LYS C 147 -23.73 15.46 -47.87
C LYS C 147 -24.70 16.00 -48.87
N VAL C 148 -25.66 16.81 -48.39
CA VAL C 148 -26.64 17.47 -49.19
C VAL C 148 -26.28 18.92 -49.11
N GLN C 149 -26.24 19.58 -50.29
CA GLN C 149 -26.03 20.99 -50.41
C GLN C 149 -27.25 21.48 -51.10
N TRP C 150 -27.89 22.51 -50.52
CA TRP C 150 -29.03 23.15 -51.11
C TRP C 150 -28.51 24.42 -51.71
N LYS C 151 -28.90 24.68 -52.97
CA LYS C 151 -28.58 25.92 -53.62
C LYS C 151 -29.86 26.46 -54.16
N VAL C 152 -30.09 27.77 -53.93
CA VAL C 152 -31.21 28.48 -54.47
C VAL C 152 -30.58 29.60 -55.23
N ASP C 153 -30.76 29.57 -56.58
CA ASP C 153 -30.20 30.52 -57.53
C ASP C 153 -28.68 30.50 -57.48
N ASN C 154 -28.11 29.32 -57.17
CA ASN C 154 -26.69 29.03 -57.04
C ASN C 154 -26.13 29.50 -55.70
N ALA C 155 -26.93 30.22 -54.87
CA ALA C 155 -26.51 30.68 -53.57
C ALA C 155 -26.71 29.57 -52.58
N LEU C 156 -25.61 29.13 -51.91
CA LEU C 156 -25.65 28.09 -50.89
C LEU C 156 -26.55 28.49 -49.74
N GLN C 157 -27.50 27.59 -49.40
CA GLN C 157 -28.43 27.73 -48.31
C GLN C 157 -27.88 26.94 -47.16
N SER C 158 -27.74 27.59 -45.99
CA SER C 158 -27.22 26.96 -44.81
C SER C 158 -27.89 27.64 -43.66
N GLY C 159 -28.17 26.89 -42.57
CA GLY C 159 -28.73 27.41 -41.35
C GLY C 159 -30.20 27.67 -41.51
N ASN C 160 -30.88 26.81 -42.30
CA ASN C 160 -32.27 26.99 -42.66
C ASN C 160 -32.76 25.70 -43.25
N SER C 161 -31.91 24.65 -43.26
CA SER C 161 -32.26 23.33 -43.73
C SER C 161 -31.98 22.39 -42.59
N GLN C 162 -32.79 21.31 -42.51
CA GLN C 162 -32.68 20.30 -41.49
C GLN C 162 -32.62 19.01 -42.25
N GLU C 163 -31.75 18.08 -41.81
CA GLU C 163 -31.61 16.77 -42.40
C GLU C 163 -32.16 15.77 -41.43
N SER C 164 -32.72 14.67 -41.96
CA SER C 164 -33.20 13.56 -41.17
C SER C 164 -32.83 12.34 -41.97
N VAL C 165 -32.32 11.29 -41.31
CA VAL C 165 -31.90 10.08 -41.97
C VAL C 165 -32.77 9.04 -41.33
N THR C 166 -33.42 8.17 -42.16
CA THR C 166 -34.18 7.03 -41.68
C THR C 166 -33.26 6.04 -41.01
N GLU C 167 -33.80 5.30 -40.01
CA GLU C 167 -33.17 4.11 -39.48
C GLU C 167 -33.14 3.05 -40.55
N GLN C 168 -32.04 2.25 -40.60
CA GLN C 168 -31.70 1.25 -41.59
C GLN C 168 -32.87 0.51 -42.19
N ASP C 169 -32.94 0.52 -43.54
CA ASP C 169 -33.99 -0.11 -44.32
C ASP C 169 -33.96 -1.59 -44.15
N SER C 170 -35.15 -2.24 -44.21
CA SER C 170 -35.28 -3.65 -44.01
C SER C 170 -35.35 -4.31 -45.36
N LYS C 171 -35.40 -3.49 -46.44
CA LYS C 171 -35.43 -3.92 -47.81
C LYS C 171 -34.17 -4.60 -48.25
N ASP C 172 -32.99 -4.06 -47.85
CA ASP C 172 -31.72 -4.59 -48.29
C ASP C 172 -30.60 -3.98 -47.49
N SER C 173 -30.92 -3.12 -46.49
CA SER C 173 -29.99 -2.54 -45.55
C SER C 173 -29.39 -1.25 -46.03
N THR C 174 -30.12 -0.53 -46.92
CA THR C 174 -29.73 0.77 -47.41
C THR C 174 -30.25 1.81 -46.44
N TYR C 175 -29.88 3.09 -46.68
CA TYR C 175 -30.35 4.22 -45.92
C TYR C 175 -30.97 5.17 -46.90
N SER C 176 -31.91 5.99 -46.40
CA SER C 176 -32.52 7.06 -47.14
C SER C 176 -32.38 8.27 -46.28
N LEU C 177 -32.38 9.45 -46.90
CA LEU C 177 -32.11 10.69 -46.22
C LEU C 177 -33.02 11.67 -46.88
N SER C 178 -33.68 12.52 -46.06
CA SER C 178 -34.46 13.64 -46.52
C SER C 178 -33.73 14.85 -46.02
N SER C 179 -33.57 15.86 -46.89
CA SER C 179 -33.06 17.14 -46.52
C SER C 179 -34.18 18.06 -46.91
N THR C 180 -34.63 18.88 -45.94
CA THR C 180 -35.77 19.75 -46.10
C THR C 180 -35.23 21.12 -45.90
N LEU C 181 -35.29 21.95 -46.95
CA LEU C 181 -34.93 23.34 -46.89
C LEU C 181 -36.22 24.06 -46.65
N THR C 182 -36.25 24.91 -45.59
CA THR C 182 -37.45 25.63 -45.24
C THR C 182 -37.10 27.08 -45.39
N LEU C 183 -37.94 27.79 -46.17
CA LEU C 183 -37.85 29.19 -46.42
C LEU C 183 -39.23 29.71 -46.20
N SER C 184 -39.41 31.05 -46.09
CA SER C 184 -40.70 31.66 -46.19
C SER C 184 -41.19 31.60 -47.62
N LYS C 185 -42.52 31.71 -47.81
CA LYS C 185 -43.18 31.84 -49.09
C LYS C 185 -42.69 33.04 -49.84
N ALA C 186 -42.51 34.18 -49.13
CA ALA C 186 -42.08 35.44 -49.68
C ALA C 186 -40.68 35.36 -50.28
N ASP C 187 -39.76 34.61 -49.64
CA ASP C 187 -38.45 34.28 -50.18
C ASP C 187 -38.56 33.36 -51.37
N TYR C 188 -39.44 32.34 -51.29
CA TYR C 188 -39.65 31.33 -52.30
C TYR C 188 -40.06 31.90 -53.64
N GLU C 189 -40.95 32.92 -53.64
CA GLU C 189 -41.50 33.54 -54.82
C GLU C 189 -40.52 34.48 -55.48
N LYS C 190 -39.41 34.82 -54.79
CA LYS C 190 -38.37 35.71 -55.29
C LYS C 190 -37.24 34.91 -55.88
N HIS C 191 -37.40 33.57 -55.95
CA HIS C 191 -36.38 32.67 -56.43
C HIS C 191 -37.11 31.75 -57.37
N LYS C 192 -36.36 31.09 -58.28
CA LYS C 192 -36.96 30.26 -59.30
C LYS C 192 -36.29 28.92 -59.26
N VAL C 193 -34.94 28.91 -59.20
CA VAL C 193 -34.18 27.70 -59.39
C VAL C 193 -33.93 27.13 -58.02
N TYR C 194 -34.46 25.91 -57.80
CA TYR C 194 -34.31 25.17 -56.58
C TYR C 194 -33.54 23.95 -56.92
N ALA C 195 -32.34 23.80 -56.33
CA ALA C 195 -31.43 22.75 -56.69
C ALA C 195 -31.02 22.06 -55.43
N CYS C 196 -30.99 20.71 -55.49
CA CYS C 196 -30.47 19.87 -54.46
C CYS C 196 -29.31 19.19 -55.14
N GLU C 197 -28.10 19.44 -54.62
CA GLU C 197 -26.89 18.81 -55.07
C GLU C 197 -26.53 17.82 -54.01
N VAL C 198 -26.26 16.56 -54.43
CA VAL C 198 -25.97 15.47 -53.54
C VAL C 198 -24.59 15.04 -53.88
N THR C 199 -23.72 15.01 -52.85
CA THR C 199 -22.35 14.54 -52.96
C THR C 199 -22.34 13.34 -52.07
N HIS C 200 -21.82 12.19 -52.59
CA HIS C 200 -21.81 10.97 -51.83
C HIS C 200 -20.71 10.13 -52.41
N GLN C 201 -20.23 9.15 -51.59
CA GLN C 201 -19.19 8.20 -51.88
C GLN C 201 -19.61 7.29 -53.02
N GLY C 202 -20.92 6.90 -53.04
CA GLY C 202 -21.51 6.08 -54.07
C GLY C 202 -21.51 6.75 -55.41
N LEU C 203 -21.66 8.09 -55.43
CA LEU C 203 -21.58 8.90 -56.62
C LEU C 203 -20.13 9.11 -56.98
N SER C 204 -19.86 9.30 -58.29
CA SER C 204 -18.52 9.57 -58.78
C SER C 204 -18.41 11.02 -59.16
N SER C 205 -19.55 11.74 -59.25
CA SER C 205 -19.57 13.18 -59.42
C SER C 205 -20.85 13.60 -58.74
N PRO C 206 -20.95 14.76 -58.08
CA PRO C 206 -22.19 15.29 -57.51
C PRO C 206 -23.35 15.29 -58.49
N VAL C 207 -24.52 14.77 -58.08
CA VAL C 207 -25.70 14.72 -58.90
C VAL C 207 -26.60 15.81 -58.40
N THR C 208 -26.98 16.73 -59.31
CA THR C 208 -27.84 17.83 -58.98
C THR C 208 -29.15 17.53 -59.67
N LYS C 209 -30.26 17.61 -58.90
CA LYS C 209 -31.61 17.55 -59.38
C LYS C 209 -32.24 18.85 -59.01
N SER C 210 -33.00 19.45 -59.96
CA SER C 210 -33.46 20.80 -59.81
C SER C 210 -34.77 20.90 -60.52
N PHE C 211 -35.54 21.96 -60.16
CA PHE C 211 -36.74 22.30 -60.85
C PHE C 211 -36.75 23.81 -60.90
N ASN C 212 -37.55 24.35 -61.84
CA ASN C 212 -37.87 25.75 -61.96
C ASN C 212 -39.26 25.89 -61.44
N ARG C 213 -39.48 26.93 -60.59
CA ARG C 213 -40.74 27.24 -59.95
C ARG C 213 -41.84 27.46 -60.95
N GLY C 214 -43.06 26.99 -60.60
CA GLY C 214 -44.22 27.05 -61.45
C GLY C 214 -44.88 25.70 -61.49
N GLU C 215 -44.42 24.75 -60.66
CA GLU C 215 -45.04 23.45 -60.48
C GLU C 215 -45.89 23.52 -59.26
N MET D 1 73.87 -14.31 16.65
CA MET D 1 73.14 -13.26 17.26
C MET D 1 72.94 -12.18 16.24
N ASN D 2 71.83 -11.43 16.39
CA ASN D 2 71.43 -10.38 15.48
C ASN D 2 71.61 -9.07 16.21
N GLY D 3 71.98 -9.13 17.51
CA GLY D 3 72.23 -7.96 18.30
C GLY D 3 73.42 -8.17 19.17
N THR D 4 73.42 -7.44 20.31
CA THR D 4 74.47 -7.38 21.29
C THR D 4 73.82 -7.29 22.63
N GLU D 5 74.08 -8.29 23.52
CA GLU D 5 73.48 -8.30 24.84
C GLU D 5 74.38 -7.44 25.71
N GLY D 6 73.78 -6.83 26.74
CA GLY D 6 74.45 -5.95 27.64
C GLY D 6 73.94 -6.27 29.01
N PRO D 7 74.20 -5.41 29.99
CA PRO D 7 73.80 -5.61 31.36
C PRO D 7 72.32 -5.32 31.52
N ASN D 8 71.71 -4.51 30.63
CA ASN D 8 70.31 -4.19 30.72
C ASN D 8 69.81 -3.68 29.40
N PHE D 9 70.57 -3.85 28.30
CA PHE D 9 70.13 -3.44 26.99
C PHE D 9 70.36 -4.55 26.02
N TYR D 10 69.63 -4.53 24.89
CA TYR D 10 69.77 -5.45 23.81
C TYR D 10 69.55 -4.64 22.57
N VAL D 11 70.64 -4.13 21.95
CA VAL D 11 70.57 -3.40 20.70
C VAL D 11 70.27 -4.43 19.61
N PRO D 12 69.17 -4.37 18.82
CA PRO D 12 68.82 -5.37 17.81
C PRO D 12 69.64 -5.20 16.55
N PHE D 13 70.72 -4.40 16.62
CA PHE D 13 71.68 -4.21 15.58
C PHE D 13 72.95 -4.65 16.24
N SER D 14 73.66 -5.62 15.62
CA SER D 14 74.90 -6.16 16.13
C SER D 14 75.95 -5.08 16.12
N ASN D 15 76.80 -5.06 17.16
CA ASN D 15 77.84 -4.07 17.33
C ASN D 15 79.10 -4.67 16.78
N LYS D 16 79.75 -3.91 15.88
CA LYS D 16 80.97 -4.28 15.23
C LYS D 16 81.44 -3.05 14.51
N THR D 17 80.65 -1.95 14.60
CA THR D 17 80.98 -0.64 14.08
C THR D 17 81.00 0.21 15.31
N GLY D 18 82.21 0.68 15.69
CA GLY D 18 82.45 1.53 16.83
C GLY D 18 82.23 0.79 18.12
N VAL D 19 82.35 1.54 19.26
CA VAL D 19 82.18 1.03 20.60
C VAL D 19 80.73 0.71 20.84
N VAL D 20 80.43 -0.24 21.77
CA VAL D 20 79.07 -0.67 22.04
C VAL D 20 78.27 0.48 22.60
N ARG D 21 77.09 0.74 21.99
CA ARG D 21 76.22 1.81 22.39
C ARG D 21 75.25 1.28 23.40
N SER D 22 74.82 2.17 24.30
CA SER D 22 73.70 1.95 25.19
C SER D 22 72.61 2.77 24.53
N PRO D 23 71.41 2.28 24.31
CA PRO D 23 70.33 3.05 23.73
C PRO D 23 69.79 4.06 24.71
N PHE D 24 69.89 3.77 26.02
CA PHE D 24 69.50 4.63 27.10
C PHE D 24 70.32 5.89 27.17
N GLU D 25 71.64 5.78 26.93
CA GLU D 25 72.58 6.84 27.19
C GLU D 25 73.01 7.43 25.87
N ALA D 26 73.84 6.67 25.11
CA ALA D 26 74.41 7.10 23.85
C ALA D 26 73.33 7.31 22.79
N PRO D 27 73.48 8.26 21.87
CA PRO D 27 72.48 8.55 20.86
C PRO D 27 72.57 7.49 19.78
N GLN D 28 71.41 7.04 19.26
CA GLN D 28 71.33 5.94 18.34
C GLN D 28 71.00 6.50 16.99
N TYR D 29 71.95 6.31 16.05
CA TYR D 29 71.92 6.90 14.73
C TYR D 29 72.84 6.06 13.87
N TYR D 30 73.27 4.88 14.38
CA TYR D 30 74.10 3.93 13.68
C TYR D 30 73.22 2.74 13.40
N LEU D 31 71.88 2.96 13.46
CA LEU D 31 70.91 1.93 13.21
C LEU D 31 69.63 2.58 12.78
N ALA D 32 69.64 3.92 12.62
CA ALA D 32 68.51 4.68 12.14
C ALA D 32 69.07 5.99 11.68
N GLU D 33 68.21 6.85 11.08
CA GLU D 33 68.60 8.14 10.56
C GLU D 33 67.61 9.13 11.11
N PRO D 34 67.91 10.44 11.16
CA PRO D 34 67.00 11.47 11.65
C PRO D 34 65.66 11.52 10.95
N TRP D 35 65.60 11.21 9.64
CA TRP D 35 64.37 11.28 8.86
C TRP D 35 63.44 10.17 9.30
N GLN D 36 63.99 8.96 9.55
CA GLN D 36 63.28 7.80 10.04
C GLN D 36 62.63 8.03 11.39
N PHE D 37 63.29 8.83 12.27
CA PHE D 37 62.76 9.26 13.53
C PHE D 37 61.62 10.23 13.40
N SER D 38 61.67 11.13 12.39
CA SER D 38 60.61 12.07 12.10
C SER D 38 59.36 11.33 11.65
N MET D 39 59.53 10.29 10.78
CA MET D 39 58.47 9.43 10.33
C MET D 39 57.88 8.59 11.44
N LEU D 40 58.73 8.10 12.38
CA LEU D 40 58.33 7.40 13.58
C LEU D 40 57.44 8.25 14.45
N ALA D 41 57.88 9.51 14.71
CA ALA D 41 57.16 10.47 15.52
C ALA D 41 55.83 10.85 14.92
N ALA D 42 55.79 11.05 13.58
CA ALA D 42 54.59 11.31 12.82
C ALA D 42 53.58 10.20 12.97
N TYR D 43 54.05 8.94 12.82
CA TYR D 43 53.25 7.74 12.93
C TYR D 43 52.65 7.54 14.31
N MET D 44 53.43 7.76 15.38
CA MET D 44 52.95 7.65 16.74
C MET D 44 51.94 8.70 17.11
N PHE D 45 52.09 9.91 16.54
CA PHE D 45 51.20 11.03 16.75
C PHE D 45 49.84 10.71 16.17
N LEU D 46 49.83 10.21 14.91
CA LEU D 46 48.68 9.68 14.19
C LEU D 46 47.88 8.68 15.01
N LEU D 47 48.53 7.62 15.54
CA LEU D 47 47.89 6.58 16.31
C LEU D 47 47.17 7.07 17.55
N ILE D 48 47.66 8.17 18.19
CA ILE D 48 47.05 8.79 19.34
C ILE D 48 45.80 9.53 18.88
N MET D 49 45.97 10.38 17.83
CA MET D 49 44.93 11.20 17.22
C MET D 49 43.72 10.44 16.74
N LEU D 50 43.92 9.21 16.21
CA LEU D 50 42.85 8.34 15.76
C LEU D 50 42.34 7.51 16.90
N GLY D 51 43.26 6.87 17.66
CA GLY D 51 42.96 5.89 18.68
C GLY D 51 42.08 6.39 19.79
N PHE D 52 42.35 7.60 20.33
CA PHE D 52 41.61 8.14 21.44
C PHE D 52 40.14 8.44 21.12
N PRO D 53 39.76 9.12 20.03
CA PRO D 53 38.35 9.34 19.67
C PRO D 53 37.58 8.06 19.46
N ILE D 54 38.12 7.11 18.65
CA ILE D 54 37.52 5.84 18.32
C ILE D 54 37.14 5.04 19.56
N ASN D 55 38.05 4.99 20.56
CA ASN D 55 37.87 4.21 21.77
C ASN D 55 36.97 4.93 22.73
N PHE D 56 37.00 6.28 22.75
CA PHE D 56 36.14 7.09 23.59
C PHE D 56 34.69 6.90 23.20
N LEU D 57 34.37 6.96 21.89
CA LEU D 57 33.06 6.71 21.32
C LEU D 57 32.44 5.40 21.72
N THR D 58 33.26 4.31 21.74
CA THR D 58 32.83 2.96 22.09
C THR D 58 32.27 2.88 23.50
N LEU D 59 32.95 3.55 24.45
CA LEU D 59 32.51 3.66 25.83
C LEU D 59 31.31 4.56 25.98
N TYR D 60 31.31 5.68 25.22
CA TYR D 60 30.37 6.77 25.32
C TYR D 60 28.97 6.38 24.94
N VAL D 61 28.79 5.73 23.77
CA VAL D 61 27.51 5.32 23.23
C VAL D 61 26.76 4.35 24.14
N THR D 62 27.49 3.48 24.88
CA THR D 62 26.94 2.47 25.75
C THR D 62 26.29 3.03 26.99
N VAL D 63 26.85 4.14 27.53
CA VAL D 63 26.38 4.79 28.73
C VAL D 63 25.03 5.44 28.57
N GLN D 64 24.64 5.82 27.33
CA GLN D 64 23.43 6.57 27.10
C GLN D 64 22.32 5.72 26.53
N HIS D 65 22.56 4.41 26.32
CA HIS D 65 21.52 3.51 25.89
C HIS D 65 21.58 2.31 26.78
N LYS D 66 20.51 2.14 27.61
CA LYS D 66 20.23 1.00 28.46
C LYS D 66 20.53 -0.35 27.87
N LYS D 67 19.95 -0.64 26.67
CA LYS D 67 20.05 -1.91 25.98
C LYS D 67 21.45 -2.29 25.55
N LEU D 68 22.39 -1.32 25.46
CA LEU D 68 23.78 -1.54 25.13
C LEU D 68 24.55 -2.03 26.32
N ARG D 69 24.05 -1.78 27.56
CA ARG D 69 24.75 -2.11 28.79
C ARG D 69 24.60 -3.59 29.12
N THR D 70 24.19 -4.41 28.12
CA THR D 70 24.07 -5.84 28.18
C THR D 70 25.42 -6.50 28.39
N PRO D 71 25.50 -7.67 29.03
CA PRO D 71 26.74 -8.39 29.34
C PRO D 71 27.71 -8.58 28.21
N LEU D 72 27.21 -8.89 27.00
CA LEU D 72 28.00 -9.23 25.83
C LEU D 72 28.74 -8.07 25.21
N ASN D 73 28.50 -6.83 25.68
CA ASN D 73 29.14 -5.65 25.17
C ASN D 73 30.30 -5.29 26.08
N TYR D 74 30.34 -5.81 27.33
CA TYR D 74 31.42 -5.62 28.30
C TYR D 74 32.81 -5.85 27.73
N ILE D 75 33.00 -6.96 26.99
CA ILE D 75 34.27 -7.35 26.40
C ILE D 75 34.75 -6.36 25.36
N LEU D 76 33.81 -5.74 24.62
CA LEU D 76 34.07 -4.70 23.64
C LEU D 76 34.52 -3.41 24.30
N LEU D 77 33.90 -3.04 25.45
CA LEU D 77 34.32 -1.90 26.26
C LEU D 77 35.73 -2.11 26.76
N ASN D 78 36.03 -3.34 27.22
CA ASN D 78 37.31 -3.80 27.71
C ASN D 78 38.39 -3.66 26.65
N LEU D 79 38.11 -4.11 25.41
CA LEU D 79 38.94 -3.94 24.23
C LEU D 79 39.31 -2.49 23.98
N ALA D 80 38.32 -1.57 24.08
CA ALA D 80 38.54 -0.14 23.88
C ALA D 80 39.47 0.45 24.90
N VAL D 81 39.35 0.02 26.18
CA VAL D 81 40.21 0.38 27.29
C VAL D 81 41.63 -0.11 27.08
N ALA D 82 41.78 -1.39 26.64
CA ALA D 82 43.03 -2.04 26.31
C ALA D 82 43.85 -1.25 25.31
N ASP D 83 43.18 -0.81 24.23
CA ASP D 83 43.71 0.02 23.17
C ASP D 83 44.22 1.34 23.70
N LEU D 84 43.52 1.95 24.68
CA LEU D 84 43.89 3.21 25.29
C LEU D 84 45.12 3.08 26.14
N PHE D 85 45.32 1.92 26.83
CA PHE D 85 46.57 1.59 27.50
C PHE D 85 47.76 1.65 26.56
N MET D 86 47.63 1.06 25.35
CA MET D 86 48.64 1.15 24.31
C MET D 86 48.91 2.57 23.86
N VAL D 87 47.88 3.45 23.86
CA VAL D 87 47.97 4.80 23.35
C VAL D 87 48.78 5.68 24.27
N PHE D 88 48.51 5.62 25.60
CA PHE D 88 49.11 6.54 26.54
C PHE D 88 50.35 5.95 27.17
N GLY D 89 50.42 4.61 27.26
CA GLY D 89 51.56 3.90 27.77
C GLY D 89 52.66 3.76 26.77
N GLY D 90 52.30 3.37 25.53
CA GLY D 90 53.26 3.03 24.52
C GLY D 90 53.54 4.20 23.63
N PHE D 91 52.51 4.62 22.84
CA PHE D 91 52.63 5.54 21.72
C PHE D 91 53.15 6.89 22.13
N THR D 92 52.62 7.45 23.24
CA THR D 92 52.97 8.77 23.75
C THR D 92 54.41 8.83 24.18
N THR D 93 54.86 7.84 24.98
CA THR D 93 56.25 7.65 25.37
C THR D 93 57.19 7.61 24.18
N THR D 94 56.85 6.78 23.15
CA THR D 94 57.65 6.57 21.96
C THR D 94 57.75 7.82 21.13
N LEU D 95 56.67 8.64 21.10
CA LEU D 95 56.62 9.94 20.46
C LEU D 95 57.60 10.89 21.08
N TYR D 96 57.66 10.94 22.44
CA TYR D 96 58.60 11.76 23.18
C TYR D 96 60.05 11.40 22.87
N THR D 97 60.38 10.08 23.00
CA THR D 97 61.72 9.53 22.83
C THR D 97 62.28 9.71 21.44
N SER D 98 61.43 9.47 20.40
CA SER D 98 61.79 9.56 18.99
C SER D 98 62.39 10.87 18.57
N LEU D 99 61.98 12.00 19.20
CA LEU D 99 62.45 13.31 18.85
C LEU D 99 63.84 13.58 19.38
N HIS D 100 64.30 12.79 20.39
CA HIS D 100 65.68 12.77 20.82
C HIS D 100 66.48 11.82 19.96
N GLY D 101 65.79 10.82 19.37
CA GLY D 101 66.35 9.82 18.48
C GLY D 101 66.92 8.66 19.24
N TYR D 102 66.61 8.57 20.56
CA TYR D 102 67.04 7.45 21.37
C TYR D 102 66.17 7.49 22.59
N PHE D 103 66.24 6.42 23.42
CA PHE D 103 65.36 6.23 24.55
C PHE D 103 65.99 7.02 25.68
N VAL D 104 65.25 8.00 26.26
CA VAL D 104 65.80 8.95 27.19
C VAL D 104 65.25 8.75 28.58
N PHE D 105 64.36 7.74 28.80
CA PHE D 105 63.78 7.52 30.11
C PHE D 105 64.53 6.45 30.85
N GLY D 106 65.59 5.85 30.23
CA GLY D 106 66.48 4.94 30.91
C GLY D 106 65.90 3.56 31.09
N PRO D 107 66.64 2.63 31.70
CA PRO D 107 66.24 1.24 31.92
C PRO D 107 64.94 1.10 32.66
N THR D 108 64.69 1.95 33.68
CA THR D 108 63.48 1.93 34.48
C THR D 108 62.29 2.36 33.65
N GLY D 109 62.46 3.44 32.85
CA GLY D 109 61.51 3.93 31.89
C GLY D 109 61.08 2.90 30.89
N CYS D 110 62.07 2.13 30.36
CA CYS D 110 61.90 1.03 29.45
C CYS D 110 61.01 -0.05 30.01
N ASN D 111 61.18 -0.37 31.31
CA ASN D 111 60.39 -1.37 31.99
C ASN D 111 58.95 -0.92 32.15
N LEU D 112 58.74 0.36 32.53
CA LEU D 112 57.44 1.00 32.63
C LEU D 112 56.68 1.03 31.32
N GLU D 113 57.28 1.66 30.28
CA GLU D 113 56.73 1.82 28.95
C GLU D 113 56.41 0.51 28.29
N GLY D 114 57.33 -0.47 28.44
CA GLY D 114 57.24 -1.81 27.91
C GLY D 114 56.14 -2.57 28.58
N PHE D 115 55.92 -2.31 29.89
CA PHE D 115 54.89 -2.95 30.67
C PHE D 115 53.53 -2.50 30.21
N PHE D 116 53.32 -1.17 30.04
CA PHE D 116 52.04 -0.63 29.66
C PHE D 116 51.65 -0.98 28.24
N ALA D 117 52.64 -0.97 27.31
CA ALA D 117 52.43 -1.33 25.92
C ALA D 117 52.05 -2.78 25.76
N THR D 118 52.79 -3.69 26.43
CA THR D 118 52.55 -5.12 26.44
C THR D 118 51.24 -5.46 27.08
N LEU D 119 50.95 -4.89 28.28
CA LEU D 119 49.71 -5.03 29.02
C LEU D 119 48.51 -4.73 28.17
N GLY D 120 48.52 -3.54 27.53
CA GLY D 120 47.56 -3.06 26.57
C GLY D 120 47.27 -4.04 25.48
N GLY D 121 48.32 -4.40 24.71
CA GLY D 121 48.28 -5.34 23.61
C GLY D 121 47.80 -6.72 23.95
N GLU D 122 48.07 -7.18 25.19
CA GLU D 122 47.73 -8.50 25.64
C GLU D 122 46.29 -8.56 26.07
N ILE D 123 45.77 -7.53 26.76
CA ILE D 123 44.36 -7.41 27.09
C ILE D 123 43.54 -7.38 25.82
N ALA D 124 44.03 -6.63 24.79
CA ALA D 124 43.45 -6.56 23.47
C ALA D 124 43.38 -7.91 22.80
N LEU D 125 44.52 -8.63 22.73
CA LEU D 125 44.68 -9.98 22.22
C LEU D 125 43.65 -10.93 22.76
N TRP D 126 43.57 -11.02 24.11
CA TRP D 126 42.69 -11.92 24.82
C TRP D 126 41.25 -11.47 24.76
N SER D 127 40.98 -10.16 24.56
CA SER D 127 39.65 -9.64 24.29
C SER D 127 39.09 -10.22 23.03
N LEU D 128 39.86 -10.16 21.90
CA LEU D 128 39.50 -10.75 20.62
C LEU D 128 39.14 -12.22 20.70
N VAL D 129 39.81 -12.96 21.61
CA VAL D 129 39.60 -14.37 21.85
C VAL D 129 38.29 -14.58 22.56
N VAL D 130 38.10 -13.91 23.74
CA VAL D 130 36.89 -13.93 24.53
C VAL D 130 35.65 -13.55 23.73
N LEU D 131 35.76 -12.50 22.90
CA LEU D 131 34.73 -12.01 22.01
C LEU D 131 34.24 -13.05 21.04
N ALA D 132 35.19 -13.80 20.43
CA ALA D 132 34.93 -14.90 19.54
C ALA D 132 34.21 -16.04 20.25
N ILE D 133 34.62 -16.35 21.51
CA ILE D 133 33.99 -17.31 22.39
C ILE D 133 32.55 -16.94 22.63
N GLU D 134 32.28 -15.68 23.08
CA GLU D 134 30.95 -15.17 23.33
C GLU D 134 30.03 -15.29 22.14
N ARG D 135 30.54 -14.95 20.93
CA ARG D 135 29.81 -15.07 19.68
C ARG D 135 29.47 -16.50 19.33
N TYR D 136 30.42 -17.44 19.56
CA TYR D 136 30.25 -18.86 19.36
C TYR D 136 29.17 -19.44 20.26
N VAL D 137 29.21 -19.11 21.58
CA VAL D 137 28.25 -19.55 22.57
C VAL D 137 26.85 -19.09 22.26
N VAL D 138 26.69 -17.77 21.99
CA VAL D 138 25.42 -17.13 21.76
C VAL D 138 24.72 -17.62 20.51
N VAL D 139 25.46 -17.80 19.39
CA VAL D 139 24.83 -18.01 18.10
C VAL D 139 24.71 -19.49 17.79
N CYS D 140 25.81 -20.25 17.95
CA CYS D 140 25.87 -21.65 17.59
C CYS D 140 25.18 -22.57 18.55
N LYS D 141 24.95 -22.09 19.80
CA LYS D 141 24.25 -22.81 20.84
C LYS D 141 24.92 -24.11 21.25
N PRO D 142 26.19 -24.17 21.67
CA PRO D 142 26.88 -25.42 21.96
C PRO D 142 26.37 -25.99 23.26
N MET D 143 25.93 -25.11 24.18
CA MET D 143 25.42 -25.47 25.47
C MET D 143 24.06 -24.83 25.50
N SER D 144 23.01 -25.68 25.63
CA SER D 144 21.64 -25.24 25.64
C SER D 144 21.24 -25.02 27.06
N ASN D 145 20.27 -24.09 27.27
CA ASN D 145 19.67 -23.77 28.55
C ASN D 145 20.60 -22.95 29.39
N PHE D 146 21.20 -21.91 28.75
CA PHE D 146 22.07 -20.96 29.41
C PHE D 146 21.79 -19.64 28.77
N ARG D 147 21.84 -18.59 29.59
CA ARG D 147 21.66 -17.22 29.20
C ARG D 147 22.99 -16.61 29.53
N PHE D 148 23.50 -15.70 28.68
CA PHE D 148 24.77 -15.08 28.88
C PHE D 148 24.51 -13.88 29.76
N GLY D 149 24.70 -14.07 31.09
CA GLY D 149 24.39 -13.09 32.10
C GLY D 149 25.63 -12.34 32.47
N GLU D 150 25.44 -11.31 33.33
CA GLU D 150 26.44 -10.39 33.83
C GLU D 150 27.67 -11.04 34.37
N ASN D 151 27.49 -12.12 35.19
CA ASN D 151 28.54 -12.85 35.86
C ASN D 151 29.51 -13.48 34.90
N HIS D 152 29.00 -14.08 33.80
CA HIS D 152 29.79 -14.74 32.78
C HIS D 152 30.69 -13.75 32.06
N ALA D 153 30.13 -12.58 31.71
CA ALA D 153 30.81 -11.46 31.10
C ALA D 153 31.99 -10.96 31.89
N ILE D 154 31.79 -10.80 33.23
CA ILE D 154 32.79 -10.34 34.17
C ILE D 154 33.94 -11.31 34.24
N MET D 155 33.65 -12.64 34.33
CA MET D 155 34.64 -13.70 34.28
C MET D 155 35.49 -13.63 33.02
N GLY D 156 34.83 -13.48 31.84
CA GLY D 156 35.45 -13.27 30.55
C GLY D 156 36.43 -12.14 30.50
N VAL D 157 36.04 -10.96 31.06
CA VAL D 157 36.85 -9.75 31.16
C VAL D 157 38.05 -9.99 32.04
N ALA D 158 37.83 -10.57 33.23
CA ALA D 158 38.83 -10.91 34.22
C ALA D 158 39.90 -11.81 33.67
N PHE D 159 39.51 -12.83 32.86
CA PHE D 159 40.39 -13.75 32.20
C PHE D 159 41.42 -13.07 31.31
N THR D 160 41.04 -11.99 30.57
CA THR D 160 41.94 -11.30 29.66
C THR D 160 43.02 -10.59 30.44
N TRP D 161 42.64 -9.95 31.57
CA TRP D 161 43.53 -9.30 32.50
C TRP D 161 44.56 -10.23 33.08
N VAL D 162 44.12 -11.42 33.57
CA VAL D 162 44.98 -12.42 34.18
C VAL D 162 46.03 -12.94 33.21
N MET D 163 45.61 -13.31 31.98
CA MET D 163 46.49 -13.73 30.92
C MET D 163 47.47 -12.68 30.47
N ALA D 164 47.04 -11.40 30.52
CA ALA D 164 47.83 -10.26 30.08
C ALA D 164 48.94 -9.98 31.06
N LEU D 165 48.61 -9.98 32.37
CA LEU D 165 49.53 -9.91 33.48
C LEU D 165 50.52 -11.04 33.45
N ALA D 166 50.07 -12.28 33.10
CA ALA D 166 50.91 -13.44 32.91
C ALA D 166 52.01 -13.29 31.87
N CYS D 167 51.97 -12.22 31.04
CA CYS D 167 52.92 -11.98 29.98
C CYS D 167 53.67 -10.72 30.32
N ALA D 168 52.95 -9.64 30.72
CA ALA D 168 53.53 -8.35 30.98
C ALA D 168 54.34 -8.30 32.26
N ALA D 169 53.97 -9.10 33.29
CA ALA D 169 54.63 -9.12 34.58
C ALA D 169 55.96 -9.85 34.57
N PRO D 170 56.17 -11.05 33.98
CA PRO D 170 57.46 -11.73 33.93
C PRO D 170 58.69 -10.92 33.57
N PRO D 171 58.80 -10.05 32.57
CA PRO D 171 60.05 -9.33 32.29
C PRO D 171 60.44 -8.34 33.37
N LEU D 172 59.55 -8.03 34.34
CA LEU D 172 59.84 -7.13 35.42
C LEU D 172 60.52 -7.81 36.58
N VAL D 173 60.49 -9.16 36.63
CA VAL D 173 61.00 -9.93 37.74
C VAL D 173 62.16 -10.77 37.27
N GLY D 174 62.61 -10.55 36.01
CA GLY D 174 63.88 -11.05 35.52
C GLY D 174 63.70 -12.30 34.72
N TRP D 175 62.42 -12.74 34.50
CA TRP D 175 62.11 -13.85 33.63
C TRP D 175 61.90 -13.21 32.28
N SER D 176 62.98 -13.16 31.48
CA SER D 176 63.15 -12.29 30.33
C SER D 176 63.26 -10.85 30.79
N ARG D 177 63.28 -9.87 29.86
CA ARG D 177 63.48 -8.49 30.19
C ARG D 177 62.88 -7.66 29.11
N TYR D 178 62.55 -6.38 29.44
CA TYR D 178 62.17 -5.39 28.45
C TYR D 178 63.45 -4.70 28.10
N ILE D 179 63.64 -4.48 26.78
CA ILE D 179 64.82 -3.84 26.26
C ILE D 179 64.36 -3.19 24.98
N PRO D 180 64.95 -2.06 24.52
CA PRO D 180 64.60 -1.42 23.27
C PRO D 180 64.56 -2.33 22.06
N GLU D 181 63.53 -2.15 21.21
CA GLU D 181 63.36 -2.83 19.96
C GLU D 181 63.36 -1.73 18.94
N GLY D 182 63.35 -2.11 17.63
CA GLY D 182 63.21 -1.19 16.52
C GLY D 182 64.33 -0.20 16.41
N MET D 183 63.97 1.10 16.38
CA MET D 183 64.89 2.19 16.17
C MET D 183 65.38 2.72 17.50
N GLN D 184 64.99 2.06 18.62
CA GLN D 184 65.53 2.25 19.95
C GLN D 184 64.77 3.30 20.69
N CYS D 185 63.45 3.40 20.43
CA CYS D 185 62.60 4.41 21.01
C CYS D 185 61.35 3.76 21.54
N SER D 186 61.23 2.43 21.41
CA SER D 186 60.17 1.69 22.06
C SER D 186 60.83 0.44 22.56
N CYS D 187 60.25 -0.15 23.62
CA CYS D 187 60.77 -1.31 24.30
C CYS D 187 59.81 -2.43 24.07
N GLY D 188 60.34 -3.60 23.64
CA GLY D 188 59.54 -4.79 23.50
C GLY D 188 60.16 -5.83 24.36
N ILE D 189 59.67 -7.07 24.18
CA ILE D 189 60.10 -8.27 24.85
C ILE D 189 61.34 -8.77 24.17
N ASP D 190 62.34 -9.25 24.97
CA ASP D 190 63.56 -9.83 24.45
C ASP D 190 63.25 -11.27 24.09
N TYR D 191 63.62 -11.65 22.84
CA TYR D 191 63.37 -12.96 22.30
C TYR D 191 64.37 -13.13 21.18
N TYR D 192 65.28 -12.14 21.06
CA TYR D 192 66.28 -12.01 20.02
C TYR D 192 67.44 -12.91 20.35
N THR D 193 67.55 -13.31 21.63
CA THR D 193 68.51 -14.24 22.13
C THR D 193 67.69 -15.12 23.04
N PRO D 194 67.14 -16.24 22.62
CA PRO D 194 66.39 -17.10 23.52
C PRO D 194 67.37 -18.06 24.13
N HIS D 195 67.94 -17.67 25.30
CA HIS D 195 68.97 -18.40 25.98
C HIS D 195 68.65 -18.34 27.43
N GLU D 196 69.10 -19.40 28.16
CA GLU D 196 68.87 -19.67 29.56
C GLU D 196 69.42 -18.58 30.44
N GLU D 197 70.62 -18.06 30.08
CA GLU D 197 71.41 -17.09 30.80
C GLU D 197 70.72 -15.75 31.04
N THR D 198 69.65 -15.45 30.27
CA THR D 198 68.91 -14.22 30.37
C THR D 198 67.47 -14.56 30.69
N ASN D 199 67.14 -15.88 30.67
CA ASN D 199 65.89 -16.52 31.05
C ASN D 199 64.88 -16.39 29.95
N ASN D 200 65.30 -15.77 28.81
CA ASN D 200 64.56 -15.55 27.59
C ASN D 200 63.99 -16.81 27.01
N GLU D 201 64.78 -17.92 27.00
CA GLU D 201 64.45 -19.15 26.30
C GLU D 201 63.14 -19.76 26.73
N SER D 202 62.96 -19.94 28.05
CA SER D 202 61.75 -20.49 28.64
C SER D 202 60.55 -19.61 28.42
N PHE D 203 60.74 -18.27 28.53
CA PHE D 203 59.71 -17.28 28.33
C PHE D 203 59.18 -17.30 26.91
N VAL D 204 60.08 -17.39 25.91
CA VAL D 204 59.75 -17.41 24.49
C VAL D 204 58.90 -18.60 24.14
N ILE D 205 59.21 -19.79 24.73
CA ILE D 205 58.43 -21.00 24.54
C ILE D 205 57.05 -20.82 25.12
N TYR D 206 56.96 -20.31 26.37
CA TYR D 206 55.72 -20.02 27.06
C TYR D 206 54.81 -19.09 26.28
N MET D 207 55.36 -17.95 25.81
CA MET D 207 54.71 -16.97 24.98
C MET D 207 54.17 -17.52 23.68
N PHE D 208 55.01 -18.24 22.92
CA PHE D 208 54.65 -18.79 21.63
C PHE D 208 53.50 -19.76 21.74
N VAL D 209 53.51 -20.64 22.75
CA VAL D 209 52.48 -21.64 22.91
C VAL D 209 51.22 -21.03 23.49
N VAL D 210 51.31 -20.46 24.72
CA VAL D 210 50.15 -20.04 25.48
C VAL D 210 49.51 -18.78 24.96
N HIS D 211 50.31 -17.82 24.43
CA HIS D 211 49.83 -16.51 24.09
C HIS D 211 49.73 -16.30 22.60
N PHE D 212 50.11 -17.29 21.74
CA PHE D 212 49.87 -17.16 20.32
C PHE D 212 49.11 -18.35 19.81
N ILE D 213 49.66 -19.58 19.95
CA ILE D 213 49.08 -20.80 19.42
C ILE D 213 47.70 -21.07 19.98
N ILE D 214 47.53 -21.08 21.32
CA ILE D 214 46.24 -21.17 22.00
C ILE D 214 45.21 -20.18 21.43
N PRO D 215 45.37 -18.85 21.48
CA PRO D 215 44.54 -17.87 20.78
C PRO D 215 44.20 -18.20 19.34
N LEU D 216 45.21 -18.57 18.52
CA LEU D 216 45.11 -18.88 17.10
C LEU D 216 44.14 -20.01 16.84
N ILE D 217 44.23 -21.09 17.66
CA ILE D 217 43.34 -22.24 17.61
C ILE D 217 41.92 -21.82 17.94
N VAL D 218 41.73 -21.09 19.07
CA VAL D 218 40.43 -20.63 19.53
C VAL D 218 39.72 -19.77 18.51
N ILE D 219 40.42 -18.77 17.92
CA ILE D 219 39.93 -17.87 16.90
C ILE D 219 39.42 -18.61 15.69
N PHE D 220 40.20 -19.58 15.17
CA PHE D 220 39.84 -20.40 14.03
C PHE D 220 38.63 -21.28 14.30
N PHE D 221 38.57 -21.92 15.49
CA PHE D 221 37.49 -22.75 15.94
C PHE D 221 36.17 -22.01 15.96
N CYS D 222 36.07 -20.96 16.81
CA CYS D 222 34.93 -20.10 17.02
C CYS D 222 34.34 -19.53 15.76
N TYR D 223 35.18 -18.86 14.92
CA TYR D 223 34.72 -18.22 13.71
C TYR D 223 34.38 -19.22 12.62
N GLY D 224 35.08 -20.38 12.58
CA GLY D 224 34.75 -21.49 11.70
C GLY D 224 33.36 -22.01 11.92
N GLN D 225 33.05 -22.31 13.20
CA GLN D 225 31.74 -22.67 13.70
C GLN D 225 30.68 -21.67 13.34
N LEU D 226 30.95 -20.36 13.62
CA LEU D 226 30.04 -19.26 13.37
C LEU D 226 29.64 -19.16 11.92
N VAL D 227 30.62 -19.24 10.98
CA VAL D 227 30.40 -19.23 9.54
C VAL D 227 29.61 -20.43 9.10
N PHE D 228 29.88 -21.62 9.68
CA PHE D 228 29.19 -22.86 9.40
C PHE D 228 27.71 -22.72 9.73
N THR D 229 27.40 -22.36 10.98
CA THR D 229 26.08 -22.06 11.50
C THR D 229 25.29 -21.11 10.62
N VAL D 230 25.91 -19.96 10.23
CA VAL D 230 25.26 -18.91 9.49
C VAL D 230 24.94 -19.34 8.07
N LYS D 231 25.85 -20.10 7.41
CA LYS D 231 25.64 -20.70 6.12
C LYS D 231 24.49 -21.68 6.11
N GLU D 232 24.45 -22.56 7.13
CA GLU D 232 23.43 -23.57 7.33
C GLU D 232 22.06 -22.97 7.51
N ALA D 233 21.94 -22.00 8.45
CA ALA D 233 20.77 -21.19 8.73
C ALA D 233 20.22 -20.50 7.50
N ALA D 234 21.14 -19.93 6.68
CA ALA D 234 20.86 -19.21 5.46
C ALA D 234 20.29 -20.13 4.43
N ALA D 235 20.82 -21.37 4.33
CA ALA D 235 20.35 -22.43 3.45
C ALA D 235 18.91 -22.81 3.77
N GLN D 236 18.54 -22.80 5.07
CA GLN D 236 17.20 -23.09 5.53
C GLN D 236 16.30 -21.86 5.48
N GLN D 237 16.76 -20.75 4.86
CA GLN D 237 16.06 -19.49 4.89
C GLN D 237 16.54 -18.67 3.72
N GLN D 238 16.30 -19.19 2.49
CA GLN D 238 16.72 -18.57 1.25
C GLN D 238 15.51 -17.92 0.63
N GLU D 239 14.38 -17.91 1.37
CA GLU D 239 13.13 -17.34 0.99
C GLU D 239 12.98 -15.94 1.53
N SER D 240 14.07 -15.38 2.11
CA SER D 240 14.13 -14.02 2.56
C SER D 240 15.39 -13.49 1.94
N ALA D 241 15.24 -12.40 1.15
CA ALA D 241 16.30 -11.70 0.48
C ALA D 241 17.33 -11.16 1.45
N THR D 242 16.82 -10.58 2.57
CA THR D 242 17.58 -10.01 3.66
C THR D 242 18.60 -10.98 4.21
N THR D 243 18.15 -12.21 4.55
CA THR D 243 18.98 -13.26 5.12
C THR D 243 20.12 -13.66 4.22
N GLN D 244 19.89 -13.70 2.88
CA GLN D 244 20.93 -14.01 1.91
C GLN D 244 21.99 -12.96 1.81
N LYS D 245 21.60 -11.66 1.82
CA LYS D 245 22.51 -10.54 1.78
C LYS D 245 23.38 -10.49 3.01
N ALA D 246 22.73 -10.62 4.19
CA ALA D 246 23.33 -10.70 5.49
C ALA D 246 24.38 -11.77 5.60
N GLU D 247 24.08 -12.97 5.04
CA GLU D 247 24.96 -14.12 5.05
C GLU D 247 26.25 -13.86 4.33
N LYS D 248 26.19 -13.19 3.16
CA LYS D 248 27.36 -12.80 2.38
C LYS D 248 28.20 -11.77 3.11
N GLU D 249 27.52 -10.74 3.68
CA GLU D 249 28.14 -9.67 4.42
C GLU D 249 28.88 -10.14 5.65
N VAL D 250 28.24 -11.01 6.46
CA VAL D 250 28.77 -11.61 7.67
C VAL D 250 30.00 -12.45 7.40
N THR D 251 29.99 -13.24 6.30
CA THR D 251 31.10 -14.08 5.89
C THR D 251 32.31 -13.24 5.54
N ARG D 252 32.10 -12.12 4.79
CA ARG D 252 33.13 -11.16 4.46
C ARG D 252 33.76 -10.56 5.69
N MET D 253 32.90 -10.04 6.62
CA MET D 253 33.30 -9.50 7.91
C MET D 253 34.15 -10.43 8.74
N VAL D 254 33.77 -11.74 8.81
CA VAL D 254 34.49 -12.75 9.57
C VAL D 254 35.88 -12.96 9.03
N ILE D 255 36.07 -12.93 7.68
CA ILE D 255 37.36 -13.04 7.03
C ILE D 255 38.24 -11.88 7.45
N ILE D 256 37.71 -10.63 7.40
CA ILE D 256 38.38 -9.41 7.85
C ILE D 256 38.82 -9.52 9.29
N MET D 257 37.93 -10.01 10.19
CA MET D 257 38.16 -10.18 11.60
C MET D 257 39.27 -11.15 11.93
N VAL D 258 39.35 -12.28 11.18
CA VAL D 258 40.34 -13.32 11.38
C VAL D 258 41.69 -12.81 10.94
N ILE D 259 41.77 -12.27 9.71
CA ILE D 259 42.95 -11.62 9.14
C ILE D 259 43.52 -10.54 10.04
N ALA D 260 42.66 -9.72 10.68
CA ALA D 260 43.08 -8.65 11.56
C ALA D 260 43.78 -9.16 12.80
N PHE D 261 43.33 -10.32 13.34
CA PHE D 261 43.99 -10.99 14.43
C PHE D 261 45.34 -11.54 14.03
N LEU D 262 45.43 -12.13 12.81
CA LEU D 262 46.63 -12.71 12.27
C LEU D 262 47.74 -11.70 12.10
N ILE D 263 47.46 -10.60 11.36
CA ILE D 263 48.35 -9.50 11.08
C ILE D 263 49.00 -8.93 12.31
N CYS D 264 48.23 -8.81 13.41
CA CYS D 264 48.66 -8.16 14.61
C CYS D 264 49.74 -8.91 15.38
N TRP D 265 49.65 -10.26 15.47
CA TRP D 265 50.52 -11.02 16.34
C TRP D 265 51.41 -11.99 15.62
N LEU D 266 51.10 -12.34 14.35
CA LEU D 266 51.90 -13.23 13.52
C LEU D 266 53.33 -12.75 13.33
N PRO D 267 53.68 -11.48 13.04
CA PRO D 267 55.05 -11.01 12.91
C PRO D 267 55.94 -11.33 14.10
N TYR D 268 55.50 -11.00 15.33
CA TYR D 268 56.19 -11.31 16.57
C TYR D 268 56.46 -12.79 16.73
N ALA D 269 55.41 -13.62 16.49
CA ALA D 269 55.47 -15.05 16.59
C ALA D 269 56.42 -15.66 15.61
N GLY D 270 56.33 -15.24 14.32
CA GLY D 270 57.18 -15.68 13.23
C GLY D 270 58.65 -15.47 13.45
N VAL D 271 59.06 -14.21 13.74
CA VAL D 271 60.44 -13.84 14.01
C VAL D 271 60.99 -14.58 15.21
N ALA D 272 60.25 -14.58 16.34
CA ALA D 272 60.59 -15.27 17.58
C ALA D 272 60.82 -16.75 17.38
N PHE D 273 59.95 -17.40 16.58
CA PHE D 273 60.03 -18.81 16.29
C PHE D 273 61.27 -19.15 15.52
N TYR D 274 61.60 -18.35 14.46
CA TYR D 274 62.74 -18.60 13.61
C TYR D 274 64.07 -18.54 14.34
N ILE D 275 64.30 -17.50 15.18
CA ILE D 275 65.49 -17.37 16.01
C ILE D 275 65.63 -18.49 17.02
N PHE D 276 64.49 -18.96 17.59
CA PHE D 276 64.46 -20.05 18.54
C PHE D 276 64.82 -21.38 17.93
N THR D 277 64.29 -21.69 16.73
CA THR D 277 64.49 -22.95 16.04
C THR D 277 65.88 -23.06 15.47
N HIS D 278 66.45 -21.93 15.01
CA HIS D 278 67.78 -21.89 14.46
C HIS D 278 68.46 -20.81 15.22
N GLN D 279 69.36 -21.18 16.16
CA GLN D 279 70.02 -20.25 17.05
C GLN D 279 71.02 -19.45 16.26
N GLY D 280 70.94 -18.11 16.39
CA GLY D 280 71.74 -17.15 15.68
C GLY D 280 71.11 -16.89 14.36
N SER D 281 70.92 -15.59 14.04
CA SER D 281 70.35 -15.15 12.80
C SER D 281 70.87 -13.76 12.62
N ASP D 282 70.63 -13.17 11.43
CA ASP D 282 71.00 -11.81 11.13
C ASP D 282 69.70 -11.15 10.76
N PHE D 283 69.35 -10.09 11.51
CA PHE D 283 68.19 -9.27 11.24
C PHE D 283 68.66 -7.86 11.40
N GLY D 284 67.89 -6.90 10.82
CA GLY D 284 68.22 -5.51 10.86
C GLY D 284 67.48 -4.88 12.01
N PRO D 285 67.79 -3.64 12.36
CA PRO D 285 67.12 -2.92 13.44
C PRO D 285 65.77 -2.46 12.99
N ILE D 286 65.62 -2.09 11.70
CA ILE D 286 64.39 -1.57 11.13
C ILE D 286 63.42 -2.69 10.93
N PHE D 287 63.95 -3.93 10.68
CA PHE D 287 63.19 -5.16 10.59
C PHE D 287 62.42 -5.45 11.87
N MET D 288 63.01 -5.11 13.04
CA MET D 288 62.39 -5.28 14.34
C MET D 288 61.36 -4.24 14.66
N THR D 289 61.26 -3.16 13.84
CA THR D 289 60.25 -2.14 14.03
C THR D 289 59.01 -2.58 13.30
N ILE D 290 59.14 -3.48 12.29
CA ILE D 290 58.05 -4.02 11.50
C ILE D 290 56.97 -4.73 12.33
N PRO D 291 57.24 -5.69 13.22
CA PRO D 291 56.25 -6.28 14.12
C PRO D 291 55.52 -5.28 14.99
N ALA D 292 56.21 -4.19 15.39
CA ALA D 292 55.67 -3.16 16.24
C ALA D 292 54.66 -2.35 15.49
N PHE D 293 54.93 -2.06 14.19
CA PHE D 293 54.02 -1.33 13.33
C PHE D 293 52.70 -2.03 13.20
N PHE D 294 52.71 -3.35 12.90
CA PHE D 294 51.50 -4.14 12.76
C PHE D 294 50.69 -4.22 14.01
N ALA D 295 51.35 -4.46 15.18
CA ALA D 295 50.69 -4.58 16.45
C ALA D 295 50.06 -3.28 16.91
N LYS D 296 50.83 -2.16 16.86
CA LYS D 296 50.41 -0.88 17.36
C LYS D 296 49.24 -0.27 16.62
N THR D 297 49.14 -0.51 15.28
CA THR D 297 48.06 -0.01 14.46
C THR D 297 46.74 -0.70 14.78
N SER D 298 46.77 -1.87 15.48
CA SER D 298 45.56 -2.59 15.85
C SER D 298 44.72 -1.84 16.88
N ALA D 299 45.30 -0.83 17.57
CA ALA D 299 44.58 0.05 18.46
C ALA D 299 43.58 0.90 17.73
N VAL D 300 43.77 1.06 16.39
CA VAL D 300 42.87 1.77 15.52
C VAL D 300 41.98 0.78 14.79
N TYR D 301 42.54 -0.27 14.13
CA TYR D 301 41.73 -1.08 13.23
C TYR D 301 40.83 -2.07 13.92
N ASN D 302 41.23 -2.64 15.09
CA ASN D 302 40.34 -3.51 15.86
C ASN D 302 39.02 -2.88 16.26
N PRO D 303 38.90 -1.71 16.90
CA PRO D 303 37.61 -1.13 17.23
C PRO D 303 36.83 -0.69 16.00
N VAL D 304 37.49 -0.32 14.87
CA VAL D 304 36.80 -0.04 13.63
C VAL D 304 36.05 -1.26 13.15
N ILE D 305 36.73 -2.41 13.09
CA ILE D 305 36.20 -3.70 12.67
C ILE D 305 35.10 -4.19 13.58
N TYR D 306 35.31 -4.14 14.92
CA TYR D 306 34.47 -4.84 15.86
C TYR D 306 33.36 -3.98 16.41
N ILE D 307 33.34 -2.64 16.12
CA ILE D 307 32.31 -1.77 16.62
C ILE D 307 31.65 -1.10 15.45
N MET D 308 32.40 -0.25 14.71
CA MET D 308 31.90 0.57 13.63
C MET D 308 31.26 -0.18 12.49
N MET D 309 31.80 -1.39 12.16
CA MET D 309 31.36 -2.19 11.05
C MET D 309 30.30 -3.19 11.46
N ASN D 310 29.64 -2.97 12.63
CA ASN D 310 28.54 -3.79 13.08
C ASN D 310 27.32 -2.90 13.13
N LYS D 311 26.22 -3.41 12.54
CA LYS D 311 24.91 -2.84 12.35
C LYS D 311 24.29 -2.15 13.54
N GLN D 312 24.33 -2.84 14.72
CA GLN D 312 23.70 -2.40 15.95
C GLN D 312 24.27 -1.09 16.39
N PHE D 313 25.62 -1.04 16.53
CA PHE D 313 26.39 0.14 16.86
C PHE D 313 26.13 1.28 15.93
N ARG D 314 26.07 1.05 14.60
CA ARG D 314 25.79 2.05 13.58
C ARG D 314 24.53 2.82 13.88
N ASN D 315 23.39 2.10 14.06
CA ASN D 315 22.10 2.64 14.42
C ASN D 315 22.16 3.52 15.66
N CYS D 316 22.76 2.99 16.75
CA CYS D 316 22.98 3.68 18.02
C CYS D 316 23.78 4.95 17.90
N MET D 317 24.88 4.95 17.10
CA MET D 317 25.72 6.09 16.81
C MET D 317 24.96 7.18 16.11
N VAL D 318 24.10 6.81 15.11
CA VAL D 318 23.24 7.72 14.38
C VAL D 318 22.26 8.38 15.32
N THR D 319 21.62 7.60 16.23
CA THR D 319 20.73 8.07 17.27
C THR D 319 21.39 9.10 18.15
N THR D 320 22.65 8.84 18.59
CA THR D 320 23.41 9.67 19.48
C THR D 320 23.81 10.97 18.84
N LEU D 321 24.19 10.93 17.54
CA LEU D 321 24.55 12.10 16.76
C LEU D 321 23.35 12.98 16.50
N CYS D 322 22.15 12.36 16.36
CA CYS D 322 20.91 13.06 16.16
C CYS D 322 20.19 13.17 17.48
N CYS D 323 20.91 13.68 18.51
CA CYS D 323 20.38 14.14 19.78
C CYS D 323 19.63 13.07 20.55
N GLY D 324 20.32 11.97 20.88
CA GLY D 324 19.70 10.88 21.59
C GLY D 324 20.80 10.02 22.12
N1 SGV E . 4.40 -14.09 20.38
C2 SGV E . 5.11 -13.31 19.51
N3 SGV E . 5.37 -11.98 19.60
C4 SGV E . 4.84 -11.42 20.71
C5 SGV E . 4.08 -12.08 21.68
C6 SGV E . 3.87 -13.48 21.47
N6 SGV E . 3.14 -14.28 22.37
C7 SGV E . 3.76 -11.10 22.68
C8 SGV E . 4.30 -9.91 22.24
N9 SGV E . 4.99 -10.12 21.08
C1' SGV E . 5.82 -9.15 20.36
C10 SGV E . 3.02 -11.27 23.93
N11 SGV E . 3.26 -10.31 24.88
O12 SGV E . 2.27 -12.21 24.13
C2' SGV E . 4.99 -8.23 19.48
O2' SGV E . 5.76 -7.96 18.31
C3' SGV E . 4.86 -7.01 20.34
O3' SGV E . 4.56 -5.81 19.64
C4' SGV E . 6.21 -6.96 20.99
O4' SGV E . 6.51 -8.32 21.31
C5' SGV E . 6.29 -6.07 22.22
O5' SGV E . 5.24 -6.37 23.13
C1 RET F . 53.78 -13.74 20.83
C2 RET F . 54.35 -15.02 20.21
C3 RET F . 55.70 -15.43 20.78
C4 RET F . 56.69 -14.31 20.56
C5 RET F . 56.21 -13.00 21.17
C6 RET F . 54.88 -12.71 21.27
C7 RET F . 54.31 -11.44 21.78
C8 RET F . 54.87 -10.22 21.67
C9 RET F . 54.23 -9.00 22.14
C10 RET F . 54.80 -7.79 21.82
C11 RET F . 54.22 -6.54 22.07
C12 RET F . 54.81 -5.38 21.64
C13 RET F . 54.23 -4.11 21.70
C14 RET F . 54.89 -3.02 21.11
C15 RET F . 54.37 -1.75 21.01
C16 RET F . 52.88 -14.11 22.01
C17 RET F . 52.87 -13.11 19.75
C18 RET F . 57.32 -12.07 21.67
C19 RET F . 52.93 -9.09 22.93
C20 RET F . 52.86 -3.94 22.36
N LEU A 6 23.58 -7.58 10.61
CA LEU A 6 24.77 -8.37 10.69
C LEU A 6 24.48 -9.48 11.66
N GLU A 7 24.89 -9.30 12.93
CA GLU A 7 24.65 -10.17 14.05
C GLU A 7 23.19 -10.31 14.38
N THR A 8 22.42 -9.21 14.20
CA THR A 8 20.99 -9.22 14.39
C THR A 8 20.26 -10.13 13.43
N VAL A 9 20.67 -10.17 12.14
CA VAL A 9 20.17 -11.14 11.20
C VAL A 9 20.56 -12.56 11.56
N VAL A 10 21.79 -12.76 12.08
CA VAL A 10 22.29 -14.05 12.55
C VAL A 10 21.48 -14.58 13.70
N ALA A 11 21.12 -13.70 14.67
CA ALA A 11 20.28 -14.07 15.79
C ALA A 11 18.89 -14.46 15.35
N ASN A 12 18.33 -13.72 14.36
CA ASN A 12 17.06 -14.00 13.72
C ASN A 12 17.11 -15.31 12.95
N SER A 13 18.24 -15.57 12.26
CA SER A 13 18.49 -16.81 11.54
C SER A 13 18.57 -17.99 12.46
N ALA A 14 19.20 -17.85 13.66
CA ALA A 14 19.23 -18.91 14.63
C ALA A 14 17.86 -19.27 15.17
N PHE A 15 16.95 -18.26 15.30
CA PHE A 15 15.58 -18.47 15.69
C PHE A 15 14.83 -19.26 14.66
N ILE A 16 15.03 -18.92 13.35
CA ILE A 16 14.43 -19.58 12.22
C ILE A 16 14.86 -21.03 12.18
N ALA A 17 16.15 -21.29 12.51
CA ALA A 17 16.75 -22.60 12.54
C ALA A 17 16.10 -23.46 13.60
N ALA A 18 15.88 -22.86 14.81
CA ALA A 18 15.23 -23.50 15.93
C ALA A 18 13.79 -23.85 15.64
N ARG A 19 13.08 -22.92 14.95
CA ARG A 19 11.71 -23.03 14.52
C ARG A 19 11.52 -24.19 13.59
N GLY A 20 12.50 -24.38 12.66
CA GLY A 20 12.52 -25.43 11.67
C GLY A 20 12.57 -26.78 12.33
N SER A 21 13.42 -26.93 13.37
CA SER A 21 13.55 -28.11 14.19
C SER A 21 12.25 -28.36 14.95
N PHE A 22 11.65 -27.28 15.50
CA PHE A 22 10.40 -27.30 16.23
C PHE A 22 9.23 -27.75 15.36
N ASP A 23 9.16 -27.23 14.11
CA ASP A 23 8.16 -27.55 13.12
C ASP A 23 8.23 -29.00 12.73
N ALA A 24 9.47 -29.53 12.59
CA ALA A 24 9.74 -30.91 12.28
C ALA A 24 9.85 -31.66 13.57
N MET A 182 11.97 -23.49 37.54
CA MET A 182 11.82 -22.84 36.26
C MET A 182 12.34 -21.46 36.41
N GLY A 183 12.86 -20.89 35.29
CA GLY A 183 14.14 -20.26 35.32
C GLY A 183 14.71 -20.33 33.95
N GLU A 184 16.01 -20.00 33.81
CA GLU A 184 16.69 -19.94 32.53
C GLU A 184 17.35 -21.27 32.28
N ASP A 185 17.20 -22.23 33.24
CA ASP A 185 17.87 -23.51 33.25
C ASP A 185 16.88 -24.55 32.78
N TRP A 186 15.71 -24.09 32.29
CA TRP A 186 14.57 -24.90 31.98
C TRP A 186 14.05 -24.45 30.65
N PHE A 187 14.55 -23.29 30.15
CA PHE A 187 14.20 -22.80 28.86
C PHE A 187 15.45 -22.29 28.20
N LEU A 188 15.72 -22.79 26.97
CA LEU A 188 16.78 -22.31 26.12
C LEU A 188 16.27 -21.05 25.47
N ASP A 189 17.11 -19.99 25.42
CA ASP A 189 16.67 -18.65 25.10
C ASP A 189 17.14 -18.30 23.72
N PHE A 190 16.28 -17.58 22.95
CA PHE A 190 16.61 -17.08 21.63
C PHE A 190 16.43 -15.58 21.66
N ARG A 191 16.48 -14.97 20.46
CA ARG A 191 16.27 -13.57 20.17
C ARG A 191 14.95 -13.02 20.67
N VAL A 192 14.95 -11.70 21.02
CA VAL A 192 13.78 -10.98 21.48
C VAL A 192 12.79 -10.81 20.37
N LEU A 193 11.50 -10.60 20.74
CA LEU A 193 10.39 -10.55 19.80
C LEU A 193 9.82 -9.17 19.90
N GLY A 194 10.36 -8.36 20.84
CA GLY A 194 10.02 -6.97 20.98
C GLY A 194 10.56 -6.56 22.29
N ARG A 195 10.53 -5.24 22.56
CA ARG A 195 10.88 -4.69 23.84
C ARG A 195 9.63 -4.02 24.29
N GLY A 196 8.97 -4.59 25.32
CA GLY A 196 7.85 -4.03 26.04
C GLY A 196 8.24 -2.83 26.86
N GLY A 197 7.36 -2.46 27.83
CA GLY A 197 7.59 -1.34 28.72
C GLY A 197 8.51 -1.69 29.85
N PHE A 198 8.38 -2.92 30.40
CA PHE A 198 9.09 -3.32 31.60
C PHE A 198 10.27 -4.17 31.26
N GLY A 199 10.47 -4.50 29.96
CA GLY A 199 11.62 -5.24 29.54
C GLY A 199 11.25 -6.01 28.32
N GLU A 200 12.08 -7.01 27.99
CA GLU A 200 12.01 -7.81 26.81
C GLU A 200 10.91 -8.83 26.88
N VAL A 201 10.42 -9.26 25.70
CA VAL A 201 9.54 -10.40 25.57
C VAL A 201 10.24 -11.16 24.49
N PHE A 202 10.91 -12.28 24.86
CA PHE A 202 11.73 -13.04 23.96
C PHE A 202 11.18 -14.43 23.76
N ALA A 203 11.51 -15.06 22.61
CA ALA A 203 11.18 -16.44 22.37
C ALA A 203 12.09 -17.33 23.16
N CYS A 204 11.61 -18.56 23.42
CA CYS A 204 12.24 -19.47 24.32
C CYS A 204 11.63 -20.81 23.99
N GLN A 205 12.22 -21.91 24.50
CA GLN A 205 11.75 -23.23 24.18
C GLN A 205 11.96 -24.02 25.41
N MET A 206 10.94 -24.83 25.79
CA MET A 206 11.00 -25.86 26.80
C MET A 206 11.98 -26.93 26.42
N LYS A 207 12.94 -27.24 27.32
CA LYS A 207 13.95 -28.25 27.06
C LYS A 207 13.32 -29.62 27.20
N ALA A 208 12.16 -29.71 27.88
CA ALA A 208 11.56 -30.95 28.30
C ALA A 208 10.31 -31.24 27.53
N THR A 209 9.92 -30.37 26.57
CA THR A 209 8.63 -30.48 25.91
C THR A 209 8.85 -30.16 24.45
N GLY A 210 9.86 -29.31 24.16
CA GLY A 210 10.31 -29.00 22.82
C GLY A 210 9.32 -28.12 22.10
N LYS A 211 8.62 -27.24 22.85
CA LYS A 211 7.62 -26.35 22.32
C LYS A 211 8.06 -24.94 22.58
N LEU A 212 7.74 -24.02 21.64
CA LEU A 212 8.15 -22.65 21.68
C LEU A 212 7.09 -21.88 22.41
N TYR A 213 7.55 -20.92 23.26
CA TYR A 213 6.71 -20.07 24.05
C TYR A 213 7.35 -18.72 23.98
N ALA A 214 6.54 -17.65 24.14
CA ALA A 214 7.07 -16.34 24.45
C ALA A 214 7.14 -16.21 25.94
N CYS A 215 8.22 -15.56 26.42
CA CYS A 215 8.50 -15.31 27.81
C CYS A 215 8.58 -13.82 27.95
N LYS A 216 7.50 -13.22 28.48
CA LYS A 216 7.43 -11.83 28.82
C LYS A 216 8.13 -11.63 30.13
N LYS A 217 9.35 -11.07 30.07
CA LYS A 217 10.16 -10.71 31.20
C LYS A 217 9.81 -9.32 31.60
N LEU A 218 9.68 -9.10 32.92
CA LEU A 218 9.45 -7.81 33.51
C LEU A 218 10.65 -7.65 34.39
N ASN A 219 11.61 -6.82 33.94
CA ASN A 219 12.86 -6.54 34.63
C ASN A 219 12.57 -5.88 35.95
N LYS A 220 13.22 -6.38 37.03
CA LYS A 220 13.09 -5.92 38.39
C LYS A 220 13.44 -4.47 38.55
N LYS A 221 14.49 -4.01 37.81
CA LYS A 221 14.96 -2.65 37.82
C LYS A 221 13.91 -1.71 37.27
N ARG A 222 13.41 -2.01 36.04
CA ARG A 222 12.39 -1.24 35.36
C ARG A 222 11.07 -1.17 36.08
N LEU A 223 10.72 -2.25 36.82
CA LEU A 223 9.56 -2.31 37.68
C LEU A 223 9.64 -1.30 38.79
N LYS A 224 10.79 -1.22 39.50
CA LYS A 224 11.04 -0.26 40.55
C LYS A 224 10.99 1.17 40.06
N LYS A 225 11.58 1.43 38.86
CA LYS A 225 11.68 2.75 38.25
C LYS A 225 10.33 3.36 37.97
N ARG A 226 9.45 2.61 37.27
CA ARG A 226 8.11 3.06 36.92
C ARG A 226 7.13 2.86 38.05
N LYS A 227 7.53 2.11 39.11
CA LYS A 227 6.69 1.68 40.21
C LYS A 227 5.48 0.92 39.73
N GLY A 228 5.74 -0.06 38.82
CA GLY A 228 4.76 -0.77 38.04
C GLY A 228 4.39 -2.09 38.64
N TYR A 229 4.40 -2.21 39.98
CA TYR A 229 4.19 -3.46 40.68
C TYR A 229 2.74 -3.85 40.61
N GLN A 230 1.82 -2.86 40.70
CA GLN A 230 0.39 -3.09 40.68
C GLN A 230 -0.03 -3.63 39.33
N GLY A 231 0.49 -3.00 38.24
CA GLY A 231 0.14 -3.28 36.87
C GLY A 231 0.49 -4.68 36.45
N ALA A 232 1.64 -5.19 36.98
CA ALA A 232 2.15 -6.51 36.72
C ALA A 232 1.24 -7.57 37.29
N MET A 233 0.85 -7.42 38.58
CA MET A 233 0.06 -8.37 39.33
C MET A 233 -1.31 -8.53 38.73
N VAL A 234 -1.85 -7.42 38.17
CA VAL A 234 -3.15 -7.30 37.56
C VAL A 234 -3.19 -8.12 36.29
N GLU A 235 -2.18 -7.92 35.41
CA GLU A 235 -2.05 -8.60 34.15
C GLU A 235 -2.01 -10.10 34.29
N LYS A 236 -1.32 -10.57 35.34
CA LYS A 236 -1.19 -11.95 35.71
C LYS A 236 -2.53 -12.55 36.04
N LYS A 237 -3.16 -12.07 37.15
CA LYS A 237 -4.39 -12.61 37.68
C LYS A 237 -5.54 -12.64 36.69
N ILE A 238 -5.67 -11.58 35.85
CA ILE A 238 -6.73 -11.46 34.86
C ILE A 238 -6.52 -12.47 33.77
N LEU A 239 -5.37 -12.44 33.04
CA LEU A 239 -5.06 -13.39 31.97
C LEU A 239 -5.12 -14.83 32.40
N ALA A 240 -4.72 -15.14 33.65
CA ALA A 240 -4.75 -16.47 34.24
C ALA A 240 -6.14 -17.05 34.32
N LYS A 241 -7.17 -16.18 34.54
CA LYS A 241 -8.52 -16.58 34.80
C LYS A 241 -9.33 -16.54 33.53
N VAL A 242 -9.03 -15.58 32.64
CA VAL A 242 -9.84 -15.25 31.49
C VAL A 242 -9.15 -15.78 30.27
N HIS A 243 -9.85 -16.68 29.53
CA HIS A 243 -9.28 -17.34 28.39
C HIS A 243 -10.40 -17.59 27.42
N SER A 244 -10.08 -17.50 26.11
CA SER A 244 -10.97 -17.89 25.04
C SER A 244 -10.03 -18.32 23.94
N ARG A 245 -10.50 -18.38 22.68
CA ARG A 245 -9.69 -18.69 21.53
C ARG A 245 -9.30 -17.40 20.84
N PHE A 246 -9.70 -16.26 21.42
CA PHE A 246 -9.41 -14.94 20.93
C PHE A 246 -8.66 -14.21 22.02
N ILE A 247 -8.26 -14.91 23.11
CA ILE A 247 -7.41 -14.38 24.14
C ILE A 247 -6.36 -15.43 24.36
N VAL A 248 -5.07 -14.99 24.42
CA VAL A 248 -3.91 -15.84 24.65
C VAL A 248 -3.99 -16.56 25.97
N SER A 249 -3.44 -17.80 26.01
CA SER A 249 -3.33 -18.56 27.23
C SER A 249 -2.04 -18.22 27.93
N LEU A 250 -2.09 -18.14 29.27
CA LEU A 250 -0.94 -17.96 30.13
C LEU A 250 -0.70 -19.32 30.71
N ALA A 251 0.57 -19.79 30.70
CA ALA A 251 0.90 -21.13 31.10
C ALA A 251 1.65 -21.18 32.40
N TYR A 252 2.53 -20.19 32.70
CA TYR A 252 3.40 -20.27 33.85
C TYR A 252 3.70 -18.87 34.32
N ALA A 253 3.93 -18.73 35.64
CA ALA A 253 4.40 -17.50 36.25
C ALA A 253 5.43 -17.92 37.26
N PHE A 254 6.72 -17.71 36.91
CA PHE A 254 7.86 -17.97 37.77
C PHE A 254 8.73 -16.75 37.70
N GLU A 255 9.88 -16.76 38.42
CA GLU A 255 10.83 -15.68 38.40
C GLU A 255 12.17 -16.35 38.23
N THR A 256 13.17 -15.57 37.75
CA THR A 256 14.56 -15.96 37.72
C THR A 256 15.16 -15.44 39.00
N LYS A 257 15.81 -14.25 38.94
CA LYS A 257 16.48 -13.60 40.04
C LYS A 257 16.64 -12.15 39.66
N THR A 258 16.28 -11.80 38.40
CA THR A 258 16.62 -10.53 37.79
C THR A 258 15.37 -10.01 37.12
N ASP A 259 14.34 -10.86 36.95
CA ASP A 259 13.15 -10.51 36.22
C ASP A 259 12.09 -11.48 36.63
N LEU A 260 10.82 -11.06 36.48
CA LEU A 260 9.64 -11.87 36.65
C LEU A 260 9.23 -12.35 35.30
N CYS A 261 8.76 -13.60 35.17
CA CYS A 261 8.48 -14.19 33.88
C CYS A 261 7.02 -14.55 33.86
N LEU A 262 6.35 -14.23 32.72
CA LEU A 262 5.07 -14.78 32.35
C LEU A 262 5.35 -15.50 31.07
N VAL A 263 5.09 -16.82 31.02
CA VAL A 263 5.31 -17.63 29.84
C VAL A 263 3.96 -17.96 29.27
N MET A 264 3.69 -17.44 28.05
CA MET A 264 2.41 -17.52 27.38
C MET A 264 2.66 -18.21 26.07
N THR A 265 1.56 -18.72 25.45
CA THR A 265 1.56 -19.41 24.18
C THR A 265 1.99 -18.52 23.04
N ILE A 266 2.75 -19.11 22.07
CA ILE A 266 3.23 -18.45 20.88
C ILE A 266 2.12 -17.96 20.00
N MET A 267 2.44 -16.85 19.31
CA MET A 267 1.60 -16.18 18.38
C MET A 267 2.61 -15.73 17.36
N ASN A 268 3.39 -16.72 16.85
CA ASN A 268 4.48 -16.48 15.94
C ASN A 268 3.89 -16.33 14.57
N GLY A 269 4.30 -15.25 13.88
CA GLY A 269 3.60 -14.75 12.74
C GLY A 269 3.40 -13.27 12.91
N GLY A 270 3.95 -12.68 14.00
CA GLY A 270 3.94 -11.25 14.20
C GLY A 270 2.65 -10.73 14.77
N ASP A 271 2.63 -9.39 14.97
CA ASP A 271 1.53 -8.62 15.48
C ASP A 271 0.98 -7.91 14.27
N ILE A 272 -0.31 -7.48 14.33
CA ILE A 272 -1.04 -6.83 13.25
C ILE A 272 -0.34 -5.58 12.76
N ARG A 273 0.32 -4.80 13.65
CA ARG A 273 1.00 -3.57 13.32
C ARG A 273 2.14 -3.80 12.35
N TYR A 274 2.92 -4.89 12.56
CA TYR A 274 3.99 -5.35 11.70
C TYR A 274 3.46 -5.62 10.30
N HIS A 275 2.27 -6.27 10.22
CA HIS A 275 1.66 -6.81 9.03
C HIS A 275 1.11 -5.74 8.12
N ILE A 276 0.79 -4.55 8.68
CA ILE A 276 0.41 -3.35 7.95
C ILE A 276 1.50 -2.98 6.95
N TYR A 277 2.77 -3.10 7.37
CA TYR A 277 3.93 -2.72 6.60
C TYR A 277 4.56 -3.92 5.92
N ASN A 278 4.26 -5.17 6.35
CA ASN A 278 4.90 -6.35 5.82
C ASN A 278 4.24 -6.84 4.56
N VAL A 279 2.93 -6.52 4.36
CA VAL A 279 2.18 -6.78 3.15
C VAL A 279 2.86 -6.17 1.94
N ASP A 280 3.47 -4.98 2.18
CA ASP A 280 4.26 -4.17 1.30
C ASP A 280 4.21 -2.87 2.03
N GLU A 281 5.39 -2.27 2.31
CA GLU A 281 5.53 -1.06 3.10
C GLU A 281 4.87 0.11 2.42
N ASP A 282 5.04 0.21 1.09
CA ASP A 282 4.46 1.23 0.23
C ASP A 282 2.96 1.19 0.25
N ASN A 283 2.37 -0.04 0.19
CA ASN A 283 0.95 -0.29 0.27
C ASN A 283 0.44 0.12 1.64
N PRO A 284 -0.61 0.91 1.81
CA PRO A 284 -1.02 1.36 3.14
C PRO A 284 -1.98 0.35 3.70
N GLY A 285 -1.45 -0.63 4.47
CA GLY A 285 -2.20 -1.68 5.13
C GLY A 285 -3.05 -2.55 4.26
N PHE A 286 -3.88 -3.37 4.94
CA PHE A 286 -4.75 -4.39 4.42
C PHE A 286 -5.81 -3.83 3.51
N GLN A 287 -6.21 -4.65 2.52
CA GLN A 287 -7.36 -4.42 1.68
C GLN A 287 -8.59 -4.86 2.44
N GLU A 288 -9.78 -4.48 1.92
CA GLU A 288 -11.06 -4.60 2.58
C GLU A 288 -11.41 -5.99 3.11
N PRO A 289 -11.41 -7.14 2.42
CA PRO A 289 -11.75 -8.44 3.00
C PRO A 289 -10.92 -8.82 4.20
N ARG A 290 -9.60 -8.53 4.15
CA ARG A 290 -8.65 -8.89 5.16
C ARG A 290 -8.86 -8.14 6.44
N ALA A 291 -9.18 -6.82 6.33
CA ALA A 291 -9.49 -5.96 7.45
C ALA A 291 -10.78 -6.33 8.12
N ILE A 292 -11.83 -6.62 7.32
CA ILE A 292 -13.15 -7.01 7.79
C ILE A 292 -13.09 -8.29 8.59
N PHE A 293 -12.34 -9.30 8.07
CA PHE A 293 -12.14 -10.58 8.71
C PHE A 293 -11.56 -10.43 10.10
N TYR A 294 -10.43 -9.68 10.21
CA TYR A 294 -9.74 -9.41 11.45
C TYR A 294 -10.57 -8.64 12.44
N THR A 295 -11.35 -7.62 11.99
CA THR A 295 -12.27 -6.87 12.82
C THR A 295 -13.30 -7.75 13.47
N ALA A 296 -13.88 -8.71 12.71
CA ALA A 296 -14.83 -9.66 13.24
C ALA A 296 -14.26 -10.52 14.34
N GLN A 297 -13.00 -10.99 14.19
CA GLN A 297 -12.31 -11.78 15.19
C GLN A 297 -11.97 -11.00 16.44
N ILE A 298 -11.57 -9.72 16.29
CA ILE A 298 -11.30 -8.80 17.38
C ILE A 298 -12.54 -8.58 18.20
N VAL A 299 -13.72 -8.39 17.53
CA VAL A 299 -15.01 -8.19 18.15
C VAL A 299 -15.38 -9.33 19.07
N SER A 300 -15.16 -10.59 18.63
CA SER A 300 -15.39 -11.77 19.44
C SER A 300 -14.56 -11.80 20.70
N GLY A 301 -13.27 -11.38 20.63
CA GLY A 301 -12.39 -11.27 21.78
C GLY A 301 -12.81 -10.22 22.77
N LEU A 302 -13.20 -9.01 22.29
CA LEU A 302 -13.70 -7.91 23.08
C LEU A 302 -14.97 -8.30 23.79
N GLU A 303 -15.88 -9.02 23.09
CA GLU A 303 -17.14 -9.50 23.60
C GLU A 303 -16.95 -10.38 24.79
N HIS A 304 -15.95 -11.29 24.74
CA HIS A 304 -15.61 -12.19 25.83
C HIS A 304 -15.18 -11.43 27.08
N LEU A 305 -14.42 -10.31 26.92
CA LEU A 305 -14.04 -9.47 28.04
C LEU A 305 -15.24 -8.80 28.67
N HIS A 306 -16.15 -8.25 27.83
CA HIS A 306 -17.33 -7.51 28.26
C HIS A 306 -18.32 -8.38 28.99
N GLN A 307 -18.47 -9.66 28.57
CA GLN A 307 -19.28 -10.67 29.24
C GLN A 307 -18.78 -11.05 30.62
N ARG A 308 -17.48 -10.80 30.89
CA ARG A 308 -16.86 -11.07 32.18
C ARG A 308 -16.80 -9.80 32.99
N ASN A 309 -17.38 -8.70 32.46
CA ASN A 309 -17.52 -7.40 33.09
C ASN A 309 -16.18 -6.75 33.27
N ILE A 310 -15.35 -6.79 32.20
CA ILE A 310 -14.00 -6.29 32.22
C ILE A 310 -13.96 -5.16 31.23
N ILE A 311 -13.45 -4.00 31.69
CA ILE A 311 -13.14 -2.88 30.84
C ILE A 311 -11.65 -3.03 30.68
N TYR A 312 -11.16 -3.03 29.42
CA TYR A 312 -9.77 -3.25 29.12
C TYR A 312 -9.07 -1.91 29.15
N ARG A 313 -9.73 -0.83 28.67
CA ARG A 313 -9.21 0.53 28.63
C ARG A 313 -8.12 0.70 27.58
N ASP A 314 -7.90 -0.31 26.73
CA ASP A 314 -6.87 -0.25 25.72
C ASP A 314 -7.24 -1.25 24.67
N LEU A 315 -6.43 -1.30 23.60
CA LEU A 315 -6.45 -2.24 22.49
C LEU A 315 -5.72 -1.48 21.44
N LYS A 316 -4.69 -2.12 20.84
CA LYS A 316 -3.95 -1.54 19.75
C LYS A 316 -3.57 -2.70 18.86
N PRO A 317 -3.26 -2.49 17.57
CA PRO A 317 -2.79 -3.49 16.63
C PRO A 317 -1.63 -4.32 17.17
N GLU A 318 -0.69 -3.69 17.92
CA GLU A 318 0.52 -4.33 18.39
C GLU A 318 0.26 -5.34 19.49
N ASN A 319 -0.96 -5.33 20.08
CA ASN A 319 -1.39 -6.22 21.12
C ASN A 319 -2.36 -7.21 20.52
N VAL A 320 -2.64 -7.11 19.21
CA VAL A 320 -3.42 -8.10 18.48
C VAL A 320 -2.40 -8.88 17.71
N LEU A 321 -2.23 -10.15 18.09
CA LEU A 321 -1.18 -11.01 17.60
C LEU A 321 -1.80 -11.96 16.61
N LEU A 322 -1.05 -12.36 15.53
CA LEU A 322 -1.48 -13.37 14.59
C LEU A 322 -0.79 -14.63 15.00
N ASP A 323 -1.51 -15.78 14.90
CA ASP A 323 -0.93 -17.09 15.08
C ASP A 323 -0.49 -17.57 13.72
N ASP A 324 -0.02 -18.84 13.65
CA ASP A 324 0.52 -19.47 12.47
C ASP A 324 -0.47 -19.51 11.33
N ASP A 325 -1.75 -19.88 11.64
CA ASP A 325 -2.84 -19.94 10.69
C ASP A 325 -3.17 -18.61 10.08
N GLY A 326 -3.26 -17.55 10.91
CA GLY A 326 -3.59 -16.21 10.49
C GLY A 326 -4.76 -15.70 11.27
N ASN A 327 -5.32 -16.54 12.19
CA ASN A 327 -6.32 -16.15 13.15
C ASN A 327 -5.71 -15.18 14.13
N VAL A 328 -6.48 -14.17 14.58
CA VAL A 328 -5.95 -13.15 15.47
C VAL A 328 -6.53 -13.35 16.84
N ARG A 329 -5.80 -12.82 17.85
CA ARG A 329 -6.26 -12.82 19.21
C ARG A 329 -5.82 -11.52 19.79
N ILE A 330 -6.64 -10.95 20.71
CA ILE A 330 -6.27 -9.86 21.58
C ILE A 330 -5.45 -10.45 22.71
N SER A 331 -4.64 -9.62 23.39
CA SER A 331 -3.78 -10.09 24.45
C SER A 331 -3.46 -8.90 25.31
N ASP A 332 -2.93 -9.15 26.53
CA ASP A 332 -2.57 -8.17 27.52
C ASP A 332 -3.80 -7.62 28.20
N LEU A 333 -3.93 -7.82 29.53
CA LEU A 333 -5.10 -7.42 30.29
C LEU A 333 -4.57 -6.87 31.59
N GLY A 334 -3.47 -6.08 31.50
CA GLY A 334 -2.75 -5.55 32.62
C GLY A 334 -3.13 -4.13 32.87
N LEU A 335 -3.75 -3.49 31.86
CA LEU A 335 -4.25 -2.14 31.92
C LEU A 335 -5.72 -2.20 32.14
N ALA A 336 -6.28 -3.41 32.41
CA ALA A 336 -7.68 -3.66 32.60
C ALA A 336 -8.08 -3.45 34.03
N VAL A 337 -9.40 -3.31 34.27
CA VAL A 337 -10.00 -3.30 35.59
C VAL A 337 -11.24 -4.11 35.44
N GLU A 338 -11.52 -4.97 36.45
CA GLU A 338 -12.72 -5.74 36.53
C GLU A 338 -13.69 -5.01 37.42
N LEU A 339 -14.85 -4.62 36.85
CA LEU A 339 -15.97 -4.02 37.55
C LEU A 339 -16.54 -4.98 38.55
N LYS A 340 -16.95 -4.46 39.73
CA LYS A 340 -17.66 -5.23 40.73
C LYS A 340 -19.11 -4.93 40.54
N ALA A 341 -19.99 -5.78 41.11
CA ALA A 341 -21.42 -5.56 41.15
C ALA A 341 -21.74 -4.32 41.94
N GLY A 342 -22.72 -3.53 41.46
CA GLY A 342 -23.16 -2.32 42.11
C GLY A 342 -22.47 -1.13 41.51
N GLN A 343 -21.73 -1.33 40.40
CA GLN A 343 -21.23 -0.23 39.60
C GLN A 343 -20.96 -0.79 38.25
N THR A 344 -20.90 0.11 37.26
CA THR A 344 -20.60 -0.20 35.89
C THR A 344 -19.73 0.91 35.39
N LYS A 345 -19.56 1.98 36.19
CA LYS A 345 -18.84 3.16 35.81
C LYS A 345 -17.70 3.23 36.79
N THR A 346 -16.47 3.53 36.30
CA THR A 346 -15.29 3.61 37.13
C THR A 346 -14.34 4.57 36.47
N LYS A 347 -13.57 5.33 37.27
CA LYS A 347 -12.53 6.23 36.80
C LYS A 347 -11.24 5.49 36.57
N GLY A 348 -10.25 6.20 35.99
CA GLY A 348 -8.94 5.68 35.74
C GLY A 348 -8.26 6.65 34.81
N TYR A 349 -7.20 6.16 34.12
CA TYR A 349 -6.48 6.93 33.14
C TYR A 349 -5.68 5.88 32.37
N ALA A 350 -6.06 4.59 32.52
CA ALA A 350 -5.42 3.45 31.90
C ALA A 350 -5.51 3.47 30.40
N GLY A 351 -4.50 2.87 29.74
CA GLY A 351 -4.41 2.78 28.30
C GLY A 351 -3.29 3.63 27.85
N THR A 352 -2.85 3.39 26.60
CA THR A 352 -1.76 4.10 25.98
C THR A 352 -2.39 5.18 25.13
N PRO A 353 -2.03 6.47 25.23
CA PRO A 353 -2.55 7.57 24.43
C PRO A 353 -2.77 7.29 22.96
N GLY A 354 -3.95 7.71 22.43
CA GLY A 354 -4.34 7.54 21.04
C GLY A 354 -5.24 6.34 20.91
N PHE A 355 -5.23 5.45 21.93
CA PHE A 355 -6.06 4.27 22.01
C PHE A 355 -6.92 4.43 23.23
N MET A 356 -6.94 5.67 23.78
CA MET A 356 -7.71 6.05 24.94
C MET A 356 -8.85 6.85 24.40
N ALA A 357 -10.02 6.73 25.06
CA ALA A 357 -11.26 7.31 24.64
C ALA A 357 -11.40 8.63 25.37
N PRO A 358 -12.26 9.55 24.93
CA PRO A 358 -12.54 10.82 25.58
C PRO A 358 -12.75 10.77 27.08
N GLU A 359 -13.60 9.84 27.56
CA GLU A 359 -13.92 9.60 28.96
C GLU A 359 -12.73 9.45 29.87
N LEU A 360 -11.70 8.69 29.43
CA LEU A 360 -10.50 8.41 30.20
C LEU A 360 -9.70 9.65 30.40
N LEU A 361 -9.53 10.43 29.32
CA LEU A 361 -8.78 11.67 29.29
C LEU A 361 -9.39 12.74 30.16
N LEU A 362 -10.75 12.78 30.25
CA LEU A 362 -11.48 13.76 31.02
C LEU A 362 -11.61 13.32 32.46
N GLY A 363 -11.11 12.12 32.81
CA GLY A 363 -11.07 11.61 34.16
C GLY A 363 -12.43 11.27 34.68
N GLU A 364 -13.38 10.97 33.77
CA GLU A 364 -14.76 10.69 34.08
C GLU A 364 -14.86 9.22 34.41
N GLU A 365 -16.04 8.80 34.91
CA GLU A 365 -16.36 7.41 35.09
C GLU A 365 -16.90 6.93 33.76
N TYR A 366 -16.62 5.65 33.42
CA TYR A 366 -16.97 5.11 32.13
C TYR A 366 -17.17 3.64 32.28
N ASP A 367 -17.98 3.06 31.36
CA ASP A 367 -18.22 1.65 31.28
C ASP A 367 -17.39 1.08 30.15
N PHE A 368 -17.91 -0.01 29.55
CA PHE A 368 -17.42 -0.80 28.45
C PHE A 368 -17.08 -0.02 27.21
N SER A 369 -17.62 1.21 27.09
CA SER A 369 -17.54 2.14 25.99
C SER A 369 -16.17 2.41 25.42
N VAL A 370 -15.14 2.53 26.29
CA VAL A 370 -13.79 2.85 25.92
C VAL A 370 -13.15 1.81 25.01
N ASP A 371 -13.51 0.51 25.17
CA ASP A 371 -13.00 -0.58 24.37
C ASP A 371 -13.50 -0.53 22.96
N TYR A 372 -14.77 -0.08 22.76
CA TYR A 372 -15.37 0.05 21.46
C TYR A 372 -14.82 1.21 20.70
N PHE A 373 -14.32 2.25 21.42
CA PHE A 373 -13.61 3.37 20.84
C PHE A 373 -12.30 2.88 20.27
N ALA A 374 -11.58 2.04 21.06
CA ALA A 374 -10.32 1.42 20.73
C ALA A 374 -10.42 0.53 19.51
N LEU A 375 -11.53 -0.24 19.36
CA LEU A 375 -11.84 -1.08 18.22
C LEU A 375 -11.89 -0.28 16.94
N GLY A 376 -12.49 0.94 17.01
CA GLY A 376 -12.62 1.88 15.93
C GLY A 376 -11.27 2.34 15.46
N VAL A 377 -10.39 2.73 16.41
CA VAL A 377 -9.01 3.12 16.17
C VAL A 377 -8.23 2.03 15.48
N THR A 378 -8.43 0.76 15.90
CA THR A 378 -7.74 -0.40 15.37
C THR A 378 -8.11 -0.66 13.92
N LEU A 379 -9.42 -0.80 13.60
CA LEU A 379 -9.93 -1.00 12.25
C LEU A 379 -9.55 0.07 11.27
N TYR A 380 -9.58 1.36 11.70
CA TYR A 380 -9.22 2.48 10.86
C TYR A 380 -7.75 2.40 10.50
N GLU A 381 -6.91 2.04 11.50
CA GLU A 381 -5.48 1.90 11.37
C GLU A 381 -5.06 0.73 10.50
N MET A 382 -5.84 -0.38 10.49
CA MET A 382 -5.58 -1.52 9.64
C MET A 382 -5.65 -1.19 8.17
N ILE A 383 -6.60 -0.30 7.78
CA ILE A 383 -6.90 -0.01 6.42
C ILE A 383 -6.11 1.17 5.91
N ALA A 384 -5.94 2.23 6.73
CA ALA A 384 -5.34 3.46 6.25
C ALA A 384 -3.89 3.57 6.63
N ALA A 385 -3.39 2.67 7.52
CA ALA A 385 -2.02 2.63 8.01
C ALA A 385 -1.71 3.87 8.83
N ARG A 386 -2.72 4.38 9.56
CA ARG A 386 -2.56 5.49 10.46
C ARG A 386 -3.73 5.48 11.38
N GLY A 387 -3.59 6.06 12.60
CA GLY A 387 -4.67 6.17 13.55
C GLY A 387 -5.63 7.24 13.10
N PRO A 388 -6.80 7.40 13.72
CA PRO A 388 -7.71 8.47 13.37
C PRO A 388 -7.21 9.82 13.84
N PHE A 389 -6.44 9.83 14.95
CA PHE A 389 -6.13 11.02 15.70
C PHE A 389 -4.71 11.46 15.48
N ARG A 390 -4.03 10.85 14.48
CA ARG A 390 -2.74 11.29 14.03
C ARG A 390 -2.68 10.90 12.60
N ALA A 391 -2.01 11.73 11.76
CA ALA A 391 -1.85 11.47 10.34
C ALA A 391 -0.73 10.49 10.15
N ARG A 392 -0.52 10.05 8.88
CA ARG A 392 0.43 9.01 8.55
C ARG A 392 1.79 9.64 8.54
N GLY A 393 2.71 9.06 9.36
CA GLY A 393 4.03 9.59 9.56
C GLY A 393 4.03 10.56 10.71
N GLU A 394 3.02 10.45 11.62
CA GLU A 394 2.92 11.28 12.79
C GLU A 394 2.52 10.37 13.92
N LYS A 395 2.73 10.87 15.15
CA LYS A 395 2.39 10.25 16.39
C LYS A 395 2.82 11.30 17.36
N VAL A 396 1.99 12.36 17.47
CA VAL A 396 2.18 13.51 18.33
C VAL A 396 2.25 13.13 19.79
N GLU A 397 2.95 13.99 20.59
CA GLU A 397 3.14 13.90 22.03
C GLU A 397 1.85 13.65 22.76
N ASN A 398 1.93 13.08 24.00
CA ASN A 398 0.78 12.61 24.76
C ASN A 398 -0.23 13.70 25.02
N LYS A 399 0.25 14.91 25.40
CA LYS A 399 -0.57 16.08 25.64
C LYS A 399 -1.36 16.54 24.42
N GLU A 400 -0.70 16.56 23.24
CA GLU A 400 -1.31 16.95 21.98
C GLU A 400 -2.29 15.93 21.50
N LEU A 401 -1.94 14.64 21.68
CA LEU A 401 -2.71 13.46 21.34
C LEU A 401 -3.99 13.40 22.10
N LYS A 402 -3.95 13.80 23.40
CA LYS A 402 -5.10 13.95 24.25
C LYS A 402 -6.06 14.98 23.71
N GLN A 403 -5.53 16.12 23.18
CA GLN A 403 -6.35 17.13 22.56
C GLN A 403 -6.98 16.65 21.26
N ARG A 404 -6.23 15.87 20.44
CA ARG A 404 -6.73 15.28 19.20
C ARG A 404 -7.91 14.38 19.45
N VAL A 405 -7.81 13.45 20.43
CA VAL A 405 -8.84 12.50 20.78
C VAL A 405 -10.12 13.17 21.22
N LEU A 406 -10.00 14.26 22.01
CA LEU A 406 -11.12 14.97 22.57
C LEU A 406 -11.87 15.84 21.60
N GLU A 407 -11.19 16.41 20.56
CA GLU A 407 -11.78 17.48 19.78
C GLU A 407 -11.96 17.12 18.34
N GLN A 408 -11.05 16.29 17.77
CA GLN A 408 -10.98 16.03 16.34
C GLN A 408 -12.16 15.22 15.88
N ALA A 409 -12.64 15.51 14.65
CA ALA A 409 -13.62 14.73 13.95
C ALA A 409 -12.84 14.04 12.86
N VAL A 410 -12.96 12.68 12.83
CA VAL A 410 -12.21 11.80 11.96
C VAL A 410 -12.47 12.10 10.50
N THR A 411 -11.39 12.03 9.68
CA THR A 411 -11.44 12.26 8.25
C THR A 411 -11.06 10.94 7.64
N TYR A 412 -11.81 10.52 6.60
CA TYR A 412 -11.69 9.21 5.99
C TYR A 412 -11.35 9.39 4.53
N PRO A 413 -10.53 8.53 3.92
CA PRO A 413 -10.30 8.53 2.49
C PRO A 413 -11.35 7.62 1.90
N ASP A 414 -11.47 7.56 0.55
CA ASP A 414 -12.50 6.81 -0.12
C ASP A 414 -12.04 5.40 -0.42
N LYS A 415 -10.89 4.99 0.20
CA LYS A 415 -10.39 3.63 0.19
C LYS A 415 -11.39 2.75 0.89
N PHE A 416 -11.96 3.27 1.99
CA PHE A 416 -13.04 2.70 2.75
C PHE A 416 -14.28 2.56 1.92
N SER A 417 -15.02 1.46 2.17
CA SER A 417 -16.39 1.24 1.73
C SER A 417 -17.29 2.21 2.48
N PRO A 418 -18.48 2.58 1.99
CA PRO A 418 -19.46 3.36 2.74
C PRO A 418 -19.88 2.66 4.01
N ALA A 419 -20.08 1.32 3.96
CA ALA A 419 -20.42 0.51 5.12
C ALA A 419 -19.36 0.58 6.19
N SER A 420 -18.06 0.50 5.81
CA SER A 420 -16.95 0.57 6.74
C SER A 420 -16.79 1.95 7.32
N LYS A 421 -17.02 3.04 6.52
CA LYS A 421 -17.03 4.41 7.00
C LYS A 421 -18.02 4.59 8.10
N ASP A 422 -19.27 4.17 7.87
CA ASP A 422 -20.39 4.31 8.78
C ASP A 422 -20.10 3.60 10.10
N PHE A 423 -19.55 2.36 10.01
CA PHE A 423 -19.17 1.56 11.14
C PHE A 423 -18.11 2.19 12.01
N CYS A 424 -17.04 2.75 11.39
CA CYS A 424 -15.97 3.45 12.06
C CYS A 424 -16.44 4.70 12.74
N GLU A 425 -17.27 5.52 12.06
CA GLU A 425 -17.90 6.72 12.57
C GLU A 425 -18.70 6.49 13.81
N ALA A 426 -19.46 5.39 13.86
CA ALA A 426 -20.29 5.02 14.99
C ALA A 426 -19.49 4.72 16.24
N LEU A 427 -18.29 4.11 16.08
CA LEU A 427 -17.42 3.75 17.19
C LEU A 427 -16.55 4.89 17.64
N LEU A 428 -16.18 5.80 16.69
CA LEU A 428 -15.29 6.90 16.94
C LEU A 428 -16.08 8.14 17.27
N GLN A 429 -17.43 7.97 17.42
CA GLN A 429 -18.34 8.93 17.98
C GLN A 429 -17.98 9.16 19.43
N LYS A 430 -18.17 10.39 19.93
CA LYS A 430 -17.78 10.79 21.26
C LYS A 430 -18.91 10.46 22.21
N ASP A 431 -18.55 10.27 23.51
CA ASP A 431 -19.43 9.99 24.63
C ASP A 431 -19.86 8.53 24.64
N PRO A 432 -20.07 7.91 25.80
CA PRO A 432 -20.36 6.49 25.93
C PRO A 432 -21.67 6.09 25.31
N GLU A 433 -22.70 6.96 25.38
CA GLU A 433 -24.05 6.71 24.94
C GLU A 433 -24.21 6.37 23.47
N LYS A 434 -23.34 6.92 22.61
CA LYS A 434 -23.45 6.76 21.17
C LYS A 434 -22.54 5.71 20.60
N ARG A 435 -21.77 4.98 21.45
CA ARG A 435 -20.87 3.95 21.03
C ARG A 435 -21.68 2.77 20.56
N LEU A 436 -21.44 2.31 19.31
CA LEU A 436 -22.16 1.21 18.73
C LEU A 436 -21.90 -0.06 19.48
N GLY A 437 -22.98 -0.85 19.72
CA GLY A 437 -22.96 -2.09 20.44
C GLY A 437 -22.84 -1.89 21.93
N PHE A 438 -23.24 -2.95 22.66
CA PHE A 438 -23.35 -3.14 24.08
C PHE A 438 -23.39 -1.90 24.95
N ARG A 439 -24.61 -1.34 25.10
CA ARG A 439 -24.90 -0.21 25.96
C ARG A 439 -25.66 -0.76 27.14
N ASP A 440 -25.58 -2.10 27.32
CA ASP A 440 -26.03 -2.92 28.43
C ASP A 440 -27.15 -3.77 27.87
N GLY A 441 -27.21 -3.87 26.52
CA GLY A 441 -28.13 -4.70 25.78
C GLY A 441 -27.35 -5.91 25.36
N SER A 442 -27.41 -6.23 24.05
CA SER A 442 -26.67 -7.31 23.45
C SER A 442 -25.30 -6.81 23.08
N CYS A 443 -24.31 -7.74 23.04
CA CYS A 443 -23.00 -7.47 22.46
C CYS A 443 -23.01 -7.89 21.02
N ASP A 444 -24.17 -8.37 20.52
CA ASP A 444 -24.38 -8.80 19.17
C ASP A 444 -25.13 -7.70 18.46
N GLY A 445 -25.27 -6.52 19.11
CA GLY A 445 -25.87 -5.34 18.53
C GLY A 445 -24.93 -4.68 17.57
N LEU A 446 -23.61 -4.75 17.88
CA LEU A 446 -22.52 -4.31 17.04
C LEU A 446 -22.51 -5.03 15.70
N ARG A 447 -22.71 -6.36 15.78
CA ARG A 447 -22.71 -7.33 14.72
C ARG A 447 -23.76 -7.18 13.65
N THR A 448 -24.76 -6.29 13.82
CA THR A 448 -25.87 -6.17 12.90
C THR A 448 -25.56 -5.21 11.78
N HIS A 449 -24.44 -4.44 11.89
CA HIS A 449 -24.07 -3.42 10.92
C HIS A 449 -23.85 -4.05 9.55
N PRO A 450 -24.26 -3.45 8.43
CA PRO A 450 -24.16 -4.05 7.09
C PRO A 450 -22.78 -4.45 6.65
N LEU A 451 -21.71 -3.85 7.21
CA LEU A 451 -20.31 -4.20 7.00
C LEU A 451 -20.02 -5.69 7.13
N PHE A 452 -20.76 -6.36 8.04
CA PHE A 452 -20.57 -7.74 8.43
C PHE A 452 -21.49 -8.67 7.70
N ARG A 453 -22.04 -8.26 6.54
CA ARG A 453 -22.91 -9.09 5.73
C ARG A 453 -22.05 -10.13 5.03
N ASP A 454 -20.74 -9.83 4.89
CA ASP A 454 -19.74 -10.66 4.26
C ASP A 454 -19.28 -11.73 5.22
N ILE A 455 -19.45 -11.48 6.54
CA ILE A 455 -19.03 -12.34 7.61
C ILE A 455 -20.19 -13.19 8.02
N SER A 456 -19.92 -14.49 8.28
CA SER A 456 -20.84 -15.40 8.91
C SER A 456 -20.18 -15.63 10.24
N TRP A 457 -20.83 -15.13 11.31
CA TRP A 457 -20.27 -15.06 12.64
C TRP A 457 -20.12 -16.40 13.30
N ARG A 458 -21.08 -17.32 13.05
CA ARG A 458 -21.10 -18.65 13.62
C ARG A 458 -19.92 -19.45 13.15
N GLN A 459 -19.59 -19.31 11.84
CA GLN A 459 -18.50 -20.00 11.20
C GLN A 459 -17.18 -19.40 11.54
N LEU A 460 -17.11 -18.04 11.68
CA LEU A 460 -15.92 -17.31 12.07
C LEU A 460 -15.40 -17.73 13.43
N GLU A 461 -16.32 -17.77 14.42
CA GLU A 461 -16.07 -18.17 15.78
C GLU A 461 -15.70 -19.62 15.94
N ALA A 462 -16.10 -20.47 14.97
CA ALA A 462 -15.86 -21.89 15.01
C ALA A 462 -14.63 -22.26 14.22
N GLY A 463 -13.97 -21.26 13.58
CA GLY A 463 -12.71 -21.44 12.89
C GLY A 463 -12.85 -22.17 11.59
N MET A 464 -13.98 -21.94 10.89
CA MET A 464 -14.34 -22.67 9.68
C MET A 464 -14.18 -21.76 8.49
N LEU A 465 -13.68 -20.51 8.72
CA LEU A 465 -13.47 -19.54 7.68
C LEU A 465 -12.00 -19.31 7.67
N THR A 466 -11.37 -19.60 6.50
CA THR A 466 -9.94 -19.52 6.31
C THR A 466 -9.43 -18.09 6.38
N PRO A 467 -8.29 -17.79 6.99
CA PRO A 467 -7.70 -16.46 7.03
C PRO A 467 -7.36 -15.96 5.63
N PRO A 468 -7.49 -14.67 5.28
CA PRO A 468 -7.10 -14.18 3.97
C PRO A 468 -5.62 -14.19 3.77
N PHE A 469 -4.83 -13.98 4.85
CA PHE A 469 -3.38 -14.03 4.81
C PHE A 469 -3.01 -15.08 5.82
N VAL A 470 -2.07 -15.97 5.42
CA VAL A 470 -1.59 -17.04 6.26
C VAL A 470 -0.12 -16.74 6.48
N PRO A 471 0.35 -16.46 7.70
CA PRO A 471 1.76 -16.20 7.99
C PRO A 471 2.66 -17.34 7.61
N ASP A 472 3.81 -17.03 6.96
CA ASP A 472 4.87 -17.95 6.62
C ASP A 472 5.47 -18.54 7.88
N SER A 473 5.84 -19.85 7.82
CA SER A 473 6.38 -20.59 8.94
C SER A 473 7.88 -20.65 8.83
N ARG A 474 8.46 -19.92 7.85
CA ARG A 474 9.88 -19.87 7.63
C ARG A 474 10.38 -18.47 7.80
N THR A 475 9.60 -17.47 7.34
CA THR A 475 9.96 -16.08 7.49
C THR A 475 9.16 -15.62 8.67
N VAL A 476 9.88 -15.31 9.77
CA VAL A 476 9.31 -14.89 11.02
C VAL A 476 9.13 -13.39 10.95
N TYR A 477 7.98 -12.92 11.50
CA TYR A 477 7.53 -11.55 11.38
C TYR A 477 7.57 -10.88 12.72
N ALA A 478 8.37 -11.42 13.67
CA ALA A 478 8.61 -10.80 14.95
C ALA A 478 9.66 -9.72 14.79
N LYS A 479 9.68 -8.76 15.74
CA LYS A 479 10.61 -7.65 15.80
C LYS A 479 12.03 -8.14 15.97
N ASN A 480 13.00 -7.38 15.41
CA ASN A 480 14.42 -7.63 15.54
C ASN A 480 14.93 -7.19 16.88
N ILE A 481 16.20 -7.56 17.17
CA ILE A 481 16.81 -7.45 18.47
C ILE A 481 17.67 -6.20 18.52
N GLN A 482 17.67 -5.41 17.42
CA GLN A 482 18.32 -4.11 17.37
C GLN A 482 17.24 -3.07 17.37
N ASP A 483 15.96 -3.50 17.48
CA ASP A 483 14.80 -2.64 17.49
C ASP A 483 14.37 -2.46 18.92
N VAL A 484 15.20 -2.93 19.89
CA VAL A 484 15.02 -2.76 21.30
C VAL A 484 15.00 -1.30 21.71
N GLY A 485 14.23 -1.00 22.78
CA GLY A 485 14.01 0.33 23.30
C GLY A 485 15.16 0.72 24.18
N ALA A 486 14.87 1.40 25.30
CA ALA A 486 15.85 1.84 26.26
C ALA A 486 15.08 2.65 27.26
N PHE A 487 15.08 2.18 28.52
CA PHE A 487 14.40 2.83 29.61
C PHE A 487 15.23 2.45 30.80
N GLU A 488 15.31 3.39 31.78
CA GLU A 488 16.14 3.37 32.98
C GLU A 488 16.38 2.01 33.59
N GLU A 489 17.67 1.75 33.84
CA GLU A 489 18.14 0.70 34.69
C GLU A 489 19.09 1.39 35.62
N VAL A 490 19.43 0.72 36.75
CA VAL A 490 19.82 1.38 37.97
C VAL A 490 21.07 2.21 37.82
N LYS A 491 21.07 3.39 38.49
CA LYS A 491 22.14 4.36 38.46
C LYS A 491 22.65 4.51 39.87
N GLY A 492 22.43 3.47 40.71
CA GLY A 492 22.88 3.42 42.08
C GLY A 492 21.72 3.01 42.94
N VAL A 493 20.59 2.61 42.30
CA VAL A 493 19.31 2.50 42.94
C VAL A 493 19.22 1.07 43.39
N ALA A 494 18.93 0.87 44.70
CA ALA A 494 19.07 -0.40 45.36
C ALA A 494 17.71 -0.79 45.88
N PHE A 495 17.38 -2.08 45.73
CA PHE A 495 16.08 -2.65 46.04
C PHE A 495 15.79 -2.56 47.52
N GLU A 496 14.50 -2.32 47.83
CA GLU A 496 13.96 -2.35 49.16
C GLU A 496 13.49 -3.75 49.44
N LYS A 497 13.30 -4.07 50.75
CA LYS A 497 12.71 -5.30 51.22
C LYS A 497 11.35 -5.57 50.62
N ALA A 498 10.52 -4.50 50.51
CA ALA A 498 9.20 -4.49 49.93
C ALA A 498 9.16 -4.99 48.52
N ASP A 499 10.14 -4.56 47.69
CA ASP A 499 10.31 -4.92 46.30
C ASP A 499 10.50 -6.41 46.15
N THR A 500 11.43 -6.99 46.96
CA THR A 500 11.75 -8.40 47.04
C THR A 500 10.54 -9.24 47.40
N GLU A 501 9.70 -8.72 48.34
CA GLU A 501 8.51 -9.37 48.82
C GLU A 501 7.44 -9.43 47.76
N PHE A 502 7.32 -8.38 46.92
CA PHE A 502 6.46 -8.39 45.76
C PHE A 502 6.89 -9.41 44.74
N PHE A 503 8.22 -9.52 44.49
CA PHE A 503 8.77 -10.42 43.49
C PHE A 503 8.51 -11.87 43.79
N GLN A 504 8.72 -12.29 45.07
CA GLN A 504 8.40 -13.63 45.53
C GLN A 504 6.92 -13.94 45.43
N GLU A 505 6.07 -12.96 45.80
CA GLU A 505 4.63 -13.07 45.82
C GLU A 505 4.05 -13.28 44.45
N PHE A 506 4.54 -12.51 43.45
CA PHE A 506 4.22 -12.66 42.05
C PHE A 506 4.50 -14.06 41.54
N ALA A 507 5.69 -14.60 41.85
CA ALA A 507 6.15 -15.89 41.42
C ALA A 507 5.34 -16.98 42.07
N SER A 508 5.10 -18.08 41.34
CA SER A 508 4.21 -19.13 41.78
C SER A 508 4.59 -20.37 41.01
N GLU B 4 -36.37 -5.00 -9.97
CA GLU B 4 -36.46 -6.00 -10.98
C GLU B 4 -36.49 -5.21 -12.27
N VAL B 5 -36.98 -5.84 -13.37
CA VAL B 5 -37.19 -5.21 -14.66
C VAL B 5 -38.11 -4.01 -14.59
N GLN B 6 -39.15 -4.05 -13.71
CA GLN B 6 -40.16 -3.04 -13.63
C GLN B 6 -39.67 -1.98 -12.68
N LEU B 7 -39.29 -0.82 -13.27
CA LEU B 7 -38.86 0.35 -12.56
C LEU B 7 -39.46 1.40 -13.46
N VAL B 8 -40.81 1.49 -13.42
CA VAL B 8 -41.57 2.28 -14.35
C VAL B 8 -41.93 3.61 -13.78
N GLU B 9 -41.48 4.72 -14.43
CA GLU B 9 -41.89 6.06 -14.08
C GLU B 9 -43.38 6.20 -14.22
N SER B 10 -44.05 6.79 -13.21
CA SER B 10 -45.47 7.00 -13.24
C SER B 10 -45.76 8.41 -12.80
N GLY B 11 -44.72 9.16 -12.40
CA GLY B 11 -44.84 10.53 -11.96
C GLY B 11 -44.71 11.44 -13.14
N GLY B 12 -44.04 10.95 -14.22
CA GLY B 12 -43.85 11.63 -15.47
C GLY B 12 -45.14 12.00 -16.16
N GLY B 13 -45.01 12.83 -17.22
CA GLY B 13 -46.12 13.34 -17.99
C GLY B 13 -45.68 14.67 -18.50
N LEU B 14 -46.59 15.37 -19.22
CA LEU B 14 -46.42 16.74 -19.66
C LEU B 14 -46.22 17.66 -18.48
N VAL B 15 -45.30 18.62 -18.63
CA VAL B 15 -44.89 19.51 -17.58
C VAL B 15 -44.51 20.78 -18.30
N GLN B 16 -44.71 21.94 -17.63
CA GLN B 16 -44.51 23.24 -18.21
C GLN B 16 -43.05 23.60 -18.05
N PRO B 17 -42.44 24.39 -18.95
CA PRO B 17 -41.07 24.86 -18.80
C PRO B 17 -40.92 25.76 -17.59
N GLY B 18 -39.97 25.41 -16.69
CA GLY B 18 -39.68 26.15 -15.48
C GLY B 18 -40.53 25.67 -14.34
N GLY B 19 -41.41 24.68 -14.59
CA GLY B 19 -42.38 24.18 -13.65
C GLY B 19 -41.78 23.04 -12.91
N SER B 20 -42.65 22.21 -12.29
CA SER B 20 -42.21 21.12 -11.46
C SER B 20 -43.22 20.03 -11.59
N LEU B 21 -42.72 18.78 -11.64
CA LEU B 21 -43.52 17.61 -11.62
C LEU B 21 -42.61 16.62 -10.94
N ARG B 22 -43.18 15.76 -10.06
CA ARG B 22 -42.37 14.85 -9.29
C ARG B 22 -42.40 13.49 -9.91
N LEU B 23 -41.32 13.18 -10.65
CA LEU B 23 -41.05 11.91 -11.31
C LEU B 23 -40.89 10.86 -10.25
N SER B 24 -41.60 9.70 -10.34
CA SER B 24 -41.61 8.75 -9.25
C SER B 24 -41.59 7.33 -9.73
N CYS B 25 -40.58 6.57 -9.24
CA CYS B 25 -40.25 5.25 -9.69
C CYS B 25 -41.18 4.25 -9.07
N ALA B 26 -41.83 3.39 -9.91
CA ALA B 26 -42.68 2.31 -9.45
C ALA B 26 -41.86 1.09 -9.10
N ALA B 27 -40.73 1.28 -8.37
CA ALA B 27 -39.75 0.28 -8.02
C ALA B 27 -40.35 -0.84 -7.21
N SER B 28 -40.06 -2.09 -7.62
CA SER B 28 -40.64 -3.26 -7.00
C SER B 28 -39.79 -4.44 -7.33
N GLY B 29 -39.94 -5.54 -6.54
CA GLY B 29 -39.18 -6.76 -6.68
C GLY B 29 -37.87 -6.74 -5.95
N PHE B 30 -37.70 -5.81 -4.99
CA PHE B 30 -36.52 -5.74 -4.17
C PHE B 30 -36.89 -4.78 -3.06
N ASN B 31 -35.88 -4.16 -2.40
CA ASN B 31 -36.12 -3.20 -1.36
C ASN B 31 -35.06 -2.14 -1.50
N PHE B 32 -35.46 -0.86 -1.37
CA PHE B 32 -34.63 0.28 -1.67
C PHE B 32 -33.92 0.63 -0.40
N SER B 33 -32.64 0.19 -0.29
CA SER B 33 -31.71 0.52 0.75
C SER B 33 -30.50 -0.36 0.55
N SER B 34 -30.50 -1.18 -0.52
CA SER B 34 -29.38 -2.02 -0.90
C SER B 34 -28.98 -1.60 -2.30
N TYR B 35 -29.62 -0.52 -2.82
CA TYR B 35 -29.47 -0.08 -4.16
C TYR B 35 -29.63 1.40 -4.13
N SER B 36 -29.20 2.08 -5.21
CA SER B 36 -29.26 3.51 -5.34
C SER B 36 -29.98 3.75 -6.63
N ILE B 37 -31.10 4.50 -6.55
CA ILE B 37 -32.12 4.52 -7.56
C ILE B 37 -31.98 5.86 -8.24
N HIS B 38 -30.88 6.02 -8.98
CA HIS B 38 -30.49 7.28 -9.56
C HIS B 38 -31.02 7.32 -10.96
N TRP B 39 -31.41 8.53 -11.42
CA TRP B 39 -32.29 8.67 -12.56
C TRP B 39 -31.36 8.72 -13.73
N VAL B 40 -31.57 7.81 -14.71
CA VAL B 40 -30.83 7.74 -15.93
C VAL B 40 -31.78 8.15 -17.01
N ARG B 41 -31.39 9.14 -17.85
CA ARG B 41 -32.29 9.72 -18.79
C ARG B 41 -31.88 9.49 -20.21
N GLN B 42 -32.68 8.69 -20.95
CA GLN B 42 -32.42 8.42 -22.34
C GLN B 42 -33.06 9.54 -23.11
N ALA B 43 -32.29 10.59 -23.45
CA ALA B 43 -32.79 11.71 -24.22
C ALA B 43 -33.00 11.22 -25.65
N PRO B 44 -34.04 11.63 -26.37
CA PRO B 44 -34.42 11.04 -27.65
C PRO B 44 -33.36 11.22 -28.72
N GLY B 45 -32.84 10.09 -29.27
CA GLY B 45 -31.79 10.06 -30.27
C GLY B 45 -30.49 10.62 -29.76
N LYS B 46 -30.20 10.41 -28.47
CA LYS B 46 -29.08 10.99 -27.78
C LYS B 46 -28.68 10.01 -26.72
N GLY B 47 -27.49 10.23 -26.13
CA GLY B 47 -26.81 9.24 -25.34
C GLY B 47 -27.26 9.30 -23.91
N LEU B 48 -27.04 8.17 -23.21
CA LEU B 48 -27.42 7.92 -21.84
C LEU B 48 -26.64 8.80 -20.89
N GLU B 49 -27.29 9.31 -19.82
CA GLU B 49 -26.65 10.18 -18.86
C GLU B 49 -27.19 9.85 -17.50
N TRP B 50 -26.55 10.45 -16.47
CA TRP B 50 -26.79 10.27 -15.06
C TRP B 50 -27.37 11.58 -14.57
N VAL B 51 -28.28 11.53 -13.56
CA VAL B 51 -28.86 12.72 -12.97
C VAL B 51 -28.30 12.92 -11.59
N ALA B 52 -28.55 11.99 -10.62
CA ALA B 52 -28.01 12.19 -9.30
C ALA B 52 -28.16 10.94 -8.49
N TYR B 53 -27.20 10.77 -7.55
CA TYR B 53 -26.99 9.61 -6.74
C TYR B 53 -27.93 9.75 -5.57
N ILE B 54 -28.49 8.63 -5.06
CA ILE B 54 -29.40 8.71 -3.94
C ILE B 54 -29.23 7.43 -3.17
N SER B 55 -29.33 7.51 -1.84
CA SER B 55 -29.12 6.40 -0.96
C SER B 55 -30.09 6.64 0.15
N SER B 56 -30.72 5.56 0.64
CA SER B 56 -31.63 5.60 1.77
C SER B 56 -30.98 4.92 2.95
N TYR B 57 -29.69 4.52 2.78
CA TYR B 57 -28.90 3.85 3.77
C TYR B 57 -27.94 4.89 4.22
N TYR B 58 -26.79 5.01 3.50
CA TYR B 58 -25.65 5.82 3.87
C TYR B 58 -26.02 7.29 3.85
N GLY B 59 -26.82 7.68 2.82
CA GLY B 59 -27.46 8.97 2.74
C GLY B 59 -26.68 9.92 1.88
N SER B 60 -25.62 9.44 1.20
CA SER B 60 -24.84 10.21 0.25
C SER B 60 -25.68 10.58 -0.96
N THR B 61 -25.48 11.82 -1.46
CA THR B 61 -26.11 12.31 -2.66
C THR B 61 -25.11 13.22 -3.30
N TYR B 62 -24.99 13.14 -4.65
CA TYR B 62 -24.12 13.96 -5.42
C TYR B 62 -24.87 14.14 -6.70
N TYR B 63 -24.89 15.38 -7.24
CA TYR B 63 -25.62 15.72 -8.44
C TYR B 63 -24.62 15.66 -9.57
N ALA B 64 -25.13 15.55 -10.81
CA ALA B 64 -24.34 15.69 -12.01
C ALA B 64 -24.26 17.15 -12.30
N ASP B 65 -23.27 17.57 -13.12
CA ASP B 65 -22.90 18.95 -13.36
C ASP B 65 -24.02 19.76 -13.96
N SER B 66 -24.78 19.15 -14.92
CA SER B 66 -25.77 19.85 -15.71
C SER B 66 -27.08 20.03 -14.98
N VAL B 67 -27.31 19.25 -13.89
CA VAL B 67 -28.48 19.34 -13.05
C VAL B 67 -28.07 19.75 -11.66
N LYS B 68 -26.87 20.39 -11.51
CA LYS B 68 -26.24 20.64 -10.24
C LYS B 68 -27.04 21.60 -9.40
N GLY B 69 -27.60 21.09 -8.28
CA GLY B 69 -28.31 21.87 -7.28
C GLY B 69 -29.67 22.30 -7.76
N ARG B 70 -30.25 21.55 -8.74
CA ARG B 70 -31.54 21.80 -9.29
C ARG B 70 -32.47 20.77 -8.75
N PHE B 71 -32.40 19.53 -9.31
CA PHE B 71 -33.27 18.43 -8.97
C PHE B 71 -33.07 18.08 -7.53
N THR B 72 -34.19 17.87 -6.80
CA THR B 72 -34.15 17.65 -5.38
C THR B 72 -34.57 16.24 -5.14
N ILE B 73 -33.61 15.44 -4.64
CA ILE B 73 -33.77 14.06 -4.31
C ILE B 73 -34.69 13.91 -3.12
N SER B 74 -35.38 12.77 -3.06
CA SER B 74 -36.26 12.45 -1.96
C SER B 74 -36.34 10.97 -2.04
N ALA B 75 -36.58 10.31 -0.89
CA ALA B 75 -36.43 8.90 -0.75
C ALA B 75 -37.57 8.42 0.07
N ASP B 76 -37.74 7.08 0.12
CA ASP B 76 -38.85 6.46 0.76
C ASP B 76 -38.59 4.99 0.55
N THR B 77 -38.51 4.24 1.66
CA THR B 77 -38.15 2.84 1.67
C THR B 77 -39.42 2.05 1.95
N SER B 78 -40.58 2.75 2.04
CA SER B 78 -41.85 2.15 2.37
C SER B 78 -42.64 1.86 1.12
N LYS B 79 -42.12 2.25 -0.06
CA LYS B 79 -42.79 2.07 -1.32
C LYS B 79 -41.74 2.07 -2.41
N ASN B 80 -40.49 2.49 -2.06
CA ASN B 80 -39.30 2.42 -2.87
C ASN B 80 -39.30 3.51 -3.91
N THR B 81 -40.27 4.46 -3.79
CA THR B 81 -40.34 5.67 -4.57
C THR B 81 -39.18 6.56 -4.23
N ALA B 82 -38.73 7.37 -5.19
CA ALA B 82 -37.55 8.17 -5.01
C ALA B 82 -37.76 9.40 -5.82
N TYR B 83 -38.78 10.20 -5.41
CA TYR B 83 -39.28 11.33 -6.15
C TYR B 83 -38.23 12.36 -6.42
N LEU B 84 -38.05 12.78 -7.69
CA LEU B 84 -37.17 13.90 -7.96
C LEU B 84 -38.07 15.03 -8.32
N GLN B 85 -38.05 16.08 -7.48
CA GLN B 85 -38.74 17.33 -7.75
C GLN B 85 -37.93 18.03 -8.80
N MET B 86 -38.56 18.68 -9.79
CA MET B 86 -37.84 19.31 -10.86
C MET B 86 -37.95 20.78 -10.66
N ASN B 87 -36.81 21.42 -10.35
CA ASN B 87 -36.75 22.82 -9.99
C ASN B 87 -35.87 23.41 -11.04
N SER B 88 -36.36 24.50 -11.69
CA SER B 88 -35.64 25.30 -12.66
C SER B 88 -35.50 24.48 -13.92
N LEU B 89 -36.60 23.76 -14.25
CA LEU B 89 -36.74 22.81 -15.32
C LEU B 89 -36.51 23.48 -16.66
N ARG B 90 -35.74 22.83 -17.55
CA ARG B 90 -35.26 23.41 -18.79
C ARG B 90 -35.91 22.67 -19.92
N ALA B 91 -35.93 23.32 -21.11
CA ALA B 91 -36.44 22.76 -22.35
C ALA B 91 -35.43 21.84 -22.98
N GLU B 92 -34.18 21.82 -22.45
CA GLU B 92 -33.11 20.99 -22.94
C GLU B 92 -33.04 19.74 -22.10
N ASP B 93 -33.93 19.61 -21.09
CA ASP B 93 -34.01 18.47 -20.21
C ASP B 93 -35.32 17.81 -20.48
N THR B 94 -35.40 17.19 -21.68
CA THR B 94 -36.54 16.42 -22.12
C THR B 94 -35.95 15.05 -22.35
N ALA B 95 -36.55 14.01 -21.74
CA ALA B 95 -36.13 12.67 -22.00
C ALA B 95 -37.20 11.74 -21.55
N VAL B 96 -37.11 10.47 -21.99
CA VAL B 96 -37.91 9.38 -21.48
C VAL B 96 -37.16 8.89 -20.26
N TYR B 97 -37.37 9.56 -19.10
CA TYR B 97 -36.69 9.28 -17.85
C TYR B 97 -36.92 7.86 -17.41
N TYR B 98 -35.87 7.24 -16.84
CA TYR B 98 -36.00 5.95 -16.24
C TYR B 98 -35.34 6.04 -14.90
N CYS B 99 -35.75 5.14 -13.99
CA CYS B 99 -35.12 4.96 -12.72
C CYS B 99 -34.38 3.67 -12.87
N ALA B 100 -33.04 3.67 -12.68
CA ALA B 100 -32.26 2.47 -12.78
C ALA B 100 -31.60 2.24 -11.46
N ARG B 101 -31.74 1.02 -10.94
CA ARG B 101 -31.12 0.59 -9.71
C ARG B 101 -29.70 0.20 -10.01
N HIS B 102 -28.85 0.25 -8.96
CA HIS B 102 -27.43 0.02 -9.06
C HIS B 102 -27.08 -0.70 -7.79
N GLU B 103 -26.39 -1.86 -7.93
CA GLU B 103 -25.91 -2.66 -6.83
C GLU B 103 -24.93 -1.99 -5.91
N TYR B 104 -25.03 -2.36 -4.61
CA TYR B 104 -24.02 -2.10 -3.60
C TYR B 104 -23.05 -3.24 -3.64
N GLY B 105 -21.79 -2.98 -3.21
CA GLY B 105 -20.67 -3.89 -3.31
C GLY B 105 -20.77 -5.15 -2.48
N TRP B 106 -19.68 -5.95 -2.51
CA TRP B 106 -19.56 -7.13 -1.67
C TRP B 106 -18.17 -7.15 -1.07
N TRP B 107 -17.28 -6.23 -1.49
CA TRP B 107 -16.07 -5.94 -0.76
C TRP B 107 -15.76 -4.48 -0.95
N ASN B 108 -16.25 -3.91 -2.07
CA ASN B 108 -16.19 -2.51 -2.42
C ASN B 108 -16.70 -2.44 -3.84
N ASP B 109 -17.27 -3.57 -4.36
CA ASP B 109 -17.53 -3.82 -5.77
C ASP B 109 -18.48 -2.80 -6.34
N ARG B 110 -18.21 -2.38 -7.60
CA ARG B 110 -19.09 -1.49 -8.30
C ARG B 110 -19.40 -2.19 -9.58
N TRP B 111 -20.72 -2.29 -9.87
CA TRP B 111 -21.26 -2.99 -11.00
C TRP B 111 -21.94 -1.93 -11.83
N GLY B 112 -22.49 -2.36 -12.99
CA GLY B 112 -23.34 -1.55 -13.80
C GLY B 112 -24.74 -1.65 -13.27
N LEU B 113 -25.70 -1.08 -14.03
CA LEU B 113 -27.03 -0.80 -13.58
C LEU B 113 -27.79 -2.00 -14.07
N ASP B 114 -28.24 -2.85 -13.11
CA ASP B 114 -28.89 -4.12 -13.36
C ASP B 114 -30.10 -4.04 -14.24
N TYR B 115 -30.99 -3.06 -14.00
CA TYR B 115 -32.18 -2.91 -14.79
C TYR B 115 -32.44 -1.45 -14.93
N TRP B 116 -33.09 -1.11 -16.05
CA TRP B 116 -33.44 0.23 -16.42
C TRP B 116 -34.91 0.16 -16.67
N GLY B 117 -35.59 1.31 -16.48
CA GLY B 117 -37.03 1.39 -16.50
C GLY B 117 -37.61 1.22 -17.85
N GLN B 118 -38.96 1.22 -17.89
CA GLN B 118 -39.72 1.13 -19.12
C GLN B 118 -40.15 2.54 -19.46
N GLY B 119 -40.05 3.44 -18.46
CA GLY B 119 -40.30 4.87 -18.51
C GLY B 119 -41.66 5.28 -18.99
N THR B 120 -41.88 6.61 -18.97
CA THR B 120 -42.96 7.24 -19.67
C THR B 120 -42.39 8.58 -19.99
N LEU B 121 -42.79 9.15 -21.15
CA LEU B 121 -42.20 10.33 -21.71
C LEU B 121 -42.52 11.52 -20.84
N VAL B 122 -41.51 12.38 -20.61
CA VAL B 122 -41.67 13.60 -19.88
C VAL B 122 -41.35 14.63 -20.91
N THR B 123 -42.37 15.46 -21.25
CA THR B 123 -42.30 16.39 -22.34
C THR B 123 -42.27 17.74 -21.71
N VAL B 124 -41.32 18.59 -22.15
CA VAL B 124 -41.27 19.96 -21.75
C VAL B 124 -41.98 20.75 -22.81
N SER B 125 -42.99 21.55 -22.39
CA SER B 125 -43.94 22.17 -23.28
C SER B 125 -43.33 23.43 -23.82
N SER B 126 -43.98 24.03 -24.85
CA SER B 126 -43.54 25.26 -25.45
C SER B 126 -44.66 25.77 -26.32
N ALA B 127 -45.73 24.96 -26.47
CA ALA B 127 -46.76 25.21 -27.45
C ALA B 127 -47.95 24.42 -27.01
N SER B 128 -49.14 24.82 -27.52
CA SER B 128 -50.39 24.16 -27.27
C SER B 128 -50.56 23.08 -28.29
N THR B 129 -51.58 22.20 -28.10
CA THR B 129 -51.97 21.19 -29.07
C THR B 129 -52.35 21.85 -30.39
N LYS B 130 -51.87 21.26 -31.51
CA LYS B 130 -52.11 21.79 -32.82
C LYS B 130 -52.21 20.60 -33.72
N GLY B 131 -53.26 20.57 -34.57
CA GLY B 131 -53.43 19.53 -35.57
C GLY B 131 -52.50 19.80 -36.74
N PRO B 132 -52.03 18.79 -37.46
CA PRO B 132 -51.14 18.94 -38.59
C PRO B 132 -51.79 19.68 -39.73
N SER B 133 -51.01 20.54 -40.42
CA SER B 133 -51.35 20.95 -41.75
C SER B 133 -50.68 19.92 -42.61
N VAL B 134 -51.40 19.40 -43.63
CA VAL B 134 -50.93 18.32 -44.47
C VAL B 134 -50.89 18.87 -45.85
N PHE B 135 -49.67 18.92 -46.44
CA PHE B 135 -49.45 19.51 -47.74
C PHE B 135 -48.95 18.41 -48.62
N PRO B 136 -49.34 18.30 -49.89
CA PRO B 136 -48.74 17.34 -50.80
C PRO B 136 -47.36 17.80 -51.21
N LEU B 137 -46.39 16.88 -51.24
CA LEU B 137 -45.12 17.05 -51.90
C LEU B 137 -45.30 16.37 -53.22
N ALA B 138 -45.74 17.15 -54.24
CA ALA B 138 -46.09 16.68 -55.55
C ALA B 138 -44.89 16.08 -56.25
N PRO B 139 -45.00 15.01 -57.03
CA PRO B 139 -43.92 14.51 -57.88
C PRO B 139 -43.57 15.53 -58.93
N SER B 140 -42.27 15.86 -59.06
CA SER B 140 -41.77 16.78 -60.06
C SER B 140 -41.96 16.17 -61.44
N SER B 141 -42.29 17.03 -62.42
CA SER B 141 -42.52 16.66 -63.80
C SER B 141 -41.41 17.24 -64.64
N LYS B 142 -40.46 17.96 -63.98
CA LYS B 142 -39.31 18.57 -64.60
C LYS B 142 -38.08 17.78 -64.22
N SER B 143 -38.24 16.77 -63.36
CA SER B 143 -37.20 15.84 -63.03
C SER B 143 -37.86 14.64 -62.44
N THR B 144 -37.16 13.47 -62.47
CA THR B 144 -37.64 12.15 -62.07
C THR B 144 -39.01 11.81 -62.62
N SER B 145 -39.12 11.85 -63.96
CA SER B 145 -40.35 11.58 -64.65
C SER B 145 -39.99 10.88 -65.92
N GLY B 146 -40.78 9.83 -66.28
CA GLY B 146 -40.53 8.98 -67.41
C GLY B 146 -39.80 7.74 -66.98
N GLY B 147 -39.79 7.45 -65.67
CA GLY B 147 -39.10 6.32 -65.10
C GLY B 147 -39.83 6.03 -63.83
N THR B 148 -39.18 6.33 -62.69
CA THR B 148 -39.70 6.07 -61.37
C THR B 148 -39.76 7.45 -60.76
N ALA B 149 -40.89 7.78 -60.10
CA ALA B 149 -41.10 9.06 -59.48
C ALA B 149 -41.29 8.81 -58.02
N ALA B 150 -40.98 9.83 -57.20
CA ALA B 150 -41.22 9.81 -55.79
C ALA B 150 -42.16 10.93 -55.53
N LEU B 151 -43.05 10.75 -54.53
CA LEU B 151 -44.01 11.74 -54.15
C LEU B 151 -44.18 11.52 -52.68
N GLY B 152 -44.87 12.46 -51.98
CA GLY B 152 -45.03 12.29 -50.57
C GLY B 152 -45.97 13.32 -50.06
N CYS B 153 -46.05 13.40 -48.71
CA CYS B 153 -46.80 14.38 -47.99
C CYS B 153 -45.87 14.92 -46.95
N LEU B 154 -45.87 16.27 -46.81
CA LEU B 154 -45.19 16.96 -45.75
C LEU B 154 -46.22 17.23 -44.71
N VAL B 155 -46.01 16.68 -43.49
CA VAL B 155 -46.92 16.79 -42.40
C VAL B 155 -46.23 17.73 -41.45
N LYS B 156 -46.72 18.99 -41.41
CA LYS B 156 -45.96 20.12 -40.90
C LYS B 156 -46.81 20.77 -39.86
N ASP B 157 -46.16 21.27 -38.77
CA ASP B 157 -46.76 22.18 -37.82
C ASP B 157 -47.75 21.52 -36.90
N TYR B 158 -47.40 20.33 -36.36
CA TYR B 158 -48.26 19.63 -35.42
C TYR B 158 -47.53 19.62 -34.11
N PHE B 159 -48.28 19.46 -33.00
CA PHE B 159 -47.67 19.31 -31.71
C PHE B 159 -48.71 18.63 -30.88
N PRO B 160 -48.39 17.78 -29.92
CA PRO B 160 -47.13 17.07 -29.78
C PRO B 160 -47.16 15.85 -30.66
N GLU B 161 -46.02 15.16 -30.79
CA GLU B 161 -45.93 13.80 -31.31
C GLU B 161 -46.79 12.84 -30.54
N PRO B 162 -47.33 11.77 -31.13
CA PRO B 162 -47.02 11.29 -32.47
C PRO B 162 -47.99 11.86 -33.48
N VAL B 163 -47.65 11.65 -34.77
CA VAL B 163 -48.57 11.79 -35.88
C VAL B 163 -48.35 10.49 -36.62
N THR B 164 -49.45 9.91 -37.16
CA THR B 164 -49.40 8.71 -37.97
C THR B 164 -49.66 9.18 -39.37
N VAL B 165 -48.91 8.60 -40.35
CA VAL B 165 -49.10 8.84 -41.76
C VAL B 165 -49.20 7.46 -42.34
N SER B 166 -50.27 7.21 -43.14
CA SER B 166 -50.46 6.00 -43.88
C SER B 166 -50.76 6.45 -45.29
N TRP B 167 -50.71 5.51 -46.26
CA TRP B 167 -51.03 5.80 -47.63
C TRP B 167 -52.14 4.86 -48.03
N ASN B 168 -53.19 5.43 -48.68
CA ASN B 168 -54.35 4.76 -49.21
C ASN B 168 -55.06 3.95 -48.15
N SER B 169 -55.21 4.55 -46.94
CA SER B 169 -55.87 3.99 -45.78
C SER B 169 -55.15 2.76 -45.26
N GLY B 170 -53.80 2.72 -45.38
CA GLY B 170 -52.97 1.63 -44.93
C GLY B 170 -52.83 0.53 -45.95
N ALA B 171 -53.43 0.68 -47.16
CA ALA B 171 -53.35 -0.32 -48.21
C ALA B 171 -52.04 -0.24 -48.94
N LEU B 172 -51.33 0.91 -48.83
CA LEU B 172 -50.05 1.13 -49.44
C LEU B 172 -49.12 1.43 -48.31
N THR B 173 -48.01 0.65 -48.22
CA THR B 173 -47.04 0.72 -47.15
C THR B 173 -45.73 0.24 -47.73
N SER B 174 -45.75 -0.27 -48.98
CA SER B 174 -44.58 -0.71 -49.69
C SER B 174 -43.90 0.46 -50.36
N GLY B 175 -42.59 0.63 -50.05
CA GLY B 175 -41.76 1.68 -50.59
C GLY B 175 -41.93 2.96 -49.82
N VAL B 176 -42.71 2.93 -48.71
CA VAL B 176 -42.98 4.07 -47.88
C VAL B 176 -41.82 4.24 -46.92
N HIS B 177 -41.22 5.44 -46.90
CA HIS B 177 -40.22 5.81 -45.94
C HIS B 177 -40.76 7.02 -45.23
N THR B 178 -41.13 6.85 -43.94
CA THR B 178 -41.57 7.93 -43.09
C THR B 178 -40.39 8.30 -42.26
N PHE B 179 -39.82 9.50 -42.54
CA PHE B 179 -38.65 10.02 -41.88
C PHE B 179 -38.91 10.41 -40.44
N PRO B 180 -37.93 10.32 -39.54
CA PRO B 180 -37.91 10.98 -38.24
C PRO B 180 -38.41 12.41 -38.23
N ALA B 181 -39.08 12.82 -37.13
CA ALA B 181 -39.55 14.17 -36.94
C ALA B 181 -38.43 15.04 -36.46
N VAL B 182 -38.41 16.31 -36.93
CA VAL B 182 -37.48 17.32 -36.50
C VAL B 182 -38.30 18.37 -35.82
N LEU B 183 -37.83 18.80 -34.62
CA LEU B 183 -38.39 19.91 -33.89
C LEU B 183 -37.96 21.18 -34.59
N GLN B 184 -38.94 21.97 -35.06
CA GLN B 184 -38.72 23.21 -35.76
C GLN B 184 -38.59 24.31 -34.76
N SER B 185 -38.35 25.56 -35.24
CA SER B 185 -38.10 26.72 -34.42
C SER B 185 -39.40 27.43 -34.13
N SER B 186 -40.55 26.79 -34.48
CA SER B 186 -41.86 27.24 -34.12
C SER B 186 -42.34 26.46 -32.92
N GLY B 187 -41.53 25.47 -32.46
CA GLY B 187 -41.85 24.60 -31.35
C GLY B 187 -42.83 23.54 -31.77
N LEU B 188 -42.91 23.27 -33.09
CA LEU B 188 -43.84 22.33 -33.67
C LEU B 188 -43.00 21.37 -34.46
N TYR B 189 -43.41 20.08 -34.47
CA TYR B 189 -42.75 19.02 -35.18
C TYR B 189 -43.19 19.00 -36.62
N SER B 190 -42.32 18.45 -37.50
CA SER B 190 -42.60 18.26 -38.90
C SER B 190 -41.86 17.01 -39.32
N LEU B 191 -42.43 16.28 -40.31
CA LEU B 191 -41.80 15.14 -40.93
C LEU B 191 -42.33 15.05 -42.33
N SER B 192 -41.63 14.27 -43.19
CA SER B 192 -42.09 13.95 -44.52
C SER B 192 -42.30 12.46 -44.53
N SER B 193 -43.31 12.01 -45.30
CA SER B 193 -43.52 10.62 -45.63
C SER B 193 -43.46 10.61 -47.12
N VAL B 194 -42.69 9.67 -47.71
CA VAL B 194 -42.53 9.58 -49.15
C VAL B 194 -42.80 8.16 -49.54
N VAL B 195 -43.16 7.96 -50.82
CA VAL B 195 -43.41 6.67 -51.41
C VAL B 195 -42.91 6.79 -52.82
N THR B 196 -42.30 5.69 -53.35
CA THR B 196 -41.83 5.64 -54.71
C THR B 196 -42.82 4.83 -55.50
N VAL B 197 -43.21 5.37 -56.68
CA VAL B 197 -44.25 4.83 -57.53
C VAL B 197 -43.73 4.94 -58.95
N PRO B 198 -44.26 4.19 -59.92
CA PRO B 198 -44.08 4.44 -61.35
C PRO B 198 -44.48 5.83 -61.76
N SER B 199 -43.65 6.52 -62.58
CA SER B 199 -43.98 7.81 -63.16
C SER B 199 -45.20 7.74 -64.05
N SER B 200 -45.40 6.57 -64.70
CA SER B 200 -46.51 6.30 -65.58
C SER B 200 -47.84 6.11 -64.88
N SER B 201 -47.84 5.86 -63.54
CA SER B 201 -49.07 5.69 -62.79
C SER B 201 -49.64 7.03 -62.39
N LEU B 202 -48.82 8.11 -62.47
CA LEU B 202 -49.19 9.43 -62.07
C LEU B 202 -50.26 10.00 -62.96
N GLY B 203 -51.23 10.74 -62.36
CA GLY B 203 -52.33 11.37 -63.04
C GLY B 203 -53.34 10.40 -63.58
N THR B 204 -53.46 9.21 -62.94
CA THR B 204 -54.40 8.19 -63.33
C THR B 204 -54.48 7.19 -62.20
N GLN B 205 -53.71 7.43 -61.10
CA GLN B 205 -53.77 6.64 -59.91
C GLN B 205 -53.79 7.64 -58.81
N THR B 206 -54.76 7.50 -57.89
CA THR B 206 -54.90 8.34 -56.73
C THR B 206 -53.97 7.85 -55.64
N TYR B 207 -53.11 8.77 -55.16
CA TYR B 207 -52.26 8.52 -54.02
C TYR B 207 -52.70 9.55 -53.03
N ILE B 208 -53.23 9.07 -51.89
CA ILE B 208 -53.78 9.89 -50.85
C ILE B 208 -53.04 9.48 -49.62
N CYS B 209 -52.45 10.46 -48.88
CA CYS B 209 -51.90 10.20 -47.58
C CYS B 209 -53.00 10.47 -46.58
N ASN B 210 -53.18 9.53 -45.64
CA ASN B 210 -54.20 9.57 -44.63
C ASN B 210 -53.42 9.85 -43.38
N VAL B 211 -53.63 11.06 -42.80
CA VAL B 211 -52.86 11.54 -41.68
C VAL B 211 -53.83 11.53 -40.53
N ASN B 212 -53.42 10.93 -39.40
CA ASN B 212 -54.21 10.88 -38.20
C ASN B 212 -53.30 11.34 -37.10
N HIS B 213 -53.63 12.50 -36.52
CA HIS B 213 -52.98 13.06 -35.37
C HIS B 213 -53.88 12.86 -34.20
N LYS B 214 -53.60 11.82 -33.39
CA LYS B 214 -54.38 11.47 -32.23
C LYS B 214 -54.47 12.52 -31.13
N PRO B 215 -53.45 13.29 -30.72
CA PRO B 215 -53.60 14.24 -29.62
C PRO B 215 -54.60 15.35 -29.82
N SER B 216 -54.90 15.76 -31.08
CA SER B 216 -55.91 16.76 -31.37
C SER B 216 -57.11 16.11 -32.03
N ASN B 217 -57.03 14.78 -32.28
CA ASN B 217 -57.99 13.98 -33.05
C ASN B 217 -58.30 14.59 -34.41
N THR B 218 -57.24 15.03 -35.11
CA THR B 218 -57.32 15.76 -36.35
C THR B 218 -56.91 14.81 -37.41
N LYS B 219 -57.86 14.46 -38.32
CA LYS B 219 -57.62 13.58 -39.43
C LYS B 219 -57.80 14.34 -40.70
N VAL B 220 -56.79 14.27 -41.60
CA VAL B 220 -56.79 14.96 -42.86
C VAL B 220 -56.33 13.95 -43.85
N ASP B 221 -57.15 13.71 -44.92
CA ASP B 221 -56.76 12.94 -46.07
C ASP B 221 -56.40 13.94 -47.12
N LYS B 222 -55.14 13.92 -47.59
CA LYS B 222 -54.63 14.89 -48.54
C LYS B 222 -54.19 14.13 -49.78
N LYS B 223 -54.88 14.37 -50.91
CA LYS B 223 -54.53 13.86 -52.22
C LYS B 223 -53.25 14.48 -52.75
N VAL B 224 -52.38 13.62 -53.33
CA VAL B 224 -51.11 13.97 -53.90
C VAL B 224 -51.21 13.55 -55.34
N GLU B 225 -50.99 14.53 -56.25
CA GLU B 225 -51.14 14.34 -57.67
C GLU B 225 -50.02 15.13 -58.28
N PRO B 226 -49.50 14.80 -59.48
CA PRO B 226 -48.58 15.64 -60.25
C PRO B 226 -49.05 17.06 -60.44
N LYS B 227 -48.09 18.01 -60.34
CA LYS B 227 -48.32 19.41 -60.62
C LYS B 227 -47.24 19.81 -61.56
N SER B 228 -47.64 20.43 -62.69
CA SER B 228 -46.74 20.96 -63.69
C SER B 228 -47.02 22.43 -63.79
N ASP C 2 -15.93 14.93 -13.86
CA ASP C 2 -16.10 13.57 -13.42
C ASP C 2 -15.02 12.79 -14.10
N ILE C 3 -15.09 11.44 -14.03
CA ILE C 3 -14.19 10.54 -14.72
C ILE C 3 -14.81 10.27 -16.06
N GLN C 4 -14.38 11.03 -17.08
CA GLN C 4 -14.81 10.90 -18.45
C GLN C 4 -14.38 9.59 -19.06
N MET C 5 -15.24 9.07 -19.96
CA MET C 5 -15.03 7.82 -20.64
C MET C 5 -14.93 8.16 -22.09
N THR C 6 -13.82 7.77 -22.73
CA THR C 6 -13.54 8.10 -24.12
C THR C 6 -13.49 6.78 -24.82
N GLN C 7 -14.38 6.61 -25.83
CA GLN C 7 -14.49 5.40 -26.61
C GLN C 7 -13.87 5.59 -27.94
N SER C 8 -13.31 4.49 -28.48
CA SER C 8 -12.69 4.47 -29.78
C SER C 8 -13.05 3.12 -30.33
N PRO C 9 -13.16 2.96 -31.66
CA PRO C 9 -13.44 4.02 -32.62
C PRO C 9 -14.76 4.72 -32.32
N SER C 10 -14.95 5.95 -32.86
CA SER C 10 -16.19 6.71 -32.75
C SER C 10 -17.36 5.99 -33.40
N SER C 11 -17.13 5.40 -34.59
CA SER C 11 -18.10 4.60 -35.29
C SER C 11 -17.30 3.57 -36.04
N LEU C 12 -17.92 2.42 -36.38
CA LEU C 12 -17.27 1.44 -37.21
C LEU C 12 -18.35 0.79 -38.02
N SER C 13 -17.93 0.20 -39.16
CA SER C 13 -18.79 -0.48 -40.08
C SER C 13 -18.12 -1.77 -40.38
N ALA C 14 -18.77 -2.91 -40.03
CA ALA C 14 -18.18 -4.21 -40.21
C ALA C 14 -19.28 -5.12 -40.65
N SER C 15 -18.91 -6.19 -41.37
CA SER C 15 -19.83 -7.13 -41.98
C SER C 15 -20.27 -8.14 -40.96
N VAL C 16 -21.39 -8.82 -41.24
CA VAL C 16 -21.89 -9.93 -40.46
C VAL C 16 -20.88 -11.05 -40.45
N GLY C 17 -20.58 -11.60 -39.25
CA GLY C 17 -19.64 -12.68 -39.05
C GLY C 17 -18.24 -12.18 -38.90
N ASP C 18 -18.05 -10.90 -38.52
CA ASP C 18 -16.74 -10.34 -38.26
C ASP C 18 -16.58 -10.28 -36.78
N ARG C 19 -15.31 -10.22 -36.30
CA ARG C 19 -15.02 -10.03 -34.90
C ARG C 19 -14.71 -8.57 -34.72
N VAL C 20 -15.48 -7.92 -33.82
CA VAL C 20 -15.47 -6.49 -33.64
C VAL C 20 -15.08 -6.29 -32.21
N THR C 21 -14.07 -5.43 -31.96
CA THR C 21 -13.63 -5.09 -30.63
C THR C 21 -13.70 -3.60 -30.58
N ILE C 22 -14.33 -3.05 -29.52
CA ILE C 22 -14.36 -1.63 -29.28
C ILE C 22 -13.66 -1.45 -27.96
N THR C 23 -13.02 -0.28 -27.77
CA THR C 23 -12.22 -0.01 -26.60
C THR C 23 -12.82 1.20 -25.94
N CYS C 24 -12.57 1.30 -24.61
CA CYS C 24 -13.04 2.36 -23.78
C CYS C 24 -11.92 2.63 -22.82
N ARG C 25 -11.58 3.94 -22.69
CA ARG C 25 -10.50 4.41 -21.87
C ARG C 25 -11.12 5.29 -20.83
N ALA C 26 -10.80 5.00 -19.55
CA ALA C 26 -11.18 5.80 -18.41
C ALA C 26 -10.08 6.80 -18.19
N SER C 27 -10.44 8.03 -17.78
CA SER C 27 -9.48 9.10 -17.56
C SER C 27 -8.77 8.94 -16.23
N GLN C 28 -9.35 8.10 -15.33
CA GLN C 28 -8.78 7.79 -14.04
C GLN C 28 -9.14 6.35 -13.82
N SER C 29 -8.22 5.58 -13.21
CA SER C 29 -8.44 4.20 -12.84
C SER C 29 -9.54 4.05 -11.84
N VAL C 30 -10.42 3.06 -12.07
CA VAL C 30 -11.57 2.78 -11.23
C VAL C 30 -11.49 1.32 -10.85
N SER C 31 -10.36 0.65 -11.16
CA SER C 31 -10.16 -0.79 -11.01
C SER C 31 -11.16 -1.49 -11.91
N SER C 32 -11.65 -2.70 -11.51
CA SER C 32 -12.79 -3.31 -12.14
C SER C 32 -14.02 -2.63 -11.59
N ALA C 33 -14.78 -1.97 -12.48
CA ALA C 33 -15.89 -1.11 -12.11
C ALA C 33 -16.33 -0.41 -13.36
N VAL C 34 -16.43 -1.16 -14.48
CA VAL C 34 -16.83 -0.64 -15.76
C VAL C 34 -17.94 -1.51 -16.23
N ALA C 35 -18.93 -0.91 -16.93
CA ALA C 35 -20.03 -1.63 -17.49
C ALA C 35 -20.10 -1.30 -18.94
N TRP C 36 -20.88 -2.09 -19.69
CA TRP C 36 -21.12 -1.91 -21.10
C TRP C 36 -22.57 -2.13 -21.34
N TYR C 37 -23.18 -1.26 -22.17
CA TYR C 37 -24.58 -1.24 -22.50
C TYR C 37 -24.72 -1.39 -23.97
N GLN C 38 -25.86 -1.97 -24.39
CA GLN C 38 -26.30 -2.00 -25.75
C GLN C 38 -27.53 -1.15 -25.70
N GLN C 39 -27.52 -0.06 -26.49
CA GLN C 39 -28.59 0.89 -26.55
C GLN C 39 -29.05 0.82 -27.97
N LYS C 40 -30.34 0.49 -28.15
CA LYS C 40 -30.98 0.38 -29.43
C LYS C 40 -32.08 1.42 -29.41
N PRO C 41 -32.36 2.15 -30.49
CA PRO C 41 -33.27 3.30 -30.50
C PRO C 41 -34.65 3.06 -29.94
N GLY C 42 -35.09 3.93 -29.00
CA GLY C 42 -36.42 3.93 -28.44
C GLY C 42 -36.77 2.73 -27.61
N LYS C 43 -35.78 2.15 -26.89
CA LYS C 43 -35.98 1.03 -26.02
C LYS C 43 -35.08 1.26 -24.85
N ALA C 44 -35.35 0.56 -23.72
CA ALA C 44 -34.50 0.53 -22.56
C ALA C 44 -33.14 -0.05 -22.91
N PRO C 45 -32.00 0.56 -22.56
CA PRO C 45 -30.68 -0.05 -22.56
C PRO C 45 -30.60 -1.37 -21.86
N LYS C 46 -29.86 -2.34 -22.45
CA LYS C 46 -29.59 -3.62 -21.87
C LYS C 46 -28.17 -3.64 -21.40
N LEU C 47 -27.95 -4.02 -20.11
CA LEU C 47 -26.67 -4.20 -19.50
C LEU C 47 -26.05 -5.45 -20.08
N LEU C 48 -24.77 -5.37 -20.49
CA LEU C 48 -24.06 -6.47 -21.10
C LEU C 48 -23.02 -6.98 -20.14
N ILE C 49 -22.27 -6.04 -19.52
CA ILE C 49 -21.06 -6.34 -18.79
C ILE C 49 -21.14 -5.49 -17.56
N TYR C 50 -20.70 -6.04 -16.41
CA TYR C 50 -20.46 -5.30 -15.20
C TYR C 50 -19.10 -5.77 -14.76
N SER C 51 -18.42 -4.97 -13.90
CA SER C 51 -17.13 -5.27 -13.29
C SER C 51 -16.05 -5.57 -14.33
N ALA C 52 -15.96 -4.69 -15.35
CA ALA C 52 -15.01 -4.68 -16.44
C ALA C 52 -15.09 -5.79 -17.46
N SER C 53 -15.68 -6.97 -17.14
CA SER C 53 -15.49 -8.11 -18.00
C SER C 53 -16.43 -9.24 -17.69
N SER C 54 -17.33 -9.10 -16.68
CA SER C 54 -18.19 -10.17 -16.25
C SER C 54 -19.52 -9.97 -16.90
N LEU C 55 -20.05 -11.01 -17.59
CA LEU C 55 -21.32 -10.93 -18.28
C LEU C 55 -22.46 -10.87 -17.30
N TYR C 56 -23.47 -10.05 -17.67
CA TYR C 56 -24.75 -9.98 -17.01
C TYR C 56 -25.58 -11.12 -17.52
N SER C 57 -26.52 -11.61 -16.67
CA SER C 57 -27.46 -12.66 -16.99
C SER C 57 -28.39 -12.25 -18.11
N GLY C 58 -28.72 -13.21 -19.01
CA GLY C 58 -29.58 -13.00 -20.15
C GLY C 58 -28.95 -12.12 -21.20
N VAL C 59 -27.61 -12.23 -21.35
CA VAL C 59 -26.86 -11.56 -22.39
C VAL C 59 -26.26 -12.69 -23.19
N PRO C 60 -26.37 -12.75 -24.52
CA PRO C 60 -25.68 -13.70 -25.40
C PRO C 60 -24.20 -13.85 -25.14
N SER C 61 -23.64 -15.02 -25.48
CA SER C 61 -22.27 -15.37 -25.17
C SER C 61 -21.35 -14.98 -26.30
N ARG C 62 -21.90 -14.35 -27.37
CA ARG C 62 -21.10 -13.77 -28.43
C ARG C 62 -20.52 -12.46 -27.92
N PHE C 63 -21.18 -11.84 -26.92
CA PHE C 63 -20.66 -10.69 -26.22
C PHE C 63 -19.76 -11.23 -25.17
N SER C 64 -18.59 -10.59 -25.03
CA SER C 64 -17.63 -10.89 -24.00
C SER C 64 -16.97 -9.58 -23.71
N GLY C 65 -16.36 -9.48 -22.51
CA GLY C 65 -15.57 -8.34 -22.14
C GLY C 65 -14.30 -8.88 -21.61
N SER C 66 -13.27 -8.03 -21.51
CA SER C 66 -11.99 -8.42 -20.98
C SER C 66 -11.50 -7.23 -20.23
N ARG C 67 -10.38 -7.42 -19.48
CA ARG C 67 -9.54 -6.37 -18.96
C ARG C 67 -10.01 -6.07 -17.55
N SER C 68 -9.18 -5.31 -16.80
CA SER C 68 -9.47 -4.90 -15.45
C SER C 68 -8.51 -3.80 -15.10
N GLY C 69 -7.73 -3.31 -16.09
CA GLY C 69 -6.83 -2.19 -15.98
C GLY C 69 -7.59 -0.92 -16.17
N THR C 70 -7.03 0.02 -16.96
CA THR C 70 -7.63 1.32 -17.21
C THR C 70 -8.16 1.29 -18.63
N ASP C 71 -7.78 0.24 -19.40
CA ASP C 71 -8.08 0.09 -20.79
C ASP C 71 -9.05 -1.05 -20.85
N PHE C 72 -10.33 -0.77 -21.22
CA PHE C 72 -11.39 -1.75 -21.15
C PHE C 72 -11.77 -2.05 -22.56
N THR C 73 -12.33 -3.27 -22.80
CA THR C 73 -12.73 -3.71 -24.12
C THR C 73 -14.01 -4.50 -24.00
N LEU C 74 -14.85 -4.38 -25.06
CA LEU C 74 -16.01 -5.22 -25.28
C LEU C 74 -15.73 -5.82 -26.63
N THR C 75 -15.93 -7.15 -26.76
CA THR C 75 -15.67 -7.88 -27.96
C THR C 75 -16.95 -8.57 -28.32
N ILE C 76 -17.31 -8.52 -29.62
CA ILE C 76 -18.37 -9.30 -30.21
C ILE C 76 -17.63 -10.25 -31.08
N SER C 77 -17.68 -11.56 -30.77
CA SER C 77 -16.96 -12.61 -31.45
C SER C 77 -17.39 -12.79 -32.90
N SER C 78 -18.72 -12.76 -33.13
CA SER C 78 -19.31 -12.93 -34.42
C SER C 78 -20.40 -11.90 -34.45
N LEU C 79 -20.35 -11.00 -35.47
CA LEU C 79 -21.27 -9.90 -35.61
C LEU C 79 -22.54 -10.48 -36.20
N GLN C 80 -23.68 -9.87 -35.87
CA GLN C 80 -24.99 -10.33 -36.27
C GLN C 80 -25.65 -9.10 -36.85
N PRO C 81 -26.72 -9.21 -37.63
CA PRO C 81 -27.43 -8.06 -38.17
C PRO C 81 -28.33 -7.44 -37.13
N GLU C 82 -28.28 -7.91 -35.86
CA GLU C 82 -29.09 -7.43 -34.77
C GLU C 82 -28.16 -6.75 -33.79
N ASP C 83 -26.87 -6.58 -34.19
CA ASP C 83 -25.84 -5.93 -33.40
C ASP C 83 -25.60 -4.58 -34.01
N PHE C 84 -26.59 -4.09 -34.80
CA PHE C 84 -26.71 -2.72 -35.19
C PHE C 84 -27.23 -1.98 -33.98
N ALA C 85 -26.34 -1.23 -33.29
CA ALA C 85 -26.71 -0.55 -32.07
C ALA C 85 -25.59 0.40 -31.76
N THR C 86 -25.82 1.28 -30.77
CA THR C 86 -24.80 2.10 -30.16
C THR C 86 -24.45 1.44 -28.85
N TYR C 87 -23.14 1.22 -28.60
CA TYR C 87 -22.67 0.56 -27.40
C TYR C 87 -21.98 1.59 -26.56
N TYR C 88 -22.38 1.70 -25.26
CA TYR C 88 -21.88 2.70 -24.32
C TYR C 88 -21.13 2.03 -23.21
N CYS C 89 -19.91 2.53 -22.87
CA CYS C 89 -19.22 2.15 -21.65
C CYS C 89 -19.52 3.17 -20.59
N GLN C 90 -19.21 2.81 -19.32
CA GLN C 90 -19.63 3.54 -18.16
C GLN C 90 -18.64 3.20 -17.09
N GLN C 91 -18.31 4.16 -16.19
CA GLN C 91 -17.54 3.87 -14.99
C GLN C 91 -18.51 4.06 -13.88
N SER C 92 -18.43 3.17 -12.87
CA SER C 92 -19.25 3.19 -11.69
C SER C 92 -18.36 3.41 -10.51
N SER C 93 -18.91 4.09 -9.48
CA SER C 93 -18.21 4.38 -8.26
C SER C 93 -19.30 4.41 -7.22
N TRP C 94 -18.98 3.91 -6.00
CA TRP C 94 -19.96 3.66 -4.96
C TRP C 94 -19.87 4.82 -3.97
N TYR C 95 -19.26 5.94 -4.40
CA TYR C 95 -19.08 7.10 -3.58
C TYR C 95 -18.70 8.25 -4.47
N GLY C 96 -18.71 8.03 -5.81
CA GLY C 96 -18.36 9.02 -6.79
C GLY C 96 -19.47 9.10 -7.81
N PRO C 97 -19.34 9.98 -8.80
CA PRO C 97 -20.21 10.05 -9.98
C PRO C 97 -20.24 8.80 -10.81
N PHE C 98 -21.22 8.75 -11.75
CA PHE C 98 -21.36 7.73 -12.75
C PHE C 98 -21.35 8.52 -14.03
N THR C 99 -20.58 8.05 -15.04
CA THR C 99 -20.35 8.82 -16.25
C THR C 99 -20.35 7.80 -17.35
N PHE C 100 -20.88 8.20 -18.54
CA PHE C 100 -20.98 7.37 -19.71
C PHE C 100 -20.08 7.92 -20.77
N GLY C 101 -19.70 7.06 -21.75
CA GLY C 101 -19.05 7.44 -22.98
C GLY C 101 -19.98 8.11 -23.95
N GLN C 102 -19.50 8.24 -25.20
CA GLN C 102 -20.19 8.93 -26.26
C GLN C 102 -20.71 7.91 -27.25
N GLY C 103 -20.47 6.62 -26.97
CA GLY C 103 -20.95 5.49 -27.73
C GLY C 103 -20.16 5.20 -28.97
N THR C 104 -20.15 3.91 -29.36
CA THR C 104 -19.58 3.45 -30.61
C THR C 104 -20.74 2.89 -31.37
N LYS C 105 -21.04 3.51 -32.55
CA LYS C 105 -22.11 3.12 -33.41
C LYS C 105 -21.58 2.05 -34.31
N VAL C 106 -22.17 0.84 -34.23
CA VAL C 106 -21.77 -0.31 -34.99
C VAL C 106 -22.76 -0.41 -36.11
N GLU C 107 -22.25 -0.30 -37.36
CA GLU C 107 -23.00 -0.32 -38.58
C GLU C 107 -22.77 -1.65 -39.24
N ILE C 108 -23.81 -2.17 -39.95
CA ILE C 108 -23.72 -3.40 -40.70
C ILE C 108 -23.28 -3.01 -42.09
N LYS C 109 -22.13 -3.58 -42.53
CA LYS C 109 -21.51 -3.33 -43.80
C LYS C 109 -22.15 -4.12 -44.91
N ARG C 110 -22.19 -3.50 -46.11
CA ARG C 110 -22.69 -4.09 -47.31
C ARG C 110 -22.04 -3.33 -48.43
N THR C 111 -22.30 -3.76 -49.69
CA THR C 111 -21.84 -3.12 -50.91
C THR C 111 -22.35 -1.71 -51.05
N VAL C 112 -21.54 -0.82 -51.66
CA VAL C 112 -21.86 0.56 -51.95
C VAL C 112 -23.05 0.62 -52.90
N ALA C 113 -23.95 1.61 -52.69
CA ALA C 113 -25.11 1.81 -53.53
C ALA C 113 -25.30 3.29 -53.70
N ALA C 114 -25.63 3.71 -54.94
CA ALA C 114 -25.92 5.08 -55.29
C ALA C 114 -27.28 5.54 -54.79
N PRO C 115 -27.48 6.82 -54.51
CA PRO C 115 -28.78 7.36 -54.15
C PRO C 115 -29.53 7.70 -55.40
N SER C 116 -30.83 7.34 -55.46
CA SER C 116 -31.74 7.85 -56.45
C SER C 116 -32.23 9.14 -55.88
N VAL C 117 -32.06 10.26 -56.63
CA VAL C 117 -32.24 11.58 -56.09
C VAL C 117 -33.50 12.08 -56.73
N PHE C 118 -34.42 12.60 -55.89
CA PHE C 118 -35.71 13.12 -56.29
C PHE C 118 -35.79 14.44 -55.60
N ILE C 119 -36.37 15.47 -56.25
CA ILE C 119 -36.61 16.75 -55.65
C ILE C 119 -38.10 17.00 -55.80
N PHE C 120 -38.75 17.52 -54.73
CA PHE C 120 -40.19 17.75 -54.69
C PHE C 120 -40.41 19.23 -54.49
N PRO C 121 -41.10 19.95 -55.37
CA PRO C 121 -41.60 21.29 -55.10
C PRO C 121 -42.57 21.34 -53.93
N PRO C 122 -42.65 22.40 -53.12
CA PRO C 122 -43.79 22.65 -52.24
C PRO C 122 -45.00 22.92 -53.09
N SER C 123 -46.19 22.50 -52.60
CA SER C 123 -47.45 22.85 -53.21
C SER C 123 -47.84 24.24 -52.82
N ASP C 124 -48.80 24.84 -53.56
CA ASP C 124 -49.39 26.14 -53.32
C ASP C 124 -50.11 26.15 -51.99
N SER C 125 -50.66 24.98 -51.58
CA SER C 125 -51.31 24.73 -50.32
C SER C 125 -50.35 24.99 -49.18
N GLN C 126 -49.08 24.53 -49.33
CA GLN C 126 -48.03 24.82 -48.37
C GLN C 126 -47.68 26.29 -48.30
N LEU C 127 -47.59 26.99 -49.46
CA LEU C 127 -47.19 28.39 -49.50
C LEU C 127 -48.12 29.28 -48.72
N LYS C 128 -49.45 28.95 -48.71
CA LYS C 128 -50.45 29.65 -47.94
C LYS C 128 -50.22 29.70 -46.45
N SER C 129 -49.54 28.68 -45.84
CA SER C 129 -49.26 28.67 -44.42
C SER C 129 -48.33 29.79 -44.02
N GLY C 130 -47.27 30.04 -44.84
CA GLY C 130 -46.36 31.13 -44.63
C GLY C 130 -44.97 30.70 -45.00
N THR C 131 -44.76 29.36 -45.11
CA THR C 131 -43.46 28.76 -45.26
C THR C 131 -43.53 27.86 -46.46
N ALA C 132 -42.39 27.73 -47.17
CA ALA C 132 -42.23 26.87 -48.30
C ALA C 132 -41.10 25.95 -47.93
N SER C 133 -41.35 24.62 -47.99
CA SER C 133 -40.36 23.60 -47.76
C SER C 133 -40.13 22.84 -49.02
N VAL C 134 -38.86 22.76 -49.46
CA VAL C 134 -38.47 22.08 -50.66
C VAL C 134 -37.76 20.86 -50.14
N VAL C 135 -38.21 19.66 -50.56
CA VAL C 135 -37.78 18.41 -49.97
C VAL C 135 -37.00 17.66 -51.02
N CYS C 136 -35.81 17.15 -50.63
CA CYS C 136 -34.95 16.33 -51.44
C CYS C 136 -34.87 14.99 -50.80
N LEU C 137 -35.07 13.93 -51.59
CA LEU C 137 -35.08 12.55 -51.16
C LEU C 137 -33.91 11.88 -51.82
N LEU C 138 -33.08 11.19 -51.01
CA LEU C 138 -32.00 10.33 -51.43
C LEU C 138 -32.47 8.98 -51.02
N ASN C 139 -32.69 8.05 -51.98
CA ASN C 139 -33.36 6.81 -51.69
C ASN C 139 -32.39 5.68 -51.94
N ASN C 140 -32.33 4.74 -50.95
CA ASN C 140 -31.70 3.44 -51.04
C ASN C 140 -30.23 3.47 -51.38
N PHE C 141 -29.44 4.18 -50.55
CA PHE C 141 -28.03 4.38 -50.76
C PHE C 141 -27.31 3.77 -49.58
N TYR C 142 -25.99 3.50 -49.76
CA TYR C 142 -25.15 2.99 -48.72
C TYR C 142 -23.77 3.50 -49.09
N PRO C 143 -22.81 3.84 -48.23
CA PRO C 143 -22.87 3.95 -46.77
C PRO C 143 -23.85 4.99 -46.26
N ARG C 144 -24.00 5.03 -44.91
CA ARG C 144 -24.86 5.91 -44.15
C ARG C 144 -24.57 7.36 -44.36
N GLU C 145 -23.28 7.74 -44.38
CA GLU C 145 -22.83 9.09 -44.62
C GLU C 145 -23.18 9.54 -46.02
N ALA C 146 -23.64 10.81 -46.14
CA ALA C 146 -23.95 11.43 -47.38
C ALA C 146 -23.96 12.89 -47.07
N LYS C 147 -23.70 13.74 -48.10
CA LYS C 147 -23.73 15.17 -47.94
C LYS C 147 -24.72 15.72 -48.92
N VAL C 148 -25.66 16.54 -48.42
CA VAL C 148 -26.63 17.23 -49.22
C VAL C 148 -26.27 18.68 -49.13
N GLN C 149 -26.24 19.34 -50.30
CA GLN C 149 -26.03 20.75 -50.43
C GLN C 149 -27.25 21.24 -51.12
N TRP C 150 -27.90 22.28 -50.54
CA TRP C 150 -29.04 22.92 -51.11
C TRP C 150 -28.52 24.17 -51.74
N LYS C 151 -28.92 24.43 -53.00
CA LYS C 151 -28.56 25.65 -53.67
C LYS C 151 -29.84 26.21 -54.20
N VAL C 152 -30.01 27.54 -54.00
CA VAL C 152 -31.11 28.28 -54.53
C VAL C 152 -30.45 29.36 -55.33
N ASP C 153 -30.63 29.31 -56.67
CA ASP C 153 -30.02 30.19 -57.65
C ASP C 153 -28.51 30.11 -57.60
N ASN C 154 -27.99 28.90 -57.29
CA ASN C 154 -26.58 28.56 -57.15
C ASN C 154 -25.99 29.05 -55.84
N ALA C 155 -26.76 29.80 -55.01
CA ALA C 155 -26.33 30.28 -53.72
C ALA C 155 -26.52 29.20 -52.71
N LEU C 156 -25.43 28.76 -52.03
CA LEU C 156 -25.46 27.76 -50.99
C LEU C 156 -26.33 28.20 -49.84
N GLN C 157 -27.28 27.30 -49.45
CA GLN C 157 -28.21 27.48 -48.38
C GLN C 157 -27.66 26.75 -47.19
N SER C 158 -27.53 27.47 -46.05
CA SER C 158 -27.01 26.90 -44.83
C SER C 158 -27.73 27.58 -43.71
N GLY C 159 -27.99 26.83 -42.61
CA GLY C 159 -28.59 27.34 -41.40
C GLY C 159 -30.05 27.61 -41.59
N ASN C 160 -30.73 26.73 -42.36
CA ASN C 160 -32.12 26.92 -42.71
C ASN C 160 -32.63 25.63 -43.28
N SER C 161 -31.80 24.56 -43.27
CA SER C 161 -32.18 23.24 -43.71
C SER C 161 -31.94 22.31 -42.58
N GLN C 162 -32.77 21.24 -42.48
CA GLN C 162 -32.67 20.22 -41.47
C GLN C 162 -32.66 18.94 -42.23
N GLU C 163 -31.80 17.99 -41.80
CA GLU C 163 -31.68 16.68 -42.39
C GLU C 163 -32.23 15.67 -41.42
N SER C 164 -32.80 14.58 -41.95
CA SER C 164 -33.25 13.46 -41.17
C SER C 164 -32.89 12.27 -41.99
N VAL C 165 -32.35 11.21 -41.34
CA VAL C 165 -31.95 10.01 -42.03
C VAL C 165 -32.78 8.97 -41.35
N THR C 166 -33.48 8.11 -42.12
CA THR C 166 -34.19 6.96 -41.58
C THR C 166 -33.21 5.98 -40.97
N GLU C 167 -33.64 5.25 -39.92
CA GLU C 167 -32.95 4.07 -39.43
C GLU C 167 -33.00 2.99 -40.46
N GLN C 168 -31.91 2.19 -40.54
CA GLN C 168 -31.60 1.16 -41.53
C GLN C 168 -32.79 0.43 -42.09
N ASP C 169 -32.91 0.51 -43.44
CA ASP C 169 -33.97 -0.03 -44.25
C ASP C 169 -34.02 -1.53 -44.17
N SER C 170 -35.23 -2.09 -44.38
CA SER C 170 -35.47 -3.51 -44.34
C SER C 170 -35.49 -4.00 -45.78
N LYS C 171 -35.33 -3.07 -46.75
CA LYS C 171 -35.27 -3.31 -48.17
C LYS C 171 -34.11 -4.18 -48.55
N ASP C 172 -32.92 -3.89 -47.96
CA ASP C 172 -31.68 -4.58 -48.24
C ASP C 172 -30.58 -3.90 -47.46
N SER C 173 -30.95 -3.21 -46.34
CA SER C 173 -30.03 -2.59 -45.41
C SER C 173 -29.39 -1.35 -45.98
N THR C 174 -30.21 -0.58 -46.75
CA THR C 174 -29.84 0.70 -47.29
C THR C 174 -30.31 1.77 -46.32
N TYR C 175 -30.01 3.04 -46.63
CA TYR C 175 -30.48 4.18 -45.89
C TYR C 175 -31.16 5.06 -46.87
N SER C 176 -32.11 5.89 -46.37
CA SER C 176 -32.74 6.92 -47.13
C SER C 176 -32.60 8.14 -46.28
N LEU C 177 -32.61 9.33 -46.93
CA LEU C 177 -32.31 10.57 -46.27
C LEU C 177 -33.22 11.57 -46.90
N SER C 178 -33.83 12.44 -46.06
CA SER C 178 -34.57 13.59 -46.51
C SER C 178 -33.80 14.77 -46.02
N SER C 179 -33.63 15.76 -46.91
CA SER C 179 -33.06 17.04 -46.55
C SER C 179 -34.16 17.98 -46.92
N THR C 180 -34.57 18.83 -45.95
CA THR C 180 -35.70 19.71 -46.09
C THR C 180 -35.14 21.08 -45.91
N LEU C 181 -35.23 21.90 -46.99
CA LEU C 181 -34.86 23.29 -46.95
C LEU C 181 -36.12 24.02 -46.67
N THR C 182 -36.13 24.90 -45.65
CA THR C 182 -37.31 25.63 -45.26
C THR C 182 -36.96 27.07 -45.45
N LEU C 183 -37.84 27.79 -46.17
CA LEU C 183 -37.73 29.18 -46.48
C LEU C 183 -39.08 29.76 -46.15
N SER C 184 -39.16 31.10 -46.06
CA SER C 184 -40.41 31.84 -46.08
C SER C 184 -40.98 31.80 -47.48
N LYS C 185 -42.30 32.04 -47.62
CA LYS C 185 -42.97 32.23 -48.88
C LYS C 185 -42.38 33.37 -49.67
N ALA C 186 -42.09 34.50 -48.99
CA ALA C 186 -41.56 35.70 -49.59
C ALA C 186 -40.21 35.50 -50.22
N ASP C 187 -39.33 34.70 -49.59
CA ASP C 187 -38.06 34.26 -50.14
C ASP C 187 -38.25 33.31 -51.29
N TYR C 188 -39.20 32.36 -51.15
CA TYR C 188 -39.49 31.32 -52.11
C TYR C 188 -39.89 31.89 -53.47
N GLU C 189 -40.72 32.95 -53.49
CA GLU C 189 -41.25 33.54 -54.69
C GLU C 189 -40.25 34.41 -55.43
N LYS C 190 -39.11 34.76 -54.80
CA LYS C 190 -38.10 35.59 -55.43
C LYS C 190 -37.10 34.78 -56.21
N HIS C 191 -37.00 33.45 -55.94
CA HIS C 191 -35.99 32.60 -56.51
C HIS C 191 -36.72 31.48 -57.18
N LYS C 192 -36.30 31.12 -58.42
CA LYS C 192 -37.01 30.16 -59.21
C LYS C 192 -36.32 28.82 -59.20
N VAL C 193 -34.97 28.80 -59.17
CA VAL C 193 -34.22 27.58 -59.40
C VAL C 193 -33.95 26.96 -58.05
N TYR C 194 -34.48 25.74 -57.85
CA TYR C 194 -34.32 24.97 -56.64
C TYR C 194 -33.57 23.75 -57.00
N ALA C 195 -32.36 23.60 -56.42
CA ALA C 195 -31.47 22.54 -56.78
C ALA C 195 -31.04 21.86 -55.52
N CYS C 196 -31.02 20.50 -55.56
CA CYS C 196 -30.50 19.68 -54.52
C CYS C 196 -29.35 18.99 -55.17
N GLU C 197 -28.14 19.23 -54.65
CA GLU C 197 -26.93 18.60 -55.11
C GLU C 197 -26.58 17.60 -54.05
N VAL C 198 -26.31 16.35 -54.47
CA VAL C 198 -26.03 15.25 -53.59
C VAL C 198 -24.66 14.80 -53.94
N THR C 199 -23.78 14.74 -52.91
CA THR C 199 -22.42 14.26 -53.04
C THR C 199 -22.41 13.03 -52.17
N HIS C 200 -21.93 11.89 -52.71
CA HIS C 200 -21.92 10.65 -51.99
C HIS C 200 -20.91 9.76 -52.63
N GLN C 201 -20.52 8.68 -51.90
CA GLN C 201 -19.56 7.68 -52.30
C GLN C 201 -20.14 6.76 -53.33
N GLY C 202 -21.49 6.62 -53.34
CA GLY C 202 -22.21 5.81 -54.29
C GLY C 202 -22.24 6.47 -55.64
N LEU C 203 -22.18 7.83 -55.65
CA LEU C 203 -22.09 8.61 -56.86
C LEU C 203 -20.64 8.75 -57.21
N SER C 204 -20.35 8.99 -58.51
CA SER C 204 -19.01 9.18 -59.02
C SER C 204 -18.77 10.64 -59.30
N SER C 205 -19.83 11.48 -59.17
CA SER C 205 -19.71 12.91 -59.25
C SER C 205 -20.96 13.44 -58.59
N PRO C 206 -21.02 14.67 -58.07
CA PRO C 206 -22.24 15.27 -57.54
C PRO C 206 -23.38 15.27 -58.52
N VAL C 207 -24.54 14.69 -58.15
CA VAL C 207 -25.72 14.62 -58.97
C VAL C 207 -26.65 15.67 -58.47
N THR C 208 -27.07 16.59 -59.38
CA THR C 208 -27.95 17.67 -59.07
C THR C 208 -29.26 17.35 -59.72
N LYS C 209 -30.35 17.44 -58.94
CA LYS C 209 -31.71 17.36 -59.40
C LYS C 209 -32.32 18.66 -59.04
N SER C 210 -33.09 19.26 -59.99
CA SER C 210 -33.58 20.59 -59.82
C SER C 210 -34.87 20.71 -60.55
N PHE C 211 -35.66 21.75 -60.18
CA PHE C 211 -36.86 22.11 -60.86
C PHE C 211 -36.86 23.61 -60.86
N ASN C 212 -37.67 24.19 -61.79
CA ASN C 212 -37.95 25.60 -61.82
C ASN C 212 -39.34 25.74 -61.28
N ARG C 213 -39.52 26.72 -60.37
CA ARG C 213 -40.73 27.06 -59.68
C ARG C 213 -41.86 27.38 -60.62
N GLY C 214 -43.08 26.93 -60.26
CA GLY C 214 -44.27 27.07 -61.07
C GLY C 214 -44.95 25.72 -61.15
N GLU C 215 -44.45 24.74 -60.38
CA GLU C 215 -45.05 23.43 -60.23
C GLU C 215 -45.96 23.46 -59.05
N MET D 1 75.28 -14.03 18.52
CA MET D 1 73.89 -14.25 18.79
C MET D 1 73.18 -13.62 17.63
N ASN D 2 72.09 -12.86 17.91
CA ASN D 2 71.26 -12.24 16.91
C ASN D 2 71.41 -10.74 17.08
N GLY D 3 72.34 -10.31 17.96
CA GLY D 3 72.69 -8.94 18.11
C GLY D 3 73.87 -8.90 19.03
N THR D 4 73.81 -8.01 20.04
CA THR D 4 74.81 -7.86 21.05
C THR D 4 74.09 -7.56 22.33
N GLU D 5 74.24 -8.48 23.32
CA GLU D 5 73.55 -8.42 24.59
C GLU D 5 74.34 -7.56 25.54
N GLY D 6 73.58 -6.95 26.48
CA GLY D 6 74.08 -6.10 27.53
C GLY D 6 73.55 -6.68 28.81
N PRO D 7 73.48 -5.90 29.88
CA PRO D 7 73.02 -6.38 31.16
C PRO D 7 71.60 -5.89 31.40
N ASN D 8 71.08 -4.98 30.54
CA ASN D 8 69.73 -4.49 30.69
C ASN D 8 69.28 -3.92 29.37
N PHE D 9 70.04 -4.18 28.29
CA PHE D 9 69.67 -3.77 26.96
C PHE D 9 70.07 -4.90 26.09
N TYR D 10 69.39 -5.05 24.94
CA TYR D 10 69.75 -6.03 23.95
C TYR D 10 69.47 -5.30 22.66
N VAL D 11 70.51 -4.64 22.12
CA VAL D 11 70.48 -3.97 20.85
C VAL D 11 70.46 -5.04 19.76
N PRO D 12 69.47 -5.14 18.87
CA PRO D 12 69.37 -6.19 17.87
C PRO D 12 70.41 -6.00 16.78
N PHE D 13 70.90 -4.76 16.57
CA PHE D 13 71.99 -4.45 15.67
C PHE D 13 73.25 -5.00 16.30
N SER D 14 73.90 -5.97 15.62
CA SER D 14 75.10 -6.60 16.10
C SER D 14 76.23 -5.61 16.06
N ASN D 15 77.04 -5.58 17.15
CA ASN D 15 78.18 -4.73 17.32
C ASN D 15 79.24 -5.14 16.32
N LYS D 16 79.95 -4.16 15.71
CA LYS D 16 80.89 -4.46 14.67
C LYS D 16 81.76 -3.26 14.41
N THR D 17 81.47 -2.11 15.06
CA THR D 17 82.26 -0.91 14.94
C THR D 17 82.49 -0.33 16.31
N GLY D 18 82.01 -1.02 17.37
CA GLY D 18 82.25 -0.65 18.75
C GLY D 18 81.34 0.47 19.16
N VAL D 19 80.13 0.53 18.54
CA VAL D 19 79.19 1.59 18.74
C VAL D 19 78.05 1.13 19.62
N VAL D 20 77.95 -0.18 19.93
CA VAL D 20 76.87 -0.71 20.74
C VAL D 20 77.27 -0.50 22.18
N ARG D 21 76.51 0.42 22.83
CA ARG D 21 76.64 0.76 24.23
C ARG D 21 75.21 0.73 24.70
N SER D 22 74.91 1.38 25.85
CA SER D 22 73.56 1.56 26.33
C SER D 22 72.83 2.49 25.37
N PRO D 23 71.69 2.13 24.79
CA PRO D 23 70.90 3.02 23.96
C PRO D 23 70.07 3.93 24.81
N PHE D 24 70.21 3.82 26.15
CA PHE D 24 69.57 4.63 27.14
C PHE D 24 70.29 5.94 27.32
N GLU D 25 71.59 5.98 26.96
CA GLU D 25 72.45 7.09 27.29
C GLU D 25 73.28 7.46 26.09
N ALA D 26 72.93 6.98 24.88
CA ALA D 26 73.73 7.24 23.70
C ALA D 26 72.81 7.38 22.51
N PRO D 27 73.05 8.32 21.58
CA PRO D 27 72.27 8.49 20.36
C PRO D 27 72.26 7.26 19.49
N GLN D 28 71.12 6.93 18.84
CA GLN D 28 70.95 5.71 18.09
C GLN D 28 70.86 6.01 16.63
N TYR D 29 71.94 6.63 16.10
CA TYR D 29 72.02 7.01 14.70
C TYR D 29 73.00 6.08 14.03
N TYR D 30 73.37 4.98 14.72
CA TYR D 30 74.25 3.96 14.21
C TYR D 30 73.45 2.73 13.84
N LEU D 31 72.10 2.85 13.84
CA LEU D 31 71.25 1.76 13.45
C LEU D 31 69.93 2.31 12.97
N ALA D 32 69.87 3.64 12.79
CA ALA D 32 68.74 4.32 12.23
C ALA D 32 69.28 5.63 11.75
N GLU D 33 68.47 6.40 10.99
CA GLU D 33 68.87 7.66 10.42
C GLU D 33 67.92 8.70 10.97
N PRO D 34 68.25 10.01 10.98
CA PRO D 34 67.37 11.06 11.46
C PRO D 34 66.03 11.13 10.78
N TRP D 35 65.95 10.80 9.46
CA TRP D 35 64.72 10.86 8.70
C TRP D 35 63.78 9.78 9.15
N GLN D 36 64.31 8.56 9.43
CA GLN D 36 63.59 7.42 9.95
C GLN D 36 62.94 7.70 11.28
N PHE D 37 63.62 8.50 12.14
CA PHE D 37 63.10 8.98 13.39
C PHE D 37 61.97 9.96 13.23
N SER D 38 62.04 10.84 12.20
CA SER D 38 60.99 11.79 11.89
C SER D 38 59.73 11.08 11.46
N MET D 39 59.87 10.03 10.62
CA MET D 39 58.80 9.16 10.18
C MET D 39 58.19 8.36 11.31
N LEU D 40 59.04 7.88 12.25
CA LEU D 40 58.64 7.19 13.46
C LEU D 40 57.76 8.08 14.32
N ALA D 41 58.22 9.34 14.55
CA ALA D 41 57.53 10.32 15.35
C ALA D 41 56.21 10.72 14.74
N ALA D 42 56.18 10.89 13.39
CA ALA D 42 54.97 11.17 12.62
C ALA D 42 53.94 10.08 12.79
N TYR D 43 54.38 8.81 12.67
CA TYR D 43 53.56 7.63 12.79
C TYR D 43 52.95 7.47 14.17
N MET D 44 53.74 7.69 15.25
CA MET D 44 53.25 7.62 16.61
C MET D 44 52.27 8.70 16.95
N PHE D 45 52.46 9.90 16.36
CA PHE D 45 51.61 11.06 16.55
C PHE D 45 50.24 10.77 15.98
N LEU D 46 50.20 10.24 14.72
CA LEU D 46 49.04 9.74 14.02
C LEU D 46 48.21 8.79 14.85
N LEU D 47 48.83 7.72 15.40
CA LEU D 47 48.19 6.70 16.21
C LEU D 47 47.52 7.24 17.46
N ILE D 48 48.06 8.33 18.06
CA ILE D 48 47.48 8.96 19.22
C ILE D 48 46.24 9.73 18.80
N MET D 49 46.40 10.59 17.76
CA MET D 49 45.35 11.43 17.19
C MET D 49 44.13 10.70 16.72
N LEU D 50 44.30 9.49 16.15
CA LEU D 50 43.22 8.65 15.70
C LEU D 50 42.72 7.79 16.83
N GLY D 51 43.65 7.12 17.54
CA GLY D 51 43.35 6.12 18.54
C GLY D 51 42.51 6.60 19.69
N PHE D 52 42.82 7.80 20.25
CA PHE D 52 42.10 8.33 21.39
C PHE D 52 40.64 8.66 21.09
N PRO D 53 40.25 9.36 20.02
CA PRO D 53 38.85 9.61 19.69
C PRO D 53 38.05 8.36 19.47
N ILE D 54 38.55 7.41 18.65
CA ILE D 54 37.94 6.14 18.31
C ILE D 54 37.56 5.35 19.54
N ASN D 55 38.47 5.28 20.54
CA ASN D 55 38.28 4.49 21.74
C ASN D 55 37.41 5.22 22.72
N PHE D 56 37.48 6.58 22.74
CA PHE D 56 36.64 7.39 23.59
C PHE D 56 35.18 7.27 23.23
N LEU D 57 34.85 7.34 21.91
CA LEU D 57 33.53 7.15 21.37
C LEU D 57 32.88 5.84 21.74
N THR D 58 33.66 4.73 21.74
CA THR D 58 33.18 3.39 22.06
C THR D 58 32.65 3.30 23.47
N LEU D 59 33.38 3.91 24.43
CA LEU D 59 32.97 3.99 25.82
C LEU D 59 31.82 4.93 26.03
N TYR D 60 31.85 6.09 25.32
CA TYR D 60 30.95 7.20 25.49
C TYR D 60 29.53 6.88 25.10
N VAL D 61 29.35 6.32 23.88
CA VAL D 61 28.07 5.98 23.30
C VAL D 61 27.29 4.98 24.14
N THR D 62 27.99 4.06 24.83
CA THR D 62 27.38 2.99 25.58
C THR D 62 26.66 3.48 26.81
N VAL D 63 27.16 4.55 27.46
CA VAL D 63 26.52 5.15 28.62
C VAL D 63 25.21 5.84 28.25
N GLN D 64 25.07 6.27 26.97
CA GLN D 64 23.94 7.02 26.48
C GLN D 64 22.64 6.25 26.49
N HIS D 65 22.68 4.96 26.10
CA HIS D 65 21.51 4.13 26.06
C HIS D 65 21.73 2.91 26.92
N LYS D 66 20.75 2.64 27.81
CA LYS D 66 20.62 1.47 28.66
C LYS D 66 20.95 0.16 28.00
N LYS D 67 20.32 -0.11 26.83
CA LYS D 67 20.44 -1.33 26.06
C LYS D 67 21.82 -1.62 25.50
N LEU D 68 22.71 -0.59 25.41
CA LEU D 68 24.07 -0.74 24.95
C LEU D 68 24.93 -1.30 26.05
N ARG D 69 24.50 -1.17 27.33
CA ARG D 69 25.25 -1.58 28.49
C ARG D 69 24.97 -3.05 28.77
N THR D 70 24.54 -3.81 27.73
CA THR D 70 24.31 -5.23 27.74
C THR D 70 25.61 -5.99 27.95
N PRO D 71 25.60 -7.18 28.54
CA PRO D 71 26.78 -7.98 28.85
C PRO D 71 27.77 -8.17 27.72
N LEU D 72 27.27 -8.42 26.49
CA LEU D 72 28.06 -8.74 25.33
C LEU D 72 28.85 -7.58 24.76
N ASN D 73 28.61 -6.35 25.25
CA ASN D 73 29.31 -5.16 24.82
C ASN D 73 30.41 -4.82 25.79
N TYR D 74 30.39 -5.37 27.04
CA TYR D 74 31.44 -5.21 28.04
C TYR D 74 32.84 -5.47 27.51
N ILE D 75 33.00 -6.59 26.75
CA ILE D 75 34.26 -7.03 26.17
C ILE D 75 34.77 -6.03 25.14
N LEU D 76 33.84 -5.35 24.42
CA LEU D 76 34.14 -4.30 23.47
C LEU D 76 34.65 -3.06 24.15
N LEU D 77 34.06 -2.68 25.31
CA LEU D 77 34.54 -1.59 26.15
C LEU D 77 35.94 -1.86 26.64
N ASN D 78 36.19 -3.12 27.06
CA ASN D 78 37.47 -3.63 27.53
C ASN D 78 38.54 -3.51 26.47
N LEU D 79 38.22 -3.91 25.21
CA LEU D 79 39.05 -3.74 24.05
C LEU D 79 39.47 -2.30 23.83
N ALA D 80 38.53 -1.34 23.99
CA ALA D 80 38.79 0.09 23.84
C ALA D 80 39.75 0.60 24.88
N VAL D 81 39.62 0.14 26.15
CA VAL D 81 40.53 0.44 27.25
C VAL D 81 41.92 -0.08 27.00
N ALA D 82 42.03 -1.34 26.52
CA ALA D 82 43.26 -2.01 26.14
C ALA D 82 44.08 -1.22 25.15
N ASP D 83 43.39 -0.72 24.10
CA ASP D 83 43.94 0.12 23.06
C ASP D 83 44.50 1.42 23.61
N LEU D 84 43.82 2.02 24.62
CA LEU D 84 44.23 3.25 25.26
C LEU D 84 45.46 3.07 26.10
N PHE D 85 45.61 1.89 26.76
CA PHE D 85 46.84 1.50 27.43
C PHE D 85 48.03 1.54 26.51
N MET D 86 47.89 1.00 25.27
CA MET D 86 48.91 1.09 24.23
C MET D 86 49.24 2.51 23.82
N VAL D 87 48.24 3.44 23.85
CA VAL D 87 48.40 4.81 23.39
C VAL D 87 49.24 5.59 24.36
N PHE D 88 48.96 5.46 25.69
CA PHE D 88 49.56 6.30 26.69
C PHE D 88 50.79 5.66 27.28
N GLY D 89 50.86 4.31 27.25
CA GLY D 89 52.02 3.58 27.70
C GLY D 89 53.09 3.52 26.65
N GLY D 90 52.68 3.23 25.40
CA GLY D 90 53.61 2.97 24.31
C GLY D 90 53.85 4.17 23.46
N PHE D 91 52.80 4.62 22.74
CA PHE D 91 52.89 5.55 21.64
C PHE D 91 53.48 6.89 22.00
N THR D 92 53.01 7.48 23.14
CA THR D 92 53.44 8.77 23.63
C THR D 92 54.89 8.77 24.01
N THR D 93 55.32 7.75 24.80
CA THR D 93 56.70 7.51 25.16
C THR D 93 57.62 7.45 23.96
N THR D 94 57.25 6.65 22.93
CA THR D 94 58.04 6.46 21.73
C THR D 94 58.13 7.72 20.90
N LEU D 95 57.06 8.54 20.87
CA LEU D 95 57.01 9.82 20.23
C LEU D 95 58.00 10.80 20.81
N TYR D 96 58.06 10.86 22.17
CA TYR D 96 58.99 11.71 22.90
C TYR D 96 60.42 11.35 22.61
N THR D 97 60.76 10.04 22.77
CA THR D 97 62.09 9.50 22.63
C THR D 97 62.67 9.62 21.24
N SER D 98 61.85 9.34 20.19
CA SER D 98 62.23 9.39 18.79
C SER D 98 62.82 10.72 18.36
N LEU D 99 62.34 11.84 18.95
CA LEU D 99 62.76 13.18 18.60
C LEU D 99 64.10 13.54 19.19
N HIS D 100 64.56 12.80 20.24
CA HIS D 100 65.93 12.86 20.71
C HIS D 100 66.80 11.93 19.91
N GLY D 101 66.18 10.88 19.32
CA GLY D 101 66.84 9.91 18.49
C GLY D 101 67.34 8.76 19.30
N TYR D 102 66.97 8.69 20.60
CA TYR D 102 67.34 7.58 21.45
C TYR D 102 66.42 7.63 22.63
N PHE D 103 66.45 6.56 23.44
CA PHE D 103 65.56 6.36 24.55
C PHE D 103 66.15 7.11 25.72
N VAL D 104 65.40 8.09 26.29
CA VAL D 104 65.94 9.02 27.26
C VAL D 104 65.34 8.79 28.62
N PHE D 105 64.44 7.79 28.78
CA PHE D 105 63.81 7.52 30.06
C PHE D 105 64.54 6.44 30.81
N GLY D 106 65.62 5.87 30.20
CA GLY D 106 66.51 4.96 30.87
C GLY D 106 65.96 3.56 31.00
N PRO D 107 66.71 2.64 31.61
CA PRO D 107 66.35 1.24 31.80
C PRO D 107 65.04 1.07 32.54
N THR D 108 64.77 1.92 33.56
CA THR D 108 63.56 1.87 34.36
C THR D 108 62.38 2.27 33.50
N GLY D 109 62.55 3.34 32.69
CA GLY D 109 61.62 3.77 31.68
C GLY D 109 61.24 2.71 30.69
N CYS D 110 62.25 1.94 30.21
CA CYS D 110 62.11 0.82 29.31
C CYS D 110 61.21 -0.26 29.87
N ASN D 111 61.35 -0.55 31.19
CA ASN D 111 60.56 -1.53 31.90
C ASN D 111 59.12 -1.09 32.04
N LEU D 112 58.91 0.22 32.36
CA LEU D 112 57.61 0.86 32.43
C LEU D 112 56.87 0.81 31.12
N GLU D 113 57.48 1.36 30.04
CA GLU D 113 56.94 1.43 28.70
C GLU D 113 56.59 0.07 28.17
N GLY D 114 57.50 -0.91 28.40
CA GLY D 114 57.35 -2.29 27.97
C GLY D 114 56.22 -2.97 28.67
N PHE D 115 56.00 -2.63 29.97
CA PHE D 115 54.95 -3.21 30.78
C PHE D 115 53.59 -2.76 30.29
N PHE D 116 53.41 -1.43 30.06
CA PHE D 116 52.15 -0.86 29.65
C PHE D 116 51.78 -1.25 28.24
N ALA D 117 52.77 -1.29 27.32
CA ALA D 117 52.59 -1.68 25.94
C ALA D 117 52.17 -3.12 25.82
N THR D 118 52.86 -4.04 26.56
CA THR D 118 52.57 -5.46 26.60
C THR D 118 51.22 -5.71 27.21
N LEU D 119 50.93 -5.08 28.37
CA LEU D 119 49.67 -5.15 29.08
C LEU D 119 48.50 -4.84 28.18
N GLY D 120 48.57 -3.66 27.50
CA GLY D 120 47.65 -3.18 26.50
C GLY D 120 47.36 -4.19 25.43
N GLY D 121 48.43 -4.60 24.69
CA GLY D 121 48.38 -5.55 23.60
C GLY D 121 47.85 -6.91 23.97
N GLU D 122 48.07 -7.35 25.22
CA GLU D 122 47.66 -8.66 25.69
C GLU D 122 46.20 -8.65 26.06
N ILE D 123 45.71 -7.57 26.72
CA ILE D 123 44.29 -7.39 27.00
C ILE D 123 43.52 -7.36 25.70
N ALA D 124 44.04 -6.65 24.67
CA ALA D 124 43.50 -6.60 23.33
C ALA D 124 43.39 -7.95 22.69
N LEU D 125 44.51 -8.72 22.66
CA LEU D 125 44.64 -10.08 22.17
C LEU D 125 43.57 -10.99 22.71
N TRP D 126 43.47 -11.05 24.06
CA TRP D 126 42.54 -11.89 24.77
C TRP D 126 41.12 -11.41 24.70
N SER D 127 40.89 -10.08 24.48
CA SER D 127 39.58 -9.52 24.21
C SER D 127 38.99 -10.12 22.95
N LEU D 128 39.76 -10.09 21.82
CA LEU D 128 39.40 -10.70 20.56
C LEU D 128 39.02 -12.15 20.66
N VAL D 129 39.69 -12.90 21.58
CA VAL D 129 39.43 -14.30 21.85
C VAL D 129 38.11 -14.46 22.56
N VAL D 130 37.93 -13.78 23.71
CA VAL D 130 36.72 -13.77 24.52
C VAL D 130 35.50 -13.38 23.71
N LEU D 131 35.61 -12.34 22.85
CA LEU D 131 34.59 -11.87 21.95
C LEU D 131 34.10 -12.95 21.00
N ALA D 132 35.05 -13.72 20.41
CA ALA D 132 34.77 -14.85 19.55
C ALA D 132 34.05 -15.95 20.29
N ILE D 133 34.46 -16.23 21.56
CA ILE D 133 33.84 -17.17 22.46
C ILE D 133 32.40 -16.79 22.68
N GLU D 134 32.12 -15.53 23.08
CA GLU D 134 30.79 -15.00 23.33
C GLU D 134 29.88 -15.16 22.13
N ARG D 135 30.40 -14.87 20.91
CA ARG D 135 29.68 -15.03 19.66
C ARG D 135 29.32 -16.46 19.37
N TYR D 136 30.27 -17.40 19.61
CA TYR D 136 30.10 -18.83 19.46
C TYR D 136 29.03 -19.38 20.38
N VAL D 137 29.08 -19.00 21.68
CA VAL D 137 28.16 -19.40 22.71
C VAL D 137 26.75 -18.97 22.40
N VAL D 138 26.56 -17.67 22.08
CA VAL D 138 25.28 -17.06 21.82
C VAL D 138 24.59 -17.62 20.59
N VAL D 139 25.32 -17.85 19.48
CA VAL D 139 24.67 -18.14 18.22
C VAL D 139 24.58 -19.63 17.98
N CYS D 140 25.69 -20.37 18.14
CA CYS D 140 25.74 -21.79 17.89
C CYS D 140 25.11 -22.60 19.00
N LYS D 141 24.98 -22.00 20.22
CA LYS D 141 24.35 -22.57 21.38
C LYS D 141 24.89 -23.93 21.78
N PRO D 142 26.17 -24.10 22.16
CA PRO D 142 26.77 -25.38 22.45
C PRO D 142 26.25 -25.87 23.78
N MET D 143 25.97 -24.92 24.71
CA MET D 143 25.46 -25.18 26.01
C MET D 143 24.16 -24.44 25.99
N SER D 144 23.05 -25.22 26.00
CA SER D 144 21.71 -24.69 25.94
C SER D 144 21.20 -24.65 27.35
N ASN D 145 20.17 -23.80 27.58
CA ASN D 145 19.49 -23.63 28.85
C ASN D 145 20.34 -22.77 29.74
N PHE D 146 20.89 -21.68 29.16
CA PHE D 146 21.68 -20.70 29.87
C PHE D 146 21.41 -19.41 29.16
N ARG D 147 21.45 -18.30 29.92
CA ARG D 147 21.29 -16.96 29.42
C ARG D 147 22.59 -16.30 29.75
N PHE D 148 23.13 -15.51 28.80
CA PHE D 148 24.39 -14.83 28.97
C PHE D 148 24.08 -13.55 29.71
N GLY D 149 24.52 -13.49 30.99
CA GLY D 149 24.23 -12.40 31.89
C GLY D 149 25.48 -11.65 32.17
N GLU D 150 25.31 -10.50 32.89
CA GLU D 150 26.32 -9.55 33.29
C GLU D 150 27.53 -10.17 33.93
N ASN D 151 27.29 -11.12 34.86
CA ASN D 151 28.31 -11.79 35.66
C ASN D 151 29.30 -12.55 34.81
N HIS D 152 28.79 -13.28 33.79
CA HIS D 152 29.60 -14.09 32.90
C HIS D 152 30.53 -13.24 32.08
N ALA D 153 30.01 -12.11 31.55
CA ALA D 153 30.73 -11.09 30.82
C ALA D 153 31.89 -10.52 31.60
N ILE D 154 31.66 -10.19 32.89
CA ILE D 154 32.61 -9.63 33.83
C ILE D 154 33.76 -10.58 34.05
N MET D 155 33.46 -11.90 34.26
CA MET D 155 34.44 -12.96 34.35
C MET D 155 35.33 -13.02 33.11
N GLY D 156 34.70 -12.98 31.91
CA GLY D 156 35.36 -12.90 30.62
C GLY D 156 36.35 -11.78 30.50
N VAL D 157 35.97 -10.55 30.95
CA VAL D 157 36.78 -9.35 30.97
C VAL D 157 37.97 -9.52 31.89
N ALA D 158 37.72 -10.01 33.12
CA ALA D 158 38.71 -10.28 34.15
C ALA D 158 39.77 -11.23 33.68
N PHE D 159 39.37 -12.31 32.95
CA PHE D 159 40.21 -13.31 32.36
C PHE D 159 41.29 -12.75 31.43
N THR D 160 40.96 -11.71 30.62
CA THR D 160 41.88 -11.12 29.68
C THR D 160 42.98 -10.40 30.43
N TRP D 161 42.59 -9.68 31.51
CA TRP D 161 43.49 -9.00 32.42
C TRP D 161 44.48 -9.95 33.07
N VAL D 162 44.00 -11.11 33.59
CA VAL D 162 44.80 -12.11 34.26
C VAL D 162 45.85 -12.68 33.34
N MET D 163 45.46 -13.06 32.10
CA MET D 163 46.36 -13.54 31.08
C MET D 163 47.39 -12.51 30.65
N ALA D 164 47.00 -11.21 30.65
CA ALA D 164 47.85 -10.13 30.23
C ALA D 164 48.94 -9.87 31.23
N LEU D 165 48.56 -9.82 32.53
CA LEU D 165 49.46 -9.75 33.66
C LEU D 165 50.42 -10.92 33.71
N ALA D 166 49.92 -12.14 33.37
CA ALA D 166 50.70 -13.35 33.24
C ALA D 166 51.82 -13.30 32.22
N CYS D 167 51.84 -12.25 31.35
CA CYS D 167 52.80 -12.10 30.28
C CYS D 167 53.63 -10.88 30.59
N ALA D 168 52.97 -9.76 30.96
CA ALA D 168 53.63 -8.49 31.20
C ALA D 168 54.43 -8.46 32.47
N ALA D 169 54.02 -9.22 33.52
CA ALA D 169 54.68 -9.21 34.80
C ALA D 169 55.98 -10.01 34.83
N PRO D 170 56.15 -11.24 34.29
CA PRO D 170 57.42 -11.96 34.26
C PRO D 170 58.66 -11.20 33.86
N PRO D 171 58.79 -10.38 32.80
CA PRO D 171 60.04 -9.69 32.49
C PRO D 171 60.48 -8.66 33.52
N LEU D 172 59.62 -8.29 34.50
CA LEU D 172 59.96 -7.34 35.53
C LEU D 172 60.64 -8.00 36.71
N VAL D 173 60.58 -9.35 36.81
CA VAL D 173 61.10 -10.08 37.95
C VAL D 173 62.26 -10.93 37.50
N GLY D 174 62.69 -10.76 36.23
CA GLY D 174 63.93 -11.32 35.74
C GLY D 174 63.70 -12.61 35.02
N TRP D 175 62.43 -12.97 34.79
CA TRP D 175 62.05 -14.12 34.00
C TRP D 175 61.89 -13.56 32.61
N SER D 176 62.97 -13.65 31.81
CA SER D 176 63.21 -12.85 30.62
C SER D 176 63.33 -11.39 31.01
N ARG D 177 63.28 -10.46 30.03
CA ARG D 177 63.48 -9.06 30.31
C ARG D 177 62.88 -8.23 29.22
N TYR D 178 62.64 -6.94 29.52
CA TYR D 178 62.27 -5.93 28.56
C TYR D 178 63.57 -5.32 28.13
N ILE D 179 63.70 -5.10 26.81
CA ILE D 179 64.90 -4.58 26.20
C ILE D 179 64.41 -3.84 24.98
N PRO D 180 65.10 -2.80 24.51
CA PRO D 180 64.76 -2.07 23.31
C PRO D 180 64.50 -2.91 22.08
N GLU D 181 63.46 -2.57 21.30
CA GLU D 181 63.17 -3.18 20.03
C GLU D 181 63.25 -2.04 19.05
N GLY D 182 63.14 -2.37 17.73
CA GLY D 182 63.08 -1.41 16.66
C GLY D 182 64.31 -0.55 16.54
N MET D 183 64.10 0.79 16.51
CA MET D 183 65.14 1.77 16.30
C MET D 183 65.65 2.26 17.63
N GLN D 184 65.31 1.56 18.74
CA GLN D 184 65.85 1.76 20.06
C GLN D 184 65.24 2.99 20.70
N CYS D 185 63.90 3.08 20.59
CA CYS D 185 63.10 4.18 21.09
C CYS D 185 61.79 3.60 21.55
N SER D 186 61.62 2.26 21.44
CA SER D 186 60.51 1.58 22.03
C SER D 186 61.10 0.31 22.58
N CYS D 187 60.46 -0.25 23.62
CA CYS D 187 60.91 -1.43 24.31
C CYS D 187 59.92 -2.52 24.08
N GLY D 188 60.43 -3.71 23.68
CA GLY D 188 59.62 -4.89 23.47
C GLY D 188 60.14 -5.97 24.36
N ILE D 189 59.62 -7.19 24.11
CA ILE D 189 59.95 -8.42 24.78
C ILE D 189 61.23 -9.00 24.20
N ASP D 190 62.11 -9.56 25.08
CA ASP D 190 63.30 -10.25 24.69
C ASP D 190 62.91 -11.65 24.28
N TYR D 191 63.33 -12.07 23.06
CA TYR D 191 63.01 -13.35 22.50
C TYR D 191 64.05 -13.62 21.44
N TYR D 192 65.14 -12.81 21.42
CA TYR D 192 66.16 -12.84 20.40
C TYR D 192 67.15 -13.95 20.68
N THR D 193 67.16 -14.53 21.91
CA THR D 193 68.02 -15.64 22.25
C THR D 193 67.22 -16.48 23.20
N PRO D 194 67.11 -17.80 23.02
CA PRO D 194 66.49 -18.66 24.02
C PRO D 194 67.59 -19.11 24.95
N HIS D 195 67.75 -18.39 26.08
CA HIS D 195 68.83 -18.58 27.02
C HIS D 195 68.22 -18.90 28.36
N GLU D 196 68.42 -20.17 28.80
CA GLU D 196 67.80 -20.77 29.97
C GLU D 196 68.11 -20.08 31.27
N GLU D 197 69.39 -19.64 31.44
CA GLU D 197 69.91 -19.03 32.65
C GLU D 197 69.23 -17.73 33.08
N THR D 198 68.48 -17.09 32.16
CA THR D 198 67.80 -15.83 32.41
C THR D 198 66.33 -16.10 32.18
N ASN D 199 66.02 -17.30 31.66
CA ASN D 199 64.70 -17.91 31.53
C ASN D 199 64.02 -17.43 30.28
N ASN D 200 64.80 -16.80 29.35
CA ASN D 200 64.34 -16.33 28.06
C ASN D 200 63.70 -17.45 27.28
N GLU D 201 64.36 -18.64 27.29
CA GLU D 201 63.94 -19.83 26.57
C GLU D 201 62.58 -20.30 26.97
N SER D 202 62.37 -20.46 28.30
CA SER D 202 61.14 -20.92 28.89
C SER D 202 60.00 -19.97 28.66
N PHE D 203 60.29 -18.65 28.75
CA PHE D 203 59.34 -17.59 28.53
C PHE D 203 58.82 -17.58 27.10
N VAL D 204 59.73 -17.73 26.11
CA VAL D 204 59.40 -17.75 24.69
C VAL D 204 58.49 -18.89 24.34
N ILE D 205 58.73 -20.09 24.93
CA ILE D 205 57.90 -21.27 24.75
C ILE D 205 56.53 -21.03 25.33
N TYR D 206 56.47 -20.52 26.58
CA TYR D 206 55.25 -20.18 27.28
C TYR D 206 54.37 -19.22 26.50
N MET D 207 54.96 -18.09 26.04
CA MET D 207 54.33 -17.10 25.19
C MET D 207 53.77 -17.66 23.91
N PHE D 208 54.59 -18.41 23.15
CA PHE D 208 54.23 -18.97 21.88
C PHE D 208 53.05 -19.91 21.99
N VAL D 209 53.04 -20.78 23.03
CA VAL D 209 52.01 -21.77 23.20
C VAL D 209 50.75 -21.14 23.76
N VAL D 210 50.83 -20.55 24.99
CA VAL D 210 49.67 -20.12 25.74
C VAL D 210 49.06 -18.86 25.19
N HIS D 211 49.88 -17.93 24.66
CA HIS D 211 49.42 -16.61 24.28
C HIS D 211 49.36 -16.42 22.78
N PHE D 212 49.74 -17.42 21.96
CA PHE D 212 49.52 -17.31 20.53
C PHE D 212 48.75 -18.50 20.03
N ILE D 213 49.28 -19.73 20.17
CA ILE D 213 48.69 -20.94 19.64
C ILE D 213 47.30 -21.21 20.19
N ILE D 214 47.12 -21.23 21.54
CA ILE D 214 45.82 -21.29 22.19
C ILE D 214 44.81 -20.30 21.64
N PRO D 215 45.01 -18.96 21.69
CA PRO D 215 44.20 -17.96 21.00
C PRO D 215 43.86 -18.26 19.56
N LEU D 216 44.87 -18.64 18.74
CA LEU D 216 44.76 -18.93 17.32
C LEU D 216 43.80 -20.06 17.06
N ILE D 217 43.87 -21.14 17.87
CA ILE D 217 42.99 -22.30 17.81
C ILE D 217 41.58 -21.88 18.11
N VAL D 218 41.37 -21.15 19.23
CA VAL D 218 40.06 -20.65 19.67
C VAL D 218 39.38 -19.80 18.62
N ILE D 219 40.13 -18.82 18.03
CA ILE D 219 39.68 -17.94 16.98
C ILE D 219 39.17 -18.69 15.77
N PHE D 220 39.95 -19.68 15.28
CA PHE D 220 39.59 -20.51 14.14
C PHE D 220 38.38 -21.36 14.40
N PHE D 221 38.29 -21.98 15.60
CA PHE D 221 37.19 -22.80 16.04
C PHE D 221 35.88 -22.05 16.02
N CYS D 222 35.79 -20.98 16.86
CA CYS D 222 34.66 -20.11 17.05
C CYS D 222 34.09 -19.55 15.77
N TYR D 223 34.94 -18.90 14.94
CA TYR D 223 34.53 -18.27 13.70
C TYR D 223 34.20 -19.28 12.63
N GLY D 224 34.89 -20.44 12.61
CA GLY D 224 34.58 -21.55 11.74
C GLY D 224 33.19 -22.08 11.94
N GLN D 225 32.85 -22.39 13.21
CA GLN D 225 31.52 -22.76 13.68
C GLN D 225 30.46 -21.77 13.28
N LEU D 226 30.72 -20.47 13.58
CA LEU D 226 29.83 -19.37 13.32
C LEU D 226 29.47 -19.25 11.85
N VAL D 227 30.47 -19.31 10.94
CA VAL D 227 30.28 -19.29 9.50
C VAL D 227 29.52 -20.50 9.02
N PHE D 228 29.79 -21.69 9.61
CA PHE D 228 29.09 -22.92 9.28
C PHE D 228 27.61 -22.80 9.56
N THR D 229 27.27 -22.45 10.82
CA THR D 229 25.93 -22.17 11.31
C THR D 229 25.16 -21.21 10.42
N VAL D 230 25.78 -20.06 10.07
CA VAL D 230 25.15 -18.99 9.32
C VAL D 230 24.89 -19.39 7.89
N LYS D 231 25.82 -20.14 7.23
CA LYS D 231 25.63 -20.72 5.93
C LYS D 231 24.48 -21.69 5.87
N GLU D 232 24.43 -22.60 6.88
CA GLU D 232 23.41 -23.63 7.02
C GLU D 232 22.02 -23.04 7.18
N ALA D 233 21.87 -22.11 8.14
CA ALA D 233 20.68 -21.33 8.41
C ALA D 233 20.17 -20.60 7.19
N ALA D 234 21.10 -19.98 6.44
CA ALA D 234 20.85 -19.21 5.23
C ALA D 234 20.32 -20.08 4.12
N ALA D 235 20.88 -21.31 3.98
CA ALA D 235 20.45 -22.34 3.05
C ALA D 235 19.02 -22.76 3.30
N GLN D 236 18.61 -22.81 4.59
CA GLN D 236 17.26 -23.13 5.01
C GLN D 236 16.37 -21.91 5.01
N GLN D 237 16.83 -20.77 4.45
CA GLN D 237 16.10 -19.53 4.54
C GLN D 237 16.58 -18.65 3.41
N GLN D 238 16.37 -19.11 2.15
CA GLN D 238 16.79 -18.42 0.94
C GLN D 238 15.59 -17.75 0.34
N GLU D 239 14.45 -17.78 1.08
CA GLU D 239 13.19 -17.19 0.72
C GLU D 239 13.06 -15.83 1.34
N SER D 240 14.14 -15.35 2.01
CA SER D 240 14.19 -14.02 2.59
C SER D 240 15.41 -13.41 2.00
N ALA D 241 15.23 -12.25 1.32
CA ALA D 241 16.25 -11.45 0.68
C ALA D 241 17.28 -10.98 1.66
N THR D 242 16.80 -10.51 2.85
CA THR D 242 17.57 -10.04 3.98
C THR D 242 18.62 -11.03 4.40
N THR D 243 18.21 -12.30 4.64
CA THR D 243 19.06 -13.37 5.07
C THR D 243 20.18 -13.67 4.10
N GLN D 244 19.92 -13.57 2.78
CA GLN D 244 20.93 -13.78 1.75
C GLN D 244 21.99 -12.70 1.71
N LYS D 245 21.58 -11.41 1.87
CA LYS D 245 22.47 -10.28 1.93
C LYS D 245 23.38 -10.35 3.14
N ALA D 246 22.76 -10.63 4.30
CA ALA D 246 23.39 -10.87 5.58
C ALA D 246 24.42 -11.95 5.54
N GLU D 247 24.13 -13.08 4.84
CA GLU D 247 24.98 -14.24 4.74
C GLU D 247 26.30 -13.89 4.09
N LYS D 248 26.23 -13.10 3.00
CA LYS D 248 27.39 -12.60 2.28
C LYS D 248 28.20 -11.64 3.10
N GLU D 249 27.50 -10.69 3.78
CA GLU D 249 28.10 -9.69 4.62
C GLU D 249 28.85 -10.25 5.81
N VAL D 250 28.22 -11.18 6.55
CA VAL D 250 28.76 -11.84 7.72
C VAL D 250 30.00 -12.64 7.40
N THR D 251 29.99 -13.38 6.25
CA THR D 251 31.12 -14.16 5.80
C THR D 251 32.30 -13.29 5.48
N ARG D 252 32.05 -12.15 4.78
CA ARG D 252 33.04 -11.15 4.43
C ARG D 252 33.70 -10.55 5.66
N MET D 253 32.87 -10.06 6.62
CA MET D 253 33.30 -9.56 7.91
C MET D 253 34.16 -10.52 8.70
N VAL D 254 33.78 -11.82 8.76
CA VAL D 254 34.50 -12.84 9.50
C VAL D 254 35.90 -13.05 8.93
N ILE D 255 36.05 -12.99 7.59
CA ILE D 255 37.34 -13.09 6.94
C ILE D 255 38.22 -11.93 7.35
N ILE D 256 37.69 -10.68 7.31
CA ILE D 256 38.35 -9.48 7.75
C ILE D 256 38.81 -9.58 9.19
N MET D 257 37.93 -10.07 10.10
CA MET D 257 38.18 -10.26 11.51
C MET D 257 39.28 -11.24 11.83
N VAL D 258 39.35 -12.37 11.08
CA VAL D 258 40.34 -13.42 11.26
C VAL D 258 41.69 -12.92 10.81
N ILE D 259 41.76 -12.37 9.57
CA ILE D 259 42.93 -11.74 8.99
C ILE D 259 43.52 -10.66 9.87
N ALA D 260 42.67 -9.83 10.52
CA ALA D 260 43.11 -8.77 11.41
C ALA D 260 43.78 -9.28 12.66
N PHE D 261 43.29 -10.43 13.19
CA PHE D 261 43.89 -11.09 14.33
C PHE D 261 45.25 -11.65 13.98
N LEU D 262 45.37 -12.25 12.76
CA LEU D 262 46.59 -12.82 12.25
C LEU D 262 47.67 -11.79 12.10
N ILE D 263 47.40 -10.69 11.35
CA ILE D 263 48.31 -9.59 11.10
C ILE D 263 48.94 -9.04 12.36
N CYS D 264 48.14 -8.90 13.44
CA CYS D 264 48.55 -8.26 14.65
C CYS D 264 49.58 -9.04 15.44
N TRP D 265 49.44 -10.39 15.55
CA TRP D 265 50.26 -11.17 16.47
C TRP D 265 51.15 -12.16 15.79
N LEU D 266 50.87 -12.52 14.51
CA LEU D 266 51.68 -13.43 13.73
C LEU D 266 53.12 -12.98 13.57
N PRO D 267 53.50 -11.73 13.27
CA PRO D 267 54.89 -11.30 13.18
C PRO D 267 55.74 -11.63 14.37
N TYR D 268 55.30 -11.28 15.60
CA TYR D 268 55.96 -11.62 16.85
C TYR D 268 56.15 -13.11 17.02
N ALA D 269 55.09 -13.90 16.77
CA ALA D 269 55.10 -15.34 16.92
C ALA D 269 56.04 -16.02 15.95
N GLY D 270 55.96 -15.64 14.65
CA GLY D 270 56.77 -16.12 13.56
C GLY D 270 58.25 -15.92 13.78
N VAL D 271 58.65 -14.66 14.05
CA VAL D 271 60.02 -14.27 14.32
C VAL D 271 60.58 -15.00 15.53
N ALA D 272 59.85 -14.98 16.67
CA ALA D 272 60.22 -15.65 17.90
C ALA D 272 60.45 -17.14 17.72
N PHE D 273 59.57 -17.81 16.96
CA PHE D 273 59.61 -19.23 16.69
C PHE D 273 60.83 -19.61 15.88
N TYR D 274 61.14 -18.81 14.83
CA TYR D 274 62.27 -19.02 13.94
C TYR D 274 63.58 -18.96 14.71
N ILE D 275 63.70 -17.94 15.57
CA ILE D 275 64.80 -17.70 16.47
C ILE D 275 64.99 -18.82 17.47
N PHE D 276 63.87 -19.41 17.95
CA PHE D 276 63.88 -20.51 18.89
C PHE D 276 64.41 -21.77 18.26
N THR D 277 63.98 -22.09 17.02
CA THR D 277 64.39 -23.28 16.30
C THR D 277 65.81 -23.18 15.78
N HIS D 278 66.25 -21.97 15.39
CA HIS D 278 67.56 -21.72 14.85
C HIS D 278 68.06 -20.48 15.51
N GLN D 279 69.16 -20.60 16.29
CA GLN D 279 69.71 -19.50 17.04
C GLN D 279 71.07 -19.21 16.48
N GLY D 280 71.28 -17.93 16.08
CA GLY D 280 72.50 -17.45 15.51
C GLY D 280 72.16 -16.71 14.25
N SER D 281 70.86 -16.53 13.95
CA SER D 281 70.37 -15.85 12.79
C SER D 281 70.21 -14.38 13.12
N ASP D 282 71.20 -13.55 12.69
CA ASP D 282 71.21 -12.12 12.88
C ASP D 282 70.04 -11.49 12.14
N PHE D 283 69.29 -10.63 12.85
CA PHE D 283 68.21 -9.85 12.30
C PHE D 283 68.49 -8.42 12.62
N GLY D 284 68.29 -7.54 11.61
CA GLY D 284 68.58 -6.14 11.68
C GLY D 284 67.72 -5.37 12.65
N PRO D 285 68.01 -4.11 12.87
CA PRO D 285 67.29 -3.26 13.80
C PRO D 285 65.95 -2.85 13.26
N ILE D 286 65.84 -2.63 11.93
CA ILE D 286 64.63 -2.18 11.28
C ILE D 286 63.67 -3.33 11.17
N PHE D 287 64.19 -4.58 11.06
CA PHE D 287 63.44 -5.81 11.05
C PHE D 287 62.61 -5.98 12.32
N MET D 288 63.14 -5.55 13.49
CA MET D 288 62.46 -5.64 14.76
C MET D 288 61.42 -4.57 14.94
N THR D 289 61.35 -3.56 14.03
CA THR D 289 60.35 -2.52 14.10
C THR D 289 59.13 -2.99 13.37
N ILE D 290 59.26 -3.96 12.44
CA ILE D 290 58.18 -4.51 11.65
C ILE D 290 57.05 -5.13 12.47
N PRO D 291 57.26 -6.05 13.43
CA PRO D 291 56.23 -6.54 14.34
C PRO D 291 55.53 -5.47 15.14
N ALA D 292 56.26 -4.38 15.50
CA ALA D 292 55.74 -3.30 16.29
C ALA D 292 54.78 -2.48 15.50
N PHE D 293 55.06 -2.26 14.18
CA PHE D 293 54.18 -1.54 13.29
C PHE D 293 52.83 -2.21 13.19
N PHE D 294 52.81 -3.54 12.94
CA PHE D 294 51.58 -4.29 12.82
C PHE D 294 50.75 -4.29 14.07
N ALA D 295 51.39 -4.51 15.24
CA ALA D 295 50.71 -4.55 16.52
C ALA D 295 50.13 -3.22 16.92
N LYS D 296 50.94 -2.14 16.86
CA LYS D 296 50.55 -0.81 17.30
C LYS D 296 49.41 -0.19 16.53
N THR D 297 49.32 -0.46 15.20
CA THR D 297 48.26 0.05 14.36
C THR D 297 46.92 -0.60 14.69
N SER D 298 46.91 -1.76 15.41
CA SER D 298 45.69 -2.44 15.79
C SER D 298 44.87 -1.66 16.79
N ALA D 299 45.47 -0.65 17.46
CA ALA D 299 44.76 0.25 18.34
C ALA D 299 43.77 1.11 17.57
N VAL D 300 43.97 1.24 16.24
CA VAL D 300 43.07 1.92 15.35
C VAL D 300 42.18 0.91 14.65
N TYR D 301 42.74 -0.16 14.00
CA TYR D 301 41.93 -0.98 13.12
C TYR D 301 41.02 -1.96 13.81
N ASN D 302 41.40 -2.52 14.99
CA ASN D 302 40.50 -3.36 15.77
C ASN D 302 39.19 -2.70 16.17
N PRO D 303 39.10 -1.52 16.79
CA PRO D 303 37.82 -0.90 17.10
C PRO D 303 37.06 -0.48 15.87
N VAL D 304 37.73 -0.17 14.73
CA VAL D 304 37.04 0.12 13.48
C VAL D 304 36.26 -1.10 13.03
N ILE D 305 36.90 -2.29 13.00
CA ILE D 305 36.31 -3.54 12.61
C ILE D 305 35.18 -3.98 13.53
N TYR D 306 35.41 -3.92 14.86
CA TYR D 306 34.54 -4.56 15.83
C TYR D 306 33.48 -3.66 16.40
N ILE D 307 33.49 -2.33 16.08
CA ILE D 307 32.53 -1.40 16.62
C ILE D 307 31.85 -0.72 15.46
N MET D 308 32.63 0.05 14.66
CA MET D 308 32.16 0.91 13.59
C MET D 308 31.41 0.21 12.49
N MET D 309 31.77 -1.05 12.16
CA MET D 309 31.16 -1.79 11.08
C MET D 309 29.98 -2.61 11.56
N ASN D 310 29.42 -2.30 12.75
CA ASN D 310 28.26 -2.96 13.29
C ASN D 310 27.15 -1.94 13.36
N LYS D 311 25.98 -2.31 12.80
CA LYS D 311 24.74 -1.56 12.63
C LYS D 311 24.26 -0.80 13.85
N GLN D 312 24.24 -1.49 15.02
CA GLN D 312 23.70 -0.97 16.26
C GLN D 312 24.47 0.24 16.72
N PHE D 313 25.81 0.11 16.85
CA PHE D 313 26.74 1.15 17.22
C PHE D 313 26.63 2.35 16.32
N ARG D 314 26.57 2.13 14.98
CA ARG D 314 26.43 3.17 13.98
C ARG D 314 25.27 4.09 14.24
N ASN D 315 24.04 3.51 14.36
CA ASN D 315 22.81 4.25 14.63
C ASN D 315 22.91 5.13 15.86
N CYS D 316 23.31 4.52 17.01
CA CYS D 316 23.50 5.19 18.27
C CYS D 316 24.51 6.32 18.26
N MET D 317 25.69 6.09 17.63
CA MET D 317 26.72 7.10 17.48
C MET D 317 26.28 8.29 16.68
N VAL D 318 25.57 8.05 15.56
CA VAL D 318 25.02 9.10 14.71
C VAL D 318 24.03 9.93 15.47
N THR D 319 23.09 9.29 16.22
CA THR D 319 22.13 9.95 17.07
C THR D 319 22.76 10.87 18.09
N THR D 320 23.81 10.37 18.81
CA THR D 320 24.46 11.10 19.88
C THR D 320 25.26 12.27 19.36
N LEU D 321 25.97 12.09 18.22
CA LEU D 321 26.77 13.12 17.59
C LEU D 321 25.92 14.21 16.97
N CYS D 322 24.72 13.85 16.47
CA CYS D 322 23.77 14.77 15.90
C CYS D 322 22.74 15.10 16.95
N CYS D 323 23.23 15.50 18.16
CA CYS D 323 22.48 16.06 19.26
C CYS D 323 21.82 14.94 20.02
N GLY D 324 22.40 14.61 21.21
CA GLY D 324 21.89 13.56 22.03
C GLY D 324 22.83 13.42 23.19
N1 SGV E . 4.44 -14.13 19.89
C2 SGV E . 5.06 -13.23 19.07
N3 SGV E . 5.27 -11.91 19.29
C4 SGV E . 4.79 -11.50 20.49
C5 SGV E . 4.13 -12.30 21.44
C6 SGV E . 3.96 -13.67 21.09
N6 SGV E . 3.30 -14.60 21.91
C7 SGV E . 3.82 -11.43 22.54
C8 SGV E . 4.28 -10.17 22.20
N9 SGV E . 4.91 -10.24 20.99
C1' SGV E . 5.68 -9.16 20.36
C10 SGV E . 3.17 -11.77 23.81
N11 SGV E . 3.10 -10.75 24.73
O12 SGV E . 2.73 -12.88 24.06
C2' SGV E . 4.78 -8.14 19.68
O2' SGV E . 5.46 -7.69 18.50
C3' SGV E . 4.72 -7.05 20.73
O3' SGV E . 4.38 -5.76 20.23
C4' SGV E . 6.12 -7.08 21.27
O4' SGV E . 6.44 -8.47 21.37
C5' SGV E . 6.31 -6.39 22.61
O5' SGV E . 5.34 -6.83 23.56
C1 RET F . 53.38 -13.87 21.05
C2 RET F . 53.96 -15.14 20.43
C3 RET F . 55.28 -15.59 21.03
C4 RET F . 56.31 -14.48 20.89
C5 RET F . 55.80 -13.15 21.45
C6 RET F . 54.47 -12.84 21.49
C7 RET F . 53.90 -11.54 21.91
C8 RET F . 54.50 -10.34 21.82
C9 RET F . 53.85 -9.08 22.18
C10 RET F . 54.49 -7.91 21.90
C11 RET F . 53.93 -6.62 22.07
C12 RET F . 54.60 -5.49 21.68
C13 RET F . 54.05 -4.20 21.69
C14 RET F . 54.80 -3.14 21.16
C15 RET F . 54.32 -1.86 21.01
C16 RET F . 52.52 -14.27 22.27
C17 RET F . 52.44 -13.25 19.99
C18 RET F . 56.91 -12.22 21.95
C19 RET F . 52.46 -9.09 22.81
C20 RET F . 52.63 -3.99 22.20
N LEU A 6 22.72 -7.56 10.88
CA LEU A 6 24.03 -8.14 10.79
C LEU A 6 24.01 -9.26 11.77
N GLU A 7 24.50 -9.05 13.01
CA GLU A 7 24.44 -9.99 14.11
C GLU A 7 23.02 -10.27 14.53
N THR A 8 22.14 -9.24 14.48
CA THR A 8 20.73 -9.37 14.75
C THR A 8 20.05 -10.28 13.74
N VAL A 9 20.44 -10.20 12.44
CA VAL A 9 20.01 -11.13 11.43
C VAL A 9 20.49 -12.53 11.68
N VAL A 10 21.74 -12.72 12.19
CA VAL A 10 22.29 -14.00 12.58
C VAL A 10 21.48 -14.62 13.70
N ALA A 11 21.08 -13.80 14.71
CA ALA A 11 20.22 -14.24 15.77
C ALA A 11 18.85 -14.66 15.26
N ASN A 12 18.31 -13.89 14.29
CA ASN A 12 17.07 -14.17 13.61
C ASN A 12 17.14 -15.45 12.80
N SER A 13 18.29 -15.68 12.13
CA SER A 13 18.58 -16.89 11.40
C SER A 13 18.63 -18.09 12.31
N ALA A 14 19.24 -17.94 13.51
CA ALA A 14 19.26 -19.01 14.49
C ALA A 14 17.87 -19.37 15.01
N PHE A 15 16.96 -18.37 15.13
CA PHE A 15 15.57 -18.57 15.51
C PHE A 15 14.86 -19.38 14.45
N ILE A 16 15.08 -19.04 13.16
CA ILE A 16 14.52 -19.71 12.01
C ILE A 16 14.96 -21.16 11.97
N ALA A 17 16.25 -21.41 12.34
CA ALA A 17 16.84 -22.73 12.38
C ALA A 17 16.14 -23.58 13.43
N ALA A 18 15.91 -22.99 14.63
CA ALA A 18 15.22 -23.61 15.74
C ALA A 18 13.78 -23.95 15.42
N ARG A 19 13.09 -23.02 14.72
CA ARG A 19 11.72 -23.11 14.29
C ARG A 19 11.52 -24.27 13.37
N GLY A 20 12.49 -24.47 12.45
CA GLY A 20 12.53 -25.53 11.47
C GLY A 20 12.59 -26.87 12.14
N SER A 21 13.46 -27.00 13.17
CA SER A 21 13.62 -28.18 13.99
C SER A 21 12.35 -28.47 14.76
N PHE A 22 11.71 -27.40 15.32
CA PHE A 22 10.48 -27.46 16.07
C PHE A 22 9.34 -27.93 15.21
N ASP A 23 9.24 -27.41 13.96
CA ASP A 23 8.23 -27.76 12.99
C ASP A 23 8.35 -29.21 12.59
N ALA A 24 9.60 -29.70 12.42
CA ALA A 24 9.90 -31.07 12.10
C ALA A 24 10.06 -31.83 13.39
N MET A 182 9.56 -22.72 37.38
CA MET A 182 10.80 -22.94 36.70
C MET A 182 11.74 -21.82 37.09
N GLY A 183 12.35 -21.15 36.09
CA GLY A 183 13.76 -20.93 36.13
C GLY A 183 14.22 -20.76 34.72
N GLU A 184 15.49 -20.32 34.55
CA GLU A 184 16.09 -20.02 33.27
C GLU A 184 16.89 -21.21 32.81
N ASP A 185 16.86 -22.32 33.60
CA ASP A 185 17.68 -23.49 33.42
C ASP A 185 16.76 -24.57 32.89
N TRP A 186 15.59 -24.14 32.36
CA TRP A 186 14.49 -24.97 31.97
C TRP A 186 14.06 -24.52 30.61
N PHE A 187 14.60 -23.38 30.14
CA PHE A 187 14.28 -22.87 28.83
C PHE A 187 15.54 -22.38 28.19
N LEU A 188 15.80 -22.87 26.96
CA LEU A 188 16.86 -22.38 26.12
C LEU A 188 16.31 -21.13 25.48
N ASP A 189 17.13 -20.05 25.45
CA ASP A 189 16.67 -18.72 25.17
C ASP A 189 17.12 -18.33 23.79
N PHE A 190 16.23 -17.61 23.07
CA PHE A 190 16.49 -17.11 21.73
C PHE A 190 16.34 -15.62 21.78
N ARG A 191 16.33 -15.00 20.57
CA ARG A 191 16.14 -13.60 20.30
C ARG A 191 14.89 -13.01 20.88
N VAL A 192 14.96 -11.71 21.22
CA VAL A 192 13.82 -10.92 21.64
C VAL A 192 12.89 -10.76 20.46
N LEU A 193 11.60 -10.50 20.76
CA LEU A 193 10.55 -10.41 19.79
C LEU A 193 10.01 -9.01 19.89
N GLY A 194 10.51 -8.24 20.87
CA GLY A 194 10.14 -6.88 21.07
C GLY A 194 10.63 -6.52 22.41
N ARG A 195 10.55 -5.21 22.74
CA ARG A 195 10.82 -4.73 24.06
C ARG A 195 9.48 -4.17 24.42
N GLY A 196 8.80 -4.87 25.36
CA GLY A 196 7.51 -4.52 25.96
C GLY A 196 7.54 -3.28 26.79
N GLY A 197 6.68 -3.24 27.84
CA GLY A 197 6.57 -2.11 28.74
C GLY A 197 7.39 -2.35 29.98
N PHE A 198 7.37 -3.59 30.51
CA PHE A 198 7.98 -3.89 31.79
C PHE A 198 9.32 -4.53 31.58
N GLY A 199 9.60 -4.97 30.33
CA GLY A 199 10.88 -5.53 29.98
C GLY A 199 10.69 -6.21 28.67
N GLU A 200 11.62 -7.11 28.34
CA GLU A 200 11.71 -7.79 27.07
C GLU A 200 10.67 -8.89 27.00
N VAL A 201 10.27 -9.27 25.76
CA VAL A 201 9.42 -10.41 25.53
C VAL A 201 10.18 -11.16 24.48
N PHE A 202 10.83 -12.29 24.86
CA PHE A 202 11.67 -13.07 23.98
C PHE A 202 11.08 -14.44 23.79
N ALA A 203 11.43 -15.08 22.65
CA ALA A 203 11.11 -16.48 22.41
C ALA A 203 12.02 -17.35 23.22
N CYS A 204 11.55 -18.59 23.50
CA CYS A 204 12.18 -19.47 24.43
C CYS A 204 11.60 -20.81 24.09
N GLN A 205 12.19 -21.92 24.62
CA GLN A 205 11.72 -23.23 24.30
C GLN A 205 11.93 -24.04 25.53
N MET A 206 10.91 -24.84 25.91
CA MET A 206 10.97 -25.87 26.92
C MET A 206 11.91 -26.97 26.56
N LYS A 207 12.86 -27.28 27.48
CA LYS A 207 13.85 -28.32 27.26
C LYS A 207 13.21 -29.68 27.40
N ALA A 208 12.05 -29.77 28.10
CA ALA A 208 11.46 -31.01 28.52
C ALA A 208 10.16 -31.27 27.81
N THR A 209 9.78 -30.40 26.83
CA THR A 209 8.47 -30.48 26.22
C THR A 209 8.66 -30.21 24.75
N GLY A 210 9.71 -29.42 24.42
CA GLY A 210 10.14 -29.17 23.06
C GLY A 210 9.17 -28.28 22.33
N LYS A 211 8.52 -27.35 23.07
CA LYS A 211 7.55 -26.43 22.53
C LYS A 211 8.05 -25.04 22.72
N LEU A 212 7.73 -24.16 21.74
CA LEU A 212 8.16 -22.77 21.74
C LEU A 212 7.10 -22.00 22.44
N TYR A 213 7.53 -21.02 23.26
CA TYR A 213 6.67 -20.16 24.04
C TYR A 213 7.30 -18.80 23.93
N ALA A 214 6.47 -17.73 24.06
CA ALA A 214 6.98 -16.42 24.36
C ALA A 214 7.00 -16.27 25.85
N CYS A 215 8.05 -15.60 26.36
CA CYS A 215 8.28 -15.35 27.74
C CYS A 215 8.34 -13.86 27.89
N LYS A 216 7.24 -13.26 28.40
CA LYS A 216 7.18 -11.88 28.75
C LYS A 216 7.84 -11.73 30.09
N LYS A 217 9.08 -11.20 30.06
CA LYS A 217 9.90 -10.88 31.19
C LYS A 217 9.60 -9.49 31.64
N LEU A 218 9.50 -9.31 32.97
CA LEU A 218 9.28 -8.03 33.59
C LEU A 218 10.52 -7.90 34.44
N ASN A 219 11.48 -7.08 33.94
CA ASN A 219 12.75 -6.83 34.59
C ASN A 219 12.57 -6.17 35.93
N LYS A 220 13.26 -6.71 36.96
CA LYS A 220 13.22 -6.26 38.33
C LYS A 220 13.64 -4.81 38.48
N LYS A 221 14.64 -4.40 37.68
CA LYS A 221 15.19 -3.06 37.62
C LYS A 221 14.16 -2.09 37.11
N ARG A 222 13.57 -2.38 35.92
CA ARG A 222 12.55 -1.58 35.27
C ARG A 222 11.28 -1.43 36.07
N LEU A 223 10.91 -2.48 36.86
CA LEU A 223 9.79 -2.51 37.78
C LEU A 223 9.99 -1.48 38.86
N LYS A 224 11.19 -1.45 39.48
CA LYS A 224 11.56 -0.50 40.50
C LYS A 224 11.53 0.93 40.01
N LYS A 225 12.02 1.16 38.77
CA LYS A 225 12.10 2.46 38.15
C LYS A 225 10.75 3.11 37.95
N ARG A 226 9.81 2.39 37.29
CA ARG A 226 8.48 2.88 37.00
C ARG A 226 7.51 2.76 38.15
N LYS A 227 7.86 2.01 39.22
CA LYS A 227 6.98 1.66 40.31
C LYS A 227 5.81 0.86 39.79
N GLY A 228 6.10 -0.14 38.91
CA GLY A 228 5.15 -0.83 38.09
C GLY A 228 4.70 -2.13 38.69
N TYR A 229 4.63 -2.20 40.05
CA TYR A 229 4.39 -3.44 40.77
C TYR A 229 2.95 -3.83 40.62
N GLN A 230 2.02 -2.83 40.67
CA GLN A 230 0.59 -3.04 40.57
C GLN A 230 0.23 -3.58 39.20
N GLY A 231 0.79 -2.97 38.13
CA GLY A 231 0.46 -3.22 36.75
C GLY A 231 0.78 -4.63 36.34
N ALA A 232 1.89 -5.16 36.92
CA ALA A 232 2.38 -6.50 36.70
C ALA A 232 1.43 -7.53 37.26
N MET A 233 1.00 -7.35 38.53
CA MET A 233 0.14 -8.26 39.25
C MET A 233 -1.23 -8.39 38.62
N VAL A 234 -1.72 -7.27 38.03
CA VAL A 234 -3.00 -7.14 37.38
C VAL A 234 -3.01 -7.98 36.12
N GLU A 235 -1.97 -7.81 35.26
CA GLU A 235 -1.80 -8.49 34.00
C GLU A 235 -1.80 -9.99 34.15
N LYS A 236 -1.15 -10.47 35.24
CA LYS A 236 -1.08 -11.86 35.61
C LYS A 236 -2.45 -12.40 35.91
N LYS A 237 -3.11 -11.86 36.98
CA LYS A 237 -4.37 -12.36 37.48
C LYS A 237 -5.49 -12.39 36.47
N ILE A 238 -5.59 -11.36 35.59
CA ILE A 238 -6.61 -11.24 34.57
C ILE A 238 -6.40 -12.27 33.50
N LEU A 239 -5.22 -12.25 32.81
CA LEU A 239 -4.88 -13.21 31.76
C LEU A 239 -4.97 -14.66 32.20
N ALA A 240 -4.61 -14.94 33.47
CA ALA A 240 -4.64 -16.24 34.08
C ALA A 240 -6.02 -16.84 34.14
N LYS A 241 -7.05 -15.98 34.30
CA LYS A 241 -8.40 -16.41 34.55
C LYS A 241 -9.19 -16.47 33.28
N VAL A 242 -8.92 -15.54 32.32
CA VAL A 242 -9.73 -15.37 31.14
C VAL A 242 -8.93 -15.87 29.96
N HIS A 243 -9.49 -16.86 29.23
CA HIS A 243 -8.85 -17.50 28.11
C HIS A 243 -9.94 -17.82 27.13
N SER A 244 -9.61 -17.78 25.82
CA SER A 244 -10.48 -18.24 24.78
C SER A 244 -9.55 -18.59 23.65
N ARG A 245 -10.03 -18.45 22.38
CA ARG A 245 -9.22 -18.65 21.20
C ARG A 245 -9.09 -17.32 20.50
N PHE A 246 -9.50 -16.23 21.19
CA PHE A 246 -9.42 -14.88 20.73
C PHE A 246 -8.74 -14.10 21.82
N ILE A 247 -8.30 -14.80 22.89
CA ILE A 247 -7.51 -14.24 23.96
C ILE A 247 -6.46 -15.28 24.19
N VAL A 248 -5.16 -14.85 24.27
CA VAL A 248 -4.02 -15.71 24.49
C VAL A 248 -4.12 -16.47 25.79
N SER A 249 -3.59 -17.71 25.79
CA SER A 249 -3.48 -18.52 26.99
C SER A 249 -2.19 -18.22 27.69
N LEU A 250 -2.26 -18.15 29.04
CA LEU A 250 -1.11 -18.02 29.91
C LEU A 250 -0.90 -19.39 30.48
N ALA A 251 0.36 -19.88 30.48
CA ALA A 251 0.66 -21.23 30.85
C ALA A 251 1.39 -21.32 32.17
N TYR A 252 2.27 -20.35 32.50
CA TYR A 252 3.11 -20.45 33.67
C TYR A 252 3.41 -19.05 34.16
N ALA A 253 3.59 -18.93 35.50
CA ALA A 253 4.05 -17.72 36.13
C ALA A 253 5.04 -18.15 37.15
N PHE A 254 6.35 -17.94 36.85
CA PHE A 254 7.46 -18.22 37.73
C PHE A 254 8.33 -17.00 37.69
N GLU A 255 9.46 -17.01 38.43
CA GLU A 255 10.40 -15.92 38.42
C GLU A 255 11.75 -16.56 38.28
N THR A 256 12.72 -15.75 37.82
CA THR A 256 14.12 -16.06 37.78
C THR A 256 14.72 -15.14 38.83
N LYS A 257 16.04 -14.88 38.76
CA LYS A 257 16.73 -14.13 39.79
C LYS A 257 16.88 -12.70 39.34
N THR A 258 16.38 -12.35 38.13
CA THR A 258 16.70 -11.12 37.46
C THR A 258 15.45 -10.56 36.83
N ASP A 259 14.36 -11.36 36.76
CA ASP A 259 13.17 -10.99 36.03
C ASP A 259 12.07 -11.84 36.59
N LEU A 260 10.82 -11.35 36.45
CA LEU A 260 9.61 -12.10 36.69
C LEU A 260 9.16 -12.59 35.34
N CYS A 261 8.64 -13.83 35.22
CA CYS A 261 8.33 -14.40 33.92
C CYS A 261 6.87 -14.73 33.86
N LEU A 262 6.23 -14.40 32.72
CA LEU A 262 4.96 -14.94 32.31
C LEU A 262 5.24 -15.65 31.03
N VAL A 263 4.97 -16.97 30.97
CA VAL A 263 5.19 -17.78 29.80
C VAL A 263 3.85 -18.09 29.20
N MET A 264 3.59 -17.56 27.98
CA MET A 264 2.32 -17.64 27.29
C MET A 264 2.57 -18.33 25.98
N THR A 265 1.47 -18.83 25.35
CA THR A 265 1.47 -19.53 24.07
C THR A 265 1.95 -18.67 22.93
N ILE A 266 2.69 -19.29 22.00
CA ILE A 266 3.24 -18.68 20.80
C ILE A 266 2.18 -18.12 19.90
N MET A 267 2.58 -17.02 19.23
CA MET A 267 1.79 -16.28 18.30
C MET A 267 2.88 -15.80 17.38
N ASN A 268 3.54 -16.78 16.69
CA ASN A 268 4.74 -16.56 15.90
C ASN A 268 4.42 -16.10 14.50
N GLY A 269 3.20 -15.54 14.33
CA GLY A 269 2.65 -15.14 13.07
C GLY A 269 2.83 -13.64 12.97
N GLY A 270 3.35 -13.02 14.06
CA GLY A 270 3.59 -11.60 14.19
C GLY A 270 2.34 -10.93 14.63
N ASP A 271 2.41 -9.60 14.83
CA ASP A 271 1.34 -8.77 15.32
C ASP A 271 0.82 -8.01 14.15
N ILE A 272 -0.45 -7.53 14.21
CA ILE A 272 -1.10 -6.80 13.13
C ILE A 272 -0.30 -5.60 12.71
N ARG A 273 0.37 -4.89 13.66
CA ARG A 273 1.14 -3.69 13.39
C ARG A 273 2.28 -3.93 12.43
N TYR A 274 3.02 -5.05 12.60
CA TYR A 274 4.07 -5.51 11.71
C TYR A 274 3.53 -5.72 10.30
N HIS A 275 2.33 -6.34 10.20
CA HIS A 275 1.71 -6.78 8.99
C HIS A 275 1.12 -5.66 8.18
N ILE A 276 0.81 -4.51 8.82
CA ILE A 276 0.39 -3.29 8.14
C ILE A 276 1.44 -2.87 7.13
N TYR A 277 2.73 -2.95 7.49
CA TYR A 277 3.82 -2.50 6.63
C TYR A 277 4.43 -3.64 5.86
N ASN A 278 4.23 -4.91 6.29
CA ASN A 278 4.87 -6.07 5.68
C ASN A 278 4.11 -6.54 4.46
N VAL A 279 2.79 -6.27 4.38
CA VAL A 279 1.91 -6.55 3.26
C VAL A 279 2.46 -5.93 1.98
N ASP A 280 3.08 -4.73 2.11
CA ASP A 280 3.70 -3.98 1.07
C ASP A 280 4.00 -2.66 1.75
N GLU A 281 5.21 -2.11 1.55
CA GLU A 281 5.64 -0.88 2.18
C GLU A 281 5.38 0.27 1.24
N ASP A 282 4.91 -0.03 0.00
CA ASP A 282 4.59 0.95 -1.02
C ASP A 282 3.09 1.09 -1.08
N ASN A 283 2.36 0.34 -0.22
CA ASN A 283 0.93 0.46 -0.10
C ASN A 283 0.60 -0.28 1.18
N PRO A 284 0.70 0.33 2.35
CA PRO A 284 0.51 -0.37 3.60
C PRO A 284 -0.94 -0.34 3.96
N GLY A 285 -1.38 -1.27 4.83
CA GLY A 285 -2.76 -1.44 5.23
C GLY A 285 -3.39 -2.47 4.35
N PHE A 286 -4.38 -3.20 4.92
CA PHE A 286 -5.04 -4.29 4.24
C PHE A 286 -6.17 -3.76 3.42
N GLN A 287 -6.59 -4.57 2.42
CA GLN A 287 -7.80 -4.37 1.66
C GLN A 287 -8.96 -4.84 2.49
N GLU A 288 -10.17 -4.35 2.16
CA GLU A 288 -11.37 -4.50 2.95
C GLU A 288 -11.74 -5.91 3.38
N PRO A 289 -11.85 -6.97 2.57
CA PRO A 289 -12.21 -8.31 3.05
C PRO A 289 -11.33 -8.84 4.16
N ARG A 290 -10.01 -8.59 4.07
CA ARG A 290 -9.03 -9.06 5.03
C ARG A 290 -9.17 -8.38 6.37
N ALA A 291 -9.46 -7.06 6.32
CA ALA A 291 -9.69 -6.23 7.48
C ALA A 291 -10.95 -6.60 8.21
N ILE A 292 -12.04 -6.87 7.45
CA ILE A 292 -13.35 -7.28 7.94
C ILE A 292 -13.24 -8.58 8.70
N PHE A 293 -12.51 -9.57 8.15
CA PHE A 293 -12.28 -10.86 8.76
C PHE A 293 -11.66 -10.72 10.15
N TYR A 294 -10.54 -9.96 10.25
CA TYR A 294 -9.85 -9.68 11.50
C TYR A 294 -10.68 -8.93 12.50
N THR A 295 -11.48 -7.92 12.05
CA THR A 295 -12.40 -7.17 12.88
C THR A 295 -13.41 -8.04 13.54
N ALA A 296 -14.00 -9.01 12.81
CA ALA A 296 -14.95 -9.95 13.35
C ALA A 296 -14.35 -10.80 14.45
N GLN A 297 -13.10 -11.27 14.28
CA GLN A 297 -12.39 -12.06 15.27
C GLN A 297 -12.04 -11.28 16.52
N ILE A 298 -11.63 -9.99 16.35
CA ILE A 298 -11.35 -9.06 17.44
C ILE A 298 -12.58 -8.81 18.26
N VAL A 299 -13.76 -8.63 17.60
CA VAL A 299 -15.05 -8.41 18.22
C VAL A 299 -15.40 -9.53 19.16
N SER A 300 -15.18 -10.79 18.74
CA SER A 300 -15.40 -11.96 19.57
C SER A 300 -14.57 -11.95 20.84
N GLY A 301 -13.28 -11.53 20.74
CA GLY A 301 -12.41 -11.39 21.89
C GLY A 301 -12.81 -10.32 22.86
N LEU A 302 -13.20 -9.12 22.35
CA LEU A 302 -13.70 -8.02 23.15
C LEU A 302 -14.96 -8.37 23.88
N GLU A 303 -15.88 -9.08 23.19
CA GLU A 303 -17.16 -9.52 23.69
C GLU A 303 -16.97 -10.41 24.90
N HIS A 304 -15.98 -11.34 24.83
CA HIS A 304 -15.63 -12.24 25.89
C HIS A 304 -15.17 -11.52 27.14
N LEU A 305 -14.41 -10.39 26.99
CA LEU A 305 -14.02 -9.56 28.11
C LEU A 305 -15.22 -8.90 28.76
N HIS A 306 -16.16 -8.36 27.93
CA HIS A 306 -17.33 -7.64 28.39
C HIS A 306 -18.30 -8.51 29.13
N GLN A 307 -18.47 -9.79 28.72
CA GLN A 307 -19.29 -10.77 29.39
C GLN A 307 -18.79 -11.12 30.79
N ARG A 308 -17.49 -10.88 31.06
CA ARG A 308 -16.87 -11.12 32.34
C ARG A 308 -16.77 -9.84 33.12
N ASN A 309 -17.34 -8.74 32.56
CA ASN A 309 -17.43 -7.42 33.16
C ASN A 309 -16.07 -6.79 33.32
N ILE A 310 -15.25 -6.84 32.25
CA ILE A 310 -13.90 -6.35 32.25
C ILE A 310 -13.87 -5.22 31.26
N ILE A 311 -13.34 -4.06 31.69
CA ILE A 311 -13.03 -2.95 30.82
C ILE A 311 -11.55 -3.11 30.62
N TYR A 312 -11.11 -3.14 29.35
CA TYR A 312 -9.73 -3.35 28.98
C TYR A 312 -9.02 -2.02 29.04
N ARG A 313 -9.64 -0.94 28.52
CA ARG A 313 -9.11 0.42 28.49
C ARG A 313 -8.00 0.56 27.47
N ASP A 314 -7.78 -0.45 26.61
CA ASP A 314 -6.74 -0.40 25.63
C ASP A 314 -7.13 -1.42 24.59
N LEU A 315 -6.38 -1.43 23.47
CA LEU A 315 -6.45 -2.35 22.36
C LEU A 315 -5.72 -1.61 21.31
N LYS A 316 -4.70 -2.23 20.71
CA LYS A 316 -3.98 -1.63 19.62
C LYS A 316 -3.47 -2.73 18.74
N PRO A 317 -3.19 -2.52 17.44
CA PRO A 317 -2.72 -3.53 16.50
C PRO A 317 -1.54 -4.34 16.99
N GLU A 318 -0.56 -3.71 17.68
CA GLU A 318 0.64 -4.36 18.14
C GLU A 318 0.42 -5.31 19.29
N ASN A 319 -0.78 -5.24 19.93
CA ASN A 319 -1.17 -6.13 21.01
C ASN A 319 -2.17 -7.12 20.50
N VAL A 320 -2.52 -7.06 19.18
CA VAL A 320 -3.34 -8.07 18.56
C VAL A 320 -2.39 -8.90 17.75
N LEU A 321 -2.22 -10.17 18.17
CA LEU A 321 -1.22 -11.07 17.67
C LEU A 321 -1.90 -12.04 16.75
N LEU A 322 -1.20 -12.48 15.68
CA LEU A 322 -1.65 -13.51 14.78
C LEU A 322 -0.95 -14.75 15.20
N ASP A 323 -1.67 -15.89 15.13
CA ASP A 323 -1.11 -17.21 15.31
C ASP A 323 -0.66 -17.66 13.95
N ASP A 324 -0.11 -18.90 13.87
CA ASP A 324 0.47 -19.49 12.69
C ASP A 324 -0.53 -19.61 11.55
N ASP A 325 -1.81 -19.97 11.87
CA ASP A 325 -2.90 -20.08 10.93
C ASP A 325 -3.22 -18.76 10.25
N GLY A 326 -3.27 -17.66 11.04
CA GLY A 326 -3.60 -16.34 10.56
C GLY A 326 -4.88 -15.86 11.17
N ASN A 327 -5.28 -16.45 12.31
CA ASN A 327 -6.38 -16.01 13.13
C ASN A 327 -5.80 -15.07 14.14
N VAL A 328 -6.58 -14.08 14.61
CA VAL A 328 -6.07 -13.07 15.52
C VAL A 328 -6.64 -13.29 16.91
N ARG A 329 -5.90 -12.77 17.92
CA ARG A 329 -6.29 -12.78 19.29
C ARG A 329 -5.82 -11.47 19.86
N ILE A 330 -6.58 -10.92 20.82
CA ILE A 330 -6.16 -9.82 21.66
C ILE A 330 -5.29 -10.40 22.76
N SER A 331 -4.45 -9.57 23.39
CA SER A 331 -3.56 -10.02 24.42
C SER A 331 -3.18 -8.82 25.24
N ASP A 332 -2.66 -9.04 26.47
CA ASP A 332 -2.26 -8.04 27.43
C ASP A 332 -3.49 -7.43 28.08
N LEU A 333 -3.71 -7.73 29.37
CA LEU A 333 -4.88 -7.29 30.11
C LEU A 333 -4.36 -6.79 31.43
N GLY A 334 -3.28 -5.98 31.37
CA GLY A 334 -2.57 -5.47 32.53
C GLY A 334 -2.95 -4.05 32.79
N LEU A 335 -3.60 -3.42 31.79
CA LEU A 335 -4.09 -2.07 31.85
C LEU A 335 -5.58 -2.12 32.03
N ALA A 336 -6.12 -3.34 32.33
CA ALA A 336 -7.53 -3.60 32.50
C ALA A 336 -7.91 -3.45 33.94
N VAL A 337 -9.24 -3.33 34.19
CA VAL A 337 -9.82 -3.36 35.51
C VAL A 337 -11.05 -4.18 35.36
N GLU A 338 -11.31 -5.06 36.36
CA GLU A 338 -12.50 -5.85 36.43
C GLU A 338 -13.48 -5.15 37.34
N LEU A 339 -14.65 -4.77 36.79
CA LEU A 339 -15.73 -4.19 37.55
C LEU A 339 -16.38 -5.29 38.35
N LYS A 340 -16.69 -4.99 39.63
CA LYS A 340 -17.38 -5.89 40.52
C LYS A 340 -18.81 -5.48 40.50
N ALA A 341 -19.71 -6.34 41.06
CA ALA A 341 -21.11 -6.04 41.22
C ALA A 341 -21.29 -4.85 42.13
N GLY A 342 -22.21 -3.93 41.74
CA GLY A 342 -22.50 -2.73 42.47
C GLY A 342 -21.69 -1.59 41.92
N GLN A 343 -21.04 -1.78 40.76
CA GLN A 343 -20.46 -0.70 40.01
C GLN A 343 -20.48 -1.09 38.57
N THR A 344 -20.60 -0.07 37.70
CA THR A 344 -20.64 -0.19 36.28
C THR A 344 -19.87 1.00 35.75
N LYS A 345 -19.19 1.74 36.65
CA LYS A 345 -18.50 2.96 36.34
C LYS A 345 -17.27 3.02 37.19
N THR A 346 -16.15 3.53 36.62
CA THR A 346 -14.90 3.64 37.33
C THR A 346 -14.11 4.69 36.59
N LYS A 347 -13.17 5.37 37.31
CA LYS A 347 -12.22 6.29 36.74
C LYS A 347 -10.90 5.58 36.57
N GLY A 348 -9.99 6.21 35.80
CA GLY A 348 -8.66 5.71 35.61
C GLY A 348 -7.98 6.66 34.68
N TYR A 349 -6.93 6.17 33.99
CA TYR A 349 -6.22 6.90 32.98
C TYR A 349 -5.43 5.85 32.24
N ALA A 350 -5.77 4.56 32.45
CA ALA A 350 -5.14 3.40 31.86
C ALA A 350 -5.28 3.35 30.37
N GLY A 351 -4.29 2.72 29.70
CA GLY A 351 -4.27 2.55 28.27
C GLY A 351 -3.14 3.32 27.71
N THR A 352 -2.92 3.14 26.39
CA THR A 352 -1.85 3.77 25.64
C THR A 352 -2.53 4.93 24.95
N PRO A 353 -2.13 6.20 25.09
CA PRO A 353 -2.67 7.36 24.40
C PRO A 353 -2.99 7.16 22.94
N GLY A 354 -4.16 7.65 22.47
CA GLY A 354 -4.62 7.52 21.11
C GLY A 354 -5.52 6.33 20.96
N PHE A 355 -5.36 5.33 21.85
CA PHE A 355 -6.17 4.13 21.93
C PHE A 355 -6.99 4.25 23.18
N MET A 356 -7.10 5.49 23.72
CA MET A 356 -7.85 5.85 24.89
C MET A 356 -8.93 6.74 24.39
N ALA A 357 -10.15 6.56 24.93
CA ALA A 357 -11.35 7.24 24.53
C ALA A 357 -11.40 8.57 25.26
N PRO A 358 -12.21 9.54 24.82
CA PRO A 358 -12.40 10.84 25.45
C PRO A 358 -12.58 10.85 26.95
N GLU A 359 -13.46 9.97 27.49
CA GLU A 359 -13.81 9.85 28.89
C GLU A 359 -12.64 9.71 29.84
N LEU A 360 -11.62 8.90 29.48
CA LEU A 360 -10.45 8.66 30.31
C LEU A 360 -9.63 9.91 30.45
N LEU A 361 -9.42 10.62 29.31
CA LEU A 361 -8.64 11.82 29.21
C LEU A 361 -9.24 12.97 30.01
N LEU A 362 -10.60 13.02 30.09
CA LEU A 362 -11.31 14.07 30.81
C LEU A 362 -11.45 13.72 32.27
N GLY A 363 -10.97 12.53 32.68
CA GLY A 363 -10.92 12.11 34.06
C GLY A 363 -12.28 11.74 34.58
N GLU A 364 -13.21 11.42 33.66
CA GLU A 364 -14.58 11.10 33.95
C GLU A 364 -14.64 9.62 34.20
N GLU A 365 -15.80 9.15 34.72
CA GLU A 365 -16.10 7.75 34.81
C GLU A 365 -16.57 7.26 33.47
N TYR A 366 -16.45 5.94 33.24
CA TYR A 366 -16.76 5.34 31.98
C TYR A 366 -17.06 3.90 32.24
N ASP A 367 -17.78 3.27 31.28
CA ASP A 367 -18.10 1.86 31.31
C ASP A 367 -17.37 1.21 30.17
N PHE A 368 -17.90 0.04 29.74
CA PHE A 368 -17.45 -0.83 28.69
C PHE A 368 -17.21 -0.18 27.35
N SER A 369 -17.82 1.00 27.13
CA SER A 369 -17.79 1.82 25.93
C SER A 369 -16.42 2.07 25.34
N VAL A 370 -15.40 2.30 26.20
CA VAL A 370 -14.06 2.68 25.84
C VAL A 370 -13.36 1.62 25.01
N ASP A 371 -13.67 0.31 25.21
CA ASP A 371 -13.10 -0.79 24.46
C ASP A 371 -13.59 -0.78 23.02
N TYR A 372 -14.88 -0.38 22.82
CA TYR A 372 -15.47 -0.27 21.51
C TYR A 372 -14.95 0.91 20.75
N PHE A 373 -14.50 1.98 21.46
CA PHE A 373 -13.81 3.10 20.87
C PHE A 373 -12.48 2.65 20.33
N ALA A 374 -11.76 1.84 21.13
CA ALA A 374 -10.48 1.26 20.82
C ALA A 374 -10.52 0.37 19.60
N LEU A 375 -11.62 -0.42 19.42
CA LEU A 375 -11.89 -1.24 18.26
C LEU A 375 -11.93 -0.41 17.00
N GLY A 376 -12.56 0.78 17.07
CA GLY A 376 -12.67 1.73 15.99
C GLY A 376 -11.33 2.25 15.55
N VAL A 377 -10.48 2.66 16.53
CA VAL A 377 -9.11 3.11 16.34
C VAL A 377 -8.26 2.06 15.67
N THR A 378 -8.45 0.79 16.09
CA THR A 378 -7.70 -0.36 15.62
C THR A 378 -8.00 -0.65 14.16
N LEU A 379 -9.29 -0.80 13.79
CA LEU A 379 -9.76 -1.00 12.43
C LEU A 379 -9.36 0.10 11.47
N TYR A 380 -9.44 1.38 11.90
CA TYR A 380 -9.09 2.51 11.06
C TYR A 380 -7.61 2.45 10.70
N GLU A 381 -6.75 2.14 11.71
CA GLU A 381 -5.33 2.00 11.57
C GLU A 381 -4.94 0.79 10.76
N MET A 382 -5.73 -0.30 10.86
CA MET A 382 -5.54 -1.54 10.15
C MET A 382 -5.61 -1.36 8.64
N ILE A 383 -6.54 -0.50 8.16
CA ILE A 383 -6.79 -0.29 6.76
C ILE A 383 -5.99 0.87 6.20
N ALA A 384 -5.86 1.98 6.97
CA ALA A 384 -5.31 3.20 6.42
C ALA A 384 -3.86 3.38 6.77
N ALA A 385 -3.32 2.54 7.69
CA ALA A 385 -1.96 2.58 8.16
C ALA A 385 -1.66 3.86 8.91
N ARG A 386 -2.68 4.40 9.60
CA ARG A 386 -2.51 5.55 10.46
C ARG A 386 -3.67 5.57 11.40
N GLY A 387 -3.48 6.17 12.59
CA GLY A 387 -4.54 6.32 13.58
C GLY A 387 -5.53 7.35 13.12
N PRO A 388 -6.67 7.52 13.76
CA PRO A 388 -7.61 8.58 13.43
C PRO A 388 -7.09 9.92 13.86
N PHE A 389 -6.20 9.92 14.88
CA PHE A 389 -5.81 11.08 15.63
C PHE A 389 -4.34 11.36 15.43
N ARG A 390 -3.70 10.70 14.45
CA ARG A 390 -2.33 10.98 14.07
C ARG A 390 -2.15 10.52 12.66
N ALA A 391 -1.22 11.16 11.92
CA ALA A 391 -0.92 10.84 10.54
C ALA A 391 0.04 9.69 10.47
N ARG A 392 0.24 9.15 9.24
CA ARG A 392 0.99 7.96 8.95
C ARG A 392 2.46 8.11 9.28
N GLY A 393 3.03 7.08 9.96
CA GLY A 393 4.40 7.02 10.38
C GLY A 393 4.75 8.08 11.38
N GLU A 394 3.74 8.56 12.14
CA GLU A 394 3.91 9.60 13.12
C GLU A 394 2.94 9.29 14.22
N LYS A 395 3.13 9.96 15.36
CA LYS A 395 2.28 9.84 16.51
C LYS A 395 2.75 10.98 17.36
N VAL A 396 1.94 12.07 17.36
CA VAL A 396 2.17 13.29 18.10
C VAL A 396 2.24 13.05 19.59
N GLU A 397 2.98 13.94 20.30
CA GLU A 397 3.19 14.00 21.74
C GLU A 397 1.91 13.82 22.52
N ASN A 398 2.00 13.37 23.79
CA ASN A 398 0.86 12.99 24.60
C ASN A 398 -0.14 14.11 24.76
N LYS A 399 0.34 15.35 25.04
CA LYS A 399 -0.50 16.53 25.17
C LYS A 399 -1.29 16.87 23.92
N GLU A 400 -0.63 16.79 22.74
CA GLU A 400 -1.26 17.08 21.47
C GLU A 400 -2.23 16.01 21.07
N LEU A 401 -1.88 14.72 21.34
CA LEU A 401 -2.65 13.54 21.08
C LEU A 401 -3.93 13.54 21.87
N LYS A 402 -3.84 14.00 23.14
CA LYS A 402 -4.96 14.17 24.03
C LYS A 402 -5.96 15.15 23.47
N GLN A 403 -5.47 16.26 22.88
CA GLN A 403 -6.30 17.24 22.22
C GLN A 403 -6.94 16.70 20.95
N ARG A 404 -6.20 15.90 20.15
CA ARG A 404 -6.71 15.28 18.94
C ARG A 404 -7.88 14.36 19.22
N VAL A 405 -7.75 13.47 20.23
CA VAL A 405 -8.75 12.51 20.63
C VAL A 405 -10.03 13.18 21.07
N LEU A 406 -9.89 14.29 21.84
CA LEU A 406 -11.01 15.02 22.39
C LEU A 406 -11.79 15.86 21.42
N GLU A 407 -11.14 16.41 20.37
CA GLU A 407 -11.73 17.49 19.60
C GLU A 407 -11.98 17.14 18.17
N GLN A 408 -11.12 16.29 17.54
CA GLN A 408 -11.16 16.09 16.12
C GLN A 408 -12.21 15.09 15.74
N ALA A 409 -12.89 15.36 14.59
CA ALA A 409 -13.78 14.46 13.94
C ALA A 409 -12.95 13.68 12.97
N VAL A 410 -13.16 12.35 12.93
CA VAL A 410 -12.39 11.40 12.17
C VAL A 410 -12.52 11.68 10.69
N THR A 411 -11.37 11.68 9.97
CA THR A 411 -11.29 11.85 8.53
C THR A 411 -11.10 10.48 7.94
N TYR A 412 -11.50 10.31 6.65
CA TYR A 412 -11.48 9.02 6.00
C TYR A 412 -11.17 9.24 4.54
N PRO A 413 -10.43 8.34 3.90
CA PRO A 413 -10.26 8.34 2.45
C PRO A 413 -11.38 7.47 1.92
N ASP A 414 -11.44 7.29 0.58
CA ASP A 414 -12.48 6.52 -0.06
C ASP A 414 -11.99 5.10 -0.28
N LYS A 415 -10.83 4.73 0.32
CA LYS A 415 -10.32 3.38 0.35
C LYS A 415 -11.30 2.48 1.07
N PHE A 416 -11.86 3.01 2.18
CA PHE A 416 -12.95 2.43 2.93
C PHE A 416 -14.18 2.34 2.06
N SER A 417 -14.89 1.20 2.18
CA SER A 417 -16.23 1.03 1.67
C SER A 417 -17.18 1.89 2.49
N PRO A 418 -18.35 2.28 2.03
CA PRO A 418 -19.34 3.01 2.81
C PRO A 418 -19.77 2.28 4.05
N ALA A 419 -19.96 0.94 3.99
CA ALA A 419 -20.32 0.13 5.14
C ALA A 419 -19.26 0.17 6.23
N SER A 420 -17.96 0.08 5.86
CA SER A 420 -16.86 0.10 6.81
C SER A 420 -16.66 1.47 7.42
N LYS A 421 -16.86 2.54 6.60
CA LYS A 421 -16.80 3.93 6.98
C LYS A 421 -17.80 4.20 8.08
N ASP A 422 -19.06 3.78 7.84
CA ASP A 422 -20.19 3.93 8.73
C ASP A 422 -19.94 3.24 10.04
N PHE A 423 -19.37 2.00 9.99
CA PHE A 423 -19.03 1.21 11.14
C PHE A 423 -18.00 1.87 12.03
N CYS A 424 -16.93 2.43 11.42
CA CYS A 424 -15.90 3.17 12.12
C CYS A 424 -16.43 4.41 12.79
N GLU A 425 -17.27 5.20 12.08
CA GLU A 425 -17.95 6.37 12.59
C GLU A 425 -18.78 6.10 13.82
N ALA A 426 -19.52 4.98 13.83
CA ALA A 426 -20.37 4.56 14.91
C ALA A 426 -19.62 4.26 16.19
N LEU A 427 -18.39 3.69 16.08
CA LEU A 427 -17.56 3.32 17.20
C LEU A 427 -16.77 4.48 17.72
N LEU A 428 -16.41 5.42 16.82
CA LEU A 428 -15.58 6.56 17.14
C LEU A 428 -16.45 7.73 17.48
N GLN A 429 -17.79 7.50 17.55
CA GLN A 429 -18.74 8.43 18.09
C GLN A 429 -18.48 8.59 19.57
N LYS A 430 -18.37 9.86 20.01
CA LYS A 430 -18.04 10.25 21.37
C LYS A 430 -19.33 10.35 22.13
N ASP A 431 -19.29 9.96 23.44
CA ASP A 431 -20.38 9.91 24.39
C ASP A 431 -20.71 8.45 24.47
N PRO A 432 -20.74 7.76 25.61
CA PRO A 432 -21.01 6.33 25.67
C PRO A 432 -22.39 5.99 25.18
N GLU A 433 -23.38 6.87 25.44
CA GLU A 433 -24.76 6.74 25.04
C GLU A 433 -24.97 6.67 23.54
N LYS A 434 -24.10 7.35 22.77
CA LYS A 434 -24.21 7.42 21.34
C LYS A 434 -23.24 6.48 20.65
N ARG A 435 -22.49 5.67 21.43
CA ARG A 435 -21.42 4.86 20.90
C ARG A 435 -21.93 3.47 20.71
N LEU A 436 -21.65 2.90 19.51
CA LEU A 436 -21.99 1.54 19.12
C LEU A 436 -21.26 0.58 20.00
N GLY A 437 -21.92 -0.55 20.34
CA GLY A 437 -21.41 -1.54 21.25
C GLY A 437 -22.39 -1.53 22.36
N PHE A 438 -21.92 -1.81 23.61
CA PHE A 438 -22.74 -1.98 24.79
C PHE A 438 -23.63 -0.79 25.04
N ARG A 439 -24.95 -1.06 25.11
CA ARG A 439 -26.00 -0.12 25.38
C ARG A 439 -27.02 -0.95 26.08
N ASP A 440 -26.57 -1.67 27.14
CA ASP A 440 -27.39 -2.40 28.08
C ASP A 440 -27.58 -3.81 27.56
N GLY A 441 -26.57 -4.34 26.84
CA GLY A 441 -26.58 -5.68 26.31
C GLY A 441 -26.58 -5.64 24.82
N SER A 442 -26.03 -4.55 24.22
CA SER A 442 -25.94 -4.37 22.80
C SER A 442 -24.52 -4.61 22.35
N CYS A 443 -23.79 -5.49 23.08
CA CYS A 443 -22.57 -6.13 22.64
C CYS A 443 -22.78 -6.92 21.37
N ASP A 444 -23.96 -7.58 21.26
CA ASP A 444 -24.33 -8.42 20.14
C ASP A 444 -25.17 -7.58 19.18
N GLY A 445 -25.41 -6.30 19.52
CA GLY A 445 -26.08 -5.34 18.67
C GLY A 445 -25.13 -4.77 17.66
N LEU A 446 -23.80 -4.76 17.98
CA LEU A 446 -22.72 -4.33 17.13
C LEU A 446 -22.66 -5.14 15.85
N ARG A 447 -22.81 -6.48 15.99
CA ARG A 447 -22.75 -7.47 14.94
C ARG A 447 -23.80 -7.36 13.84
N THR A 448 -24.80 -6.47 14.03
CA THR A 448 -25.94 -6.32 13.15
C THR A 448 -25.61 -5.33 12.06
N HIS A 449 -24.48 -4.58 12.18
CA HIS A 449 -24.08 -3.54 11.26
C HIS A 449 -23.92 -4.08 9.84
N PRO A 450 -24.27 -3.36 8.77
CA PRO A 450 -24.23 -3.87 7.39
C PRO A 450 -22.90 -4.36 6.89
N LEU A 451 -21.77 -3.90 7.48
CA LEU A 451 -20.41 -4.35 7.19
C LEU A 451 -20.23 -5.85 7.20
N PHE A 452 -20.99 -6.55 8.07
CA PHE A 452 -20.87 -7.95 8.35
C PHE A 452 -21.88 -8.76 7.59
N ARG A 453 -22.43 -8.19 6.47
CA ARG A 453 -23.44 -8.79 5.64
C ARG A 453 -23.04 -10.13 5.06
N ASP A 454 -21.77 -10.24 4.58
CA ASP A 454 -21.27 -11.44 3.96
C ASP A 454 -20.72 -12.38 5.01
N ILE A 455 -20.29 -11.83 6.16
CA ILE A 455 -19.73 -12.58 7.27
C ILE A 455 -20.79 -13.43 7.91
N SER A 456 -20.42 -14.67 8.28
CA SER A 456 -21.24 -15.55 9.07
C SER A 456 -20.45 -15.72 10.33
N TRP A 457 -21.01 -15.19 11.44
CA TRP A 457 -20.37 -15.10 12.72
C TRP A 457 -20.17 -16.44 13.36
N ARG A 458 -21.16 -17.35 13.22
CA ARG A 458 -21.13 -18.67 13.81
C ARG A 458 -20.00 -19.51 13.26
N GLN A 459 -19.78 -19.41 11.92
CA GLN A 459 -18.76 -20.15 11.23
C GLN A 459 -17.39 -19.56 11.47
N LEU A 460 -17.30 -18.22 11.57
CA LEU A 460 -16.09 -17.49 11.91
C LEU A 460 -15.53 -17.90 13.24
N GLU A 461 -16.41 -17.92 14.26
CA GLU A 461 -16.10 -18.30 15.62
C GLU A 461 -15.71 -19.75 15.79
N ALA A 462 -16.13 -20.62 14.84
CA ALA A 462 -15.88 -22.04 14.91
C ALA A 462 -14.68 -22.41 14.08
N GLY A 463 -14.06 -21.43 13.39
CA GLY A 463 -12.82 -21.60 12.65
C GLY A 463 -13.03 -22.33 11.36
N MET A 464 -14.21 -22.14 10.73
CA MET A 464 -14.62 -22.87 9.56
C MET A 464 -14.52 -21.96 8.36
N LEU A 465 -14.02 -20.72 8.56
CA LEU A 465 -13.86 -19.75 7.52
C LEU A 465 -12.39 -19.51 7.45
N THR A 466 -11.84 -19.63 6.21
CA THR A 466 -10.43 -19.52 5.92
C THR A 466 -9.90 -18.13 6.22
N PRO A 467 -8.64 -17.97 6.63
CA PRO A 467 -8.08 -16.66 6.92
C PRO A 467 -7.59 -16.07 5.61
N PRO A 468 -7.57 -14.77 5.43
CA PRO A 468 -7.18 -14.11 4.19
C PRO A 468 -5.68 -14.11 3.99
N PHE A 469 -4.90 -14.41 5.05
CA PHE A 469 -3.46 -14.45 4.97
C PHE A 469 -3.05 -15.51 5.95
N VAL A 470 -2.01 -16.30 5.60
CA VAL A 470 -1.48 -17.34 6.44
C VAL A 470 -0.04 -16.96 6.67
N PRO A 471 0.38 -16.63 7.90
CA PRO A 471 1.76 -16.33 8.23
C PRO A 471 2.71 -17.45 7.90
N ASP A 472 3.91 -17.12 7.38
CA ASP A 472 4.98 -18.04 7.09
C ASP A 472 5.45 -18.76 8.34
N SER A 473 5.84 -20.05 8.16
CA SER A 473 6.28 -20.92 9.21
C SER A 473 7.77 -21.11 9.12
N ARG A 474 8.43 -20.41 8.17
CA ARG A 474 9.85 -20.49 7.97
C ARG A 474 10.43 -19.10 7.98
N THR A 475 9.58 -18.06 7.85
CA THR A 475 10.02 -16.69 7.97
C THR A 475 9.29 -16.26 9.21
N VAL A 476 10.08 -16.05 10.29
CA VAL A 476 9.58 -15.70 11.60
C VAL A 476 9.39 -14.21 11.65
N TYR A 477 8.46 -13.77 12.52
CA TYR A 477 8.08 -12.38 12.64
C TYR A 477 8.48 -11.97 14.03
N ALA A 478 9.29 -10.89 14.11
CA ALA A 478 9.79 -10.37 15.35
C ALA A 478 10.20 -8.95 15.09
N LYS A 479 10.52 -8.21 16.19
CA LYS A 479 11.00 -6.85 16.13
C LYS A 479 12.46 -6.95 16.52
N ASN A 480 13.36 -6.44 15.63
CA ASN A 480 14.78 -6.39 15.80
C ASN A 480 15.20 -5.58 17.01
N ILE A 481 16.28 -6.04 17.68
CA ILE A 481 16.72 -5.55 18.97
C ILE A 481 17.51 -4.26 18.81
N GLN A 482 18.05 -4.01 17.60
CA GLN A 482 18.82 -2.83 17.30
C GLN A 482 17.95 -1.79 16.66
N ASP A 483 16.64 -2.11 16.46
CA ASP A 483 15.69 -1.21 15.84
C ASP A 483 14.60 -0.90 16.83
N VAL A 484 14.75 -1.30 18.12
CA VAL A 484 13.85 -0.91 19.17
C VAL A 484 14.69 -0.44 20.31
N GLY A 485 14.09 0.41 21.19
CA GLY A 485 14.75 1.00 22.32
C GLY A 485 14.34 0.22 23.54
N ALA A 486 14.67 0.78 24.73
CA ALA A 486 14.34 0.15 25.98
C ALA A 486 14.23 1.23 27.00
N PHE A 487 13.79 0.86 28.22
CA PHE A 487 13.57 1.78 29.32
C PHE A 487 14.77 1.62 30.23
N GLU A 488 15.00 2.63 31.10
CA GLU A 488 16.13 2.73 32.00
C GLU A 488 16.19 1.57 32.94
N GLU A 489 17.42 1.09 33.18
CA GLU A 489 17.77 0.20 34.26
C GLU A 489 18.49 1.04 35.27
N VAL A 490 18.56 0.54 36.53
CA VAL A 490 18.75 1.34 37.71
C VAL A 490 20.09 2.04 37.73
N LYS A 491 20.11 3.26 38.33
CA LYS A 491 21.26 4.12 38.38
C LYS A 491 21.91 4.02 39.73
N GLY A 492 21.65 2.92 40.47
CA GLY A 492 22.27 2.64 41.75
C GLY A 492 21.18 2.28 42.71
N VAL A 493 19.94 2.10 42.20
CA VAL A 493 18.74 2.10 43.00
C VAL A 493 18.54 0.66 43.40
N ALA A 494 18.38 0.42 44.71
CA ALA A 494 18.44 -0.91 45.29
C ALA A 494 17.09 -1.23 45.84
N PHE A 495 16.66 -2.50 45.63
CA PHE A 495 15.33 -2.99 45.94
C PHE A 495 15.07 -2.95 47.43
N GLU A 496 13.81 -2.62 47.78
CA GLU A 496 13.30 -2.66 49.13
C GLU A 496 12.78 -4.04 49.42
N LYS A 497 12.53 -4.33 50.72
CA LYS A 497 11.91 -5.54 51.22
C LYS A 497 10.58 -5.81 50.56
N ALA A 498 9.76 -4.75 50.37
CA ALA A 498 8.47 -4.75 49.72
C ALA A 498 8.50 -5.31 48.32
N ASP A 499 9.52 -4.88 47.54
CA ASP A 499 9.77 -5.31 46.18
C ASP A 499 10.02 -6.79 46.08
N THR A 500 10.90 -7.32 46.97
CA THR A 500 11.25 -8.72 47.10
C THR A 500 10.04 -9.59 47.39
N GLU A 501 9.13 -9.09 48.26
CA GLU A 501 7.91 -9.76 48.65
C GLU A 501 6.92 -9.82 47.51
N PHE A 502 6.86 -8.76 46.68
CA PHE A 502 6.09 -8.69 45.46
C PHE A 502 6.58 -9.70 44.43
N PHE A 503 7.92 -9.84 44.28
CA PHE A 503 8.57 -10.72 43.34
C PHE A 503 8.24 -12.16 43.67
N GLN A 504 8.29 -12.51 44.98
CA GLN A 504 7.92 -13.79 45.53
C GLN A 504 6.48 -14.14 45.29
N GLU A 505 5.57 -13.15 45.47
CA GLU A 505 4.14 -13.27 45.32
C GLU A 505 3.74 -13.53 43.90
N PHE A 506 4.39 -12.82 42.95
CA PHE A 506 4.24 -12.95 41.51
C PHE A 506 4.44 -14.38 41.06
N ALA A 507 5.53 -15.02 41.52
CA ALA A 507 5.85 -16.38 41.15
C ALA A 507 4.92 -17.30 41.88
N SER A 508 4.11 -18.08 41.13
CA SER A 508 3.03 -18.84 41.69
C SER A 508 2.75 -19.95 40.72
N GLU B 4 -37.06 -6.09 -9.71
CA GLU B 4 -37.35 -6.72 -10.96
C GLU B 4 -37.20 -5.62 -11.98
N VAL B 5 -37.60 -5.89 -13.24
CA VAL B 5 -37.58 -4.95 -14.35
C VAL B 5 -38.44 -3.72 -14.16
N GLN B 6 -39.35 -3.73 -13.17
CA GLN B 6 -40.35 -2.71 -12.99
C GLN B 6 -39.82 -1.58 -12.16
N LEU B 7 -39.30 -0.54 -12.85
CA LEU B 7 -38.90 0.70 -12.24
C LEU B 7 -39.30 1.68 -13.30
N VAL B 8 -40.62 1.85 -13.48
CA VAL B 8 -41.22 2.67 -14.50
C VAL B 8 -41.63 4.01 -13.95
N GLU B 9 -41.08 5.11 -14.52
CA GLU B 9 -41.49 6.46 -14.18
C GLU B 9 -42.94 6.65 -14.51
N SER B 10 -43.70 7.27 -13.57
CA SER B 10 -45.12 7.48 -13.74
C SER B 10 -45.50 8.76 -13.08
N GLY B 11 -44.65 9.80 -13.22
CA GLY B 11 -44.84 11.10 -12.64
C GLY B 11 -44.66 12.13 -13.72
N GLY B 12 -44.26 11.67 -14.93
CA GLY B 12 -44.07 12.48 -16.10
C GLY B 12 -45.32 13.13 -16.64
N GLY B 13 -45.18 13.77 -17.82
CA GLY B 13 -46.25 14.48 -18.48
C GLY B 13 -45.64 15.75 -19.01
N LEU B 14 -46.38 16.41 -19.93
CA LEU B 14 -46.06 17.74 -20.41
C LEU B 14 -46.16 18.75 -19.30
N VAL B 15 -45.17 19.68 -19.24
CA VAL B 15 -45.07 20.64 -18.18
C VAL B 15 -44.34 21.80 -18.79
N GLN B 16 -44.65 23.03 -18.31
CA GLN B 16 -44.10 24.26 -18.82
C GLN B 16 -42.63 24.38 -18.47
N PRO B 17 -41.78 25.04 -19.26
CA PRO B 17 -40.40 25.30 -18.90
C PRO B 17 -40.32 26.22 -17.70
N GLY B 18 -39.54 25.84 -16.68
CA GLY B 18 -39.38 26.58 -15.45
C GLY B 18 -40.29 26.03 -14.39
N GLY B 19 -41.12 25.03 -14.76
CA GLY B 19 -42.13 24.45 -13.90
C GLY B 19 -41.53 23.24 -13.25
N SER B 20 -42.39 22.34 -12.73
CA SER B 20 -41.90 21.20 -12.00
C SER B 20 -42.96 20.14 -12.01
N LEU B 21 -42.49 18.89 -11.86
CA LEU B 21 -43.30 17.72 -11.66
C LEU B 21 -42.48 16.92 -10.69
N ARG B 22 -43.15 16.10 -9.86
CA ARG B 22 -42.45 15.24 -8.95
C ARG B 22 -42.47 13.90 -9.63
N LEU B 23 -41.34 13.55 -10.29
CA LEU B 23 -41.12 12.30 -10.99
C LEU B 23 -41.16 11.18 -9.98
N SER B 24 -41.96 10.12 -10.23
CA SER B 24 -42.21 9.12 -9.24
C SER B 24 -41.97 7.74 -9.79
N CYS B 25 -40.88 7.11 -9.31
CA CYS B 25 -40.39 5.86 -9.82
C CYS B 25 -41.25 4.77 -9.26
N ALA B 26 -41.83 3.89 -10.11
CA ALA B 26 -42.66 2.78 -9.67
C ALA B 26 -41.82 1.58 -9.29
N ALA B 27 -40.72 1.78 -8.53
CA ALA B 27 -39.76 0.76 -8.16
C ALA B 27 -40.40 -0.34 -7.36
N SER B 28 -40.14 -1.61 -7.76
CA SER B 28 -40.72 -2.75 -7.12
C SER B 28 -39.96 -3.96 -7.58
N GLY B 29 -40.15 -5.10 -6.86
CA GLY B 29 -39.51 -6.36 -7.12
C GLY B 29 -38.15 -6.46 -6.48
N PHE B 30 -37.82 -5.53 -5.57
CA PHE B 30 -36.59 -5.56 -4.82
C PHE B 30 -36.86 -4.66 -3.65
N ASN B 31 -35.97 -4.73 -2.62
CA ASN B 31 -36.07 -3.92 -1.45
C ASN B 31 -35.08 -2.79 -1.58
N PHE B 32 -35.59 -1.53 -1.48
CA PHE B 32 -34.84 -0.33 -1.71
C PHE B 32 -34.29 0.00 -0.35
N SER B 33 -32.94 -0.09 -0.22
CA SER B 33 -32.17 0.24 0.95
C SER B 33 -30.80 -0.38 0.76
N SER B 34 -30.42 -0.67 -0.51
CA SER B 34 -29.11 -1.22 -0.80
C SER B 34 -28.81 -0.97 -2.25
N TYR B 35 -29.71 -0.26 -2.96
CA TYR B 35 -29.60 0.00 -4.37
C TYR B 35 -29.88 1.46 -4.50
N SER B 36 -28.99 2.22 -5.19
CA SER B 36 -29.15 3.64 -5.34
C SER B 36 -29.91 3.87 -6.61
N ILE B 37 -31.03 4.63 -6.52
CA ILE B 37 -32.07 4.64 -7.53
C ILE B 37 -31.95 5.98 -8.20
N HIS B 38 -30.82 6.16 -8.93
CA HIS B 38 -30.45 7.42 -9.51
C HIS B 38 -31.01 7.52 -10.89
N TRP B 39 -31.33 8.76 -11.33
CA TRP B 39 -32.18 8.96 -12.48
C TRP B 39 -31.24 8.98 -13.65
N VAL B 40 -31.48 8.09 -14.63
CA VAL B 40 -30.71 7.97 -15.84
C VAL B 40 -31.62 8.44 -16.93
N ARG B 41 -31.18 9.38 -17.79
CA ARG B 41 -32.08 9.96 -18.75
C ARG B 41 -31.69 9.68 -20.17
N GLN B 42 -32.56 8.88 -20.85
CA GLN B 42 -32.40 8.55 -22.23
C GLN B 42 -33.06 9.65 -22.99
N ALA B 43 -32.30 10.67 -23.43
CA ALA B 43 -32.86 11.78 -24.17
C ALA B 43 -32.94 11.31 -25.61
N PRO B 44 -34.09 11.30 -26.28
CA PRO B 44 -34.26 10.67 -27.58
C PRO B 44 -33.44 11.34 -28.65
N GLY B 45 -32.57 10.57 -29.34
CA GLY B 45 -31.66 11.06 -30.35
C GLY B 45 -30.33 11.45 -29.76
N LYS B 46 -30.06 11.03 -28.51
CA LYS B 46 -28.86 11.39 -27.80
C LYS B 46 -28.63 10.23 -26.86
N GLY B 47 -27.51 10.28 -26.12
CA GLY B 47 -26.97 9.16 -25.39
C GLY B 47 -27.32 9.33 -23.96
N LEU B 48 -27.07 8.25 -23.18
CA LEU B 48 -27.36 8.15 -21.76
C LEU B 48 -26.51 9.10 -20.96
N GLU B 49 -27.12 9.71 -19.91
CA GLU B 49 -26.42 10.63 -19.05
C GLU B 49 -26.96 10.37 -17.67
N TRP B 50 -26.32 10.99 -16.65
CA TRP B 50 -26.60 10.75 -15.25
C TRP B 50 -27.23 12.04 -14.77
N VAL B 51 -28.17 11.94 -13.79
CA VAL B 51 -28.81 13.11 -13.22
C VAL B 51 -28.30 13.33 -11.82
N ALA B 52 -28.56 12.39 -10.87
CA ALA B 52 -28.09 12.62 -9.53
C ALA B 52 -28.20 11.35 -8.75
N TYR B 53 -27.41 11.28 -7.66
CA TYR B 53 -27.20 10.10 -6.86
C TYR B 53 -28.29 10.17 -5.85
N ILE B 54 -29.05 9.07 -5.65
CA ILE B 54 -30.11 9.01 -4.68
C ILE B 54 -29.66 7.98 -3.71
N SER B 55 -29.65 8.35 -2.40
CA SER B 55 -29.14 7.56 -1.32
C SER B 55 -29.90 6.27 -1.14
N SER B 56 -29.20 5.22 -0.71
CA SER B 56 -29.80 3.95 -0.38
C SER B 56 -30.38 4.03 1.01
N TYR B 57 -29.55 4.48 1.98
CA TYR B 57 -29.93 4.56 3.36
C TYR B 57 -28.88 5.37 4.07
N TYR B 58 -27.75 5.68 3.38
CA TYR B 58 -26.55 6.16 4.02
C TYR B 58 -26.48 7.66 3.85
N GLY B 59 -27.41 8.25 3.06
CA GLY B 59 -27.60 9.67 2.96
C GLY B 59 -26.55 10.34 2.12
N SER B 60 -25.87 9.58 1.23
CA SER B 60 -24.92 10.13 0.30
C SER B 60 -25.68 10.42 -0.96
N THR B 61 -25.68 11.71 -1.36
CA THR B 61 -26.28 12.19 -2.58
C THR B 61 -25.26 13.10 -3.20
N TYR B 62 -25.42 13.42 -4.50
CA TYR B 62 -24.47 14.20 -5.25
C TYR B 62 -25.04 14.32 -6.64
N TYR B 63 -25.29 15.56 -7.09
CA TYR B 63 -25.80 15.88 -8.41
C TYR B 63 -24.71 15.67 -9.41
N ALA B 64 -25.11 15.38 -10.68
CA ALA B 64 -24.24 15.44 -11.82
C ALA B 64 -24.01 16.91 -12.08
N ASP B 65 -22.82 17.26 -12.61
CA ASP B 65 -22.32 18.62 -12.68
C ASP B 65 -23.22 19.55 -13.48
N SER B 66 -23.76 19.07 -14.61
CA SER B 66 -24.42 19.91 -15.59
C SER B 66 -25.92 19.97 -15.41
N VAL B 67 -26.49 19.26 -14.41
CA VAL B 67 -27.91 19.35 -14.10
C VAL B 67 -28.07 19.95 -12.73
N LYS B 68 -26.96 20.38 -12.10
CA LYS B 68 -26.89 20.76 -10.70
C LYS B 68 -27.70 22.01 -10.44
N GLY B 69 -28.75 21.88 -9.61
CA GLY B 69 -29.55 22.98 -9.14
C GLY B 69 -30.77 23.18 -9.99
N ARG B 70 -31.02 22.28 -10.96
CA ARG B 70 -32.20 22.31 -11.80
C ARG B 70 -33.14 21.25 -11.32
N PHE B 71 -32.75 20.56 -10.23
CA PHE B 71 -33.45 19.45 -9.66
C PHE B 71 -32.98 19.40 -8.25
N THR B 72 -33.75 18.70 -7.40
CA THR B 72 -33.42 18.53 -6.01
C THR B 72 -33.70 17.09 -5.75
N ILE B 73 -32.68 16.37 -5.23
CA ILE B 73 -32.75 14.98 -4.87
C ILE B 73 -33.75 14.78 -3.77
N SER B 74 -34.42 13.62 -3.79
CA SER B 74 -35.38 13.33 -2.76
C SER B 74 -35.49 11.84 -2.81
N ALA B 75 -36.05 11.25 -1.74
CA ALA B 75 -35.98 9.84 -1.53
C ALA B 75 -37.07 9.54 -0.58
N ASP B 76 -37.36 8.24 -0.43
CA ASP B 76 -38.44 7.77 0.39
C ASP B 76 -38.26 6.29 0.32
N THR B 77 -37.44 5.78 1.27
CA THR B 77 -37.00 4.41 1.31
C THR B 77 -37.88 3.67 2.29
N SER B 78 -38.94 4.36 2.79
CA SER B 78 -39.89 3.83 3.74
C SER B 78 -41.11 3.35 3.00
N LYS B 79 -41.14 3.55 1.65
CA LYS B 79 -42.22 3.16 0.79
C LYS B 79 -41.61 2.52 -0.41
N ASN B 80 -40.26 2.67 -0.55
CA ASN B 80 -39.41 1.96 -1.49
C ASN B 80 -39.55 2.53 -2.88
N THR B 81 -40.09 3.76 -3.00
CA THR B 81 -40.20 4.45 -4.26
C THR B 81 -39.62 5.81 -4.08
N ALA B 82 -38.56 6.12 -4.87
CA ALA B 82 -37.86 7.37 -4.79
C ALA B 82 -38.54 8.34 -5.71
N TYR B 83 -38.12 9.62 -5.65
CA TYR B 83 -38.78 10.68 -6.37
C TYR B 83 -37.73 11.66 -6.71
N LEU B 84 -37.69 12.19 -7.95
CA LEU B 84 -36.79 13.28 -8.27
C LEU B 84 -37.66 14.50 -8.41
N GLN B 85 -37.46 15.47 -7.50
CA GLN B 85 -38.13 16.76 -7.52
C GLN B 85 -37.52 17.60 -8.62
N MET B 86 -38.35 18.37 -9.35
CA MET B 86 -37.90 19.25 -10.41
C MET B 86 -37.96 20.65 -9.87
N ASN B 87 -37.14 21.57 -10.45
CA ASN B 87 -37.00 22.91 -9.93
C ASN B 87 -37.40 23.83 -11.05
N SER B 88 -36.41 24.18 -11.92
CA SER B 88 -36.60 24.93 -13.13
C SER B 88 -36.10 24.04 -14.23
N LEU B 89 -36.76 24.13 -15.41
CA LEU B 89 -36.49 23.29 -16.55
C LEU B 89 -36.12 24.20 -17.68
N ARG B 90 -35.34 23.67 -18.65
CA ARG B 90 -34.77 24.46 -19.72
C ARG B 90 -35.35 23.90 -20.99
N ALA B 91 -34.69 22.89 -21.58
CA ALA B 91 -35.14 22.17 -22.74
C ALA B 91 -34.24 20.96 -22.88
N GLU B 92 -33.24 20.85 -21.97
CA GLU B 92 -32.30 19.76 -21.92
C GLU B 92 -32.75 18.84 -20.82
N ASP B 93 -33.93 19.15 -20.23
CA ASP B 93 -34.56 18.41 -19.17
C ASP B 93 -35.73 17.69 -19.79
N THR B 94 -35.66 17.46 -21.12
CA THR B 94 -36.62 16.69 -21.87
C THR B 94 -35.95 15.39 -22.13
N ALA B 95 -36.51 14.29 -21.59
CA ALA B 95 -36.06 12.97 -21.89
C ALA B 95 -37.13 12.03 -21.46
N VAL B 96 -37.04 10.78 -21.96
CA VAL B 96 -37.85 9.66 -21.51
C VAL B 96 -37.11 9.10 -20.32
N TYR B 97 -37.31 9.71 -19.13
CA TYR B 97 -36.65 9.36 -17.89
C TYR B 97 -36.88 7.94 -17.47
N TYR B 98 -35.84 7.31 -16.91
CA TYR B 98 -35.99 6.02 -16.28
C TYR B 98 -35.30 6.18 -14.97
N CYS B 99 -35.68 5.32 -13.99
CA CYS B 99 -34.99 5.23 -12.73
C CYS B 99 -34.25 3.94 -12.86
N ALA B 100 -32.90 3.98 -12.75
CA ALA B 100 -32.08 2.82 -12.87
C ALA B 100 -31.70 2.33 -11.51
N ARG B 101 -31.78 0.99 -11.31
CA ARG B 101 -31.37 0.33 -10.12
C ARG B 101 -29.92 -0.01 -10.28
N HIS B 102 -29.10 0.30 -9.26
CA HIS B 102 -27.67 0.10 -9.31
C HIS B 102 -27.33 -0.71 -8.12
N GLU B 103 -26.74 -1.91 -8.35
CA GLU B 103 -26.18 -2.75 -7.31
C GLU B 103 -24.90 -2.11 -6.85
N TYR B 104 -24.76 -1.94 -5.52
CA TYR B 104 -23.57 -1.46 -4.83
C TYR B 104 -22.33 -2.29 -5.11
N GLY B 105 -22.48 -3.64 -5.13
CA GLY B 105 -21.38 -4.56 -5.27
C GLY B 105 -20.79 -4.81 -3.91
N TRP B 106 -19.67 -5.57 -3.86
CA TRP B 106 -19.03 -5.88 -2.61
C TRP B 106 -17.56 -5.57 -2.63
N TRP B 107 -17.19 -4.63 -1.72
CA TRP B 107 -15.88 -4.34 -1.17
C TRP B 107 -14.87 -3.70 -2.08
N ASN B 108 -15.09 -3.70 -3.41
CA ASN B 108 -14.25 -3.00 -4.35
C ASN B 108 -14.99 -3.02 -5.67
N ASP B 109 -16.11 -3.77 -5.71
CA ASP B 109 -16.79 -4.12 -6.93
C ASP B 109 -17.93 -3.16 -7.01
N ARG B 110 -18.16 -2.62 -8.23
CA ARG B 110 -19.30 -1.79 -8.50
C ARG B 110 -19.81 -2.29 -9.81
N TRP B 111 -21.10 -2.67 -9.83
CA TRP B 111 -21.76 -3.23 -10.96
C TRP B 111 -22.27 -2.10 -11.81
N GLY B 112 -22.79 -2.45 -13.02
CA GLY B 112 -23.50 -1.54 -13.86
C GLY B 112 -24.94 -1.54 -13.43
N LEU B 113 -25.79 -0.93 -14.27
CA LEU B 113 -27.15 -0.58 -13.92
C LEU B 113 -27.93 -1.75 -14.42
N ASP B 114 -28.52 -2.49 -13.45
CA ASP B 114 -29.23 -3.72 -13.66
C ASP B 114 -30.53 -3.49 -14.39
N TYR B 115 -31.63 -3.21 -13.64
CA TYR B 115 -32.94 -3.01 -14.21
C TYR B 115 -33.19 -1.56 -14.47
N TRP B 116 -34.03 -1.29 -15.48
CA TRP B 116 -34.34 0.03 -15.97
C TRP B 116 -35.80 0.04 -16.32
N GLY B 117 -36.38 1.24 -16.47
CA GLY B 117 -37.79 1.44 -16.68
C GLY B 117 -38.13 1.37 -18.13
N GLN B 118 -39.42 1.61 -18.42
CA GLN B 118 -39.96 1.68 -19.76
C GLN B 118 -40.21 3.14 -20.04
N GLY B 119 -40.12 3.99 -19.00
CA GLY B 119 -40.27 5.43 -19.02
C GLY B 119 -41.63 5.92 -19.40
N THR B 120 -41.86 7.21 -19.10
CA THR B 120 -42.95 7.98 -19.66
C THR B 120 -42.33 9.30 -19.98
N LEU B 121 -42.64 9.84 -21.18
CA LEU B 121 -42.00 11.00 -21.75
C LEU B 121 -42.27 12.22 -20.92
N VAL B 122 -41.23 13.04 -20.66
CA VAL B 122 -41.34 14.27 -19.94
C VAL B 122 -40.78 15.28 -20.90
N THR B 123 -41.47 16.42 -21.06
CA THR B 123 -41.17 17.39 -22.06
C THR B 123 -41.45 18.75 -21.53
N VAL B 124 -40.70 19.76 -22.05
CA VAL B 124 -40.99 21.16 -21.85
C VAL B 124 -41.96 21.57 -22.92
N SER B 125 -42.79 22.60 -22.63
CA SER B 125 -43.92 22.98 -23.44
C SER B 125 -43.51 24.22 -24.18
N SER B 126 -44.27 24.57 -25.24
CA SER B 126 -44.02 25.75 -26.03
C SER B 126 -45.26 26.03 -26.83
N ALA B 127 -46.22 25.08 -26.85
CA ALA B 127 -47.33 25.13 -27.75
C ALA B 127 -48.38 24.22 -27.19
N SER B 128 -49.64 24.47 -27.61
CA SER B 128 -50.80 23.69 -27.25
C SER B 128 -50.93 22.62 -28.30
N THR B 129 -51.96 21.73 -28.16
CA THR B 129 -52.31 20.76 -29.18
C THR B 129 -52.67 21.48 -30.46
N LYS B 130 -52.07 21.03 -31.57
CA LYS B 130 -52.20 21.67 -32.85
C LYS B 130 -52.22 20.59 -33.88
N GLY B 131 -53.25 20.61 -34.76
CA GLY B 131 -53.38 19.68 -35.86
C GLY B 131 -52.34 19.96 -36.94
N PRO B 132 -52.09 19.03 -37.85
CA PRO B 132 -51.11 19.22 -38.90
C PRO B 132 -51.75 19.92 -40.06
N SER B 133 -50.97 20.78 -40.75
CA SER B 133 -51.30 21.18 -42.09
C SER B 133 -50.60 20.15 -42.94
N VAL B 134 -51.32 19.62 -43.97
CA VAL B 134 -50.84 18.54 -44.78
C VAL B 134 -50.76 19.09 -46.17
N PHE B 135 -49.54 19.12 -46.76
CA PHE B 135 -49.30 19.71 -48.04
C PHE B 135 -48.80 18.61 -48.92
N PRO B 136 -49.19 18.50 -50.19
CA PRO B 136 -48.62 17.53 -51.11
C PRO B 136 -47.23 17.97 -51.51
N LEU B 137 -46.27 17.02 -51.53
CA LEU B 137 -45.01 17.16 -52.19
C LEU B 137 -45.20 16.47 -53.52
N ALA B 138 -45.63 17.24 -54.54
CA ALA B 138 -45.98 16.74 -55.85
C ALA B 138 -44.76 16.15 -56.55
N PRO B 139 -44.87 15.08 -57.35
CA PRO B 139 -43.77 14.60 -58.17
C PRO B 139 -43.33 15.65 -59.16
N SER B 140 -42.01 15.82 -59.33
CA SER B 140 -41.45 16.77 -60.27
C SER B 140 -41.46 16.11 -61.62
N SER B 141 -41.86 16.88 -62.65
CA SER B 141 -41.92 16.42 -64.01
C SER B 141 -40.68 16.89 -64.72
N LYS B 142 -39.76 17.56 -63.97
CA LYS B 142 -38.53 18.10 -64.45
C LYS B 142 -37.38 17.41 -63.78
N SER B 143 -37.65 16.38 -62.93
CA SER B 143 -36.60 15.57 -62.35
C SER B 143 -37.10 14.17 -62.18
N THR B 144 -36.22 13.19 -62.54
CA THR B 144 -36.40 11.75 -62.57
C THR B 144 -37.75 11.34 -63.10
N SER B 145 -37.99 11.63 -64.40
CA SER B 145 -39.24 11.36 -65.06
C SER B 145 -38.95 10.49 -66.25
N GLY B 146 -39.75 9.41 -66.39
CA GLY B 146 -39.63 8.43 -67.44
C GLY B 146 -39.22 7.10 -66.86
N GLY B 147 -38.73 7.09 -65.60
CA GLY B 147 -38.28 5.92 -64.90
C GLY B 147 -39.20 5.73 -63.74
N THR B 148 -38.68 6.07 -62.54
CA THR B 148 -39.34 5.90 -61.27
C THR B 148 -39.39 7.30 -60.74
N ALA B 149 -40.56 7.72 -60.20
CA ALA B 149 -40.75 9.05 -59.68
C ALA B 149 -41.06 8.87 -58.22
N ALA B 150 -40.76 9.91 -57.43
CA ALA B 150 -41.05 9.93 -56.02
C ALA B 150 -41.98 11.08 -55.78
N LEU B 151 -42.88 10.90 -54.80
CA LEU B 151 -43.85 11.90 -54.40
C LEU B 151 -44.06 11.67 -52.95
N GLY B 152 -44.74 12.59 -52.24
CA GLY B 152 -44.94 12.42 -50.83
C GLY B 152 -45.88 13.45 -50.32
N CYS B 153 -45.97 13.54 -48.98
CA CYS B 153 -46.73 14.52 -48.27
C CYS B 153 -45.82 15.05 -47.21
N LEU B 154 -45.79 16.39 -47.05
CA LEU B 154 -45.13 17.06 -45.97
C LEU B 154 -46.19 17.34 -44.94
N VAL B 155 -46.00 16.78 -43.73
CA VAL B 155 -46.94 16.90 -42.64
C VAL B 155 -46.24 17.81 -41.67
N LYS B 156 -46.71 19.08 -41.62
CA LYS B 156 -45.95 20.19 -41.10
C LYS B 156 -46.79 20.87 -40.06
N ASP B 157 -46.13 21.35 -38.98
CA ASP B 157 -46.68 22.30 -38.03
C ASP B 157 -47.69 21.68 -37.10
N TYR B 158 -47.38 20.49 -36.53
CA TYR B 158 -48.26 19.82 -35.59
C TYR B 158 -47.52 19.79 -34.29
N PHE B 159 -48.25 19.64 -33.16
CA PHE B 159 -47.62 19.46 -31.88
C PHE B 159 -48.67 18.76 -31.07
N PRO B 160 -48.36 17.87 -30.13
CA PRO B 160 -47.10 17.17 -29.97
C PRO B 160 -47.16 15.93 -30.82
N GLU B 161 -46.11 15.07 -30.74
CA GLU B 161 -46.09 13.70 -31.21
C GLU B 161 -47.22 12.88 -30.63
N PRO B 162 -47.78 11.87 -31.30
CA PRO B 162 -47.31 11.33 -32.56
C PRO B 162 -48.12 11.93 -33.69
N VAL B 163 -47.80 11.51 -34.94
CA VAL B 163 -48.66 11.68 -36.08
C VAL B 163 -48.38 10.43 -36.88
N THR B 164 -49.44 9.80 -37.43
CA THR B 164 -49.35 8.66 -38.29
C THR B 164 -49.69 9.11 -39.69
N VAL B 165 -48.95 8.58 -40.70
CA VAL B 165 -49.19 8.85 -42.09
C VAL B 165 -49.27 7.48 -42.71
N SER B 166 -50.35 7.23 -43.48
CA SER B 166 -50.54 6.03 -44.26
C SER B 166 -50.89 6.54 -45.63
N TRP B 167 -50.86 5.65 -46.65
CA TRP B 167 -51.24 6.01 -48.00
C TRP B 167 -52.33 5.10 -48.46
N ASN B 168 -53.39 5.72 -49.05
CA ASN B 168 -54.54 5.10 -49.68
C ASN B 168 -55.24 4.10 -48.79
N SER B 169 -55.44 4.47 -47.51
CA SER B 169 -56.12 3.69 -46.50
C SER B 169 -55.41 2.38 -46.20
N GLY B 170 -54.05 2.38 -46.30
CA GLY B 170 -53.22 1.22 -46.04
C GLY B 170 -53.05 0.35 -47.25
N ALA B 171 -53.61 0.73 -48.42
CA ALA B 171 -53.51 -0.03 -49.64
C ALA B 171 -52.16 0.16 -50.30
N LEU B 172 -51.48 1.28 -49.96
CA LEU B 172 -50.17 1.60 -50.48
C LEU B 172 -49.31 1.73 -49.26
N THR B 173 -48.23 0.93 -49.21
CA THR B 173 -47.32 0.84 -48.08
C THR B 173 -45.99 0.38 -48.63
N SER B 174 -45.96 -0.06 -49.92
CA SER B 174 -44.77 -0.47 -50.61
C SER B 174 -43.98 0.72 -51.08
N GLY B 175 -42.69 0.78 -50.65
CA GLY B 175 -41.75 1.82 -51.02
C GLY B 175 -41.94 3.07 -50.22
N VAL B 176 -42.75 3.00 -49.14
CA VAL B 176 -43.02 4.13 -48.27
C VAL B 176 -41.88 4.25 -47.30
N HIS B 177 -41.27 5.45 -47.23
CA HIS B 177 -40.27 5.78 -46.25
C HIS B 177 -40.81 6.97 -45.52
N THR B 178 -41.19 6.77 -44.24
CA THR B 178 -41.65 7.82 -43.35
C THR B 178 -40.47 8.19 -42.50
N PHE B 179 -39.91 9.41 -42.73
CA PHE B 179 -38.77 9.93 -42.04
C PHE B 179 -39.06 10.25 -40.58
N PRO B 180 -38.12 10.09 -39.64
CA PRO B 180 -38.16 10.70 -38.31
C PRO B 180 -38.56 12.16 -38.29
N ALA B 181 -39.38 12.55 -37.29
CA ALA B 181 -39.78 13.93 -37.07
C ALA B 181 -38.63 14.76 -36.57
N VAL B 182 -38.53 16.01 -37.07
CA VAL B 182 -37.55 16.98 -36.64
C VAL B 182 -38.33 18.08 -35.99
N LEU B 183 -37.88 18.52 -34.79
CA LEU B 183 -38.43 19.67 -34.09
C LEU B 183 -37.93 20.91 -34.78
N GLN B 184 -38.88 21.73 -35.27
CA GLN B 184 -38.61 22.98 -35.96
C GLN B 184 -38.44 24.06 -34.92
N SER B 185 -38.13 25.29 -35.40
CA SER B 185 -37.83 26.43 -34.55
C SER B 185 -39.09 27.22 -34.27
N SER B 186 -40.27 26.66 -34.64
CA SER B 186 -41.56 27.19 -34.29
C SER B 186 -42.10 26.45 -33.09
N GLY B 187 -41.36 25.43 -32.60
CA GLY B 187 -41.75 24.59 -31.49
C GLY B 187 -42.78 23.59 -31.91
N LEU B 188 -42.84 23.30 -33.23
CA LEU B 188 -43.79 22.39 -33.83
C LEU B 188 -42.97 21.41 -34.61
N TYR B 189 -43.41 20.14 -34.62
CA TYR B 189 -42.76 19.05 -35.33
C TYR B 189 -43.20 19.06 -36.76
N SER B 190 -42.35 18.49 -37.65
CA SER B 190 -42.63 18.30 -39.04
C SER B 190 -41.90 17.05 -39.47
N LEU B 191 -42.48 16.32 -40.44
CA LEU B 191 -41.84 15.18 -41.06
C LEU B 191 -42.38 15.11 -42.45
N SER B 192 -41.70 14.35 -43.34
CA SER B 192 -42.18 14.02 -44.66
C SER B 192 -42.35 12.54 -44.71
N SER B 193 -43.35 12.08 -45.49
CA SER B 193 -43.55 10.70 -45.83
C SER B 193 -43.48 10.70 -47.33
N VAL B 194 -42.70 9.76 -47.92
CA VAL B 194 -42.50 9.70 -49.35
C VAL B 194 -42.78 8.29 -49.77
N VAL B 195 -43.11 8.11 -51.06
CA VAL B 195 -43.36 6.83 -51.66
C VAL B 195 -42.80 6.93 -53.06
N THR B 196 -42.19 5.84 -53.56
CA THR B 196 -41.68 5.73 -54.90
C THR B 196 -42.66 4.90 -55.70
N VAL B 197 -43.01 5.41 -56.91
CA VAL B 197 -44.00 4.82 -57.78
C VAL B 197 -43.42 4.91 -59.18
N PRO B 198 -43.85 4.14 -60.17
CA PRO B 198 -43.56 4.36 -61.59
C PRO B 198 -43.93 5.74 -62.09
N SER B 199 -43.02 6.40 -62.84
CA SER B 199 -43.30 7.68 -63.50
C SER B 199 -44.42 7.54 -64.51
N SER B 200 -44.53 6.34 -65.13
CA SER B 200 -45.53 6.02 -66.11
C SER B 200 -46.93 5.83 -65.56
N SER B 201 -47.09 5.63 -64.22
CA SER B 201 -48.41 5.46 -63.64
C SER B 201 -49.04 6.81 -63.35
N LEU B 202 -48.21 7.88 -63.32
CA LEU B 202 -48.61 9.23 -63.05
C LEU B 202 -49.51 9.78 -64.12
N GLY B 203 -50.44 10.68 -63.72
CA GLY B 203 -51.35 11.36 -64.61
C GLY B 203 -52.71 10.77 -64.64
N THR B 204 -53.00 9.76 -63.79
CA THR B 204 -54.32 9.17 -63.75
C THR B 204 -54.42 8.34 -62.48
N GLN B 205 -53.31 8.17 -61.74
CA GLN B 205 -53.31 7.45 -60.49
C GLN B 205 -53.34 8.48 -59.40
N THR B 206 -54.28 8.31 -58.44
CA THR B 206 -54.40 9.15 -57.27
C THR B 206 -53.65 8.52 -56.14
N TYR B 207 -52.79 9.33 -55.49
CA TYR B 207 -52.03 8.95 -54.33
C TYR B 207 -52.54 9.89 -53.29
N ILE B 208 -53.15 9.36 -52.21
CA ILE B 208 -53.72 10.19 -51.18
C ILE B 208 -53.04 9.73 -49.94
N CYS B 209 -52.45 10.68 -49.18
CA CYS B 209 -51.92 10.40 -47.87
C CYS B 209 -53.01 10.69 -46.89
N ASN B 210 -53.21 9.74 -45.95
CA ASN B 210 -54.22 9.82 -44.92
C ASN B 210 -53.43 10.06 -43.67
N VAL B 211 -53.59 11.27 -43.09
CA VAL B 211 -52.80 11.74 -41.98
C VAL B 211 -53.77 11.76 -40.83
N ASN B 212 -53.37 11.16 -39.70
CA ASN B 212 -54.14 11.11 -38.49
C ASN B 212 -53.23 11.57 -37.40
N HIS B 213 -53.56 12.73 -36.82
CA HIS B 213 -52.90 13.30 -35.67
C HIS B 213 -53.80 13.10 -34.51
N LYS B 214 -53.50 12.07 -33.69
CA LYS B 214 -54.27 11.67 -32.54
C LYS B 214 -54.41 12.72 -31.45
N PRO B 215 -53.44 13.54 -31.02
CA PRO B 215 -53.64 14.48 -29.92
C PRO B 215 -54.69 15.55 -30.14
N SER B 216 -54.99 15.93 -31.40
CA SER B 216 -56.04 16.88 -31.70
C SER B 216 -57.20 16.18 -32.37
N ASN B 217 -57.07 14.86 -32.63
CA ASN B 217 -57.98 14.03 -33.41
C ASN B 217 -58.29 14.63 -34.76
N THR B 218 -57.24 15.11 -35.46
CA THR B 218 -57.33 15.86 -36.69
C THR B 218 -56.91 14.92 -37.77
N LYS B 219 -57.85 14.58 -38.67
CA LYS B 219 -57.59 13.71 -39.79
C LYS B 219 -57.77 14.51 -41.04
N VAL B 220 -56.75 14.45 -41.93
CA VAL B 220 -56.74 15.17 -43.19
C VAL B 220 -56.28 14.16 -44.19
N ASP B 221 -57.09 13.95 -45.25
CA ASP B 221 -56.69 13.19 -46.41
C ASP B 221 -56.32 14.20 -47.45
N LYS B 222 -55.05 14.19 -47.90
CA LYS B 222 -54.54 15.16 -48.85
C LYS B 222 -54.10 14.41 -50.07
N LYS B 223 -54.78 14.66 -51.21
CA LYS B 223 -54.42 14.15 -52.51
C LYS B 223 -53.15 14.78 -53.03
N VAL B 224 -52.28 13.93 -53.60
CA VAL B 224 -51.00 14.26 -54.18
C VAL B 224 -51.15 13.80 -55.61
N GLU B 225 -50.98 14.75 -56.55
CA GLU B 225 -51.18 14.49 -57.96
C GLU B 225 -50.04 15.23 -58.62
N PRO B 226 -49.62 14.88 -59.84
CA PRO B 226 -48.73 15.64 -60.70
C PRO B 226 -48.85 17.14 -60.69
N LYS B 227 -47.70 17.84 -60.68
CA LYS B 227 -47.62 19.26 -60.80
C LYS B 227 -46.55 19.51 -61.83
N SER B 228 -46.91 20.30 -62.87
CA SER B 228 -46.00 20.73 -63.89
C SER B 228 -46.16 22.21 -64.01
N ASP C 2 -15.69 14.87 -13.97
CA ASP C 2 -15.92 13.52 -13.54
C ASP C 2 -14.86 12.70 -14.21
N ILE C 3 -14.99 11.35 -14.15
CA ILE C 3 -14.12 10.43 -14.82
C ILE C 3 -14.72 10.20 -16.17
N GLN C 4 -14.23 10.95 -17.19
CA GLN C 4 -14.66 10.85 -18.57
C GLN C 4 -14.30 9.52 -19.17
N MET C 5 -15.20 9.04 -20.06
CA MET C 5 -15.04 7.78 -20.73
C MET C 5 -14.95 8.13 -22.20
N THR C 6 -13.87 7.69 -22.86
CA THR C 6 -13.59 8.04 -24.23
C THR C 6 -13.58 6.73 -24.98
N GLN C 7 -14.47 6.60 -25.99
CA GLN C 7 -14.61 5.40 -26.78
C GLN C 7 -13.99 5.57 -28.13
N SER C 8 -13.46 4.45 -28.66
CA SER C 8 -12.89 4.37 -29.97
C SER C 8 -13.29 2.99 -30.45
N PRO C 9 -13.46 2.73 -31.74
CA PRO C 9 -13.81 3.67 -32.81
C PRO C 9 -14.97 4.57 -32.47
N SER C 10 -15.03 5.79 -33.05
CA SER C 10 -16.19 6.66 -32.97
C SER C 10 -17.38 6.05 -33.66
N SER C 11 -17.14 5.44 -34.84
CA SER C 11 -18.10 4.68 -35.58
C SER C 11 -17.30 3.63 -36.30
N LEU C 12 -17.94 2.49 -36.65
CA LEU C 12 -17.31 1.46 -37.43
C LEU C 12 -18.38 0.84 -38.27
N SER C 13 -17.96 0.21 -39.39
CA SER C 13 -18.81 -0.46 -40.32
C SER C 13 -18.17 -1.77 -40.56
N ALA C 14 -18.85 -2.88 -40.20
CA ALA C 14 -18.31 -4.21 -40.32
C ALA C 14 -19.42 -5.08 -40.78
N SER C 15 -19.06 -6.19 -41.47
CA SER C 15 -20.00 -7.11 -42.06
C SER C 15 -20.42 -8.12 -41.04
N VAL C 16 -21.55 -8.81 -41.30
CA VAL C 16 -22.04 -9.90 -40.50
C VAL C 16 -21.03 -11.04 -40.48
N GLY C 17 -20.75 -11.58 -39.28
CA GLY C 17 -19.82 -12.65 -39.05
C GLY C 17 -18.40 -12.17 -38.92
N ASP C 18 -18.19 -10.89 -38.54
CA ASP C 18 -16.88 -10.34 -38.30
C ASP C 18 -16.67 -10.32 -36.81
N ARG C 19 -15.39 -10.27 -36.38
CA ARG C 19 -15.02 -10.12 -35.00
C ARG C 19 -14.70 -8.66 -34.81
N VAL C 20 -15.48 -7.98 -33.94
CA VAL C 20 -15.46 -6.55 -33.77
C VAL C 20 -15.11 -6.36 -32.33
N THR C 21 -14.10 -5.50 -32.05
CA THR C 21 -13.68 -5.16 -30.71
C THR C 21 -13.74 -3.67 -30.67
N ILE C 22 -14.39 -3.12 -29.62
CA ILE C 22 -14.43 -1.69 -29.39
C ILE C 22 -13.75 -1.51 -28.07
N THR C 23 -13.11 -0.34 -27.88
CA THR C 23 -12.32 -0.05 -26.70
C THR C 23 -12.94 1.17 -26.06
N CYS C 24 -12.72 1.29 -24.74
CA CYS C 24 -13.17 2.40 -23.95
C CYS C 24 -12.07 2.63 -22.97
N ARG C 25 -11.64 3.90 -22.82
CA ARG C 25 -10.58 4.27 -21.94
C ARG C 25 -11.17 5.22 -20.95
N ALA C 26 -10.96 4.90 -19.65
CA ALA C 26 -11.31 5.70 -18.51
C ALA C 26 -10.14 6.58 -18.20
N SER C 27 -10.40 7.84 -17.78
CA SER C 27 -9.37 8.83 -17.53
C SER C 27 -8.88 8.73 -16.10
N GLN C 28 -9.40 7.74 -15.33
CA GLN C 28 -8.97 7.49 -13.98
C GLN C 28 -9.20 6.01 -13.83
N SER C 29 -8.31 5.33 -13.07
CA SER C 29 -8.46 3.93 -12.74
C SER C 29 -9.55 3.81 -11.70
N VAL C 30 -10.57 2.99 -12.01
CA VAL C 30 -11.72 2.77 -11.17
C VAL C 30 -11.69 1.33 -10.75
N SER C 31 -10.54 0.63 -11.00
CA SER C 31 -10.35 -0.79 -10.77
C SER C 31 -11.36 -1.54 -11.62
N SER C 32 -11.84 -2.72 -11.15
CA SER C 32 -12.99 -3.37 -11.73
C SER C 32 -14.23 -2.64 -11.27
N ALA C 33 -14.94 -2.01 -12.24
CA ALA C 33 -16.08 -1.17 -11.97
C ALA C 33 -16.47 -0.50 -13.26
N VAL C 34 -16.56 -1.28 -14.37
CA VAL C 34 -16.93 -0.76 -15.67
C VAL C 34 -18.04 -1.63 -16.17
N ALA C 35 -19.02 -1.02 -16.88
CA ALA C 35 -20.11 -1.74 -17.50
C ALA C 35 -20.16 -1.38 -18.95
N TRP C 36 -20.93 -2.16 -19.73
CA TRP C 36 -21.15 -1.95 -21.13
C TRP C 36 -22.62 -2.16 -21.38
N TYR C 37 -23.22 -1.27 -22.20
CA TYR C 37 -24.62 -1.26 -22.55
C TYR C 37 -24.75 -1.35 -24.04
N GLN C 38 -25.88 -1.94 -24.48
CA GLN C 38 -26.30 -1.91 -25.86
C GLN C 38 -27.55 -1.10 -25.80
N GLN C 39 -27.57 0.03 -26.54
CA GLN C 39 -28.70 0.92 -26.64
C GLN C 39 -29.08 0.95 -28.08
N LYS C 40 -30.34 0.56 -28.35
CA LYS C 40 -30.95 0.59 -29.66
C LYS C 40 -32.10 1.55 -29.50
N PRO C 41 -32.32 2.47 -30.46
CA PRO C 41 -33.23 3.61 -30.31
C PRO C 41 -34.66 3.22 -29.99
N GLY C 42 -35.26 3.92 -29.00
CA GLY C 42 -36.64 3.76 -28.63
C GLY C 42 -36.89 2.54 -27.78
N LYS C 43 -35.85 2.07 -27.06
CA LYS C 43 -35.95 0.94 -26.18
C LYS C 43 -35.13 1.27 -24.98
N ALA C 44 -35.35 0.53 -23.86
CA ALA C 44 -34.51 0.58 -22.68
C ALA C 44 -33.11 0.07 -23.00
N PRO C 45 -32.03 0.66 -22.50
CA PRO C 45 -30.70 0.08 -22.49
C PRO C 45 -30.65 -1.31 -21.90
N LYS C 46 -29.89 -2.22 -22.54
CA LYS C 46 -29.64 -3.54 -22.03
C LYS C 46 -28.23 -3.58 -21.54
N LEU C 47 -28.04 -4.02 -20.26
CA LEU C 47 -26.75 -4.24 -19.64
C LEU C 47 -26.16 -5.48 -20.25
N LEU C 48 -24.86 -5.42 -20.66
CA LEU C 48 -24.19 -6.53 -21.28
C LEU C 48 -23.18 -7.08 -20.33
N ILE C 49 -22.38 -6.19 -19.71
CA ILE C 49 -21.20 -6.53 -18.98
C ILE C 49 -21.26 -5.66 -17.75
N TYR C 50 -20.86 -6.20 -16.59
CA TYR C 50 -20.61 -5.47 -15.38
C TYR C 50 -19.27 -5.97 -14.92
N SER C 51 -18.58 -5.19 -14.07
CA SER C 51 -17.29 -5.49 -13.47
C SER C 51 -16.16 -5.07 -14.38
N ALA C 52 -16.33 -5.27 -15.72
CA ALA C 52 -15.44 -4.92 -16.82
C ALA C 52 -15.29 -6.11 -17.71
N SER C 53 -15.86 -7.28 -17.33
CA SER C 53 -15.55 -8.49 -18.04
C SER C 53 -16.52 -9.60 -17.69
N SER C 54 -17.43 -9.38 -16.72
CA SER C 54 -18.35 -10.41 -16.27
C SER C 54 -19.64 -10.15 -16.98
N LEU C 55 -20.20 -11.19 -17.66
CA LEU C 55 -21.45 -11.04 -18.37
C LEU C 55 -22.57 -10.91 -17.39
N TYR C 56 -23.55 -10.04 -17.74
CA TYR C 56 -24.84 -9.96 -17.11
C TYR C 56 -25.65 -11.15 -17.55
N SER C 57 -26.55 -11.65 -16.67
CA SER C 57 -27.42 -12.76 -16.95
C SER C 57 -28.36 -12.49 -18.10
N GLY C 58 -28.58 -13.51 -18.96
CA GLY C 58 -29.42 -13.44 -20.13
C GLY C 58 -28.88 -12.53 -21.20
N VAL C 59 -27.54 -12.46 -21.34
CA VAL C 59 -26.88 -11.75 -22.40
C VAL C 59 -26.20 -12.83 -23.22
N PRO C 60 -26.31 -12.86 -24.55
CA PRO C 60 -25.59 -13.76 -25.45
C PRO C 60 -24.10 -13.88 -25.16
N SER C 61 -23.51 -15.04 -25.52
CA SER C 61 -22.16 -15.37 -25.18
C SER C 61 -21.21 -14.94 -26.28
N ARG C 62 -21.74 -14.28 -27.34
CA ARG C 62 -20.92 -13.66 -28.36
C ARG C 62 -20.34 -12.38 -27.83
N PHE C 63 -21.00 -11.77 -26.82
CA PHE C 63 -20.49 -10.62 -26.12
C PHE C 63 -19.58 -11.14 -25.04
N SER C 64 -18.39 -10.51 -24.92
CA SER C 64 -17.46 -10.78 -23.87
C SER C 64 -16.78 -9.49 -23.60
N GLY C 65 -16.18 -9.34 -22.39
CA GLY C 65 -15.38 -8.19 -22.06
C GLY C 65 -14.12 -8.72 -21.47
N SER C 66 -13.09 -7.84 -21.39
CA SER C 66 -11.83 -8.18 -20.80
C SER C 66 -11.34 -6.96 -20.08
N ARG C 67 -10.24 -7.14 -19.32
CA ARG C 67 -9.38 -6.08 -18.82
C ARG C 67 -9.89 -5.61 -17.49
N SER C 68 -9.02 -4.87 -16.75
CA SER C 68 -9.35 -4.35 -15.45
C SER C 68 -8.37 -3.23 -15.14
N GLY C 69 -7.61 -2.78 -16.17
CA GLY C 69 -6.73 -1.64 -16.12
C GLY C 69 -7.54 -0.39 -16.35
N THR C 70 -7.04 0.51 -17.21
CA THR C 70 -7.71 1.76 -17.53
C THR C 70 -8.32 1.64 -18.91
N ASP C 71 -7.88 0.60 -19.67
CA ASP C 71 -8.25 0.36 -21.03
C ASP C 71 -9.11 -0.86 -21.02
N PHE C 72 -10.41 -0.69 -21.34
CA PHE C 72 -11.43 -1.72 -21.24
C PHE C 72 -11.84 -2.03 -22.64
N THR C 73 -12.36 -3.26 -22.87
CA THR C 73 -12.75 -3.72 -24.18
C THR C 73 -14.01 -4.53 -24.06
N LEU C 74 -14.86 -4.43 -25.12
CA LEU C 74 -16.02 -5.26 -25.35
C LEU C 74 -15.73 -5.87 -26.69
N THR C 75 -15.94 -7.19 -26.81
CA THR C 75 -15.69 -7.93 -28.02
C THR C 75 -16.98 -8.60 -28.38
N ILE C 76 -17.33 -8.55 -29.68
CA ILE C 76 -18.39 -9.31 -30.28
C ILE C 76 -17.65 -10.26 -31.17
N SER C 77 -17.72 -11.58 -30.86
CA SER C 77 -16.99 -12.62 -31.56
C SER C 77 -17.44 -12.79 -32.99
N SER C 78 -18.78 -12.77 -33.21
CA SER C 78 -19.39 -12.95 -34.50
C SER C 78 -20.46 -11.92 -34.52
N LEU C 79 -20.43 -11.02 -35.54
CA LEU C 79 -21.35 -9.93 -35.67
C LEU C 79 -22.63 -10.48 -36.23
N GLN C 80 -23.75 -9.84 -35.90
CA GLN C 80 -25.08 -10.28 -36.26
C GLN C 80 -25.73 -9.06 -36.84
N PRO C 81 -26.81 -9.16 -37.60
CA PRO C 81 -27.51 -8.00 -38.14
C PRO C 81 -28.38 -7.34 -37.09
N GLU C 82 -28.33 -7.80 -35.82
CA GLU C 82 -29.12 -7.29 -34.73
C GLU C 82 -28.18 -6.55 -33.81
N ASP C 83 -26.89 -6.43 -34.21
CA ASP C 83 -25.86 -5.76 -33.46
C ASP C 83 -25.65 -4.40 -34.08
N PHE C 84 -26.64 -3.94 -34.89
CA PHE C 84 -26.80 -2.56 -35.28
C PHE C 84 -27.28 -1.81 -34.06
N ALA C 85 -26.37 -1.06 -33.40
CA ALA C 85 -26.71 -0.39 -32.17
C ALA C 85 -25.61 0.58 -31.85
N THR C 86 -25.87 1.42 -30.82
CA THR C 86 -24.89 2.26 -30.18
C THR C 86 -24.50 1.56 -28.91
N TYR C 87 -23.17 1.39 -28.68
CA TYR C 87 -22.66 0.71 -27.51
C TYR C 87 -22.01 1.74 -26.63
N TYR C 88 -22.41 1.78 -25.33
CA TYR C 88 -21.94 2.74 -24.35
C TYR C 88 -21.17 2.03 -23.28
N CYS C 89 -19.96 2.53 -22.92
CA CYS C 89 -19.24 2.12 -21.74
C CYS C 89 -19.56 3.08 -20.63
N GLN C 90 -19.22 2.69 -19.38
CA GLN C 90 -19.65 3.39 -18.21
C GLN C 90 -18.67 3.08 -17.14
N GLN C 91 -18.38 4.05 -16.24
CA GLN C 91 -17.62 3.81 -15.04
C GLN C 91 -18.60 4.02 -13.93
N SER C 92 -18.50 3.16 -12.89
CA SER C 92 -19.31 3.21 -11.72
C SER C 92 -18.37 3.45 -10.57
N SER C 93 -18.88 4.15 -9.53
CA SER C 93 -18.11 4.47 -8.37
C SER C 93 -19.11 4.48 -7.25
N TRP C 94 -18.66 4.08 -6.04
CA TRP C 94 -19.50 3.79 -4.91
C TRP C 94 -19.52 4.98 -3.99
N TYR C 95 -18.91 6.10 -4.45
CA TYR C 95 -18.77 7.29 -3.66
C TYR C 95 -18.39 8.43 -4.57
N GLY C 96 -18.38 8.18 -5.90
CA GLY C 96 -18.04 9.15 -6.91
C GLY C 96 -19.17 9.26 -7.91
N PRO C 97 -19.02 10.12 -8.91
CA PRO C 97 -19.90 10.21 -10.07
C PRO C 97 -20.02 8.94 -10.88
N PHE C 98 -21.00 8.93 -11.81
CA PHE C 98 -21.21 7.90 -12.79
C PHE C 98 -21.22 8.64 -14.10
N THR C 99 -20.49 8.13 -15.12
CA THR C 99 -20.28 8.83 -16.36
C THR C 99 -20.33 7.79 -17.43
N PHE C 100 -20.86 8.16 -18.62
CA PHE C 100 -21.02 7.29 -19.76
C PHE C 100 -20.12 7.77 -20.86
N GLY C 101 -19.81 6.86 -21.81
CA GLY C 101 -19.16 7.12 -23.07
C GLY C 101 -19.96 7.97 -24.02
N GLN C 102 -19.42 8.11 -25.25
CA GLN C 102 -19.97 8.97 -26.28
C GLN C 102 -20.60 8.11 -27.34
N GLY C 103 -20.58 6.77 -27.14
CA GLY C 103 -21.20 5.78 -28.00
C GLY C 103 -20.32 5.38 -29.15
N THR C 104 -20.36 4.08 -29.50
CA THR C 104 -19.71 3.53 -30.67
C THR C 104 -20.82 3.01 -31.52
N LYS C 105 -20.96 3.58 -32.75
CA LYS C 105 -21.96 3.20 -33.70
C LYS C 105 -21.47 2.04 -34.52
N VAL C 106 -22.18 0.89 -34.42
CA VAL C 106 -21.85 -0.29 -35.17
C VAL C 106 -22.83 -0.31 -36.29
N GLU C 107 -22.32 -0.26 -37.55
CA GLU C 107 -23.11 -0.31 -38.76
C GLU C 107 -22.92 -1.67 -39.37
N ILE C 108 -23.98 -2.19 -40.03
CA ILE C 108 -23.93 -3.44 -40.75
C ILE C 108 -23.56 -3.05 -42.15
N LYS C 109 -22.43 -3.64 -42.63
CA LYS C 109 -21.81 -3.36 -43.90
C LYS C 109 -22.40 -4.16 -45.02
N ARG C 110 -22.43 -3.54 -46.21
CA ARG C 110 -22.87 -4.13 -47.44
C ARG C 110 -22.15 -3.35 -48.51
N THR C 111 -22.34 -3.76 -49.79
CA THR C 111 -21.82 -3.10 -50.97
C THR C 111 -22.33 -1.68 -51.09
N VAL C 112 -21.48 -0.78 -51.66
CA VAL C 112 -21.79 0.61 -51.93
C VAL C 112 -22.94 0.71 -52.91
N ALA C 113 -23.84 1.70 -52.70
CA ALA C 113 -24.97 1.95 -53.57
C ALA C 113 -25.13 3.43 -53.67
N ALA C 114 -25.52 3.90 -54.88
CA ALA C 114 -25.77 5.29 -55.18
C ALA C 114 -27.17 5.69 -54.76
N PRO C 115 -27.43 6.96 -54.47
CA PRO C 115 -28.76 7.44 -54.16
C PRO C 115 -29.47 7.80 -55.43
N SER C 116 -30.76 7.43 -55.54
CA SER C 116 -31.64 7.98 -56.55
C SER C 116 -32.15 9.26 -55.94
N VAL C 117 -31.95 10.38 -56.66
CA VAL C 117 -32.11 11.70 -56.12
C VAL C 117 -33.36 12.24 -56.75
N PHE C 118 -34.26 12.79 -55.92
CA PHE C 118 -35.53 13.33 -56.33
C PHE C 118 -35.60 14.66 -55.64
N ILE C 119 -36.16 15.68 -56.30
CA ILE C 119 -36.41 16.97 -55.72
C ILE C 119 -37.89 17.20 -55.90
N PHE C 120 -38.58 17.73 -54.86
CA PHE C 120 -40.00 17.94 -54.87
C PHE C 120 -40.20 19.42 -54.67
N PRO C 121 -40.83 20.16 -55.59
CA PRO C 121 -41.29 21.52 -55.35
C PRO C 121 -42.30 21.61 -54.23
N PRO C 122 -42.42 22.71 -53.47
CA PRO C 122 -43.57 22.99 -52.62
C PRO C 122 -44.79 23.16 -53.49
N SER C 123 -45.96 22.74 -52.98
CA SER C 123 -47.23 23.00 -53.60
C SER C 123 -47.65 24.42 -53.31
N ASP C 124 -48.66 24.93 -54.05
CA ASP C 124 -49.25 26.23 -53.84
C ASP C 124 -49.93 26.30 -52.50
N SER C 125 -50.47 25.15 -52.02
CA SER C 125 -51.08 24.95 -50.73
C SER C 125 -50.10 25.24 -49.61
N GLN C 126 -48.83 24.78 -49.75
CA GLN C 126 -47.77 25.05 -48.83
C GLN C 126 -47.40 26.52 -48.80
N LEU C 127 -47.32 27.19 -49.97
CA LEU C 127 -46.99 28.60 -50.06
C LEU C 127 -47.96 29.51 -49.33
N LYS C 128 -49.27 29.16 -49.34
CA LYS C 128 -50.31 29.83 -48.60
C LYS C 128 -50.13 29.87 -47.10
N SER C 129 -49.43 28.85 -46.52
CA SER C 129 -49.15 28.74 -45.12
C SER C 129 -48.29 29.89 -44.63
N GLY C 130 -47.25 30.23 -45.45
CA GLY C 130 -46.38 31.36 -45.23
C GLY C 130 -44.97 30.87 -45.32
N THR C 131 -44.80 29.54 -45.55
CA THR C 131 -43.54 28.84 -45.57
C THR C 131 -43.51 28.10 -46.88
N ALA C 132 -42.31 27.92 -47.44
CA ALA C 132 -42.08 27.10 -48.60
C ALA C 132 -41.06 26.11 -48.13
N SER C 133 -41.38 24.81 -48.24
CA SER C 133 -40.44 23.75 -47.96
C SER C 133 -40.16 23.03 -49.23
N VAL C 134 -38.85 22.92 -49.59
CA VAL C 134 -38.41 22.24 -50.78
C VAL C 134 -37.74 21.02 -50.23
N VAL C 135 -38.17 19.82 -50.68
CA VAL C 135 -37.75 18.57 -50.07
C VAL C 135 -36.94 17.83 -51.10
N CYS C 136 -35.76 17.32 -50.68
CA CYS C 136 -34.88 16.51 -51.49
C CYS C 136 -34.81 15.16 -50.83
N LEU C 137 -35.02 14.09 -51.63
CA LEU C 137 -35.03 12.73 -51.18
C LEU C 137 -33.86 12.05 -51.83
N LEU C 138 -33.04 11.35 -51.00
CA LEU C 138 -31.97 10.49 -51.43
C LEU C 138 -32.45 9.14 -51.00
N ASN C 139 -32.68 8.21 -51.95
CA ASN C 139 -33.32 6.96 -51.65
C ASN C 139 -32.36 5.83 -51.92
N ASN C 140 -32.27 4.90 -50.95
CA ASN C 140 -31.64 3.59 -51.04
C ASN C 140 -30.16 3.59 -51.38
N PHE C 141 -29.35 4.30 -50.57
CA PHE C 141 -27.93 4.45 -50.78
C PHE C 141 -27.22 3.83 -49.61
N TYR C 142 -25.92 3.51 -49.77
CA TYR C 142 -25.09 2.98 -48.71
C TYR C 142 -23.71 3.51 -49.02
N PRO C 143 -22.81 3.87 -48.10
CA PRO C 143 -22.96 4.01 -46.65
C PRO C 143 -23.97 5.04 -46.22
N ARG C 144 -24.22 5.11 -44.87
CA ARG C 144 -25.13 6.01 -44.21
C ARG C 144 -24.80 7.46 -44.43
N GLU C 145 -23.49 7.81 -44.37
CA GLU C 145 -23.01 9.14 -44.61
C GLU C 145 -23.29 9.59 -46.02
N ALA C 146 -23.70 10.87 -46.16
CA ALA C 146 -23.93 11.50 -47.42
C ALA C 146 -23.93 12.96 -47.09
N LYS C 147 -23.65 13.83 -48.08
CA LYS C 147 -23.66 15.26 -47.88
C LYS C 147 -24.61 15.81 -48.89
N VAL C 148 -25.58 16.63 -48.40
CA VAL C 148 -26.54 17.32 -49.23
C VAL C 148 -26.18 18.76 -49.11
N GLN C 149 -26.12 19.45 -50.27
CA GLN C 149 -25.90 20.87 -50.35
C GLN C 149 -27.12 21.36 -51.07
N TRP C 150 -27.77 22.38 -50.48
CA TRP C 150 -28.91 23.04 -51.08
C TRP C 150 -28.37 24.30 -51.66
N LYS C 151 -28.75 24.58 -52.92
CA LYS C 151 -28.38 25.81 -53.57
C LYS C 151 -29.63 26.40 -54.12
N VAL C 152 -29.79 27.72 -53.90
CA VAL C 152 -30.87 28.49 -54.45
C VAL C 152 -30.18 29.57 -55.21
N ASP C 153 -30.34 29.54 -56.55
CA ASP C 153 -29.72 30.44 -57.51
C ASP C 153 -28.20 30.33 -57.44
N ASN C 154 -27.70 29.12 -57.11
CA ASN C 154 -26.31 28.74 -56.95
C ASN C 154 -25.73 29.21 -55.64
N ALA C 155 -26.50 29.95 -54.81
CA ALA C 155 -26.09 30.41 -53.50
C ALA C 155 -26.31 29.31 -52.51
N LEU C 156 -25.22 28.87 -51.82
CA LEU C 156 -25.27 27.86 -50.78
C LEU C 156 -26.17 28.28 -49.64
N GLN C 157 -27.11 27.38 -49.28
CA GLN C 157 -28.08 27.55 -48.23
C GLN C 157 -27.56 26.84 -47.02
N SER C 158 -27.47 27.57 -45.89
CA SER C 158 -26.99 27.03 -44.64
C SER C 158 -27.76 27.74 -43.57
N GLY C 159 -28.07 27.00 -42.46
CA GLY C 159 -28.72 27.53 -41.29
C GLY C 159 -30.17 27.81 -41.56
N ASN C 160 -30.82 26.93 -42.35
CA ASN C 160 -32.19 27.13 -42.79
C ASN C 160 -32.68 25.83 -43.37
N SER C 161 -31.81 24.79 -43.38
CA SER C 161 -32.17 23.47 -43.84
C SER C 161 -31.90 22.53 -42.70
N GLN C 162 -32.70 21.45 -42.61
CA GLN C 162 -32.58 20.45 -41.60
C GLN C 162 -32.54 19.16 -42.35
N GLU C 163 -31.66 18.22 -41.90
CA GLU C 163 -31.53 16.91 -42.48
C GLU C 163 -32.08 15.93 -41.49
N SER C 164 -32.65 14.81 -41.99
CA SER C 164 -33.10 13.72 -41.18
C SER C 164 -32.74 12.51 -41.99
N VAL C 165 -32.20 11.46 -41.33
CA VAL C 165 -31.79 10.24 -41.99
C VAL C 165 -32.62 9.22 -41.30
N THR C 166 -33.33 8.34 -42.07
CA THR C 166 -34.02 7.20 -41.51
C THR C 166 -33.03 6.23 -40.90
N GLU C 167 -33.43 5.50 -39.84
CA GLU C 167 -32.71 4.33 -39.37
C GLU C 167 -32.78 3.24 -40.41
N GLN C 168 -31.67 2.48 -40.56
CA GLN C 168 -31.40 1.47 -41.57
C GLN C 168 -32.61 0.73 -42.09
N ASP C 169 -32.80 0.82 -43.43
CA ASP C 169 -33.88 0.26 -44.22
C ASP C 169 -33.94 -1.24 -44.12
N SER C 170 -35.17 -1.78 -44.28
CA SER C 170 -35.42 -3.20 -44.22
C SER C 170 -35.52 -3.69 -45.65
N LYS C 171 -35.37 -2.75 -46.63
CA LYS C 171 -35.39 -3.01 -48.05
C LYS C 171 -34.26 -3.90 -48.47
N ASP C 172 -33.04 -3.66 -47.94
CA ASP C 172 -31.84 -4.39 -48.27
C ASP C 172 -30.69 -3.74 -47.52
N SER C 173 -31.00 -3.08 -46.38
CA SER C 173 -30.02 -2.51 -45.47
C SER C 173 -29.37 -1.27 -46.03
N THR C 174 -30.17 -0.47 -46.78
CA THR C 174 -29.76 0.82 -47.31
C THR C 174 -30.19 1.87 -46.32
N TYR C 175 -29.88 3.15 -46.61
CA TYR C 175 -30.32 4.30 -45.86
C TYR C 175 -31.01 5.20 -46.83
N SER C 176 -31.93 6.02 -46.31
CA SER C 176 -32.57 7.07 -47.07
C SER C 176 -32.40 8.31 -46.24
N LEU C 177 -32.43 9.48 -46.89
CA LEU C 177 -32.14 10.73 -46.24
C LEU C 177 -33.07 11.71 -46.88
N SER C 178 -33.70 12.58 -46.07
CA SER C 178 -34.46 13.70 -46.53
C SER C 178 -33.73 14.91 -46.05
N SER C 179 -33.57 15.91 -46.94
CA SER C 179 -33.05 17.20 -46.58
C SER C 179 -34.15 18.13 -46.97
N THR C 180 -34.59 18.97 -46.01
CA THR C 180 -35.72 19.84 -46.17
C THR C 180 -35.16 21.22 -45.98
N LEU C 181 -35.23 22.04 -47.04
CA LEU C 181 -34.85 23.43 -46.99
C LEU C 181 -36.13 24.16 -46.74
N THR C 182 -36.15 25.02 -45.70
CA THR C 182 -37.33 25.76 -45.33
C THR C 182 -36.96 27.20 -45.48
N LEU C 183 -37.79 27.92 -46.24
CA LEU C 183 -37.68 29.32 -46.53
C LEU C 183 -39.06 29.85 -46.28
N SER C 184 -39.23 31.19 -46.19
CA SER C 184 -40.54 31.79 -46.29
C SER C 184 -41.02 31.68 -47.72
N LYS C 185 -42.35 31.76 -47.93
CA LYS C 185 -42.98 31.82 -49.23
C LYS C 185 -42.47 33.01 -50.03
N ALA C 186 -42.32 34.18 -49.35
CA ALA C 186 -41.89 35.43 -49.93
C ALA C 186 -40.48 35.37 -50.47
N ASP C 187 -39.56 34.65 -49.78
CA ASP C 187 -38.23 34.35 -50.25
C ASP C 187 -38.26 33.41 -51.43
N TYR C 188 -39.11 32.36 -51.36
CA TYR C 188 -39.27 31.34 -52.37
C TYR C 188 -39.65 31.89 -53.73
N GLU C 189 -40.57 32.87 -53.74
CA GLU C 189 -41.15 33.44 -54.94
C GLU C 189 -40.22 34.40 -55.64
N LYS C 190 -39.10 34.80 -54.99
CA LYS C 190 -38.13 35.71 -55.57
C LYS C 190 -36.95 34.96 -56.16
N HIS C 191 -36.94 33.60 -56.06
CA HIS C 191 -35.85 32.79 -56.52
C HIS C 191 -36.45 31.73 -57.38
N LYS C 192 -35.84 31.44 -58.55
CA LYS C 192 -36.39 30.51 -59.49
C LYS C 192 -35.79 29.14 -59.34
N VAL C 193 -34.44 29.06 -59.25
CA VAL C 193 -33.73 27.81 -59.40
C VAL C 193 -33.53 27.20 -58.05
N TYR C 194 -34.11 26.00 -57.85
CA TYR C 194 -34.01 25.22 -56.64
C TYR C 194 -33.28 23.98 -57.01
N ALA C 195 -32.09 23.79 -56.41
CA ALA C 195 -31.21 22.71 -56.75
C ALA C 195 -30.83 22.02 -55.49
N CYS C 196 -30.84 20.67 -55.53
CA CYS C 196 -30.34 19.83 -54.48
C CYS C 196 -29.19 19.13 -55.15
N GLU C 197 -27.97 19.36 -54.63
CA GLU C 197 -26.77 18.72 -55.09
C GLU C 197 -26.41 17.73 -54.04
N VAL C 198 -26.16 16.47 -54.46
CA VAL C 198 -25.88 15.37 -53.57
C VAL C 198 -24.51 14.91 -53.91
N THR C 199 -23.62 14.84 -52.89
CA THR C 199 -22.30 14.32 -53.02
C THR C 199 -22.31 13.10 -52.14
N HIS C 200 -21.84 11.95 -52.68
CA HIS C 200 -21.87 10.71 -51.95
C HIS C 200 -20.86 9.80 -52.58
N GLN C 201 -20.46 8.76 -51.79
CA GLN C 201 -19.53 7.71 -52.11
C GLN C 201 -19.99 6.87 -53.28
N GLY C 202 -21.31 6.57 -53.33
CA GLY C 202 -21.94 5.79 -54.38
C GLY C 202 -21.92 6.51 -55.70
N LEU C 203 -22.03 7.87 -55.66
CA LEU C 203 -21.92 8.70 -56.83
C LEU C 203 -20.49 8.86 -57.20
N SER C 204 -20.21 9.05 -58.51
CA SER C 204 -18.87 9.26 -59.03
C SER C 204 -18.67 10.71 -59.38
N SER C 205 -19.73 11.53 -59.27
CA SER C 205 -19.66 12.95 -59.43
C SER C 205 -20.86 13.49 -58.69
N PRO C 206 -20.90 14.71 -58.17
CA PRO C 206 -22.08 15.29 -57.56
C PRO C 206 -23.24 15.34 -58.53
N VAL C 207 -24.41 14.78 -58.13
CA VAL C 207 -25.60 14.73 -58.96
C VAL C 207 -26.52 15.80 -58.45
N THR C 208 -26.92 16.71 -59.37
CA THR C 208 -27.77 17.82 -59.07
C THR C 208 -29.10 17.49 -59.72
N LYS C 209 -30.18 17.60 -58.93
CA LYS C 209 -31.54 17.55 -59.41
C LYS C 209 -32.11 18.88 -59.07
N SER C 210 -32.83 19.50 -60.02
CA SER C 210 -33.26 20.86 -59.87
C SER C 210 -34.55 21.04 -60.63
N PHE C 211 -35.29 22.10 -60.27
CA PHE C 211 -36.46 22.51 -61.00
C PHE C 211 -36.39 24.01 -61.01
N ASN C 212 -37.13 24.61 -61.97
CA ASN C 212 -37.37 26.02 -62.05
C ASN C 212 -38.78 26.20 -61.58
N ARG C 213 -38.98 27.21 -60.70
CA ARG C 213 -40.22 27.55 -60.05
C ARG C 213 -41.35 27.77 -61.03
N GLY C 214 -42.56 27.33 -60.62
CA GLY C 214 -43.76 27.33 -61.41
C GLY C 214 -44.37 25.97 -61.30
N GLU C 215 -43.79 25.09 -60.44
CA GLU C 215 -44.35 23.83 -60.09
C GLU C 215 -44.75 23.94 -58.64
N MET D 1 74.57 -12.41 16.84
CA MET D 1 74.27 -13.17 15.68
C MET D 1 73.33 -12.28 14.92
N ASN D 2 72.24 -11.88 15.61
CA ASN D 2 71.17 -11.05 15.10
C ASN D 2 71.10 -9.81 15.95
N GLY D 3 71.97 -9.71 16.97
CA GLY D 3 72.10 -8.50 17.74
C GLY D 3 73.31 -8.66 18.60
N THR D 4 73.31 -7.91 19.73
CA THR D 4 74.35 -7.92 20.71
C THR D 4 73.64 -7.78 22.02
N GLU D 5 73.75 -8.80 22.90
CA GLU D 5 73.11 -8.80 24.19
C GLU D 5 74.03 -8.09 25.13
N GLY D 6 73.45 -7.46 26.18
CA GLY D 6 74.18 -6.69 27.15
C GLY D 6 73.65 -7.03 28.50
N PRO D 7 73.94 -6.21 29.51
CA PRO D 7 73.51 -6.46 30.88
C PRO D 7 72.05 -6.21 31.07
N ASN D 8 71.47 -5.21 30.36
CA ASN D 8 70.08 -4.86 30.51
C ASN D 8 69.61 -4.18 29.25
N PHE D 9 70.33 -4.38 28.13
CA PHE D 9 69.94 -3.87 26.84
C PHE D 9 70.19 -4.96 25.85
N TYR D 10 69.55 -4.84 24.67
CA TYR D 10 69.70 -5.75 23.58
C TYR D 10 69.65 -4.90 22.36
N VAL D 11 70.84 -4.48 21.87
CA VAL D 11 70.97 -3.73 20.64
C VAL D 11 70.70 -4.70 19.50
N PRO D 12 69.72 -4.54 18.62
CA PRO D 12 69.41 -5.48 17.55
C PRO D 12 70.34 -5.30 16.37
N PHE D 13 71.40 -4.48 16.52
CA PHE D 13 72.42 -4.28 15.53
C PHE D 13 73.56 -5.13 15.99
N SER D 14 73.95 -6.12 15.16
CA SER D 14 75.01 -7.05 15.42
C SER D 14 76.33 -6.35 15.45
N ASN D 15 77.24 -6.78 16.36
CA ASN D 15 78.59 -6.25 16.50
C ASN D 15 79.37 -6.63 15.27
N LYS D 16 80.11 -5.66 14.67
CA LYS D 16 80.81 -5.91 13.45
C LYS D 16 81.81 -4.82 13.18
N THR D 17 81.77 -3.71 13.97
CA THR D 17 82.69 -2.61 13.83
C THR D 17 82.94 -2.01 15.18
N GLY D 18 82.26 -2.50 16.24
CA GLY D 18 82.49 -2.10 17.60
C GLY D 18 81.81 -0.79 17.88
N VAL D 19 80.67 -0.54 17.19
CA VAL D 19 79.90 0.68 17.28
C VAL D 19 78.73 0.47 18.19
N VAL D 20 78.65 -0.70 18.87
CA VAL D 20 77.57 -1.05 19.76
C VAL D 20 77.78 -0.28 21.04
N ARG D 21 76.80 0.59 21.38
CA ARG D 21 76.80 1.41 22.56
C ARG D 21 75.51 1.08 23.25
N SER D 22 75.38 1.53 24.54
CA SER D 22 74.14 1.44 25.28
C SER D 22 73.11 2.33 24.60
N PRO D 23 71.90 1.86 24.28
CA PRO D 23 70.84 2.67 23.69
C PRO D 23 70.14 3.53 24.71
N PHE D 24 70.64 3.60 25.96
CA PHE D 24 70.08 4.46 26.97
C PHE D 24 70.98 5.63 27.24
N GLU D 25 72.30 5.48 26.97
CA GLU D 25 73.29 6.42 27.41
C GLU D 25 74.00 7.04 26.24
N ALA D 26 73.63 6.68 25.00
CA ALA D 26 74.31 7.20 23.84
C ALA D 26 73.34 7.25 22.69
N PRO D 27 73.43 8.23 21.78
CA PRO D 27 72.58 8.35 20.59
C PRO D 27 72.66 7.14 19.71
N GLN D 28 71.54 6.78 19.05
CA GLN D 28 71.44 5.60 18.23
C GLN D 28 71.12 6.13 16.86
N TYR D 29 72.06 5.92 15.92
CA TYR D 29 72.03 6.50 14.60
C TYR D 29 72.95 5.68 13.73
N TYR D 30 73.49 4.56 14.28
CA TYR D 30 74.34 3.64 13.56
C TYR D 30 73.51 2.44 13.18
N LEU D 31 72.21 2.43 13.56
CA LEU D 31 71.31 1.36 13.25
C LEU D 31 70.04 1.89 12.65
N ALA D 32 69.93 3.22 12.47
CA ALA D 32 68.81 3.82 11.78
C ALA D 32 69.28 5.18 11.36
N GLU D 33 68.64 5.75 10.33
CA GLU D 33 69.00 7.03 9.77
C GLU D 33 68.13 8.10 10.38
N PRO D 34 68.51 9.38 10.37
CA PRO D 34 67.71 10.48 10.91
C PRO D 34 66.35 10.63 10.30
N TRP D 35 66.18 10.30 8.99
CA TRP D 35 64.93 10.44 8.29
C TRP D 35 63.94 9.41 8.80
N GLN D 36 64.43 8.17 9.07
CA GLN D 36 63.67 7.09 9.65
C GLN D 36 63.12 7.41 11.01
N PHE D 37 63.86 8.20 11.83
CA PHE D 37 63.40 8.71 13.10
C PHE D 37 62.29 9.72 12.97
N SER D 38 62.36 10.59 11.94
CA SER D 38 61.33 11.58 11.65
C SER D 38 60.03 10.91 11.26
N MET D 39 60.13 9.85 10.40
CA MET D 39 59.03 9.02 9.99
C MET D 39 58.42 8.23 11.12
N LEU D 40 59.27 7.74 12.06
CA LEU D 40 58.87 7.06 13.28
C LEU D 40 58.04 7.97 14.14
N ALA D 41 58.52 9.22 14.36
CA ALA D 41 57.84 10.22 15.15
C ALA D 41 56.51 10.63 14.56
N ALA D 42 56.46 10.81 13.21
CA ALA D 42 55.25 11.09 12.46
C ALA D 42 54.21 10.02 12.65
N TYR D 43 54.64 8.75 12.53
CA TYR D 43 53.82 7.57 12.67
C TYR D 43 53.23 7.42 14.06
N MET D 44 54.04 7.66 15.13
CA MET D 44 53.57 7.61 16.50
C MET D 44 52.58 8.68 16.84
N PHE D 45 52.72 9.88 16.22
CA PHE D 45 51.84 11.00 16.39
C PHE D 45 50.47 10.67 15.82
N LEU D 46 50.45 10.12 14.59
CA LEU D 46 49.31 9.58 13.89
C LEU D 46 48.48 8.63 14.73
N LEU D 47 49.13 7.58 15.29
CA LEU D 47 48.48 6.56 16.10
C LEU D 47 47.75 7.09 17.31
N ILE D 48 48.24 8.21 17.91
CA ILE D 48 47.62 8.86 19.04
C ILE D 48 46.39 9.59 18.55
N MET D 49 46.56 10.43 17.49
CA MET D 49 45.54 11.22 16.86
C MET D 49 44.32 10.46 16.39
N LEU D 50 44.51 9.22 15.89
CA LEU D 50 43.44 8.36 15.46
C LEU D 50 42.91 7.55 16.62
N GLY D 51 43.82 6.91 17.39
CA GLY D 51 43.48 5.96 18.43
C GLY D 51 42.63 6.49 19.53
N PHE D 52 42.93 7.71 20.06
CA PHE D 52 42.19 8.28 21.15
C PHE D 52 40.73 8.62 20.82
N PRO D 53 40.38 9.30 19.72
CA PRO D 53 38.99 9.56 19.36
C PRO D 53 38.17 8.32 19.16
N ILE D 54 38.67 7.34 18.37
CA ILE D 54 38.03 6.09 18.04
C ILE D 54 37.61 5.33 19.29
N ASN D 55 38.52 5.25 20.30
CA ASN D 55 38.28 4.49 21.50
C ASN D 55 37.41 5.26 22.46
N PHE D 56 37.51 6.61 22.47
CA PHE D 56 36.69 7.46 23.31
C PHE D 56 35.23 7.36 22.93
N LEU D 57 34.93 7.42 21.60
CA LEU D 57 33.61 7.25 21.03
C LEU D 57 32.93 5.97 21.43
N THR D 58 33.68 4.84 21.46
CA THR D 58 33.20 3.52 21.81
C THR D 58 32.62 3.46 23.20
N LEU D 59 33.31 4.09 24.17
CA LEU D 59 32.86 4.21 25.54
C LEU D 59 31.70 5.16 25.67
N TYR D 60 31.76 6.30 24.94
CA TYR D 60 30.87 7.42 25.05
C TYR D 60 29.44 7.11 24.63
N VAL D 61 29.28 6.50 23.42
CA VAL D 61 28.01 6.17 22.82
C VAL D 61 27.18 5.20 23.65
N THR D 62 27.84 4.29 24.40
CA THR D 62 27.21 3.24 25.17
C THR D 62 26.43 3.74 26.36
N VAL D 63 26.90 4.83 27.00
CA VAL D 63 26.28 5.42 28.16
C VAL D 63 24.93 6.05 27.84
N GLN D 64 24.70 6.46 26.57
CA GLN D 64 23.54 7.20 26.18
C GLN D 64 22.56 6.39 25.37
N HIS D 65 22.81 5.07 25.18
CA HIS D 65 21.86 4.20 24.52
C HIS D 65 21.76 2.93 25.30
N LYS D 66 20.53 2.68 25.83
CA LYS D 66 20.10 1.52 26.56
C LYS D 66 20.58 0.19 26.04
N LYS D 67 20.31 -0.08 24.74
CA LYS D 67 20.62 -1.32 24.05
C LYS D 67 22.10 -1.65 23.95
N LEU D 68 22.97 -0.62 24.08
CA LEU D 68 24.41 -0.76 24.05
C LEU D 68 24.98 -1.25 25.35
N ARG D 69 24.22 -1.11 26.47
CA ARG D 69 24.69 -1.42 27.81
C ARG D 69 24.53 -2.90 28.08
N THR D 70 24.16 -3.69 27.05
CA THR D 70 24.01 -5.13 27.08
C THR D 70 25.32 -5.82 27.42
N PRO D 71 25.33 -6.98 28.09
CA PRO D 71 26.52 -7.70 28.52
C PRO D 71 27.60 -7.95 27.48
N LEU D 72 27.21 -8.31 26.24
CA LEU D 72 28.12 -8.70 25.18
C LEU D 72 28.93 -7.56 24.61
N ASN D 73 28.61 -6.30 24.99
CA ASN D 73 29.30 -5.13 24.52
C ASN D 73 30.34 -4.69 25.51
N TYR D 74 30.27 -5.15 26.79
CA TYR D 74 31.26 -4.94 27.84
C TYR D 74 32.68 -5.25 27.39
N ILE D 75 32.88 -6.40 26.72
CA ILE D 75 34.15 -6.89 26.22
C ILE D 75 34.71 -5.96 25.14
N LEU D 76 33.81 -5.33 24.35
CA LEU D 76 34.14 -4.36 23.34
C LEU D 76 34.65 -3.08 23.95
N LEU D 77 34.03 -2.63 25.07
CA LEU D 77 34.49 -1.49 25.85
C LEU D 77 35.88 -1.75 26.40
N ASN D 78 36.10 -2.99 26.91
CA ASN D 78 37.36 -3.47 27.44
C ASN D 78 38.46 -3.41 26.40
N LEU D 79 38.19 -3.89 25.17
CA LEU D 79 39.04 -3.79 24.01
C LEU D 79 39.48 -2.36 23.72
N ALA D 80 38.53 -1.40 23.79
CA ALA D 80 38.80 0.01 23.57
C ALA D 80 39.74 0.60 24.61
N VAL D 81 39.57 0.19 25.89
CA VAL D 81 40.42 0.54 27.01
C VAL D 81 41.83 -0.01 26.84
N ALA D 82 41.96 -1.29 26.41
CA ALA D 82 43.19 -1.97 26.09
C ALA D 82 44.04 -1.21 25.10
N ASP D 83 43.39 -0.74 24.01
CA ASP D 83 43.96 0.08 22.96
C ASP D 83 44.49 1.38 23.50
N LEU D 84 43.78 2.01 24.48
CA LEU D 84 44.17 3.26 25.11
C LEU D 84 45.39 3.09 26.00
N PHE D 85 45.54 1.92 26.66
CA PHE D 85 46.76 1.55 27.36
C PHE D 85 47.96 1.59 26.44
N MET D 86 47.83 1.04 25.20
CA MET D 86 48.86 1.13 24.18
C MET D 86 49.18 2.55 23.76
N VAL D 87 48.19 3.48 23.78
CA VAL D 87 48.36 4.84 23.32
C VAL D 87 49.19 5.64 24.31
N PHE D 88 48.89 5.52 25.61
CA PHE D 88 49.48 6.37 26.62
C PHE D 88 50.69 5.72 27.23
N GLY D 89 50.74 4.37 27.22
CA GLY D 89 51.87 3.62 27.68
C GLY D 89 52.96 3.55 26.66
N GLY D 90 52.58 3.25 25.39
CA GLY D 90 53.50 2.99 24.32
C GLY D 90 53.76 4.19 23.47
N PHE D 91 52.72 4.66 22.75
CA PHE D 91 52.85 5.60 21.65
C PHE D 91 53.45 6.93 22.02
N THR D 92 52.99 7.53 23.15
CA THR D 92 53.43 8.83 23.61
C THR D 92 54.90 8.88 24.00
N THR D 93 55.34 7.90 24.83
CA THR D 93 56.73 7.68 25.17
C THR D 93 57.63 7.54 23.95
N THR D 94 57.22 6.68 22.99
CA THR D 94 57.97 6.39 21.78
C THR D 94 58.09 7.60 20.88
N LEU D 95 57.04 8.47 20.85
CA LEU D 95 57.02 9.73 20.15
C LEU D 95 58.06 10.69 20.70
N TYR D 96 58.15 10.79 22.05
CA TYR D 96 59.14 11.62 22.73
C TYR D 96 60.55 11.20 22.41
N THR D 97 60.85 9.88 22.60
CA THR D 97 62.16 9.28 22.42
C THR D 97 62.67 9.38 21.00
N SER D 98 61.81 9.11 19.99
CA SER D 98 62.12 9.15 18.57
C SER D 98 62.71 10.45 18.09
N LEU D 99 62.29 11.59 18.68
CA LEU D 99 62.75 12.90 18.28
C LEU D 99 64.13 13.21 18.82
N HIS D 100 64.59 12.48 19.87
CA HIS D 100 65.96 12.48 20.32
C HIS D 100 66.78 11.48 19.53
N GLY D 101 66.10 10.45 18.99
CA GLY D 101 66.69 9.40 18.18
C GLY D 101 67.14 8.24 19.01
N TYR D 102 66.84 8.24 20.33
CA TYR D 102 67.17 7.12 21.18
C TYR D 102 66.34 7.23 22.42
N PHE D 103 66.38 6.15 23.24
CA PHE D 103 65.55 5.96 24.40
C PHE D 103 66.27 6.66 25.52
N VAL D 104 65.60 7.63 26.20
CA VAL D 104 66.26 8.51 27.15
C VAL D 104 65.68 8.33 28.53
N PHE D 105 64.77 7.35 28.74
CA PHE D 105 64.15 7.15 30.04
C PHE D 105 64.90 6.10 30.81
N GLY D 106 65.95 5.50 30.22
CA GLY D 106 66.85 4.60 30.90
C GLY D 106 66.28 3.22 31.08
N PRO D 107 67.03 2.30 31.70
CA PRO D 107 66.64 0.91 31.93
C PRO D 107 65.33 0.77 32.67
N THR D 108 65.08 1.63 33.69
CA THR D 108 63.88 1.60 34.50
C THR D 108 62.69 2.03 33.69
N GLY D 109 62.86 3.11 32.88
CA GLY D 109 61.92 3.61 31.91
C GLY D 109 61.50 2.58 30.90
N CYS D 110 62.47 1.79 30.39
CA CYS D 110 62.29 0.70 29.46
C CYS D 110 61.39 -0.37 30.00
N ASN D 111 61.55 -0.71 31.30
CA ASN D 111 60.74 -1.70 31.98
C ASN D 111 59.32 -1.23 32.15
N LEU D 112 59.12 0.05 32.54
CA LEU D 112 57.84 0.71 32.64
C LEU D 112 57.09 0.76 31.34
N GLU D 113 57.71 1.37 30.30
CA GLU D 113 57.18 1.58 28.97
C GLU D 113 56.80 0.28 28.32
N GLY D 114 57.69 -0.74 28.47
CA GLY D 114 57.53 -2.07 27.94
C GLY D 114 56.40 -2.79 28.60
N PHE D 115 56.18 -2.52 29.91
CA PHE D 115 55.13 -3.13 30.69
C PHE D 115 53.78 -2.63 30.22
N PHE D 116 53.63 -1.30 30.06
CA PHE D 116 52.35 -0.71 29.69
C PHE D 116 51.97 -1.05 28.26
N ALA D 117 52.95 -1.06 27.33
CA ALA D 117 52.72 -1.42 25.95
C ALA D 117 52.30 -2.85 25.78
N THR D 118 53.02 -3.79 26.45
CA THR D 118 52.75 -5.20 26.45
C THR D 118 51.42 -5.51 27.08
N LEU D 119 51.13 -4.92 28.27
CA LEU D 119 49.89 -5.05 29.00
C LEU D 119 48.71 -4.72 28.13
N GLY D 120 48.74 -3.52 27.49
CA GLY D 120 47.79 -3.04 26.51
C GLY D 120 47.49 -4.04 25.43
N GLY D 121 48.54 -4.43 24.67
CA GLY D 121 48.48 -5.38 23.59
C GLY D 121 47.98 -6.75 23.96
N GLU D 122 48.23 -7.19 25.21
CA GLU D 122 47.86 -8.50 25.69
C GLU D 122 46.42 -8.54 26.10
N ILE D 123 45.91 -7.47 26.77
CA ILE D 123 44.49 -7.32 27.07
C ILE D 123 43.69 -7.32 25.80
N ALA D 124 44.20 -6.61 24.74
CA ALA D 124 43.64 -6.58 23.41
C ALA D 124 43.55 -7.95 22.80
N LEU D 125 44.69 -8.70 22.77
CA LEU D 125 44.81 -10.07 22.30
C LEU D 125 43.75 -10.99 22.86
N TRP D 126 43.64 -11.02 24.21
CA TRP D 126 42.72 -11.88 24.91
C TRP D 126 41.29 -11.41 24.81
N SER D 127 41.05 -10.09 24.57
CA SER D 127 39.74 -9.55 24.26
C SER D 127 39.20 -10.16 23.00
N LEU D 128 39.98 -10.15 21.88
CA LEU D 128 39.62 -10.77 20.62
C LEU D 128 39.24 -12.23 20.74
N VAL D 129 39.89 -12.97 21.66
CA VAL D 129 39.64 -14.37 21.94
C VAL D 129 38.31 -14.51 22.64
N VAL D 130 38.13 -13.83 23.79
CA VAL D 130 36.92 -13.79 24.59
C VAL D 130 35.70 -13.42 23.78
N LEU D 131 35.82 -12.39 22.91
CA LEU D 131 34.80 -11.91 22.01
C LEU D 131 34.30 -12.98 21.07
N ALA D 132 35.24 -13.75 20.48
CA ALA D 132 34.95 -14.88 19.61
C ALA D 132 34.22 -15.98 20.34
N ILE D 133 34.63 -16.27 21.60
CA ILE D 133 34.01 -17.21 22.51
C ILE D 133 32.57 -16.82 22.74
N GLU D 134 32.32 -15.55 23.16
CA GLU D 134 31.00 -15.01 23.40
C GLU D 134 30.08 -15.14 22.22
N ARG D 135 30.57 -14.85 20.99
CA ARG D 135 29.84 -14.99 19.76
C ARG D 135 29.44 -16.42 19.47
N TYR D 136 30.38 -17.36 19.69
CA TYR D 136 30.18 -18.79 19.55
C TYR D 136 29.12 -19.32 20.48
N VAL D 137 29.20 -18.94 21.78
CA VAL D 137 28.27 -19.32 22.82
C VAL D 137 26.87 -18.85 22.53
N VAL D 138 26.71 -17.55 22.21
CA VAL D 138 25.44 -16.91 21.98
C VAL D 138 24.71 -17.45 20.78
N VAL D 139 25.41 -17.70 19.64
CA VAL D 139 24.74 -17.98 18.40
C VAL D 139 24.60 -19.46 18.18
N CYS D 140 25.69 -20.23 18.33
CA CYS D 140 25.70 -21.66 18.09
C CYS D 140 25.07 -22.44 19.22
N LYS D 141 25.00 -21.84 20.42
CA LYS D 141 24.39 -22.37 21.61
C LYS D 141 24.84 -23.77 22.01
N PRO D 142 26.11 -23.98 22.36
CA PRO D 142 26.65 -25.31 22.65
C PRO D 142 26.12 -25.79 23.98
N MET D 143 25.90 -24.86 24.94
CA MET D 143 25.33 -25.14 26.23
C MET D 143 24.00 -24.49 26.19
N SER D 144 22.94 -25.32 26.16
CA SER D 144 21.56 -24.90 26.07
C SER D 144 21.03 -24.75 27.46
N ASN D 145 20.02 -23.86 27.62
CA ASN D 145 19.27 -23.61 28.84
C ASN D 145 19.99 -22.56 29.65
N PHE D 146 20.69 -21.64 28.95
CA PHE D 146 21.41 -20.55 29.57
C PHE D 146 21.21 -19.35 28.69
N ARG D 147 21.52 -18.17 29.26
CA ARG D 147 21.49 -16.90 28.58
C ARG D 147 22.80 -16.28 28.94
N PHE D 148 23.22 -15.24 28.17
CA PHE D 148 24.47 -14.58 28.40
C PHE D 148 24.12 -13.33 29.17
N GLY D 149 24.46 -13.33 30.48
CA GLY D 149 24.12 -12.28 31.40
C GLY D 149 25.35 -11.52 31.76
N GLU D 150 25.15 -10.42 32.53
CA GLU D 150 26.14 -9.48 33.02
C GLU D 150 27.33 -10.14 33.67
N ASN D 151 27.07 -11.14 34.54
CA ASN D 151 28.05 -11.86 35.32
C ASN D 151 29.06 -12.58 34.46
N HIS D 152 28.60 -13.25 33.39
CA HIS D 152 29.42 -14.00 32.47
C HIS D 152 30.39 -13.11 31.73
N ALA D 153 29.88 -11.93 31.27
CA ALA D 153 30.63 -10.87 30.63
C ALA D 153 31.78 -10.37 31.47
N ILE D 154 31.51 -10.13 32.77
CA ILE D 154 32.46 -9.65 33.76
C ILE D 154 33.58 -10.64 33.95
N MET D 155 33.25 -11.95 34.08
CA MET D 155 34.23 -13.04 34.14
C MET D 155 35.14 -13.05 32.94
N GLY D 156 34.56 -12.95 31.72
CA GLY D 156 35.26 -12.82 30.45
C GLY D 156 36.27 -11.70 30.41
N VAL D 157 35.88 -10.50 30.90
CA VAL D 157 36.70 -9.30 30.98
C VAL D 157 37.86 -9.52 31.91
N ALA D 158 37.57 -10.04 33.13
CA ALA D 158 38.55 -10.37 34.15
C ALA D 158 39.60 -11.32 33.66
N PHE D 159 39.20 -12.37 32.90
CA PHE D 159 40.07 -13.35 32.29
C PHE D 159 41.15 -12.76 31.40
N THR D 160 40.83 -11.70 30.61
CA THR D 160 41.77 -11.10 29.69
C THR D 160 42.86 -10.40 30.45
N TRP D 161 42.48 -9.69 31.53
CA TRP D 161 43.38 -9.01 32.44
C TRP D 161 44.36 -9.96 33.08
N VAL D 162 43.88 -11.11 33.61
CA VAL D 162 44.70 -12.11 34.28
C VAL D 162 45.73 -12.71 33.37
N MET D 163 45.32 -13.12 32.14
CA MET D 163 46.19 -13.64 31.12
C MET D 163 47.22 -12.65 30.63
N ALA D 164 46.85 -11.35 30.61
CA ALA D 164 47.70 -10.29 30.14
C ALA D 164 48.80 -10.01 31.12
N LEU D 165 48.46 -9.94 32.42
CA LEU D 165 49.37 -9.85 33.53
C LEU D 165 50.32 -11.03 33.58
N ALA D 166 49.83 -12.26 33.26
CA ALA D 166 50.60 -13.48 33.14
C ALA D 166 51.73 -13.42 32.11
N CYS D 167 51.75 -12.38 31.24
CA CYS D 167 52.72 -12.22 30.19
C CYS D 167 53.53 -10.97 30.50
N ALA D 168 52.85 -9.86 30.84
CA ALA D 168 53.47 -8.57 31.06
C ALA D 168 54.30 -8.52 32.33
N ALA D 169 53.90 -9.28 33.38
CA ALA D 169 54.57 -9.27 34.66
C ALA D 169 55.87 -10.07 34.65
N PRO D 170 56.04 -11.28 34.08
CA PRO D 170 57.31 -12.00 34.03
C PRO D 170 58.56 -11.25 33.64
N PRO D 171 58.68 -10.41 32.61
CA PRO D 171 59.93 -9.73 32.29
C PRO D 171 60.38 -8.72 33.34
N LEU D 172 59.53 -8.37 34.33
CA LEU D 172 59.89 -7.46 35.39
C LEU D 172 60.55 -8.17 36.54
N VAL D 173 60.46 -9.53 36.60
CA VAL D 173 60.97 -10.31 37.69
C VAL D 173 62.06 -11.23 37.19
N GLY D 174 62.48 -11.04 35.92
CA GLY D 174 63.70 -11.61 35.39
C GLY D 174 63.45 -12.85 34.58
N TRP D 175 62.17 -13.21 34.32
CA TRP D 175 61.84 -14.29 33.43
C TRP D 175 61.66 -13.62 32.09
N SER D 176 62.75 -13.65 31.27
CA SER D 176 62.99 -12.78 30.15
C SER D 176 63.17 -11.35 30.65
N ARG D 177 63.13 -10.35 29.75
CA ARG D 177 63.40 -8.98 30.12
C ARG D 177 62.79 -8.09 29.08
N TYR D 178 62.56 -6.81 29.46
CA TYR D 178 62.22 -5.77 28.53
C TYR D 178 63.52 -5.15 28.14
N ILE D 179 63.68 -4.90 26.82
CA ILE D 179 64.88 -4.35 26.26
C ILE D 179 64.42 -3.62 25.03
N PRO D 180 65.09 -2.55 24.56
CA PRO D 180 64.76 -1.84 23.33
C PRO D 180 64.60 -2.75 22.13
N GLU D 181 63.57 -2.49 21.30
CA GLU D 181 63.34 -3.15 20.05
C GLU D 181 63.40 -2.05 19.02
N GLY D 182 63.34 -2.44 17.72
CA GLY D 182 63.28 -1.54 16.61
C GLY D 182 64.46 -0.61 16.50
N MET D 183 64.17 0.72 16.41
CA MET D 183 65.16 1.75 16.19
C MET D 183 65.60 2.32 17.52
N GLN D 184 65.20 1.67 18.64
CA GLN D 184 65.71 1.90 19.98
C GLN D 184 64.96 3.04 20.60
N CYS D 185 63.62 3.03 20.48
CA CYS D 185 62.78 4.10 20.97
C CYS D 185 61.54 3.51 21.58
N SER D 186 61.39 2.17 21.50
CA SER D 186 60.36 1.47 22.22
C SER D 186 61.00 0.22 22.71
N CYS D 187 60.46 -0.33 23.82
CA CYS D 187 60.97 -1.52 24.46
C CYS D 187 59.92 -2.57 24.28
N GLY D 188 60.34 -3.76 23.81
CA GLY D 188 59.47 -4.90 23.69
C GLY D 188 60.06 -6.01 24.48
N ILE D 189 59.51 -7.21 24.30
CA ILE D 189 59.93 -8.45 24.90
C ILE D 189 61.09 -8.97 24.10
N ASP D 190 62.12 -9.54 24.78
CA ASP D 190 63.25 -10.14 24.11
C ASP D 190 62.83 -11.55 23.71
N TYR D 191 62.99 -11.86 22.42
CA TYR D 191 62.58 -13.13 21.86
C TYR D 191 63.41 -13.33 20.62
N TYR D 192 64.42 -12.45 20.43
CA TYR D 192 65.26 -12.41 19.27
C TYR D 192 66.53 -13.15 19.60
N THR D 193 66.72 -13.49 20.90
CA THR D 193 67.85 -14.23 21.38
C THR D 193 67.33 -15.14 22.48
N PRO D 194 66.51 -16.17 22.21
CA PRO D 194 66.08 -17.13 23.22
C PRO D 194 67.27 -17.86 23.80
N HIS D 195 67.59 -17.58 25.08
CA HIS D 195 68.78 -18.08 25.69
C HIS D 195 68.46 -18.25 27.15
N GLU D 196 68.87 -19.41 27.73
CA GLU D 196 68.59 -19.83 29.08
C GLU D 196 69.12 -18.88 30.14
N GLU D 197 70.34 -18.35 29.91
CA GLU D 197 71.10 -17.47 30.78
C GLU D 197 70.42 -16.14 31.09
N THR D 198 69.41 -15.74 30.29
CA THR D 198 68.67 -14.51 30.46
C THR D 198 67.21 -14.86 30.65
N ASN D 199 66.89 -16.18 30.48
CA ASN D 199 65.63 -16.84 30.73
C ASN D 199 64.66 -16.61 29.61
N ASN D 200 65.13 -15.96 28.52
CA ASN D 200 64.40 -15.66 27.31
C ASN D 200 63.80 -16.89 26.67
N GLU D 201 64.58 -18.00 26.61
CA GLU D 201 64.22 -19.22 25.91
C GLU D 201 62.96 -19.86 26.40
N SER D 202 62.84 -20.08 27.73
CA SER D 202 61.69 -20.68 28.35
C SER D 202 60.45 -19.83 28.20
N PHE D 203 60.62 -18.49 28.32
CA PHE D 203 59.58 -17.51 28.18
C PHE D 203 59.00 -17.52 26.79
N VAL D 204 59.87 -17.60 25.75
CA VAL D 204 59.49 -17.61 24.35
C VAL D 204 58.65 -18.80 24.01
N ILE D 205 58.97 -19.99 24.57
CA ILE D 205 58.20 -21.21 24.40
C ILE D 205 56.84 -21.06 25.02
N TYR D 206 56.78 -20.55 26.28
CA TYR D 206 55.57 -20.28 27.02
C TYR D 206 54.61 -19.35 26.29
N MET D 207 55.14 -18.19 25.82
CA MET D 207 54.45 -17.20 25.00
C MET D 207 53.88 -17.75 23.74
N PHE D 208 54.72 -18.46 22.94
CA PHE D 208 54.36 -19.00 21.66
C PHE D 208 53.22 -19.98 21.77
N VAL D 209 53.24 -20.87 22.79
CA VAL D 209 52.22 -21.87 22.96
C VAL D 209 50.97 -21.29 23.55
N VAL D 210 51.07 -20.72 24.78
CA VAL D 210 49.91 -20.33 25.56
C VAL D 210 49.26 -19.06 25.07
N HIS D 211 50.05 -18.10 24.55
CA HIS D 211 49.57 -16.78 24.23
C HIS D 211 49.48 -16.54 22.74
N PHE D 212 49.86 -17.51 21.87
CA PHE D 212 49.61 -17.36 20.45
C PHE D 212 48.85 -18.54 19.92
N ILE D 213 49.41 -19.78 20.02
CA ILE D 213 48.83 -20.97 19.45
C ILE D 213 47.46 -21.27 20.00
N ILE D 214 47.29 -21.33 21.34
CA ILE D 214 46.00 -21.43 22.02
C ILE D 214 44.98 -20.43 21.50
N PRO D 215 45.16 -19.10 21.61
CA PRO D 215 44.33 -18.08 20.97
C PRO D 215 43.97 -18.32 19.52
N LEU D 216 44.96 -18.65 18.67
CA LEU D 216 44.83 -18.92 17.25
C LEU D 216 43.85 -20.04 16.96
N ILE D 217 43.96 -21.15 17.74
CA ILE D 217 43.09 -22.30 17.67
C ILE D 217 41.68 -21.90 18.03
N VAL D 218 41.49 -21.19 19.16
CA VAL D 218 40.20 -20.70 19.63
C VAL D 218 39.49 -19.83 18.61
N ILE D 219 40.22 -18.86 18.01
CA ILE D 219 39.74 -17.96 16.97
C ILE D 219 39.20 -18.72 15.77
N PHE D 220 39.97 -19.72 15.28
CA PHE D 220 39.59 -20.56 14.15
C PHE D 220 38.37 -21.40 14.43
N PHE D 221 38.31 -22.01 15.64
CA PHE D 221 37.21 -22.83 16.12
C PHE D 221 35.91 -22.07 16.12
N CYS D 222 35.84 -20.99 16.94
CA CYS D 222 34.71 -20.11 17.14
C CYS D 222 34.12 -19.57 15.86
N TYR D 223 34.96 -18.95 15.01
CA TYR D 223 34.51 -18.34 13.76
C TYR D 223 34.15 -19.37 12.73
N GLY D 224 34.83 -20.55 12.72
CA GLY D 224 34.50 -21.68 11.89
C GLY D 224 33.10 -22.18 12.14
N GLN D 225 32.78 -22.43 13.43
CA GLN D 225 31.47 -22.75 13.94
C GLN D 225 30.40 -21.76 13.54
N LEU D 226 30.67 -20.45 13.77
CA LEU D 226 29.78 -19.35 13.46
C LEU D 226 29.40 -19.31 12.00
N VAL D 227 30.39 -19.43 11.08
CA VAL D 227 30.20 -19.48 9.64
C VAL D 227 29.43 -20.72 9.23
N PHE D 228 29.68 -21.88 9.89
CA PHE D 228 29.00 -23.13 9.64
C PHE D 228 27.52 -22.98 9.91
N THR D 229 27.17 -22.55 11.15
CA THR D 229 25.83 -22.24 11.62
C THR D 229 25.07 -21.33 10.66
N VAL D 230 25.69 -20.20 10.24
CA VAL D 230 25.05 -19.19 9.42
C VAL D 230 24.80 -19.69 8.01
N LYS D 231 25.75 -20.48 7.43
CA LYS D 231 25.58 -21.16 6.15
C LYS D 231 24.46 -22.15 6.15
N GLU D 232 24.37 -22.98 7.21
CA GLU D 232 23.37 -23.99 7.42
C GLU D 232 21.98 -23.40 7.50
N ALA D 233 21.82 -22.38 8.38
CA ALA D 233 20.63 -21.58 8.55
C ALA D 233 20.15 -20.95 7.26
N ALA D 234 21.09 -20.42 6.46
CA ALA D 234 20.87 -19.76 5.19
C ALA D 234 20.35 -20.74 4.17
N ALA D 235 20.89 -21.98 4.15
CA ALA D 235 20.45 -23.08 3.32
C ALA D 235 19.01 -23.46 3.60
N GLN D 236 18.60 -23.40 4.88
CA GLN D 236 17.25 -23.66 5.32
C GLN D 236 16.35 -22.44 5.20
N GLN D 237 16.82 -21.35 4.55
CA GLN D 237 16.11 -20.10 4.52
C GLN D 237 16.64 -19.33 3.34
N GLN D 238 16.46 -19.89 2.13
CA GLN D 238 16.94 -19.28 0.89
C GLN D 238 15.78 -18.56 0.25
N GLU D 239 14.57 -18.74 0.84
CA GLU D 239 13.34 -18.09 0.48
C GLU D 239 13.42 -16.60 0.73
N SER D 240 14.09 -16.19 1.83
CA SER D 240 14.22 -14.80 2.20
C SER D 240 15.51 -14.29 1.60
N ALA D 241 15.37 -13.21 0.81
CA ALA D 241 16.45 -12.48 0.16
C ALA D 241 17.41 -11.92 1.18
N THR D 242 16.86 -11.34 2.26
CA THR D 242 17.55 -10.74 3.40
C THR D 242 18.57 -11.67 3.98
N THR D 243 18.17 -12.93 4.30
CA THR D 243 19.01 -13.95 4.90
C THR D 243 20.20 -14.29 4.03
N GLN D 244 20.03 -14.30 2.69
CA GLN D 244 21.10 -14.57 1.75
C GLN D 244 22.12 -13.46 1.70
N LYS D 245 21.68 -12.19 1.75
CA LYS D 245 22.54 -11.02 1.78
C LYS D 245 23.36 -10.97 3.04
N ALA D 246 22.69 -11.17 4.19
CA ALA D 246 23.26 -11.27 5.52
C ALA D 246 24.33 -12.31 5.62
N GLU D 247 24.11 -13.50 5.00
CA GLU D 247 25.00 -14.61 4.98
C GLU D 247 26.31 -14.30 4.31
N LYS D 248 26.24 -13.57 3.17
CA LYS D 248 27.38 -13.10 2.40
C LYS D 248 28.18 -12.09 3.18
N GLU D 249 27.47 -11.13 3.83
CA GLU D 249 28.04 -10.09 4.65
C GLU D 249 28.81 -10.63 5.82
N VAL D 250 28.21 -11.60 6.56
CA VAL D 250 28.79 -12.27 7.70
C VAL D 250 30.05 -13.02 7.35
N THR D 251 30.08 -13.72 6.19
CA THR D 251 31.23 -14.45 5.70
C THR D 251 32.39 -13.51 5.41
N ARG D 252 32.10 -12.35 4.76
CA ARG D 252 33.07 -11.31 4.47
C ARG D 252 33.69 -10.76 5.74
N MET D 253 32.83 -10.36 6.70
CA MET D 253 33.21 -9.89 8.02
C MET D 253 34.12 -10.82 8.77
N VAL D 254 33.82 -12.13 8.77
CA VAL D 254 34.60 -13.15 9.45
C VAL D 254 35.99 -13.29 8.87
N ILE D 255 36.14 -13.16 7.53
CA ILE D 255 37.42 -13.20 6.85
C ILE D 255 38.27 -12.04 7.30
N ILE D 256 37.71 -10.81 7.32
CA ILE D 256 38.35 -9.60 7.81
C ILE D 256 38.81 -9.75 9.24
N MET D 257 37.94 -10.29 10.13
CA MET D 257 38.19 -10.52 11.53
C MET D 257 39.33 -11.47 11.82
N VAL D 258 39.43 -12.56 11.03
CA VAL D 258 40.44 -13.59 11.18
C VAL D 258 41.77 -13.04 10.76
N ILE D 259 41.83 -12.42 9.55
CA ILE D 259 42.99 -11.73 9.00
C ILE D 259 43.54 -10.69 9.94
N ALA D 260 42.66 -9.90 10.62
CA ALA D 260 43.06 -8.87 11.55
C ALA D 260 43.74 -9.41 12.78
N PHE D 261 43.31 -10.61 13.26
CA PHE D 261 43.94 -11.30 14.36
C PHE D 261 45.32 -11.79 13.97
N LEU D 262 45.45 -12.31 12.73
CA LEU D 262 46.69 -12.82 12.18
C LEU D 262 47.75 -11.78 12.08
N ILE D 263 47.46 -10.64 11.39
CA ILE D 263 48.38 -9.55 11.17
C ILE D 263 49.05 -9.06 12.43
N CYS D 264 48.29 -8.96 13.54
CA CYS D 264 48.77 -8.37 14.78
C CYS D 264 49.81 -9.21 15.49
N TRP D 265 49.65 -10.56 15.54
CA TRP D 265 50.48 -11.41 16.39
C TRP D 265 51.34 -12.39 15.65
N LEU D 266 51.01 -12.69 14.37
CA LEU D 266 51.78 -13.58 13.51
C LEU D 266 53.23 -13.15 13.33
N PRO D 267 53.64 -11.89 13.07
CA PRO D 267 55.04 -11.48 12.98
C PRO D 267 55.88 -11.87 14.17
N TYR D 268 55.44 -11.56 15.41
CA TYR D 268 56.10 -11.91 16.65
C TYR D 268 56.34 -13.38 16.78
N ALA D 269 55.27 -14.18 16.49
CA ALA D 269 55.27 -15.62 16.56
C ALA D 269 56.22 -16.23 15.58
N GLY D 270 56.16 -15.77 14.29
CA GLY D 270 56.99 -16.19 13.19
C GLY D 270 58.47 -16.03 13.45
N VAL D 271 58.90 -14.79 13.79
CA VAL D 271 60.27 -14.44 14.11
C VAL D 271 60.81 -15.23 15.27
N ALA D 272 60.05 -15.26 16.40
CA ALA D 272 60.38 -16.00 17.61
C ALA D 272 60.60 -17.46 17.37
N PHE D 273 59.72 -18.09 16.56
CA PHE D 273 59.76 -19.48 16.21
C PHE D 273 60.99 -19.80 15.40
N TYR D 274 61.31 -18.95 14.39
CA TYR D 274 62.42 -19.16 13.48
C TYR D 274 63.77 -19.19 14.16
N ILE D 275 64.05 -18.20 15.07
CA ILE D 275 65.27 -18.19 15.86
C ILE D 275 65.39 -19.37 16.79
N PHE D 276 64.27 -19.85 17.37
CA PHE D 276 64.26 -20.98 18.27
C PHE D 276 64.59 -22.28 17.55
N THR D 277 63.99 -22.49 16.34
CA THR D 277 64.16 -23.69 15.55
C THR D 277 65.53 -23.75 14.92
N HIS D 278 66.08 -22.58 14.52
CA HIS D 278 67.38 -22.47 13.91
C HIS D 278 68.05 -21.38 14.65
N GLN D 279 69.01 -21.75 15.53
CA GLN D 279 69.69 -20.83 16.40
C GLN D 279 70.84 -20.22 15.65
N GLY D 280 71.09 -18.91 15.89
CA GLY D 280 72.16 -18.20 15.25
C GLY D 280 71.74 -17.55 13.98
N SER D 281 70.47 -17.06 13.90
CA SER D 281 69.96 -16.35 12.75
C SER D 281 70.50 -14.95 12.77
N ASP D 282 70.34 -14.22 11.64
CA ASP D 282 70.78 -12.85 11.51
C ASP D 282 69.52 -12.08 11.16
N PHE D 283 69.26 -11.00 11.93
CA PHE D 283 68.17 -10.09 11.72
C PHE D 283 68.77 -8.73 11.81
N GLY D 284 68.09 -7.73 11.18
CA GLY D 284 68.53 -6.36 11.15
C GLY D 284 67.85 -5.61 12.25
N PRO D 285 68.21 -4.35 12.49
CA PRO D 285 67.62 -3.53 13.53
C PRO D 285 66.25 -3.04 13.12
N ILE D 286 66.06 -2.72 11.81
CA ILE D 286 64.85 -2.20 11.24
C ILE D 286 63.83 -3.32 11.13
N PHE D 287 64.32 -4.57 10.96
CA PHE D 287 63.53 -5.77 10.93
C PHE D 287 62.72 -5.97 12.20
N MET D 288 63.29 -5.58 13.37
CA MET D 288 62.62 -5.71 14.65
C MET D 288 61.56 -4.65 14.85
N THR D 289 61.49 -3.62 13.96
CA THR D 289 60.49 -2.58 14.05
C THR D 289 59.26 -3.03 13.31
N ILE D 290 59.41 -3.99 12.37
CA ILE D 290 58.33 -4.54 11.56
C ILE D 290 57.20 -5.14 12.39
N PRO D 291 57.40 -6.05 13.36
CA PRO D 291 56.36 -6.53 14.26
C PRO D 291 55.64 -5.44 15.02
N ALA D 292 56.36 -4.34 15.37
CA ALA D 292 55.83 -3.25 16.14
C ALA D 292 54.86 -2.45 15.33
N PHE D 293 55.15 -2.25 14.02
CA PHE D 293 54.28 -1.56 13.09
C PHE D 293 52.93 -2.25 13.01
N PHE D 294 52.94 -3.59 12.81
CA PHE D 294 51.74 -4.38 12.72
C PHE D 294 50.89 -4.38 13.97
N ALA D 295 51.51 -4.53 15.16
CA ALA D 295 50.81 -4.55 16.42
C ALA D 295 50.18 -3.23 16.75
N LYS D 296 50.97 -2.14 16.63
CA LYS D 296 50.55 -0.81 17.01
C LYS D 296 49.40 -0.26 16.20
N THR D 297 49.32 -0.61 14.89
CA THR D 297 48.22 -0.20 14.03
C THR D 297 46.92 -0.90 14.38
N SER D 298 46.99 -2.03 15.13
CA SER D 298 45.83 -2.80 15.55
C SER D 298 44.99 -2.06 16.55
N ALA D 299 45.56 -1.02 17.20
CA ALA D 299 44.86 -0.12 18.08
C ALA D 299 43.85 0.74 17.34
N VAL D 300 44.02 0.86 16.00
CA VAL D 300 43.13 1.60 15.13
C VAL D 300 42.19 0.63 14.46
N TYR D 301 42.69 -0.45 13.81
CA TYR D 301 41.84 -1.25 12.95
C TYR D 301 40.91 -2.17 13.71
N ASN D 302 41.29 -2.71 14.90
CA ASN D 302 40.38 -3.50 15.72
C ASN D 302 39.10 -2.78 16.10
N PRO D 303 39.04 -1.58 16.69
CA PRO D 303 37.78 -0.92 17.02
C PRO D 303 37.01 -0.52 15.78
N VAL D 304 37.66 -0.26 14.62
CA VAL D 304 36.95 -0.01 13.38
C VAL D 304 36.14 -1.23 12.98
N ILE D 305 36.77 -2.43 12.99
CA ILE D 305 36.14 -3.69 12.66
C ILE D 305 35.03 -4.06 13.61
N TYR D 306 35.26 -3.95 14.94
CA TYR D 306 34.39 -4.54 15.93
C TYR D 306 33.34 -3.58 16.45
N ILE D 307 33.39 -2.27 16.09
CA ILE D 307 32.42 -1.30 16.56
C ILE D 307 31.79 -0.66 15.36
N MET D 308 32.59 0.08 14.56
CA MET D 308 32.14 0.89 13.44
C MET D 308 31.44 0.13 12.35
N MET D 309 31.86 -1.13 12.07
CA MET D 309 31.32 -1.93 11.00
C MET D 309 30.18 -2.80 11.50
N ASN D 310 29.59 -2.48 12.67
CA ASN D 310 28.45 -3.20 13.21
C ASN D 310 27.29 -2.25 13.25
N LYS D 311 26.13 -2.72 12.70
CA LYS D 311 24.86 -2.03 12.54
C LYS D 311 24.33 -1.28 13.72
N GLN D 312 24.32 -1.90 14.92
CA GLN D 312 23.72 -1.36 16.12
C GLN D 312 24.40 -0.08 16.55
N PHE D 313 25.74 -0.11 16.70
CA PHE D 313 26.58 1.02 17.03
C PHE D 313 26.41 2.16 16.07
N ARG D 314 26.38 1.85 14.75
CA ARG D 314 26.16 2.80 13.66
C ARG D 314 24.92 3.62 13.84
N ASN D 315 23.75 2.95 14.02
CA ASN D 315 22.45 3.55 14.27
C ASN D 315 22.49 4.52 15.43
N CYS D 316 23.00 4.07 16.59
CA CYS D 316 23.18 4.86 17.79
C CYS D 316 24.04 6.10 17.61
N MET D 317 25.18 5.98 16.90
CA MET D 317 26.05 7.09 16.57
C MET D 317 25.39 8.13 15.70
N VAL D 318 24.61 7.69 14.68
CA VAL D 318 23.84 8.53 13.78
C VAL D 318 22.80 9.30 14.55
N THR D 319 22.06 8.62 15.47
CA THR D 319 21.09 9.19 16.37
C THR D 319 21.69 10.31 17.20
N THR D 320 22.89 10.08 17.78
CA THR D 320 23.56 11.02 18.66
C THR D 320 24.03 12.24 17.90
N LEU D 321 24.56 12.06 16.66
CA LEU D 321 24.99 13.16 15.83
C LEU D 321 23.84 13.99 15.31
N CYS D 322 22.67 13.34 15.07
CA CYS D 322 21.46 14.00 14.65
C CYS D 322 20.59 14.20 15.85
N CYS D 323 21.17 14.79 16.93
CA CYS D 323 20.50 15.26 18.13
C CYS D 323 20.16 14.09 19.01
N GLY D 324 20.97 13.88 20.07
CA GLY D 324 20.75 12.78 20.98
C GLY D 324 21.89 12.78 21.94
N1 SGV E . 4.32 -14.15 20.47
C2 SGV E . 5.00 -13.38 19.59
N3 SGV E . 5.25 -12.06 19.64
C4 SGV E . 4.75 -11.48 20.75
C5 SGV E . 4.02 -12.13 21.77
C6 SGV E . 3.80 -13.52 21.58
N6 SGV E . 3.03 -14.30 22.46
C7 SGV E . 3.71 -11.13 22.75
C8 SGV E . 4.21 -9.94 22.26
N9 SGV E . 4.87 -10.16 21.09
C1' SGV E . 5.70 -9.19 20.36
C10 SGV E . 3.08 -11.29 24.05
N11 SGV E . 2.66 -10.13 24.65
O12 SGV E . 2.95 -12.38 24.58
C2' SGV E . 4.86 -8.17 19.61
O2' SGV E . 5.58 -7.85 18.41
C3' SGV E . 4.86 -7.00 20.56
O3' SGV E . 4.60 -5.74 19.95
C4' SGV E . 6.24 -7.08 21.15
O4' SGV E . 6.52 -8.48 21.30
C5' SGV E . 6.34 -6.41 22.51
O5' SGV E . 6.22 -5.00 22.37
C1 RET F . 53.45 -13.80 21.29
C2 RET F . 54.01 -15.19 20.94
C3 RET F . 55.32 -15.11 20.18
C4 RET F . 56.36 -14.42 21.05
C5 RET F . 55.87 -13.07 21.56
C6 RET F . 54.55 -12.76 21.67
C7 RET F . 54.00 -11.45 22.13
C8 RET F . 54.57 -10.25 21.95
C9 RET F . 53.98 -8.99 22.36
C10 RET F . 54.58 -7.82 21.98
C11 RET F . 54.04 -6.52 22.14
C12 RET F . 54.67 -5.42 21.61
C13 RET F . 54.15 -4.12 21.61
C14 RET F . 54.84 -3.10 20.95
C15 RET F . 54.37 -1.81 20.80
C16 RET F . 52.44 -14.00 22.43
C17 RET F . 52.65 -13.30 20.06
C18 RET F . 56.99 -12.11 21.96
C19 RET F . 52.68 -9.00 23.17
C20 RET F . 52.79 -3.86 22.28
#